data_1NYO
#
_entry.id   1NYO
#
_cell.length_a   1.000
_cell.length_b   1.000
_cell.length_c   1.000
_cell.angle_alpha   90.00
_cell.angle_beta   90.00
_cell.angle_gamma   90.00
#
_symmetry.space_group_name_H-M   'P 1'
#
_entity_poly.entity_id   1
_entity_poly.type   'polypeptide(L)'
_entity_poly.pdbx_seq_one_letter_code
;GDLVGPGCAEYAAANPTGPASVQGMSQDPVAVAASNNPELTTLTAALSGQLNPQVNLVDTLNSGQYTVFAPTNAAFSKLP
ASTIDELKTNSSLLTSILTYHVVAGQTSPANVVGTRQTLQGASVTVTGQGNSLKVGNADVVCGGVSTANATVYMIDSVLM
PPA
;
_entity_poly.pdbx_strand_id   A
#
# COMPACT_ATOMS: atom_id res chain seq x y z
N GLY A 1 -2.68 5.44 -21.26
CA GLY A 1 -1.85 6.36 -20.50
C GLY A 1 -0.72 5.62 -19.78
N ASP A 2 -0.15 6.30 -18.80
CA ASP A 2 0.92 5.71 -18.01
C ASP A 2 0.69 6.01 -16.52
N LEU A 3 1.22 5.13 -15.69
CA LEU A 3 1.08 5.28 -14.25
C LEU A 3 2.10 6.29 -13.75
N VAL A 4 2.16 6.42 -12.43
CA VAL A 4 3.09 7.34 -11.81
C VAL A 4 3.97 6.59 -10.81
N GLY A 5 5.24 6.98 -10.75
CA GLY A 5 6.21 6.26 -9.97
C GLY A 5 7.27 5.62 -10.86
N PRO A 6 8.48 5.40 -10.26
CA PRO A 6 9.58 4.80 -10.99
C PRO A 6 9.36 3.29 -11.17
N GLY A 7 9.21 2.61 -10.03
CA GLY A 7 8.99 1.18 -10.06
C GLY A 7 7.92 0.80 -11.07
N CYS A 8 6.82 1.54 -11.02
CA CYS A 8 5.71 1.28 -11.93
C CYS A 8 6.28 0.99 -13.32
N ALA A 9 7.43 1.59 -13.59
CA ALA A 9 8.08 1.41 -14.87
C ALA A 9 8.60 -0.03 -14.97
N GLU A 10 9.66 -0.29 -14.22
CA GLU A 10 10.25 -1.62 -14.22
C GLU A 10 9.20 -2.68 -13.88
N TYR A 11 8.41 -2.37 -12.86
CA TYR A 11 7.36 -3.28 -12.43
C TYR A 11 6.73 -4.00 -13.62
N ALA A 12 6.08 -3.21 -14.46
CA ALA A 12 5.42 -3.75 -15.65
C ALA A 12 6.38 -4.72 -16.35
N ALA A 13 7.57 -4.22 -16.62
CA ALA A 13 8.58 -5.02 -17.30
C ALA A 13 8.60 -6.43 -16.67
N ALA A 14 8.45 -6.46 -15.36
CA ALA A 14 8.45 -7.72 -14.63
C ALA A 14 7.04 -8.32 -14.67
N ASN A 15 6.07 -7.49 -14.36
CA ASN A 15 4.69 -7.92 -14.36
C ASN A 15 3.85 -6.98 -15.22
N PRO A 16 3.94 -7.21 -16.57
CA PRO A 16 3.21 -6.39 -17.52
C PRO A 16 1.72 -6.76 -17.52
N THR A 17 1.47 -8.03 -17.27
CA THR A 17 0.09 -8.52 -17.24
C THR A 17 -0.11 -9.46 -16.05
N GLY A 18 -1.35 -9.90 -15.90
CA GLY A 18 -1.69 -10.81 -14.81
C GLY A 18 -2.46 -10.07 -13.71
N PRO A 19 -2.70 -10.79 -12.58
CA PRO A 19 -3.40 -10.22 -11.46
C PRO A 19 -2.52 -9.24 -10.68
N ALA A 20 -1.23 -9.37 -10.90
CA ALA A 20 -0.26 -8.51 -10.23
C ALA A 20 -0.02 -7.27 -11.09
N SER A 21 -1.00 -6.97 -11.93
CA SER A 21 -0.90 -5.82 -12.80
C SER A 21 -1.83 -4.70 -12.32
N VAL A 22 -1.70 -3.55 -12.94
CA VAL A 22 -2.53 -2.40 -12.59
C VAL A 22 -3.97 -2.68 -12.99
N GLN A 23 -4.13 -3.44 -14.06
CA GLN A 23 -5.44 -3.78 -14.57
C GLN A 23 -5.96 -5.04 -13.87
N GLY A 24 -5.06 -5.99 -13.66
CA GLY A 24 -5.42 -7.24 -13.02
C GLY A 24 -5.97 -6.98 -11.61
N MET A 25 -5.24 -6.18 -10.85
CA MET A 25 -5.65 -5.86 -9.50
C MET A 25 -6.93 -5.02 -9.50
N SER A 26 -7.30 -4.57 -10.70
CA SER A 26 -8.50 -3.76 -10.84
C SER A 26 -9.75 -4.64 -10.74
N GLN A 27 -9.76 -5.68 -11.56
CA GLN A 27 -10.89 -6.60 -11.58
C GLN A 27 -11.14 -7.15 -10.18
N ASP A 28 -10.14 -6.99 -9.33
CA ASP A 28 -10.25 -7.45 -7.95
C ASP A 28 -10.31 -6.25 -7.01
N PRO A 29 -10.81 -6.52 -5.77
CA PRO A 29 -10.93 -5.47 -4.77
C PRO A 29 -9.57 -5.13 -4.17
N VAL A 30 -9.46 -3.90 -3.69
CA VAL A 30 -8.22 -3.43 -3.10
C VAL A 30 -7.49 -4.62 -2.45
N ALA A 31 -8.26 -5.44 -1.74
CA ALA A 31 -7.71 -6.59 -1.08
C ALA A 31 -6.99 -7.47 -2.10
N VAL A 32 -7.70 -8.49 -2.57
CA VAL A 32 -7.14 -9.40 -3.55
C VAL A 32 -6.29 -8.61 -4.56
N ALA A 33 -6.73 -7.39 -4.83
CA ALA A 33 -6.03 -6.53 -5.76
C ALA A 33 -4.57 -6.41 -5.33
N ALA A 34 -4.38 -6.08 -4.06
CA ALA A 34 -3.04 -5.93 -3.52
C ALA A 34 -2.53 -7.30 -3.05
N SER A 35 -3.43 -8.27 -3.06
CA SER A 35 -3.09 -9.61 -2.65
C SER A 35 -2.59 -10.43 -3.85
N ASN A 36 -2.06 -9.70 -4.83
CA ASN A 36 -1.54 -10.33 -6.03
C ASN A 36 -0.21 -9.69 -6.40
N ASN A 37 -0.14 -8.38 -6.23
CA ASN A 37 1.12 -7.67 -6.38
C ASN A 37 2.23 -8.43 -5.66
N PRO A 38 3.35 -8.67 -6.40
CA PRO A 38 4.47 -9.38 -5.84
C PRO A 38 5.26 -8.50 -4.87
N GLU A 39 4.71 -7.33 -4.62
CA GLU A 39 5.34 -6.38 -3.71
C GLU A 39 4.39 -6.00 -2.59
N LEU A 40 3.18 -6.54 -2.67
CA LEU A 40 2.17 -6.27 -1.66
C LEU A 40 1.85 -7.55 -0.90
N THR A 41 1.93 -8.67 -1.61
CA THR A 41 1.67 -9.96 -1.01
C THR A 41 2.13 -9.98 0.45
N THR A 42 3.23 -9.29 0.69
CA THR A 42 3.78 -9.22 2.04
C THR A 42 2.87 -8.40 2.95
N LEU A 43 2.61 -7.17 2.51
CA LEU A 43 1.76 -6.27 3.27
C LEU A 43 0.38 -6.92 3.45
N THR A 44 -0.20 -7.32 2.34
CA THR A 44 -1.51 -7.95 2.35
C THR A 44 -1.57 -9.04 3.42
N ALA A 45 -0.65 -9.98 3.31
CA ALA A 45 -0.59 -11.08 4.27
C ALA A 45 -0.81 -10.53 5.69
N ALA A 46 -0.25 -9.35 5.92
CA ALA A 46 -0.39 -8.72 7.23
C ALA A 46 -1.85 -8.34 7.46
N LEU A 47 -2.30 -7.33 6.72
CA LEU A 47 -3.68 -6.87 6.83
C LEU A 47 -4.62 -8.08 6.83
N SER A 48 -4.59 -8.81 5.73
CA SER A 48 -5.42 -9.99 5.59
C SER A 48 -5.40 -10.81 6.88
N GLY A 49 -4.22 -11.31 7.22
CA GLY A 49 -4.05 -12.09 8.42
C GLY A 49 -2.97 -13.16 8.22
N GLN A 50 -2.75 -13.52 6.97
CA GLN A 50 -1.75 -14.51 6.65
C GLN A 50 -0.54 -14.37 7.56
N LEU A 51 -0.11 -13.12 7.74
CA LEU A 51 1.04 -12.84 8.59
C LEU A 51 0.61 -12.90 10.05
N ASN A 52 -0.45 -12.16 10.36
CA ASN A 52 -0.98 -12.12 11.71
C ASN A 52 -2.38 -12.71 11.73
N PRO A 53 -2.50 -13.91 12.36
CA PRO A 53 -3.78 -14.59 12.45
C PRO A 53 -4.67 -13.92 13.50
N GLN A 54 -4.31 -12.69 13.84
CA GLN A 54 -5.07 -11.93 14.82
C GLN A 54 -5.50 -10.59 14.24
N VAL A 55 -5.26 -10.44 12.94
CA VAL A 55 -5.62 -9.21 12.25
C VAL A 55 -6.36 -9.54 10.96
N ASN A 56 -7.08 -8.56 10.46
CA ASN A 56 -7.85 -8.73 9.24
C ASN A 56 -8.37 -7.38 8.76
N LEU A 57 -7.81 -6.92 7.65
CA LEU A 57 -8.21 -5.65 7.08
C LEU A 57 -8.67 -5.85 5.63
N VAL A 58 -8.78 -7.12 5.26
CA VAL A 58 -9.20 -7.47 3.91
C VAL A 58 -10.65 -7.04 3.71
N ASP A 59 -11.44 -7.25 4.76
CA ASP A 59 -12.85 -6.89 4.71
C ASP A 59 -12.99 -5.37 4.67
N THR A 60 -12.22 -4.72 5.53
CA THR A 60 -12.25 -3.26 5.61
C THR A 60 -11.73 -2.65 4.30
N LEU A 61 -10.47 -2.91 4.02
CA LEU A 61 -9.85 -2.40 2.81
C LEU A 61 -10.85 -2.48 1.66
N ASN A 62 -11.54 -3.60 1.58
CA ASN A 62 -12.53 -3.82 0.54
C ASN A 62 -13.86 -3.22 0.99
N SER A 63 -13.81 -1.96 1.39
CA SER A 63 -15.00 -1.27 1.84
C SER A 63 -14.77 0.25 1.84
N GLY A 64 -15.44 0.92 0.91
CA GLY A 64 -15.31 2.36 0.80
C GLY A 64 -14.06 2.73 0.00
N GLN A 65 -14.22 3.74 -0.84
CA GLN A 65 -13.11 4.22 -1.66
C GLN A 65 -11.87 4.45 -0.80
N TYR A 66 -10.88 3.58 -0.97
CA TYR A 66 -9.65 3.69 -0.22
C TYR A 66 -8.47 4.03 -1.13
N THR A 67 -7.29 4.05 -0.54
CA THR A 67 -6.08 4.36 -1.30
C THR A 67 -4.87 3.69 -0.66
N VAL A 68 -4.63 2.46 -1.08
CA VAL A 68 -3.50 1.70 -0.56
C VAL A 68 -2.23 2.53 -0.68
N PHE A 69 -1.41 2.45 0.35
CA PHE A 69 -0.15 3.19 0.37
C PHE A 69 1.01 2.27 0.76
N ALA A 70 1.31 1.34 -0.13
CA ALA A 70 1.65 -0.01 0.28
C ALA A 70 3.16 -0.17 0.33
N PRO A 71 3.66 -0.71 1.48
CA PRO A 71 5.08 -0.93 1.66
C PRO A 71 5.57 -2.12 0.85
N THR A 72 6.31 -1.83 -0.20
CA THR A 72 6.84 -2.87 -1.06
C THR A 72 7.60 -3.91 -0.23
N ASN A 73 8.05 -4.95 -0.92
CA ASN A 73 8.80 -6.02 -0.27
C ASN A 73 10.16 -5.48 0.17
N ALA A 74 10.49 -4.31 -0.34
CA ALA A 74 11.76 -3.67 -0.02
C ALA A 74 11.59 -2.81 1.24
N ALA A 75 10.34 -2.48 1.53
CA ALA A 75 10.03 -1.66 2.68
C ALA A 75 10.09 -2.52 3.95
N PHE A 76 9.37 -3.63 3.90
CA PHE A 76 9.34 -4.55 5.03
C PHE A 76 10.73 -5.13 5.30
N SER A 77 11.36 -5.60 4.23
CA SER A 77 12.69 -6.18 4.34
C SER A 77 13.56 -5.32 5.24
N LYS A 78 13.65 -4.05 4.89
CA LYS A 78 14.45 -3.10 5.66
C LYS A 78 14.27 -3.38 7.15
N LEU A 79 13.02 -3.55 7.54
CA LEU A 79 12.70 -3.84 8.94
C LEU A 79 13.36 -5.15 9.36
N PRO A 80 13.71 -5.22 10.66
CA PRO A 80 14.35 -6.42 11.20
C PRO A 80 13.33 -7.54 11.38
N ALA A 81 13.84 -8.77 11.36
CA ALA A 81 13.00 -9.94 11.52
C ALA A 81 12.18 -9.80 12.80
N SER A 82 12.88 -9.55 13.90
CA SER A 82 12.23 -9.40 15.19
C SER A 82 10.93 -8.61 15.03
N THR A 83 11.02 -7.54 14.25
CA THR A 83 9.86 -6.70 14.01
C THR A 83 8.77 -7.49 13.28
N ILE A 84 9.17 -8.12 12.18
CA ILE A 84 8.24 -8.91 11.39
C ILE A 84 7.66 -10.03 12.26
N ASP A 85 8.56 -10.76 12.90
CA ASP A 85 8.14 -11.86 13.76
C ASP A 85 7.16 -11.34 14.82
N GLU A 86 7.23 -10.04 15.03
CA GLU A 86 6.35 -9.40 16.00
C GLU A 86 4.97 -9.15 15.40
N LEU A 87 4.99 -8.63 14.17
CA LEU A 87 3.75 -8.35 13.47
C LEU A 87 3.01 -9.64 13.18
N LYS A 88 3.70 -10.75 13.43
CA LYS A 88 3.12 -12.06 13.22
C LYS A 88 2.41 -12.53 14.48
N THR A 89 1.99 -11.56 15.28
CA THR A 89 1.30 -11.85 16.53
C THR A 89 0.54 -10.63 17.01
N ASN A 90 1.18 -9.47 16.88
CA ASN A 90 0.57 -8.22 17.30
C ASN A 90 -0.78 -8.05 16.60
N SER A 91 -1.53 -7.07 17.07
CA SER A 91 -2.84 -6.79 16.49
C SER A 91 -3.26 -5.36 16.85
N SER A 92 -2.27 -4.51 17.06
CA SER A 92 -2.53 -3.13 17.40
C SER A 92 -1.39 -2.23 16.87
N LEU A 93 -0.17 -2.70 17.08
CA LEU A 93 0.99 -1.97 16.63
C LEU A 93 1.22 -2.23 15.14
N LEU A 94 0.76 -3.40 14.71
CA LEU A 94 0.91 -3.79 13.31
C LEU A 94 -0.24 -3.18 12.50
N THR A 95 -1.44 -3.32 13.03
CA THR A 95 -2.62 -2.79 12.36
C THR A 95 -2.45 -1.30 12.08
N SER A 96 -1.96 -0.59 13.09
CA SER A 96 -1.74 0.84 12.95
C SER A 96 -0.94 1.13 11.69
N ILE A 97 0.04 0.28 11.43
CA ILE A 97 0.89 0.43 10.27
C ILE A 97 0.05 0.23 9.00
N LEU A 98 -0.57 -0.94 8.93
CA LEU A 98 -1.39 -1.28 7.78
C LEU A 98 -2.36 -0.13 7.50
N THR A 99 -3.21 0.15 8.49
CA THR A 99 -4.18 1.22 8.36
C THR A 99 -3.51 2.48 7.80
N TYR A 100 -2.38 2.83 8.39
CA TYR A 100 -1.65 4.00 7.96
C TYR A 100 -1.19 3.87 6.51
N HIS A 101 -1.14 2.62 6.05
CA HIS A 101 -0.72 2.33 4.69
C HIS A 101 -1.94 2.35 3.77
N VAL A 102 -2.97 3.06 4.21
CA VAL A 102 -4.19 3.17 3.43
C VAL A 102 -4.90 4.48 3.77
N VAL A 103 -5.61 5.00 2.78
CA VAL A 103 -6.34 6.25 2.96
C VAL A 103 -7.75 6.10 2.40
N ALA A 104 -8.72 6.51 3.20
CA ALA A 104 -10.11 6.43 2.80
C ALA A 104 -10.53 7.75 2.15
N GLY A 105 -10.74 7.69 0.85
CA GLY A 105 -11.14 8.87 0.11
C GLY A 105 -10.90 8.70 -1.39
N GLN A 106 -9.68 8.26 -1.71
CA GLN A 106 -9.31 8.04 -3.09
C GLN A 106 -9.00 9.36 -3.78
N THR A 107 -7.77 9.47 -4.26
CA THR A 107 -7.33 10.68 -4.94
C THR A 107 -6.15 10.37 -5.87
N SER A 108 -6.29 10.81 -7.11
CA SER A 108 -5.26 10.59 -8.10
C SER A 108 -3.91 11.10 -7.58
N PRO A 109 -2.82 10.68 -8.27
CA PRO A 109 -1.48 11.09 -7.89
C PRO A 109 -1.22 12.55 -8.28
N ALA A 110 -2.13 13.41 -7.85
CA ALA A 110 -2.01 14.83 -8.15
C ALA A 110 -2.31 15.63 -6.89
N ASN A 111 -3.38 15.24 -6.22
CA ASN A 111 -3.79 15.92 -5.00
C ASN A 111 -3.30 15.13 -3.79
N VAL A 112 -3.21 13.82 -3.98
CA VAL A 112 -2.75 12.94 -2.92
C VAL A 112 -1.59 13.61 -2.17
N VAL A 113 -0.85 14.42 -2.91
CA VAL A 113 0.29 15.11 -2.33
C VAL A 113 -0.20 16.01 -1.19
N GLY A 114 0.63 16.10 -0.17
CA GLY A 114 0.31 16.92 0.99
C GLY A 114 -0.09 16.04 2.19
N THR A 115 -0.37 16.71 3.30
CA THR A 115 -0.76 16.00 4.51
C THR A 115 -2.17 15.41 4.36
N ARG A 116 -2.21 14.12 4.10
CA ARG A 116 -3.48 13.43 3.94
C ARG A 116 -3.86 12.69 5.22
N GLN A 117 -4.90 11.88 5.12
CA GLN A 117 -5.37 11.12 6.26
C GLN A 117 -5.52 9.64 5.89
N THR A 118 -4.98 8.79 6.74
CA THR A 118 -5.04 7.35 6.51
C THR A 118 -6.20 6.75 7.31
N LEU A 119 -6.82 5.74 6.72
CA LEU A 119 -7.94 5.06 7.36
C LEU A 119 -7.64 4.91 8.85
N GLN A 120 -6.35 4.78 9.16
CA GLN A 120 -5.93 4.64 10.55
C GLN A 120 -6.46 5.79 11.39
N GLY A 121 -6.06 6.99 11.00
CA GLY A 121 -6.49 8.19 11.71
C GLY A 121 -5.40 9.27 11.68
N ALA A 122 -4.18 8.81 11.51
CA ALA A 122 -3.04 9.72 11.46
C ALA A 122 -2.96 10.36 10.07
N SER A 123 -2.04 11.30 9.93
CA SER A 123 -1.86 11.99 8.67
C SER A 123 -0.67 11.40 7.92
N VAL A 124 -0.82 11.32 6.60
CA VAL A 124 0.24 10.78 5.76
C VAL A 124 0.81 11.90 4.89
N THR A 125 1.99 12.36 5.26
CA THR A 125 2.65 13.42 4.52
C THR A 125 3.09 12.92 3.15
N VAL A 126 2.25 13.19 2.16
CA VAL A 126 2.54 12.77 0.79
C VAL A 126 3.29 13.89 0.06
N THR A 127 4.07 13.49 -0.92
CA THR A 127 4.85 14.45 -1.70
C THR A 127 4.98 13.97 -3.15
N GLY A 128 5.58 14.82 -3.97
CA GLY A 128 5.78 14.51 -5.36
C GLY A 128 5.38 15.68 -6.25
N GLN A 129 5.84 15.64 -7.49
CA GLN A 129 5.54 16.70 -8.45
C GLN A 129 5.18 16.09 -9.80
N GLY A 130 6.20 15.63 -10.50
CA GLY A 130 6.01 15.03 -11.81
C GLY A 130 6.63 13.63 -11.87
N ASN A 131 7.93 13.60 -12.11
CA ASN A 131 8.65 12.34 -12.19
C ASN A 131 9.21 11.98 -10.81
N SER A 132 8.39 12.23 -9.80
CA SER A 132 8.79 11.95 -8.43
C SER A 132 7.57 11.97 -7.51
N LEU A 133 7.52 10.98 -6.63
CA LEU A 133 6.41 10.87 -5.69
C LEU A 133 6.90 10.20 -4.41
N LYS A 134 6.66 10.88 -3.29
CA LYS A 134 7.06 10.36 -1.99
C LYS A 134 5.85 10.25 -1.08
N VAL A 135 6.01 9.51 0.00
CA VAL A 135 4.94 9.32 0.96
C VAL A 135 5.53 8.96 2.31
N GLY A 136 5.21 9.78 3.30
CA GLY A 136 5.71 9.55 4.65
C GLY A 136 7.22 9.32 4.65
N ASN A 137 7.90 10.07 3.81
CA ASN A 137 9.35 9.96 3.69
C ASN A 137 9.69 8.81 2.74
N ALA A 138 8.69 7.99 2.46
CA ALA A 138 8.88 6.87 1.57
C ALA A 138 8.96 7.36 0.13
N ASP A 139 9.10 6.41 -0.79
CA ASP A 139 9.20 6.75 -2.20
C ASP A 139 8.12 5.97 -2.97
N VAL A 140 7.12 6.72 -3.44
CA VAL A 140 6.03 6.11 -4.19
C VAL A 140 6.60 5.34 -5.38
N VAL A 141 6.74 4.03 -5.19
CA VAL A 141 7.27 3.17 -6.23
C VAL A 141 6.33 3.21 -7.44
N CYS A 142 5.09 2.80 -7.21
CA CYS A 142 4.09 2.77 -8.27
C CYS A 142 2.75 3.19 -7.66
N GLY A 143 2.34 4.41 -7.97
CA GLY A 143 1.09 4.94 -7.48
C GLY A 143 0.10 5.18 -8.62
N GLY A 144 -1.17 5.29 -8.26
CA GLY A 144 -2.22 5.52 -9.23
C GLY A 144 -2.70 4.20 -9.85
N VAL A 145 -2.50 3.14 -9.09
CA VAL A 145 -2.91 1.81 -9.54
C VAL A 145 -4.29 1.48 -8.97
N SER A 146 -5.27 2.25 -9.41
CA SER A 146 -6.63 2.05 -8.94
C SER A 146 -7.05 0.60 -9.17
N THR A 147 -7.55 -0.01 -8.10
CA THR A 147 -7.98 -1.40 -8.16
C THR A 147 -9.45 -1.47 -8.59
N ALA A 148 -10.31 -1.75 -7.61
CA ALA A 148 -11.74 -1.86 -7.88
C ALA A 148 -12.45 -0.66 -7.26
N ASN A 149 -12.07 -0.36 -6.03
CA ASN A 149 -12.66 0.76 -5.31
C ASN A 149 -11.63 1.34 -4.33
N ALA A 150 -10.39 1.39 -4.78
CA ALA A 150 -9.32 1.91 -3.96
C ALA A 150 -8.04 2.02 -4.80
N THR A 151 -7.30 3.10 -4.55
CA THR A 151 -6.07 3.33 -5.27
C THR A 151 -4.92 2.54 -4.64
N VAL A 152 -3.79 2.55 -5.34
CA VAL A 152 -2.61 1.83 -4.86
C VAL A 152 -1.38 2.71 -5.05
N TYR A 153 -0.60 2.82 -3.99
CA TYR A 153 0.61 3.62 -4.03
C TYR A 153 1.75 2.94 -3.26
N MET A 154 2.47 2.10 -4.00
CA MET A 154 3.59 1.37 -3.40
C MET A 154 4.69 2.33 -2.97
N ILE A 155 5.37 1.96 -1.88
CA ILE A 155 6.44 2.77 -1.35
C ILE A 155 7.63 1.88 -0.99
N ASP A 156 8.68 2.50 -0.49
CA ASP A 156 9.88 1.77 -0.10
C ASP A 156 10.15 2.00 1.38
N SER A 157 9.08 2.07 2.15
CA SER A 157 9.19 2.30 3.58
C SER A 157 7.92 1.84 4.28
N VAL A 158 8.11 1.12 5.39
CA VAL A 158 6.98 0.62 6.15
C VAL A 158 6.35 1.77 6.95
N LEU A 159 5.67 2.64 6.23
CA LEU A 159 5.03 3.79 6.85
C LEU A 159 4.55 3.39 8.25
N MET A 160 4.55 4.38 9.13
CA MET A 160 4.12 4.16 10.50
C MET A 160 3.29 5.33 11.01
N PRO A 161 2.27 4.99 11.85
CA PRO A 161 1.39 6.01 12.41
C PRO A 161 2.10 6.78 13.53
N PRO A 162 2.34 8.10 13.25
CA PRO A 162 3.00 8.96 14.22
C PRO A 162 2.06 9.33 15.36
N ALA A 163 1.67 8.32 16.13
CA ALA A 163 0.77 8.53 17.25
C ALA A 163 0.31 7.18 17.79
N GLY A 1 -1.46 11.95 -17.59
CA GLY A 1 -1.75 10.65 -18.19
C GLY A 1 -0.74 9.59 -17.73
N ASP A 2 -1.01 8.35 -18.12
CA ASP A 2 -0.15 7.26 -17.76
C ASP A 2 -0.03 7.18 -16.23
N LEU A 3 0.57 6.10 -15.77
CA LEU A 3 0.74 5.89 -14.34
C LEU A 3 1.83 6.84 -13.83
N VAL A 4 2.12 6.72 -12.54
CA VAL A 4 3.13 7.55 -11.91
C VAL A 4 4.10 6.67 -11.13
N GLY A 5 5.37 7.04 -11.19
CA GLY A 5 6.38 6.39 -10.38
C GLY A 5 7.42 5.68 -11.25
N PRO A 6 8.60 5.41 -10.63
CA PRO A 6 9.68 4.74 -11.33
C PRO A 6 9.39 3.24 -11.49
N GLY A 7 9.31 2.56 -10.35
CA GLY A 7 9.03 1.14 -10.35
C GLY A 7 7.83 0.82 -11.23
N CYS A 8 6.91 1.76 -11.29
CA CYS A 8 5.71 1.60 -12.09
C CYS A 8 6.11 1.05 -13.46
N ALA A 9 7.32 1.39 -13.87
CA ALA A 9 7.84 0.93 -15.15
C ALA A 9 8.45 -0.46 -14.99
N GLU A 10 9.58 -0.49 -14.29
CA GLU A 10 10.27 -1.75 -14.05
C GLU A 10 9.28 -2.84 -13.66
N TYR A 11 8.40 -2.49 -12.72
CA TYR A 11 7.40 -3.43 -12.25
C TYR A 11 6.76 -4.18 -13.41
N ALA A 12 6.10 -3.43 -14.27
CA ALA A 12 5.43 -4.01 -15.42
C ALA A 12 6.38 -5.00 -16.11
N ALA A 13 7.58 -4.52 -16.39
CA ALA A 13 8.58 -5.35 -17.04
C ALA A 13 8.62 -6.72 -16.36
N ALA A 14 8.40 -6.71 -15.06
CA ALA A 14 8.40 -7.93 -14.28
C ALA A 14 6.99 -8.54 -14.29
N ASN A 15 6.01 -7.67 -14.12
CA ASN A 15 4.62 -8.11 -14.11
C ASN A 15 3.81 -7.22 -15.05
N PRO A 16 3.94 -7.52 -16.38
CA PRO A 16 3.22 -6.77 -17.39
C PRO A 16 1.74 -7.14 -17.41
N THR A 17 1.48 -8.39 -17.07
CA THR A 17 0.12 -8.90 -17.05
C THR A 17 -0.18 -9.59 -15.72
N GLY A 18 -1.18 -10.47 -15.74
CA GLY A 18 -1.56 -11.20 -14.55
C GLY A 18 -2.39 -10.32 -13.62
N PRO A 19 -2.82 -10.93 -12.48
CA PRO A 19 -3.62 -10.21 -11.50
C PRO A 19 -2.76 -9.24 -10.70
N ALA A 20 -1.46 -9.35 -10.89
CA ALA A 20 -0.51 -8.49 -10.19
C ALA A 20 -0.24 -7.25 -11.05
N SER A 21 -1.09 -7.05 -12.05
CA SER A 21 -0.95 -5.92 -12.94
C SER A 21 -1.80 -4.75 -12.44
N VAL A 22 -1.51 -3.58 -13.00
CA VAL A 22 -2.24 -2.38 -12.62
C VAL A 22 -3.72 -2.54 -12.98
N GLN A 23 -3.94 -3.30 -14.04
CA GLN A 23 -5.30 -3.55 -14.50
C GLN A 23 -5.80 -4.89 -13.99
N GLY A 24 -4.97 -5.91 -14.18
CA GLY A 24 -5.31 -7.25 -13.75
C GLY A 24 -5.75 -7.26 -12.27
N MET A 25 -5.31 -6.23 -11.56
CA MET A 25 -5.64 -6.10 -10.16
C MET A 25 -6.93 -5.29 -9.96
N SER A 26 -7.30 -4.57 -11.01
CA SER A 26 -8.50 -3.75 -10.97
C SER A 26 -9.73 -4.64 -10.74
N GLN A 27 -9.68 -5.81 -11.35
CA GLN A 27 -10.78 -6.76 -11.23
C GLN A 27 -10.83 -7.33 -9.81
N ASP A 28 -9.75 -7.09 -9.07
CA ASP A 28 -9.66 -7.58 -7.71
C ASP A 28 -10.05 -6.45 -6.74
N PRO A 29 -10.73 -6.86 -5.64
CA PRO A 29 -11.17 -5.91 -4.63
C PRO A 29 -9.99 -5.44 -3.77
N VAL A 30 -9.44 -4.30 -4.16
CA VAL A 30 -8.31 -3.73 -3.45
C VAL A 30 -7.51 -4.86 -2.80
N ALA A 31 -7.59 -4.91 -1.48
CA ALA A 31 -6.88 -5.93 -0.73
C ALA A 31 -6.33 -6.98 -1.69
N VAL A 32 -7.24 -7.76 -2.25
CA VAL A 32 -6.86 -8.79 -3.20
C VAL A 32 -5.76 -8.26 -4.12
N ALA A 33 -6.15 -7.30 -4.94
CA ALA A 33 -5.20 -6.70 -5.88
C ALA A 33 -3.81 -6.71 -5.26
N ALA A 34 -3.74 -6.37 -3.99
CA ALA A 34 -2.48 -6.34 -3.28
C ALA A 34 -1.91 -7.76 -3.19
N SER A 35 -2.70 -8.64 -2.59
CA SER A 35 -2.30 -10.02 -2.43
C SER A 35 -1.69 -10.54 -3.75
N ASN A 36 -2.12 -9.92 -4.83
CA ASN A 36 -1.63 -10.31 -6.15
C ASN A 36 -0.26 -9.68 -6.39
N ASN A 37 -0.19 -8.38 -6.13
CA ASN A 37 1.03 -7.63 -6.39
C ASN A 37 2.21 -8.33 -5.70
N PRO A 38 3.29 -8.54 -6.49
CA PRO A 38 4.47 -9.20 -5.98
C PRO A 38 5.28 -8.25 -5.08
N GLU A 39 4.72 -7.07 -4.87
CA GLU A 39 5.37 -6.07 -4.04
C GLU A 39 4.45 -5.68 -2.88
N LEU A 40 3.25 -6.23 -2.90
CA LEU A 40 2.27 -5.96 -1.86
C LEU A 40 1.96 -7.24 -1.09
N THR A 41 2.02 -8.35 -1.82
CA THR A 41 1.74 -9.65 -1.22
C THR A 41 2.21 -9.67 0.24
N THR A 42 3.35 -9.05 0.48
CA THR A 42 3.91 -8.99 1.82
C THR A 42 2.97 -8.22 2.75
N LEU A 43 2.71 -6.98 2.38
CA LEU A 43 1.84 -6.12 3.17
C LEU A 43 0.47 -6.78 3.30
N THR A 44 0.00 -7.33 2.19
CA THR A 44 -1.29 -8.00 2.17
C THR A 44 -1.41 -8.98 3.33
N ALA A 45 -0.48 -9.92 3.37
CA ALA A 45 -0.47 -10.92 4.41
C ALA A 45 -0.81 -10.26 5.75
N ALA A 46 -0.34 -9.03 5.90
CA ALA A 46 -0.59 -8.27 7.11
C ALA A 46 -2.07 -7.94 7.20
N LEU A 47 -2.50 -7.02 6.35
CA LEU A 47 -3.89 -6.60 6.33
C LEU A 47 -4.79 -7.84 6.37
N SER A 48 -4.66 -8.67 5.33
CA SER A 48 -5.45 -9.88 5.23
C SER A 48 -5.49 -10.58 6.59
N GLY A 49 -4.31 -10.82 7.14
CA GLY A 49 -4.19 -11.48 8.43
C GLY A 49 -3.14 -12.60 8.39
N GLN A 50 -2.86 -13.05 7.18
CA GLN A 50 -1.88 -14.10 6.98
C GLN A 50 -0.71 -13.92 7.95
N LEU A 51 -0.46 -12.67 8.29
CA LEU A 51 0.62 -12.36 9.21
C LEU A 51 0.15 -12.56 10.65
N ASN A 52 -0.97 -11.92 10.96
CA ASN A 52 -1.55 -12.03 12.29
C ASN A 52 -2.94 -12.65 12.20
N PRO A 53 -3.16 -13.69 13.04
CA PRO A 53 -4.45 -14.38 13.05
C PRO A 53 -5.51 -13.53 13.77
N GLN A 54 -5.11 -12.33 14.14
CA GLN A 54 -6.00 -11.43 14.83
C GLN A 54 -6.21 -10.15 14.01
N VAL A 55 -5.48 -10.07 12.91
CA VAL A 55 -5.57 -8.91 12.03
C VAL A 55 -6.20 -9.35 10.70
N ASN A 56 -7.09 -8.50 10.21
CA ASN A 56 -7.78 -8.77 8.96
C ASN A 56 -8.34 -7.47 8.39
N LEU A 57 -7.87 -7.12 7.20
CA LEU A 57 -8.31 -5.91 6.54
C LEU A 57 -8.78 -6.25 5.12
N VAL A 58 -8.95 -7.54 4.88
CA VAL A 58 -9.39 -8.00 3.58
C VAL A 58 -10.82 -7.54 3.33
N ASP A 59 -11.71 -7.97 4.21
CA ASP A 59 -13.12 -7.61 4.10
C ASP A 59 -13.26 -6.09 4.18
N THR A 60 -12.46 -5.50 5.07
CA THR A 60 -12.48 -4.06 5.26
C THR A 60 -12.03 -3.35 3.98
N LEU A 61 -10.76 -3.49 3.68
CA LEU A 61 -10.19 -2.86 2.50
C LEU A 61 -11.21 -2.94 1.35
N ASN A 62 -11.89 -4.07 1.29
CA ASN A 62 -12.89 -4.28 0.26
C ASN A 62 -14.23 -3.69 0.71
N SER A 63 -14.17 -2.44 1.16
CA SER A 63 -15.36 -1.75 1.62
C SER A 63 -15.09 -0.24 1.74
N GLY A 64 -15.69 0.50 0.83
CA GLY A 64 -15.53 1.95 0.82
C GLY A 64 -14.33 2.35 -0.04
N GLN A 65 -14.40 3.57 -0.57
CA GLN A 65 -13.34 4.08 -1.41
C GLN A 65 -12.08 4.36 -0.57
N TYR A 66 -11.08 3.52 -0.76
CA TYR A 66 -9.84 3.66 -0.03
C TYR A 66 -8.68 4.03 -0.97
N THR A 67 -7.48 4.05 -0.41
CA THR A 67 -6.30 4.38 -1.19
C THR A 67 -5.07 3.68 -0.61
N VAL A 68 -4.85 2.46 -1.07
CA VAL A 68 -3.72 1.68 -0.60
C VAL A 68 -2.44 2.51 -0.74
N PHE A 69 -1.63 2.48 0.30
CA PHE A 69 -0.38 3.22 0.31
C PHE A 69 0.79 2.30 0.63
N ALA A 70 1.08 1.40 -0.30
CA ALA A 70 1.45 0.04 0.06
C ALA A 70 2.98 -0.08 0.07
N PRO A 71 3.52 -0.58 1.21
CA PRO A 71 4.94 -0.75 1.35
C PRO A 71 5.44 -1.95 0.55
N THR A 72 6.37 -1.68 -0.36
CA THR A 72 6.93 -2.72 -1.19
C THR A 72 7.66 -3.76 -0.33
N ASN A 73 8.20 -4.77 -1.00
CA ASN A 73 8.93 -5.83 -0.32
C ASN A 73 10.19 -5.25 0.32
N ALA A 74 10.81 -4.33 -0.41
CA ALA A 74 12.03 -3.71 0.06
C ALA A 74 11.69 -2.73 1.20
N ALA A 75 10.40 -2.52 1.38
CA ALA A 75 9.93 -1.61 2.42
C ALA A 75 9.94 -2.34 3.76
N PHE A 76 9.39 -3.55 3.75
CA PHE A 76 9.33 -4.36 4.96
C PHE A 76 10.68 -5.01 5.24
N SER A 77 11.26 -5.57 4.19
CA SER A 77 12.55 -6.23 4.32
C SER A 77 13.54 -5.33 5.07
N LYS A 78 13.25 -4.03 5.02
CA LYS A 78 14.09 -3.06 5.69
C LYS A 78 14.07 -3.32 7.20
N LEU A 79 12.92 -3.78 7.67
CA LEU A 79 12.75 -4.07 9.08
C LEU A 79 13.38 -5.42 9.40
N PRO A 80 13.91 -5.53 10.65
CA PRO A 80 14.54 -6.77 11.09
C PRO A 80 13.50 -7.84 11.40
N ALA A 81 13.82 -9.06 11.00
CA ALA A 81 12.93 -10.18 11.23
C ALA A 81 12.28 -10.04 12.61
N SER A 82 13.03 -9.44 13.52
CA SER A 82 12.54 -9.23 14.88
C SER A 82 11.23 -8.46 14.85
N THR A 83 11.28 -7.29 14.21
CA THR A 83 10.11 -6.44 14.11
C THR A 83 8.95 -7.20 13.44
N ILE A 84 9.29 -7.89 12.35
CA ILE A 84 8.30 -8.65 11.62
C ILE A 84 7.73 -9.75 12.52
N ASP A 85 8.65 -10.57 13.03
CA ASP A 85 8.26 -11.66 13.91
C ASP A 85 7.26 -11.14 14.96
N GLU A 86 7.37 -9.85 15.24
CA GLU A 86 6.49 -9.22 16.21
C GLU A 86 5.12 -8.95 15.58
N LEU A 87 5.15 -8.32 14.41
CA LEU A 87 3.92 -8.00 13.71
C LEU A 87 3.10 -9.27 13.52
N LYS A 88 3.77 -10.40 13.63
CA LYS A 88 3.13 -11.69 13.47
C LYS A 88 2.53 -12.13 14.81
N THR A 89 2.59 -11.22 15.77
CA THR A 89 2.07 -11.50 17.10
C THR A 89 1.39 -10.26 17.67
N ASN A 90 1.22 -9.26 16.82
CA ASN A 90 0.59 -8.01 17.23
C ASN A 90 -0.69 -7.80 16.41
N SER A 91 -1.62 -7.06 17.00
CA SER A 91 -2.88 -6.78 16.34
C SER A 91 -3.35 -5.38 16.70
N SER A 92 -2.40 -4.54 17.08
CA SER A 92 -2.70 -3.17 17.45
C SER A 92 -1.61 -2.23 16.93
N LEU A 93 -0.37 -2.64 17.14
CA LEU A 93 0.76 -1.85 16.69
C LEU A 93 0.98 -2.07 15.19
N LEU A 94 0.63 -3.27 14.75
CA LEU A 94 0.77 -3.61 13.34
C LEU A 94 -0.41 -3.05 12.56
N THR A 95 -1.59 -3.20 13.13
CA THR A 95 -2.80 -2.71 12.50
C THR A 95 -2.66 -1.23 12.14
N SER A 96 -2.12 -0.48 13.10
CA SER A 96 -1.92 0.94 12.90
C SER A 96 -1.14 1.20 11.61
N ILE A 97 -0.16 0.35 11.37
CA ILE A 97 0.67 0.46 10.19
C ILE A 97 -0.20 0.21 8.94
N LEU A 98 -0.74 -1.00 8.88
CA LEU A 98 -1.59 -1.37 7.76
C LEU A 98 -2.56 -0.24 7.45
N THR A 99 -3.41 0.06 8.42
CA THR A 99 -4.39 1.13 8.27
C THR A 99 -3.74 2.35 7.63
N TYR A 100 -2.64 2.77 8.21
CA TYR A 100 -1.91 3.93 7.70
C TYR A 100 -1.53 3.74 6.23
N HIS A 101 -1.47 2.47 5.83
CA HIS A 101 -1.11 2.15 4.46
C HIS A 101 -2.38 2.07 3.61
N VAL A 102 -3.41 2.77 4.06
CA VAL A 102 -4.67 2.79 3.36
C VAL A 102 -5.51 3.98 3.85
N VAL A 103 -5.69 4.95 2.95
CA VAL A 103 -6.46 6.14 3.28
C VAL A 103 -7.90 5.94 2.83
N ALA A 104 -8.81 6.57 3.55
CA ALA A 104 -10.22 6.48 3.23
C ALA A 104 -10.60 7.63 2.29
N GLY A 105 -10.63 7.31 1.00
CA GLY A 105 -10.97 8.30 -0.01
C GLY A 105 -10.06 8.18 -1.22
N GLN A 106 -10.61 7.64 -2.30
CA GLN A 106 -9.87 7.46 -3.53
C GLN A 106 -9.46 8.82 -4.11
N THR A 107 -8.19 8.92 -4.46
CA THR A 107 -7.66 10.15 -5.02
C THR A 107 -6.50 9.86 -5.98
N SER A 108 -6.55 10.51 -7.13
CA SER A 108 -5.52 10.33 -8.13
C SER A 108 -4.19 10.89 -7.63
N PRO A 109 -3.09 10.51 -8.34
CA PRO A 109 -1.77 10.99 -7.97
C PRO A 109 -1.57 12.44 -8.38
N ALA A 110 -2.54 13.27 -8.01
CA ALA A 110 -2.48 14.68 -8.33
C ALA A 110 -2.80 15.51 -7.08
N ASN A 111 -3.86 15.09 -6.40
CA ASN A 111 -4.28 15.78 -5.19
C ASN A 111 -3.71 15.06 -3.97
N VAL A 112 -3.50 13.75 -4.14
CA VAL A 112 -2.97 12.94 -3.07
C VAL A 112 -1.76 13.65 -2.44
N VAL A 113 -1.15 14.51 -3.23
CA VAL A 113 0.01 15.26 -2.78
C VAL A 113 -0.40 16.15 -1.60
N GLY A 114 0.41 16.13 -0.56
CA GLY A 114 0.14 16.93 0.62
C GLY A 114 -0.16 16.03 1.83
N THR A 115 -0.52 16.68 2.92
CA THR A 115 -0.84 15.96 4.15
C THR A 115 -2.20 15.27 4.02
N ARG A 116 -2.15 13.97 3.83
CA ARG A 116 -3.37 13.18 3.69
C ARG A 116 -3.63 12.37 4.96
N GLN A 117 -4.90 12.19 5.26
CA GLN A 117 -5.30 11.45 6.44
C GLN A 117 -5.55 9.97 6.08
N THR A 118 -4.89 9.10 6.82
CA THR A 118 -5.04 7.67 6.59
C THR A 118 -5.98 7.06 7.63
N LEU A 119 -6.40 5.84 7.34
CA LEU A 119 -7.31 5.13 8.23
C LEU A 119 -6.78 5.21 9.66
N GLN A 120 -5.52 4.79 9.82
CA GLN A 120 -4.89 4.81 11.12
C GLN A 120 -5.08 6.18 11.78
N GLY A 121 -5.12 7.21 10.95
CA GLY A 121 -5.31 8.57 11.44
C GLY A 121 -4.09 9.43 11.09
N ALA A 122 -2.92 8.84 11.24
CA ALA A 122 -1.68 9.54 10.95
C ALA A 122 -1.78 10.18 9.56
N SER A 123 -1.07 11.28 9.40
CA SER A 123 -1.07 12.00 8.13
C SER A 123 0.00 11.42 7.21
N VAL A 124 -0.18 11.66 5.91
CA VAL A 124 0.77 11.17 4.92
C VAL A 124 1.28 12.35 4.09
N THR A 125 2.49 12.78 4.41
CA THR A 125 3.11 13.89 3.71
C THR A 125 3.47 13.48 2.28
N VAL A 126 2.44 13.35 1.45
CA VAL A 126 2.63 12.96 0.07
C VAL A 126 3.26 14.13 -0.70
N THR A 127 4.10 13.79 -1.66
CA THR A 127 4.78 14.79 -2.47
C THR A 127 5.21 14.19 -3.80
N GLY A 128 5.93 15.01 -4.58
CA GLY A 128 6.40 14.57 -5.87
C GLY A 128 6.11 15.62 -6.95
N GLN A 129 4.99 15.42 -7.64
CA GLN A 129 4.59 16.34 -8.69
C GLN A 129 5.17 15.89 -10.03
N GLY A 130 6.39 15.39 -9.98
CA GLY A 130 7.06 14.93 -11.19
C GLY A 130 7.11 13.40 -11.24
N ASN A 131 8.26 12.87 -10.85
CA ASN A 131 8.45 11.42 -10.85
C ASN A 131 9.17 11.01 -9.56
N SER A 132 8.74 9.89 -9.01
CA SER A 132 9.33 9.39 -7.78
C SER A 132 8.66 10.03 -6.57
N LEU A 133 7.34 10.14 -6.64
CA LEU A 133 6.58 10.73 -5.56
C LEU A 133 7.07 10.18 -4.22
N LYS A 134 6.62 10.81 -3.16
CA LYS A 134 7.00 10.38 -1.82
C LYS A 134 5.76 10.35 -0.92
N VAL A 135 5.84 9.51 0.11
CA VAL A 135 4.73 9.38 1.04
C VAL A 135 5.29 9.03 2.42
N GLY A 136 4.94 9.88 3.39
CA GLY A 136 5.40 9.68 4.76
C GLY A 136 6.87 9.27 4.79
N ASN A 137 7.67 9.98 4.01
CA ASN A 137 9.09 9.70 3.95
C ASN A 137 9.36 8.64 2.87
N ALA A 138 8.45 7.67 2.82
CA ALA A 138 8.58 6.59 1.85
C ALA A 138 8.75 7.19 0.45
N ASP A 139 9.04 6.31 -0.50
CA ASP A 139 9.23 6.74 -1.87
C ASP A 139 8.21 6.02 -2.77
N VAL A 140 7.35 6.82 -3.39
CA VAL A 140 6.33 6.28 -4.27
C VAL A 140 7.01 5.49 -5.39
N VAL A 141 6.77 4.19 -5.38
CA VAL A 141 7.34 3.31 -6.39
C VAL A 141 6.43 3.29 -7.62
N CYS A 142 5.14 3.12 -7.35
CA CYS A 142 4.16 3.07 -8.42
C CYS A 142 2.78 3.35 -7.81
N GLY A 143 2.28 4.55 -8.09
CA GLY A 143 0.98 4.95 -7.59
C GLY A 143 -0.04 5.08 -8.72
N GLY A 144 -1.27 5.36 -8.33
CA GLY A 144 -2.35 5.51 -9.31
C GLY A 144 -2.75 4.15 -9.88
N VAL A 145 -2.40 3.10 -9.16
CA VAL A 145 -2.72 1.75 -9.58
C VAL A 145 -4.11 1.37 -9.07
N SER A 146 -5.07 2.24 -9.36
CA SER A 146 -6.44 2.01 -8.94
C SER A 146 -6.82 0.55 -9.18
N THR A 147 -7.34 -0.07 -8.14
CA THR A 147 -7.76 -1.47 -8.22
C THR A 147 -9.27 -1.57 -8.49
N ALA A 148 -10.00 -1.80 -7.42
CA ALA A 148 -11.45 -1.92 -7.53
C ALA A 148 -12.11 -0.64 -6.99
N ASN A 149 -12.08 -0.52 -5.67
CA ASN A 149 -12.66 0.64 -5.02
C ASN A 149 -11.63 1.25 -4.07
N ALA A 150 -10.38 1.25 -4.52
CA ALA A 150 -9.30 1.80 -3.73
C ALA A 150 -8.04 1.92 -4.60
N THR A 151 -7.34 3.04 -4.43
CA THR A 151 -6.14 3.28 -5.19
C THR A 151 -4.96 2.48 -4.60
N VAL A 152 -3.84 2.54 -5.30
CA VAL A 152 -2.65 1.84 -4.85
C VAL A 152 -1.42 2.72 -5.07
N TYR A 153 -0.64 2.85 -4.01
CA TYR A 153 0.57 3.67 -4.07
C TYR A 153 1.74 2.98 -3.38
N MET A 154 2.47 2.19 -4.15
CA MET A 154 3.61 1.46 -3.62
C MET A 154 4.67 2.43 -3.09
N ILE A 155 5.29 2.03 -1.98
CA ILE A 155 6.32 2.85 -1.37
C ILE A 155 7.51 1.96 -1.00
N ASP A 156 8.51 2.58 -0.40
CA ASP A 156 9.70 1.87 0.01
C ASP A 156 9.86 1.97 1.53
N SER A 157 8.74 1.88 2.21
CA SER A 157 8.73 1.96 3.66
C SER A 157 7.34 1.61 4.20
N VAL A 158 7.33 0.80 5.25
CA VAL A 158 6.09 0.39 5.88
C VAL A 158 5.57 1.52 6.76
N LEU A 159 5.09 2.57 6.10
CA LEU A 159 4.56 3.72 6.82
C LEU A 159 4.13 3.30 8.22
N MET A 160 4.49 4.11 9.19
CA MET A 160 4.15 3.83 10.57
C MET A 160 3.45 5.02 11.22
N PRO A 161 2.42 4.71 12.05
CA PRO A 161 1.67 5.75 12.74
C PRO A 161 2.47 6.34 13.89
N PRO A 162 2.68 7.68 13.82
CA PRO A 162 3.42 8.38 14.85
C PRO A 162 2.58 8.55 16.12
N ALA A 163 2.26 7.42 16.73
CA ALA A 163 1.46 7.42 17.95
C ALA A 163 1.62 6.09 18.67
N GLY A 1 1.35 0.78 -20.84
CA GLY A 1 1.36 1.15 -19.43
C GLY A 1 1.59 2.66 -19.26
N ASP A 2 0.68 3.28 -18.53
CA ASP A 2 0.77 4.71 -18.28
C ASP A 2 0.36 5.00 -16.83
N LEU A 3 1.29 4.74 -15.93
CA LEU A 3 1.04 4.98 -14.51
C LEU A 3 2.08 5.97 -13.97
N VAL A 4 2.05 6.14 -12.66
CA VAL A 4 2.98 7.05 -12.00
C VAL A 4 3.86 6.26 -11.04
N GLY A 5 4.85 6.96 -10.50
CA GLY A 5 5.98 6.30 -9.86
C GLY A 5 6.89 5.64 -10.90
N PRO A 6 8.17 5.46 -10.50
CA PRO A 6 9.15 4.84 -11.39
C PRO A 6 8.94 3.33 -11.48
N GLY A 7 9.11 2.67 -10.35
CA GLY A 7 8.94 1.22 -10.29
C GLY A 7 7.73 0.79 -11.10
N CYS A 8 6.68 1.61 -11.06
CA CYS A 8 5.46 1.33 -11.79
C CYS A 8 5.84 0.83 -13.18
N ALA A 9 6.85 1.48 -13.75
CA ALA A 9 7.31 1.11 -15.08
C ALA A 9 8.03 -0.24 -15.01
N GLU A 10 9.23 -0.21 -14.45
CA GLU A 10 10.02 -1.42 -14.31
C GLU A 10 9.13 -2.60 -13.91
N TYR A 11 8.25 -2.32 -12.96
CA TYR A 11 7.34 -3.34 -12.47
C TYR A 11 6.65 -4.07 -13.63
N ALA A 12 5.87 -3.31 -14.37
CA ALA A 12 5.15 -3.87 -15.51
C ALA A 12 6.06 -4.86 -16.25
N ALA A 13 7.26 -4.39 -16.54
CA ALA A 13 8.24 -5.22 -17.24
C ALA A 13 8.21 -6.64 -16.64
N ALA A 14 8.23 -6.70 -15.32
CA ALA A 14 8.21 -7.97 -14.63
C ALA A 14 6.79 -8.53 -14.64
N ASN A 15 5.86 -7.70 -14.18
CA ASN A 15 4.46 -8.11 -14.12
C ASN A 15 3.64 -7.17 -15.01
N PRO A 16 3.65 -7.48 -16.34
CA PRO A 16 2.92 -6.68 -17.29
C PRO A 16 1.42 -6.97 -17.22
N THR A 17 1.09 -8.25 -17.21
CA THR A 17 -0.29 -8.68 -17.12
C THR A 17 -0.58 -9.34 -15.77
N GLY A 18 -1.56 -10.22 -15.77
CA GLY A 18 -1.94 -10.93 -14.57
C GLY A 18 -2.74 -10.02 -13.63
N PRO A 19 -3.18 -10.61 -12.49
CA PRO A 19 -3.95 -9.88 -11.50
C PRO A 19 -3.05 -8.93 -10.71
N ALA A 20 -1.75 -9.07 -10.92
CA ALA A 20 -0.78 -8.24 -10.23
C ALA A 20 -0.66 -6.90 -10.96
N SER A 21 -1.03 -6.91 -12.23
CA SER A 21 -0.97 -5.71 -13.05
C SER A 21 -1.83 -4.62 -12.42
N VAL A 22 -1.67 -3.41 -12.95
CA VAL A 22 -2.43 -2.27 -12.46
C VAL A 22 -3.90 -2.46 -12.80
N GLN A 23 -4.14 -3.17 -13.89
CA GLN A 23 -5.50 -3.43 -14.33
C GLN A 23 -6.03 -4.71 -13.68
N GLY A 24 -5.20 -5.74 -13.73
CA GLY A 24 -5.57 -7.02 -13.15
C GLY A 24 -6.15 -6.85 -11.75
N MET A 25 -5.46 -6.04 -10.95
CA MET A 25 -5.89 -5.79 -9.58
C MET A 25 -7.16 -4.92 -9.57
N SER A 26 -7.48 -4.38 -10.73
CA SER A 26 -8.66 -3.54 -10.87
C SER A 26 -9.92 -4.41 -10.90
N GLN A 27 -9.75 -5.64 -11.35
CA GLN A 27 -10.86 -6.57 -11.44
C GLN A 27 -11.19 -7.13 -10.06
N ASP A 28 -10.24 -6.95 -9.14
CA ASP A 28 -10.43 -7.43 -7.78
C ASP A 28 -10.49 -6.24 -6.83
N PRO A 29 -10.96 -6.52 -5.58
CA PRO A 29 -11.08 -5.49 -4.57
C PRO A 29 -9.70 -5.11 -4.01
N VAL A 30 -9.59 -3.86 -3.58
CA VAL A 30 -8.35 -3.36 -3.03
C VAL A 30 -7.61 -4.51 -2.35
N ALA A 31 -8.34 -5.24 -1.52
CA ALA A 31 -7.77 -6.36 -0.81
C ALA A 31 -7.02 -7.27 -1.79
N VAL A 32 -7.74 -8.25 -2.31
CA VAL A 32 -7.17 -9.19 -3.26
C VAL A 32 -6.18 -8.44 -4.15
N ALA A 33 -6.60 -7.28 -4.61
CA ALA A 33 -5.76 -6.46 -5.47
C ALA A 33 -4.33 -6.44 -4.92
N ALA A 34 -4.23 -6.05 -3.66
CA ALA A 34 -2.94 -5.99 -3.00
C ALA A 34 -2.41 -7.41 -2.77
N SER A 35 -3.33 -8.35 -2.74
CA SER A 35 -2.98 -9.74 -2.54
C SER A 35 -2.66 -10.41 -3.87
N ASN A 36 -2.34 -9.57 -4.85
CA ASN A 36 -2.01 -10.06 -6.18
C ASN A 36 -0.65 -9.51 -6.61
N ASN A 37 -0.45 -8.23 -6.30
CA ASN A 37 0.84 -7.60 -6.55
C ASN A 37 1.93 -8.40 -5.84
N PRO A 38 3.02 -8.70 -6.61
CA PRO A 38 4.13 -9.46 -6.06
C PRO A 38 4.99 -8.60 -5.14
N GLU A 39 4.54 -7.36 -4.96
CA GLU A 39 5.25 -6.43 -4.11
C GLU A 39 4.39 -6.02 -2.91
N LEU A 40 3.12 -6.42 -2.97
CA LEU A 40 2.19 -6.11 -1.91
C LEU A 40 1.92 -7.38 -1.09
N THR A 41 2.03 -8.52 -1.76
CA THR A 41 1.80 -9.79 -1.11
C THR A 41 2.32 -9.76 0.33
N THR A 42 3.40 -9.01 0.51
CA THR A 42 4.00 -8.88 1.83
C THR A 42 3.09 -8.10 2.77
N LEU A 43 2.72 -6.90 2.32
CA LEU A 43 1.84 -6.06 3.11
C LEU A 43 0.48 -6.73 3.27
N THR A 44 -0.09 -7.12 2.14
CA THR A 44 -1.38 -7.78 2.15
C THR A 44 -1.42 -8.88 3.21
N ALA A 45 -0.49 -9.80 3.10
CA ALA A 45 -0.41 -10.90 4.04
C ALA A 45 -0.64 -10.36 5.46
N ALA A 46 -0.09 -9.20 5.72
CA ALA A 46 -0.23 -8.56 7.02
C ALA A 46 -1.71 -8.24 7.26
N LEU A 47 -2.19 -7.26 6.52
CA LEU A 47 -3.58 -6.84 6.64
C LEU A 47 -4.48 -8.08 6.60
N SER A 48 -4.46 -8.75 5.46
CA SER A 48 -5.27 -9.95 5.28
C SER A 48 -5.21 -10.81 6.54
N GLY A 49 -4.05 -11.40 6.77
CA GLY A 49 -3.86 -12.25 7.92
C GLY A 49 -2.74 -13.27 7.68
N GLN A 50 -2.47 -13.50 6.40
CA GLN A 50 -1.43 -14.45 6.02
C GLN A 50 -0.20 -14.27 6.90
N LEU A 51 -0.05 -13.06 7.40
CA LEU A 51 1.09 -12.73 8.25
C LEU A 51 0.61 -12.55 9.69
N ASN A 52 -0.50 -11.84 9.82
CA ASN A 52 -1.08 -11.58 11.14
C ASN A 52 -2.42 -12.30 11.25
N PRO A 53 -2.36 -13.56 11.78
CA PRO A 53 -3.56 -14.36 11.94
C PRO A 53 -4.40 -13.86 13.13
N GLN A 54 -4.25 -12.57 13.41
CA GLN A 54 -4.97 -11.96 14.52
C GLN A 54 -5.65 -10.67 14.05
N VAL A 55 -5.53 -10.41 12.75
CA VAL A 55 -6.12 -9.21 12.17
C VAL A 55 -6.48 -9.48 10.71
N ASN A 56 -7.48 -8.76 10.23
CA ASN A 56 -7.92 -8.92 8.85
C ASN A 56 -8.54 -7.60 8.37
N LEU A 57 -7.81 -6.93 7.49
CA LEU A 57 -8.27 -5.67 6.94
C LEU A 57 -8.70 -5.86 5.49
N VAL A 58 -8.82 -7.13 5.11
CA VAL A 58 -9.21 -7.47 3.76
C VAL A 58 -10.73 -7.30 3.61
N ASP A 59 -11.42 -7.46 4.73
CA ASP A 59 -12.87 -7.33 4.75
C ASP A 59 -13.24 -5.85 4.87
N THR A 60 -12.28 -5.07 5.34
CA THR A 60 -12.49 -3.65 5.52
C THR A 60 -11.99 -2.88 4.29
N LEU A 61 -10.70 -2.98 4.06
CA LEU A 61 -10.08 -2.30 2.93
C LEU A 61 -11.03 -2.35 1.73
N ASN A 62 -11.62 -3.52 1.53
CA ASN A 62 -12.56 -3.71 0.43
C ASN A 62 -13.92 -3.15 0.82
N SER A 63 -13.91 -1.90 1.25
CA SER A 63 -15.13 -1.24 1.66
C SER A 63 -14.91 0.28 1.76
N GLY A 64 -15.52 0.99 0.81
CA GLY A 64 -15.39 2.43 0.79
C GLY A 64 -14.16 2.85 -0.01
N GLN A 65 -14.34 3.89 -0.82
CA GLN A 65 -13.25 4.40 -1.64
C GLN A 65 -12.00 4.64 -0.77
N TYR A 66 -11.04 3.75 -0.91
CA TYR A 66 -9.80 3.86 -0.15
C TYR A 66 -8.62 4.17 -1.07
N THR A 67 -7.43 4.18 -0.48
CA THR A 67 -6.23 4.45 -1.23
C THR A 67 -5.02 3.78 -0.57
N VAL A 68 -4.76 2.55 -0.98
CA VAL A 68 -3.65 1.79 -0.43
C VAL A 68 -2.37 2.62 -0.55
N PHE A 69 -1.53 2.49 0.46
CA PHE A 69 -0.27 3.23 0.48
C PHE A 69 0.88 2.30 0.89
N ALA A 70 1.27 1.45 -0.05
CA ALA A 70 1.57 0.06 0.29
C ALA A 70 3.08 -0.16 0.20
N PRO A 71 3.65 -0.68 1.32
CA PRO A 71 5.07 -0.95 1.37
C PRO A 71 5.43 -2.20 0.57
N THR A 72 6.37 -2.04 -0.34
CA THR A 72 6.80 -3.14 -1.19
C THR A 72 7.53 -4.19 -0.34
N ASN A 73 8.09 -5.17 -1.03
CA ASN A 73 8.82 -6.24 -0.36
C ASN A 73 10.19 -5.74 0.06
N ALA A 74 10.46 -4.48 -0.29
CA ALA A 74 11.73 -3.87 0.05
C ALA A 74 11.53 -2.85 1.17
N ALA A 75 10.28 -2.42 1.31
CA ALA A 75 9.93 -1.45 2.33
C ALA A 75 9.96 -2.13 3.70
N PHE A 76 9.53 -3.38 3.71
CA PHE A 76 9.49 -4.16 4.95
C PHE A 76 10.86 -4.78 5.24
N SER A 77 11.64 -4.96 4.18
CA SER A 77 12.95 -5.54 4.30
C SER A 77 13.88 -4.58 5.06
N LYS A 78 13.52 -3.31 5.00
CA LYS A 78 14.30 -2.28 5.67
C LYS A 78 14.13 -2.42 7.19
N LEU A 79 13.18 -3.25 7.57
CA LEU A 79 12.90 -3.48 8.98
C LEU A 79 13.99 -4.37 9.57
N PRO A 80 14.05 -4.38 10.92
CA PRO A 80 15.05 -5.18 11.62
C PRO A 80 14.67 -6.66 11.59
N ALA A 81 13.70 -6.98 10.76
CA ALA A 81 13.23 -8.35 10.64
C ALA A 81 12.44 -8.73 11.89
N SER A 82 13.12 -8.66 13.02
CA SER A 82 12.50 -8.99 14.29
C SER A 82 11.11 -8.35 14.39
N THR A 83 11.07 -7.07 14.04
CA THR A 83 9.81 -6.33 14.08
C THR A 83 8.73 -7.09 13.31
N ILE A 84 9.13 -7.63 12.17
CA ILE A 84 8.20 -8.37 11.33
C ILE A 84 7.71 -9.60 12.09
N ASP A 85 8.67 -10.31 12.67
CA ASP A 85 8.36 -11.52 13.44
C ASP A 85 7.35 -11.16 14.54
N GLU A 86 7.26 -9.87 14.82
CA GLU A 86 6.35 -9.40 15.86
C GLU A 86 4.98 -9.09 15.25
N LEU A 87 5.00 -8.42 14.11
CA LEU A 87 3.78 -8.05 13.42
C LEU A 87 2.95 -9.32 13.16
N LYS A 88 3.62 -10.45 13.23
CA LYS A 88 2.96 -11.73 13.02
C LYS A 88 2.31 -12.19 14.33
N THR A 89 2.34 -11.30 15.31
CA THR A 89 1.77 -11.62 16.61
C THR A 89 1.47 -10.32 17.37
N ASN A 90 0.89 -9.37 16.67
CA ASN A 90 0.55 -8.09 17.27
C ASN A 90 -0.95 -7.84 17.11
N SER A 91 -1.32 -7.41 15.91
CA SER A 91 -2.72 -7.14 15.61
C SER A 91 -3.14 -5.82 16.29
N SER A 92 -2.16 -5.12 16.83
CA SER A 92 -2.42 -3.86 17.51
C SER A 92 -1.38 -2.83 17.09
N LEU A 93 -0.13 -3.25 17.07
CA LEU A 93 0.97 -2.37 16.69
C LEU A 93 1.17 -2.45 15.17
N LEU A 94 0.69 -3.54 14.60
CA LEU A 94 0.82 -3.75 13.16
C LEU A 94 -0.38 -3.12 12.45
N THR A 95 -1.56 -3.37 13.01
CA THR A 95 -2.79 -2.83 12.45
C THR A 95 -2.62 -1.35 12.12
N SER A 96 -1.96 -0.64 13.02
CA SER A 96 -1.72 0.78 12.84
C SER A 96 -0.99 1.02 11.52
N ILE A 97 -0.01 0.17 11.26
CA ILE A 97 0.77 0.29 10.03
C ILE A 97 -0.15 0.04 8.83
N LEU A 98 -0.81 -1.11 8.86
CA LEU A 98 -1.71 -1.48 7.78
C LEU A 98 -2.68 -0.33 7.51
N THR A 99 -3.43 0.03 8.54
CA THR A 99 -4.39 1.11 8.43
C THR A 99 -3.73 2.35 7.84
N TYR A 100 -2.62 2.73 8.44
CA TYR A 100 -1.89 3.89 7.99
C TYR A 100 -1.45 3.74 6.52
N HIS A 101 -1.47 2.50 6.06
CA HIS A 101 -1.10 2.21 4.69
C HIS A 101 -2.33 2.28 3.79
N VAL A 102 -3.32 3.04 4.25
CA VAL A 102 -4.56 3.20 3.50
C VAL A 102 -5.19 4.54 3.87
N VAL A 103 -5.83 5.14 2.87
CA VAL A 103 -6.48 6.42 3.07
C VAL A 103 -7.93 6.34 2.55
N ALA A 104 -8.82 7.02 3.26
CA ALA A 104 -10.22 7.03 2.88
C ALA A 104 -10.47 8.18 1.92
N GLY A 105 -10.74 7.82 0.67
CA GLY A 105 -11.00 8.81 -0.36
C GLY A 105 -10.02 8.66 -1.53
N GLN A 106 -10.48 7.94 -2.54
CA GLN A 106 -9.65 7.71 -3.72
C GLN A 106 -9.15 9.05 -4.28
N THR A 107 -7.84 9.12 -4.47
CA THR A 107 -7.22 10.32 -5.00
C THR A 107 -6.12 9.97 -5.98
N SER A 108 -6.08 10.72 -7.08
CA SER A 108 -5.08 10.50 -8.11
C SER A 108 -3.72 10.99 -7.63
N PRO A 109 -2.66 10.53 -8.35
CA PRO A 109 -1.29 10.92 -8.01
C PRO A 109 -1.01 12.36 -8.44
N ALA A 110 -1.97 13.23 -8.15
CA ALA A 110 -1.83 14.63 -8.51
C ALA A 110 -2.63 15.48 -7.51
N ASN A 111 -2.91 14.89 -6.36
CA ASN A 111 -3.65 15.58 -5.32
C ASN A 111 -3.25 15.01 -3.96
N VAL A 112 -3.31 13.70 -3.85
CA VAL A 112 -2.97 13.02 -2.62
C VAL A 112 -1.90 13.84 -1.87
N VAL A 113 -0.93 14.31 -2.65
CA VAL A 113 0.15 15.10 -2.09
C VAL A 113 -0.42 16.08 -1.04
N GLY A 114 0.18 16.03 0.13
CA GLY A 114 -0.26 16.89 1.23
C GLY A 114 -0.55 16.08 2.48
N THR A 115 -0.76 16.79 3.58
CA THR A 115 -1.05 16.16 4.85
C THR A 115 -2.40 15.43 4.80
N ARG A 116 -2.36 14.23 4.23
CA ARG A 116 -3.56 13.42 4.11
C ARG A 116 -3.88 12.74 5.44
N GLN A 117 -4.92 11.91 5.41
CA GLN A 117 -5.33 11.19 6.60
C GLN A 117 -5.65 9.73 6.25
N THR A 118 -4.90 8.83 6.88
CA THR A 118 -5.09 7.41 6.64
C THR A 118 -6.25 6.89 7.50
N LEU A 119 -6.79 5.76 7.06
CA LEU A 119 -7.90 5.14 7.77
C LEU A 119 -7.49 4.91 9.23
N GLN A 120 -6.19 4.78 9.44
CA GLN A 120 -5.66 4.56 10.78
C GLN A 120 -6.02 5.74 11.69
N GLY A 121 -5.96 6.93 11.13
CA GLY A 121 -6.27 8.13 11.88
C GLY A 121 -5.15 9.16 11.78
N ALA A 122 -3.93 8.63 11.69
CA ALA A 122 -2.76 9.48 11.59
C ALA A 122 -2.72 10.14 10.21
N SER A 123 -2.00 11.25 10.14
CA SER A 123 -1.88 11.99 8.89
C SER A 123 -0.72 11.43 8.06
N VAL A 124 -0.95 11.34 6.76
CA VAL A 124 0.06 10.83 5.86
C VAL A 124 0.57 11.97 4.96
N THR A 125 1.71 12.51 5.33
CA THR A 125 2.31 13.60 4.58
C THR A 125 2.77 13.11 3.20
N VAL A 126 1.94 13.40 2.21
CA VAL A 126 2.24 13.00 0.84
C VAL A 126 2.95 14.15 0.12
N THR A 127 3.80 13.77 -0.83
CA THR A 127 4.54 14.77 -1.59
C THR A 127 4.97 14.18 -2.93
N GLY A 128 5.73 14.97 -3.68
CA GLY A 128 6.20 14.55 -4.98
C GLY A 128 6.27 15.72 -5.96
N GLN A 129 5.62 15.56 -7.09
CA GLN A 129 5.60 16.61 -8.11
C GLN A 129 6.88 16.55 -8.94
N GLY A 130 7.01 15.50 -9.72
CA GLY A 130 8.18 15.33 -10.56
C GLY A 130 8.30 13.88 -11.05
N ASN A 131 9.32 13.20 -10.57
CA ASN A 131 9.55 11.82 -10.94
C ASN A 131 10.05 11.04 -9.73
N SER A 132 9.24 11.05 -8.68
CA SER A 132 9.58 10.35 -7.45
C SER A 132 8.77 10.92 -6.29
N LEU A 133 7.49 10.60 -6.30
CA LEU A 133 6.59 11.07 -5.25
C LEU A 133 7.07 10.54 -3.90
N LYS A 134 6.54 11.11 -2.84
CA LYS A 134 6.91 10.70 -1.49
C LYS A 134 5.63 10.56 -0.65
N VAL A 135 5.74 9.74 0.39
CA VAL A 135 4.62 9.50 1.28
C VAL A 135 5.14 9.11 2.65
N GLY A 136 4.64 9.81 3.66
CA GLY A 136 5.05 9.56 5.03
C GLY A 136 6.55 9.25 5.12
N ASN A 137 7.32 10.03 4.37
CA ASN A 137 8.75 9.85 4.35
C ASN A 137 9.12 8.84 3.25
N ALA A 138 8.31 7.80 3.16
CA ALA A 138 8.54 6.76 2.17
C ALA A 138 8.72 7.41 0.79
N ASP A 139 9.02 6.57 -0.19
CA ASP A 139 9.22 7.04 -1.55
C ASP A 139 8.27 6.28 -2.49
N VAL A 140 7.41 7.04 -3.15
CA VAL A 140 6.46 6.46 -4.08
C VAL A 140 7.20 5.63 -5.13
N VAL A 141 6.66 4.46 -5.41
CA VAL A 141 7.26 3.57 -6.40
C VAL A 141 6.31 3.40 -7.58
N CYS A 142 5.10 2.95 -7.26
CA CYS A 142 4.10 2.74 -8.29
C CYS A 142 2.73 3.13 -7.71
N GLY A 143 2.33 4.35 -8.00
CA GLY A 143 1.05 4.86 -7.51
C GLY A 143 0.05 5.01 -8.66
N GLY A 144 -1.20 5.19 -8.28
CA GLY A 144 -2.26 5.34 -9.26
C GLY A 144 -2.76 3.99 -9.75
N VAL A 145 -2.41 2.95 -9.00
CA VAL A 145 -2.80 1.60 -9.35
C VAL A 145 -4.22 1.34 -8.81
N SER A 146 -5.14 2.17 -9.27
CA SER A 146 -6.52 2.04 -8.84
C SER A 146 -7.02 0.60 -9.08
N THR A 147 -7.51 0.00 -8.01
CA THR A 147 -8.01 -1.36 -8.08
C THR A 147 -9.48 -1.37 -8.50
N ALA A 148 -10.34 -1.69 -7.55
CA ALA A 148 -11.77 -1.73 -7.80
C ALA A 148 -12.42 -0.46 -7.26
N ASN A 149 -12.06 -0.11 -6.03
CA ASN A 149 -12.60 1.07 -5.39
C ASN A 149 -11.59 1.60 -4.36
N ALA A 150 -10.32 1.56 -4.76
CA ALA A 150 -9.25 2.03 -3.90
C ALA A 150 -7.94 2.08 -4.69
N THR A 151 -7.24 3.19 -4.54
CA THR A 151 -5.97 3.37 -5.23
C THR A 151 -4.87 2.57 -4.54
N VAL A 152 -3.71 2.55 -5.17
CA VAL A 152 -2.57 1.83 -4.63
C VAL A 152 -1.29 2.62 -4.92
N TYR A 153 -0.51 2.82 -3.87
CA TYR A 153 0.74 3.55 -4.00
C TYR A 153 1.88 2.81 -3.29
N MET A 154 2.59 1.99 -4.07
CA MET A 154 3.70 1.24 -3.53
C MET A 154 4.87 2.15 -3.16
N ILE A 155 5.15 2.21 -1.86
CA ILE A 155 6.23 3.04 -1.38
C ILE A 155 7.38 2.14 -0.90
N ASP A 156 8.52 2.77 -0.68
CA ASP A 156 9.70 2.04 -0.23
C ASP A 156 9.84 2.20 1.29
N SER A 157 8.71 2.06 1.97
CA SER A 157 8.71 2.18 3.42
C SER A 157 7.33 1.78 3.97
N VAL A 158 7.36 1.09 5.10
CA VAL A 158 6.12 0.65 5.73
C VAL A 158 5.43 1.85 6.37
N LEU A 159 5.81 3.03 5.92
CA LEU A 159 5.22 4.25 6.44
C LEU A 159 5.23 4.20 7.97
N MET A 160 4.15 3.65 8.51
CA MET A 160 4.03 3.53 9.95
C MET A 160 3.38 4.79 10.55
N PRO A 161 2.44 4.56 11.50
CA PRO A 161 1.75 5.67 12.15
C PRO A 161 2.67 6.36 13.17
N PRO A 162 2.84 7.69 12.98
CA PRO A 162 3.68 8.47 13.86
C PRO A 162 2.97 8.73 15.19
N ALA A 163 2.91 7.68 16.00
CA ALA A 163 2.27 7.79 17.30
C ALA A 163 2.32 6.42 18.00
N GLY A 1 -2.69 5.14 -21.28
CA GLY A 1 -1.87 3.97 -21.01
C GLY A 1 -0.52 4.36 -20.39
N ASP A 2 -0.57 4.65 -19.11
CA ASP A 2 0.63 5.04 -18.38
C ASP A 2 0.27 5.36 -16.94
N LEU A 3 1.14 4.93 -16.03
CA LEU A 3 0.92 5.16 -14.61
C LEU A 3 1.92 6.20 -14.11
N VAL A 4 1.96 6.37 -12.80
CA VAL A 4 2.87 7.31 -12.19
C VAL A 4 3.82 6.57 -11.24
N GLY A 5 4.94 7.20 -10.95
CA GLY A 5 6.01 6.54 -10.23
C GLY A 5 7.02 5.89 -11.19
N PRO A 6 8.25 5.68 -10.66
CA PRO A 6 9.31 5.08 -11.46
C PRO A 6 9.08 3.57 -11.62
N GLY A 7 8.98 2.90 -10.49
CA GLY A 7 8.76 1.46 -10.49
C GLY A 7 7.63 1.08 -11.44
N CYS A 8 6.57 1.87 -11.40
CA CYS A 8 5.41 1.63 -12.25
C CYS A 8 5.92 1.28 -13.65
N ALA A 9 7.04 1.87 -14.01
CA ALA A 9 7.64 1.64 -15.31
C ALA A 9 8.17 0.20 -15.37
N GLU A 10 9.29 -0.01 -14.70
CA GLU A 10 9.91 -1.33 -14.68
C GLU A 10 8.87 -2.39 -14.31
N TYR A 11 8.18 -2.13 -13.21
CA TYR A 11 7.16 -3.06 -12.74
C TYR A 11 6.39 -3.68 -13.91
N ALA A 12 5.67 -2.83 -14.63
CA ALA A 12 4.90 -3.28 -15.77
C ALA A 12 5.77 -4.19 -16.64
N ALA A 13 7.00 -3.75 -16.86
CA ALA A 13 7.93 -4.53 -17.67
C ALA A 13 8.00 -5.96 -17.13
N ALA A 14 8.07 -6.06 -15.82
CA ALA A 14 8.13 -7.36 -15.17
C ALA A 14 6.73 -8.00 -15.17
N ASN A 15 5.76 -7.22 -14.73
CA ASN A 15 4.39 -7.69 -14.67
C ASN A 15 3.50 -6.79 -15.53
N PRO A 16 3.57 -7.04 -16.87
CA PRO A 16 2.78 -6.25 -17.81
C PRO A 16 1.30 -6.65 -17.76
N THR A 17 1.06 -7.92 -18.11
CA THR A 17 -0.29 -8.44 -18.12
C THR A 17 -0.39 -9.65 -17.18
N GLY A 18 -1.10 -9.44 -16.08
CA GLY A 18 -1.29 -10.50 -15.10
C GLY A 18 -2.17 -10.02 -13.94
N PRO A 19 -2.21 -10.86 -12.87
CA PRO A 19 -3.01 -10.54 -11.70
C PRO A 19 -2.33 -9.45 -10.86
N ALA A 20 -1.02 -9.31 -11.06
CA ALA A 20 -0.25 -8.32 -10.34
C ALA A 20 -0.07 -7.08 -11.23
N SER A 21 -1.05 -6.87 -12.10
CA SER A 21 -1.01 -5.72 -13.00
C SER A 21 -1.92 -4.62 -12.48
N VAL A 22 -1.75 -3.44 -13.05
CA VAL A 22 -2.56 -2.29 -12.66
C VAL A 22 -4.02 -2.54 -13.05
N GLN A 23 -4.21 -3.56 -13.87
CA GLN A 23 -5.55 -3.92 -14.33
C GLN A 23 -6.02 -5.20 -13.65
N GLY A 24 -5.24 -6.26 -13.84
CA GLY A 24 -5.57 -7.55 -13.26
C GLY A 24 -5.99 -7.39 -11.80
N MET A 25 -5.26 -6.54 -11.09
CA MET A 25 -5.54 -6.30 -9.68
C MET A 25 -6.84 -5.52 -9.52
N SER A 26 -7.18 -4.77 -10.55
CA SER A 26 -8.39 -3.97 -10.53
C SER A 26 -9.60 -4.85 -10.21
N GLN A 27 -9.76 -5.89 -11.02
CA GLN A 27 -10.87 -6.82 -10.84
C GLN A 27 -10.91 -7.32 -9.39
N ASP A 28 -9.78 -7.15 -8.72
CA ASP A 28 -9.67 -7.59 -7.34
C ASP A 28 -10.01 -6.41 -6.41
N PRO A 29 -10.67 -6.76 -5.27
CA PRO A 29 -11.06 -5.74 -4.30
C PRO A 29 -9.84 -5.27 -3.50
N VAL A 30 -9.33 -4.11 -3.89
CA VAL A 30 -8.18 -3.54 -3.21
C VAL A 30 -7.34 -4.66 -2.59
N ALA A 31 -7.34 -4.70 -1.27
CA ALA A 31 -6.60 -5.71 -0.56
C ALA A 31 -6.24 -6.85 -1.51
N VAL A 32 -7.21 -7.70 -1.77
CA VAL A 32 -7.01 -8.83 -2.66
C VAL A 32 -6.02 -8.43 -3.76
N ALA A 33 -6.33 -7.32 -4.41
CA ALA A 33 -5.48 -6.81 -5.47
C ALA A 33 -4.02 -6.85 -5.02
N ALA A 34 -3.77 -6.20 -3.89
CA ALA A 34 -2.42 -6.14 -3.35
C ALA A 34 -1.98 -7.55 -2.98
N SER A 35 -2.93 -8.47 -2.98
CA SER A 35 -2.65 -9.85 -2.64
C SER A 35 -2.14 -10.60 -3.88
N ASN A 36 -1.75 -9.82 -4.88
CA ASN A 36 -1.24 -10.38 -6.12
C ASN A 36 0.04 -9.65 -6.53
N ASN A 37 0.03 -8.34 -6.32
CA ASN A 37 1.23 -7.54 -6.49
C ASN A 37 2.37 -8.19 -5.72
N PRO A 38 3.52 -8.36 -6.44
CA PRO A 38 4.69 -8.98 -5.85
C PRO A 38 5.39 -8.00 -4.89
N GLU A 39 4.76 -6.85 -4.71
CA GLU A 39 5.31 -5.83 -3.83
C GLU A 39 4.31 -5.50 -2.71
N LEU A 40 3.14 -6.10 -2.82
CA LEU A 40 2.09 -5.88 -1.82
C LEU A 40 1.78 -7.21 -1.12
N THR A 41 1.89 -8.29 -1.88
CA THR A 41 1.62 -9.61 -1.34
C THR A 41 2.10 -9.70 0.11
N THR A 42 3.22 -9.05 0.36
CA THR A 42 3.79 -9.05 1.70
C THR A 42 2.88 -8.28 2.67
N LEU A 43 2.59 -7.05 2.30
CA LEU A 43 1.74 -6.21 3.12
C LEU A 43 0.39 -6.90 3.32
N THR A 44 -0.17 -7.38 2.23
CA THR A 44 -1.45 -8.05 2.26
C THR A 44 -1.46 -9.13 3.36
N ALA A 45 -0.56 -10.09 3.21
CA ALA A 45 -0.44 -11.17 4.17
C ALA A 45 -0.69 -10.62 5.58
N ALA A 46 -0.17 -9.42 5.81
CA ALA A 46 -0.32 -8.78 7.10
C ALA A 46 -1.80 -8.45 7.33
N LEU A 47 -2.28 -7.47 6.59
CA LEU A 47 -3.67 -7.06 6.70
C LEU A 47 -4.57 -8.30 6.65
N SER A 48 -4.49 -9.00 5.53
CA SER A 48 -5.28 -10.20 5.34
C SER A 48 -5.33 -11.01 6.64
N GLY A 49 -4.17 -11.55 7.00
CA GLY A 49 -4.07 -12.35 8.22
C GLY A 49 -2.91 -13.33 8.13
N GLN A 50 -2.52 -13.64 6.90
CA GLN A 50 -1.42 -14.55 6.67
C GLN A 50 -0.30 -14.31 7.67
N LEU A 51 0.19 -13.08 7.68
CA LEU A 51 1.26 -12.69 8.58
C LEU A 51 0.78 -12.85 10.03
N ASN A 52 -0.39 -12.27 10.29
CA ASN A 52 -0.97 -12.33 11.62
C ASN A 52 -2.41 -12.82 11.52
N PRO A 53 -2.65 -14.03 12.09
CA PRO A 53 -3.98 -14.62 12.06
C PRO A 53 -4.90 -13.93 13.08
N GLN A 54 -4.42 -12.80 13.59
CA GLN A 54 -5.19 -12.05 14.57
C GLN A 54 -5.54 -10.67 14.01
N VAL A 55 -5.25 -10.50 12.72
CA VAL A 55 -5.54 -9.24 12.05
C VAL A 55 -6.32 -9.52 10.77
N ASN A 56 -7.10 -8.52 10.36
CA ASN A 56 -7.89 -8.65 9.15
C ASN A 56 -8.39 -7.26 8.73
N LEU A 57 -7.90 -6.81 7.59
CA LEU A 57 -8.29 -5.52 7.06
C LEU A 57 -8.90 -5.69 5.68
N VAL A 58 -8.33 -6.62 4.92
CA VAL A 58 -8.81 -6.88 3.58
C VAL A 58 -10.32 -6.67 3.52
N ASP A 59 -11.03 -7.52 4.26
CA ASP A 59 -12.48 -7.43 4.31
C ASP A 59 -12.90 -5.95 4.34
N THR A 60 -12.23 -5.20 5.20
CA THR A 60 -12.52 -3.79 5.34
C THR A 60 -12.06 -3.02 4.09
N LEU A 61 -10.76 -3.08 3.84
CA LEU A 61 -10.18 -2.41 2.69
C LEU A 61 -11.13 -2.55 1.50
N ASN A 62 -11.85 -3.66 1.47
CA ASN A 62 -12.78 -3.93 0.40
C ASN A 62 -14.16 -3.38 0.78
N SER A 63 -14.17 -2.10 1.14
CA SER A 63 -15.40 -1.43 1.51
C SER A 63 -15.14 0.05 1.77
N GLY A 64 -15.55 0.86 0.80
CA GLY A 64 -15.37 2.30 0.91
C GLY A 64 -14.15 2.76 0.11
N GLN A 65 -14.36 3.80 -0.69
CA GLN A 65 -13.28 4.34 -1.50
C GLN A 65 -12.05 4.61 -0.64
N TYR A 66 -11.05 3.75 -0.82
CA TYR A 66 -9.80 3.87 -0.08
C TYR A 66 -8.64 4.23 -1.00
N THR A 67 -7.45 4.22 -0.43
CA THR A 67 -6.25 4.54 -1.19
C THR A 67 -5.03 3.84 -0.57
N VAL A 68 -4.81 2.61 -0.98
CA VAL A 68 -3.69 1.83 -0.48
C VAL A 68 -2.41 2.65 -0.62
N PHE A 69 -1.60 2.63 0.43
CA PHE A 69 -0.35 3.36 0.43
C PHE A 69 0.82 2.44 0.75
N ALA A 70 1.10 1.54 -0.16
CA ALA A 70 1.44 0.17 0.21
C ALA A 70 2.97 0.03 0.25
N PRO A 71 3.46 -0.53 1.39
CA PRO A 71 4.89 -0.72 1.57
C PRO A 71 5.40 -1.89 0.73
N THR A 72 6.22 -1.55 -0.25
CA THR A 72 6.79 -2.56 -1.13
C THR A 72 7.53 -3.63 -0.33
N ASN A 73 7.90 -4.70 -1.02
CA ASN A 73 8.61 -5.79 -0.38
C ASN A 73 9.95 -5.28 0.16
N ALA A 74 10.51 -4.31 -0.56
CA ALA A 74 11.78 -3.74 -0.17
C ALA A 74 11.57 -2.83 1.04
N ALA A 75 10.32 -2.43 1.24
CA ALA A 75 9.99 -1.56 2.35
C ALA A 75 9.98 -2.38 3.65
N PHE A 76 9.33 -3.53 3.58
CA PHE A 76 9.24 -4.41 4.73
C PHE A 76 10.62 -4.99 5.07
N SER A 77 11.25 -5.55 4.05
CA SER A 77 12.57 -6.15 4.23
C SER A 77 13.43 -5.27 5.14
N LYS A 78 13.53 -4.00 4.76
CA LYS A 78 14.32 -3.06 5.52
C LYS A 78 14.14 -3.35 7.02
N LEU A 79 12.88 -3.43 7.43
CA LEU A 79 12.57 -3.71 8.82
C LEU A 79 13.21 -5.03 9.24
N PRO A 80 13.62 -5.09 10.53
CA PRO A 80 14.24 -6.29 11.06
C PRO A 80 13.21 -7.39 11.31
N ALA A 81 13.59 -8.60 10.96
CA ALA A 81 12.71 -9.74 11.14
C ALA A 81 11.97 -9.61 12.47
N SER A 82 12.72 -9.25 13.49
CA SER A 82 12.17 -9.09 14.82
C SER A 82 10.84 -8.34 14.73
N THR A 83 10.85 -7.25 13.98
CA THR A 83 9.66 -6.44 13.81
C THR A 83 8.54 -7.26 13.17
N ILE A 84 8.84 -7.77 11.98
CA ILE A 84 7.88 -8.57 11.25
C ILE A 84 7.29 -9.64 12.19
N ASP A 85 8.17 -10.50 12.67
CA ASP A 85 7.76 -11.57 13.56
C ASP A 85 6.84 -10.99 14.65
N GLU A 86 7.21 -9.80 15.11
CA GLU A 86 6.44 -9.14 16.15
C GLU A 86 5.02 -8.84 15.64
N LEU A 87 4.97 -8.33 14.42
CA LEU A 87 3.69 -7.99 13.81
C LEU A 87 2.77 -9.21 13.87
N LYS A 88 3.31 -10.34 13.43
CA LYS A 88 2.55 -11.59 13.42
C LYS A 88 2.07 -11.89 14.84
N THR A 89 2.60 -11.13 15.79
CA THR A 89 2.24 -11.31 17.19
C THR A 89 2.04 -9.96 17.87
N ASN A 90 1.47 -9.03 17.12
CA ASN A 90 1.23 -7.70 17.64
C ASN A 90 -0.28 -7.41 17.61
N SER A 91 -0.80 -7.29 16.41
CA SER A 91 -2.23 -7.02 16.24
C SER A 91 -2.54 -5.59 16.69
N SER A 92 -2.26 -5.33 17.96
CA SER A 92 -2.51 -4.02 18.54
C SER A 92 -1.28 -3.12 18.36
N LEU A 93 -0.69 -3.21 17.17
CA LEU A 93 0.49 -2.42 16.86
C LEU A 93 0.71 -2.41 15.36
N LEU A 94 0.62 -3.59 14.77
CA LEU A 94 0.80 -3.74 13.33
C LEU A 94 -0.39 -3.11 12.60
N THR A 95 -1.57 -3.35 13.15
CA THR A 95 -2.79 -2.83 12.57
C THR A 95 -2.64 -1.32 12.29
N SER A 96 -2.08 -0.63 13.26
CA SER A 96 -1.88 0.80 13.13
C SER A 96 -1.12 1.11 11.84
N ILE A 97 -0.17 0.25 11.53
CA ILE A 97 0.63 0.42 10.33
C ILE A 97 -0.25 0.19 9.10
N LEU A 98 -0.78 -1.03 9.01
CA LEU A 98 -1.64 -1.39 7.90
C LEU A 98 -2.63 -0.26 7.63
N THR A 99 -3.46 0.01 8.62
CA THR A 99 -4.45 1.06 8.51
C THR A 99 -3.80 2.34 7.98
N TYR A 100 -2.66 2.68 8.56
CA TYR A 100 -1.94 3.87 8.17
C TYR A 100 -1.42 3.75 6.73
N HIS A 101 -1.49 2.53 6.21
CA HIS A 101 -1.04 2.26 4.86
C HIS A 101 -2.23 2.27 3.90
N VAL A 102 -3.29 2.94 4.34
CA VAL A 102 -4.49 3.04 3.54
C VAL A 102 -5.28 4.30 3.95
N VAL A 103 -5.69 5.05 2.94
CA VAL A 103 -6.44 6.26 3.18
C VAL A 103 -7.89 6.06 2.74
N ALA A 104 -8.76 6.89 3.29
CA ALA A 104 -10.18 6.81 2.96
C ALA A 104 -10.55 7.97 2.03
N GLY A 105 -10.60 7.66 0.74
CA GLY A 105 -10.93 8.66 -0.25
C GLY A 105 -10.01 8.54 -1.47
N GLN A 106 -10.52 7.86 -2.49
CA GLN A 106 -9.76 7.68 -3.71
C GLN A 106 -9.37 9.04 -4.31
N THR A 107 -8.07 9.19 -4.55
CA THR A 107 -7.57 10.42 -5.11
C THR A 107 -6.37 10.14 -6.02
N SER A 108 -6.44 10.67 -7.23
CA SER A 108 -5.37 10.48 -8.20
C SER A 108 -4.06 11.05 -7.64
N PRO A 109 -2.94 10.66 -8.32
CA PRO A 109 -1.63 11.13 -7.90
C PRO A 109 -1.41 12.59 -8.30
N ALA A 110 -2.37 13.42 -7.94
CA ALA A 110 -2.30 14.83 -8.25
C ALA A 110 -2.62 15.65 -7.00
N ASN A 111 -3.67 15.23 -6.31
CA ASN A 111 -4.10 15.91 -5.09
C ASN A 111 -3.58 15.13 -3.88
N VAL A 112 -3.41 13.83 -4.08
CA VAL A 112 -2.92 12.97 -3.01
C VAL A 112 -1.65 13.57 -2.41
N VAL A 113 -1.01 14.44 -3.20
CA VAL A 113 0.22 15.08 -2.77
C VAL A 113 -0.13 16.16 -1.74
N GLY A 114 0.68 16.21 -0.69
CA GLY A 114 0.47 17.19 0.37
C GLY A 114 0.24 16.50 1.71
N THR A 115 -1.02 16.52 2.14
CA THR A 115 -1.40 15.90 3.40
C THR A 115 -2.68 15.09 3.24
N ARG A 116 -2.69 13.93 3.86
CA ARG A 116 -3.84 13.05 3.80
C ARG A 116 -4.15 12.46 5.18
N GLN A 117 -5.28 11.79 5.27
CA GLN A 117 -5.70 11.18 6.51
C GLN A 117 -5.94 9.68 6.32
N THR A 118 -4.98 8.89 6.79
CA THR A 118 -5.09 7.44 6.67
C THR A 118 -6.30 6.93 7.44
N LEU A 119 -6.96 5.94 6.85
CA LEU A 119 -8.14 5.36 7.47
C LEU A 119 -7.89 5.18 8.97
N GLN A 120 -6.62 4.94 9.30
CA GLN A 120 -6.24 4.74 10.68
C GLN A 120 -6.69 5.93 11.54
N GLY A 121 -6.23 7.11 11.15
CA GLY A 121 -6.57 8.32 11.86
C GLY A 121 -5.44 9.34 11.78
N ALA A 122 -4.25 8.84 11.56
CA ALA A 122 -3.07 9.69 11.46
C ALA A 122 -3.02 10.31 10.06
N SER A 123 -2.29 11.42 9.96
CA SER A 123 -2.15 12.11 8.69
C SER A 123 -0.90 11.63 7.98
N VAL A 124 -1.03 11.43 6.68
CA VAL A 124 0.08 10.97 5.86
C VAL A 124 0.56 12.12 4.96
N THR A 125 1.79 12.55 5.21
CA THR A 125 2.37 13.62 4.44
C THR A 125 2.87 13.11 3.09
N VAL A 126 2.15 13.46 2.05
CA VAL A 126 2.50 13.03 0.70
C VAL A 126 3.26 14.16 0.00
N THR A 127 3.98 13.78 -1.05
CA THR A 127 4.76 14.75 -1.81
C THR A 127 4.97 14.25 -3.24
N GLY A 128 5.57 15.11 -4.05
CA GLY A 128 5.85 14.77 -5.43
C GLY A 128 7.02 15.60 -5.98
N GLN A 129 7.95 14.90 -6.59
CA GLN A 129 9.12 15.56 -7.17
C GLN A 129 9.63 14.77 -8.38
N GLY A 130 8.72 14.52 -9.31
CA GLY A 130 9.07 13.78 -10.50
C GLY A 130 8.60 12.33 -10.41
N ASN A 131 9.16 11.50 -11.28
CA ASN A 131 8.81 10.09 -11.31
C ASN A 131 9.34 9.42 -10.04
N SER A 132 8.84 9.87 -8.90
CA SER A 132 9.25 9.32 -7.62
C SER A 132 8.64 10.14 -6.47
N LEU A 133 7.32 10.07 -6.39
CA LEU A 133 6.59 10.79 -5.36
C LEU A 133 7.12 10.34 -3.98
N LYS A 134 6.59 11.00 -2.95
CA LYS A 134 6.99 10.69 -1.59
C LYS A 134 5.74 10.56 -0.72
N VAL A 135 5.86 9.73 0.32
CA VAL A 135 4.75 9.52 1.24
C VAL A 135 5.30 9.18 2.62
N GLY A 136 4.93 10.00 3.59
CA GLY A 136 5.39 9.80 4.95
C GLY A 136 6.87 9.43 4.99
N ASN A 137 7.65 10.16 4.22
CA ASN A 137 9.08 9.93 4.15
C ASN A 137 9.37 8.85 3.10
N ALA A 138 8.46 7.90 3.01
CA ALA A 138 8.61 6.83 2.04
C ALA A 138 8.81 7.41 0.64
N ASP A 139 9.08 6.54 -0.31
CA ASP A 139 9.30 6.97 -1.68
C ASP A 139 8.33 6.21 -2.59
N VAL A 140 7.42 6.97 -3.18
CA VAL A 140 6.43 6.39 -4.08
C VAL A 140 7.14 5.62 -5.18
N VAL A 141 6.75 4.37 -5.34
CA VAL A 141 7.33 3.51 -6.36
C VAL A 141 6.40 3.46 -7.58
N CYS A 142 5.14 3.17 -7.30
CA CYS A 142 4.14 3.08 -8.35
C CYS A 142 2.77 3.40 -7.75
N GLY A 143 2.31 4.61 -8.03
CA GLY A 143 1.01 5.05 -7.52
C GLY A 143 0.01 5.22 -8.66
N GLY A 144 -1.25 5.39 -8.27
CA GLY A 144 -2.32 5.57 -9.25
C GLY A 144 -2.76 4.22 -9.81
N VAL A 145 -2.42 3.16 -9.08
CA VAL A 145 -2.78 1.82 -9.50
C VAL A 145 -4.16 1.47 -8.94
N SER A 146 -5.14 2.29 -9.31
CA SER A 146 -6.50 2.08 -8.85
C SER A 146 -6.91 0.62 -9.09
N THR A 147 -7.22 -0.05 -7.99
CA THR A 147 -7.64 -1.45 -8.08
C THR A 147 -9.14 -1.55 -8.33
N ALA A 148 -9.88 -1.82 -7.26
CA ALA A 148 -11.33 -1.93 -7.36
C ALA A 148 -11.98 -0.62 -6.92
N ASN A 149 -12.00 -0.42 -5.61
CA ASN A 149 -12.58 0.78 -5.04
C ASN A 149 -11.56 1.44 -4.10
N ALA A 150 -10.30 1.33 -4.47
CA ALA A 150 -9.23 1.91 -3.68
C ALA A 150 -7.95 2.00 -4.52
N THR A 151 -7.28 3.13 -4.41
CA THR A 151 -6.06 3.35 -5.15
C THR A 151 -4.92 2.55 -4.54
N VAL A 152 -3.77 2.61 -5.20
CA VAL A 152 -2.60 1.89 -4.74
C VAL A 152 -1.35 2.75 -4.99
N TYR A 153 -0.58 2.93 -3.94
CA TYR A 153 0.64 3.72 -4.02
C TYR A 153 1.80 3.02 -3.31
N MET A 154 2.56 2.27 -4.08
CA MET A 154 3.70 1.54 -3.53
C MET A 154 4.76 2.51 -3.00
N ILE A 155 5.36 2.11 -1.88
CA ILE A 155 6.38 2.93 -1.25
C ILE A 155 7.57 2.05 -0.87
N ASP A 156 8.67 2.71 -0.53
CA ASP A 156 9.87 1.99 -0.14
C ASP A 156 10.11 2.20 1.36
N SER A 157 9.05 2.02 2.13
CA SER A 157 9.13 2.18 3.56
C SER A 157 7.83 1.70 4.23
N VAL A 158 7.99 1.04 5.36
CA VAL A 158 6.85 0.53 6.10
C VAL A 158 6.19 1.67 6.88
N LEU A 159 5.54 2.56 6.13
CA LEU A 159 4.87 3.69 6.74
C LEU A 159 4.31 3.28 8.11
N MET A 160 4.51 4.16 9.07
CA MET A 160 4.04 3.91 10.42
C MET A 160 3.29 5.11 10.98
N PRO A 161 2.31 4.82 11.88
CA PRO A 161 1.53 5.88 12.49
C PRO A 161 2.33 6.62 13.56
N PRO A 162 2.16 7.97 13.57
CA PRO A 162 2.87 8.80 14.54
C PRO A 162 2.24 8.68 15.93
N ALA A 163 3.11 8.56 16.91
CA ALA A 163 2.65 8.45 18.29
C ALA A 163 1.79 7.19 18.43
N GLY A 1 -2.18 11.72 -17.41
CA GLY A 1 -1.24 11.14 -18.34
C GLY A 1 -1.06 9.64 -18.09
N ASP A 2 0.19 9.22 -18.09
CA ASP A 2 0.51 7.83 -17.85
C ASP A 2 0.62 7.57 -16.35
N LEU A 3 0.98 6.34 -16.02
CA LEU A 3 1.13 5.96 -14.62
C LEU A 3 2.18 6.86 -13.96
N VAL A 4 2.55 6.48 -12.74
CA VAL A 4 3.53 7.25 -11.99
C VAL A 4 4.44 6.28 -11.23
N GLY A 5 5.57 6.81 -10.79
CA GLY A 5 6.49 6.04 -9.97
C GLY A 5 7.52 5.31 -10.83
N PRO A 6 8.71 5.07 -10.23
CA PRO A 6 9.79 4.39 -10.93
C PRO A 6 9.49 2.89 -11.03
N GLY A 7 9.51 2.23 -9.88
CA GLY A 7 9.25 0.80 -9.83
C GLY A 7 8.09 0.42 -10.75
N CYS A 8 7.20 1.38 -10.97
CA CYS A 8 6.05 1.16 -11.82
C CYS A 8 6.50 0.32 -13.02
N ALA A 9 7.47 0.85 -13.74
CA ALA A 9 7.99 0.15 -14.92
C ALA A 9 8.51 -1.22 -14.50
N GLU A 10 9.63 -1.20 -13.78
CA GLU A 10 10.24 -2.43 -13.32
C GLU A 10 9.16 -3.45 -12.93
N TYR A 11 8.23 -2.99 -12.11
CA TYR A 11 7.14 -3.84 -11.67
C TYR A 11 6.24 -4.25 -12.84
N ALA A 12 5.78 -3.24 -13.57
CA ALA A 12 4.91 -3.49 -14.71
C ALA A 12 5.55 -4.55 -15.61
N ALA A 13 6.87 -4.59 -15.58
CA ALA A 13 7.61 -5.55 -16.39
C ALA A 13 7.37 -6.96 -15.84
N ALA A 14 7.24 -7.02 -14.52
CA ALA A 14 7.01 -8.30 -13.85
C ALA A 14 5.52 -8.66 -13.95
N ASN A 15 4.69 -7.65 -13.75
CA ASN A 15 3.25 -7.85 -13.83
C ASN A 15 2.66 -6.93 -14.89
N PRO A 16 2.86 -7.33 -16.17
CA PRO A 16 2.36 -6.55 -17.29
C PRO A 16 0.85 -6.72 -17.44
N THR A 17 0.44 -7.97 -17.61
CA THR A 17 -0.97 -8.28 -17.76
C THR A 17 -1.47 -9.09 -16.56
N GLY A 18 -0.53 -9.69 -15.86
CA GLY A 18 -0.86 -10.50 -14.69
C GLY A 18 -1.88 -9.79 -13.81
N PRO A 19 -2.37 -10.53 -12.78
CA PRO A 19 -3.35 -9.98 -11.86
C PRO A 19 -2.70 -9.00 -10.88
N ALA A 20 -1.37 -8.98 -10.91
CA ALA A 20 -0.62 -8.10 -10.03
C ALA A 20 -0.28 -6.81 -10.78
N SER A 21 -0.58 -6.82 -12.08
CA SER A 21 -0.32 -5.67 -12.92
C SER A 21 -1.07 -4.44 -12.38
N VAL A 22 -1.14 -3.42 -13.22
CA VAL A 22 -1.83 -2.20 -12.84
C VAL A 22 -3.34 -2.37 -13.09
N GLN A 23 -3.65 -2.99 -14.21
CA GLN A 23 -5.04 -3.23 -14.56
C GLN A 23 -5.52 -4.56 -13.99
N GLY A 24 -4.63 -5.53 -13.97
CA GLY A 24 -4.95 -6.84 -13.45
C GLY A 24 -5.41 -6.76 -12.00
N MET A 25 -4.66 -6.00 -11.22
CA MET A 25 -4.99 -5.83 -9.81
C MET A 25 -6.35 -5.14 -9.64
N SER A 26 -6.84 -4.58 -10.74
CA SER A 26 -8.11 -3.90 -10.73
C SER A 26 -9.23 -4.88 -10.40
N GLN A 27 -9.32 -5.92 -11.21
CA GLN A 27 -10.33 -6.94 -11.02
C GLN A 27 -10.40 -7.36 -9.55
N ASP A 28 -9.30 -7.12 -8.85
CA ASP A 28 -9.21 -7.46 -7.44
C ASP A 28 -9.64 -6.26 -6.60
N PRO A 29 -10.36 -6.56 -5.50
CA PRO A 29 -10.83 -5.51 -4.61
C PRO A 29 -9.69 -4.97 -3.74
N VAL A 30 -9.16 -3.84 -4.16
CA VAL A 30 -8.06 -3.21 -3.44
C VAL A 30 -7.20 -4.30 -2.78
N ALA A 31 -7.10 -4.21 -1.46
CA ALA A 31 -6.32 -5.17 -0.70
C ALA A 31 -5.90 -6.31 -1.62
N VAL A 32 -6.88 -7.12 -1.99
CA VAL A 32 -6.63 -8.26 -2.86
C VAL A 32 -5.47 -7.91 -3.81
N ALA A 33 -5.70 -6.90 -4.62
CA ALA A 33 -4.69 -6.46 -5.58
C ALA A 33 -3.30 -6.73 -5.00
N ALA A 34 -2.93 -5.91 -4.03
CA ALA A 34 -1.63 -6.04 -3.39
C ALA A 34 -1.40 -7.51 -3.03
N SER A 35 -2.45 -8.12 -2.51
CA SER A 35 -2.39 -9.53 -2.11
C SER A 35 -1.94 -10.38 -3.30
N ASN A 36 -2.01 -9.79 -4.49
CA ASN A 36 -1.63 -10.49 -5.69
C ASN A 36 -0.35 -9.85 -6.26
N ASN A 37 -0.17 -8.57 -5.95
CA ASN A 37 1.12 -7.94 -6.08
C ASN A 37 2.17 -8.79 -5.37
N PRO A 38 3.20 -9.21 -6.17
CA PRO A 38 4.28 -10.03 -5.63
C PRO A 38 5.23 -9.20 -4.78
N GLU A 39 4.81 -7.96 -4.52
CA GLU A 39 5.63 -7.05 -3.72
C GLU A 39 4.85 -6.61 -2.49
N LEU A 40 3.54 -6.76 -2.55
CA LEU A 40 2.68 -6.39 -1.43
C LEU A 40 2.21 -7.65 -0.71
N THR A 41 2.40 -8.78 -1.36
CA THR A 41 2.00 -10.05 -0.79
C THR A 41 2.29 -10.07 0.70
N THR A 42 3.31 -9.33 1.09
CA THR A 42 3.69 -9.26 2.49
C THR A 42 2.70 -8.40 3.27
N LEU A 43 2.50 -7.18 2.78
CA LEU A 43 1.58 -6.26 3.42
C LEU A 43 0.22 -6.93 3.60
N THR A 44 -0.32 -7.41 2.48
CA THR A 44 -1.62 -8.08 2.49
C THR A 44 -1.63 -9.16 3.57
N ALA A 45 -0.67 -10.07 3.47
CA ALA A 45 -0.56 -11.15 4.43
C ALA A 45 -0.85 -10.63 5.83
N ALA A 46 -0.40 -9.41 6.08
CA ALA A 46 -0.61 -8.78 7.38
C ALA A 46 -2.10 -8.47 7.55
N LEU A 47 -2.55 -7.48 6.79
CA LEU A 47 -3.94 -7.08 6.86
C LEU A 47 -4.84 -8.32 6.79
N SER A 48 -4.71 -9.05 5.69
CA SER A 48 -5.49 -10.25 5.49
C SER A 48 -5.56 -11.05 6.79
N GLY A 49 -4.39 -11.56 7.19
CA GLY A 49 -4.31 -12.35 8.41
C GLY A 49 -3.12 -13.32 8.35
N GLN A 50 -2.70 -13.62 7.14
CA GLN A 50 -1.58 -14.52 6.93
C GLN A 50 -0.51 -14.29 8.00
N LEU A 51 -0.01 -13.06 8.04
CA LEU A 51 1.01 -12.69 9.00
C LEU A 51 0.50 -12.99 10.41
N ASN A 52 -0.64 -12.39 10.73
CA ASN A 52 -1.23 -12.57 12.04
C ASN A 52 -2.74 -12.85 11.88
N PRO A 53 -3.17 -13.99 12.48
CA PRO A 53 -4.56 -14.39 12.41
C PRO A 53 -5.43 -13.52 13.33
N GLN A 54 -4.80 -12.50 13.89
CA GLN A 54 -5.49 -11.59 14.79
C GLN A 54 -5.78 -10.26 14.09
N VAL A 55 -5.41 -10.22 12.82
CA VAL A 55 -5.62 -9.01 12.02
C VAL A 55 -6.46 -9.35 10.80
N ASN A 56 -7.26 -8.38 10.38
CA ASN A 56 -8.12 -8.57 9.22
C ASN A 56 -8.63 -7.20 8.75
N LEU A 57 -8.13 -6.79 7.59
CA LEU A 57 -8.52 -5.52 7.02
C LEU A 57 -9.07 -5.74 5.61
N VAL A 58 -8.36 -6.58 4.86
CA VAL A 58 -8.75 -6.88 3.50
C VAL A 58 -10.21 -6.46 3.29
N ASP A 59 -11.11 -7.34 3.72
CA ASP A 59 -12.53 -7.08 3.60
C ASP A 59 -12.78 -5.58 3.76
N THR A 60 -12.32 -5.05 4.88
CA THR A 60 -12.49 -3.64 5.18
C THR A 60 -11.92 -2.79 4.05
N LEU A 61 -10.73 -3.18 3.59
CA LEU A 61 -10.07 -2.45 2.53
C LEU A 61 -11.00 -2.36 1.32
N ASN A 62 -11.84 -3.37 1.18
CA ASN A 62 -12.79 -3.41 0.08
C ASN A 62 -14.06 -2.67 0.49
N SER A 63 -13.99 -2.03 1.65
CA SER A 63 -15.12 -1.27 2.16
C SER A 63 -15.55 -0.21 1.14
N GLY A 64 -15.09 1.00 1.36
CA GLY A 64 -15.41 2.10 0.49
C GLY A 64 -14.17 2.58 -0.28
N GLN A 65 -14.37 3.61 -1.09
CA GLN A 65 -13.28 4.16 -1.87
C GLN A 65 -12.07 4.45 -0.98
N TYR A 66 -11.06 3.62 -1.13
CA TYR A 66 -9.84 3.77 -0.35
C TYR A 66 -8.66 4.17 -1.23
N THR A 67 -7.48 4.12 -0.65
CA THR A 67 -6.27 4.48 -1.37
C THR A 67 -5.06 3.75 -0.78
N VAL A 68 -4.84 2.54 -1.26
CA VAL A 68 -3.72 1.74 -0.78
C VAL A 68 -2.43 2.56 -0.86
N PHE A 69 -1.62 2.41 0.17
CA PHE A 69 -0.36 3.14 0.24
C PHE A 69 0.79 2.20 0.64
N ALA A 70 1.09 1.26 -0.24
CA ALA A 70 1.38 -0.10 0.18
C ALA A 70 2.90 -0.30 0.16
N PRO A 71 3.42 -0.82 1.31
CA PRO A 71 4.84 -1.06 1.44
C PRO A 71 5.26 -2.31 0.65
N THR A 72 5.97 -2.07 -0.44
CA THR A 72 6.43 -3.16 -1.29
C THR A 72 7.35 -4.09 -0.50
N ASN A 73 8.15 -4.85 -1.25
CA ASN A 73 9.08 -5.78 -0.64
C ASN A 73 10.22 -5.00 0.02
N ALA A 74 10.76 -4.06 -0.74
CA ALA A 74 11.85 -3.23 -0.25
C ALA A 74 11.38 -2.42 0.96
N ALA A 75 10.07 -2.44 1.17
CA ALA A 75 9.48 -1.73 2.29
C ALA A 75 9.59 -2.58 3.56
N PHE A 76 9.13 -3.81 3.45
CA PHE A 76 9.16 -4.73 4.57
C PHE A 76 10.56 -5.33 4.73
N SER A 77 11.23 -5.51 3.60
CA SER A 77 12.57 -6.08 3.60
C SER A 77 13.52 -5.16 4.35
N LYS A 78 13.16 -3.88 4.40
CA LYS A 78 13.98 -2.89 5.08
C LYS A 78 14.00 -3.20 6.58
N LEU A 79 12.82 -3.48 7.11
CA LEU A 79 12.69 -3.79 8.52
C LEU A 79 13.35 -5.14 8.81
N PRO A 80 13.89 -5.26 10.05
CA PRO A 80 14.55 -6.49 10.45
C PRO A 80 13.54 -7.59 10.75
N ALA A 81 14.01 -8.82 10.70
CA ALA A 81 13.16 -9.98 10.96
C ALA A 81 12.45 -9.78 12.30
N SER A 82 13.20 -9.28 13.27
CA SER A 82 12.65 -9.04 14.59
C SER A 82 11.36 -8.24 14.48
N THR A 83 11.38 -7.25 13.60
CA THR A 83 10.22 -6.40 13.40
C THR A 83 9.06 -7.22 12.82
N ILE A 84 9.37 -7.99 11.80
CA ILE A 84 8.37 -8.83 11.16
C ILE A 84 7.86 -9.87 12.16
N ASP A 85 8.80 -10.54 12.80
CA ASP A 85 8.46 -11.55 13.77
C ASP A 85 7.59 -10.94 14.87
N GLU A 86 7.66 -9.62 14.95
CA GLU A 86 6.88 -8.89 15.95
C GLU A 86 5.45 -8.67 15.45
N LEU A 87 5.37 -8.21 14.21
CA LEU A 87 4.06 -7.95 13.60
C LEU A 87 3.25 -9.25 13.58
N LYS A 88 3.95 -10.36 13.74
CA LYS A 88 3.31 -11.66 13.74
C LYS A 88 2.90 -12.02 15.17
N THR A 89 2.88 -11.00 16.02
CA THR A 89 2.50 -11.19 17.41
C THR A 89 2.11 -9.86 18.04
N ASN A 90 1.56 -8.99 17.22
CA ASN A 90 1.14 -7.68 17.69
C ASN A 90 -0.38 -7.55 17.52
N SER A 91 -0.80 -7.38 16.27
CA SER A 91 -2.21 -7.24 15.96
C SER A 91 -2.74 -5.93 16.53
N SER A 92 -1.82 -5.11 17.02
CA SER A 92 -2.18 -3.83 17.59
C SER A 92 -1.25 -2.73 17.06
N LEU A 93 0.03 -3.05 17.05
CA LEU A 93 1.03 -2.11 16.57
C LEU A 93 1.21 -2.28 15.06
N LEU A 94 0.85 -3.46 14.58
CA LEU A 94 0.96 -3.76 13.17
C LEU A 94 -0.26 -3.18 12.43
N THR A 95 -1.43 -3.40 13.02
CA THR A 95 -2.66 -2.91 12.44
C THR A 95 -2.55 -1.42 12.14
N SER A 96 -2.04 -0.68 13.11
CA SER A 96 -1.87 0.75 12.96
C SER A 96 -1.11 1.06 11.68
N ILE A 97 -0.10 0.24 11.41
CA ILE A 97 0.71 0.41 10.21
C ILE A 97 -0.16 0.19 8.98
N LEU A 98 -0.75 -0.99 8.90
CA LEU A 98 -1.60 -1.33 7.79
C LEU A 98 -2.57 -0.17 7.50
N THR A 99 -3.38 0.13 8.51
CA THR A 99 -4.35 1.20 8.37
C THR A 99 -3.68 2.46 7.82
N TYR A 100 -2.50 2.75 8.36
CA TYR A 100 -1.74 3.92 7.92
C TYR A 100 -1.24 3.73 6.49
N HIS A 101 -1.35 2.51 6.00
CA HIS A 101 -0.91 2.20 4.65
C HIS A 101 -2.12 2.21 3.70
N VAL A 102 -3.19 2.82 4.16
CA VAL A 102 -4.40 2.91 3.37
C VAL A 102 -5.21 4.14 3.81
N VAL A 103 -5.58 4.94 2.83
CA VAL A 103 -6.35 6.14 3.10
C VAL A 103 -7.78 5.96 2.60
N ALA A 104 -8.71 6.57 3.31
CA ALA A 104 -10.12 6.48 2.95
C ALA A 104 -10.48 7.65 2.04
N GLY A 105 -10.65 7.32 0.76
CA GLY A 105 -11.00 8.33 -0.23
C GLY A 105 -10.04 8.28 -1.42
N GLN A 106 -10.48 7.61 -2.47
CA GLN A 106 -9.68 7.48 -3.67
C GLN A 106 -9.16 8.85 -4.11
N THR A 107 -7.95 8.84 -4.66
CA THR A 107 -7.32 10.07 -5.11
C THR A 107 -6.21 9.76 -6.11
N SER A 108 -5.98 10.70 -7.01
CA SER A 108 -4.96 10.54 -8.03
C SER A 108 -3.60 11.01 -7.47
N PRO A 109 -2.52 10.62 -8.21
CA PRO A 109 -1.17 10.99 -7.80
C PRO A 109 -0.89 12.47 -8.09
N ALA A 110 -1.93 13.15 -8.57
CA ALA A 110 -1.81 14.56 -8.87
C ALA A 110 -2.51 15.39 -7.80
N ASN A 111 -3.22 14.67 -6.92
CA ASN A 111 -3.94 15.33 -5.84
C ASN A 111 -3.46 14.74 -4.50
N VAL A 112 -3.29 13.43 -4.49
CA VAL A 112 -2.84 12.74 -3.29
C VAL A 112 -1.76 13.58 -2.60
N VAL A 113 -0.98 14.26 -3.42
CA VAL A 113 0.09 15.10 -2.90
C VAL A 113 -0.48 16.07 -1.88
N GLY A 114 0.11 16.03 -0.68
CA GLY A 114 -0.32 16.90 0.39
C GLY A 114 -0.64 16.09 1.65
N THR A 115 -0.89 16.81 2.73
CA THR A 115 -1.21 16.17 4.01
C THR A 115 -2.55 15.45 3.91
N ARG A 116 -2.47 14.13 3.86
CA ARG A 116 -3.68 13.32 3.78
C ARG A 116 -3.98 12.68 5.13
N GLN A 117 -5.00 11.84 5.14
CA GLN A 117 -5.42 11.17 6.36
C GLN A 117 -5.71 9.69 6.08
N THR A 118 -4.90 8.83 6.69
CA THR A 118 -5.06 7.39 6.51
C THR A 118 -6.26 6.90 7.32
N LEU A 119 -6.91 5.87 6.77
CA LEU A 119 -8.07 5.29 7.42
C LEU A 119 -7.78 5.12 8.91
N GLN A 120 -6.50 4.94 9.22
CA GLN A 120 -6.08 4.76 10.60
C GLN A 120 -6.54 5.95 11.45
N GLY A 121 -6.14 7.14 11.01
CA GLY A 121 -6.50 8.35 11.72
C GLY A 121 -5.38 9.40 11.62
N ALA A 122 -4.17 8.90 11.43
CA ALA A 122 -3.02 9.78 11.31
C ALA A 122 -3.02 10.44 9.94
N SER A 123 -2.10 11.38 9.76
CA SER A 123 -1.99 12.09 8.50
C SER A 123 -0.79 11.59 7.71
N VAL A 124 -1.01 11.37 6.43
CA VAL A 124 0.05 10.89 5.55
C VAL A 124 0.51 12.02 4.63
N THR A 125 1.59 12.66 5.04
CA THR A 125 2.14 13.76 4.27
C THR A 125 2.66 13.26 2.91
N VAL A 126 1.83 13.48 1.89
CA VAL A 126 2.18 13.05 0.55
C VAL A 126 2.86 14.22 -0.19
N THR A 127 3.70 13.86 -1.13
CA THR A 127 4.42 14.86 -1.92
C THR A 127 4.94 14.25 -3.22
N GLY A 128 5.40 15.12 -4.10
CA GLY A 128 5.92 14.68 -5.39
C GLY A 128 5.69 15.75 -6.46
N GLN A 129 5.17 15.30 -7.60
CA GLN A 129 4.90 16.20 -8.70
C GLN A 129 4.76 15.40 -10.01
N GLY A 130 5.73 14.54 -10.25
CA GLY A 130 5.73 13.72 -11.44
C GLY A 130 6.90 12.74 -11.45
N ASN A 131 6.57 11.47 -11.27
CA ASN A 131 7.58 10.42 -11.24
C ASN A 131 8.50 10.64 -10.03
N SER A 132 8.48 9.66 -9.14
CA SER A 132 9.30 9.71 -7.94
C SER A 132 8.56 10.49 -6.84
N LEU A 133 7.38 9.98 -6.50
CA LEU A 133 6.57 10.62 -5.48
C LEU A 133 7.03 10.14 -4.10
N LYS A 134 6.50 10.79 -3.06
CA LYS A 134 6.84 10.44 -1.70
C LYS A 134 5.57 10.39 -0.86
N VAL A 135 5.64 9.63 0.23
CA VAL A 135 4.51 9.49 1.12
C VAL A 135 5.01 9.28 2.55
N GLY A 136 4.86 10.32 3.36
CA GLY A 136 5.28 10.26 4.75
C GLY A 136 6.81 10.29 4.84
N ASN A 137 7.44 9.44 4.04
CA ASN A 137 8.89 9.35 4.02
C ASN A 137 9.33 8.35 2.95
N ALA A 138 8.50 7.34 2.76
CA ALA A 138 8.79 6.31 1.77
C ALA A 138 8.79 6.95 0.38
N ASP A 139 9.29 6.18 -0.59
CA ASP A 139 9.35 6.65 -1.96
C ASP A 139 8.29 5.93 -2.79
N VAL A 140 7.37 6.71 -3.33
CA VAL A 140 6.30 6.17 -4.15
C VAL A 140 6.89 5.35 -5.29
N VAL A 141 6.79 4.03 -5.15
CA VAL A 141 7.31 3.12 -6.15
C VAL A 141 6.45 3.20 -7.42
N CYS A 142 5.15 3.09 -7.20
CA CYS A 142 4.21 3.15 -8.32
C CYS A 142 2.82 3.46 -7.75
N GLY A 143 2.36 4.67 -8.02
CA GLY A 143 1.06 5.10 -7.55
C GLY A 143 0.08 5.29 -8.72
N GLY A 144 -1.16 5.58 -8.36
CA GLY A 144 -2.19 5.78 -9.36
C GLY A 144 -2.59 4.46 -10.02
N VAL A 145 -2.33 3.38 -9.30
CA VAL A 145 -2.65 2.05 -9.80
C VAL A 145 -4.05 1.65 -9.30
N SER A 146 -5.00 2.55 -9.52
CA SER A 146 -6.37 2.30 -9.10
C SER A 146 -6.73 0.83 -9.36
N THR A 147 -7.15 0.18 -8.28
CA THR A 147 -7.53 -1.22 -8.37
C THR A 147 -9.03 -1.35 -8.70
N ALA A 148 -9.80 -1.68 -7.69
CA ALA A 148 -11.24 -1.84 -7.86
C ALA A 148 -11.95 -0.58 -7.36
N ASN A 149 -11.94 -0.42 -6.05
CA ASN A 149 -12.58 0.74 -5.43
C ASN A 149 -11.61 1.38 -4.44
N ALA A 150 -10.37 1.53 -4.89
CA ALA A 150 -9.34 2.13 -4.06
C ALA A 150 -8.04 2.24 -4.86
N THR A 151 -7.41 3.40 -4.75
CA THR A 151 -6.17 3.65 -5.45
C THR A 151 -5.04 2.78 -4.87
N VAL A 152 -3.91 2.80 -5.56
CA VAL A 152 -2.76 2.03 -5.13
C VAL A 152 -1.50 2.89 -5.23
N TYR A 153 -0.77 2.96 -4.13
CA TYR A 153 0.45 3.75 -4.08
C TYR A 153 1.56 2.98 -3.36
N MET A 154 2.27 2.16 -4.12
CA MET A 154 3.35 1.38 -3.57
C MET A 154 4.50 2.27 -3.10
N ILE A 155 5.09 1.88 -1.98
CA ILE A 155 6.20 2.63 -1.42
C ILE A 155 7.37 1.69 -1.12
N ASP A 156 8.41 2.26 -0.56
CA ASP A 156 9.60 1.49 -0.23
C ASP A 156 9.90 1.64 1.26
N SER A 157 8.83 1.67 2.05
CA SER A 157 8.96 1.81 3.49
C SER A 157 7.66 1.40 4.18
N VAL A 158 7.81 0.74 5.31
CA VAL A 158 6.66 0.29 6.08
C VAL A 158 6.11 1.46 6.90
N LEU A 159 5.45 2.38 6.21
CA LEU A 159 4.89 3.54 6.86
C LEU A 159 4.42 3.15 8.27
N MET A 160 4.45 4.13 9.15
CA MET A 160 4.03 3.91 10.52
C MET A 160 3.25 5.12 11.07
N PRO A 161 2.24 4.80 11.92
CA PRO A 161 1.42 5.85 12.51
C PRO A 161 2.17 6.59 13.62
N PRO A 162 2.07 7.94 13.57
CA PRO A 162 2.75 8.78 14.56
C PRO A 162 2.01 8.73 15.90
N ALA A 163 2.16 7.62 16.59
CA ALA A 163 1.52 7.44 17.88
C ALA A 163 2.02 6.15 18.52
N GLY A 1 3.55 8.88 -20.58
CA GLY A 1 3.00 8.98 -19.24
C GLY A 1 2.34 7.66 -18.83
N ASP A 2 3.18 6.71 -18.44
CA ASP A 2 2.69 5.41 -18.01
C ASP A 2 2.75 5.33 -16.48
N LEU A 3 1.57 5.21 -15.89
CA LEU A 3 1.48 5.12 -14.45
C LEU A 3 2.36 6.20 -13.80
N VAL A 4 2.49 6.10 -12.49
CA VAL A 4 3.31 7.06 -11.76
C VAL A 4 4.04 6.32 -10.63
N GLY A 5 5.19 6.87 -10.27
CA GLY A 5 6.19 6.10 -9.54
C GLY A 5 7.21 5.47 -10.51
N PRO A 6 8.47 5.35 -10.01
CA PRO A 6 9.54 4.77 -10.80
C PRO A 6 9.38 3.26 -10.91
N GLY A 7 9.00 2.65 -9.79
CA GLY A 7 8.82 1.22 -9.73
C GLY A 7 7.83 0.74 -10.80
N CYS A 8 6.60 1.18 -10.65
CA CYS A 8 5.54 0.82 -11.59
C CYS A 8 6.15 0.83 -13.01
N ALA A 9 6.78 1.95 -13.33
CA ALA A 9 7.40 2.10 -14.64
C ALA A 9 8.06 0.78 -15.03
N GLU A 10 8.90 0.28 -14.14
CA GLU A 10 9.60 -0.97 -14.38
C GLU A 10 8.69 -2.16 -14.09
N TYR A 11 7.94 -2.04 -13.00
CA TYR A 11 7.02 -3.09 -12.61
C TYR A 11 6.41 -3.78 -13.83
N ALA A 12 5.61 -3.02 -14.55
CA ALA A 12 4.96 -3.53 -15.75
C ALA A 12 5.95 -4.41 -16.53
N ALA A 13 7.10 -3.82 -16.82
CA ALA A 13 8.13 -4.53 -17.55
C ALA A 13 8.24 -5.95 -17.03
N ALA A 14 8.18 -6.07 -15.71
CA ALA A 14 8.28 -7.37 -15.06
C ALA A 14 6.89 -8.04 -15.08
N ASN A 15 5.91 -7.29 -14.60
CA ASN A 15 4.55 -7.80 -14.55
C ASN A 15 3.65 -6.92 -15.42
N PRO A 16 3.68 -7.21 -16.74
CA PRO A 16 2.89 -6.46 -17.69
C PRO A 16 1.41 -6.86 -17.61
N THR A 17 1.19 -8.12 -17.28
CA THR A 17 -0.16 -8.65 -17.16
C THR A 17 -0.35 -9.34 -15.81
N GLY A 18 -1.43 -10.10 -15.72
CA GLY A 18 -1.74 -10.81 -14.49
C GLY A 18 -2.54 -9.93 -13.53
N PRO A 19 -2.98 -10.57 -12.40
CA PRO A 19 -3.75 -9.86 -11.41
C PRO A 19 -2.87 -8.92 -10.58
N ALA A 20 -1.56 -9.07 -10.77
CA ALA A 20 -0.60 -8.25 -10.06
C ALA A 20 -0.50 -6.88 -10.74
N SER A 21 -0.62 -6.91 -12.05
CA SER A 21 -0.54 -5.69 -12.84
C SER A 21 -1.57 -4.69 -12.34
N VAL A 22 -1.45 -3.46 -12.85
CA VAL A 22 -2.36 -2.39 -12.47
C VAL A 22 -3.79 -2.79 -12.87
N GLN A 23 -4.03 -2.82 -14.17
CA GLN A 23 -5.33 -3.17 -14.69
C GLN A 23 -5.77 -4.54 -14.16
N GLY A 24 -4.77 -5.32 -13.74
CA GLY A 24 -5.02 -6.64 -13.22
C GLY A 24 -5.77 -6.57 -11.87
N MET A 25 -5.10 -5.99 -10.90
CA MET A 25 -5.68 -5.84 -9.58
C MET A 25 -6.98 -5.03 -9.63
N SER A 26 -7.19 -4.40 -10.77
CA SER A 26 -8.39 -3.60 -10.96
C SER A 26 -9.62 -4.51 -11.07
N GLN A 27 -9.38 -5.71 -11.55
CA GLN A 27 -10.45 -6.68 -11.70
C GLN A 27 -10.72 -7.39 -10.37
N ASP A 28 -10.07 -6.89 -9.33
CA ASP A 28 -10.23 -7.47 -8.01
C ASP A 28 -10.33 -6.34 -6.97
N PRO A 29 -10.81 -6.72 -5.76
CA PRO A 29 -10.96 -5.76 -4.68
C PRO A 29 -9.60 -5.41 -4.07
N VAL A 30 -9.47 -4.15 -3.68
CA VAL A 30 -8.24 -3.68 -3.08
C VAL A 30 -7.49 -4.85 -2.45
N ALA A 31 -8.24 -5.60 -1.64
CA ALA A 31 -7.67 -6.76 -0.97
C ALA A 31 -6.91 -7.62 -1.99
N VAL A 32 -7.63 -8.57 -2.58
CA VAL A 32 -7.05 -9.45 -3.56
C VAL A 32 -6.12 -8.66 -4.47
N ALA A 33 -6.55 -7.45 -4.80
CA ALA A 33 -5.76 -6.58 -5.66
C ALA A 33 -4.32 -6.55 -5.16
N ALA A 34 -4.17 -6.18 -3.90
CA ALA A 34 -2.86 -6.11 -3.28
C ALA A 34 -2.35 -7.53 -2.99
N SER A 35 -3.28 -8.47 -3.02
CA SER A 35 -2.95 -9.85 -2.76
C SER A 35 -2.57 -10.56 -4.07
N ASN A 36 -1.96 -9.79 -4.96
CA ASN A 36 -1.54 -10.32 -6.25
C ASN A 36 -0.21 -9.69 -6.65
N ASN A 37 -0.11 -8.39 -6.41
CA ASN A 37 1.16 -7.70 -6.54
C ASN A 37 2.25 -8.50 -5.83
N PRO A 38 3.38 -8.71 -6.56
CA PRO A 38 4.49 -9.46 -6.00
C PRO A 38 5.26 -8.62 -4.99
N GLU A 39 4.76 -7.41 -4.75
CA GLU A 39 5.38 -6.51 -3.79
C GLU A 39 4.39 -6.11 -2.70
N LEU A 40 3.17 -6.62 -2.85
CA LEU A 40 2.12 -6.32 -1.89
C LEU A 40 1.74 -7.60 -1.15
N THR A 41 1.78 -8.70 -1.88
CA THR A 41 1.44 -9.99 -1.30
C THR A 41 1.85 -10.05 0.16
N THR A 42 3.00 -9.47 0.45
CA THR A 42 3.52 -9.44 1.81
C THR A 42 2.62 -8.60 2.70
N LEU A 43 2.41 -7.36 2.29
CA LEU A 43 1.56 -6.44 3.04
C LEU A 43 0.19 -7.07 3.22
N THR A 44 -0.36 -7.53 2.10
CA THR A 44 -1.68 -8.14 2.13
C THR A 44 -1.77 -9.18 3.25
N ALA A 45 -0.83 -10.11 3.22
CA ALA A 45 -0.79 -11.16 4.23
C ALA A 45 -1.05 -10.54 5.61
N ALA A 46 -0.49 -9.36 5.81
CA ALA A 46 -0.64 -8.66 7.07
C ALA A 46 -2.11 -8.28 7.27
N LEU A 47 -2.56 -7.32 6.47
CA LEU A 47 -3.94 -6.87 6.54
C LEU A 47 -4.87 -8.08 6.61
N SER A 48 -4.83 -8.87 5.55
CA SER A 48 -5.67 -10.06 5.49
C SER A 48 -5.61 -10.82 6.81
N GLY A 49 -4.45 -11.40 7.08
CA GLY A 49 -4.24 -12.16 8.29
C GLY A 49 -3.14 -13.21 8.11
N GLN A 50 -2.90 -13.55 6.86
CA GLN A 50 -1.89 -14.54 6.55
C GLN A 50 -0.62 -14.29 7.37
N LEU A 51 -0.46 -13.04 7.78
CA LEU A 51 0.69 -12.66 8.58
C LEU A 51 0.24 -12.37 10.02
N ASN A 52 -0.85 -11.63 10.12
CA ASN A 52 -1.38 -11.28 11.42
C ASN A 52 -2.70 -12.03 11.65
N PRO A 53 -2.59 -13.15 12.42
CA PRO A 53 -3.75 -13.97 12.71
C PRO A 53 -4.64 -13.29 13.76
N GLN A 54 -4.36 -12.02 13.99
CA GLN A 54 -5.14 -11.25 14.96
C GLN A 54 -5.67 -9.97 14.32
N VAL A 55 -5.43 -9.85 13.02
CA VAL A 55 -5.87 -8.69 12.27
C VAL A 55 -6.72 -9.15 11.07
N ASN A 56 -7.19 -8.17 10.32
CA ASN A 56 -8.00 -8.45 9.15
C ASN A 56 -8.53 -7.13 8.57
N LEU A 57 -7.71 -6.52 7.72
CA LEU A 57 -8.08 -5.27 7.09
C LEU A 57 -8.77 -5.56 5.75
N VAL A 58 -8.50 -6.74 5.22
CA VAL A 58 -9.08 -7.15 3.96
C VAL A 58 -10.50 -6.57 3.85
N ASP A 59 -11.41 -7.20 4.59
CA ASP A 59 -12.80 -6.77 4.59
C ASP A 59 -12.86 -5.25 4.79
N THR A 60 -12.15 -4.79 5.80
CA THR A 60 -12.12 -3.36 6.11
C THR A 60 -11.53 -2.59 4.93
N LEU A 61 -10.96 -3.33 3.99
CA LEU A 61 -10.37 -2.72 2.81
C LEU A 61 -11.33 -2.87 1.63
N ASN A 62 -11.97 -4.02 1.57
CA ASN A 62 -12.92 -4.30 0.50
C ASN A 62 -14.28 -3.69 0.86
N SER A 63 -14.24 -2.45 1.30
CA SER A 63 -15.45 -1.75 1.68
C SER A 63 -15.16 -0.26 1.91
N GLY A 64 -15.64 0.55 0.99
CA GLY A 64 -15.43 1.99 1.08
C GLY A 64 -14.20 2.41 0.28
N GLN A 65 -14.40 3.40 -0.59
CA GLN A 65 -13.31 3.90 -1.40
C GLN A 65 -12.07 4.16 -0.55
N TYR A 66 -11.05 3.35 -0.78
CA TYR A 66 -9.81 3.49 -0.03
C TYR A 66 -8.66 3.88 -0.95
N THR A 67 -7.46 3.91 -0.38
CA THR A 67 -6.27 4.27 -1.14
C THR A 67 -5.04 3.59 -0.55
N VAL A 68 -4.81 2.36 -0.98
CA VAL A 68 -3.67 1.61 -0.50
C VAL A 68 -2.41 2.45 -0.64
N PHE A 69 -1.60 2.43 0.41
CA PHE A 69 -0.36 3.19 0.42
C PHE A 69 0.83 2.29 0.76
N ALA A 70 1.16 1.42 -0.18
CA ALA A 70 1.47 0.04 0.14
C ALA A 70 2.99 -0.14 0.17
N PRO A 71 3.49 -0.71 1.30
CA PRO A 71 4.92 -0.94 1.46
C PRO A 71 5.37 -2.13 0.63
N THR A 72 6.24 -1.85 -0.33
CA THR A 72 6.77 -2.89 -1.20
C THR A 72 7.41 -4.00 -0.38
N ASN A 73 7.64 -5.13 -1.03
CA ASN A 73 8.26 -6.26 -0.39
C ASN A 73 9.66 -5.88 0.10
N ALA A 74 10.25 -4.93 -0.62
CA ALA A 74 11.58 -4.46 -0.27
C ALA A 74 11.50 -3.51 0.91
N ALA A 75 10.30 -2.99 1.13
CA ALA A 75 10.07 -2.07 2.23
C ALA A 75 10.01 -2.86 3.55
N PHE A 76 9.28 -3.96 3.50
CA PHE A 76 9.13 -4.81 4.67
C PHE A 76 10.47 -5.45 5.07
N SER A 77 11.31 -5.63 4.06
CA SER A 77 12.62 -6.23 4.29
C SER A 77 13.52 -5.25 5.05
N LYS A 78 13.52 -4.01 4.57
CA LYS A 78 14.33 -2.97 5.19
C LYS A 78 14.27 -3.13 6.72
N LEU A 79 13.08 -3.51 7.18
CA LEU A 79 12.88 -3.69 8.61
C LEU A 79 13.99 -4.58 9.17
N PRO A 80 14.12 -4.55 10.53
CA PRO A 80 15.12 -5.36 11.20
C PRO A 80 14.72 -6.83 11.24
N ALA A 81 13.64 -7.13 10.53
CA ALA A 81 13.14 -8.49 10.47
C ALA A 81 12.40 -8.81 11.78
N SER A 82 13.12 -8.62 12.88
CA SER A 82 12.54 -8.87 14.19
C SER A 82 11.18 -8.20 14.31
N THR A 83 11.13 -6.95 13.86
CA THR A 83 9.89 -6.19 13.91
C THR A 83 8.75 -6.97 13.25
N ILE A 84 9.02 -7.43 12.04
CA ILE A 84 8.03 -8.19 11.29
C ILE A 84 7.51 -9.34 12.16
N ASP A 85 8.41 -10.26 12.47
CA ASP A 85 8.05 -11.41 13.29
C ASP A 85 7.14 -10.95 14.43
N GLU A 86 7.35 -9.71 14.84
CA GLU A 86 6.57 -9.13 15.92
C GLU A 86 5.17 -8.76 15.42
N LEU A 87 5.13 -8.15 14.25
CA LEU A 87 3.87 -7.74 13.66
C LEU A 87 2.92 -8.93 13.62
N LYS A 88 3.46 -10.08 13.22
CA LYS A 88 2.67 -11.30 13.14
C LYS A 88 2.15 -11.65 14.54
N THR A 89 2.65 -10.91 15.52
CA THR A 89 2.25 -11.14 16.90
C THR A 89 2.17 -9.82 17.66
N ASN A 90 1.60 -8.83 16.99
CA ASN A 90 1.45 -7.51 17.58
C ASN A 90 -0.02 -7.12 17.59
N SER A 91 -0.64 -7.25 16.41
CA SER A 91 -2.05 -6.91 16.27
C SER A 91 -2.36 -5.64 17.05
N SER A 92 -1.37 -4.77 17.13
CA SER A 92 -1.53 -3.52 17.85
C SER A 92 -0.61 -2.46 17.24
N LEU A 93 0.67 -2.78 17.19
CA LEU A 93 1.66 -1.87 16.64
C LEU A 93 1.71 -2.04 15.12
N LEU A 94 1.10 -3.12 14.66
CA LEU A 94 1.08 -3.41 13.24
C LEU A 94 -0.23 -2.89 12.63
N THR A 95 -1.32 -3.30 13.24
CA THR A 95 -2.64 -2.88 12.78
C THR A 95 -2.63 -1.39 12.41
N SER A 96 -1.95 -0.62 13.26
CA SER A 96 -1.86 0.81 13.03
C SER A 96 -1.12 1.09 11.72
N ILE A 97 -0.10 0.27 11.47
CA ILE A 97 0.69 0.43 10.26
C ILE A 97 -0.15 0.07 9.04
N LEU A 98 -0.69 -1.15 9.08
CA LEU A 98 -1.53 -1.63 7.99
C LEU A 98 -2.60 -0.59 7.69
N THR A 99 -3.31 -0.19 8.73
CA THR A 99 -4.37 0.81 8.58
C THR A 99 -3.81 2.11 8.02
N TYR A 100 -2.67 2.52 8.57
CA TYR A 100 -2.02 3.74 8.14
C TYR A 100 -1.52 3.60 6.70
N HIS A 101 -1.48 2.37 6.23
CA HIS A 101 -1.03 2.10 4.87
C HIS A 101 -2.22 2.11 3.92
N VAL A 102 -3.29 2.74 4.37
CA VAL A 102 -4.50 2.82 3.57
C VAL A 102 -5.30 4.06 3.98
N VAL A 103 -5.62 4.87 2.99
CA VAL A 103 -6.38 6.09 3.24
C VAL A 103 -7.82 5.90 2.75
N ALA A 104 -8.75 6.44 3.52
CA ALA A 104 -10.15 6.34 3.17
C ALA A 104 -10.54 7.51 2.25
N GLY A 105 -10.67 7.19 0.97
CA GLY A 105 -11.03 8.19 -0.01
C GLY A 105 -10.10 8.12 -1.23
N GLN A 106 -10.59 7.50 -2.29
CA GLN A 106 -9.81 7.37 -3.50
C GLN A 106 -9.43 8.75 -4.04
N THR A 107 -8.17 8.87 -4.42
CA THR A 107 -7.67 10.12 -4.96
C THR A 107 -6.48 9.87 -5.89
N SER A 108 -6.51 10.54 -7.04
CA SER A 108 -5.45 10.39 -8.02
C SER A 108 -4.15 10.96 -7.47
N PRO A 109 -3.03 10.59 -8.15
CA PRO A 109 -1.71 11.04 -7.73
C PRO A 109 -1.51 12.51 -8.11
N ALA A 110 -2.47 13.34 -7.74
CA ALA A 110 -2.41 14.75 -8.02
C ALA A 110 -2.79 15.55 -6.76
N ASN A 111 -3.86 15.10 -6.13
CA ASN A 111 -4.33 15.76 -4.91
C ASN A 111 -3.83 14.98 -3.70
N VAL A 112 -3.66 13.68 -3.89
CA VAL A 112 -3.19 12.82 -2.81
C VAL A 112 -1.96 13.45 -2.16
N VAL A 113 -1.23 14.20 -2.97
CA VAL A 113 -0.02 14.87 -2.48
C VAL A 113 -0.41 15.91 -1.43
N GLY A 114 0.25 15.82 -0.29
CA GLY A 114 -0.01 16.74 0.81
C GLY A 114 -0.43 15.99 2.07
N THR A 115 -0.70 16.76 3.12
CA THR A 115 -1.10 16.17 4.39
C THR A 115 -2.44 15.45 4.25
N ARG A 116 -2.34 14.14 4.10
CA ARG A 116 -3.54 13.32 3.95
C ARG A 116 -3.93 12.70 5.30
N GLN A 117 -4.97 11.89 5.26
CA GLN A 117 -5.46 11.23 6.47
C GLN A 117 -5.75 9.76 6.18
N THR A 118 -5.00 8.90 6.86
CA THR A 118 -5.18 7.46 6.69
C THR A 118 -6.39 6.97 7.48
N LEU A 119 -6.78 5.74 7.20
CA LEU A 119 -7.92 5.14 7.87
C LEU A 119 -7.60 4.98 9.36
N GLN A 120 -6.32 4.87 9.65
CA GLN A 120 -5.87 4.71 11.03
C GLN A 120 -6.01 6.03 11.78
N GLY A 121 -6.47 7.05 11.07
CA GLY A 121 -6.65 8.37 11.67
C GLY A 121 -5.44 9.26 11.41
N ALA A 122 -4.27 8.72 11.74
CA ALA A 122 -3.03 9.46 11.56
C ALA A 122 -3.03 10.10 10.17
N SER A 123 -2.14 11.06 10.00
CA SER A 123 -2.02 11.77 8.73
C SER A 123 -0.83 11.23 7.94
N VAL A 124 -0.95 11.32 6.62
CA VAL A 124 0.11 10.85 5.74
C VAL A 124 0.53 11.99 4.80
N THR A 125 1.59 12.68 5.19
CA THR A 125 2.09 13.78 4.39
C THR A 125 2.66 13.26 3.07
N VAL A 126 1.80 13.24 2.06
CA VAL A 126 2.20 12.78 0.74
C VAL A 126 2.95 13.90 0.01
N THR A 127 3.64 13.52 -1.05
CA THR A 127 4.40 14.47 -1.83
C THR A 127 4.61 13.94 -3.25
N GLY A 128 5.16 14.81 -4.09
CA GLY A 128 5.41 14.45 -5.48
C GLY A 128 6.13 15.58 -6.21
N GLN A 129 7.05 15.19 -7.09
CA GLN A 129 7.80 16.16 -7.87
C GLN A 129 7.73 15.81 -9.36
N GLY A 130 8.02 14.56 -9.66
CA GLY A 130 7.98 14.10 -11.04
C GLY A 130 8.02 12.57 -11.10
N ASN A 131 9.03 12.06 -11.78
CA ASN A 131 9.19 10.62 -11.93
C ASN A 131 9.67 10.03 -10.61
N SER A 132 8.88 10.26 -9.57
CA SER A 132 9.21 9.76 -8.24
C SER A 132 8.47 10.56 -7.17
N LEU A 133 7.38 9.98 -6.70
CA LEU A 133 6.58 10.63 -5.67
C LEU A 133 7.04 10.16 -4.29
N LYS A 134 6.57 10.86 -3.27
CA LYS A 134 6.92 10.53 -1.90
C LYS A 134 5.65 10.46 -1.05
N VAL A 135 5.74 9.69 0.03
CA VAL A 135 4.61 9.54 0.93
C VAL A 135 5.11 9.53 2.37
N GLY A 136 4.90 10.66 3.04
CA GLY A 136 5.32 10.79 4.42
C GLY A 136 6.84 10.70 4.53
N ASN A 137 7.35 9.51 4.28
CA ASN A 137 8.78 9.28 4.35
C ASN A 137 9.21 8.34 3.22
N ALA A 138 8.38 7.31 3.01
CA ALA A 138 8.66 6.34 1.97
C ALA A 138 8.70 7.05 0.61
N ASP A 139 8.99 6.27 -0.41
CA ASP A 139 9.07 6.80 -1.76
C ASP A 139 8.12 6.02 -2.67
N VAL A 140 7.19 6.76 -3.27
CA VAL A 140 6.22 6.15 -4.17
C VAL A 140 6.95 5.33 -5.23
N VAL A 141 6.54 4.07 -5.35
CA VAL A 141 7.15 3.18 -6.32
C VAL A 141 6.18 2.96 -7.48
N CYS A 142 4.90 2.94 -7.14
CA CYS A 142 3.86 2.73 -8.14
C CYS A 142 2.53 3.20 -7.56
N GLY A 143 2.16 4.42 -7.91
CA GLY A 143 0.92 5.00 -7.42
C GLY A 143 -0.07 5.21 -8.56
N GLY A 144 -1.35 5.26 -8.21
CA GLY A 144 -2.40 5.46 -9.19
C GLY A 144 -2.88 4.12 -9.76
N VAL A 145 -2.57 3.06 -9.02
CA VAL A 145 -2.97 1.73 -9.44
C VAL A 145 -4.34 1.39 -8.83
N SER A 146 -5.33 2.16 -9.25
CA SER A 146 -6.69 1.94 -8.76
C SER A 146 -7.11 0.50 -8.99
N THR A 147 -7.60 -0.12 -7.93
CA THR A 147 -8.06 -1.50 -8.01
C THR A 147 -9.52 -1.56 -8.45
N ALA A 148 -10.38 -1.90 -7.50
CA ALA A 148 -11.81 -1.99 -7.78
C ALA A 148 -12.53 -0.82 -7.11
N ASN A 149 -12.05 -0.48 -5.92
CA ASN A 149 -12.65 0.61 -5.16
C ASN A 149 -11.62 1.15 -4.15
N ALA A 150 -10.37 1.14 -4.58
CA ALA A 150 -9.29 1.63 -3.74
C ALA A 150 -8.03 1.79 -4.58
N THR A 151 -7.34 2.90 -4.36
CA THR A 151 -6.12 3.19 -5.09
C THR A 151 -4.95 2.41 -4.49
N VAL A 152 -3.82 2.46 -5.19
CA VAL A 152 -2.63 1.77 -4.74
C VAL A 152 -1.41 2.65 -4.97
N TYR A 153 -0.62 2.81 -3.91
CA TYR A 153 0.58 3.63 -3.99
C TYR A 153 1.75 2.94 -3.31
N MET A 154 2.44 2.11 -4.09
CA MET A 154 3.59 1.37 -3.58
C MET A 154 4.65 2.33 -3.04
N ILE A 155 5.33 1.88 -2.00
CA ILE A 155 6.37 2.68 -1.38
C ILE A 155 7.57 1.78 -1.05
N ASP A 156 8.67 2.43 -0.69
CA ASP A 156 9.89 1.72 -0.36
C ASP A 156 10.16 1.85 1.14
N SER A 157 9.11 1.62 1.92
CA SER A 157 9.22 1.70 3.37
C SER A 157 7.89 1.30 4.02
N VAL A 158 8.01 0.73 5.21
CA VAL A 158 6.83 0.30 5.95
C VAL A 158 6.21 1.49 6.65
N LEU A 159 5.66 2.40 5.86
CA LEU A 159 5.03 3.59 6.40
C LEU A 159 4.47 3.27 7.79
N MET A 160 4.63 4.24 8.69
CA MET A 160 4.13 4.08 10.04
C MET A 160 3.36 5.31 10.50
N PRO A 161 2.33 5.06 11.35
CA PRO A 161 1.51 6.14 11.86
C PRO A 161 2.25 6.95 12.93
N PRO A 162 2.24 8.29 12.75
CA PRO A 162 2.90 9.19 13.68
C PRO A 162 2.10 9.32 14.99
N ALA A 163 1.85 8.18 15.60
CA ALA A 163 1.09 8.15 16.84
C ALA A 163 1.55 6.95 17.69
N GLY A 1 0.48 1.63 -20.67
CA GLY A 1 1.26 1.72 -19.45
C GLY A 1 1.67 3.15 -19.15
N ASP A 2 0.73 3.90 -18.58
CA ASP A 2 0.98 5.29 -18.24
C ASP A 2 0.61 5.53 -16.78
N LEU A 3 1.56 5.27 -15.90
CA LEU A 3 1.35 5.45 -14.47
C LEU A 3 2.40 6.42 -13.92
N VAL A 4 2.34 6.62 -12.61
CA VAL A 4 3.29 7.50 -11.95
C VAL A 4 4.18 6.69 -11.02
N GLY A 5 5.48 6.86 -11.18
CA GLY A 5 6.44 6.18 -10.35
C GLY A 5 7.56 5.54 -11.19
N PRO A 6 8.72 5.33 -10.53
CA PRO A 6 9.87 4.73 -11.21
C PRO A 6 9.65 3.23 -11.40
N GLY A 7 9.32 2.57 -10.30
CA GLY A 7 9.09 1.13 -10.32
C GLY A 7 8.02 0.77 -11.35
N CYS A 8 6.95 1.54 -11.35
CA CYS A 8 5.85 1.32 -12.28
C CYS A 8 6.45 1.03 -13.66
N ALA A 9 7.59 1.63 -13.92
CA ALA A 9 8.27 1.45 -15.19
C ALA A 9 8.73 0.00 -15.32
N GLU A 10 9.72 -0.35 -14.50
CA GLU A 10 10.26 -1.70 -14.51
C GLU A 10 9.15 -2.72 -14.21
N TYR A 11 8.42 -2.44 -13.14
CA TYR A 11 7.33 -3.32 -12.73
C TYR A 11 6.57 -3.86 -13.95
N ALA A 12 5.94 -2.93 -14.66
CA ALA A 12 5.18 -3.29 -15.84
C ALA A 12 5.97 -4.32 -16.65
N ALA A 13 7.17 -3.92 -17.03
CA ALA A 13 8.03 -4.80 -17.82
C ALA A 13 7.98 -6.21 -17.23
N ALA A 14 8.03 -6.27 -15.91
CA ALA A 14 8.00 -7.55 -15.21
C ALA A 14 6.57 -8.10 -15.25
N ASN A 15 5.63 -7.24 -14.93
CA ASN A 15 4.23 -7.64 -14.92
C ASN A 15 3.43 -6.69 -15.83
N PRO A 16 3.50 -6.96 -17.15
CA PRO A 16 2.80 -6.14 -18.12
C PRO A 16 1.30 -6.44 -18.11
N THR A 17 0.98 -7.70 -18.34
CA THR A 17 -0.41 -8.13 -18.36
C THR A 17 -0.59 -9.41 -17.55
N GLY A 18 -1.18 -9.24 -16.38
CA GLY A 18 -1.41 -10.37 -15.49
C GLY A 18 -2.22 -9.96 -14.26
N PRO A 19 -2.21 -10.84 -13.23
CA PRO A 19 -2.93 -10.57 -12.00
C PRO A 19 -2.21 -9.51 -11.15
N ALA A 20 -0.89 -9.47 -11.33
CA ALA A 20 -0.08 -8.52 -10.60
C ALA A 20 0.08 -7.24 -11.42
N SER A 21 -0.97 -6.91 -12.15
CA SER A 21 -0.97 -5.72 -12.98
C SER A 21 -1.84 -4.63 -12.35
N VAL A 22 -1.84 -3.46 -12.99
CA VAL A 22 -2.62 -2.35 -12.50
C VAL A 22 -4.09 -2.57 -12.84
N GLN A 23 -4.32 -3.51 -13.74
CA GLN A 23 -5.68 -3.83 -14.16
C GLN A 23 -6.10 -5.18 -13.58
N GLY A 24 -5.27 -6.18 -13.80
CA GLY A 24 -5.55 -7.52 -13.30
C GLY A 24 -5.94 -7.48 -11.82
N MET A 25 -5.53 -6.41 -11.16
CA MET A 25 -5.83 -6.24 -9.75
C MET A 25 -7.10 -5.42 -9.55
N SER A 26 -7.47 -4.70 -10.59
CA SER A 26 -8.66 -3.87 -10.54
C SER A 26 -9.89 -4.74 -10.25
N GLN A 27 -9.95 -5.88 -10.92
CA GLN A 27 -11.05 -6.80 -10.74
C GLN A 27 -11.12 -7.26 -9.28
N ASP A 28 -10.02 -7.07 -8.58
CA ASP A 28 -9.95 -7.46 -7.18
C ASP A 28 -10.25 -6.25 -6.30
N PRO A 29 -10.95 -6.52 -5.17
CA PRO A 29 -11.32 -5.47 -4.24
C PRO A 29 -10.10 -5.01 -3.42
N VAL A 30 -9.50 -3.93 -3.89
CA VAL A 30 -8.33 -3.37 -3.21
C VAL A 30 -7.53 -4.52 -2.58
N ALA A 31 -7.38 -4.44 -1.27
CA ALA A 31 -6.64 -5.46 -0.54
C ALA A 31 -6.33 -6.63 -1.48
N VAL A 32 -7.36 -7.37 -1.81
CA VAL A 32 -7.21 -8.51 -2.70
C VAL A 32 -6.12 -8.21 -3.72
N ALA A 33 -6.35 -7.17 -4.50
CA ALA A 33 -5.38 -6.78 -5.52
C ALA A 33 -3.97 -7.00 -4.99
N ALA A 34 -3.61 -6.20 -3.98
CA ALA A 34 -2.29 -6.31 -3.38
C ALA A 34 -1.92 -7.78 -3.22
N SER A 35 -2.93 -8.60 -3.02
CA SER A 35 -2.73 -10.03 -2.86
C SER A 35 -2.47 -10.68 -4.22
N ASN A 36 -1.57 -10.06 -4.97
CA ASN A 36 -1.22 -10.57 -6.29
C ASN A 36 0.05 -9.89 -6.77
N ASN A 37 0.15 -8.60 -6.48
CA ASN A 37 1.39 -7.87 -6.68
C ASN A 37 2.52 -8.60 -5.94
N PRO A 38 3.65 -8.82 -6.67
CA PRO A 38 4.80 -9.49 -6.10
C PRO A 38 5.56 -8.56 -5.16
N GLU A 39 5.00 -7.38 -4.96
CA GLU A 39 5.61 -6.39 -4.09
C GLU A 39 4.68 -6.05 -2.93
N LEU A 40 3.45 -6.56 -3.03
CA LEU A 40 2.45 -6.31 -2.01
C LEU A 40 2.19 -7.61 -1.24
N THR A 41 2.33 -8.72 -1.94
CA THR A 41 2.11 -10.03 -1.34
C THR A 41 2.57 -10.02 0.12
N THR A 42 3.66 -9.31 0.36
CA THR A 42 4.22 -9.21 1.70
C THR A 42 3.24 -8.47 2.63
N LEU A 43 2.90 -7.26 2.22
CA LEU A 43 1.98 -6.45 3.00
C LEU A 43 0.64 -7.17 3.11
N THR A 44 0.15 -7.64 1.97
CA THR A 44 -1.11 -8.34 1.93
C THR A 44 -1.19 -9.37 3.05
N ALA A 45 -0.23 -10.27 3.05
CA ALA A 45 -0.17 -11.32 4.05
C ALA A 45 -0.56 -10.73 5.41
N ALA A 46 -0.04 -9.54 5.68
CA ALA A 46 -0.32 -8.86 6.93
C ALA A 46 -1.83 -8.59 7.03
N LEU A 47 -2.28 -7.66 6.20
CA LEU A 47 -3.69 -7.30 6.18
C LEU A 47 -4.54 -8.57 6.11
N SER A 48 -4.37 -9.29 5.01
CA SER A 48 -5.11 -10.52 4.81
C SER A 48 -5.24 -11.28 6.13
N GLY A 49 -4.10 -11.50 6.76
CA GLY A 49 -4.07 -12.21 8.04
C GLY A 49 -2.97 -13.26 8.04
N GLN A 50 -2.62 -13.72 6.85
CA GLN A 50 -1.58 -14.73 6.71
C GLN A 50 -0.42 -14.44 7.66
N LEU A 51 0.02 -13.19 7.63
CA LEU A 51 1.13 -12.77 8.48
C LEU A 51 0.61 -12.55 9.90
N ASN A 52 -0.49 -11.82 10.00
CA ASN A 52 -1.11 -11.53 11.28
C ASN A 52 -2.47 -12.19 11.35
N PRO A 53 -2.48 -13.45 11.86
CA PRO A 53 -3.72 -14.20 11.98
C PRO A 53 -4.56 -13.69 13.16
N GLN A 54 -4.11 -12.58 13.72
CA GLN A 54 -4.80 -11.97 14.84
C GLN A 54 -5.45 -10.65 14.42
N VAL A 55 -5.35 -10.36 13.13
CA VAL A 55 -5.91 -9.13 12.60
C VAL A 55 -6.22 -9.33 11.11
N ASN A 56 -7.12 -8.50 10.61
CA ASN A 56 -7.52 -8.58 9.21
C ASN A 56 -7.93 -7.18 8.74
N LEU A 57 -7.37 -6.79 7.60
CA LEU A 57 -7.68 -5.48 7.03
C LEU A 57 -8.51 -5.68 5.75
N VAL A 58 -8.03 -6.57 4.91
CA VAL A 58 -8.72 -6.87 3.66
C VAL A 58 -10.19 -6.44 3.79
N ASP A 59 -10.96 -7.29 4.43
CA ASP A 59 -12.38 -7.03 4.62
C ASP A 59 -12.59 -5.52 4.79
N THR A 60 -11.87 -4.95 5.75
CA THR A 60 -11.97 -3.53 6.02
C THR A 60 -11.62 -2.73 4.77
N LEU A 61 -10.47 -3.05 4.19
CA LEU A 61 -10.02 -2.37 2.99
C LEU A 61 -11.11 -2.45 1.92
N ASN A 62 -11.83 -3.56 1.93
CA ASN A 62 -12.90 -3.78 0.98
C ASN A 62 -14.20 -3.15 1.52
N SER A 63 -14.09 -1.89 1.89
CA SER A 63 -15.24 -1.17 2.43
C SER A 63 -15.62 -0.02 1.49
N GLY A 64 -15.08 1.15 1.79
CA GLY A 64 -15.35 2.33 1.00
C GLY A 64 -14.12 2.72 0.17
N GLN A 65 -14.28 3.80 -0.60
CA GLN A 65 -13.21 4.29 -1.44
C GLN A 65 -11.97 4.61 -0.59
N TYR A 66 -10.97 3.75 -0.70
CA TYR A 66 -9.74 3.95 0.05
C TYR A 66 -8.57 4.28 -0.88
N THR A 67 -7.38 4.28 -0.32
CA THR A 67 -6.18 4.58 -1.09
C THR A 67 -4.97 3.87 -0.49
N VAL A 68 -4.78 2.63 -0.92
CA VAL A 68 -3.66 1.83 -0.44
C VAL A 68 -2.37 2.63 -0.60
N PHE A 69 -1.54 2.57 0.44
CA PHE A 69 -0.27 3.27 0.43
C PHE A 69 0.90 2.32 0.71
N ALA A 70 1.10 1.41 -0.23
CA ALA A 70 1.44 0.04 0.12
C ALA A 70 2.96 -0.12 0.10
N PRO A 71 3.50 -0.63 1.25
CA PRO A 71 4.93 -0.83 1.38
C PRO A 71 5.38 -2.07 0.59
N THR A 72 6.19 -1.83 -0.42
CA THR A 72 6.70 -2.91 -1.25
C THR A 72 7.34 -3.98 -0.39
N ASN A 73 7.98 -4.94 -1.06
CA ASN A 73 8.64 -6.04 -0.37
C ASN A 73 10.04 -5.59 0.08
N ALA A 74 10.34 -4.34 -0.23
CA ALA A 74 11.64 -3.78 0.13
C ALA A 74 11.46 -2.80 1.30
N ALA A 75 10.20 -2.45 1.54
CA ALA A 75 9.88 -1.53 2.62
C ALA A 75 9.92 -2.27 3.95
N PHE A 76 9.35 -3.47 3.94
CA PHE A 76 9.31 -4.29 5.14
C PHE A 76 10.67 -4.94 5.41
N SER A 77 11.26 -5.47 4.35
CA SER A 77 12.56 -6.12 4.45
C SER A 77 13.53 -5.21 5.20
N LYS A 78 13.24 -3.92 5.17
CA LYS A 78 14.08 -2.94 5.83
C LYS A 78 14.02 -3.16 7.34
N LEU A 79 12.88 -3.68 7.78
CA LEU A 79 12.68 -3.96 9.20
C LEU A 79 13.32 -5.29 9.55
N PRO A 80 13.69 -5.44 10.85
CA PRO A 80 14.30 -6.67 11.32
C PRO A 80 13.26 -7.78 11.48
N ALA A 81 13.67 -8.99 11.10
CA ALA A 81 12.79 -10.14 11.19
C ALA A 81 12.00 -10.08 12.50
N SER A 82 12.72 -9.84 13.57
CA SER A 82 12.10 -9.76 14.89
C SER A 82 10.81 -8.94 14.80
N THR A 83 10.95 -7.71 14.35
CA THR A 83 9.80 -6.83 14.21
C THR A 83 8.66 -7.53 13.46
N ILE A 84 9.04 -8.16 12.35
CA ILE A 84 8.07 -8.87 11.54
C ILE A 84 7.49 -10.03 12.34
N ASP A 85 8.38 -10.79 12.97
CA ASP A 85 7.97 -11.92 13.77
C ASP A 85 6.98 -11.45 14.85
N GLU A 86 7.00 -10.16 15.09
CA GLU A 86 6.11 -9.57 16.10
C GLU A 86 4.75 -9.27 15.48
N LEU A 87 4.79 -8.54 14.36
CA LEU A 87 3.56 -8.18 13.67
C LEU A 87 2.76 -9.44 13.36
N LYS A 88 3.45 -10.57 13.40
CA LYS A 88 2.82 -11.84 13.12
C LYS A 88 2.10 -12.33 14.39
N THR A 89 2.11 -11.48 15.40
CA THR A 89 1.46 -11.81 16.65
C THR A 89 0.87 -10.55 17.30
N ASN A 90 0.79 -9.50 16.50
CA ASN A 90 0.25 -8.24 16.96
C ASN A 90 -1.00 -7.89 16.17
N SER A 91 -1.84 -7.08 16.78
CA SER A 91 -3.09 -6.66 16.14
C SER A 91 -3.48 -5.26 16.61
N SER A 92 -2.50 -4.56 17.16
CA SER A 92 -2.73 -3.22 17.66
C SER A 92 -1.64 -2.28 17.13
N LEU A 93 -0.40 -2.76 17.20
CA LEU A 93 0.73 -1.98 16.74
C LEU A 93 0.88 -2.13 15.23
N LEU A 94 0.58 -3.34 14.76
CA LEU A 94 0.69 -3.63 13.34
C LEU A 94 -0.48 -2.98 12.61
N THR A 95 -1.68 -3.21 13.15
CA THR A 95 -2.88 -2.65 12.55
C THR A 95 -2.69 -1.17 12.24
N SER A 96 -2.09 -0.47 13.20
CA SER A 96 -1.84 0.95 13.05
C SER A 96 -1.13 1.22 11.72
N ILE A 97 -0.12 0.41 11.46
CA ILE A 97 0.64 0.55 10.22
C ILE A 97 -0.27 0.30 9.02
N LEU A 98 -0.93 -0.85 9.04
CA LEU A 98 -1.83 -1.22 7.97
C LEU A 98 -2.72 -0.02 7.64
N THR A 99 -3.63 0.29 8.55
CA THR A 99 -4.55 1.41 8.36
C THR A 99 -3.80 2.61 7.81
N TYR A 100 -2.68 2.93 8.45
CA TYR A 100 -1.87 4.07 8.03
C TYR A 100 -1.40 3.89 6.59
N HIS A 101 -1.51 2.66 6.11
CA HIS A 101 -1.10 2.36 4.75
C HIS A 101 -2.33 2.31 3.83
N VAL A 102 -3.39 2.96 4.30
CA VAL A 102 -4.64 3.01 3.54
C VAL A 102 -5.45 4.22 3.99
N VAL A 103 -5.67 5.12 3.04
CA VAL A 103 -6.44 6.33 3.32
C VAL A 103 -7.90 6.11 2.91
N ALA A 104 -8.77 6.92 3.49
CA ALA A 104 -10.19 6.83 3.19
C ALA A 104 -10.60 7.98 2.28
N GLY A 105 -10.64 7.67 0.99
CA GLY A 105 -11.01 8.68 0.00
C GLY A 105 -10.10 8.59 -1.23
N GLN A 106 -10.49 7.75 -2.17
CA GLN A 106 -9.72 7.58 -3.39
C GLN A 106 -9.30 8.93 -3.96
N THR A 107 -8.01 9.05 -4.23
CA THR A 107 -7.48 10.28 -4.78
C THR A 107 -6.31 9.99 -5.72
N SER A 108 -6.41 10.52 -6.93
CA SER A 108 -5.37 10.31 -7.92
C SER A 108 -4.05 10.91 -7.42
N PRO A 109 -2.96 10.57 -8.17
CA PRO A 109 -1.64 11.06 -7.82
C PRO A 109 -1.48 12.52 -8.20
N ALA A 110 -2.46 13.32 -7.79
CA ALA A 110 -2.44 14.74 -8.09
C ALA A 110 -2.80 15.53 -6.83
N ASN A 111 -3.85 15.07 -6.16
CA ASN A 111 -4.31 15.71 -4.94
C ASN A 111 -3.76 14.95 -3.73
N VAL A 112 -3.67 13.64 -3.89
CA VAL A 112 -3.16 12.79 -2.82
C VAL A 112 -1.96 13.48 -2.17
N VAL A 113 -1.26 14.27 -2.96
CA VAL A 113 -0.09 14.98 -2.47
C VAL A 113 -0.51 15.95 -1.37
N GLY A 114 0.31 16.03 -0.34
CA GLY A 114 0.03 16.92 0.78
C GLY A 114 -0.40 16.13 2.01
N THR A 115 -0.50 16.84 3.13
CA THR A 115 -0.91 16.23 4.38
C THR A 115 -2.33 15.66 4.26
N ARG A 116 -2.40 14.36 4.02
CA ARG A 116 -3.68 13.70 3.89
C ARG A 116 -4.07 13.01 5.21
N GLN A 117 -5.22 12.38 5.19
CA GLN A 117 -5.71 11.68 6.36
C GLN A 117 -5.87 10.18 6.07
N THR A 118 -5.14 9.39 6.83
CA THR A 118 -5.19 7.94 6.66
C THR A 118 -6.23 7.33 7.60
N LEU A 119 -6.56 6.08 7.34
CA LEU A 119 -7.53 5.37 8.15
C LEU A 119 -7.15 5.49 9.62
N GLN A 120 -5.96 5.02 9.93
CA GLN A 120 -5.46 5.07 11.30
C GLN A 120 -5.88 6.39 11.96
N GLY A 121 -6.03 7.41 11.14
CA GLY A 121 -6.43 8.72 11.63
C GLY A 121 -5.26 9.70 11.58
N ALA A 122 -4.07 9.14 11.47
CA ALA A 122 -2.86 9.95 11.43
C ALA A 122 -2.73 10.57 10.03
N SER A 123 -2.14 11.76 10.00
CA SER A 123 -1.96 12.46 8.74
C SER A 123 -0.71 11.93 8.03
N VAL A 124 -0.84 11.81 6.71
CA VAL A 124 0.26 11.31 5.90
C VAL A 124 0.72 12.42 4.94
N THR A 125 1.82 13.05 5.31
CA THR A 125 2.37 14.13 4.49
C THR A 125 2.85 13.58 3.15
N VAL A 126 1.92 13.49 2.22
CA VAL A 126 2.24 13.00 0.89
C VAL A 126 2.97 14.08 0.10
N THR A 127 3.73 13.63 -0.89
CA THR A 127 4.49 14.55 -1.72
C THR A 127 4.71 13.95 -3.10
N GLY A 128 5.20 14.79 -4.01
CA GLY A 128 5.46 14.35 -5.37
C GLY A 128 5.26 15.50 -6.36
N GLN A 129 6.00 15.43 -7.46
CA GLN A 129 5.92 16.45 -8.49
C GLN A 129 6.92 16.15 -9.61
N GLY A 130 6.40 15.56 -10.67
CA GLY A 130 7.23 15.22 -11.82
C GLY A 130 8.24 14.13 -11.46
N ASN A 131 7.79 12.88 -11.60
CA ASN A 131 8.64 11.74 -11.29
C ASN A 131 9.42 12.03 -10.00
N SER A 132 8.76 11.73 -8.88
CA SER A 132 9.38 11.94 -7.58
C SER A 132 8.31 11.95 -6.49
N LEU A 133 7.39 11.00 -6.59
CA LEU A 133 6.32 10.88 -5.63
C LEU A 133 6.86 10.32 -4.32
N LYS A 134 6.54 11.00 -3.24
CA LYS A 134 7.00 10.58 -1.92
C LYS A 134 5.79 10.48 -0.98
N VAL A 135 5.95 9.65 0.04
CA VAL A 135 4.88 9.44 1.01
C VAL A 135 5.51 9.10 2.37
N GLY A 136 5.16 9.90 3.36
CA GLY A 136 5.66 9.69 4.71
C GLY A 136 7.13 9.23 4.67
N ASN A 137 7.91 9.94 3.88
CA ASN A 137 9.32 9.63 3.75
C ASN A 137 9.51 8.58 2.65
N ALA A 138 8.63 7.58 2.66
CA ALA A 138 8.69 6.52 1.68
C ALA A 138 8.77 7.12 0.29
N ASP A 139 9.03 6.26 -0.69
CA ASP A 139 9.14 6.70 -2.07
C ASP A 139 8.11 5.95 -2.91
N VAL A 140 7.15 6.69 -3.43
CA VAL A 140 6.10 6.11 -4.26
C VAL A 140 6.75 5.38 -5.43
N VAL A 141 6.79 4.06 -5.32
CA VAL A 141 7.37 3.22 -6.36
C VAL A 141 6.45 3.24 -7.59
N CYS A 142 5.18 3.01 -7.34
CA CYS A 142 4.20 3.00 -8.41
C CYS A 142 2.82 3.32 -7.80
N GLY A 143 2.38 4.54 -8.06
CA GLY A 143 1.09 5.00 -7.56
C GLY A 143 0.08 5.15 -8.70
N GLY A 144 -1.18 5.30 -8.31
CA GLY A 144 -2.24 5.46 -9.28
C GLY A 144 -2.70 4.11 -9.82
N VAL A 145 -2.35 3.06 -9.09
CA VAL A 145 -2.71 1.71 -9.48
C VAL A 145 -4.11 1.39 -8.97
N SER A 146 -5.04 2.29 -9.27
CA SER A 146 -6.42 2.12 -8.84
C SER A 146 -6.87 0.67 -9.06
N THR A 147 -7.41 0.08 -8.01
CA THR A 147 -7.88 -1.29 -8.08
C THR A 147 -9.39 -1.33 -8.33
N ALA A 148 -10.12 -1.63 -7.26
CA ALA A 148 -11.57 -1.70 -7.36
C ALA A 148 -12.17 -0.42 -6.78
N ASN A 149 -12.16 -0.34 -5.46
CA ASN A 149 -12.70 0.82 -4.77
C ASN A 149 -11.63 1.40 -3.84
N ALA A 150 -10.43 1.54 -4.38
CA ALA A 150 -9.32 2.08 -3.61
C ALA A 150 -8.08 2.15 -4.50
N THR A 151 -7.30 3.20 -4.29
CA THR A 151 -6.08 3.40 -5.07
C THR A 151 -4.94 2.56 -4.49
N VAL A 152 -3.81 2.60 -5.18
CA VAL A 152 -2.65 1.86 -4.75
C VAL A 152 -1.38 2.68 -5.03
N TYR A 153 -0.60 2.87 -3.98
CA TYR A 153 0.63 3.63 -4.08
C TYR A 153 1.79 2.91 -3.40
N MET A 154 2.50 2.10 -4.19
CA MET A 154 3.63 1.35 -3.68
C MET A 154 4.71 2.29 -3.17
N ILE A 155 5.32 1.89 -2.06
CA ILE A 155 6.38 2.68 -1.46
C ILE A 155 7.47 1.75 -0.93
N ASP A 156 8.56 2.35 -0.50
CA ASP A 156 9.69 1.59 0.03
C ASP A 156 9.86 1.90 1.53
N SER A 157 8.75 1.82 2.24
CA SER A 157 8.76 2.09 3.67
C SER A 157 7.40 1.76 4.27
N VAL A 158 7.41 0.86 5.25
CA VAL A 158 6.19 0.46 5.91
C VAL A 158 5.68 1.61 6.77
N LEU A 159 5.20 2.65 6.09
CA LEU A 159 4.68 3.82 6.79
C LEU A 159 4.20 3.41 8.18
N MET A 160 4.42 4.32 9.13
CA MET A 160 4.02 4.06 10.50
C MET A 160 3.23 5.24 11.08
N PRO A 161 2.24 4.91 11.93
CA PRO A 161 1.40 5.93 12.55
C PRO A 161 2.16 6.66 13.66
N PRO A 162 2.44 7.96 13.40
CA PRO A 162 3.15 8.78 14.37
C PRO A 162 2.24 9.16 15.55
N ALA A 163 1.96 8.16 16.39
CA ALA A 163 1.12 8.38 17.54
C ALA A 163 1.28 7.21 18.52
N GLY A 1 -0.71 8.21 -21.06
CA GLY A 1 -0.06 8.56 -19.80
C GLY A 1 0.12 7.32 -18.92
N ASP A 2 1.38 6.98 -18.69
CA ASP A 2 1.71 5.83 -17.87
C ASP A 2 1.46 6.17 -16.39
N LEU A 3 1.50 5.15 -15.56
CA LEU A 3 1.29 5.32 -14.14
C LEU A 3 2.33 6.31 -13.60
N VAL A 4 2.29 6.48 -12.28
CA VAL A 4 3.21 7.39 -11.62
C VAL A 4 4.09 6.60 -10.65
N GLY A 5 5.39 6.87 -10.72
CA GLY A 5 6.36 6.12 -9.94
C GLY A 5 7.43 5.51 -10.84
N PRO A 6 8.64 5.32 -10.24
CA PRO A 6 9.75 4.75 -10.98
C PRO A 6 9.57 3.24 -11.14
N GLY A 7 9.34 2.58 -10.01
CA GLY A 7 9.15 1.13 -10.02
C GLY A 7 8.08 0.73 -11.04
N CYS A 8 6.97 1.44 -10.99
CA CYS A 8 5.86 1.16 -11.90
C CYS A 8 6.44 0.90 -13.29
N ALA A 9 7.27 1.83 -13.74
CA ALA A 9 7.90 1.71 -15.04
C ALA A 9 8.44 0.28 -15.21
N GLU A 10 9.51 0.00 -14.48
CA GLU A 10 10.14 -1.30 -14.54
C GLU A 10 9.10 -2.40 -14.28
N TYR A 11 8.42 -2.26 -13.15
CA TYR A 11 7.41 -3.23 -12.77
C TYR A 11 6.62 -3.72 -13.99
N ALA A 12 5.89 -2.79 -14.59
CA ALA A 12 5.09 -3.12 -15.75
C ALA A 12 5.88 -4.05 -16.67
N ALA A 13 7.00 -3.54 -17.16
CA ALA A 13 7.86 -4.31 -18.05
C ALA A 13 7.96 -5.75 -17.52
N ALA A 14 8.11 -5.85 -16.20
CA ALA A 14 8.21 -7.16 -15.57
C ALA A 14 6.85 -7.83 -15.58
N ASN A 15 5.85 -7.09 -15.12
CA ASN A 15 4.49 -7.60 -15.06
C ASN A 15 3.58 -6.71 -15.91
N PRO A 16 3.46 -7.08 -17.21
CA PRO A 16 2.63 -6.34 -18.13
C PRO A 16 1.15 -6.61 -17.88
N THR A 17 0.85 -7.87 -17.60
CA THR A 17 -0.52 -8.29 -17.34
C THR A 17 -0.55 -9.41 -16.31
N GLY A 18 -1.76 -9.91 -16.06
CA GLY A 18 -1.93 -10.99 -15.10
C GLY A 18 -2.71 -10.51 -13.87
N PRO A 19 -2.48 -11.21 -12.73
CA PRO A 19 -3.16 -10.87 -11.49
C PRO A 19 -2.56 -9.60 -10.88
N ALA A 20 -1.26 -9.44 -11.08
CA ALA A 20 -0.55 -8.28 -10.55
C ALA A 20 -0.87 -7.06 -11.42
N SER A 21 0.17 -6.53 -12.04
CA SER A 21 0.02 -5.37 -12.90
C SER A 21 -0.93 -4.36 -12.25
N VAL A 22 -1.38 -3.40 -13.06
CA VAL A 22 -2.28 -2.37 -12.57
C VAL A 22 -3.72 -2.81 -12.82
N GLN A 23 -3.90 -3.61 -13.86
CA GLN A 23 -5.21 -4.10 -14.22
C GLN A 23 -5.48 -5.44 -13.52
N GLY A 24 -4.41 -6.17 -13.25
CA GLY A 24 -4.51 -7.45 -12.60
C GLY A 24 -5.13 -7.30 -11.20
N MET A 25 -5.15 -6.07 -10.73
CA MET A 25 -5.70 -5.78 -9.41
C MET A 25 -7.01 -5.00 -9.53
N SER A 26 -7.21 -4.43 -10.70
CA SER A 26 -8.42 -3.65 -10.97
C SER A 26 -9.61 -4.59 -11.13
N GLN A 27 -9.30 -5.86 -11.35
CA GLN A 27 -10.34 -6.86 -11.53
C GLN A 27 -10.69 -7.52 -10.19
N ASP A 28 -10.13 -6.95 -9.13
CA ASP A 28 -10.37 -7.48 -7.80
C ASP A 28 -10.51 -6.30 -6.81
N PRO A 29 -10.95 -6.64 -5.57
CA PRO A 29 -11.12 -5.63 -4.55
C PRO A 29 -9.78 -5.17 -3.98
N VAL A 30 -9.70 -3.89 -3.68
CA VAL A 30 -8.48 -3.32 -3.13
C VAL A 30 -7.70 -4.40 -2.37
N ALA A 31 -8.46 -5.21 -1.63
CA ALA A 31 -7.87 -6.27 -0.85
C ALA A 31 -7.03 -7.17 -1.77
N VAL A 32 -7.69 -8.18 -2.32
CA VAL A 32 -7.03 -9.12 -3.21
C VAL A 32 -6.12 -8.34 -4.17
N ALA A 33 -6.61 -7.17 -4.58
CA ALA A 33 -5.86 -6.32 -5.49
C ALA A 33 -4.41 -6.26 -5.03
N ALA A 34 -4.23 -6.37 -3.72
CA ALA A 34 -2.90 -6.31 -3.14
C ALA A 34 -2.34 -7.73 -3.02
N SER A 35 -3.25 -8.68 -2.85
CA SER A 35 -2.87 -10.07 -2.73
C SER A 35 -2.29 -10.58 -4.05
N ASN A 36 -2.42 -9.75 -5.07
CA ASN A 36 -1.92 -10.09 -6.39
C ASN A 36 -0.47 -9.62 -6.52
N ASN A 37 -0.28 -8.33 -6.29
CA ASN A 37 0.98 -7.68 -6.63
C ASN A 37 2.13 -8.45 -6.01
N PRO A 38 3.23 -8.58 -6.81
CA PRO A 38 4.41 -9.30 -6.34
C PRO A 38 5.20 -8.45 -5.34
N GLU A 39 4.67 -7.27 -5.06
CA GLU A 39 5.31 -6.36 -4.12
C GLU A 39 4.33 -5.96 -3.02
N LEU A 40 3.14 -6.53 -3.10
CA LEU A 40 2.10 -6.24 -2.12
C LEU A 40 1.74 -7.53 -1.38
N THR A 41 1.80 -8.63 -2.11
CA THR A 41 1.49 -9.93 -1.54
C THR A 41 1.92 -9.99 -0.07
N THR A 42 3.12 -9.48 0.18
CA THR A 42 3.66 -9.47 1.53
C THR A 42 2.76 -8.66 2.46
N LEU A 43 2.51 -7.42 2.05
CA LEU A 43 1.66 -6.54 2.83
C LEU A 43 0.28 -7.17 3.01
N THR A 44 -0.20 -7.79 1.94
CA THR A 44 -1.49 -8.44 1.96
C THR A 44 -1.60 -9.38 3.16
N ALA A 45 -0.65 -10.31 3.22
CA ALA A 45 -0.62 -11.27 4.31
C ALA A 45 -0.95 -10.58 5.62
N ALA A 46 -0.53 -9.32 5.72
CA ALA A 46 -0.76 -8.53 6.91
C ALA A 46 -2.26 -8.19 6.98
N LEU A 47 -2.66 -7.27 6.11
CA LEU A 47 -4.05 -6.85 6.07
C LEU A 47 -4.96 -8.07 6.17
N SER A 48 -4.80 -8.97 5.22
CA SER A 48 -5.59 -10.19 5.18
C SER A 48 -5.62 -10.83 6.57
N GLY A 49 -4.46 -11.34 6.98
CA GLY A 49 -4.35 -11.99 8.27
C GLY A 49 -3.21 -13.02 8.27
N GLN A 50 -2.86 -13.47 7.07
CA GLN A 50 -1.81 -14.45 6.92
C GLN A 50 -0.66 -14.16 7.90
N LEU A 51 -0.52 -12.88 8.23
CA LEU A 51 0.52 -12.46 9.15
C LEU A 51 0.01 -12.62 10.59
N ASN A 52 -1.12 -12.00 10.85
CA ASN A 52 -1.71 -12.06 12.18
C ASN A 52 -3.16 -12.56 12.06
N PRO A 53 -3.48 -13.60 12.87
CA PRO A 53 -4.82 -14.17 12.88
C PRO A 53 -5.81 -13.25 13.59
N GLN A 54 -5.31 -12.09 13.99
CA GLN A 54 -6.14 -11.12 14.69
C GLN A 54 -6.19 -9.81 13.90
N VAL A 55 -5.51 -9.81 12.77
CA VAL A 55 -5.48 -8.63 11.91
C VAL A 55 -6.11 -8.96 10.56
N ASN A 56 -7.23 -8.32 10.30
CA ASN A 56 -7.94 -8.54 9.05
C ASN A 56 -8.44 -7.21 8.51
N LEU A 57 -7.68 -6.66 7.58
CA LEU A 57 -8.03 -5.39 6.98
C LEU A 57 -8.94 -5.63 5.76
N VAL A 58 -8.73 -6.76 5.12
CA VAL A 58 -9.52 -7.12 3.96
C VAL A 58 -10.96 -6.66 4.17
N ASP A 59 -11.61 -7.26 5.16
CA ASP A 59 -12.99 -6.92 5.47
C ASP A 59 -13.17 -5.40 5.34
N THR A 60 -12.17 -4.68 5.81
CA THR A 60 -12.21 -3.22 5.76
C THR A 60 -11.87 -2.74 4.35
N LEU A 61 -10.61 -2.91 3.98
CA LEU A 61 -10.15 -2.50 2.67
C LEU A 61 -11.29 -2.65 1.66
N ASN A 62 -11.93 -3.81 1.71
CA ASN A 62 -13.04 -4.10 0.81
C ASN A 62 -14.32 -3.46 1.36
N SER A 63 -14.21 -2.18 1.68
CA SER A 63 -15.34 -1.44 2.21
C SER A 63 -15.78 -0.36 1.22
N GLY A 64 -15.21 0.82 1.40
CA GLY A 64 -15.51 1.94 0.53
C GLY A 64 -14.27 2.43 -0.22
N GLN A 65 -14.45 3.51 -0.96
CA GLN A 65 -13.36 4.08 -1.73
C GLN A 65 -12.14 4.30 -0.83
N TYR A 66 -11.14 3.46 -1.02
CA TYR A 66 -9.93 3.56 -0.22
C TYR A 66 -8.73 3.96 -1.11
N THR A 67 -7.56 3.96 -0.49
CA THR A 67 -6.34 4.32 -1.20
C THR A 67 -5.13 3.64 -0.56
N VAL A 68 -4.86 2.43 -1.03
CA VAL A 68 -3.74 1.66 -0.51
C VAL A 68 -2.47 2.51 -0.59
N PHE A 69 -1.64 2.37 0.44
CA PHE A 69 -0.41 3.12 0.51
C PHE A 69 0.77 2.20 0.84
N ALA A 70 1.07 1.32 -0.11
CA ALA A 70 1.38 -0.06 0.22
C ALA A 70 2.90 -0.24 0.23
N PRO A 71 3.40 -0.85 1.35
CA PRO A 71 4.82 -1.09 1.49
C PRO A 71 5.29 -2.26 0.60
N THR A 72 6.31 -1.98 -0.19
CA THR A 72 6.85 -2.99 -1.09
C THR A 72 7.67 -4.02 -0.30
N ASN A 73 8.08 -5.06 -1.01
CA ASN A 73 8.87 -6.12 -0.40
C ASN A 73 10.18 -5.53 0.14
N ALA A 74 10.64 -4.48 -0.53
CA ALA A 74 11.87 -3.82 -0.14
C ALA A 74 11.58 -2.83 0.98
N ALA A 75 10.31 -2.75 1.33
CA ALA A 75 9.88 -1.83 2.38
C ALA A 75 9.80 -2.59 3.71
N PHE A 76 9.21 -3.78 3.64
CA PHE A 76 9.07 -4.62 4.82
C PHE A 76 10.42 -5.17 5.26
N SER A 77 11.29 -5.38 4.29
CA SER A 77 12.61 -5.92 4.57
C SER A 77 13.43 -4.91 5.37
N LYS A 78 13.16 -3.64 5.11
CA LYS A 78 13.85 -2.56 5.80
C LYS A 78 13.86 -2.85 7.31
N LEU A 79 12.67 -2.95 7.86
CA LEU A 79 12.52 -3.22 9.28
C LEU A 79 13.26 -4.52 9.62
N PRO A 80 13.76 -4.58 10.89
CA PRO A 80 14.48 -5.76 11.35
C PRO A 80 13.53 -6.91 11.64
N ALA A 81 14.02 -8.12 11.43
CA ALA A 81 13.23 -9.31 11.66
C ALA A 81 12.42 -9.14 12.96
N SER A 82 13.14 -8.76 14.01
CA SER A 82 12.51 -8.57 15.30
C SER A 82 11.18 -7.84 15.13
N THR A 83 11.23 -6.74 14.39
CA THR A 83 10.04 -5.94 14.14
C THR A 83 8.99 -6.76 13.41
N ILE A 84 9.44 -7.44 12.37
CA ILE A 84 8.55 -8.27 11.57
C ILE A 84 7.97 -9.38 12.45
N ASP A 85 8.87 -10.19 13.00
CA ASP A 85 8.47 -11.29 13.86
C ASP A 85 7.49 -10.77 14.91
N GLU A 86 7.57 -9.47 15.18
CA GLU A 86 6.70 -8.85 16.15
C GLU A 86 5.32 -8.59 15.53
N LEU A 87 5.33 -8.00 14.35
CA LEU A 87 4.11 -7.69 13.64
C LEU A 87 3.23 -8.94 13.60
N LYS A 88 3.88 -10.09 13.72
CA LYS A 88 3.17 -11.35 13.69
C LYS A 88 2.79 -11.75 15.12
N THR A 89 2.61 -10.75 15.96
CA THR A 89 2.24 -10.98 17.35
C THR A 89 1.98 -9.65 18.05
N ASN A 90 1.42 -8.71 17.31
CA ASN A 90 1.11 -7.40 17.85
C ASN A 90 -0.39 -7.16 17.76
N SER A 91 -0.86 -6.91 16.55
CA SER A 91 -2.28 -6.66 16.32
C SER A 91 -2.67 -5.31 16.92
N SER A 92 -1.66 -4.53 17.28
CA SER A 92 -1.89 -3.22 17.85
C SER A 92 -0.92 -2.20 17.25
N LEU A 93 0.33 -2.62 17.14
CA LEU A 93 1.36 -1.75 16.58
C LEU A 93 1.51 -2.05 15.09
N LEU A 94 1.05 -3.22 14.70
CA LEU A 94 1.11 -3.64 13.31
C LEU A 94 -0.11 -3.11 12.56
N THR A 95 -1.26 -3.28 13.19
CA THR A 95 -2.51 -2.83 12.59
C THR A 95 -2.40 -1.36 12.18
N SER A 96 -1.85 -0.56 13.09
CA SER A 96 -1.68 0.86 12.85
C SER A 96 -0.96 1.08 11.51
N ILE A 97 0.01 0.22 11.26
CA ILE A 97 0.79 0.31 10.03
C ILE A 97 -0.12 0.02 8.85
N LEU A 98 -0.69 -1.18 8.86
CA LEU A 98 -1.58 -1.59 7.77
C LEU A 98 -2.60 -0.47 7.51
N THR A 99 -3.34 -0.13 8.55
CA THR A 99 -4.35 0.91 8.45
C THR A 99 -3.75 2.16 7.79
N TYR A 100 -2.60 2.56 8.29
CA TYR A 100 -1.93 3.74 7.76
C TYR A 100 -1.59 3.54 6.28
N HIS A 101 -1.47 2.29 5.89
CA HIS A 101 -1.15 1.96 4.52
C HIS A 101 -2.42 1.99 3.67
N VAL A 102 -3.42 2.70 4.18
CA VAL A 102 -4.69 2.81 3.48
C VAL A 102 -5.37 4.12 3.88
N VAL A 103 -5.99 4.76 2.90
CA VAL A 103 -6.69 6.01 3.14
C VAL A 103 -8.10 5.92 2.58
N ALA A 104 -9.06 6.27 3.42
CA ALA A 104 -10.46 6.23 3.03
C ALA A 104 -10.76 7.42 2.12
N GLY A 105 -10.74 7.16 0.82
CA GLY A 105 -11.01 8.21 -0.16
C GLY A 105 -10.08 8.08 -1.36
N GLN A 106 -10.64 7.64 -2.47
CA GLN A 106 -9.87 7.47 -3.70
C GLN A 106 -9.47 8.84 -4.26
N THR A 107 -8.19 8.96 -4.59
CA THR A 107 -7.68 10.20 -5.14
C THR A 107 -6.44 9.92 -6.00
N SER A 108 -6.48 10.43 -7.22
CA SER A 108 -5.37 10.26 -8.15
C SER A 108 -4.10 10.83 -7.56
N PRO A 109 -2.95 10.51 -8.22
CA PRO A 109 -1.66 11.00 -7.77
C PRO A 109 -1.47 12.48 -8.10
N ALA A 110 -2.48 13.26 -7.73
CA ALA A 110 -2.44 14.69 -8.00
C ALA A 110 -2.81 15.44 -6.72
N ASN A 111 -3.87 14.98 -6.07
CA ASN A 111 -4.33 15.59 -4.84
C ASN A 111 -3.82 14.78 -3.64
N VAL A 112 -3.62 13.49 -3.89
CA VAL A 112 -3.14 12.60 -2.85
C VAL A 112 -1.86 13.17 -2.24
N VAL A 113 -1.23 14.06 -2.99
CA VAL A 113 0.00 14.69 -2.55
C VAL A 113 -0.27 15.47 -1.25
N GLY A 114 0.75 15.52 -0.41
CA GLY A 114 0.64 16.22 0.86
C GLY A 114 0.07 15.30 1.95
N THR A 115 -0.11 15.88 3.13
CA THR A 115 -0.62 15.12 4.26
C THR A 115 -1.97 14.48 3.90
N ARG A 116 -2.05 13.19 4.13
CA ARG A 116 -3.28 12.45 3.83
C ARG A 116 -3.71 11.63 5.06
N GLN A 117 -5.00 11.69 5.33
CA GLN A 117 -5.55 10.96 6.46
C GLN A 117 -5.79 9.49 6.08
N THR A 118 -5.25 8.62 6.91
CA THR A 118 -5.39 7.18 6.68
C THR A 118 -6.45 6.60 7.61
N LEU A 119 -6.90 5.41 7.26
CA LEU A 119 -7.91 4.72 8.04
C LEU A 119 -7.39 4.51 9.47
N GLN A 120 -6.07 4.55 9.59
CA GLN A 120 -5.43 4.36 10.88
C GLN A 120 -5.71 5.56 11.78
N GLY A 121 -5.73 6.74 11.17
CA GLY A 121 -5.97 7.97 11.90
C GLY A 121 -4.82 8.95 11.71
N ALA A 122 -3.64 8.41 11.46
CA ALA A 122 -2.46 9.22 11.27
C ALA A 122 -2.50 9.86 9.87
N SER A 123 -1.56 10.75 9.63
CA SER A 123 -1.48 11.43 8.34
C SER A 123 -0.27 10.93 7.56
N VAL A 124 -0.40 10.96 6.24
CA VAL A 124 0.67 10.52 5.38
C VAL A 124 1.23 11.72 4.61
N THR A 125 2.46 12.09 4.95
CA THR A 125 3.11 13.22 4.30
C THR A 125 3.45 12.88 2.85
N VAL A 126 2.40 12.83 2.03
CA VAL A 126 2.58 12.54 0.62
C VAL A 126 3.34 13.67 -0.06
N THR A 127 3.92 13.34 -1.21
CA THR A 127 4.67 14.32 -1.97
C THR A 127 4.83 13.88 -3.42
N GLY A 128 5.34 14.79 -4.23
CA GLY A 128 5.54 14.50 -5.65
C GLY A 128 6.25 15.66 -6.34
N GLN A 129 7.06 15.30 -7.34
CA GLN A 129 7.80 16.30 -8.10
C GLN A 129 8.22 15.74 -9.45
N GLY A 130 7.29 15.81 -10.40
CA GLY A 130 7.55 15.31 -11.74
C GLY A 130 7.59 13.79 -11.75
N ASN A 131 8.50 13.24 -10.95
CA ASN A 131 8.65 11.80 -10.86
C ASN A 131 9.36 11.44 -9.55
N SER A 132 8.92 12.08 -8.48
CA SER A 132 9.49 11.84 -7.17
C SER A 132 8.40 11.79 -6.11
N LEU A 133 7.48 10.86 -6.30
CA LEU A 133 6.38 10.70 -5.37
C LEU A 133 6.90 10.14 -4.05
N LYS A 134 6.43 10.74 -2.96
CA LYS A 134 6.85 10.31 -1.64
C LYS A 134 5.62 10.18 -0.73
N VAL A 135 5.78 9.42 0.34
CA VAL A 135 4.70 9.21 1.29
C VAL A 135 5.28 8.81 2.64
N GLY A 136 4.76 9.45 3.68
CA GLY A 136 5.22 9.17 5.03
C GLY A 136 6.71 8.88 5.05
N ASN A 137 7.45 9.69 4.31
CA ASN A 137 8.90 9.52 4.24
C ASN A 137 9.24 8.54 3.12
N ALA A 138 8.53 7.42 3.12
CA ALA A 138 8.75 6.39 2.12
C ALA A 138 8.82 7.04 0.74
N ASP A 139 9.18 6.22 -0.24
CA ASP A 139 9.29 6.70 -1.61
C ASP A 139 8.27 5.96 -2.49
N VAL A 140 7.41 6.74 -3.12
CA VAL A 140 6.39 6.18 -3.99
C VAL A 140 7.06 5.39 -5.12
N VAL A 141 6.69 4.12 -5.21
CA VAL A 141 7.25 3.25 -6.23
C VAL A 141 6.32 3.23 -7.45
N CYS A 142 5.05 2.93 -7.18
CA CYS A 142 4.06 2.89 -8.23
C CYS A 142 2.71 3.27 -7.64
N GLY A 143 2.31 4.50 -7.92
CA GLY A 143 1.03 5.01 -7.41
C GLY A 143 0.05 5.26 -8.56
N GLY A 144 -1.22 5.32 -8.19
CA GLY A 144 -2.27 5.55 -9.18
C GLY A 144 -2.74 4.24 -9.80
N VAL A 145 -2.54 3.16 -9.05
CA VAL A 145 -2.94 1.84 -9.50
C VAL A 145 -4.32 1.51 -8.94
N SER A 146 -5.31 2.26 -9.41
CA SER A 146 -6.68 2.07 -8.97
C SER A 146 -7.08 0.60 -9.14
N THR A 147 -7.59 0.03 -8.07
CA THR A 147 -8.01 -1.37 -8.09
C THR A 147 -9.47 -1.47 -8.55
N ALA A 148 -10.33 -1.80 -7.60
CA ALA A 148 -11.75 -1.93 -7.89
C ALA A 148 -12.50 -0.77 -7.26
N ASN A 149 -12.10 -0.43 -6.03
CA ASN A 149 -12.74 0.66 -5.31
C ASN A 149 -11.72 1.27 -4.35
N ALA A 150 -10.50 1.43 -4.84
CA ALA A 150 -9.44 2.01 -4.03
C ALA A 150 -8.17 2.13 -4.87
N THR A 151 -7.36 3.11 -4.53
CA THR A 151 -6.11 3.33 -5.24
C THR A 151 -4.97 2.52 -4.61
N VAL A 152 -3.82 2.57 -5.27
CA VAL A 152 -2.66 1.83 -4.79
C VAL A 152 -1.41 2.70 -4.99
N TYR A 153 -0.66 2.84 -3.91
CA TYR A 153 0.56 3.64 -3.95
C TYR A 153 1.70 2.92 -3.22
N MET A 154 2.43 2.11 -3.98
CA MET A 154 3.55 1.37 -3.42
C MET A 154 4.63 2.32 -2.91
N ILE A 155 5.25 1.91 -1.80
CA ILE A 155 6.30 2.71 -1.20
C ILE A 155 7.49 1.81 -0.87
N ASP A 156 8.57 2.44 -0.43
CA ASP A 156 9.78 1.72 -0.07
C ASP A 156 9.96 1.78 1.45
N SER A 157 8.86 1.69 2.16
CA SER A 157 8.89 1.74 3.61
C SER A 157 7.53 1.33 4.18
N VAL A 158 7.56 0.81 5.39
CA VAL A 158 6.34 0.37 6.05
C VAL A 158 5.55 1.61 6.51
N LEU A 159 5.97 2.76 6.01
CA LEU A 159 5.32 4.01 6.35
C LEU A 159 5.23 4.13 7.87
N MET A 160 4.20 3.50 8.42
CA MET A 160 4.00 3.52 9.86
C MET A 160 3.28 4.80 10.29
N PRO A 161 2.36 4.65 11.26
CA PRO A 161 1.60 5.79 11.77
C PRO A 161 2.47 6.65 12.69
N PRO A 162 2.71 7.90 12.23
CA PRO A 162 3.52 8.84 12.99
C PRO A 162 2.74 9.39 14.19
N ALA A 163 2.51 8.52 15.16
CA ALA A 163 1.78 8.91 16.35
C ALA A 163 1.78 7.74 17.35
N GLY A 1 3.85 9.98 -20.04
CA GLY A 1 4.18 9.55 -18.68
C GLY A 1 3.15 8.54 -18.16
N ASP A 2 3.18 7.36 -18.75
CA ASP A 2 2.27 6.30 -18.37
C ASP A 2 2.36 6.07 -16.86
N LEU A 3 1.20 5.97 -16.22
CA LEU A 3 1.14 5.76 -14.79
C LEU A 3 2.11 6.72 -14.10
N VAL A 4 2.30 6.50 -12.80
CA VAL A 4 3.19 7.33 -12.02
C VAL A 4 4.06 6.46 -11.12
N GLY A 5 5.11 7.05 -10.59
CA GLY A 5 6.13 6.30 -9.89
C GLY A 5 7.13 5.68 -10.85
N PRO A 6 8.36 5.44 -10.34
CA PRO A 6 9.42 4.85 -11.15
C PRO A 6 9.17 3.36 -11.38
N GLY A 7 9.19 2.62 -10.26
CA GLY A 7 8.97 1.19 -10.33
C GLY A 7 7.77 0.85 -11.22
N CYS A 8 6.75 1.68 -11.12
CA CYS A 8 5.54 1.48 -11.89
C CYS A 8 5.95 1.09 -13.32
N ALA A 9 6.85 1.89 -13.88
CA ALA A 9 7.33 1.64 -15.22
C ALA A 9 7.79 0.18 -15.33
N GLU A 10 9.02 -0.06 -14.90
CA GLU A 10 9.58 -1.40 -14.95
C GLU A 10 8.53 -2.44 -14.54
N TYR A 11 7.95 -2.21 -13.36
CA TYR A 11 6.94 -3.10 -12.85
C TYR A 11 5.98 -3.56 -13.96
N ALA A 12 5.40 -2.58 -14.64
CA ALA A 12 4.47 -2.87 -15.72
C ALA A 12 5.04 -4.01 -16.58
N ALA A 13 6.32 -3.87 -16.93
CA ALA A 13 6.99 -4.86 -17.74
C ALA A 13 6.92 -6.22 -17.03
N ALA A 14 7.15 -6.18 -15.73
CA ALA A 14 7.12 -7.39 -14.93
C ALA A 14 5.69 -7.93 -14.87
N ASN A 15 4.76 -7.02 -14.61
CA ASN A 15 3.36 -7.38 -14.52
C ASN A 15 2.55 -6.53 -15.51
N PRO A 16 2.70 -6.87 -16.82
CA PRO A 16 1.99 -6.15 -17.86
C PRO A 16 0.51 -6.54 -17.90
N THR A 17 0.27 -7.83 -18.07
CA THR A 17 -1.08 -8.35 -18.12
C THR A 17 -1.33 -9.29 -16.96
N GLY A 18 -0.25 -9.74 -16.35
CA GLY A 18 -0.34 -10.64 -15.22
C GLY A 18 -1.41 -10.19 -14.22
N PRO A 19 -1.65 -11.04 -13.20
CA PRO A 19 -2.64 -10.73 -12.18
C PRO A 19 -2.12 -9.64 -11.22
N ALA A 20 -0.85 -9.33 -11.37
CA ALA A 20 -0.22 -8.33 -10.52
C ALA A 20 -0.24 -6.98 -11.25
N SER A 21 -0.76 -7.00 -12.46
CA SER A 21 -0.85 -5.80 -13.27
C SER A 21 -1.86 -4.83 -12.65
N VAL A 22 -1.82 -3.59 -13.12
CA VAL A 22 -2.71 -2.56 -12.63
C VAL A 22 -4.16 -3.02 -12.85
N GLN A 23 -4.35 -3.84 -13.87
CA GLN A 23 -5.67 -4.35 -14.19
C GLN A 23 -5.91 -5.68 -13.49
N GLY A 24 -4.92 -6.56 -13.59
CA GLY A 24 -5.03 -7.87 -12.96
C GLY A 24 -5.52 -7.76 -11.53
N MET A 25 -5.31 -6.57 -10.96
CA MET A 25 -5.73 -6.32 -9.58
C MET A 25 -7.06 -5.56 -9.55
N SER A 26 -7.33 -4.85 -10.64
CA SER A 26 -8.55 -4.07 -10.75
C SER A 26 -9.76 -5.01 -10.66
N GLN A 27 -9.50 -6.28 -10.86
CA GLN A 27 -10.57 -7.28 -10.81
C GLN A 27 -10.69 -7.85 -9.40
N ASP A 28 -10.29 -7.04 -8.44
CA ASP A 28 -10.36 -7.46 -7.04
C ASP A 28 -10.60 -6.22 -6.16
N PRO A 29 -11.25 -6.47 -4.99
CA PRO A 29 -11.54 -5.39 -4.06
C PRO A 29 -10.28 -4.94 -3.31
N VAL A 30 -9.74 -3.83 -3.77
CA VAL A 30 -8.54 -3.28 -3.16
C VAL A 30 -7.72 -4.42 -2.54
N ALA A 31 -7.75 -4.46 -1.21
CA ALA A 31 -7.03 -5.49 -0.48
C ALA A 31 -6.69 -6.64 -1.44
N VAL A 32 -7.66 -7.51 -1.63
CA VAL A 32 -7.49 -8.65 -2.51
C VAL A 32 -6.50 -8.29 -3.62
N ALA A 33 -6.82 -7.22 -4.33
CA ALA A 33 -5.98 -6.75 -5.42
C ALA A 33 -4.52 -6.82 -4.97
N ALA A 34 -4.20 -6.04 -3.95
CA ALA A 34 -2.84 -6.00 -3.44
C ALA A 34 -2.32 -7.44 -3.28
N SER A 35 -3.25 -8.36 -3.14
CA SER A 35 -2.90 -9.77 -2.99
C SER A 35 -2.57 -10.37 -4.35
N ASN A 36 -1.75 -9.64 -5.11
CA ASN A 36 -1.34 -10.10 -6.42
C ASN A 36 0.02 -9.48 -6.78
N ASN A 37 0.11 -8.17 -6.53
CA ASN A 37 1.38 -7.48 -6.68
C ASN A 37 2.48 -8.28 -5.96
N PRO A 38 3.61 -8.47 -6.70
CA PRO A 38 4.74 -9.22 -6.15
C PRO A 38 5.50 -8.36 -5.13
N GLU A 39 4.93 -7.21 -4.82
CA GLU A 39 5.54 -6.31 -3.86
C GLU A 39 4.53 -5.92 -2.77
N LEU A 40 3.36 -6.53 -2.85
CA LEU A 40 2.31 -6.26 -1.88
C LEU A 40 1.97 -7.55 -1.15
N THR A 41 2.14 -8.67 -1.85
CA THR A 41 1.85 -9.97 -1.28
C THR A 41 2.21 -9.99 0.21
N THR A 42 3.35 -9.38 0.51
CA THR A 42 3.82 -9.33 1.89
C THR A 42 2.83 -8.54 2.76
N LEU A 43 2.52 -7.33 2.31
CA LEU A 43 1.59 -6.48 3.04
C LEU A 43 0.25 -7.19 3.16
N THR A 44 -0.22 -7.71 2.03
CA THR A 44 -1.50 -8.41 2.00
C THR A 44 -1.56 -9.45 3.12
N ALA A 45 -0.59 -10.36 3.09
CA ALA A 45 -0.54 -11.42 4.10
C ALA A 45 -0.85 -10.82 5.47
N ALA A 46 -0.38 -9.60 5.67
CA ALA A 46 -0.62 -8.91 6.94
C ALA A 46 -2.11 -8.61 7.09
N LEU A 47 -2.56 -7.64 6.30
CA LEU A 47 -3.96 -7.25 6.34
C LEU A 47 -4.84 -8.50 6.37
N SER A 48 -4.69 -9.32 5.33
CA SER A 48 -5.46 -10.54 5.24
C SER A 48 -5.49 -11.26 6.59
N GLY A 49 -4.32 -11.72 7.01
CA GLY A 49 -4.18 -12.42 8.27
C GLY A 49 -3.07 -13.46 8.22
N GLN A 50 -2.74 -13.86 7.00
CA GLN A 50 -1.69 -14.85 6.79
C GLN A 50 -0.46 -14.49 7.60
N LEU A 51 -0.34 -13.21 7.92
CA LEU A 51 0.80 -12.72 8.68
C LEU A 51 0.36 -12.52 10.14
N ASN A 52 -0.80 -11.92 10.30
CA ASN A 52 -1.34 -11.67 11.63
C ASN A 52 -2.71 -12.31 11.75
N PRO A 53 -2.75 -13.44 12.51
CA PRO A 53 -4.00 -14.16 12.71
C PRO A 53 -4.90 -13.42 13.70
N GLN A 54 -4.46 -12.24 14.10
CA GLN A 54 -5.21 -11.42 15.03
C GLN A 54 -5.66 -10.13 14.36
N VAL A 55 -5.25 -9.97 13.11
CA VAL A 55 -5.61 -8.78 12.34
C VAL A 55 -6.25 -9.21 11.03
N ASN A 56 -7.16 -8.36 10.55
CA ASN A 56 -7.85 -8.64 9.30
C ASN A 56 -8.42 -7.33 8.75
N LEU A 57 -7.73 -6.79 7.75
CA LEU A 57 -8.15 -5.55 7.14
C LEU A 57 -8.64 -5.84 5.72
N VAL A 58 -8.10 -6.91 5.14
CA VAL A 58 -8.48 -7.31 3.79
C VAL A 58 -9.96 -6.97 3.56
N ASP A 59 -10.79 -7.51 4.43
CA ASP A 59 -12.23 -7.27 4.32
C ASP A 59 -12.51 -5.77 4.47
N THR A 60 -11.77 -5.15 5.38
CA THR A 60 -11.92 -3.73 5.62
C THR A 60 -11.56 -2.93 4.38
N LEU A 61 -10.30 -3.02 3.99
CA LEU A 61 -9.82 -2.31 2.82
C LEU A 61 -10.96 -2.18 1.80
N ASN A 62 -11.69 -3.28 1.64
CA ASN A 62 -12.80 -3.30 0.71
C ASN A 62 -14.03 -2.68 1.38
N SER A 63 -13.84 -1.50 1.93
CA SER A 63 -14.91 -0.80 2.61
C SER A 63 -15.64 0.13 1.62
N GLY A 64 -15.06 1.32 1.46
CA GLY A 64 -15.64 2.30 0.56
C GLY A 64 -14.58 3.31 0.11
N GLN A 65 -14.35 3.33 -1.20
CA GLN A 65 -13.37 4.24 -1.77
C GLN A 65 -12.15 4.36 -0.85
N TYR A 66 -11.11 3.61 -1.20
CA TYR A 66 -9.89 3.63 -0.41
C TYR A 66 -8.69 4.01 -1.28
N THR A 67 -7.53 4.02 -0.64
CA THR A 67 -6.30 4.38 -1.34
C THR A 67 -5.10 3.69 -0.69
N VAL A 68 -4.86 2.46 -1.12
CA VAL A 68 -3.75 1.69 -0.58
C VAL A 68 -2.46 2.51 -0.69
N PHE A 69 -1.70 2.52 0.40
CA PHE A 69 -0.46 3.26 0.44
C PHE A 69 0.72 2.34 0.74
N ALA A 70 0.97 1.42 -0.18
CA ALA A 70 1.32 0.06 0.19
C ALA A 70 2.85 -0.07 0.25
N PRO A 71 3.33 -0.61 1.40
CA PRO A 71 4.75 -0.80 1.59
C PRO A 71 5.26 -1.99 0.79
N THR A 72 6.20 -1.70 -0.10
CA THR A 72 6.78 -2.74 -0.94
C THR A 72 7.61 -3.71 -0.10
N ASN A 73 8.15 -4.72 -0.77
CA ASN A 73 8.96 -5.72 -0.10
C ASN A 73 10.18 -5.04 0.52
N ALA A 74 10.93 -4.35 -0.32
CA ALA A 74 12.12 -3.65 0.12
C ALA A 74 11.78 -2.80 1.35
N ALA A 75 10.50 -2.44 1.44
CA ALA A 75 10.04 -1.63 2.56
C ALA A 75 9.96 -2.50 3.82
N PHE A 76 9.28 -3.63 3.67
CA PHE A 76 9.12 -4.55 4.79
C PHE A 76 10.45 -5.20 5.15
N SER A 77 11.23 -5.50 4.13
CA SER A 77 12.54 -6.12 4.32
C SER A 77 13.38 -5.27 5.26
N LYS A 78 13.33 -3.96 5.04
CA LYS A 78 14.09 -3.03 5.85
C LYS A 78 14.03 -3.48 7.32
N LEU A 79 12.86 -3.27 7.92
CA LEU A 79 12.66 -3.64 9.31
C LEU A 79 13.34 -4.99 9.58
N PRO A 80 13.79 -5.16 10.85
CA PRO A 80 14.46 -6.38 11.25
C PRO A 80 13.47 -7.53 11.41
N ALA A 81 13.97 -8.74 11.25
CA ALA A 81 13.13 -9.92 11.37
C ALA A 81 12.37 -9.87 12.70
N SER A 82 13.11 -9.63 13.77
CA SER A 82 12.52 -9.55 15.09
C SER A 82 11.20 -8.76 15.01
N THR A 83 11.26 -7.64 14.33
CA THR A 83 10.09 -6.78 14.19
C THR A 83 8.99 -7.52 13.43
N ILE A 84 9.35 -8.05 12.27
CA ILE A 84 8.41 -8.78 11.44
C ILE A 84 7.81 -9.93 12.25
N ASP A 85 8.68 -10.59 13.02
CA ASP A 85 8.25 -11.70 13.84
C ASP A 85 7.34 -11.19 14.96
N GLU A 86 7.39 -9.87 15.17
CA GLU A 86 6.58 -9.25 16.19
C GLU A 86 5.21 -8.85 15.62
N LEU A 87 5.24 -8.37 14.39
CA LEU A 87 4.02 -7.96 13.71
C LEU A 87 3.08 -9.15 13.60
N LYS A 88 3.68 -10.31 13.39
CA LYS A 88 2.90 -11.54 13.26
C LYS A 88 2.43 -12.00 14.64
N THR A 89 2.13 -11.02 15.48
CA THR A 89 1.66 -11.29 16.83
C THR A 89 1.18 -10.00 17.50
N ASN A 90 1.92 -8.93 17.25
CA ASN A 90 1.58 -7.64 17.83
C ASN A 90 0.07 -7.43 17.72
N SER A 91 -0.38 -7.18 16.49
CA SER A 91 -1.80 -6.95 16.25
C SER A 91 -2.24 -5.66 16.93
N SER A 92 -1.28 -4.80 17.21
CA SER A 92 -1.55 -3.53 17.86
C SER A 92 -0.67 -2.44 17.25
N LEU A 93 0.61 -2.76 17.11
CA LEU A 93 1.57 -1.81 16.56
C LEU A 93 1.61 -1.98 15.04
N LEU A 94 1.26 -3.18 14.59
CA LEU A 94 1.26 -3.47 13.17
C LEU A 94 -0.06 -3.00 12.55
N THR A 95 -1.15 -3.41 13.18
CA THR A 95 -2.47 -3.03 12.71
C THR A 95 -2.53 -1.52 12.43
N SER A 96 -1.98 -0.76 13.35
CA SER A 96 -1.97 0.68 13.22
C SER A 96 -1.26 1.07 11.91
N ILE A 97 -0.22 0.33 11.59
CA ILE A 97 0.53 0.59 10.38
C ILE A 97 -0.35 0.33 9.15
N LEU A 98 -0.80 -0.92 9.05
CA LEU A 98 -1.67 -1.30 7.94
C LEU A 98 -2.64 -0.17 7.65
N THR A 99 -3.49 0.12 8.63
CA THR A 99 -4.48 1.18 8.48
C THR A 99 -3.83 2.43 7.90
N TYR A 100 -2.71 2.81 8.50
CA TYR A 100 -1.98 4.00 8.06
C TYR A 100 -1.48 3.82 6.63
N HIS A 101 -1.54 2.58 6.16
CA HIS A 101 -1.08 2.27 4.82
C HIS A 101 -2.29 2.23 3.87
N VAL A 102 -3.35 2.90 4.29
CA VAL A 102 -4.56 2.94 3.49
C VAL A 102 -5.37 4.19 3.86
N VAL A 103 -5.86 4.87 2.84
CA VAL A 103 -6.64 6.07 3.04
C VAL A 103 -8.05 5.86 2.50
N ALA A 104 -9.02 6.29 3.29
CA ALA A 104 -10.42 6.14 2.90
C ALA A 104 -10.83 7.34 2.05
N GLY A 105 -10.75 7.14 0.74
CA GLY A 105 -11.11 8.19 -0.20
C GLY A 105 -10.20 8.16 -1.43
N GLN A 106 -10.59 7.35 -2.40
CA GLN A 106 -9.82 7.22 -3.62
C GLN A 106 -9.38 8.60 -4.11
N THR A 107 -8.14 8.66 -4.59
CA THR A 107 -7.59 9.90 -5.09
C THR A 107 -6.50 9.62 -6.13
N SER A 108 -6.54 10.40 -7.20
CA SER A 108 -5.58 10.25 -8.27
C SER A 108 -4.21 10.78 -7.83
N PRO A 109 -3.16 10.31 -8.54
CA PRO A 109 -1.80 10.73 -8.24
C PRO A 109 -1.54 12.17 -8.72
N ALA A 110 -2.46 13.05 -8.35
CA ALA A 110 -2.35 14.45 -8.73
C ALA A 110 -3.06 15.31 -7.69
N ASN A 111 -3.24 14.74 -6.51
CA ASN A 111 -3.89 15.45 -5.43
C ASN A 111 -3.47 14.83 -4.09
N VAL A 112 -3.62 13.52 -4.01
CA VAL A 112 -3.26 12.80 -2.80
C VAL A 112 -2.11 13.53 -2.10
N VAL A 113 -1.18 14.01 -2.91
CA VAL A 113 -0.03 14.73 -2.39
C VAL A 113 -0.48 15.61 -1.21
N GLY A 114 0.44 15.81 -0.28
CA GLY A 114 0.15 16.63 0.88
C GLY A 114 -0.46 15.80 2.01
N THR A 115 -0.89 16.48 3.05
CA THR A 115 -1.49 15.82 4.20
C THR A 115 -2.77 15.08 3.77
N ARG A 116 -2.82 13.80 4.12
CA ARG A 116 -3.97 12.99 3.79
C ARG A 116 -4.31 12.05 4.95
N GLN A 117 -5.57 12.10 5.36
CA GLN A 117 -6.03 11.27 6.46
C GLN A 117 -6.06 9.81 6.03
N THR A 118 -5.38 8.98 6.82
CA THR A 118 -5.33 7.55 6.53
C THR A 118 -6.33 6.79 7.41
N LEU A 119 -6.39 5.50 7.19
CA LEU A 119 -7.29 4.64 7.95
C LEU A 119 -7.03 4.84 9.45
N GLN A 120 -5.80 4.52 9.85
CA GLN A 120 -5.42 4.66 11.24
C GLN A 120 -6.03 5.92 11.84
N GLY A 121 -6.22 6.91 10.99
CA GLY A 121 -6.80 8.17 11.43
C GLY A 121 -5.77 9.29 11.37
N ALA A 122 -4.50 8.90 11.41
CA ALA A 122 -3.41 9.85 11.37
C ALA A 122 -3.40 10.55 10.00
N SER A 123 -2.39 11.38 9.80
CA SER A 123 -2.24 12.11 8.55
C SER A 123 -0.92 11.75 7.88
N VAL A 124 -0.98 11.57 6.57
CA VAL A 124 0.21 11.23 5.81
C VAL A 124 0.58 12.40 4.90
N THR A 125 1.77 12.93 5.13
CA THR A 125 2.25 14.05 4.34
C THR A 125 2.80 13.56 2.99
N VAL A 126 1.88 13.28 2.08
CA VAL A 126 2.26 12.81 0.76
C VAL A 126 3.05 13.90 0.04
N THR A 127 3.83 13.48 -0.96
CA THR A 127 4.62 14.40 -1.74
C THR A 127 4.75 13.92 -3.18
N GLY A 128 5.29 14.79 -4.02
CA GLY A 128 5.47 14.47 -5.43
C GLY A 128 6.12 15.64 -6.17
N GLN A 129 6.95 15.29 -7.15
CA GLN A 129 7.63 16.29 -7.94
C GLN A 129 7.68 15.86 -9.42
N GLY A 130 8.49 14.84 -9.67
CA GLY A 130 8.64 14.33 -11.02
C GLY A 130 8.49 12.80 -11.04
N ASN A 131 9.38 12.17 -11.79
CA ASN A 131 9.35 10.72 -11.92
C ASN A 131 9.79 10.10 -10.59
N SER A 132 9.01 10.37 -9.55
CA SER A 132 9.30 9.84 -8.24
C SER A 132 8.54 10.63 -7.18
N LEU A 133 7.48 10.02 -6.67
CA LEU A 133 6.65 10.65 -5.66
C LEU A 133 7.10 10.17 -4.28
N LYS A 134 6.56 10.83 -3.26
CA LYS A 134 6.90 10.47 -1.88
C LYS A 134 5.61 10.36 -1.07
N VAL A 135 5.71 9.65 0.05
CA VAL A 135 4.56 9.46 0.92
C VAL A 135 5.05 9.38 2.37
N GLY A 136 4.64 10.37 3.15
CA GLY A 136 5.01 10.42 4.56
C GLY A 136 6.54 10.46 4.71
N ASN A 137 7.15 9.29 4.61
CA ASN A 137 8.59 9.18 4.74
C ASN A 137 9.09 8.04 3.85
N ALA A 138 8.26 7.70 2.86
CA ALA A 138 8.60 6.63 1.93
C ALA A 138 8.71 7.21 0.52
N ASP A 139 9.08 6.34 -0.41
CA ASP A 139 9.21 6.75 -1.80
C ASP A 139 8.22 5.95 -2.66
N VAL A 140 7.40 6.69 -3.39
CA VAL A 140 6.41 6.06 -4.25
C VAL A 140 7.12 5.24 -5.32
N VAL A 141 6.70 3.99 -5.44
CA VAL A 141 7.29 3.10 -6.42
C VAL A 141 6.35 2.99 -7.63
N CYS A 142 5.08 2.81 -7.34
CA CYS A 142 4.08 2.68 -8.39
C CYS A 142 2.72 3.08 -7.81
N GLY A 143 2.33 4.30 -8.10
CA GLY A 143 1.05 4.81 -7.62
C GLY A 143 0.06 4.98 -8.76
N GLY A 144 -1.21 5.13 -8.39
CA GLY A 144 -2.27 5.28 -9.38
C GLY A 144 -2.69 3.94 -9.96
N VAL A 145 -2.43 2.89 -9.19
CA VAL A 145 -2.78 1.55 -9.62
C VAL A 145 -4.19 1.21 -9.12
N SER A 146 -5.12 2.10 -9.44
CA SER A 146 -6.51 1.91 -9.04
C SER A 146 -6.90 0.45 -9.22
N THR A 147 -7.39 -0.14 -8.12
CA THR A 147 -7.80 -1.53 -8.15
C THR A 147 -9.28 -1.64 -8.52
N ALA A 148 -10.10 -1.87 -7.49
CA ALA A 148 -11.53 -2.00 -7.70
C ALA A 148 -12.21 -0.69 -7.30
N ASN A 149 -12.11 -0.37 -6.01
CA ASN A 149 -12.71 0.84 -5.50
C ASN A 149 -11.71 1.55 -4.57
N ALA A 150 -10.44 1.32 -4.86
CA ALA A 150 -9.37 1.92 -4.07
C ALA A 150 -8.10 2.03 -4.92
N THR A 151 -7.31 3.04 -4.62
CA THR A 151 -6.08 3.26 -5.34
C THR A 151 -4.94 2.44 -4.72
N VAL A 152 -3.78 2.51 -5.36
CA VAL A 152 -2.62 1.78 -4.89
C VAL A 152 -1.36 2.64 -5.11
N TYR A 153 -0.62 2.81 -4.02
CA TYR A 153 0.60 3.60 -4.08
C TYR A 153 1.75 2.90 -3.35
N MET A 154 2.49 2.10 -4.10
CA MET A 154 3.60 1.36 -3.54
C MET A 154 4.69 2.31 -3.02
N ILE A 155 5.23 1.97 -1.86
CA ILE A 155 6.26 2.78 -1.25
C ILE A 155 7.44 1.90 -0.88
N ASP A 156 8.57 2.55 -0.59
CA ASP A 156 9.77 1.83 -0.23
C ASP A 156 10.06 2.05 1.26
N SER A 157 9.00 1.97 2.06
CA SER A 157 9.12 2.16 3.48
C SER A 157 7.82 1.77 4.18
N VAL A 158 7.96 1.02 5.27
CA VAL A 158 6.80 0.57 6.03
C VAL A 158 6.23 1.75 6.82
N LEU A 159 5.51 2.60 6.10
CA LEU A 159 4.89 3.77 6.72
C LEU A 159 4.40 3.39 8.11
N MET A 160 4.37 4.40 8.99
CA MET A 160 3.92 4.19 10.35
C MET A 160 3.17 5.42 10.87
N PRO A 161 2.17 5.15 11.75
CA PRO A 161 1.36 6.21 12.32
C PRO A 161 2.15 6.96 13.40
N PRO A 162 1.93 8.31 13.44
CA PRO A 162 2.61 9.15 14.41
C PRO A 162 1.99 8.97 15.80
N ALA A 163 2.66 9.56 16.79
CA ALA A 163 2.20 9.47 18.16
C ALA A 163 1.98 8.00 18.54
N GLY A 1 -2.23 11.28 -18.42
CA GLY A 1 -1.16 10.75 -19.25
C GLY A 1 -0.92 9.27 -18.94
N ASP A 2 0.23 9.00 -18.35
CA ASP A 2 0.60 7.63 -18.01
C ASP A 2 0.63 7.49 -16.49
N LEU A 3 0.81 6.25 -16.05
CA LEU A 3 0.86 5.97 -14.62
C LEU A 3 1.90 6.87 -13.96
N VAL A 4 2.09 6.66 -12.67
CA VAL A 4 3.05 7.43 -11.91
C VAL A 4 3.91 6.50 -11.06
N GLY A 5 5.20 6.80 -11.01
CA GLY A 5 6.11 6.06 -10.17
C GLY A 5 7.20 5.38 -11.01
N PRO A 6 8.37 5.15 -10.36
CA PRO A 6 9.49 4.51 -11.03
C PRO A 6 9.25 3.01 -11.18
N GLY A 7 9.21 2.34 -10.04
CA GLY A 7 8.98 0.90 -10.03
C GLY A 7 7.89 0.51 -11.01
N CYS A 8 6.91 1.40 -11.16
CA CYS A 8 5.80 1.16 -12.07
C CYS A 8 6.35 0.50 -13.33
N ALA A 9 7.59 0.85 -13.66
CA ALA A 9 8.24 0.30 -14.84
C ALA A 9 8.86 -1.04 -14.49
N GLU A 10 9.93 -0.99 -13.72
CA GLU A 10 10.63 -2.20 -13.31
C GLU A 10 9.63 -3.28 -12.91
N TYR A 11 8.73 -2.89 -12.01
CA TYR A 11 7.72 -3.80 -11.52
C TYR A 11 7.10 -4.60 -12.68
N ALA A 12 6.40 -3.89 -13.54
CA ALA A 12 5.76 -4.52 -14.68
C ALA A 12 6.76 -5.43 -15.38
N ALA A 13 7.95 -4.89 -15.62
CA ALA A 13 8.99 -5.65 -16.29
C ALA A 13 9.04 -7.06 -15.71
N ALA A 14 8.62 -7.17 -14.44
CA ALA A 14 8.60 -8.45 -13.77
C ALA A 14 7.19 -9.05 -13.84
N ASN A 15 6.21 -8.17 -13.72
CA ASN A 15 4.83 -8.58 -13.76
C ASN A 15 4.06 -7.70 -14.76
N PRO A 16 4.13 -8.09 -16.06
CA PRO A 16 3.46 -7.35 -17.10
C PRO A 16 1.95 -7.61 -17.08
N THR A 17 1.60 -8.88 -17.03
CA THR A 17 0.21 -9.27 -17.00
C THR A 17 -0.15 -9.85 -15.63
N GLY A 18 -1.26 -10.57 -15.61
CA GLY A 18 -1.73 -11.18 -14.37
C GLY A 18 -2.57 -10.18 -13.56
N PRO A 19 -3.08 -10.68 -12.40
CA PRO A 19 -3.90 -9.85 -11.53
C PRO A 19 -3.03 -8.84 -10.76
N ALA A 20 -1.73 -9.06 -10.85
CA ALA A 20 -0.79 -8.18 -10.16
C ALA A 20 -0.62 -6.89 -10.98
N SER A 21 -0.68 -7.04 -12.29
CA SER A 21 -0.54 -5.90 -13.18
C SER A 21 -1.40 -4.74 -12.68
N VAL A 22 -1.21 -3.59 -13.30
CA VAL A 22 -1.97 -2.40 -12.93
C VAL A 22 -3.45 -2.62 -13.23
N GLN A 23 -3.70 -3.19 -14.41
CA GLN A 23 -5.07 -3.46 -14.83
C GLN A 23 -5.59 -4.72 -14.15
N GLY A 24 -4.68 -5.66 -13.95
CA GLY A 24 -5.03 -6.92 -13.31
C GLY A 24 -5.64 -6.68 -11.93
N MET A 25 -4.85 -6.05 -11.07
CA MET A 25 -5.31 -5.76 -9.72
C MET A 25 -6.61 -4.95 -9.74
N SER A 26 -6.84 -4.29 -10.86
CA SER A 26 -8.04 -3.49 -11.02
C SER A 26 -9.29 -4.38 -10.88
N GLN A 27 -9.07 -5.67 -11.05
CA GLN A 27 -10.16 -6.64 -10.95
C GLN A 27 -10.31 -7.11 -9.51
N ASP A 28 -9.25 -6.91 -8.74
CA ASP A 28 -9.25 -7.30 -7.34
C ASP A 28 -9.72 -6.12 -6.48
N PRO A 29 -10.42 -6.47 -5.37
CA PRO A 29 -10.92 -5.45 -4.45
C PRO A 29 -9.79 -4.89 -3.60
N VAL A 30 -9.27 -3.75 -4.04
CA VAL A 30 -8.18 -3.10 -3.32
C VAL A 30 -7.32 -4.16 -2.63
N ALA A 31 -7.23 -4.05 -1.32
CA ALA A 31 -6.44 -4.98 -0.53
C ALA A 31 -6.00 -6.14 -1.43
N VAL A 32 -6.96 -6.98 -1.78
CA VAL A 32 -6.69 -8.13 -2.62
C VAL A 32 -5.53 -7.79 -3.57
N ALA A 33 -5.76 -6.80 -4.41
CA ALA A 33 -4.74 -6.37 -5.35
C ALA A 33 -3.35 -6.64 -4.78
N ALA A 34 -3.06 -5.95 -3.69
CA ALA A 34 -1.77 -6.11 -3.03
C ALA A 34 -1.49 -7.60 -2.83
N SER A 35 -2.45 -8.27 -2.21
CA SER A 35 -2.33 -9.70 -1.94
C SER A 35 -1.83 -10.42 -3.20
N ASN A 36 -2.09 -9.80 -4.35
CA ASN A 36 -1.68 -10.36 -5.62
C ASN A 36 -0.99 -9.28 -6.46
N ASN A 37 -0.39 -8.34 -5.76
CA ASN A 37 0.89 -7.79 -6.19
C ASN A 37 2.02 -8.59 -5.53
N PRO A 38 3.00 -9.01 -6.38
CA PRO A 38 4.13 -9.78 -5.89
C PRO A 38 5.11 -8.89 -5.12
N GLU A 39 4.67 -7.68 -4.83
CA GLU A 39 5.48 -6.73 -4.10
C GLU A 39 4.79 -6.32 -2.79
N LEU A 40 3.49 -6.56 -2.75
CA LEU A 40 2.71 -6.23 -1.57
C LEU A 40 2.35 -7.53 -0.83
N THR A 41 2.71 -8.64 -1.44
CA THR A 41 2.43 -9.94 -0.85
C THR A 41 2.54 -9.87 0.67
N THR A 42 3.58 -9.19 1.13
CA THR A 42 3.81 -9.03 2.56
C THR A 42 2.68 -8.21 3.19
N LEU A 43 2.43 -7.06 2.61
CA LEU A 43 1.39 -6.17 3.10
C LEU A 43 0.13 -6.99 3.38
N THR A 44 -0.39 -7.58 2.32
CA THR A 44 -1.60 -8.39 2.43
C THR A 44 -1.51 -9.32 3.64
N ALA A 45 -0.56 -10.26 3.56
CA ALA A 45 -0.36 -11.20 4.65
C ALA A 45 -0.73 -10.55 5.97
N ALA A 46 -0.30 -9.30 6.12
CA ALA A 46 -0.58 -8.55 7.33
C ALA A 46 -2.08 -8.36 7.47
N LEU A 47 -2.64 -7.59 6.55
CA LEU A 47 -4.07 -7.32 6.56
C LEU A 47 -4.84 -8.63 6.43
N SER A 48 -4.62 -9.30 5.31
CA SER A 48 -5.29 -10.57 5.06
C SER A 48 -5.40 -11.37 6.36
N GLY A 49 -4.28 -11.47 7.06
CA GLY A 49 -4.23 -12.20 8.31
C GLY A 49 -3.16 -13.29 8.27
N GLN A 50 -2.86 -13.74 7.06
CA GLN A 50 -1.86 -14.78 6.88
C GLN A 50 -0.70 -14.57 7.85
N LEU A 51 -0.43 -13.31 8.14
CA LEU A 51 0.65 -12.96 9.05
C LEU A 51 0.13 -13.02 10.49
N ASN A 52 -0.79 -12.12 10.79
CA ASN A 52 -1.37 -12.06 12.13
C ASN A 52 -2.85 -12.46 12.05
N PRO A 53 -3.19 -13.53 12.82
CA PRO A 53 -4.55 -14.01 12.85
C PRO A 53 -5.45 -13.10 13.68
N GLN A 54 -4.85 -12.02 14.16
CA GLN A 54 -5.58 -11.05 14.96
C GLN A 54 -5.75 -9.73 14.20
N VAL A 55 -5.35 -9.77 12.94
CA VAL A 55 -5.45 -8.60 12.08
C VAL A 55 -6.24 -8.96 10.82
N ASN A 56 -7.10 -8.04 10.42
CA ASN A 56 -7.91 -8.24 9.23
C ASN A 56 -8.38 -6.88 8.70
N LEU A 57 -7.98 -6.59 7.47
CA LEU A 57 -8.35 -5.34 6.83
C LEU A 57 -8.95 -5.62 5.46
N VAL A 58 -8.28 -6.51 4.72
CA VAL A 58 -8.73 -6.88 3.39
C VAL A 58 -10.22 -6.53 3.25
N ASP A 59 -11.05 -7.42 3.78
CA ASP A 59 -12.48 -7.23 3.72
C ASP A 59 -12.81 -5.74 3.87
N THR A 60 -12.32 -5.16 4.96
CA THR A 60 -12.54 -3.76 5.23
C THR A 60 -12.07 -2.90 4.05
N LEU A 61 -10.77 -2.99 3.78
CA LEU A 61 -10.18 -2.24 2.68
C LEU A 61 -11.11 -2.31 1.47
N ASN A 62 -11.81 -3.42 1.36
CA ASN A 62 -12.73 -3.64 0.25
C ASN A 62 -14.12 -3.17 0.67
N SER A 63 -14.19 -1.93 1.12
CA SER A 63 -15.46 -1.36 1.54
C SER A 63 -15.76 -0.09 0.75
N GLY A 64 -15.33 1.04 1.30
CA GLY A 64 -15.54 2.32 0.65
C GLY A 64 -14.30 2.74 -0.14
N GLN A 65 -14.48 3.78 -0.94
CA GLN A 65 -13.40 4.30 -1.77
C GLN A 65 -12.17 4.59 -0.90
N TYR A 66 -11.18 3.72 -1.02
CA TYR A 66 -9.96 3.88 -0.25
C TYR A 66 -8.78 4.23 -1.16
N THR A 67 -7.59 4.21 -0.58
CA THR A 67 -6.39 4.53 -1.32
C THR A 67 -5.18 3.82 -0.72
N VAL A 68 -4.92 2.62 -1.20
CA VAL A 68 -3.80 1.83 -0.71
C VAL A 68 -2.53 2.67 -0.80
N PHE A 69 -1.69 2.52 0.22
CA PHE A 69 -0.44 3.25 0.28
C PHE A 69 0.73 2.32 0.65
N ALA A 70 0.98 1.36 -0.22
CA ALA A 70 1.26 0.01 0.22
C ALA A 70 2.77 -0.23 0.18
N PRO A 71 3.29 -0.79 1.30
CA PRO A 71 4.71 -1.07 1.41
C PRO A 71 5.10 -2.29 0.58
N THR A 72 5.75 -2.03 -0.55
CA THR A 72 6.18 -3.09 -1.43
C THR A 72 7.07 -4.08 -0.69
N ASN A 73 7.83 -4.85 -1.46
CA ASN A 73 8.72 -5.84 -0.89
C ASN A 73 9.98 -5.14 -0.35
N ALA A 74 10.43 -4.16 -1.11
CA ALA A 74 11.61 -3.40 -0.73
C ALA A 74 11.33 -2.62 0.56
N ALA A 75 10.05 -2.60 0.92
CA ALA A 75 9.63 -1.91 2.12
C ALA A 75 9.80 -2.83 3.34
N PHE A 76 8.99 -3.88 3.36
CA PHE A 76 9.03 -4.83 4.44
C PHE A 76 10.43 -5.46 4.55
N SER A 77 11.10 -5.51 3.42
CA SER A 77 12.44 -6.09 3.38
C SER A 77 13.40 -5.23 4.21
N LYS A 78 13.19 -3.93 4.17
CA LYS A 78 14.02 -3.00 4.91
C LYS A 78 13.98 -3.37 6.40
N LEU A 79 12.77 -3.28 6.95
CA LEU A 79 12.58 -3.60 8.36
C LEU A 79 13.30 -4.90 8.69
N PRO A 80 13.79 -4.98 9.96
CA PRO A 80 14.50 -6.17 10.41
C PRO A 80 13.52 -7.32 10.68
N ALA A 81 14.05 -8.53 10.60
CA ALA A 81 13.25 -9.72 10.83
C ALA A 81 12.51 -9.57 12.17
N SER A 82 13.25 -9.13 13.17
CA SER A 82 12.67 -8.95 14.50
C SER A 82 11.32 -8.24 14.39
N THR A 83 11.34 -7.11 13.69
CA THR A 83 10.13 -6.33 13.51
C THR A 83 9.04 -7.20 12.87
N ILE A 84 9.41 -7.89 11.81
CA ILE A 84 8.49 -8.74 11.09
C ILE A 84 7.99 -9.85 12.04
N ASP A 85 8.94 -10.48 12.71
CA ASP A 85 8.62 -11.55 13.64
C ASP A 85 7.70 -11.00 14.73
N GLU A 86 7.68 -9.69 14.83
CA GLU A 86 6.84 -9.02 15.83
C GLU A 86 5.42 -8.84 15.29
N LEU A 87 5.34 -8.34 14.07
CA LEU A 87 4.07 -8.10 13.44
C LEU A 87 3.27 -9.42 13.38
N LYS A 88 4.01 -10.52 13.53
CA LYS A 88 3.39 -11.83 13.51
C LYS A 88 2.99 -12.22 14.93
N THR A 89 2.90 -11.21 15.78
CA THR A 89 2.51 -11.44 17.18
C THR A 89 2.25 -10.11 17.88
N ASN A 90 1.73 -9.17 17.11
CA ASN A 90 1.43 -7.85 17.65
C ASN A 90 -0.08 -7.61 17.58
N SER A 91 -0.56 -7.36 16.37
CA SER A 91 -1.98 -7.12 16.15
C SER A 91 -2.34 -5.71 16.60
N SER A 92 -2.03 -5.43 17.87
CA SER A 92 -2.31 -4.13 18.44
C SER A 92 -1.12 -3.19 18.23
N LEU A 93 -0.61 -3.20 17.00
CA LEU A 93 0.53 -2.36 16.66
C LEU A 93 0.74 -2.39 15.14
N LEU A 94 0.74 -3.60 14.60
CA LEU A 94 0.92 -3.77 13.17
C LEU A 94 -0.27 -3.18 12.43
N THR A 95 -1.45 -3.37 13.01
CA THR A 95 -2.67 -2.87 12.41
C THR A 95 -2.54 -1.36 12.14
N SER A 96 -1.93 -0.66 13.09
CA SER A 96 -1.74 0.77 12.96
C SER A 96 -0.99 1.08 11.66
N ILE A 97 -0.02 0.24 11.36
CA ILE A 97 0.78 0.41 10.16
C ILE A 97 -0.11 0.21 8.93
N LEU A 98 -0.68 -0.99 8.85
CA LEU A 98 -1.56 -1.33 7.74
C LEU A 98 -2.51 -0.17 7.47
N THR A 99 -3.34 0.12 8.45
CA THR A 99 -4.30 1.21 8.33
C THR A 99 -3.63 2.46 7.76
N TYR A 100 -2.49 2.81 8.36
CA TYR A 100 -1.74 3.97 7.93
C TYR A 100 -1.32 3.84 6.47
N HIS A 101 -1.31 2.60 6.00
CA HIS A 101 -0.92 2.32 4.63
C HIS A 101 -2.15 2.37 3.72
N VAL A 102 -3.17 3.07 4.21
CA VAL A 102 -4.41 3.21 3.46
C VAL A 102 -5.08 4.53 3.83
N VAL A 103 -5.83 5.08 2.87
CA VAL A 103 -6.53 6.33 3.10
C VAL A 103 -7.96 6.20 2.58
N ALA A 104 -8.89 6.71 3.39
CA ALA A 104 -10.30 6.66 3.03
C ALA A 104 -10.64 7.86 2.15
N GLY A 105 -10.71 7.59 0.85
CA GLY A 105 -11.03 8.64 -0.11
C GLY A 105 -10.11 8.56 -1.34
N GLN A 106 -10.61 7.89 -2.36
CA GLN A 106 -9.85 7.73 -3.59
C GLN A 106 -9.35 9.08 -4.08
N THR A 107 -8.12 9.08 -4.59
CA THR A 107 -7.52 10.30 -5.10
C THR A 107 -6.46 9.97 -6.15
N SER A 108 -6.28 10.90 -7.08
CA SER A 108 -5.32 10.72 -8.14
C SER A 108 -3.93 11.18 -7.68
N PRO A 109 -2.89 10.72 -8.42
CA PRO A 109 -1.53 11.07 -8.08
C PRO A 109 -1.21 12.52 -8.49
N ALA A 110 -2.14 13.40 -8.15
CA ALA A 110 -1.98 14.81 -8.47
C ALA A 110 -2.75 15.65 -7.45
N ASN A 111 -3.02 15.04 -6.31
CA ASN A 111 -3.75 15.72 -5.25
C ASN A 111 -3.37 15.11 -3.90
N VAL A 112 -3.49 13.79 -3.83
CA VAL A 112 -3.17 13.08 -2.61
C VAL A 112 -2.09 13.85 -1.84
N VAL A 113 -1.10 14.32 -2.58
CA VAL A 113 -0.01 15.07 -1.98
C VAL A 113 -0.57 16.07 -0.97
N GLY A 114 -0.07 15.97 0.25
CA GLY A 114 -0.52 16.84 1.32
C GLY A 114 -0.78 16.06 2.61
N THR A 115 -1.20 16.79 3.63
CA THR A 115 -1.49 16.18 4.91
C THR A 115 -2.78 15.36 4.84
N ARG A 116 -2.70 14.25 4.13
CA ARG A 116 -3.85 13.37 3.98
C ARG A 116 -4.16 12.66 5.29
N GLN A 117 -5.23 11.89 5.28
CA GLN A 117 -5.64 11.15 6.46
C GLN A 117 -5.81 9.67 6.12
N THR A 118 -5.09 8.83 6.85
CA THR A 118 -5.17 7.39 6.64
C THR A 118 -6.31 6.80 7.45
N LEU A 119 -6.86 5.71 6.91
CA LEU A 119 -7.98 5.03 7.56
C LEU A 119 -7.64 4.82 9.04
N GLN A 120 -6.34 4.72 9.31
CA GLN A 120 -5.88 4.52 10.66
C GLN A 120 -6.37 5.64 11.58
N GLY A 121 -6.13 6.87 11.13
CA GLY A 121 -6.56 8.04 11.89
C GLY A 121 -5.50 9.15 11.80
N ALA A 122 -4.26 8.73 11.61
CA ALA A 122 -3.16 9.67 11.52
C ALA A 122 -3.22 10.37 10.15
N SER A 123 -2.28 11.28 9.96
CA SER A 123 -2.20 12.01 8.71
C SER A 123 -0.97 11.58 7.91
N VAL A 124 -1.19 11.34 6.62
CA VAL A 124 -0.12 10.91 5.75
C VAL A 124 0.32 12.10 4.87
N THR A 125 1.49 12.62 5.17
CA THR A 125 2.03 13.74 4.42
C THR A 125 2.54 13.27 3.05
N VAL A 126 1.60 13.14 2.13
CA VAL A 126 1.94 12.70 0.78
C VAL A 126 2.66 13.83 0.05
N THR A 127 3.59 13.44 -0.81
CA THR A 127 4.36 14.41 -1.58
C THR A 127 4.72 13.84 -2.95
N GLY A 128 5.48 14.62 -3.70
CA GLY A 128 5.90 14.21 -5.03
C GLY A 128 5.71 15.34 -6.04
N GLN A 129 6.42 15.22 -7.15
CA GLN A 129 6.34 16.22 -8.20
C GLN A 129 6.58 15.58 -9.56
N GLY A 130 7.85 15.30 -9.84
CA GLY A 130 8.23 14.69 -11.10
C GLY A 130 8.11 13.17 -11.03
N ASN A 131 8.90 12.50 -11.86
CA ASN A 131 8.90 11.05 -11.89
C ASN A 131 9.50 10.51 -10.60
N SER A 132 8.80 10.74 -9.51
CA SER A 132 9.26 10.27 -8.20
C SER A 132 8.43 10.93 -7.10
N LEU A 133 7.37 10.25 -6.72
CA LEU A 133 6.49 10.75 -5.67
C LEU A 133 6.90 10.14 -4.33
N LYS A 134 6.53 10.84 -3.26
CA LYS A 134 6.85 10.38 -1.92
C LYS A 134 5.58 10.34 -1.08
N VAL A 135 5.65 9.60 0.01
CA VAL A 135 4.51 9.46 0.90
C VAL A 135 5.01 9.22 2.33
N GLY A 136 5.14 10.31 3.08
CA GLY A 136 5.59 10.23 4.45
C GLY A 136 7.12 10.11 4.51
N ASN A 137 7.68 9.63 3.41
CA ASN A 137 9.12 9.46 3.32
C ASN A 137 9.44 8.39 2.28
N ALA A 138 8.48 7.49 2.09
CA ALA A 138 8.65 6.41 1.13
C ALA A 138 8.63 6.99 -0.29
N ASP A 139 9.01 6.15 -1.24
CA ASP A 139 9.04 6.56 -2.64
C ASP A 139 7.97 5.79 -3.41
N VAL A 140 6.92 6.52 -3.78
CA VAL A 140 5.82 5.92 -4.53
C VAL A 140 6.40 5.09 -5.69
N VAL A 141 6.51 3.80 -5.44
CA VAL A 141 7.04 2.89 -6.44
C VAL A 141 6.16 2.94 -7.68
N CYS A 142 4.85 2.86 -7.44
CA CYS A 142 3.89 2.90 -8.54
C CYS A 142 2.52 3.24 -7.96
N GLY A 143 2.08 4.46 -8.23
CA GLY A 143 0.79 4.92 -7.75
C GLY A 143 -0.21 5.09 -8.89
N GLY A 144 -1.44 5.38 -8.53
CA GLY A 144 -2.49 5.57 -9.51
C GLY A 144 -2.94 4.22 -10.09
N VAL A 145 -2.63 3.16 -9.36
CA VAL A 145 -3.00 1.83 -9.79
C VAL A 145 -4.39 1.48 -9.23
N SER A 146 -5.32 2.38 -9.45
CA SER A 146 -6.69 2.18 -8.99
C SER A 146 -7.09 0.71 -9.16
N THR A 147 -7.38 0.08 -8.04
CA THR A 147 -7.78 -1.32 -8.04
C THR A 147 -9.26 -1.44 -8.40
N ALA A 148 -10.07 -1.75 -7.40
CA ALA A 148 -11.49 -1.90 -7.59
C ALA A 148 -12.21 -0.64 -7.11
N ASN A 149 -12.18 -0.43 -5.81
CA ASN A 149 -12.81 0.73 -5.21
C ASN A 149 -11.83 1.41 -4.26
N ALA A 150 -10.61 1.59 -4.74
CA ALA A 150 -9.58 2.22 -3.95
C ALA A 150 -8.29 2.30 -4.77
N THR A 151 -7.64 3.45 -4.67
CA THR A 151 -6.40 3.68 -5.39
C THR A 151 -5.27 2.83 -4.80
N VAL A 152 -4.16 2.77 -5.53
CA VAL A 152 -3.02 2.01 -5.08
C VAL A 152 -1.75 2.85 -5.26
N TYR A 153 -0.98 2.95 -4.19
CA TYR A 153 0.26 3.72 -4.22
C TYR A 153 1.38 2.96 -3.51
N MET A 154 2.05 2.11 -4.27
CA MET A 154 3.15 1.33 -3.73
C MET A 154 4.29 2.23 -3.27
N ILE A 155 4.85 1.89 -2.12
CA ILE A 155 5.95 2.65 -1.55
C ILE A 155 7.06 1.70 -1.10
N ASP A 156 8.25 2.25 -0.94
CA ASP A 156 9.39 1.47 -0.52
C ASP A 156 9.73 1.81 0.93
N SER A 157 8.70 1.75 1.77
CA SER A 157 8.87 2.05 3.18
C SER A 157 7.63 1.61 3.96
N VAL A 158 7.88 0.88 5.04
CA VAL A 158 6.80 0.39 5.88
C VAL A 158 6.24 1.55 6.71
N LEU A 159 5.55 2.44 6.02
CA LEU A 159 4.95 3.59 6.68
C LEU A 159 4.51 3.20 8.09
N MET A 160 4.53 4.18 8.98
CA MET A 160 4.13 3.94 10.36
C MET A 160 3.37 5.14 10.92
N PRO A 161 2.38 4.84 11.79
CA PRO A 161 1.57 5.88 12.40
C PRO A 161 2.34 6.61 13.50
N PRO A 162 2.16 7.96 13.53
CA PRO A 162 2.84 8.78 14.52
C PRO A 162 2.20 8.62 15.91
N ALA A 163 2.35 7.43 16.46
CA ALA A 163 1.79 7.13 17.77
C ALA A 163 1.84 5.63 18.01
N GLY A 1 -2.74 7.02 -18.52
CA GLY A 1 -1.52 6.91 -19.31
C GLY A 1 -0.39 6.30 -18.49
N ASP A 2 0.81 6.83 -18.69
CA ASP A 2 1.97 6.35 -17.97
C ASP A 2 1.78 6.57 -16.48
N LEU A 3 1.90 5.48 -15.72
CA LEU A 3 1.74 5.54 -14.29
C LEU A 3 2.76 6.52 -13.70
N VAL A 4 2.67 6.71 -12.40
CA VAL A 4 3.56 7.61 -11.70
C VAL A 4 4.36 6.84 -10.65
N GLY A 5 5.67 6.88 -10.78
CA GLY A 5 6.55 6.12 -9.91
C GLY A 5 7.61 5.38 -10.71
N PRO A 6 8.77 5.14 -10.04
CA PRO A 6 9.88 4.45 -10.68
C PRO A 6 9.60 2.95 -10.78
N GLY A 7 9.42 2.33 -9.62
CA GLY A 7 9.14 0.90 -9.57
C GLY A 7 8.16 0.50 -10.67
N CYS A 8 7.10 1.29 -10.78
CA CYS A 8 6.08 1.02 -11.78
C CYS A 8 6.77 0.56 -13.07
N ALA A 9 7.97 1.08 -13.27
CA ALA A 9 8.74 0.74 -14.45
C ALA A 9 9.27 -0.69 -14.31
N GLU A 10 10.22 -0.84 -13.39
CA GLU A 10 10.81 -2.15 -13.14
C GLU A 10 9.73 -3.18 -12.84
N TYR A 11 8.90 -2.86 -11.87
CA TYR A 11 7.82 -3.75 -11.47
C TYR A 11 7.04 -4.24 -12.69
N ALA A 12 6.35 -3.30 -13.33
CA ALA A 12 5.56 -3.62 -14.51
C ALA A 12 6.40 -4.48 -15.45
N ALA A 13 7.62 -4.02 -15.70
CA ALA A 13 8.52 -4.73 -16.59
C ALA A 13 8.57 -6.21 -16.17
N ALA A 14 8.43 -6.43 -14.87
CA ALA A 14 8.46 -7.78 -14.34
C ALA A 14 7.05 -8.37 -14.38
N ASN A 15 6.08 -7.55 -14.00
CA ASN A 15 4.69 -7.98 -14.01
C ASN A 15 3.85 -6.98 -14.80
N PRO A 16 3.96 -7.09 -16.15
CA PRO A 16 3.21 -6.21 -17.03
C PRO A 16 1.73 -6.60 -17.08
N THR A 17 1.50 -7.90 -17.18
CA THR A 17 0.15 -8.41 -17.24
C THR A 17 -0.09 -9.39 -16.09
N GLY A 18 -1.35 -9.81 -15.97
CA GLY A 18 -1.73 -10.75 -14.91
C GLY A 18 -2.49 -10.04 -13.80
N PRO A 19 -2.73 -10.80 -12.69
CA PRO A 19 -3.45 -10.25 -11.55
C PRO A 19 -2.56 -9.32 -10.75
N ALA A 20 -1.26 -9.45 -10.96
CA ALA A 20 -0.29 -8.62 -10.27
C ALA A 20 0.11 -7.45 -11.16
N SER A 21 -0.87 -6.92 -11.86
CA SER A 21 -0.64 -5.80 -12.75
C SER A 21 -1.39 -4.56 -12.26
N VAL A 22 -1.37 -3.52 -13.09
CA VAL A 22 -2.05 -2.28 -12.74
C VAL A 22 -3.56 -2.44 -12.99
N GLN A 23 -3.87 -2.94 -14.17
CA GLN A 23 -5.26 -3.15 -14.54
C GLN A 23 -5.76 -4.49 -14.02
N GLY A 24 -4.81 -5.38 -13.73
CA GLY A 24 -5.13 -6.70 -13.23
C GLY A 24 -5.60 -6.64 -11.78
N MET A 25 -4.84 -5.90 -10.98
CA MET A 25 -5.16 -5.74 -9.57
C MET A 25 -6.50 -5.03 -9.39
N SER A 26 -7.01 -4.51 -10.50
CA SER A 26 -8.28 -3.80 -10.47
C SER A 26 -9.42 -4.78 -10.19
N GLN A 27 -9.35 -5.93 -10.84
CA GLN A 27 -10.36 -6.95 -10.67
C GLN A 27 -10.38 -7.45 -9.22
N ASP A 28 -9.36 -7.06 -8.48
CA ASP A 28 -9.23 -7.45 -7.09
C ASP A 28 -9.69 -6.29 -6.20
N PRO A 29 -10.35 -6.65 -5.07
CA PRO A 29 -10.85 -5.66 -4.14
C PRO A 29 -9.70 -5.07 -3.31
N VAL A 30 -9.26 -3.90 -3.72
CA VAL A 30 -8.17 -3.21 -3.03
C VAL A 30 -7.22 -4.26 -2.44
N ALA A 31 -7.00 -4.15 -1.14
CA ALA A 31 -6.12 -5.07 -0.44
C ALA A 31 -5.72 -6.19 -1.39
N VAL A 32 -6.69 -7.06 -1.68
CA VAL A 32 -6.44 -8.18 -2.57
C VAL A 32 -5.36 -7.80 -3.58
N ALA A 33 -5.67 -6.79 -4.38
CA ALA A 33 -4.74 -6.31 -5.38
C ALA A 33 -3.31 -6.54 -4.89
N ALA A 34 -3.02 -5.97 -3.73
CA ALA A 34 -1.69 -6.11 -3.15
C ALA A 34 -1.38 -7.58 -2.93
N SER A 35 -2.35 -8.28 -2.36
CA SER A 35 -2.20 -9.71 -2.10
C SER A 35 -1.83 -10.44 -3.39
N ASN A 36 -2.07 -9.77 -4.51
CA ASN A 36 -1.77 -10.35 -5.80
C ASN A 36 -0.42 -9.83 -6.29
N ASN A 37 -0.15 -8.57 -5.95
CA ASN A 37 1.15 -7.98 -6.23
C ASN A 37 2.23 -8.77 -5.50
N PRO A 38 3.30 -9.13 -6.27
CA PRO A 38 4.41 -9.88 -5.70
C PRO A 38 5.29 -8.98 -4.82
N GLU A 39 4.81 -7.77 -4.60
CA GLU A 39 5.53 -6.82 -3.79
C GLU A 39 4.70 -6.40 -2.57
N LEU A 40 3.40 -6.64 -2.69
CA LEU A 40 2.48 -6.29 -1.62
C LEU A 40 2.03 -7.57 -0.92
N THR A 41 2.36 -8.70 -1.52
CA THR A 41 2.00 -10.00 -0.96
C THR A 41 2.14 -9.97 0.56
N THR A 42 3.21 -9.32 1.02
CA THR A 42 3.47 -9.23 2.45
C THR A 42 2.45 -8.29 3.11
N LEU A 43 2.23 -7.15 2.47
CA LEU A 43 1.29 -6.18 2.99
C LEU A 43 -0.04 -6.87 3.28
N THR A 44 -0.70 -7.28 2.21
CA THR A 44 -1.99 -7.95 2.34
C THR A 44 -1.92 -9.03 3.42
N ALA A 45 -1.09 -10.02 3.17
CA ALA A 45 -0.92 -11.12 4.11
C ALA A 45 -1.03 -10.58 5.54
N ALA A 46 -0.43 -9.42 5.75
CA ALA A 46 -0.47 -8.80 7.06
C ALA A 46 -1.91 -8.40 7.40
N LEU A 47 -2.40 -7.39 6.70
CA LEU A 47 -3.75 -6.92 6.91
C LEU A 47 -4.72 -8.11 6.87
N SER A 48 -4.74 -8.77 5.72
CA SER A 48 -5.62 -9.92 5.54
C SER A 48 -5.56 -10.81 6.78
N GLY A 49 -4.44 -11.48 6.95
CA GLY A 49 -4.25 -12.37 8.08
C GLY A 49 -3.20 -13.43 7.78
N GLN A 50 -2.97 -13.65 6.50
CA GLN A 50 -2.00 -14.64 6.07
C GLN A 50 -0.70 -14.48 6.86
N LEU A 51 -0.51 -13.28 7.40
CA LEU A 51 0.69 -12.99 8.16
C LEU A 51 0.29 -12.76 9.63
N ASN A 52 -0.78 -12.01 9.81
CA ASN A 52 -1.27 -11.71 11.14
C ASN A 52 -2.63 -12.36 11.35
N PRO A 53 -2.60 -13.61 11.87
CA PRO A 53 -3.82 -14.36 12.12
C PRO A 53 -4.56 -13.83 13.35
N GLN A 54 -4.32 -12.55 13.64
CA GLN A 54 -4.94 -11.91 14.77
C GLN A 54 -5.59 -10.59 14.35
N VAL A 55 -5.52 -10.33 13.05
CA VAL A 55 -6.09 -9.10 12.51
C VAL A 55 -6.54 -9.36 11.06
N ASN A 56 -7.56 -8.62 10.65
CA ASN A 56 -8.09 -8.75 9.31
C ASN A 56 -8.68 -7.41 8.86
N LEU A 57 -7.94 -6.73 8.00
CA LEU A 57 -8.39 -5.44 7.49
C LEU A 57 -8.88 -5.61 6.05
N VAL A 58 -8.26 -6.55 5.35
CA VAL A 58 -8.62 -6.81 3.97
C VAL A 58 -10.14 -6.70 3.83
N ASP A 59 -10.85 -7.50 4.61
CA ASP A 59 -12.30 -7.50 4.58
C ASP A 59 -12.81 -6.06 4.61
N THR A 60 -12.18 -5.27 5.48
CA THR A 60 -12.56 -3.87 5.62
C THR A 60 -12.13 -3.07 4.38
N LEU A 61 -10.82 -3.00 4.19
CA LEU A 61 -10.27 -2.27 3.06
C LEU A 61 -11.21 -2.43 1.86
N ASN A 62 -11.79 -3.60 1.75
CA ASN A 62 -12.71 -3.89 0.66
C ASN A 62 -14.12 -3.46 1.06
N SER A 63 -14.24 -2.22 1.48
CA SER A 63 -15.51 -1.67 1.90
C SER A 63 -15.83 -0.41 1.09
N GLY A 64 -15.37 0.72 1.63
CA GLY A 64 -15.61 2.00 0.98
C GLY A 64 -14.43 2.37 0.07
N GLN A 65 -14.52 3.56 -0.50
CA GLN A 65 -13.47 4.04 -1.38
C GLN A 65 -12.25 4.49 -0.56
N TYR A 66 -11.22 3.67 -0.61
CA TYR A 66 -9.99 3.98 0.11
C TYR A 66 -8.84 4.27 -0.86
N THR A 67 -7.64 4.31 -0.30
CA THR A 67 -6.45 4.58 -1.09
C THR A 67 -5.24 3.86 -0.50
N VAL A 68 -5.00 2.64 -1.01
CA VAL A 68 -3.88 1.86 -0.54
C VAL A 68 -2.60 2.68 -0.60
N PHE A 69 -1.80 2.55 0.45
CA PHE A 69 -0.55 3.29 0.52
C PHE A 69 0.62 2.36 0.87
N ALA A 70 0.96 1.52 -0.10
CA ALA A 70 1.22 0.12 0.20
C ALA A 70 2.73 -0.15 0.11
N PRO A 71 3.28 -0.73 1.21
CA PRO A 71 4.69 -1.04 1.27
C PRO A 71 5.02 -2.26 0.40
N THR A 72 5.79 -2.01 -0.66
CA THR A 72 6.19 -3.07 -1.56
C THR A 72 7.02 -4.12 -0.83
N ASN A 73 7.78 -4.88 -1.60
CA ASN A 73 8.62 -5.92 -1.04
C ASN A 73 10.00 -5.33 -0.72
N ALA A 74 10.12 -4.02 -0.92
CA ALA A 74 11.37 -3.33 -0.66
C ALA A 74 11.23 -2.48 0.60
N ALA A 75 10.02 -2.52 1.16
CA ALA A 75 9.73 -1.76 2.37
C ALA A 75 9.83 -2.68 3.58
N PHE A 76 8.99 -3.70 3.58
CA PHE A 76 8.97 -4.66 4.66
C PHE A 76 10.35 -5.27 4.87
N SER A 77 11.18 -5.17 3.85
CA SER A 77 12.52 -5.71 3.92
C SER A 77 13.43 -4.77 4.71
N LYS A 78 12.95 -3.55 4.89
CA LYS A 78 13.70 -2.55 5.62
C LYS A 78 13.73 -2.94 7.10
N LEU A 79 12.56 -3.27 7.62
CA LEU A 79 12.44 -3.65 9.02
C LEU A 79 13.11 -5.01 9.22
N PRO A 80 13.60 -5.22 10.47
CA PRO A 80 14.27 -6.47 10.81
C PRO A 80 13.25 -7.60 10.99
N ALA A 81 13.70 -8.81 10.68
CA ALA A 81 12.85 -9.97 10.79
C ALA A 81 12.16 -9.95 12.15
N SER A 82 12.93 -9.62 13.17
CA SER A 82 12.40 -9.57 14.52
C SER A 82 11.10 -8.77 14.55
N THR A 83 11.10 -7.68 13.81
CA THR A 83 9.92 -6.82 13.73
C THR A 83 8.81 -7.52 12.97
N ILE A 84 9.17 -8.09 11.83
CA ILE A 84 8.21 -8.80 11.00
C ILE A 84 7.65 -9.99 11.78
N ASP A 85 8.55 -10.83 12.25
CA ASP A 85 8.17 -12.00 13.01
C ASP A 85 7.19 -11.60 14.11
N GLU A 86 7.28 -10.34 14.50
CA GLU A 86 6.41 -9.82 15.54
C GLU A 86 5.05 -9.42 14.95
N LEU A 87 5.11 -8.71 13.84
CA LEU A 87 3.90 -8.26 13.16
C LEU A 87 3.01 -9.48 12.90
N LYS A 88 3.62 -10.65 12.90
CA LYS A 88 2.89 -11.88 12.67
C LYS A 88 2.32 -12.39 13.99
N THR A 89 2.42 -11.55 15.00
CA THR A 89 1.91 -11.90 16.32
C THR A 89 1.34 -10.66 17.02
N ASN A 90 1.16 -9.61 16.23
CA ASN A 90 0.62 -8.37 16.76
C ASN A 90 -0.66 -8.01 16.01
N SER A 91 -1.44 -7.14 16.62
CA SER A 91 -2.70 -6.71 16.02
C SER A 91 -3.05 -5.29 16.50
N SER A 92 -2.03 -4.60 16.98
CA SER A 92 -2.21 -3.24 17.46
C SER A 92 -1.10 -2.34 16.93
N LEU A 93 0.12 -2.84 17.02
CA LEU A 93 1.28 -2.09 16.55
C LEU A 93 1.42 -2.28 15.04
N LEU A 94 0.98 -3.43 14.57
CA LEU A 94 1.04 -3.75 13.15
C LEU A 94 -0.15 -3.10 12.43
N THR A 95 -1.32 -3.29 13.02
CA THR A 95 -2.54 -2.73 12.44
C THR A 95 -2.35 -1.25 12.12
N SER A 96 -1.76 -0.54 13.09
CA SER A 96 -1.52 0.89 12.92
C SER A 96 -0.83 1.15 11.58
N ILE A 97 0.10 0.26 11.25
CA ILE A 97 0.85 0.39 10.01
C ILE A 97 -0.10 0.13 8.83
N LEU A 98 -0.70 -1.05 8.84
CA LEU A 98 -1.62 -1.43 7.78
C LEU A 98 -2.62 -0.29 7.55
N THR A 99 -3.31 0.07 8.62
CA THR A 99 -4.29 1.15 8.56
C THR A 99 -3.70 2.37 7.86
N TYR A 100 -2.51 2.75 8.32
CA TYR A 100 -1.83 3.90 7.75
C TYR A 100 -1.46 3.66 6.29
N HIS A 101 -1.59 2.40 5.87
CA HIS A 101 -1.27 2.01 4.51
C HIS A 101 -2.55 2.02 3.67
N VAL A 102 -3.53 2.78 4.14
CA VAL A 102 -4.80 2.88 3.44
C VAL A 102 -5.54 4.13 3.91
N VAL A 103 -6.01 4.91 2.95
CA VAL A 103 -6.74 6.13 3.25
C VAL A 103 -8.21 5.94 2.89
N ALA A 104 -9.04 6.83 3.43
CA ALA A 104 -10.46 6.77 3.17
C ALA A 104 -10.84 7.89 2.20
N GLY A 105 -11.04 7.49 0.95
CA GLY A 105 -11.40 8.44 -0.08
C GLY A 105 -10.45 8.35 -1.28
N GLN A 106 -10.83 7.51 -2.24
CA GLN A 106 -10.01 7.32 -3.43
C GLN A 106 -9.55 8.68 -3.97
N THR A 107 -8.27 8.73 -4.32
CA THR A 107 -7.69 9.96 -4.85
C THR A 107 -6.66 9.63 -5.93
N SER A 108 -6.56 10.52 -6.90
CA SER A 108 -5.62 10.35 -7.99
C SER A 108 -4.26 10.93 -7.62
N PRO A 109 -3.21 10.50 -8.37
CA PRO A 109 -1.86 10.97 -8.12
C PRO A 109 -1.68 12.40 -8.63
N ALA A 110 -2.66 13.25 -8.29
CA ALA A 110 -2.61 14.64 -8.71
C ALA A 110 -3.25 15.51 -7.63
N ASN A 111 -3.40 14.92 -6.45
CA ASN A 111 -3.99 15.63 -5.34
C ASN A 111 -3.46 15.04 -4.03
N VAL A 112 -3.60 13.72 -3.90
CA VAL A 112 -3.14 13.03 -2.71
C VAL A 112 -1.94 13.79 -2.12
N VAL A 113 -1.08 14.25 -3.00
CA VAL A 113 0.10 14.98 -2.58
C VAL A 113 -0.29 15.98 -1.48
N GLY A 114 0.59 16.10 -0.51
CA GLY A 114 0.36 17.01 0.61
C GLY A 114 0.32 16.25 1.94
N THR A 115 -0.88 16.13 2.48
CA THR A 115 -1.05 15.43 3.74
C THR A 115 -2.42 14.74 3.77
N ARG A 116 -2.41 13.45 3.46
CA ARG A 116 -3.63 12.67 3.45
C ARG A 116 -3.99 12.23 4.86
N GLN A 117 -5.19 11.68 5.00
CA GLN A 117 -5.66 11.20 6.29
C GLN A 117 -5.95 9.70 6.23
N THR A 118 -4.92 8.92 6.54
CA THR A 118 -5.05 7.47 6.52
C THR A 118 -6.23 7.03 7.40
N LEU A 119 -6.92 6.00 6.93
CA LEU A 119 -8.07 5.48 7.66
C LEU A 119 -7.67 5.23 9.11
N GLN A 120 -6.37 5.10 9.33
CA GLN A 120 -5.85 4.87 10.66
C GLN A 120 -6.17 6.05 11.57
N GLY A 121 -5.83 7.24 11.10
CA GLY A 121 -6.07 8.45 11.86
C GLY A 121 -4.87 9.40 11.76
N ALA A 122 -3.76 8.86 11.31
CA ALA A 122 -2.54 9.65 11.17
C ALA A 122 -2.49 10.24 9.77
N SER A 123 -1.75 11.34 9.64
CA SER A 123 -1.61 12.01 8.38
C SER A 123 -0.48 11.36 7.56
N VAL A 124 -0.56 11.57 6.25
CA VAL A 124 0.44 11.00 5.35
C VAL A 124 1.03 12.13 4.50
N THR A 125 2.24 12.53 4.86
CA THR A 125 2.93 13.59 4.14
C THR A 125 3.27 13.13 2.72
N VAL A 126 2.32 13.37 1.82
CA VAL A 126 2.50 12.98 0.43
C VAL A 126 3.25 14.10 -0.30
N THR A 127 4.03 13.69 -1.30
CA THR A 127 4.80 14.63 -2.08
C THR A 127 4.81 14.22 -3.56
N GLY A 128 5.31 15.13 -4.39
CA GLY A 128 5.38 14.87 -5.82
C GLY A 128 6.30 15.89 -6.51
N GLN A 129 7.14 15.37 -7.39
CA GLN A 129 8.06 16.22 -8.12
C GLN A 129 7.77 16.15 -9.62
N GLY A 130 8.10 15.02 -10.21
CA GLY A 130 7.87 14.81 -11.64
C GLY A 130 7.71 13.33 -11.96
N ASN A 131 8.59 12.52 -11.37
CA ASN A 131 8.56 11.09 -11.58
C ASN A 131 9.07 10.37 -10.33
N SER A 132 8.55 10.81 -9.19
CA SER A 132 8.95 10.23 -7.91
C SER A 132 8.23 10.94 -6.77
N LEU A 133 7.04 10.45 -6.46
CA LEU A 133 6.24 11.02 -5.39
C LEU A 133 6.73 10.48 -4.05
N LYS A 134 6.25 11.11 -2.98
CA LYS A 134 6.62 10.68 -1.64
C LYS A 134 5.35 10.50 -0.80
N VAL A 135 5.52 9.81 0.32
CA VAL A 135 4.40 9.57 1.21
C VAL A 135 4.94 9.07 2.57
N GLY A 136 4.48 9.72 3.62
CA GLY A 136 4.90 9.36 4.96
C GLY A 136 6.42 9.11 5.02
N ASN A 137 7.13 9.91 4.24
CA ASN A 137 8.59 9.79 4.19
C ASN A 137 8.97 8.78 3.10
N ALA A 138 8.14 7.77 2.95
CA ALA A 138 8.37 6.74 1.95
C ALA A 138 8.45 7.38 0.57
N ASP A 139 8.65 6.54 -0.43
CA ASP A 139 8.74 7.01 -1.80
C ASP A 139 7.73 6.24 -2.67
N VAL A 140 6.83 6.99 -3.29
CA VAL A 140 5.83 6.39 -4.14
C VAL A 140 6.50 5.60 -5.25
N VAL A 141 6.35 4.29 -5.17
CA VAL A 141 6.94 3.41 -6.17
C VAL A 141 6.07 3.41 -7.43
N CYS A 142 4.77 3.34 -7.21
CA CYS A 142 3.82 3.35 -8.31
C CYS A 142 2.43 3.63 -7.75
N GLY A 143 1.96 4.85 -8.02
CA GLY A 143 0.65 5.26 -7.54
C GLY A 143 -0.31 5.47 -8.72
N GLY A 144 -1.60 5.54 -8.39
CA GLY A 144 -2.62 5.74 -9.40
C GLY A 144 -3.06 4.40 -9.99
N VAL A 145 -2.70 3.33 -9.30
CA VAL A 145 -3.05 1.99 -9.76
C VAL A 145 -4.43 1.62 -9.21
N SER A 146 -5.38 2.52 -9.43
CA SER A 146 -6.74 2.30 -8.95
C SER A 146 -7.11 0.82 -9.10
N THR A 147 -7.28 0.18 -7.96
CA THR A 147 -7.64 -1.23 -7.94
C THR A 147 -9.13 -1.42 -8.21
N ALA A 148 -9.87 -1.65 -7.14
CA ALA A 148 -11.31 -1.84 -7.24
C ALA A 148 -12.02 -0.63 -6.63
N ASN A 149 -12.17 -0.68 -5.32
CA ASN A 149 -12.84 0.40 -4.60
C ASN A 149 -11.81 1.15 -3.76
N ALA A 150 -10.68 1.45 -4.38
CA ALA A 150 -9.61 2.16 -3.69
C ALA A 150 -8.39 2.26 -4.61
N THR A 151 -7.63 3.33 -4.42
CA THR A 151 -6.44 3.55 -5.22
C THR A 151 -5.27 2.74 -4.69
N VAL A 152 -4.18 2.75 -5.44
CA VAL A 152 -2.99 2.03 -5.05
C VAL A 152 -1.76 2.93 -5.19
N TYR A 153 -1.04 3.07 -4.09
CA TYR A 153 0.15 3.91 -4.08
C TYR A 153 1.31 3.20 -3.36
N MET A 154 1.97 2.33 -4.11
CA MET A 154 3.09 1.58 -3.56
C MET A 154 4.18 2.53 -3.05
N ILE A 155 4.86 2.10 -2.00
CA ILE A 155 5.93 2.89 -1.41
C ILE A 155 7.11 1.99 -1.08
N ASP A 156 8.24 2.63 -0.80
CA ASP A 156 9.45 1.89 -0.48
C ASP A 156 9.69 1.94 1.03
N SER A 157 8.58 1.97 1.77
CA SER A 157 8.66 2.02 3.22
C SER A 157 7.32 1.58 3.82
N VAL A 158 7.40 1.03 5.03
CA VAL A 158 6.20 0.57 5.72
C VAL A 158 5.44 1.78 6.26
N LEU A 159 5.81 2.95 5.76
CA LEU A 159 5.17 4.19 6.19
C LEU A 159 5.18 4.25 7.72
N MET A 160 4.16 3.63 8.31
CA MET A 160 4.04 3.62 9.76
C MET A 160 3.36 4.89 10.27
N PRO A 161 2.47 4.69 11.28
CA PRO A 161 1.74 5.82 11.86
C PRO A 161 2.65 6.65 12.76
N PRO A 162 2.89 7.92 12.33
CA PRO A 162 3.74 8.82 13.09
C PRO A 162 3.01 9.34 14.33
N ALA A 163 3.16 8.61 15.42
CA ALA A 163 2.51 8.98 16.67
C ALA A 163 3.19 8.24 17.83
N GLY A 1 -1.48 4.18 -21.30
CA GLY A 1 -1.75 4.62 -19.95
C GLY A 1 -0.50 4.45 -19.07
N ASP A 2 0.19 5.56 -18.86
CA ASP A 2 1.40 5.55 -18.05
C ASP A 2 1.01 5.80 -16.58
N LEU A 3 1.92 5.42 -15.70
CA LEU A 3 1.69 5.60 -14.27
C LEU A 3 2.72 6.59 -13.71
N VAL A 4 2.68 6.75 -12.40
CA VAL A 4 3.60 7.65 -11.73
C VAL A 4 4.44 6.86 -10.71
N GLY A 5 5.74 7.03 -10.82
CA GLY A 5 6.67 6.26 -10.00
C GLY A 5 7.69 5.51 -10.87
N PRO A 6 8.87 5.22 -10.26
CA PRO A 6 9.92 4.52 -10.96
C PRO A 6 9.60 3.03 -11.10
N GLY A 7 9.52 2.37 -9.95
CA GLY A 7 9.22 0.95 -9.94
C GLY A 7 8.06 0.62 -10.87
N CYS A 8 7.06 1.50 -10.87
CA CYS A 8 5.89 1.32 -11.70
C CYS A 8 6.36 0.92 -13.11
N ALA A 9 7.56 1.38 -13.44
CA ALA A 9 8.13 1.07 -14.74
C ALA A 9 8.67 -0.35 -14.74
N GLU A 10 9.79 -0.53 -14.08
CA GLU A 10 10.42 -1.84 -13.98
C GLU A 10 9.37 -2.91 -13.67
N TYR A 11 8.61 -2.66 -12.61
CA TYR A 11 7.57 -3.59 -12.20
C TYR A 11 6.87 -4.19 -13.40
N ALA A 12 6.18 -3.35 -14.14
CA ALA A 12 5.45 -3.78 -15.32
C ALA A 12 6.33 -4.75 -16.13
N ALA A 13 7.58 -4.33 -16.31
CA ALA A 13 8.53 -5.15 -17.05
C ALA A 13 8.50 -6.59 -16.51
N ALA A 14 8.41 -6.68 -15.19
CA ALA A 14 8.37 -7.98 -14.55
C ALA A 14 6.96 -8.57 -14.67
N ASN A 15 5.97 -7.74 -14.35
CA ASN A 15 4.59 -8.17 -14.43
C ASN A 15 3.83 -7.24 -15.40
N PRO A 16 3.89 -7.61 -16.70
CA PRO A 16 3.21 -6.83 -17.72
C PRO A 16 1.71 -7.07 -17.70
N THR A 17 1.34 -8.33 -17.83
CA THR A 17 -0.06 -8.71 -17.82
C THR A 17 -0.30 -9.84 -16.82
N GLY A 18 -1.49 -9.81 -16.22
CA GLY A 18 -1.86 -10.81 -15.23
C GLY A 18 -2.60 -10.18 -14.05
N PRO A 19 -2.72 -10.98 -12.96
CA PRO A 19 -3.40 -10.51 -11.76
C PRO A 19 -2.53 -9.51 -10.99
N ALA A 20 -1.23 -9.68 -11.15
CA ALA A 20 -0.28 -8.81 -10.47
C ALA A 20 0.01 -7.59 -11.35
N SER A 21 -1.06 -7.06 -11.94
CA SER A 21 -0.92 -5.90 -12.81
C SER A 21 -1.80 -4.76 -12.28
N VAL A 22 -1.72 -3.63 -12.98
CA VAL A 22 -2.49 -2.46 -12.58
C VAL A 22 -3.97 -2.73 -12.85
N GLN A 23 -4.22 -3.68 -13.74
CA GLN A 23 -5.59 -4.04 -14.09
C GLN A 23 -6.01 -5.31 -13.35
N GLY A 24 -5.12 -6.29 -13.39
CA GLY A 24 -5.38 -7.56 -12.73
C GLY A 24 -5.80 -7.34 -11.27
N MET A 25 -5.41 -6.20 -10.74
CA MET A 25 -5.73 -5.85 -9.36
C MET A 25 -7.06 -5.10 -9.29
N SER A 26 -7.52 -4.65 -10.45
CA SER A 26 -8.77 -3.91 -10.53
C SER A 26 -9.95 -4.87 -10.41
N GLN A 27 -9.90 -5.92 -11.22
CA GLN A 27 -10.97 -6.92 -11.21
C GLN A 27 -11.27 -7.36 -9.77
N ASP A 28 -10.29 -7.17 -8.91
CA ASP A 28 -10.44 -7.54 -7.51
C ASP A 28 -10.49 -6.28 -6.66
N PRO A 29 -10.92 -6.47 -5.38
CA PRO A 29 -11.03 -5.36 -4.45
C PRO A 29 -9.65 -4.92 -3.96
N VAL A 30 -9.60 -3.70 -3.43
CA VAL A 30 -8.36 -3.15 -2.93
C VAL A 30 -7.55 -4.25 -2.24
N ALA A 31 -8.28 -5.19 -1.66
CA ALA A 31 -7.66 -6.31 -0.96
C ALA A 31 -6.92 -7.18 -1.98
N VAL A 32 -7.58 -8.24 -2.39
CA VAL A 32 -7.01 -9.16 -3.36
C VAL A 32 -6.19 -8.38 -4.38
N ALA A 33 -6.76 -7.25 -4.81
CA ALA A 33 -6.10 -6.41 -5.79
C ALA A 33 -4.60 -6.33 -5.46
N ALA A 34 -4.32 -6.21 -4.18
CA ALA A 34 -2.93 -6.13 -3.73
C ALA A 34 -2.39 -7.54 -3.51
N SER A 35 -3.27 -8.42 -3.07
CA SER A 35 -2.89 -9.81 -2.83
C SER A 35 -2.31 -10.42 -4.10
N ASN A 36 -2.56 -9.75 -5.21
CA ASN A 36 -2.07 -10.22 -6.50
C ASN A 36 -0.60 -9.81 -6.66
N ASN A 37 -0.31 -8.59 -6.23
CA ASN A 37 0.98 -7.97 -6.51
C ASN A 37 2.07 -8.71 -5.72
N PRO A 38 3.18 -9.03 -6.44
CA PRO A 38 4.30 -9.73 -5.82
C PRO A 38 5.09 -8.79 -4.92
N GLU A 39 4.60 -7.56 -4.80
CA GLU A 39 5.25 -6.57 -3.97
C GLU A 39 4.34 -6.14 -2.83
N LEU A 40 3.13 -6.70 -2.84
CA LEU A 40 2.15 -6.38 -1.82
C LEU A 40 1.85 -7.63 -0.99
N THR A 41 1.99 -8.78 -1.65
CA THR A 41 1.74 -10.05 -0.99
C THR A 41 2.23 -9.99 0.46
N THR A 42 3.30 -9.25 0.67
CA THR A 42 3.87 -9.11 2.00
C THR A 42 2.94 -8.29 2.90
N LEU A 43 2.59 -7.11 2.41
CA LEU A 43 1.71 -6.22 3.16
C LEU A 43 0.34 -6.89 3.30
N THR A 44 -0.24 -7.21 2.16
CA THR A 44 -1.55 -7.86 2.15
C THR A 44 -1.61 -8.99 3.17
N ALA A 45 -0.68 -9.92 3.04
CA ALA A 45 -0.61 -11.05 3.94
C ALA A 45 -0.79 -10.56 5.38
N ALA A 46 -0.19 -9.42 5.67
CA ALA A 46 -0.29 -8.83 6.99
C ALA A 46 -1.74 -8.47 7.29
N LEU A 47 -2.21 -7.45 6.59
CA LEU A 47 -3.58 -7.00 6.76
C LEU A 47 -4.53 -8.20 6.72
N SER A 48 -4.55 -8.86 5.56
CA SER A 48 -5.40 -10.02 5.38
C SER A 48 -5.32 -10.93 6.62
N GLY A 49 -4.17 -11.56 6.78
CA GLY A 49 -3.95 -12.44 7.91
C GLY A 49 -2.87 -13.49 7.59
N GLN A 50 -2.65 -13.68 6.30
CA GLN A 50 -1.65 -14.64 5.86
C GLN A 50 -0.37 -14.48 6.66
N LEU A 51 -0.20 -13.28 7.21
CA LEU A 51 0.99 -12.98 7.99
C LEU A 51 0.58 -12.74 9.44
N ASN A 52 -0.48 -11.97 9.61
CA ASN A 52 -0.99 -11.66 10.94
C ASN A 52 -2.36 -12.31 11.13
N PRO A 53 -2.34 -13.56 11.65
CA PRO A 53 -3.57 -14.29 11.89
C PRO A 53 -4.31 -13.75 13.11
N GLN A 54 -4.01 -12.50 13.44
CA GLN A 54 -4.64 -11.86 14.58
C GLN A 54 -5.28 -10.54 14.16
N VAL A 55 -5.21 -10.27 12.86
CA VAL A 55 -5.79 -9.05 12.32
C VAL A 55 -6.24 -9.30 10.88
N ASN A 56 -7.34 -8.65 10.51
CA ASN A 56 -7.88 -8.79 9.18
C ASN A 56 -8.50 -7.47 8.74
N LEU A 57 -7.69 -6.68 8.05
CA LEU A 57 -8.14 -5.38 7.57
C LEU A 57 -8.86 -5.56 6.23
N VAL A 58 -8.59 -6.69 5.59
CA VAL A 58 -9.21 -7.01 4.31
C VAL A 58 -10.68 -6.58 4.35
N ASP A 59 -11.42 -7.19 5.26
CA ASP A 59 -12.83 -6.89 5.40
C ASP A 59 -13.03 -5.37 5.37
N THR A 60 -12.06 -4.66 5.94
CA THR A 60 -12.12 -3.22 5.98
C THR A 60 -11.78 -2.63 4.62
N LEU A 61 -10.53 -2.83 4.21
CA LEU A 61 -10.06 -2.34 2.92
C LEU A 61 -11.21 -2.43 1.91
N ASN A 62 -12.02 -3.47 2.07
CA ASN A 62 -13.14 -3.68 1.17
C ASN A 62 -14.36 -2.92 1.70
N SER A 63 -14.14 -1.66 2.03
CA SER A 63 -15.21 -0.81 2.55
C SER A 63 -15.64 0.19 1.49
N GLY A 64 -15.03 1.37 1.55
CA GLY A 64 -15.34 2.43 0.61
C GLY A 64 -14.09 2.87 -0.15
N GLN A 65 -14.27 3.89 -0.97
CA GLN A 65 -13.17 4.42 -1.76
C GLN A 65 -11.94 4.63 -0.88
N TYR A 66 -10.98 3.73 -1.03
CA TYR A 66 -9.76 3.82 -0.26
C TYR A 66 -8.57 4.18 -1.15
N THR A 67 -7.38 4.20 -0.54
CA THR A 67 -6.17 4.54 -1.27
C THR A 67 -4.97 3.86 -0.62
N VAL A 68 -4.68 2.65 -1.10
CA VAL A 68 -3.56 1.89 -0.57
C VAL A 68 -2.29 2.73 -0.68
N PHE A 69 -1.43 2.58 0.33
CA PHE A 69 -0.18 3.31 0.36
C PHE A 69 0.99 2.38 0.70
N ALA A 70 1.22 1.42 -0.18
CA ALA A 70 1.52 0.07 0.26
C ALA A 70 3.04 -0.14 0.26
N PRO A 71 3.55 -0.63 1.40
CA PRO A 71 4.97 -0.89 1.55
C PRO A 71 5.39 -2.14 0.78
N THR A 72 6.22 -1.94 -0.24
CA THR A 72 6.70 -3.03 -1.05
C THR A 72 7.58 -3.96 -0.22
N ASN A 73 8.17 -4.93 -0.91
CA ASN A 73 9.04 -5.89 -0.26
C ASN A 73 10.37 -5.21 0.09
N ALA A 74 10.49 -3.96 -0.33
CA ALA A 74 11.69 -3.20 -0.08
C ALA A 74 11.49 -2.35 1.18
N ALA A 75 10.23 -2.17 1.54
CA ALA A 75 9.89 -1.38 2.71
C ALA A 75 10.02 -2.25 3.96
N PHE A 76 9.33 -3.37 3.95
CA PHE A 76 9.37 -4.29 5.07
C PHE A 76 10.75 -4.94 5.19
N SER A 77 11.36 -5.18 4.05
CA SER A 77 12.68 -5.80 4.02
C SER A 77 13.66 -4.98 4.86
N LYS A 78 13.41 -3.69 4.92
CA LYS A 78 14.26 -2.79 5.68
C LYS A 78 14.24 -3.21 7.15
N LEU A 79 13.11 -2.95 7.79
CA LEU A 79 12.95 -3.29 9.20
C LEU A 79 13.61 -4.64 9.46
N PRO A 80 13.96 -4.87 10.76
CA PRO A 80 14.60 -6.10 11.16
C PRO A 80 13.60 -7.26 11.19
N ALA A 81 14.04 -8.41 10.73
CA ALA A 81 13.19 -9.59 10.70
C ALA A 81 12.35 -9.64 11.98
N SER A 82 13.01 -9.34 13.09
CA SER A 82 12.34 -9.36 14.38
C SER A 82 11.00 -8.62 14.28
N THR A 83 11.08 -7.36 13.88
CA THR A 83 9.89 -6.54 13.73
C THR A 83 8.82 -7.29 12.92
N ILE A 84 9.23 -7.79 11.77
CA ILE A 84 8.33 -8.53 10.90
C ILE A 84 7.74 -9.72 11.67
N ASP A 85 8.63 -10.44 12.35
CA ASP A 85 8.22 -11.59 13.13
C ASP A 85 7.28 -11.15 14.23
N GLU A 86 7.25 -9.84 14.46
CA GLU A 86 6.39 -9.28 15.48
C GLU A 86 5.02 -8.92 14.90
N LEU A 87 5.04 -8.44 13.67
CA LEU A 87 3.82 -8.06 12.98
C LEU A 87 3.01 -9.32 12.68
N LYS A 88 3.63 -10.46 12.91
CA LYS A 88 2.98 -11.73 12.67
C LYS A 88 2.32 -12.22 13.97
N THR A 89 1.95 -11.26 14.81
CA THR A 89 1.32 -11.59 16.07
C THR A 89 0.78 -10.31 16.74
N ASN A 90 1.56 -9.25 16.63
CA ASN A 90 1.18 -7.97 17.21
C ASN A 90 -0.33 -7.79 17.08
N SER A 91 -0.74 -7.42 15.88
CA SER A 91 -2.16 -7.21 15.61
C SER A 91 -2.65 -5.96 16.33
N SER A 92 -1.70 -5.19 16.84
CA SER A 92 -2.02 -3.98 17.56
C SER A 92 -1.08 -2.85 17.13
N LEU A 93 0.20 -3.19 17.03
CA LEU A 93 1.20 -2.22 16.63
C LEU A 93 1.36 -2.25 15.11
N LEU A 94 1.03 -3.40 14.53
CA LEU A 94 1.13 -3.57 13.10
C LEU A 94 -0.11 -2.95 12.44
N THR A 95 -1.26 -3.26 12.99
CA THR A 95 -2.52 -2.74 12.47
C THR A 95 -2.40 -1.23 12.23
N SER A 96 -1.88 -0.55 13.24
CA SER A 96 -1.72 0.89 13.15
C SER A 96 -1.00 1.27 11.85
N ILE A 97 -0.02 0.44 11.51
CA ILE A 97 0.76 0.67 10.31
C ILE A 97 -0.13 0.45 9.08
N LEU A 98 -0.60 -0.78 8.94
CA LEU A 98 -1.46 -1.14 7.82
C LEU A 98 -2.46 -0.01 7.58
N THR A 99 -3.27 0.25 8.59
CA THR A 99 -4.28 1.30 8.50
C THR A 99 -3.65 2.59 7.97
N TYR A 100 -2.52 2.94 8.55
CA TYR A 100 -1.81 4.15 8.14
C TYR A 100 -1.32 4.03 6.70
N HIS A 101 -1.33 2.81 6.20
CA HIS A 101 -0.90 2.55 4.84
C HIS A 101 -2.10 2.59 3.89
N VAL A 102 -3.19 3.14 4.39
CA VAL A 102 -4.40 3.25 3.60
C VAL A 102 -5.11 4.57 3.94
N VAL A 103 -5.77 5.12 2.94
CA VAL A 103 -6.49 6.37 3.12
C VAL A 103 -7.90 6.24 2.53
N ALA A 104 -8.87 6.69 3.30
CA ALA A 104 -10.26 6.63 2.87
C ALA A 104 -10.55 7.79 1.92
N GLY A 105 -10.42 7.52 0.63
CA GLY A 105 -10.67 8.53 -0.38
C GLY A 105 -9.76 8.33 -1.59
N GLN A 106 -10.36 7.88 -2.69
CA GLN A 106 -9.62 7.65 -3.91
C GLN A 106 -9.20 8.97 -4.54
N THR A 107 -7.90 9.24 -4.49
CA THR A 107 -7.36 10.46 -5.06
C THR A 107 -6.23 10.15 -6.03
N SER A 108 -6.26 10.84 -7.16
CA SER A 108 -5.25 10.65 -8.18
C SER A 108 -3.89 11.16 -7.68
N PRO A 109 -2.82 10.72 -8.38
CA PRO A 109 -1.46 11.13 -8.01
C PRO A 109 -1.20 12.57 -8.45
N ALA A 110 -2.16 13.43 -8.14
CA ALA A 110 -2.03 14.84 -8.48
C ALA A 110 -2.77 15.68 -7.43
N ASN A 111 -3.03 15.05 -6.29
CA ASN A 111 -3.73 15.73 -5.21
C ASN A 111 -3.32 15.11 -3.88
N VAL A 112 -3.41 13.78 -3.83
CA VAL A 112 -3.05 13.05 -2.62
C VAL A 112 -1.92 13.79 -1.90
N VAL A 113 -1.03 14.37 -2.70
CA VAL A 113 0.10 15.10 -2.15
C VAL A 113 -0.40 16.06 -1.07
N GLY A 114 0.44 16.26 -0.07
CA GLY A 114 0.10 17.15 1.03
C GLY A 114 -0.02 16.38 2.35
N THR A 115 -1.24 16.30 2.85
CA THR A 115 -1.49 15.60 4.09
C THR A 115 -2.91 15.04 4.12
N ARG A 116 -3.00 13.72 3.98
CA ARG A 116 -4.29 13.05 3.98
C ARG A 116 -4.57 12.43 5.35
N GLN A 117 -5.67 11.69 5.41
CA GLN A 117 -6.05 11.03 6.66
C GLN A 117 -6.23 9.53 6.43
N THR A 118 -5.22 8.79 6.87
CA THR A 118 -5.23 7.34 6.72
C THR A 118 -6.40 6.74 7.52
N LEU A 119 -7.03 5.74 6.92
CA LEU A 119 -8.15 5.08 7.57
C LEU A 119 -7.85 4.91 9.06
N GLN A 120 -6.56 4.77 9.37
CA GLN A 120 -6.13 4.60 10.74
C GLN A 120 -6.66 5.75 11.61
N GLY A 121 -6.28 6.96 11.23
CA GLY A 121 -6.71 8.14 11.97
C GLY A 121 -5.63 9.24 11.92
N ALA A 122 -4.41 8.81 11.67
CA ALA A 122 -3.29 9.73 11.58
C ALA A 122 -3.20 10.31 10.17
N SER A 123 -2.51 11.43 10.06
CA SER A 123 -2.35 12.08 8.77
C SER A 123 -1.11 11.53 8.07
N VAL A 124 -1.22 11.43 6.75
CA VAL A 124 -0.11 10.93 5.95
C VAL A 124 0.43 12.06 5.07
N THR A 125 1.69 12.38 5.29
CA THR A 125 2.34 13.43 4.52
C THR A 125 2.75 12.92 3.14
N VAL A 126 1.99 13.36 2.14
CA VAL A 126 2.26 12.95 0.77
C VAL A 126 3.02 14.06 0.05
N THR A 127 3.77 13.66 -0.96
CA THR A 127 4.55 14.62 -1.74
C THR A 127 4.63 14.17 -3.20
N GLY A 128 5.12 15.08 -4.04
CA GLY A 128 5.24 14.80 -5.45
C GLY A 128 5.97 15.94 -6.18
N GLN A 129 6.82 15.55 -7.11
CA GLN A 129 7.59 16.53 -7.88
C GLN A 129 7.64 16.12 -9.35
N GLY A 130 7.95 14.85 -9.57
CA GLY A 130 8.05 14.33 -10.91
C GLY A 130 7.79 12.82 -10.93
N ASN A 131 8.61 12.12 -11.71
CA ASN A 131 8.48 10.68 -11.83
C ASN A 131 9.09 10.02 -10.58
N SER A 132 8.57 10.41 -9.43
CA SER A 132 9.05 9.88 -8.17
C SER A 132 8.41 10.64 -7.00
N LEU A 133 7.16 10.30 -6.73
CA LEU A 133 6.44 10.94 -5.64
C LEU A 133 6.97 10.43 -4.30
N LYS A 134 6.49 11.04 -3.23
CA LYS A 134 6.90 10.66 -1.90
C LYS A 134 5.68 10.56 -0.99
N VAL A 135 5.85 9.81 0.10
CA VAL A 135 4.76 9.63 1.04
C VAL A 135 5.35 9.26 2.41
N GLY A 136 5.12 10.15 3.37
CA GLY A 136 5.63 9.93 4.72
C GLY A 136 7.10 9.56 4.70
N ASN A 137 7.85 10.25 3.86
CA ASN A 137 9.27 10.01 3.74
C ASN A 137 9.51 8.92 2.68
N ALA A 138 8.60 7.96 2.65
CA ALA A 138 8.70 6.86 1.71
C ALA A 138 8.79 7.43 0.28
N ASP A 139 9.01 6.53 -0.66
CA ASP A 139 9.11 6.93 -2.05
C ASP A 139 8.03 6.22 -2.87
N VAL A 140 7.17 7.02 -3.50
CA VAL A 140 6.10 6.47 -4.31
C VAL A 140 6.69 5.62 -5.43
N VAL A 141 6.80 4.33 -5.15
CA VAL A 141 7.34 3.40 -6.12
C VAL A 141 6.44 3.37 -7.35
N CYS A 142 5.20 2.95 -7.14
CA CYS A 142 4.23 2.87 -8.21
C CYS A 142 2.86 3.26 -7.66
N GLY A 143 2.43 4.46 -8.01
CA GLY A 143 1.15 4.97 -7.55
C GLY A 143 0.19 5.17 -8.72
N GLY A 144 -1.09 5.25 -8.39
CA GLY A 144 -2.12 5.44 -9.41
C GLY A 144 -2.58 4.09 -9.96
N VAL A 145 -2.36 3.05 -9.19
CA VAL A 145 -2.75 1.71 -9.60
C VAL A 145 -4.14 1.39 -9.03
N SER A 146 -5.08 2.26 -9.36
CA SER A 146 -6.44 2.09 -8.89
C SER A 146 -6.87 0.63 -9.06
N THR A 147 -7.50 0.10 -8.02
CA THR A 147 -7.96 -1.27 -8.04
C THR A 147 -9.42 -1.34 -8.49
N ALA A 148 -10.29 -1.68 -7.55
CA ALA A 148 -11.71 -1.78 -7.84
C ALA A 148 -12.43 -0.55 -7.29
N ASN A 149 -12.01 -0.15 -6.10
CA ASN A 149 -12.60 1.01 -5.46
C ASN A 149 -11.60 1.59 -4.45
N ALA A 150 -10.35 1.66 -4.87
CA ALA A 150 -9.29 2.19 -4.02
C ALA A 150 -8.00 2.28 -4.83
N THR A 151 -7.30 3.39 -4.65
CA THR A 151 -6.05 3.62 -5.35
C THR A 151 -4.94 2.77 -4.72
N VAL A 152 -3.80 2.74 -5.40
CA VAL A 152 -2.65 1.99 -4.93
C VAL A 152 -1.39 2.83 -5.10
N TYR A 153 -0.65 2.96 -4.01
CA TYR A 153 0.59 3.73 -4.02
C TYR A 153 1.69 3.00 -3.26
N MET A 154 2.38 2.12 -3.98
CA MET A 154 3.47 1.36 -3.39
C MET A 154 4.64 2.27 -3.01
N ILE A 155 4.90 2.34 -1.73
CA ILE A 155 6.00 3.16 -1.22
C ILE A 155 7.16 2.27 -0.81
N ASP A 156 8.24 2.92 -0.37
CA ASP A 156 9.42 2.20 0.05
C ASP A 156 9.61 2.38 1.56
N SER A 157 8.51 2.23 2.29
CA SER A 157 8.55 2.38 3.73
C SER A 157 7.19 1.97 4.33
N VAL A 158 7.26 1.05 5.28
CA VAL A 158 6.06 0.57 5.94
C VAL A 158 5.46 1.69 6.78
N LEU A 159 5.91 2.90 6.52
CA LEU A 159 5.43 4.07 7.24
C LEU A 159 5.16 3.67 8.69
N MET A 160 4.32 4.47 9.33
CA MET A 160 3.96 4.22 10.72
C MET A 160 3.18 5.40 11.31
N PRO A 161 2.19 5.04 12.17
CA PRO A 161 1.35 6.06 12.81
C PRO A 161 2.11 6.79 13.91
N PRO A 162 1.94 8.14 13.93
CA PRO A 162 2.61 8.96 14.93
C PRO A 162 1.93 8.81 16.30
N ALA A 163 2.19 7.68 16.93
CA ALA A 163 1.60 7.40 18.24
C ALA A 163 2.65 6.71 19.11
N GLY A 1 -5.57 6.44 -18.05
CA GLY A 1 -4.83 5.91 -16.91
C GLY A 1 -3.33 5.84 -17.22
N ASP A 2 -2.54 6.19 -16.22
CA ASP A 2 -1.09 6.17 -16.37
C ASP A 2 -0.44 5.89 -15.02
N LEU A 3 0.89 5.90 -15.02
CA LEU A 3 1.63 5.65 -13.80
C LEU A 3 2.25 6.96 -13.32
N VAL A 4 2.80 6.91 -12.11
CA VAL A 4 3.43 8.09 -11.52
C VAL A 4 4.72 7.66 -10.82
N GLY A 5 5.08 6.40 -11.00
CA GLY A 5 6.15 5.80 -10.23
C GLY A 5 7.22 5.21 -11.15
N PRO A 6 8.48 5.19 -10.62
CA PRO A 6 9.61 4.66 -11.38
C PRO A 6 9.56 3.14 -11.44
N GLY A 7 9.55 2.53 -10.25
CA GLY A 7 9.51 1.09 -10.16
C GLY A 7 8.51 0.49 -11.17
N CYS A 8 7.34 1.11 -11.23
CA CYS A 8 6.30 0.66 -12.14
C CYS A 8 6.93 0.43 -13.51
N ALA A 9 7.84 1.32 -13.87
CA ALA A 9 8.52 1.24 -15.15
C ALA A 9 9.05 -0.19 -15.34
N GLU A 10 9.86 -0.62 -14.38
CA GLU A 10 10.44 -1.96 -14.43
C GLU A 10 9.37 -3.00 -14.06
N TYR A 11 8.59 -2.66 -13.05
CA TYR A 11 7.54 -3.56 -12.59
C TYR A 11 6.91 -4.31 -13.76
N ALA A 12 6.24 -3.54 -14.61
CA ALA A 12 5.58 -4.11 -15.78
C ALA A 12 6.52 -5.11 -16.45
N ALA A 13 7.75 -4.68 -16.65
CA ALA A 13 8.75 -5.52 -17.28
C ALA A 13 8.74 -6.90 -16.62
N ALA A 14 8.56 -6.89 -15.31
CA ALA A 14 8.53 -8.13 -14.55
C ALA A 14 7.10 -8.68 -14.56
N ASN A 15 6.16 -7.82 -14.24
CA ASN A 15 4.76 -8.21 -14.21
C ASN A 15 3.97 -7.36 -15.21
N PRO A 16 4.01 -7.80 -16.50
CA PRO A 16 3.31 -7.09 -17.55
C PRO A 16 1.80 -7.35 -17.48
N THR A 17 1.46 -8.59 -17.18
CA THR A 17 0.06 -8.97 -17.07
C THR A 17 -0.18 -9.74 -15.76
N GLY A 18 -1.30 -10.45 -15.74
CA GLY A 18 -1.66 -11.24 -14.57
C GLY A 18 -2.44 -10.40 -13.57
N PRO A 19 -2.73 -11.02 -12.39
CA PRO A 19 -3.48 -10.34 -11.35
C PRO A 19 -2.59 -9.31 -10.63
N ALA A 20 -1.30 -9.37 -10.93
CA ALA A 20 -0.35 -8.45 -10.33
C ALA A 20 -0.16 -7.25 -11.24
N SER A 21 -1.10 -7.08 -12.16
CA SER A 21 -1.04 -5.98 -13.11
C SER A 21 -1.83 -4.78 -12.57
N VAL A 22 -1.56 -3.62 -13.14
CA VAL A 22 -2.24 -2.41 -12.73
C VAL A 22 -3.70 -2.47 -13.14
N GLN A 23 -4.01 -3.46 -13.98
CA GLN A 23 -5.37 -3.64 -14.45
C GLN A 23 -6.00 -4.88 -13.79
N GLY A 24 -5.31 -5.99 -13.93
CA GLY A 24 -5.80 -7.24 -13.36
C GLY A 24 -6.21 -7.05 -11.90
N MET A 25 -5.37 -6.31 -11.18
CA MET A 25 -5.64 -6.05 -9.77
C MET A 25 -6.92 -5.21 -9.61
N SER A 26 -7.34 -4.60 -10.71
CA SER A 26 -8.53 -3.77 -10.70
C SER A 26 -9.76 -4.64 -10.41
N GLN A 27 -9.96 -5.63 -11.27
CA GLN A 27 -11.09 -6.53 -11.13
C GLN A 27 -11.18 -7.03 -9.68
N ASP A 28 -10.06 -6.97 -8.99
CA ASP A 28 -10.00 -7.41 -7.62
C ASP A 28 -10.29 -6.23 -6.68
N PRO A 29 -10.98 -6.55 -5.55
CA PRO A 29 -11.33 -5.52 -4.58
C PRO A 29 -10.10 -5.11 -3.77
N VAL A 30 -9.55 -3.96 -4.12
CA VAL A 30 -8.37 -3.44 -3.43
C VAL A 30 -7.63 -4.60 -2.77
N ALA A 31 -7.99 -4.88 -1.53
CA ALA A 31 -7.35 -5.96 -0.79
C ALA A 31 -6.77 -6.97 -1.77
N VAL A 32 -7.62 -7.87 -2.23
CA VAL A 32 -7.20 -8.89 -3.17
C VAL A 32 -6.19 -8.29 -4.15
N ALA A 33 -6.57 -7.15 -4.71
CA ALA A 33 -5.71 -6.47 -5.66
C ALA A 33 -4.28 -6.42 -5.12
N ALA A 34 -4.17 -6.00 -3.87
CA ALA A 34 -2.87 -5.92 -3.23
C ALA A 34 -2.36 -7.34 -2.92
N SER A 35 -3.30 -8.26 -2.83
CA SER A 35 -2.97 -9.64 -2.55
C SER A 35 -2.65 -10.38 -3.85
N ASN A 36 -1.98 -9.67 -4.74
CA ASN A 36 -1.61 -10.24 -6.03
C ASN A 36 -0.26 -9.66 -6.47
N ASN A 37 -0.12 -8.36 -6.29
CA ASN A 37 1.15 -7.70 -6.53
C ASN A 37 2.26 -8.48 -5.81
N PRO A 38 3.38 -8.70 -6.55
CA PRO A 38 4.51 -9.43 -5.99
C PRO A 38 5.29 -8.55 -5.01
N GLU A 39 4.78 -7.36 -4.80
CA GLU A 39 5.41 -6.42 -3.88
C GLU A 39 4.45 -6.04 -2.76
N LEU A 40 3.24 -6.55 -2.87
CA LEU A 40 2.21 -6.27 -1.86
C LEU A 40 1.88 -7.57 -1.12
N THR A 41 1.93 -8.66 -1.85
CA THR A 41 1.63 -9.96 -1.28
C THR A 41 2.04 -10.01 0.19
N THR A 42 3.19 -9.39 0.47
CA THR A 42 3.70 -9.35 1.82
C THR A 42 2.77 -8.54 2.73
N LEU A 43 2.55 -7.30 2.33
CA LEU A 43 1.68 -6.40 3.10
C LEU A 43 0.30 -7.06 3.24
N THR A 44 -0.21 -7.55 2.12
CA THR A 44 -1.51 -8.20 2.11
C THR A 44 -1.61 -9.23 3.24
N ALA A 45 -0.61 -10.11 3.27
CA ALA A 45 -0.58 -11.15 4.29
C ALA A 45 -0.89 -10.53 5.66
N ALA A 46 -0.40 -9.32 5.85
CA ALA A 46 -0.61 -8.61 7.09
C ALA A 46 -2.10 -8.28 7.24
N LEU A 47 -2.55 -7.37 6.39
CA LEU A 47 -3.95 -6.95 6.41
C LEU A 47 -4.84 -8.19 6.43
N SER A 48 -4.74 -8.97 5.35
CA SER A 48 -5.54 -10.17 5.22
C SER A 48 -5.56 -10.92 6.55
N GLY A 49 -4.40 -11.40 6.95
CA GLY A 49 -4.28 -12.13 8.20
C GLY A 49 -3.16 -13.18 8.12
N GLN A 50 -2.83 -13.54 6.89
CA GLN A 50 -1.78 -14.53 6.66
C GLN A 50 -0.66 -14.37 7.68
N LEU A 51 -0.29 -13.11 7.90
CA LEU A 51 0.77 -12.81 8.85
C LEU A 51 0.26 -13.07 10.28
N ASN A 52 -0.85 -12.43 10.60
CA ASN A 52 -1.44 -12.58 11.92
C ASN A 52 -2.93 -12.92 11.78
N PRO A 53 -3.33 -14.02 12.45
CA PRO A 53 -4.72 -14.46 12.41
C PRO A 53 -5.61 -13.54 13.26
N GLN A 54 -5.00 -12.49 13.77
CA GLN A 54 -5.73 -11.54 14.60
C GLN A 54 -5.97 -10.24 13.83
N VAL A 55 -5.54 -10.24 12.58
CA VAL A 55 -5.69 -9.08 11.73
C VAL A 55 -6.44 -9.47 10.46
N ASN A 56 -7.30 -8.57 10.01
CA ASN A 56 -8.09 -8.81 8.80
C ASN A 56 -8.68 -7.49 8.32
N LEU A 57 -8.10 -6.98 7.25
CA LEU A 57 -8.56 -5.72 6.67
C LEU A 57 -9.20 -6.00 5.31
N VAL A 58 -8.80 -7.11 4.71
CA VAL A 58 -9.33 -7.51 3.41
C VAL A 58 -10.79 -7.09 3.32
N ASP A 59 -11.50 -7.27 4.42
CA ASP A 59 -12.91 -6.92 4.47
C ASP A 59 -13.06 -5.39 4.42
N THR A 60 -12.42 -4.74 5.38
CA THR A 60 -12.46 -3.29 5.45
C THR A 60 -11.96 -2.67 4.15
N LEU A 61 -10.71 -2.97 3.83
CA LEU A 61 -10.11 -2.45 2.61
C LEU A 61 -11.12 -2.53 1.47
N ASN A 62 -11.93 -3.58 1.52
CA ASN A 62 -12.95 -3.78 0.49
C ASN A 62 -14.25 -3.12 0.93
N SER A 63 -14.15 -1.84 1.23
CA SER A 63 -15.31 -1.07 1.67
C SER A 63 -14.95 0.41 1.77
N GLY A 64 -15.50 1.19 0.85
CA GLY A 64 -15.25 2.62 0.83
C GLY A 64 -14.02 2.94 -0.01
N GLN A 65 -14.09 4.08 -0.70
CA GLN A 65 -12.99 4.52 -1.54
C GLN A 65 -11.74 4.75 -0.70
N TYR A 66 -10.76 3.88 -0.89
CA TYR A 66 -9.51 3.98 -0.15
C TYR A 66 -8.35 4.30 -1.08
N THR A 67 -7.15 4.27 -0.52
CA THR A 67 -5.95 4.56 -1.29
C THR A 67 -4.75 3.81 -0.71
N VAL A 68 -4.58 2.58 -1.19
CA VAL A 68 -3.47 1.75 -0.73
C VAL A 68 -2.17 2.54 -0.83
N PHE A 69 -1.37 2.46 0.22
CA PHE A 69 -0.10 3.16 0.27
C PHE A 69 1.04 2.20 0.66
N ALA A 70 1.33 1.29 -0.25
CA ALA A 70 1.63 -0.07 0.14
C ALA A 70 3.15 -0.25 0.23
N PRO A 71 3.60 -0.83 1.37
CA PRO A 71 5.01 -1.06 1.60
C PRO A 71 5.52 -2.24 0.76
N THR A 72 6.41 -1.93 -0.16
CA THR A 72 6.97 -2.95 -1.04
C THR A 72 7.84 -3.92 -0.23
N ASN A 73 8.23 -5.00 -0.89
CA ASN A 73 9.05 -6.01 -0.25
C ASN A 73 10.33 -5.35 0.30
N ALA A 74 10.67 -4.22 -0.30
CA ALA A 74 11.85 -3.48 0.11
C ALA A 74 11.52 -2.65 1.35
N ALA A 75 10.24 -2.39 1.52
CA ALA A 75 9.78 -1.61 2.66
C ALA A 75 9.81 -2.48 3.92
N PHE A 76 9.27 -3.68 3.78
CA PHE A 76 9.23 -4.60 4.90
C PHE A 76 10.62 -5.16 5.21
N SER A 77 11.36 -5.44 4.15
CA SER A 77 12.70 -5.97 4.28
C SER A 77 13.56 -5.01 5.12
N LYS A 78 13.31 -3.72 4.93
CA LYS A 78 14.04 -2.71 5.65
C LYS A 78 13.98 -3.01 7.15
N LEU A 79 12.77 -2.95 7.68
CA LEU A 79 12.56 -3.21 9.10
C LEU A 79 13.31 -4.49 9.49
N PRO A 80 13.71 -4.55 10.79
CA PRO A 80 14.42 -5.71 11.30
C PRO A 80 13.47 -6.89 11.50
N ALA A 81 13.99 -8.07 11.21
CA ALA A 81 13.21 -9.29 11.35
C ALA A 81 12.35 -9.19 12.62
N SER A 82 12.99 -8.78 13.69
CA SER A 82 12.31 -8.63 14.97
C SER A 82 10.95 -7.97 14.76
N THR A 83 10.99 -6.79 14.16
CA THR A 83 9.77 -6.04 13.89
C THR A 83 8.75 -6.92 13.18
N ILE A 84 9.23 -7.60 12.14
CA ILE A 84 8.37 -8.48 11.36
C ILE A 84 7.84 -9.60 12.26
N ASP A 85 8.78 -10.36 12.82
CA ASP A 85 8.43 -11.46 13.69
C ASP A 85 7.41 -10.98 14.73
N GLU A 86 7.49 -9.69 15.03
CA GLU A 86 6.59 -9.10 16.00
C GLU A 86 5.19 -8.93 15.40
N LEU A 87 5.17 -8.41 14.18
CA LEU A 87 3.91 -8.19 13.48
C LEU A 87 3.14 -9.51 13.40
N LYS A 88 3.88 -10.61 13.57
CA LYS A 88 3.28 -11.92 13.52
C LYS A 88 2.85 -12.34 14.93
N THR A 89 2.90 -11.38 15.84
CA THR A 89 2.51 -11.62 17.22
C THR A 89 1.82 -10.40 17.80
N ASN A 90 1.45 -9.48 16.92
CA ASN A 90 0.78 -8.26 17.34
C ASN A 90 -0.64 -8.24 16.76
N SER A 91 -1.13 -7.03 16.53
CA SER A 91 -2.46 -6.87 15.98
C SER A 91 -2.78 -5.37 15.83
N SER A 92 -2.95 -4.72 16.97
CA SER A 92 -3.25 -3.30 16.97
C SER A 92 -2.02 -2.50 16.56
N LEU A 93 -0.86 -2.99 16.97
CA LEU A 93 0.39 -2.33 16.66
C LEU A 93 0.67 -2.47 15.16
N LEU A 94 0.52 -3.69 14.68
CA LEU A 94 0.75 -3.99 13.27
C LEU A 94 -0.36 -3.33 12.44
N THR A 95 -1.57 -3.46 12.94
CA THR A 95 -2.72 -2.89 12.25
C THR A 95 -2.50 -1.40 11.97
N SER A 96 -2.16 -0.68 13.02
CA SER A 96 -1.91 0.74 12.90
C SER A 96 -1.08 1.03 11.65
N ILE A 97 -0.12 0.16 11.41
CA ILE A 97 0.75 0.31 10.25
C ILE A 97 -0.06 0.08 8.97
N LEU A 98 -0.66 -1.10 8.89
CA LEU A 98 -1.48 -1.46 7.74
C LEU A 98 -2.44 -0.31 7.42
N THR A 99 -3.30 -0.02 8.40
CA THR A 99 -4.27 1.05 8.24
C THR A 99 -3.60 2.31 7.69
N TYR A 100 -2.46 2.64 8.29
CA TYR A 100 -1.71 3.81 7.88
C TYR A 100 -1.24 3.68 6.43
N HIS A 101 -1.21 2.44 5.97
CA HIS A 101 -0.78 2.16 4.60
C HIS A 101 -1.99 2.22 3.66
N VAL A 102 -3.05 2.84 4.15
CA VAL A 102 -4.27 2.96 3.36
C VAL A 102 -5.03 4.21 3.80
N VAL A 103 -5.25 5.10 2.85
CA VAL A 103 -5.97 6.33 3.12
C VAL A 103 -7.42 6.18 2.69
N ALA A 104 -8.29 6.93 3.36
CA ALA A 104 -9.71 6.89 3.06
C ALA A 104 -10.06 8.05 2.14
N GLY A 105 -10.19 7.73 0.86
CA GLY A 105 -10.53 8.74 -0.14
C GLY A 105 -9.63 8.61 -1.37
N GLN A 106 -10.14 7.89 -2.36
CA GLN A 106 -9.39 7.69 -3.59
C GLN A 106 -8.95 9.03 -4.18
N THR A 107 -7.78 9.02 -4.79
CA THR A 107 -7.23 10.23 -5.38
C THR A 107 -6.05 9.89 -6.29
N SER A 108 -5.94 10.64 -7.37
CA SER A 108 -4.86 10.43 -8.32
C SER A 108 -3.55 10.97 -7.75
N PRO A 109 -2.42 10.57 -8.41
CA PRO A 109 -1.10 11.00 -7.97
C PRO A 109 -0.86 12.46 -8.37
N ALA A 110 -1.81 13.31 -8.00
CA ALA A 110 -1.70 14.73 -8.31
C ALA A 110 -2.10 15.54 -7.07
N ASN A 111 -3.20 15.13 -6.47
CA ASN A 111 -3.70 15.81 -5.27
C ASN A 111 -3.22 15.06 -4.04
N VAL A 112 -3.12 13.74 -4.18
CA VAL A 112 -2.68 12.90 -3.07
C VAL A 112 -1.58 13.62 -2.29
N VAL A 113 -0.80 14.41 -3.02
CA VAL A 113 0.29 15.15 -2.42
C VAL A 113 -0.26 16.02 -1.29
N GLY A 114 0.47 16.04 -0.17
CA GLY A 114 0.07 16.82 0.98
C GLY A 114 -0.34 15.91 2.14
N THR A 115 -0.54 16.53 3.28
CA THR A 115 -0.94 15.79 4.48
C THR A 115 -2.34 15.23 4.31
N ARG A 116 -2.41 13.90 4.21
CA ARG A 116 -3.68 13.23 4.04
C ARG A 116 -4.10 12.55 5.36
N GLN A 117 -5.31 12.04 5.36
CA GLN A 117 -5.84 11.36 6.53
C GLN A 117 -5.85 9.86 6.32
N THR A 118 -4.78 9.21 6.76
CA THR A 118 -4.64 7.77 6.63
C THR A 118 -5.81 7.07 7.32
N LEU A 119 -6.01 5.82 6.93
CA LEU A 119 -7.08 5.01 7.51
C LEU A 119 -6.89 4.93 9.02
N GLN A 120 -5.70 4.49 9.41
CA GLN A 120 -5.37 4.35 10.82
C GLN A 120 -5.89 5.56 11.60
N GLY A 121 -6.06 6.66 10.89
CA GLY A 121 -6.55 7.88 11.50
C GLY A 121 -5.47 8.97 11.49
N ALA A 122 -4.22 8.52 11.41
CA ALA A 122 -3.09 9.43 11.39
C ALA A 122 -3.09 10.20 10.06
N SER A 123 -2.01 10.95 9.85
CA SER A 123 -1.88 11.73 8.64
C SER A 123 -0.63 11.28 7.86
N VAL A 124 -0.73 11.39 6.55
CA VAL A 124 0.37 11.00 5.68
C VAL A 124 0.80 12.20 4.83
N THR A 125 1.95 12.75 5.16
CA THR A 125 2.48 13.90 4.43
C THR A 125 3.03 13.45 3.08
N VAL A 126 2.13 13.39 2.10
CA VAL A 126 2.50 12.98 0.76
C VAL A 126 3.22 14.15 0.07
N THR A 127 4.04 13.80 -0.90
CA THR A 127 4.79 14.80 -1.65
C THR A 127 5.12 14.28 -3.06
N GLY A 128 5.88 15.09 -3.78
CA GLY A 128 6.27 14.72 -5.13
C GLY A 128 5.88 15.82 -6.13
N GLN A 129 4.78 15.58 -6.82
CA GLN A 129 4.28 16.53 -7.79
C GLN A 129 5.11 16.45 -9.08
N GLY A 130 4.87 15.38 -9.83
CA GLY A 130 5.58 15.18 -11.08
C GLY A 130 6.25 13.80 -11.11
N ASN A 131 7.44 13.77 -11.70
CA ASN A 131 8.20 12.54 -11.79
C ASN A 131 8.82 12.22 -10.44
N SER A 132 8.50 11.04 -9.93
CA SER A 132 9.02 10.60 -8.65
C SER A 132 8.26 11.29 -7.51
N LEU A 133 7.46 10.49 -6.81
CA LEU A 133 6.67 11.01 -5.71
C LEU A 133 7.21 10.44 -4.39
N LYS A 134 6.70 10.98 -3.30
CA LYS A 134 7.12 10.54 -1.98
C LYS A 134 5.89 10.43 -1.07
N VAL A 135 6.02 9.59 -0.06
CA VAL A 135 4.94 9.38 0.89
C VAL A 135 5.52 9.08 2.28
N GLY A 136 5.25 9.98 3.20
CA GLY A 136 5.75 9.82 4.56
C GLY A 136 7.23 9.44 4.57
N ASN A 137 7.98 10.12 3.71
CA ASN A 137 9.41 9.87 3.62
C ASN A 137 9.66 8.74 2.61
N ALA A 138 8.65 7.89 2.46
CA ALA A 138 8.73 6.77 1.54
C ALA A 138 8.86 7.31 0.11
N ASP A 139 9.17 6.40 -0.80
CA ASP A 139 9.32 6.76 -2.20
C ASP A 139 8.25 6.04 -3.03
N VAL A 140 7.45 6.84 -3.72
CA VAL A 140 6.39 6.30 -4.55
C VAL A 140 7.00 5.47 -5.67
N VAL A 141 7.00 4.16 -5.47
CA VAL A 141 7.55 3.24 -6.44
C VAL A 141 6.61 3.17 -7.66
N CYS A 142 5.36 2.83 -7.37
CA CYS A 142 4.36 2.72 -8.42
C CYS A 142 3.01 3.12 -7.83
N GLY A 143 2.61 4.36 -8.11
CA GLY A 143 1.35 4.87 -7.62
C GLY A 143 0.38 5.12 -8.76
N GLY A 144 -0.89 5.27 -8.41
CA GLY A 144 -1.93 5.51 -9.39
C GLY A 144 -2.41 4.19 -10.01
N VAL A 145 -2.21 3.12 -9.27
CA VAL A 145 -2.61 1.80 -9.72
C VAL A 145 -4.00 1.48 -9.16
N SER A 146 -4.94 2.38 -9.44
CA SER A 146 -6.30 2.20 -8.97
C SER A 146 -6.76 0.77 -9.24
N THR A 147 -7.20 0.12 -8.17
CA THR A 147 -7.68 -1.25 -8.27
C THR A 147 -9.18 -1.28 -8.56
N ALA A 148 -9.95 -1.61 -7.53
CA ALA A 148 -11.39 -1.68 -7.66
C ALA A 148 -12.00 -0.36 -7.17
N ASN A 149 -11.82 -0.11 -5.89
CA ASN A 149 -12.35 1.11 -5.27
C ASN A 149 -11.32 1.68 -4.31
N ALA A 150 -10.05 1.48 -4.65
CA ALA A 150 -8.97 1.96 -3.82
C ALA A 150 -7.69 2.06 -4.66
N THR A 151 -7.03 3.20 -4.55
CA THR A 151 -5.80 3.43 -5.29
C THR A 151 -4.69 2.55 -4.75
N VAL A 152 -3.56 2.60 -5.44
CA VAL A 152 -2.40 1.80 -5.04
C VAL A 152 -1.13 2.64 -5.22
N TYR A 153 -0.38 2.74 -4.14
CA TYR A 153 0.87 3.50 -4.16
C TYR A 153 1.98 2.76 -3.43
N MET A 154 2.69 1.93 -4.18
CA MET A 154 3.78 1.15 -3.62
C MET A 154 4.95 2.05 -3.22
N ILE A 155 5.13 2.18 -1.91
CA ILE A 155 6.20 3.01 -1.38
C ILE A 155 7.36 2.12 -0.94
N ASP A 156 8.44 2.77 -0.53
CA ASP A 156 9.62 2.04 -0.08
C ASP A 156 9.85 2.33 1.41
N SER A 157 8.81 2.12 2.20
CA SER A 157 8.89 2.35 3.63
C SER A 157 7.59 1.91 4.30
N VAL A 158 7.74 1.06 5.31
CA VAL A 158 6.59 0.57 6.04
C VAL A 158 6.00 1.69 6.90
N LEU A 159 5.41 2.66 6.23
CA LEU A 159 4.82 3.80 6.91
C LEU A 159 4.32 3.35 8.29
N MET A 160 4.45 4.25 9.25
CA MET A 160 4.02 3.96 10.61
C MET A 160 3.20 5.11 11.18
N PRO A 161 2.21 4.75 12.04
CA PRO A 161 1.35 5.75 12.67
C PRO A 161 2.10 6.49 13.78
N PRO A 162 1.97 7.85 13.74
CA PRO A 162 2.62 8.69 14.73
C PRO A 162 1.89 8.61 16.08
N ALA A 163 2.21 7.57 16.83
CA ALA A 163 1.59 7.37 18.14
C ALA A 163 2.63 6.80 19.10
N GLY A 1 6.20 9.65 -19.03
CA GLY A 1 4.76 9.59 -19.15
C GLY A 1 4.22 8.20 -18.76
N ASP A 2 2.92 8.05 -18.88
CA ASP A 2 2.28 6.79 -18.54
C ASP A 2 2.42 6.54 -17.04
N LEU A 3 1.28 6.49 -16.37
CA LEU A 3 1.26 6.26 -14.93
C LEU A 3 2.30 7.17 -14.27
N VAL A 4 2.51 6.93 -12.97
CA VAL A 4 3.46 7.71 -12.21
C VAL A 4 4.38 6.77 -11.44
N GLY A 5 5.51 7.32 -11.03
CA GLY A 5 6.48 6.55 -10.25
C GLY A 5 7.47 5.82 -11.17
N PRO A 6 8.65 5.51 -10.59
CA PRO A 6 9.69 4.81 -11.34
C PRO A 6 9.34 3.33 -11.52
N GLY A 7 9.31 2.63 -10.40
CA GLY A 7 9.00 1.21 -10.41
C GLY A 7 7.82 0.92 -11.35
N CYS A 8 6.86 1.83 -11.34
CA CYS A 8 5.68 1.69 -12.16
C CYS A 8 6.13 1.25 -13.56
N ALA A 9 7.34 1.65 -13.91
CA ALA A 9 7.90 1.31 -15.21
C ALA A 9 8.45 -0.11 -15.15
N GLU A 10 9.59 -0.24 -14.48
CA GLU A 10 10.24 -1.53 -14.35
C GLU A 10 9.22 -2.60 -13.96
N TYR A 11 8.48 -2.31 -12.91
CA TYR A 11 7.47 -3.24 -12.42
C TYR A 11 6.75 -3.92 -13.58
N ALA A 12 5.97 -3.13 -14.30
CA ALA A 12 5.22 -3.64 -15.44
C ALA A 12 6.12 -4.57 -16.25
N ALA A 13 7.26 -4.05 -16.65
CA ALA A 13 8.21 -4.82 -17.43
C ALA A 13 8.31 -6.23 -16.85
N ALA A 14 8.34 -6.28 -15.52
CA ALA A 14 8.43 -7.56 -14.83
C ALA A 14 7.06 -8.24 -14.83
N ASN A 15 6.05 -7.47 -14.46
CA ASN A 15 4.70 -7.97 -14.41
C ASN A 15 3.80 -7.12 -15.32
N PRO A 16 3.88 -7.43 -16.64
CA PRO A 16 3.08 -6.70 -17.62
C PRO A 16 1.63 -7.14 -17.57
N THR A 17 1.42 -8.35 -17.07
CA THR A 17 0.08 -8.91 -16.97
C THR A 17 -0.12 -9.58 -15.61
N GLY A 18 -1.21 -10.31 -15.51
CA GLY A 18 -1.52 -11.01 -14.26
C GLY A 18 -2.40 -10.14 -13.35
N PRO A 19 -2.72 -10.70 -12.16
CA PRO A 19 -3.54 -9.99 -11.19
C PRO A 19 -2.75 -8.87 -10.51
N ALA A 20 -1.44 -8.94 -10.66
CA ALA A 20 -0.56 -7.95 -10.07
C ALA A 20 -0.56 -6.68 -10.93
N SER A 21 -0.95 -6.86 -12.18
CA SER A 21 -1.00 -5.75 -13.12
C SER A 21 -1.88 -4.64 -12.54
N VAL A 22 -1.76 -3.46 -13.15
CA VAL A 22 -2.53 -2.31 -12.72
C VAL A 22 -4.02 -2.58 -12.96
N GLN A 23 -4.29 -3.22 -14.09
CA GLN A 23 -5.67 -3.53 -14.45
C GLN A 23 -6.12 -4.81 -13.74
N GLY A 24 -5.29 -5.83 -13.85
CA GLY A 24 -5.58 -7.11 -13.23
C GLY A 24 -6.16 -6.91 -11.82
N MET A 25 -5.33 -6.34 -10.96
CA MET A 25 -5.74 -6.09 -9.59
C MET A 25 -7.06 -5.31 -9.54
N SER A 26 -7.35 -4.64 -10.63
CA SER A 26 -8.57 -3.85 -10.74
C SER A 26 -9.79 -4.78 -10.74
N GLN A 27 -9.51 -6.07 -10.82
CA GLN A 27 -10.56 -7.06 -10.84
C GLN A 27 -10.73 -7.69 -9.45
N ASP A 28 -10.14 -7.02 -8.46
CA ASP A 28 -10.21 -7.49 -7.09
C ASP A 28 -10.50 -6.31 -6.16
N PRO A 29 -11.16 -6.63 -5.02
CA PRO A 29 -11.51 -5.60 -4.05
C PRO A 29 -10.28 -5.15 -3.26
N VAL A 30 -9.72 -4.03 -3.70
CA VAL A 30 -8.53 -3.48 -3.06
C VAL A 30 -7.72 -4.61 -2.43
N ALA A 31 -7.59 -4.54 -1.12
CA ALA A 31 -6.83 -5.56 -0.39
C ALA A 31 -6.51 -6.71 -1.33
N VAL A 32 -7.54 -7.47 -1.66
CA VAL A 32 -7.37 -8.61 -2.55
C VAL A 32 -6.31 -8.29 -3.61
N ALA A 33 -6.57 -7.25 -4.38
CA ALA A 33 -5.65 -6.82 -5.40
C ALA A 33 -4.22 -6.98 -4.91
N ALA A 34 -3.88 -6.17 -3.91
CA ALA A 34 -2.54 -6.21 -3.34
C ALA A 34 -2.13 -7.67 -3.12
N SER A 35 -3.13 -8.51 -2.90
CA SER A 35 -2.89 -9.93 -2.68
C SER A 35 -2.63 -10.62 -4.01
N ASN A 36 -1.81 -9.98 -4.83
CA ASN A 36 -1.48 -10.53 -6.13
C ASN A 36 -0.22 -9.82 -6.67
N ASN A 37 -0.15 -8.52 -6.40
CA ASN A 37 1.09 -7.79 -6.59
C ASN A 37 2.21 -8.48 -5.82
N PRO A 38 3.34 -8.71 -6.55
CA PRO A 38 4.49 -9.36 -5.93
C PRO A 38 5.24 -8.40 -5.00
N GLU A 39 4.65 -7.23 -4.82
CA GLU A 39 5.24 -6.22 -3.95
C GLU A 39 4.27 -5.85 -2.82
N LEU A 40 3.05 -6.36 -2.94
CA LEU A 40 2.04 -6.10 -1.94
C LEU A 40 1.70 -7.39 -1.22
N THR A 41 2.02 -8.50 -1.87
CA THR A 41 1.75 -9.81 -1.29
C THR A 41 2.17 -9.85 0.17
N THR A 42 3.42 -9.46 0.41
CA THR A 42 3.95 -9.45 1.77
C THR A 42 3.05 -8.61 2.68
N LEU A 43 2.54 -7.53 2.12
CA LEU A 43 1.66 -6.65 2.88
C LEU A 43 0.32 -7.33 3.11
N THR A 44 -0.17 -7.98 2.06
CA THR A 44 -1.44 -8.68 2.12
C THR A 44 -1.47 -9.60 3.35
N ALA A 45 -0.49 -10.49 3.40
CA ALA A 45 -0.40 -11.43 4.51
C ALA A 45 -0.72 -10.71 5.82
N ALA A 46 -0.29 -9.46 5.88
CA ALA A 46 -0.53 -8.65 7.07
C ALA A 46 -2.03 -8.36 7.20
N LEU A 47 -2.51 -7.53 6.29
CA LEU A 47 -3.92 -7.15 6.27
C LEU A 47 -4.77 -8.42 6.39
N SER A 48 -4.62 -9.28 5.40
CA SER A 48 -5.37 -10.53 5.38
C SER A 48 -5.35 -11.18 6.76
N GLY A 49 -4.18 -11.66 7.15
CA GLY A 49 -4.02 -12.29 8.44
C GLY A 49 -2.87 -13.31 8.41
N GLN A 50 -2.54 -13.74 7.19
CA GLN A 50 -1.47 -14.71 7.02
C GLN A 50 -0.34 -14.44 8.01
N LEU A 51 -0.15 -13.17 8.31
CA LEU A 51 0.89 -12.77 9.24
C LEU A 51 0.41 -13.00 10.68
N ASN A 52 -0.78 -12.48 10.95
CA ASN A 52 -1.36 -12.63 12.27
C ASN A 52 -2.85 -12.98 12.14
N PRO A 53 -3.26 -14.04 12.89
CA PRO A 53 -4.64 -14.48 12.85
C PRO A 53 -5.54 -13.52 13.64
N GLN A 54 -4.94 -12.42 14.08
CA GLN A 54 -5.68 -11.43 14.84
C GLN A 54 -5.84 -10.14 14.02
N VAL A 55 -5.36 -10.20 12.78
CA VAL A 55 -5.45 -9.07 11.89
C VAL A 55 -6.15 -9.48 10.60
N ASN A 56 -7.17 -8.72 10.25
CA ASN A 56 -7.94 -9.01 9.04
C ASN A 56 -8.53 -7.69 8.50
N LEU A 57 -7.68 -6.94 7.82
CA LEU A 57 -8.10 -5.68 7.24
C LEU A 57 -8.62 -5.90 5.82
N VAL A 58 -8.45 -7.13 5.36
CA VAL A 58 -8.90 -7.50 4.03
C VAL A 58 -10.40 -7.26 3.90
N ASP A 59 -11.08 -7.39 5.04
CA ASP A 59 -12.52 -7.20 5.08
C ASP A 59 -12.82 -5.70 4.99
N THR A 60 -12.18 -4.95 5.88
CA THR A 60 -12.37 -3.51 5.92
C THR A 60 -11.91 -2.87 4.61
N LEU A 61 -10.64 -3.08 4.31
CA LEU A 61 -10.06 -2.53 3.09
C LEU A 61 -11.13 -2.52 1.99
N ASN A 62 -11.79 -3.65 1.84
CA ASN A 62 -12.84 -3.77 0.84
C ASN A 62 -14.14 -3.18 1.37
N SER A 63 -14.04 -1.95 1.86
CA SER A 63 -15.19 -1.26 2.40
C SER A 63 -15.63 -0.14 1.46
N GLY A 64 -15.12 1.05 1.73
CA GLY A 64 -15.45 2.22 0.92
C GLY A 64 -14.23 2.68 0.13
N GLN A 65 -14.46 3.69 -0.71
CA GLN A 65 -13.40 4.25 -1.52
C GLN A 65 -12.16 4.52 -0.67
N TYR A 66 -11.15 3.68 -0.84
CA TYR A 66 -9.91 3.83 -0.10
C TYR A 66 -8.75 4.20 -1.03
N THR A 67 -7.55 4.19 -0.46
CA THR A 67 -6.35 4.50 -1.22
C THR A 67 -5.15 3.76 -0.66
N VAL A 68 -4.97 2.53 -1.14
CA VAL A 68 -3.87 1.70 -0.70
C VAL A 68 -2.57 2.49 -0.82
N PHE A 69 -1.76 2.41 0.23
CA PHE A 69 -0.49 3.11 0.24
C PHE A 69 0.67 2.14 0.53
N ALA A 70 0.92 1.27 -0.43
CA ALA A 70 1.26 -0.12 -0.11
C ALA A 70 2.78 -0.25 -0.05
N PRO A 71 3.27 -0.82 1.08
CA PRO A 71 4.70 -1.02 1.26
C PRO A 71 5.21 -2.19 0.41
N THR A 72 6.03 -1.85 -0.56
CA THR A 72 6.60 -2.85 -1.44
C THR A 72 7.28 -3.96 -0.63
N ASN A 73 7.72 -4.99 -1.34
CA ASN A 73 8.38 -6.11 -0.71
C ASN A 73 9.70 -5.63 -0.09
N ALA A 74 10.36 -4.72 -0.81
CA ALA A 74 11.62 -4.17 -0.34
C ALA A 74 11.36 -3.24 0.84
N ALA A 75 10.10 -2.88 1.01
CA ALA A 75 9.72 -1.99 2.09
C ALA A 75 9.70 -2.77 3.40
N PHE A 76 9.08 -3.93 3.36
CA PHE A 76 8.99 -4.78 4.54
C PHE A 76 10.35 -5.39 4.89
N SER A 77 10.98 -5.97 3.87
CA SER A 77 12.28 -6.59 4.06
C SER A 77 13.17 -5.68 4.90
N LYS A 78 13.27 -4.43 4.49
CA LYS A 78 14.08 -3.47 5.20
C LYS A 78 13.96 -3.72 6.71
N LEU A 79 12.72 -3.67 7.18
CA LEU A 79 12.46 -3.89 8.59
C LEU A 79 13.21 -5.13 9.06
N PRO A 80 13.65 -5.08 10.35
CA PRO A 80 14.38 -6.19 10.92
C PRO A 80 13.44 -7.36 11.26
N ALA A 81 13.94 -8.56 11.02
CA ALA A 81 13.16 -9.76 11.29
C ALA A 81 12.40 -9.59 12.61
N SER A 82 13.12 -9.07 13.60
CA SER A 82 12.53 -8.84 14.91
C SER A 82 11.20 -8.13 14.78
N THR A 83 11.19 -7.12 13.91
CA THR A 83 9.98 -6.34 13.68
C THR A 83 8.90 -7.21 13.01
N ILE A 84 9.33 -7.92 11.98
CA ILE A 84 8.42 -8.79 11.25
C ILE A 84 7.89 -9.88 12.19
N ASP A 85 8.81 -10.46 12.94
CA ASP A 85 8.46 -11.50 13.88
C ASP A 85 7.55 -10.93 14.97
N GLU A 86 7.58 -9.61 15.07
CA GLU A 86 6.77 -8.91 16.06
C GLU A 86 5.35 -8.68 15.52
N LEU A 87 5.29 -8.27 14.26
CA LEU A 87 4.02 -8.00 13.61
C LEU A 87 3.17 -9.27 13.64
N LYS A 88 3.84 -10.39 13.86
CA LYS A 88 3.16 -11.68 13.91
C LYS A 88 2.74 -11.97 15.36
N THR A 89 2.57 -10.91 16.12
CA THR A 89 2.17 -11.03 17.51
C THR A 89 1.82 -9.67 18.09
N ASN A 90 1.29 -8.81 17.23
CA ASN A 90 0.90 -7.47 17.65
C ASN A 90 -0.61 -7.33 17.52
N SER A 91 -1.04 -6.92 16.33
CA SER A 91 -2.45 -6.74 16.07
C SER A 91 -2.89 -5.33 16.49
N SER A 92 -1.95 -4.62 17.09
CA SER A 92 -2.22 -3.26 17.55
C SER A 92 -1.17 -2.30 16.99
N LEU A 93 0.07 -2.76 17.00
CA LEU A 93 1.17 -1.95 16.48
C LEU A 93 1.34 -2.21 14.99
N LEU A 94 0.88 -3.38 14.57
CA LEU A 94 0.97 -3.76 13.17
C LEU A 94 -0.19 -3.14 12.40
N THR A 95 -1.37 -3.22 13.00
CA THR A 95 -2.57 -2.67 12.40
C THR A 95 -2.36 -1.19 12.03
N SER A 96 -1.92 -0.43 13.02
CA SER A 96 -1.67 0.99 12.81
C SER A 96 -0.89 1.20 11.52
N ILE A 97 0.00 0.26 11.24
CA ILE A 97 0.82 0.33 10.04
C ILE A 97 -0.07 0.08 8.81
N LEU A 98 -0.63 -1.11 8.76
CA LEU A 98 -1.49 -1.49 7.65
C LEU A 98 -2.51 -0.38 7.40
N THR A 99 -3.26 -0.06 8.45
CA THR A 99 -4.27 0.98 8.36
C THR A 99 -3.68 2.24 7.72
N TYR A 100 -2.53 2.65 8.25
CA TYR A 100 -1.86 3.83 7.74
C TYR A 100 -1.45 3.65 6.28
N HIS A 101 -1.45 2.39 5.85
CA HIS A 101 -1.09 2.06 4.49
C HIS A 101 -2.33 2.06 3.60
N VAL A 102 -3.36 2.75 4.08
CA VAL A 102 -4.61 2.84 3.35
C VAL A 102 -5.39 4.06 3.83
N VAL A 103 -5.69 4.95 2.89
CA VAL A 103 -6.43 6.16 3.19
C VAL A 103 -7.89 5.97 2.81
N ALA A 104 -8.76 6.72 3.47
CA ALA A 104 -10.18 6.64 3.21
C ALA A 104 -10.58 7.79 2.28
N GLY A 105 -10.77 7.45 1.01
CA GLY A 105 -11.15 8.45 0.02
C GLY A 105 -10.26 8.36 -1.22
N GLN A 106 -10.59 7.41 -2.08
CA GLN A 106 -9.83 7.20 -3.30
C GLN A 106 -9.28 8.54 -3.81
N THR A 107 -8.03 8.51 -4.24
CA THR A 107 -7.38 9.71 -4.75
C THR A 107 -6.32 9.33 -5.79
N SER A 108 -6.07 10.27 -6.70
CA SER A 108 -5.08 10.04 -7.75
C SER A 108 -3.75 10.67 -7.34
N PRO A 109 -2.68 10.32 -8.11
CA PRO A 109 -1.36 10.84 -7.85
C PRO A 109 -1.25 12.30 -8.31
N ALA A 110 -2.20 13.11 -7.88
CA ALA A 110 -2.22 14.51 -8.25
C ALA A 110 -2.67 15.33 -7.03
N ASN A 111 -3.72 14.87 -6.39
CA ASN A 111 -4.25 15.55 -5.22
C ASN A 111 -3.78 14.83 -3.96
N VAL A 112 -3.59 13.52 -4.09
CA VAL A 112 -3.14 12.71 -2.97
C VAL A 112 -1.98 13.43 -2.27
N VAL A 113 -1.27 14.24 -3.04
CA VAL A 113 -0.14 14.99 -2.51
C VAL A 113 -0.62 15.87 -1.35
N GLY A 114 0.26 16.04 -0.38
CA GLY A 114 -0.05 16.86 0.78
C GLY A 114 -0.33 15.98 2.00
N THR A 115 -0.69 16.65 3.10
CA THR A 115 -0.97 15.95 4.34
C THR A 115 -2.35 15.27 4.26
N ARG A 116 -2.32 14.01 3.86
CA ARG A 116 -3.55 13.24 3.73
C ARG A 116 -3.97 12.70 5.11
N GLN A 117 -5.13 12.05 5.12
CA GLN A 117 -5.66 11.48 6.34
C GLN A 117 -5.90 9.98 6.17
N THR A 118 -4.93 9.20 6.61
CA THR A 118 -5.02 7.75 6.52
C THR A 118 -6.26 7.25 7.26
N LEU A 119 -6.70 6.06 6.86
CA LEU A 119 -7.87 5.46 7.48
C LEU A 119 -7.55 5.13 8.95
N GLN A 120 -6.26 5.04 9.24
CA GLN A 120 -5.81 4.73 10.58
C GLN A 120 -6.11 5.90 11.52
N GLY A 121 -6.39 7.05 10.91
CA GLY A 121 -6.70 8.24 11.68
C GLY A 121 -5.47 9.16 11.76
N ALA A 122 -4.40 8.73 11.12
CA ALA A 122 -3.17 9.50 11.12
C ALA A 122 -3.07 10.30 9.82
N SER A 123 -2.03 11.10 9.72
CA SER A 123 -1.80 11.92 8.54
C SER A 123 -0.66 11.34 7.71
N VAL A 124 -0.74 11.59 6.41
CA VAL A 124 0.27 11.10 5.50
C VAL A 124 0.85 12.29 4.70
N THR A 125 2.09 12.62 5.02
CA THR A 125 2.76 13.72 4.35
C THR A 125 3.03 13.37 2.90
N VAL A 126 1.96 13.22 2.14
CA VAL A 126 2.07 12.89 0.74
C VAL A 126 2.85 13.98 0.01
N THR A 127 3.58 13.57 -1.02
CA THR A 127 4.37 14.50 -1.80
C THR A 127 4.62 13.95 -3.21
N GLY A 128 5.25 14.77 -4.02
CA GLY A 128 5.56 14.38 -5.39
C GLY A 128 5.79 15.61 -6.27
N GLN A 129 6.35 15.36 -7.44
CA GLN A 129 6.63 16.44 -8.39
C GLN A 129 6.26 16.00 -9.81
N GLY A 130 6.71 14.81 -10.17
CA GLY A 130 6.43 14.28 -11.48
C GLY A 130 7.02 12.87 -11.65
N ASN A 131 8.32 12.78 -11.42
CA ASN A 131 9.01 11.50 -11.53
C ASN A 131 9.62 11.14 -10.17
N SER A 132 9.01 11.69 -9.12
CA SER A 132 9.48 11.42 -7.78
C SER A 132 8.36 11.67 -6.77
N LEU A 133 7.61 10.60 -6.49
CA LEU A 133 6.51 10.69 -5.55
C LEU A 133 6.97 10.22 -4.17
N LYS A 134 6.39 10.83 -3.15
CA LYS A 134 6.74 10.49 -1.78
C LYS A 134 5.46 10.45 -0.93
N VAL A 135 5.57 9.80 0.22
CA VAL A 135 4.44 9.69 1.13
C VAL A 135 4.96 9.42 2.54
N GLY A 136 4.73 10.40 3.41
CA GLY A 136 5.16 10.30 4.79
C GLY A 136 6.68 10.34 4.89
N ASN A 137 7.32 9.48 4.11
CA ASN A 137 8.78 9.41 4.11
C ASN A 137 9.23 8.41 3.05
N ALA A 138 8.40 7.39 2.84
CA ALA A 138 8.70 6.36 1.87
C ALA A 138 8.72 6.99 0.46
N ASP A 139 9.28 6.23 -0.47
CA ASP A 139 9.37 6.70 -1.85
C ASP A 139 8.31 5.99 -2.69
N VAL A 140 7.46 6.79 -3.31
CA VAL A 140 6.40 6.25 -4.15
C VAL A 140 7.02 5.52 -5.34
N VAL A 141 6.64 4.26 -5.48
CA VAL A 141 7.14 3.44 -6.56
C VAL A 141 6.19 3.53 -7.75
N CYS A 142 4.93 3.23 -7.49
CA CYS A 142 3.91 3.27 -8.53
C CYS A 142 2.56 3.57 -7.87
N GLY A 143 2.07 4.77 -8.10
CA GLY A 143 0.80 5.19 -7.54
C GLY A 143 -0.23 5.41 -8.64
N GLY A 144 -1.50 5.37 -8.24
CA GLY A 144 -2.59 5.57 -9.17
C GLY A 144 -3.03 4.24 -9.79
N VAL A 145 -2.68 3.17 -9.10
CA VAL A 145 -3.03 1.83 -9.57
C VAL A 145 -4.40 1.44 -9.01
N SER A 146 -5.38 2.26 -9.33
CA SER A 146 -6.73 2.02 -8.86
C SER A 146 -7.09 0.55 -9.05
N THR A 147 -7.56 -0.06 -7.97
CA THR A 147 -7.94 -1.47 -8.01
C THR A 147 -9.43 -1.61 -8.32
N ALA A 148 -10.21 -1.84 -7.27
CA ALA A 148 -11.65 -2.00 -7.43
C ALA A 148 -12.35 -0.75 -6.90
N ASN A 149 -12.17 -0.51 -5.61
CA ASN A 149 -12.79 0.64 -4.96
C ASN A 149 -11.76 1.32 -4.06
N ALA A 150 -10.53 1.35 -4.53
CA ALA A 150 -9.45 1.96 -3.78
C ALA A 150 -8.21 2.07 -4.66
N THR A 151 -7.45 3.13 -4.45
CA THR A 151 -6.24 3.36 -5.21
C THR A 151 -5.09 2.52 -4.65
N VAL A 152 -3.94 2.63 -5.32
CA VAL A 152 -2.77 1.89 -4.90
C VAL A 152 -1.52 2.76 -5.11
N TYR A 153 -0.74 2.89 -4.04
CA TYR A 153 0.47 3.68 -4.10
C TYR A 153 1.64 2.95 -3.44
N MET A 154 2.35 2.18 -4.25
CA MET A 154 3.49 1.42 -3.76
C MET A 154 4.57 2.36 -3.20
N ILE A 155 5.19 1.90 -2.12
CA ILE A 155 6.24 2.68 -1.48
C ILE A 155 7.41 1.76 -1.12
N ASP A 156 8.51 2.38 -0.73
CA ASP A 156 9.70 1.64 -0.37
C ASP A 156 9.95 1.77 1.13
N SER A 157 8.85 1.73 1.88
CA SER A 157 8.93 1.85 3.33
C SER A 157 7.61 1.42 3.96
N VAL A 158 7.72 0.79 5.12
CA VAL A 158 6.54 0.33 5.84
C VAL A 158 5.91 1.50 6.59
N LEU A 159 5.31 2.40 5.82
CA LEU A 159 4.66 3.56 6.40
C LEU A 159 4.23 3.24 7.83
N MET A 160 4.46 4.20 8.71
CA MET A 160 4.10 4.04 10.11
C MET A 160 3.28 5.23 10.62
N PRO A 161 2.33 4.93 11.54
CA PRO A 161 1.49 5.96 12.11
C PRO A 161 2.25 6.82 13.11
N PRO A 162 2.04 8.16 13.00
CA PRO A 162 2.71 9.09 13.89
C PRO A 162 2.07 9.07 15.29
N ALA A 163 2.11 7.89 15.90
CA ALA A 163 1.54 7.72 17.23
C ALA A 163 2.43 6.76 18.03
N GLY A 1 1.16 1.25 -20.24
CA GLY A 1 0.28 2.16 -19.53
C GLY A 1 0.99 3.47 -19.21
N ASP A 2 0.31 4.31 -18.45
CA ASP A 2 0.86 5.60 -18.06
C ASP A 2 0.63 5.82 -16.57
N LEU A 3 1.51 5.22 -15.77
CA LEU A 3 1.40 5.34 -14.33
C LEU A 3 2.46 6.33 -13.83
N VAL A 4 2.64 6.36 -12.53
CA VAL A 4 3.60 7.25 -11.91
C VAL A 4 4.46 6.47 -10.91
N GLY A 5 5.74 6.84 -10.87
CA GLY A 5 6.71 6.08 -10.09
C GLY A 5 7.69 5.35 -11.01
N PRO A 6 8.90 5.08 -10.45
CA PRO A 6 9.93 4.39 -11.21
C PRO A 6 9.61 2.90 -11.34
N GLY A 7 9.30 2.29 -10.21
CA GLY A 7 8.98 0.87 -10.17
C GLY A 7 7.85 0.56 -11.15
N CYS A 8 6.85 1.42 -11.16
CA CYS A 8 5.70 1.23 -12.04
C CYS A 8 6.22 0.77 -13.40
N ALA A 9 7.09 1.58 -13.98
CA ALA A 9 7.66 1.26 -15.28
C ALA A 9 8.00 -0.23 -15.32
N GLU A 10 9.18 -0.55 -14.82
CA GLU A 10 9.64 -1.92 -14.80
C GLU A 10 8.51 -2.86 -14.35
N TYR A 11 8.00 -2.59 -13.16
CA TYR A 11 6.93 -3.39 -12.61
C TYR A 11 5.92 -3.79 -13.69
N ALA A 12 5.34 -2.76 -14.31
CA ALA A 12 4.36 -2.98 -15.36
C ALA A 12 4.86 -4.10 -16.28
N ALA A 13 6.15 -4.03 -16.59
CA ALA A 13 6.76 -5.03 -17.46
C ALA A 13 6.61 -6.41 -16.83
N ALA A 14 6.88 -6.47 -15.54
CA ALA A 14 6.77 -7.74 -14.81
C ALA A 14 5.31 -8.18 -14.79
N ASN A 15 4.44 -7.22 -14.48
CA ASN A 15 3.02 -7.51 -14.43
C ASN A 15 2.26 -6.55 -15.35
N PRO A 16 2.39 -6.82 -16.69
CA PRO A 16 1.74 -6.00 -17.68
C PRO A 16 0.23 -6.28 -17.73
N THR A 17 -0.10 -7.55 -17.92
CA THR A 17 -1.49 -7.96 -17.99
C THR A 17 -1.83 -8.87 -16.80
N GLY A 18 -0.79 -9.43 -16.21
CA GLY A 18 -0.96 -10.32 -15.07
C GLY A 18 -1.93 -9.71 -14.05
N PRO A 19 -2.22 -10.51 -12.99
CA PRO A 19 -3.12 -10.07 -11.94
C PRO A 19 -2.44 -9.05 -11.03
N ALA A 20 -1.12 -9.15 -10.96
CA ALA A 20 -0.34 -8.24 -10.14
C ALA A 20 -0.17 -6.91 -10.87
N SER A 21 -0.76 -6.84 -12.04
CA SER A 21 -0.68 -5.63 -12.85
C SER A 21 -1.68 -4.58 -12.33
N VAL A 22 -1.64 -3.42 -12.96
CA VAL A 22 -2.53 -2.33 -12.57
C VAL A 22 -3.96 -2.68 -12.99
N GLN A 23 -4.08 -3.30 -14.15
CA GLN A 23 -5.38 -3.69 -14.68
C GLN A 23 -5.82 -5.02 -14.06
N GLY A 24 -4.84 -5.89 -13.85
CA GLY A 24 -5.12 -7.21 -13.27
C GLY A 24 -5.70 -7.06 -11.87
N MET A 25 -5.32 -5.99 -11.20
CA MET A 25 -5.79 -5.73 -9.85
C MET A 25 -7.03 -4.81 -9.87
N SER A 26 -7.29 -4.26 -11.04
CA SER A 26 -8.42 -3.37 -11.21
C SER A 26 -9.73 -4.17 -11.29
N GLN A 27 -9.56 -5.48 -11.40
CA GLN A 27 -10.71 -6.37 -11.49
C GLN A 27 -10.99 -7.00 -10.13
N ASP A 28 -9.97 -6.99 -9.28
CA ASP A 28 -10.10 -7.55 -7.95
C ASP A 28 -10.22 -6.42 -6.93
N PRO A 29 -10.66 -6.79 -5.70
CA PRO A 29 -10.81 -5.81 -4.63
C PRO A 29 -9.45 -5.41 -4.07
N VAL A 30 -9.29 -4.10 -3.87
CA VAL A 30 -8.05 -3.57 -3.33
C VAL A 30 -7.28 -4.69 -2.64
N ALA A 31 -7.96 -5.37 -1.72
CA ALA A 31 -7.36 -6.46 -0.99
C ALA A 31 -6.54 -7.33 -1.95
N VAL A 32 -7.23 -8.25 -2.60
CA VAL A 32 -6.59 -9.14 -3.54
C VAL A 32 -5.68 -8.33 -4.46
N ALA A 33 -6.17 -7.18 -4.86
CA ALA A 33 -5.41 -6.30 -5.75
C ALA A 33 -3.98 -6.16 -5.21
N ALA A 34 -3.84 -6.40 -3.91
CA ALA A 34 -2.54 -6.31 -3.28
C ALA A 34 -2.02 -7.73 -2.99
N SER A 35 -2.96 -8.66 -2.88
CA SER A 35 -2.62 -10.04 -2.60
C SER A 35 -2.04 -10.69 -3.85
N ASN A 36 -1.94 -9.89 -4.90
CA ASN A 36 -1.41 -10.38 -6.16
C ASN A 36 -0.07 -9.69 -6.46
N ASN A 37 -0.02 -8.40 -6.15
CA ASN A 37 1.19 -7.63 -6.32
C ASN A 37 2.33 -8.34 -5.59
N PRO A 38 3.46 -8.52 -6.32
CA PRO A 38 4.63 -9.18 -5.76
C PRO A 38 5.37 -8.25 -4.80
N GLU A 39 4.78 -7.09 -4.58
CA GLU A 39 5.37 -6.11 -3.67
C GLU A 39 4.39 -5.78 -2.54
N LEU A 40 3.20 -6.35 -2.64
CA LEU A 40 2.18 -6.12 -1.63
C LEU A 40 1.89 -7.44 -0.90
N THR A 41 2.00 -8.53 -1.64
CA THR A 41 1.76 -9.84 -1.08
C THR A 41 2.19 -9.87 0.40
N THR A 42 3.29 -9.21 0.68
CA THR A 42 3.81 -9.16 2.03
C THR A 42 2.86 -8.36 2.94
N LEU A 43 2.61 -7.13 2.52
CA LEU A 43 1.72 -6.26 3.29
C LEU A 43 0.36 -6.95 3.46
N THR A 44 -0.20 -7.37 2.34
CA THR A 44 -1.49 -8.04 2.36
C THR A 44 -1.51 -9.12 3.45
N ALA A 45 -0.67 -10.11 3.27
CA ALA A 45 -0.59 -11.20 4.23
C ALA A 45 -0.83 -10.66 5.64
N ALA A 46 -0.26 -9.49 5.89
CA ALA A 46 -0.40 -8.85 7.19
C ALA A 46 -1.88 -8.50 7.42
N LEU A 47 -2.33 -7.49 6.69
CA LEU A 47 -3.70 -7.04 6.80
C LEU A 47 -4.64 -8.26 6.73
N SER A 48 -4.55 -8.95 5.61
CA SER A 48 -5.38 -10.13 5.40
C SER A 48 -5.52 -10.91 6.71
N GLY A 49 -4.41 -11.52 7.12
CA GLY A 49 -4.41 -12.29 8.34
C GLY A 49 -3.32 -13.37 8.30
N GLN A 50 -2.89 -13.68 7.08
CA GLN A 50 -1.86 -14.70 6.89
C GLN A 50 -0.65 -14.40 7.79
N LEU A 51 -0.13 -13.20 7.65
CA LEU A 51 1.02 -12.79 8.44
C LEU A 51 0.57 -12.48 9.86
N ASN A 52 -0.52 -11.73 9.96
CA ASN A 52 -1.07 -11.35 11.25
C ASN A 52 -2.40 -12.07 11.47
N PRO A 53 -2.31 -13.24 12.17
CA PRO A 53 -3.50 -14.03 12.45
C PRO A 53 -4.34 -13.39 13.56
N GLN A 54 -4.05 -12.11 13.81
CA GLN A 54 -4.78 -11.37 14.83
C GLN A 54 -5.29 -10.05 14.26
N VAL A 55 -5.08 -9.89 12.97
CA VAL A 55 -5.52 -8.67 12.29
C VAL A 55 -6.47 -9.04 11.15
N ASN A 56 -6.96 -8.01 10.47
CA ASN A 56 -7.88 -8.22 9.36
C ASN A 56 -8.35 -6.86 8.84
N LEU A 57 -8.13 -6.64 7.56
CA LEU A 57 -8.51 -5.40 6.93
C LEU A 57 -9.15 -5.69 5.57
N VAL A 58 -8.52 -6.60 4.84
CA VAL A 58 -9.01 -6.99 3.53
C VAL A 58 -10.51 -6.75 3.46
N ASP A 59 -11.24 -7.58 4.20
CA ASP A 59 -12.69 -7.47 4.23
C ASP A 59 -13.09 -5.99 4.16
N THR A 60 -12.49 -5.21 5.05
CA THR A 60 -12.78 -3.79 5.10
C THR A 60 -12.25 -3.09 3.85
N LEU A 61 -10.93 -3.16 3.68
CA LEU A 61 -10.29 -2.55 2.53
C LEU A 61 -11.21 -2.67 1.31
N ASN A 62 -11.89 -3.80 1.23
CA ASN A 62 -12.80 -4.05 0.13
C ASN A 62 -14.18 -3.45 0.46
N SER A 63 -14.16 -2.18 0.84
CA SER A 63 -15.39 -1.49 1.19
C SER A 63 -15.09 -0.02 1.48
N GLY A 64 -15.49 0.84 0.55
CA GLY A 64 -15.27 2.27 0.70
C GLY A 64 -14.02 2.71 -0.06
N GLN A 65 -14.21 3.72 -0.90
CA GLN A 65 -13.11 4.24 -1.69
C GLN A 65 -11.87 4.47 -0.79
N TYR A 66 -10.89 3.60 -0.98
CA TYR A 66 -9.67 3.69 -0.21
C TYR A 66 -8.47 4.02 -1.11
N THR A 67 -7.31 4.13 -0.48
CA THR A 67 -6.09 4.43 -1.22
C THR A 67 -4.90 3.71 -0.59
N VAL A 68 -4.69 2.47 -1.04
CA VAL A 68 -3.59 1.68 -0.53
C VAL A 68 -2.29 2.46 -0.68
N PHE A 69 -1.57 2.55 0.44
CA PHE A 69 -0.30 3.27 0.45
C PHE A 69 0.86 2.32 0.77
N ALA A 70 1.10 1.39 -0.16
CA ALA A 70 1.45 0.04 0.23
C ALA A 70 2.98 -0.10 0.26
N PRO A 71 3.48 -0.64 1.40
CA PRO A 71 4.90 -0.84 1.57
C PRO A 71 5.41 -2.02 0.75
N THR A 72 6.26 -1.71 -0.22
CA THR A 72 6.81 -2.74 -1.10
C THR A 72 7.55 -3.79 -0.27
N ASN A 73 7.89 -4.88 -0.93
CA ASN A 73 8.61 -5.96 -0.28
C ASN A 73 9.97 -5.47 0.19
N ALA A 74 10.45 -4.43 -0.48
CA ALA A 74 11.73 -3.84 -0.15
C ALA A 74 11.60 -2.99 1.11
N ALA A 75 10.38 -2.52 1.34
CA ALA A 75 10.10 -1.69 2.49
C ALA A 75 10.09 -2.57 3.75
N PHE A 76 9.39 -3.68 3.65
CA PHE A 76 9.29 -4.61 4.77
C PHE A 76 10.66 -5.23 5.08
N SER A 77 11.39 -5.53 4.03
CA SER A 77 12.71 -6.12 4.18
C SER A 77 13.56 -5.28 5.12
N LYS A 78 13.48 -3.96 4.93
CA LYS A 78 14.24 -3.04 5.76
C LYS A 78 14.13 -3.47 7.22
N LEU A 79 12.91 -3.36 7.74
CA LEU A 79 12.65 -3.72 9.12
C LEU A 79 13.33 -5.07 9.42
N PRO A 80 13.72 -5.23 10.71
CA PRO A 80 14.38 -6.46 11.14
C PRO A 80 13.37 -7.60 11.27
N ALA A 81 13.90 -8.82 11.23
CA ALA A 81 13.06 -10.00 11.33
C ALA A 81 12.26 -9.93 12.63
N SER A 82 12.98 -9.80 13.74
CA SER A 82 12.35 -9.72 15.04
C SER A 82 11.06 -8.91 14.95
N THR A 83 11.17 -7.76 14.29
CA THR A 83 10.02 -6.88 14.13
C THR A 83 8.92 -7.58 13.32
N ILE A 84 9.33 -8.11 12.17
CA ILE A 84 8.40 -8.80 11.30
C ILE A 84 7.75 -9.96 12.06
N ASP A 85 8.59 -10.68 12.79
CA ASP A 85 8.12 -11.82 13.57
C ASP A 85 7.19 -11.32 14.67
N GLU A 86 7.19 -10.01 14.85
CA GLU A 86 6.35 -9.40 15.87
C GLU A 86 5.01 -8.96 15.27
N LEU A 87 5.08 -8.50 14.02
CA LEU A 87 3.89 -8.06 13.33
C LEU A 87 2.98 -9.27 13.05
N LYS A 88 3.56 -10.45 13.19
CA LYS A 88 2.83 -11.67 12.95
C LYS A 88 2.22 -12.16 14.27
N THR A 89 1.89 -11.19 15.12
CA THR A 89 1.30 -11.50 16.41
C THR A 89 0.83 -10.23 17.10
N ASN A 90 1.63 -9.18 16.96
CA ASN A 90 1.31 -7.90 17.56
C ASN A 90 -0.20 -7.66 17.47
N SER A 91 -0.59 -6.99 16.39
CA SER A 91 -1.99 -6.69 16.15
C SER A 91 -2.35 -5.35 16.81
N SER A 92 -1.66 -5.07 17.91
CA SER A 92 -1.90 -3.84 18.64
C SER A 92 -0.76 -2.86 18.39
N LEU A 93 -0.15 -2.98 17.21
CA LEU A 93 0.95 -2.10 16.85
C LEU A 93 1.16 -2.17 15.33
N LEU A 94 1.10 -3.38 14.81
CA LEU A 94 1.27 -3.59 13.38
C LEU A 94 0.05 -3.07 12.64
N THR A 95 -1.12 -3.36 13.19
CA THR A 95 -2.37 -2.93 12.59
C THR A 95 -2.31 -1.43 12.25
N SER A 96 -1.83 -0.67 13.22
CA SER A 96 -1.71 0.77 13.03
C SER A 96 -0.97 1.08 11.73
N ILE A 97 0.09 0.30 11.50
CA ILE A 97 0.90 0.47 10.30
C ILE A 97 0.04 0.19 9.07
N LEU A 98 -0.45 -1.04 9.00
CA LEU A 98 -1.28 -1.45 7.88
C LEU A 98 -2.35 -0.37 7.62
N THR A 99 -3.07 -0.04 8.68
CA THR A 99 -4.11 0.97 8.58
C THR A 99 -3.55 2.25 7.95
N TYR A 100 -2.44 2.71 8.50
CA TYR A 100 -1.80 3.91 8.02
C TYR A 100 -1.32 3.73 6.58
N HIS A 101 -1.37 2.49 6.12
CA HIS A 101 -0.94 2.18 4.76
C HIS A 101 -2.16 2.15 3.84
N VAL A 102 -3.21 2.83 4.27
CA VAL A 102 -4.44 2.88 3.50
C VAL A 102 -5.23 4.11 3.90
N VAL A 103 -5.69 4.84 2.89
CA VAL A 103 -6.47 6.05 3.12
C VAL A 103 -7.91 5.83 2.63
N ALA A 104 -8.78 6.74 3.04
CA ALA A 104 -10.17 6.66 2.66
C ALA A 104 -10.55 7.91 1.84
N GLY A 105 -10.81 7.68 0.56
CA GLY A 105 -11.18 8.77 -0.33
C GLY A 105 -10.86 8.41 -1.78
N GLN A 106 -9.61 8.03 -2.00
CA GLN A 106 -9.17 7.66 -3.34
C GLN A 106 -8.84 8.92 -4.15
N THR A 107 -7.53 9.18 -4.25
CA THR A 107 -7.07 10.34 -4.99
C THR A 107 -5.95 9.95 -5.96
N SER A 108 -6.01 10.53 -7.15
CA SER A 108 -5.02 10.25 -8.17
C SER A 108 -3.65 10.79 -7.73
N PRO A 109 -2.59 10.31 -8.45
CA PRO A 109 -1.24 10.74 -8.14
C PRO A 109 -0.98 12.15 -8.65
N ALA A 110 -1.94 13.03 -8.36
CA ALA A 110 -1.82 14.42 -8.79
C ALA A 110 -2.60 15.31 -7.81
N ASN A 111 -2.85 14.76 -6.63
CA ASN A 111 -3.58 15.49 -5.61
C ASN A 111 -3.17 14.97 -4.23
N VAL A 112 -3.21 13.65 -4.08
CA VAL A 112 -2.85 13.03 -2.83
C VAL A 112 -1.81 13.90 -2.11
N VAL A 113 -0.88 14.43 -2.90
CA VAL A 113 0.16 15.27 -2.36
C VAL A 113 -0.42 16.17 -1.26
N GLY A 114 0.44 16.57 -0.34
CA GLY A 114 0.02 17.43 0.75
C GLY A 114 -0.10 16.63 2.06
N THR A 115 -1.29 16.67 2.63
CA THR A 115 -1.55 15.96 3.87
C THR A 115 -2.90 15.24 3.80
N ARG A 116 -2.83 13.92 3.85
CA ARG A 116 -4.03 13.10 3.79
C ARG A 116 -4.29 12.46 5.16
N GLN A 117 -5.51 11.92 5.30
CA GLN A 117 -5.90 11.28 6.54
C GLN A 117 -6.08 9.78 6.32
N THR A 118 -5.05 9.03 6.70
CA THR A 118 -5.08 7.58 6.57
C THR A 118 -6.27 7.00 7.33
N LEU A 119 -6.81 5.93 6.78
CA LEU A 119 -7.95 5.26 7.39
C LEU A 119 -7.65 5.02 8.87
N GLN A 120 -6.36 4.92 9.17
CA GLN A 120 -5.92 4.68 10.53
C GLN A 120 -6.38 5.82 11.44
N GLY A 121 -6.08 7.03 11.00
CA GLY A 121 -6.45 8.22 11.76
C GLY A 121 -5.34 9.27 11.72
N ALA A 122 -4.14 8.80 11.38
CA ALA A 122 -2.99 9.68 11.31
C ALA A 122 -2.98 10.38 9.95
N SER A 123 -2.09 11.34 9.82
CA SER A 123 -1.96 12.10 8.58
C SER A 123 -0.82 11.51 7.73
N VAL A 124 -0.90 11.77 6.44
CA VAL A 124 0.10 11.29 5.52
C VAL A 124 0.64 12.46 4.70
N THR A 125 1.86 12.86 5.02
CA THR A 125 2.50 13.95 4.32
C THR A 125 2.97 13.51 2.93
N VAL A 126 2.07 13.66 1.96
CA VAL A 126 2.37 13.27 0.60
C VAL A 126 3.10 14.42 -0.10
N THR A 127 3.98 14.05 -1.02
CA THR A 127 4.75 15.03 -1.76
C THR A 127 5.16 14.47 -3.12
N GLY A 128 5.97 15.26 -3.83
CA GLY A 128 6.44 14.85 -5.14
C GLY A 128 6.12 15.92 -6.19
N GLN A 129 5.22 15.57 -7.09
CA GLN A 129 4.83 16.49 -8.15
C GLN A 129 5.95 16.63 -9.18
N GLY A 130 6.02 15.65 -10.07
CA GLY A 130 7.03 15.66 -11.11
C GLY A 130 8.01 14.49 -10.93
N ASN A 131 7.48 13.29 -11.08
CA ASN A 131 8.29 12.09 -10.93
C ASN A 131 8.84 12.02 -9.52
N SER A 132 8.91 10.81 -8.98
CA SER A 132 9.42 10.60 -7.64
C SER A 132 8.51 11.30 -6.63
N LEU A 133 7.62 10.51 -6.04
CA LEU A 133 6.69 11.04 -5.05
C LEU A 133 7.09 10.52 -3.67
N LYS A 134 6.58 11.20 -2.65
CA LYS A 134 6.86 10.81 -1.28
C LYS A 134 5.56 10.78 -0.48
N VAL A 135 5.58 10.02 0.60
CA VAL A 135 4.41 9.90 1.46
C VAL A 135 4.87 9.62 2.90
N GLY A 136 4.63 10.60 3.76
CA GLY A 136 5.01 10.46 5.15
C GLY A 136 6.53 10.45 5.32
N ASN A 137 7.17 9.55 4.59
CA ASN A 137 8.62 9.43 4.65
C ASN A 137 9.10 8.53 3.51
N ALA A 138 8.32 7.47 3.27
CA ALA A 138 8.66 6.52 2.22
C ALA A 138 8.65 7.24 0.87
N ASP A 139 9.13 6.54 -0.14
CA ASP A 139 9.19 7.10 -1.48
C ASP A 139 8.28 6.27 -2.40
N VAL A 140 7.35 6.97 -3.03
CA VAL A 140 6.42 6.31 -3.94
C VAL A 140 7.19 5.55 -5.00
N VAL A 141 6.76 4.32 -5.24
CA VAL A 141 7.41 3.48 -6.23
C VAL A 141 6.51 3.34 -7.45
N CYS A 142 5.25 3.07 -7.19
CA CYS A 142 4.28 2.91 -8.26
C CYS A 142 2.88 3.21 -7.70
N GLY A 143 2.44 4.44 -7.96
CA GLY A 143 1.12 4.87 -7.48
C GLY A 143 0.15 5.02 -8.65
N GLY A 144 -1.11 5.29 -8.30
CA GLY A 144 -2.14 5.46 -9.30
C GLY A 144 -2.58 4.11 -9.88
N VAL A 145 -2.20 3.06 -9.17
CA VAL A 145 -2.54 1.71 -9.60
C VAL A 145 -3.97 1.38 -9.14
N SER A 146 -4.89 2.27 -9.48
CA SER A 146 -6.28 2.08 -9.11
C SER A 146 -6.67 0.61 -9.26
N THR A 147 -7.33 0.10 -8.23
CA THR A 147 -7.76 -1.29 -8.24
C THR A 147 -9.26 -1.37 -8.52
N ALA A 148 -10.01 -1.76 -7.50
CA ALA A 148 -11.45 -1.88 -7.61
C ALA A 148 -12.11 -0.65 -7.02
N ASN A 149 -12.12 -0.59 -5.69
CA ASN A 149 -12.72 0.53 -4.99
C ASN A 149 -11.66 1.19 -4.10
N ALA A 150 -10.45 1.26 -4.64
CA ALA A 150 -9.35 1.87 -3.91
C ALA A 150 -8.14 2.00 -4.83
N THR A 151 -7.20 2.82 -4.41
CA THR A 151 -5.99 3.04 -5.19
C THR A 151 -4.83 2.22 -4.63
N VAL A 152 -3.67 2.40 -5.25
CA VAL A 152 -2.48 1.67 -4.83
C VAL A 152 -1.25 2.56 -5.03
N TYR A 153 -0.47 2.68 -3.97
CA TYR A 153 0.74 3.51 -4.02
C TYR A 153 1.90 2.81 -3.30
N MET A 154 2.64 2.03 -4.08
CA MET A 154 3.78 1.31 -3.53
C MET A 154 4.83 2.27 -3.00
N ILE A 155 5.39 1.92 -1.85
CA ILE A 155 6.41 2.74 -1.22
C ILE A 155 7.61 1.87 -0.85
N ASP A 156 8.72 2.53 -0.55
CA ASP A 156 9.93 1.83 -0.19
C ASP A 156 10.22 2.05 1.30
N SER A 157 9.16 1.92 2.10
CA SER A 157 9.29 2.10 3.53
C SER A 157 7.99 1.71 4.23
N VAL A 158 8.13 0.94 5.30
CA VAL A 158 6.97 0.49 6.06
C VAL A 158 6.43 1.65 6.89
N LEU A 159 5.66 2.50 6.24
CA LEU A 159 5.08 3.65 6.90
C LEU A 159 4.64 3.24 8.31
N MET A 160 4.50 4.25 9.17
CA MET A 160 4.09 4.02 10.54
C MET A 160 3.26 5.19 11.07
N PRO A 161 2.28 4.85 11.96
CA PRO A 161 1.42 5.86 12.54
C PRO A 161 2.17 6.66 13.62
N PRO A 162 2.13 8.01 13.46
CA PRO A 162 2.79 8.90 14.40
C PRO A 162 2.00 8.99 15.71
N ALA A 163 2.56 8.36 16.73
CA ALA A 163 1.92 8.37 18.05
C ALA A 163 2.99 8.23 19.12
N GLY A 1 -2.09 10.32 -19.82
CA GLY A 1 -0.77 9.81 -20.15
C GLY A 1 -0.60 8.37 -19.67
N ASP A 2 0.49 8.15 -18.95
CA ASP A 2 0.77 6.81 -18.42
C ASP A 2 0.73 6.86 -16.89
N LEU A 3 0.88 5.69 -16.29
CA LEU A 3 0.86 5.58 -14.84
C LEU A 3 1.92 6.51 -14.25
N VAL A 4 2.11 6.39 -12.94
CA VAL A 4 3.08 7.20 -12.25
C VAL A 4 4.07 6.30 -11.50
N GLY A 5 5.08 6.92 -10.92
CA GLY A 5 6.04 6.20 -10.11
C GLY A 5 7.12 5.55 -10.99
N PRO A 6 8.33 5.40 -10.40
CA PRO A 6 9.44 4.79 -11.10
C PRO A 6 9.27 3.28 -11.22
N GLY A 7 9.34 2.62 -10.07
CA GLY A 7 9.19 1.18 -10.03
C GLY A 7 8.11 0.71 -11.00
N CYS A 8 6.99 1.42 -10.97
CA CYS A 8 5.87 1.09 -11.84
C CYS A 8 6.43 0.69 -13.21
N ALA A 9 7.44 1.41 -13.64
CA ALA A 9 8.07 1.15 -14.91
C ALA A 9 8.59 -0.29 -14.93
N GLU A 10 9.58 -0.55 -14.09
CA GLU A 10 10.17 -1.87 -14.00
C GLU A 10 9.09 -2.91 -13.67
N TYR A 11 8.31 -2.60 -12.64
CA TYR A 11 7.24 -3.50 -12.22
C TYR A 11 6.60 -4.18 -13.43
N ALA A 12 5.95 -3.38 -14.25
CA ALA A 12 5.28 -3.89 -15.44
C ALA A 12 6.21 -4.88 -16.14
N ALA A 13 7.38 -4.40 -16.50
CA ALA A 13 8.36 -5.24 -17.18
C ALA A 13 8.34 -6.64 -16.57
N ALA A 14 8.30 -6.66 -15.24
CA ALA A 14 8.28 -7.92 -14.51
C ALA A 14 6.88 -8.53 -14.59
N ASN A 15 5.90 -7.70 -14.24
CA ASN A 15 4.51 -8.15 -14.26
C ASN A 15 3.70 -7.23 -15.18
N PRO A 16 3.80 -7.52 -16.50
CA PRO A 16 3.08 -6.73 -17.49
C PRO A 16 1.59 -7.07 -17.49
N THR A 17 1.29 -8.27 -17.03
CA THR A 17 -0.09 -8.73 -16.97
C THR A 17 -0.38 -9.37 -15.61
N GLY A 18 -1.43 -10.19 -15.59
CA GLY A 18 -1.82 -10.87 -14.37
C GLY A 18 -2.63 -9.95 -13.47
N PRO A 19 -3.13 -10.54 -12.35
CA PRO A 19 -3.93 -9.79 -11.39
C PRO A 19 -3.05 -8.85 -10.56
N ALA A 20 -1.75 -8.98 -10.75
CA ALA A 20 -0.79 -8.16 -10.02
C ALA A 20 -0.68 -6.80 -10.71
N SER A 21 -0.59 -6.84 -12.03
CA SER A 21 -0.47 -5.62 -12.81
C SER A 21 -1.55 -4.63 -12.40
N VAL A 22 -1.52 -3.46 -13.03
CA VAL A 22 -2.48 -2.42 -12.73
C VAL A 22 -3.89 -2.92 -13.08
N GLN A 23 -4.28 -2.66 -14.33
CA GLN A 23 -5.58 -3.08 -14.79
C GLN A 23 -5.94 -4.46 -14.23
N GLY A 24 -4.90 -5.25 -13.99
CA GLY A 24 -5.08 -6.59 -13.48
C GLY A 24 -5.74 -6.55 -12.10
N MET A 25 -5.04 -5.95 -11.14
CA MET A 25 -5.55 -5.83 -9.79
C MET A 25 -6.87 -5.06 -9.76
N SER A 26 -7.18 -4.44 -10.89
CA SER A 26 -8.40 -3.67 -11.00
C SER A 26 -9.62 -4.59 -10.92
N GLN A 27 -9.57 -5.65 -11.72
CA GLN A 27 -10.66 -6.62 -11.74
C GLN A 27 -10.90 -7.18 -10.34
N ASP A 28 -9.89 -7.03 -9.49
CA ASP A 28 -9.98 -7.52 -8.13
C ASP A 28 -10.08 -6.32 -7.17
N PRO A 29 -10.69 -6.59 -5.98
CA PRO A 29 -10.86 -5.54 -4.98
C PRO A 29 -9.53 -5.24 -4.28
N VAL A 30 -9.39 -3.99 -3.87
CA VAL A 30 -8.17 -3.55 -3.20
C VAL A 30 -7.54 -4.74 -2.48
N ALA A 31 -8.36 -5.45 -1.71
CA ALA A 31 -7.89 -6.60 -0.97
C ALA A 31 -7.10 -7.51 -1.92
N VAL A 32 -7.81 -8.46 -2.51
CA VAL A 32 -7.18 -9.40 -3.43
C VAL A 32 -6.27 -8.64 -4.38
N ALA A 33 -6.79 -7.53 -4.88
CA ALA A 33 -6.03 -6.70 -5.80
C ALA A 33 -4.60 -6.50 -5.27
N ALA A 34 -4.52 -6.36 -3.95
CA ALA A 34 -3.23 -6.18 -3.31
C ALA A 34 -2.66 -7.54 -2.91
N SER A 35 -3.57 -8.48 -2.69
CA SER A 35 -3.18 -9.82 -2.30
C SER A 35 -2.55 -10.55 -3.49
N ASN A 36 -2.55 -9.87 -4.62
CA ASN A 36 -1.98 -10.43 -5.84
C ASN A 36 -0.58 -9.85 -6.05
N ASN A 37 -0.49 -8.53 -5.91
CA ASN A 37 0.74 -7.83 -6.20
C ASN A 37 1.91 -8.58 -5.55
N PRO A 38 2.98 -8.78 -6.35
CA PRO A 38 4.16 -9.48 -5.87
C PRO A 38 4.98 -8.57 -4.95
N GLU A 39 4.47 -7.38 -4.73
CA GLU A 39 5.15 -6.41 -3.88
C GLU A 39 4.23 -5.99 -2.72
N LEU A 40 3.02 -6.52 -2.75
CA LEU A 40 2.04 -6.20 -1.72
C LEU A 40 1.73 -7.47 -0.91
N THR A 41 1.78 -8.60 -1.61
CA THR A 41 1.52 -9.88 -0.97
C THR A 41 2.03 -9.88 0.47
N THR A 42 3.22 -9.32 0.64
CA THR A 42 3.84 -9.25 1.95
C THR A 42 2.95 -8.43 2.90
N LEU A 43 2.62 -7.22 2.47
CA LEU A 43 1.79 -6.34 3.27
C LEU A 43 0.45 -7.01 3.53
N THR A 44 -0.07 -7.65 2.48
CA THR A 44 -1.36 -8.33 2.58
C THR A 44 -1.38 -9.24 3.81
N ALA A 45 -0.48 -10.21 3.81
CA ALA A 45 -0.41 -11.16 4.92
C ALA A 45 -0.76 -10.44 6.21
N ALA A 46 -0.30 -9.19 6.32
CA ALA A 46 -0.57 -8.40 7.50
C ALA A 46 -2.07 -8.10 7.58
N LEU A 47 -2.53 -7.28 6.65
CA LEU A 47 -3.93 -6.90 6.61
C LEU A 47 -4.79 -8.17 6.56
N SER A 48 -4.56 -8.96 5.51
CA SER A 48 -5.30 -10.20 5.33
C SER A 48 -5.51 -10.88 6.68
N GLY A 49 -4.40 -11.23 7.32
CA GLY A 49 -4.44 -11.89 8.60
C GLY A 49 -3.41 -13.02 8.68
N GLN A 50 -3.01 -13.49 7.52
CA GLN A 50 -2.03 -14.57 7.44
C GLN A 50 -0.94 -14.36 8.51
N LEU A 51 -0.48 -13.12 8.58
CA LEU A 51 0.57 -12.78 9.55
C LEU A 51 0.04 -13.04 10.96
N ASN A 52 -1.02 -12.33 11.31
CA ASN A 52 -1.63 -12.47 12.62
C ASN A 52 -3.10 -12.85 12.46
N PRO A 53 -3.50 -13.91 13.21
CA PRO A 53 -4.88 -14.38 13.16
C PRO A 53 -5.81 -13.43 13.93
N GLN A 54 -5.24 -12.35 14.40
CA GLN A 54 -6.00 -11.35 15.15
C GLN A 54 -6.19 -10.09 14.32
N VAL A 55 -5.66 -10.13 13.10
CA VAL A 55 -5.78 -9.00 12.20
C VAL A 55 -6.48 -9.44 10.91
N ASN A 56 -7.25 -8.52 10.35
CA ASN A 56 -7.97 -8.80 9.12
C ASN A 56 -8.53 -7.49 8.55
N LEU A 57 -7.74 -6.89 7.67
CA LEU A 57 -8.13 -5.64 7.04
C LEU A 57 -8.67 -5.92 5.64
N VAL A 58 -8.04 -6.89 4.99
CA VAL A 58 -8.44 -7.27 3.63
C VAL A 58 -9.96 -7.07 3.49
N ASP A 59 -10.70 -7.75 4.34
CA ASP A 59 -12.15 -7.66 4.32
C ASP A 59 -12.56 -6.19 4.28
N THR A 60 -12.03 -5.43 5.23
CA THR A 60 -12.33 -4.01 5.33
C THR A 60 -11.86 -3.29 4.06
N LEU A 61 -10.54 -3.28 3.87
CA LEU A 61 -9.96 -2.63 2.72
C LEU A 61 -10.95 -2.69 1.55
N ASN A 62 -11.54 -3.86 1.38
CA ASN A 62 -12.50 -4.06 0.31
C ASN A 62 -13.87 -3.53 0.75
N SER A 63 -13.87 -2.27 1.18
CA SER A 63 -15.09 -1.64 1.63
C SER A 63 -14.88 -0.13 1.75
N GLY A 64 -15.51 0.61 0.84
CA GLY A 64 -15.40 2.06 0.84
C GLY A 64 -14.16 2.51 0.07
N GLN A 65 -14.38 3.47 -0.82
CA GLN A 65 -13.28 4.00 -1.62
C GLN A 65 -12.05 4.23 -0.75
N TYR A 66 -11.05 3.40 -0.96
CA TYR A 66 -9.81 3.51 -0.19
C TYR A 66 -8.65 3.87 -1.11
N THR A 67 -7.46 3.91 -0.51
CA THR A 67 -6.26 4.24 -1.26
C THR A 67 -5.02 3.62 -0.60
N VAL A 68 -4.72 2.39 -1.02
CA VAL A 68 -3.59 1.67 -0.47
C VAL A 68 -2.33 2.55 -0.61
N PHE A 69 -1.47 2.44 0.39
CA PHE A 69 -0.23 3.21 0.39
C PHE A 69 0.97 2.32 0.73
N ALA A 70 1.21 1.35 -0.16
CA ALA A 70 1.53 0.01 0.27
C ALA A 70 3.04 -0.19 0.28
N PRO A 71 3.54 -0.74 1.42
CA PRO A 71 4.97 -0.98 1.57
C PRO A 71 5.41 -2.19 0.74
N THR A 72 6.24 -1.93 -0.26
CA THR A 72 6.74 -2.99 -1.12
C THR A 72 7.52 -4.02 -0.31
N ASN A 73 7.98 -5.05 -1.01
CA ASN A 73 8.73 -6.11 -0.36
C ASN A 73 10.01 -5.52 0.23
N ALA A 74 10.64 -4.63 -0.55
CA ALA A 74 11.87 -4.00 -0.11
C ALA A 74 11.57 -3.09 1.10
N ALA A 75 10.30 -2.78 1.25
CA ALA A 75 9.87 -1.93 2.35
C ALA A 75 9.87 -2.74 3.64
N PHE A 76 9.29 -3.93 3.56
CA PHE A 76 9.21 -4.81 4.72
C PHE A 76 10.57 -5.46 5.00
N SER A 77 11.19 -5.95 3.94
CA SER A 77 12.49 -6.59 4.07
C SER A 77 13.41 -5.74 4.93
N LYS A 78 13.39 -4.44 4.67
CA LYS A 78 14.22 -3.51 5.41
C LYS A 78 14.13 -3.85 6.91
N LEU A 79 12.92 -3.74 7.44
CA LEU A 79 12.69 -4.03 8.84
C LEU A 79 13.41 -5.33 9.22
N PRO A 80 13.90 -5.38 10.48
CA PRO A 80 14.60 -6.54 10.97
C PRO A 80 13.63 -7.68 11.28
N ALA A 81 14.10 -8.90 11.09
CA ALA A 81 13.29 -10.08 11.34
C ALA A 81 12.52 -9.88 12.65
N SER A 82 13.25 -9.50 13.69
CA SER A 82 12.66 -9.28 14.99
C SER A 82 11.34 -8.52 14.84
N THR A 83 11.42 -7.41 14.12
CA THR A 83 10.25 -6.58 13.89
C THR A 83 9.13 -7.40 13.22
N ILE A 84 9.53 -8.12 12.18
CA ILE A 84 8.58 -8.94 11.45
C ILE A 84 8.00 -10.01 12.37
N ASP A 85 8.92 -10.73 13.03
CA ASP A 85 8.52 -11.77 13.95
C ASP A 85 7.61 -11.18 15.03
N GLU A 86 7.73 -9.87 15.20
CA GLU A 86 6.94 -9.18 16.19
C GLU A 86 5.52 -8.91 15.66
N LEU A 87 5.47 -8.51 14.40
CA LEU A 87 4.20 -8.22 13.76
C LEU A 87 3.35 -9.49 13.74
N LYS A 88 4.02 -10.62 13.79
CA LYS A 88 3.33 -11.90 13.78
C LYS A 88 2.89 -12.25 15.20
N THR A 89 3.04 -11.28 16.09
CA THR A 89 2.66 -11.46 17.48
C THR A 89 1.97 -10.21 18.02
N ASN A 90 1.66 -9.31 17.11
CA ASN A 90 1.01 -8.07 17.48
C ASN A 90 -0.44 -8.08 16.97
N SER A 91 -0.97 -6.89 16.75
CA SER A 91 -2.34 -6.75 16.25
C SER A 91 -2.74 -5.28 16.24
N SER A 92 -2.20 -4.54 17.21
CA SER A 92 -2.50 -3.13 17.33
C SER A 92 -1.32 -2.30 16.80
N LEU A 93 -0.13 -2.79 17.09
CA LEU A 93 1.08 -2.11 16.66
C LEU A 93 1.27 -2.31 15.16
N LEU A 94 0.96 -3.52 14.72
CA LEU A 94 1.09 -3.87 13.31
C LEU A 94 -0.07 -3.25 12.53
N THR A 95 -1.26 -3.36 13.11
CA THR A 95 -2.45 -2.82 12.49
C THR A 95 -2.25 -1.33 12.14
N SER A 96 -1.86 -0.58 13.15
CA SER A 96 -1.63 0.85 12.97
C SER A 96 -0.84 1.09 11.68
N ILE A 97 0.13 0.22 11.44
CA ILE A 97 0.96 0.33 10.25
C ILE A 97 0.09 0.11 9.01
N LEU A 98 -0.44 -1.09 8.90
CA LEU A 98 -1.28 -1.44 7.77
C LEU A 98 -2.26 -0.29 7.50
N THR A 99 -3.05 0.02 8.52
CA THR A 99 -4.03 1.09 8.39
C THR A 99 -3.38 2.35 7.83
N TYR A 100 -2.29 2.74 8.46
CA TYR A 100 -1.55 3.93 8.03
C TYR A 100 -1.13 3.81 6.56
N HIS A 101 -1.15 2.57 6.08
CA HIS A 101 -0.78 2.31 4.70
C HIS A 101 -2.04 2.31 3.82
N VAL A 102 -3.03 3.05 4.27
CA VAL A 102 -4.28 3.15 3.53
C VAL A 102 -4.90 4.53 3.76
N VAL A 103 -5.79 4.90 2.85
CA VAL A 103 -6.46 6.19 2.94
C VAL A 103 -7.90 6.05 2.47
N ALA A 104 -8.81 6.62 3.25
CA ALA A 104 -10.22 6.57 2.92
C ALA A 104 -10.57 7.73 1.99
N GLY A 105 -10.76 7.41 0.73
CA GLY A 105 -11.10 8.42 -0.27
C GLY A 105 -10.15 8.35 -1.46
N GLN A 106 -10.55 7.57 -2.46
CA GLN A 106 -9.75 7.42 -3.66
C GLN A 106 -9.24 8.77 -4.13
N THR A 107 -7.93 8.86 -4.32
CA THR A 107 -7.31 10.08 -4.77
C THR A 107 -6.25 9.79 -5.83
N SER A 108 -6.17 10.69 -6.80
CA SER A 108 -5.21 10.54 -7.89
C SER A 108 -3.83 11.03 -7.44
N PRO A 109 -2.79 10.59 -8.20
CA PRO A 109 -1.43 10.97 -7.89
C PRO A 109 -1.16 12.42 -8.29
N ALA A 110 -2.03 13.30 -7.84
CA ALA A 110 -1.91 14.71 -8.15
C ALA A 110 -2.27 15.53 -6.91
N ASN A 111 -3.38 15.14 -6.28
CA ASN A 111 -3.85 15.83 -5.10
C ASN A 111 -3.35 15.10 -3.85
N VAL A 112 -3.19 13.79 -4.00
CA VAL A 112 -2.72 12.96 -2.90
C VAL A 112 -1.52 13.62 -2.26
N VAL A 113 -0.83 14.43 -3.05
CA VAL A 113 0.35 15.13 -2.56
C VAL A 113 -0.06 16.15 -1.50
N GLY A 114 0.81 16.32 -0.52
CA GLY A 114 0.56 17.26 0.56
C GLY A 114 0.32 16.53 1.88
N THR A 115 -0.92 16.57 2.34
CA THR A 115 -1.28 15.91 3.59
C THR A 115 -2.60 15.17 3.43
N ARG A 116 -2.50 13.86 3.32
CA ARG A 116 -3.69 13.02 3.17
C ARG A 116 -4.06 12.39 4.51
N GLN A 117 -5.27 11.86 4.56
CA GLN A 117 -5.78 11.23 5.77
C GLN A 117 -5.86 9.71 5.57
N THR A 118 -5.03 9.00 6.34
CA THR A 118 -5.01 7.55 6.25
C THR A 118 -6.22 6.96 6.96
N LEU A 119 -6.63 5.78 6.49
CA LEU A 119 -7.77 5.10 7.07
C LEU A 119 -7.47 4.76 8.52
N GLN A 120 -6.22 4.93 8.89
CA GLN A 120 -5.79 4.64 10.25
C GLN A 120 -6.28 5.73 11.21
N GLY A 121 -6.32 6.95 10.69
CA GLY A 121 -6.76 8.09 11.47
C GLY A 121 -5.69 9.18 11.52
N ALA A 122 -4.47 8.78 11.17
CA ALA A 122 -3.36 9.71 11.17
C ALA A 122 -3.23 10.36 9.79
N SER A 123 -2.34 11.33 9.71
CA SER A 123 -2.13 12.05 8.46
C SER A 123 -0.82 11.56 7.81
N VAL A 124 -0.86 11.48 6.49
CA VAL A 124 0.31 11.04 5.74
C VAL A 124 0.78 12.19 4.84
N THR A 125 1.94 12.74 5.20
CA THR A 125 2.50 13.84 4.44
C THR A 125 3.07 13.33 3.11
N VAL A 126 2.28 13.51 2.06
CA VAL A 126 2.70 13.07 0.73
C VAL A 126 3.41 14.21 0.02
N THR A 127 4.21 13.85 -0.98
CA THR A 127 4.94 14.83 -1.74
C THR A 127 5.24 14.31 -3.15
N GLY A 128 5.87 15.16 -3.95
CA GLY A 128 6.20 14.79 -5.31
C GLY A 128 6.02 15.99 -6.26
N GLN A 129 5.17 15.79 -7.26
CA GLN A 129 4.92 16.83 -8.24
C GLN A 129 6.22 17.26 -8.91
N GLY A 130 6.74 16.36 -9.75
CA GLY A 130 7.98 16.64 -10.46
C GLY A 130 8.81 15.37 -10.61
N ASN A 131 8.35 14.49 -11.49
CA ASN A 131 9.04 13.24 -11.73
C ASN A 131 9.51 12.65 -10.39
N SER A 132 8.61 12.68 -9.42
CA SER A 132 8.91 12.16 -8.10
C SER A 132 7.64 12.13 -7.25
N LEU A 133 7.56 11.12 -6.39
CA LEU A 133 6.41 10.97 -5.52
C LEU A 133 6.86 10.32 -4.20
N LYS A 134 6.58 11.02 -3.11
CA LYS A 134 6.94 10.53 -1.79
C LYS A 134 5.69 10.49 -0.91
N VAL A 135 5.76 9.64 0.11
CA VAL A 135 4.65 9.49 1.03
C VAL A 135 5.19 9.39 2.46
N GLY A 136 5.09 10.51 3.17
CA GLY A 136 5.57 10.55 4.55
C GLY A 136 7.09 10.49 4.61
N ASN A 137 7.64 9.52 3.90
CA ASN A 137 9.08 9.34 3.87
C ASN A 137 9.45 8.36 2.75
N ALA A 138 8.61 7.35 2.60
CA ALA A 138 8.82 6.33 1.59
C ALA A 138 8.79 6.99 0.20
N ASP A 139 9.09 6.18 -0.80
CA ASP A 139 9.09 6.67 -2.17
C ASP A 139 8.05 5.90 -2.99
N VAL A 140 7.02 6.62 -3.39
CA VAL A 140 5.94 6.01 -4.17
C VAL A 140 6.55 5.29 -5.37
N VAL A 141 6.68 3.98 -5.23
CA VAL A 141 7.24 3.16 -6.29
C VAL A 141 6.31 3.20 -7.50
N CYS A 142 5.07 2.79 -7.27
CA CYS A 142 4.08 2.77 -8.32
C CYS A 142 2.72 3.14 -7.72
N GLY A 143 2.28 4.36 -8.03
CA GLY A 143 1.01 4.84 -7.53
C GLY A 143 0.01 5.05 -8.66
N GLY A 144 -1.26 5.11 -8.29
CA GLY A 144 -2.31 5.31 -9.27
C GLY A 144 -2.83 3.97 -9.80
N VAL A 145 -2.50 2.92 -9.08
CA VAL A 145 -2.92 1.58 -9.46
C VAL A 145 -4.30 1.30 -8.88
N SER A 146 -5.28 2.06 -9.35
CA SER A 146 -6.65 1.90 -8.88
C SER A 146 -7.11 0.46 -9.13
N THR A 147 -7.54 -0.18 -8.05
CA THR A 147 -8.02 -1.55 -8.12
C THR A 147 -9.47 -1.58 -8.60
N ALA A 148 -10.36 -1.89 -7.67
CA ALA A 148 -11.78 -1.96 -7.97
C ALA A 148 -12.48 -0.75 -7.38
N ASN A 149 -12.07 -0.39 -6.17
CA ASN A 149 -12.65 0.76 -5.50
C ASN A 149 -11.65 1.30 -4.46
N ALA A 150 -10.38 1.26 -4.84
CA ALA A 150 -9.33 1.74 -3.96
C ALA A 150 -8.02 1.84 -4.75
N THR A 151 -7.34 2.97 -4.56
CA THR A 151 -6.08 3.20 -5.25
C THR A 151 -4.94 2.44 -4.57
N VAL A 152 -3.81 2.42 -5.23
CA VAL A 152 -2.63 1.73 -4.70
C VAL A 152 -1.39 2.56 -4.97
N TYR A 153 -0.62 2.78 -3.92
CA TYR A 153 0.61 3.56 -4.04
C TYR A 153 1.77 2.85 -3.33
N MET A 154 2.41 1.95 -4.08
CA MET A 154 3.54 1.21 -3.55
C MET A 154 4.66 2.15 -3.11
N ILE A 155 5.29 1.79 -2.00
CA ILE A 155 6.38 2.59 -1.47
C ILE A 155 7.51 1.66 -1.02
N ASP A 156 8.65 2.28 -0.71
CA ASP A 156 9.81 1.53 -0.28
C ASP A 156 10.11 1.86 1.20
N SER A 157 9.08 1.72 2.01
CA SER A 157 9.22 2.00 3.43
C SER A 157 7.93 1.59 4.16
N VAL A 158 8.12 0.87 5.27
CA VAL A 158 6.99 0.41 6.06
C VAL A 158 6.42 1.60 6.85
N LEU A 159 5.81 2.51 6.12
CA LEU A 159 5.21 3.69 6.73
C LEU A 159 4.69 3.32 8.12
N MET A 160 4.74 4.30 9.02
CA MET A 160 4.27 4.09 10.38
C MET A 160 3.44 5.28 10.86
N PRO A 161 2.42 4.97 11.70
CA PRO A 161 1.55 6.01 12.24
C PRO A 161 2.26 6.80 13.33
N PRO A 162 2.32 8.15 13.12
CA PRO A 162 2.97 9.03 14.08
C PRO A 162 2.08 9.23 15.32
N ALA A 163 1.80 8.12 15.99
CA ALA A 163 0.97 8.16 17.19
C ALA A 163 1.74 7.53 18.36
N GLY A 1 -2.55 3.99 -20.87
CA GLY A 1 -1.92 5.19 -20.35
C GLY A 1 -0.61 4.85 -19.62
N ASP A 2 -0.13 5.82 -18.87
CA ASP A 2 1.10 5.65 -18.12
C ASP A 2 0.81 5.78 -16.63
N LEU A 3 1.75 5.32 -15.82
CA LEU A 3 1.61 5.36 -14.38
C LEU A 3 2.64 6.34 -13.80
N VAL A 4 2.62 6.47 -12.48
CA VAL A 4 3.53 7.37 -11.80
C VAL A 4 4.42 6.55 -10.86
N GLY A 5 5.70 6.87 -10.87
CA GLY A 5 6.67 6.10 -10.12
C GLY A 5 7.70 5.44 -11.04
N PRO A 6 8.91 5.21 -10.49
CA PRO A 6 9.99 4.59 -11.25
C PRO A 6 9.74 3.09 -11.42
N GLY A 7 9.65 2.41 -10.29
CA GLY A 7 9.42 0.98 -10.30
C GLY A 7 8.30 0.60 -11.28
N CYS A 8 7.25 1.40 -11.26
CA CYS A 8 6.12 1.17 -12.14
C CYS A 8 6.66 0.83 -13.53
N ALA A 9 7.84 1.36 -13.83
CA ALA A 9 8.47 1.13 -15.11
C ALA A 9 8.91 -0.34 -15.20
N GLU A 10 9.86 -0.69 -14.34
CA GLU A 10 10.38 -2.05 -14.32
C GLU A 10 9.27 -3.03 -13.95
N TYR A 11 8.59 -2.71 -12.85
CA TYR A 11 7.50 -3.56 -12.38
C TYR A 11 6.70 -4.13 -13.56
N ALA A 12 6.02 -3.22 -14.26
CA ALA A 12 5.22 -3.61 -15.40
C ALA A 12 5.99 -4.63 -16.25
N ALA A 13 7.24 -4.28 -16.53
CA ALA A 13 8.10 -5.15 -17.33
C ALA A 13 8.10 -6.56 -16.72
N ALA A 14 8.20 -6.59 -15.40
CA ALA A 14 8.21 -7.86 -14.68
C ALA A 14 6.81 -8.46 -14.70
N ASN A 15 5.85 -7.64 -14.33
CA ASN A 15 4.46 -8.09 -14.30
C ASN A 15 3.64 -7.25 -15.28
N PRO A 16 3.71 -7.65 -16.58
CA PRO A 16 2.98 -6.95 -17.63
C PRO A 16 1.48 -7.28 -17.57
N THR A 17 1.20 -8.51 -17.18
CA THR A 17 -0.18 -8.96 -17.07
C THR A 17 -0.41 -9.69 -15.74
N GLY A 18 -1.50 -10.45 -15.70
CA GLY A 18 -1.83 -11.19 -14.51
C GLY A 18 -2.53 -10.30 -13.47
N PRO A 19 -2.84 -10.90 -12.30
CA PRO A 19 -3.49 -10.17 -11.23
C PRO A 19 -2.52 -9.23 -10.53
N ALA A 20 -1.25 -9.42 -10.83
CA ALA A 20 -0.21 -8.59 -10.23
C ALA A 20 0.06 -7.39 -11.14
N SER A 21 -0.98 -6.99 -11.86
CA SER A 21 -0.86 -5.86 -12.76
C SER A 21 -1.71 -4.69 -12.23
N VAL A 22 -1.66 -3.59 -12.97
CA VAL A 22 -2.41 -2.40 -12.60
C VAL A 22 -3.90 -2.63 -12.91
N GLN A 23 -4.15 -3.21 -14.07
CA GLN A 23 -5.51 -3.47 -14.50
C GLN A 23 -5.98 -4.82 -13.92
N GLY A 24 -5.16 -5.83 -14.11
CA GLY A 24 -5.48 -7.16 -13.61
C GLY A 24 -5.96 -7.10 -12.17
N MET A 25 -5.34 -6.22 -11.39
CA MET A 25 -5.71 -6.07 -9.99
C MET A 25 -6.95 -5.20 -9.85
N SER A 26 -7.23 -4.44 -10.89
CA SER A 26 -8.39 -3.56 -10.90
C SER A 26 -9.66 -4.38 -10.74
N GLN A 27 -9.63 -5.59 -11.29
CA GLN A 27 -10.77 -6.48 -11.22
C GLN A 27 -10.88 -7.10 -9.82
N ASP A 28 -9.94 -6.72 -8.97
CA ASP A 28 -9.91 -7.22 -7.60
C ASP A 28 -10.25 -6.08 -6.64
N PRO A 29 -10.97 -6.44 -5.55
CA PRO A 29 -11.36 -5.46 -4.54
C PRO A 29 -10.16 -5.07 -3.67
N VAL A 30 -9.55 -3.95 -4.02
CA VAL A 30 -8.40 -3.46 -3.28
C VAL A 30 -7.62 -4.65 -2.71
N ALA A 31 -7.51 -4.67 -1.39
CA ALA A 31 -6.79 -5.73 -0.72
C ALA A 31 -6.45 -6.82 -1.73
N VAL A 32 -7.47 -7.55 -2.15
CA VAL A 32 -7.28 -8.62 -3.12
C VAL A 32 -6.17 -8.24 -4.08
N ALA A 33 -6.40 -7.16 -4.80
CA ALA A 33 -5.43 -6.67 -5.77
C ALA A 33 -4.02 -6.84 -5.20
N ALA A 34 -3.75 -6.07 -4.15
CA ALA A 34 -2.44 -6.13 -3.51
C ALA A 34 -2.09 -7.58 -3.20
N SER A 35 -3.13 -8.37 -2.97
CA SER A 35 -2.95 -9.78 -2.66
C SER A 35 -2.64 -10.56 -3.94
N ASN A 36 -1.75 -9.99 -4.74
CA ASN A 36 -1.36 -10.62 -5.99
C ASN A 36 -0.07 -9.99 -6.50
N ASN A 37 0.01 -8.66 -6.33
CA ASN A 37 1.26 -7.96 -6.57
C ASN A 37 2.39 -8.65 -5.81
N PRO A 38 3.51 -8.89 -6.54
CA PRO A 38 4.67 -9.55 -5.94
C PRO A 38 5.44 -8.58 -5.04
N GLU A 39 4.88 -7.38 -4.90
CA GLU A 39 5.50 -6.36 -4.06
C GLU A 39 4.55 -5.96 -2.93
N LEU A 40 3.33 -6.47 -3.02
CA LEU A 40 2.32 -6.18 -2.01
C LEU A 40 2.04 -7.43 -1.18
N THR A 41 2.17 -8.57 -1.85
CA THR A 41 1.93 -9.84 -1.18
C THR A 41 2.38 -9.78 0.27
N THR A 42 3.49 -9.08 0.49
CA THR A 42 4.03 -8.95 1.84
C THR A 42 3.06 -8.17 2.73
N LEU A 43 2.70 -6.98 2.27
CA LEU A 43 1.78 -6.13 3.01
C LEU A 43 0.44 -6.85 3.15
N THR A 44 0.02 -7.47 2.06
CA THR A 44 -1.24 -8.19 2.06
C THR A 44 -1.33 -9.13 3.27
N ALA A 45 -0.41 -10.09 3.30
CA ALA A 45 -0.37 -11.04 4.39
C ALA A 45 -0.76 -10.35 5.70
N ALA A 46 -0.36 -9.09 5.80
CA ALA A 46 -0.66 -8.30 6.99
C ALA A 46 -2.16 -8.03 7.05
N LEU A 47 -2.61 -7.22 6.12
CA LEU A 47 -4.03 -6.87 6.06
C LEU A 47 -4.86 -8.16 6.03
N SER A 48 -4.62 -8.97 5.01
CA SER A 48 -5.33 -10.22 4.86
C SER A 48 -5.55 -10.87 6.23
N GLY A 49 -4.44 -11.14 6.90
CA GLY A 49 -4.49 -11.76 8.21
C GLY A 49 -3.47 -12.89 8.34
N GLN A 50 -3.04 -13.38 7.18
CA GLN A 50 -2.06 -14.45 7.14
C GLN A 50 -0.96 -14.21 8.18
N LEU A 51 -0.40 -13.01 8.13
CA LEU A 51 0.66 -12.64 9.05
C LEU A 51 0.13 -12.73 10.48
N ASN A 52 -0.83 -11.88 10.78
CA ASN A 52 -1.42 -11.86 12.11
C ASN A 52 -2.87 -12.35 12.03
N PRO A 53 -3.18 -13.38 12.87
CA PRO A 53 -4.52 -13.95 12.90
C PRO A 53 -5.49 -13.02 13.62
N GLN A 54 -4.98 -11.86 14.02
CA GLN A 54 -5.79 -10.88 14.72
C GLN A 54 -5.98 -9.63 13.85
N VAL A 55 -5.49 -9.73 12.62
CA VAL A 55 -5.59 -8.62 11.68
C VAL A 55 -6.43 -9.06 10.47
N ASN A 56 -7.15 -8.10 9.92
CA ASN A 56 -8.00 -8.37 8.77
C ASN A 56 -8.53 -7.06 8.21
N LEU A 57 -7.81 -6.53 7.22
CA LEU A 57 -8.20 -5.28 6.60
C LEU A 57 -9.04 -5.58 5.35
N VAL A 58 -8.52 -6.47 4.53
CA VAL A 58 -9.19 -6.85 3.30
C VAL A 58 -10.70 -6.60 3.46
N ASP A 59 -11.37 -7.53 4.12
CA ASP A 59 -12.79 -7.41 4.34
C ASP A 59 -13.16 -5.93 4.50
N THR A 60 -12.43 -5.26 5.38
CA THR A 60 -12.67 -3.86 5.62
C THR A 60 -12.39 -3.04 4.37
N LEU A 61 -11.11 -2.92 4.06
CA LEU A 61 -10.70 -2.15 2.88
C LEU A 61 -11.70 -2.40 1.75
N ASN A 62 -12.19 -3.63 1.69
CA ASN A 62 -13.15 -4.00 0.66
C ASN A 62 -14.55 -3.52 1.07
N SER A 63 -14.60 -2.25 1.44
CA SER A 63 -15.87 -1.65 1.86
C SER A 63 -16.02 -0.27 1.23
N GLY A 64 -15.41 0.71 1.87
CA GLY A 64 -15.46 2.08 1.38
C GLY A 64 -14.24 2.42 0.53
N GLN A 65 -14.27 3.60 -0.06
CA GLN A 65 -13.18 4.06 -0.90
C GLN A 65 -11.90 4.23 -0.05
N TYR A 66 -10.81 3.71 -0.58
CA TYR A 66 -9.53 3.81 0.12
C TYR A 66 -8.40 4.11 -0.86
N THR A 67 -7.21 4.25 -0.31
CA THR A 67 -6.03 4.54 -1.12
C THR A 67 -4.81 3.82 -0.57
N VAL A 68 -4.64 2.59 -1.02
CA VAL A 68 -3.52 1.78 -0.57
C VAL A 68 -2.22 2.56 -0.78
N PHE A 69 -1.42 2.61 0.28
CA PHE A 69 -0.16 3.33 0.23
C PHE A 69 1.01 2.39 0.53
N ALA A 70 1.28 1.52 -0.43
CA ALA A 70 1.57 0.13 -0.13
C ALA A 70 3.09 -0.08 -0.13
N PRO A 71 3.59 -0.63 1.01
CA PRO A 71 5.02 -0.89 1.15
C PRO A 71 5.43 -2.12 0.33
N THR A 72 6.32 -1.89 -0.63
CA THR A 72 6.80 -2.95 -1.48
C THR A 72 7.33 -4.11 -0.63
N ASN A 73 7.94 -5.07 -1.32
CA ASN A 73 8.49 -6.23 -0.64
C ASN A 73 9.87 -5.88 -0.06
N ALA A 74 10.34 -4.70 -0.45
CA ALA A 74 11.64 -4.24 0.01
C ALA A 74 11.44 -3.19 1.12
N ALA A 75 10.21 -2.71 1.22
CA ALA A 75 9.87 -1.72 2.22
C ALA A 75 9.80 -2.39 3.59
N PHE A 76 9.38 -3.65 3.58
CA PHE A 76 9.26 -4.42 4.81
C PHE A 76 10.60 -5.05 5.19
N SER A 77 11.32 -5.50 4.16
CA SER A 77 12.61 -6.14 4.38
C SER A 77 13.56 -5.16 5.08
N LYS A 78 13.31 -3.88 4.86
CA LYS A 78 14.13 -2.85 5.46
C LYS A 78 14.20 -3.07 6.97
N LEU A 79 13.04 -3.33 7.55
CA LEU A 79 12.96 -3.56 8.98
C LEU A 79 13.64 -4.88 9.33
N PRO A 80 14.07 -5.00 10.61
CA PRO A 80 14.74 -6.20 11.08
C PRO A 80 13.74 -7.34 11.27
N ALA A 81 14.18 -8.54 10.90
CA ALA A 81 13.34 -9.72 11.04
C ALA A 81 12.58 -9.67 12.37
N SER A 82 13.26 -9.12 13.38
CA SER A 82 12.68 -9.00 14.69
C SER A 82 11.32 -8.30 14.60
N THR A 83 11.34 -7.14 13.96
CA THR A 83 10.12 -6.35 13.79
C THR A 83 9.06 -7.17 13.04
N ILE A 84 9.51 -7.80 11.96
CA ILE A 84 8.62 -8.60 11.14
C ILE A 84 8.09 -9.77 11.98
N ASP A 85 9.01 -10.42 12.68
CA ASP A 85 8.65 -11.55 13.50
C ASP A 85 7.72 -11.08 14.62
N GLU A 86 7.63 -9.77 14.77
CA GLU A 86 6.78 -9.18 15.79
C GLU A 86 5.39 -8.91 15.23
N LEU A 87 5.37 -8.41 14.01
CA LEU A 87 4.12 -8.09 13.35
C LEU A 87 3.27 -9.37 13.24
N LYS A 88 3.94 -10.50 13.36
CA LYS A 88 3.28 -11.79 13.29
C LYS A 88 2.82 -12.20 14.69
N THR A 89 2.62 -11.20 15.54
CA THR A 89 2.19 -11.45 16.90
C THR A 89 1.90 -10.13 17.62
N ASN A 90 1.36 -9.19 16.86
CA ASN A 90 1.04 -7.89 17.40
C ASN A 90 -0.46 -7.63 17.23
N SER A 91 -0.85 -7.33 16.00
CA SER A 91 -2.24 -7.08 15.70
C SER A 91 -2.65 -5.70 16.24
N SER A 92 -1.66 -4.99 16.75
CA SER A 92 -1.90 -3.66 17.31
C SER A 92 -0.94 -2.65 16.67
N LEU A 93 0.35 -2.93 16.82
CA LEU A 93 1.37 -2.06 16.29
C LEU A 93 1.48 -2.28 14.77
N LEU A 94 0.94 -3.41 14.34
CA LEU A 94 0.96 -3.76 12.92
C LEU A 94 -0.25 -3.13 12.24
N THR A 95 -1.42 -3.38 12.81
CA THR A 95 -2.65 -2.86 12.26
C THR A 95 -2.52 -1.36 11.98
N SER A 96 -1.96 -0.65 12.97
CA SER A 96 -1.78 0.78 12.85
C SER A 96 -1.10 1.11 11.51
N ILE A 97 -0.08 0.33 11.20
CA ILE A 97 0.66 0.53 9.97
C ILE A 97 -0.26 0.27 8.78
N LEU A 98 -0.77 -0.95 8.71
CA LEU A 98 -1.66 -1.34 7.63
C LEU A 98 -2.66 -0.20 7.37
N THR A 99 -3.46 0.09 8.39
CA THR A 99 -4.45 1.14 8.28
C THR A 99 -3.81 2.43 7.73
N TYR A 100 -2.64 2.75 8.27
CA TYR A 100 -1.93 3.94 7.86
C TYR A 100 -1.43 3.79 6.42
N HIS A 101 -1.61 2.59 5.88
CA HIS A 101 -1.19 2.32 4.52
C HIS A 101 -2.41 2.30 3.60
N VAL A 102 -3.46 2.97 4.05
CA VAL A 102 -4.70 3.04 3.29
C VAL A 102 -5.50 4.26 3.73
N VAL A 103 -5.66 5.20 2.81
CA VAL A 103 -6.41 6.41 3.10
C VAL A 103 -7.83 6.27 2.55
N ALA A 104 -8.80 6.46 3.43
CA ALA A 104 -10.20 6.36 3.04
C ALA A 104 -10.63 7.68 2.38
N GLY A 105 -10.95 7.57 1.09
CA GLY A 105 -11.39 8.73 0.34
C GLY A 105 -11.15 8.53 -1.16
N GLN A 106 -9.93 8.10 -1.48
CA GLN A 106 -9.56 7.86 -2.87
C GLN A 106 -9.18 9.18 -3.54
N THR A 107 -7.95 9.22 -4.02
CA THR A 107 -7.44 10.41 -4.70
C THR A 107 -6.42 10.03 -5.76
N SER A 108 -6.46 10.75 -6.86
CA SER A 108 -5.54 10.50 -7.96
C SER A 108 -4.14 11.01 -7.59
N PRO A 109 -3.14 10.52 -8.37
CA PRO A 109 -1.75 10.90 -8.14
C PRO A 109 -1.49 12.33 -8.64
N ALA A 110 -2.39 13.23 -8.26
CA ALA A 110 -2.27 14.62 -8.66
C ALA A 110 -2.95 15.50 -7.63
N ASN A 111 -3.14 14.95 -6.44
CA ASN A 111 -3.79 15.68 -5.36
C ASN A 111 -3.31 15.11 -4.02
N VAL A 112 -3.42 13.79 -3.90
CA VAL A 112 -3.01 13.12 -2.67
C VAL A 112 -1.93 13.94 -1.99
N VAL A 113 -0.97 14.39 -2.79
CA VAL A 113 0.13 15.19 -2.27
C VAL A 113 -0.41 16.17 -1.22
N GLY A 114 0.42 16.42 -0.21
CA GLY A 114 0.04 17.33 0.85
C GLY A 114 0.03 16.62 2.21
N THR A 115 -1.17 16.49 2.76
CA THR A 115 -1.33 15.82 4.04
C THR A 115 -2.73 15.22 4.16
N ARG A 116 -2.80 13.91 3.98
CA ARG A 116 -4.05 13.19 4.06
C ARG A 116 -4.26 12.62 5.46
N GLN A 117 -5.26 11.77 5.57
CA GLN A 117 -5.57 11.14 6.85
C GLN A 117 -5.97 9.68 6.64
N THR A 118 -5.05 8.79 6.98
CA THR A 118 -5.29 7.37 6.84
C THR A 118 -6.50 6.94 7.67
N LEU A 119 -6.97 5.74 7.42
CA LEU A 119 -8.10 5.20 8.15
C LEU A 119 -7.72 4.99 9.62
N GLN A 120 -6.43 4.79 9.83
CA GLN A 120 -5.91 4.58 11.17
C GLN A 120 -6.22 5.79 12.05
N GLY A 121 -6.49 6.91 11.40
CA GLY A 121 -6.80 8.14 12.11
C GLY A 121 -5.59 9.07 12.14
N ALA A 122 -4.46 8.56 11.65
CA ALA A 122 -3.23 9.33 11.61
C ALA A 122 -3.12 10.04 10.26
N SER A 123 -2.36 11.12 10.25
CA SER A 123 -2.16 11.89 9.03
C SER A 123 -1.01 11.31 8.23
N VAL A 124 -1.19 11.29 6.91
CA VAL A 124 -0.17 10.77 6.02
C VAL A 124 0.39 11.91 5.16
N THR A 125 1.59 12.34 5.49
CA THR A 125 2.24 13.41 4.78
C THR A 125 2.65 12.94 3.37
N VAL A 126 2.02 13.54 2.37
CA VAL A 126 2.30 13.19 1.00
C VAL A 126 3.05 14.34 0.32
N THR A 127 3.93 13.98 -0.59
CA THR A 127 4.72 14.98 -1.30
C THR A 127 5.16 14.42 -2.66
N GLY A 128 5.68 15.33 -3.49
CA GLY A 128 6.13 14.95 -4.82
C GLY A 128 6.17 16.16 -5.75
N GLN A 129 6.00 15.88 -7.04
CA GLN A 129 6.01 16.93 -8.04
C GLN A 129 6.26 16.34 -9.43
N GLY A 130 7.10 15.32 -9.46
CA GLY A 130 7.44 14.65 -10.71
C GLY A 130 7.69 13.16 -10.49
N ASN A 131 8.60 12.63 -11.28
CA ASN A 131 8.94 11.22 -11.18
C ASN A 131 9.70 10.97 -9.88
N SER A 132 8.98 11.07 -8.78
CA SER A 132 9.57 10.85 -7.46
C SER A 132 8.64 11.39 -6.37
N LEU A 133 7.63 10.61 -6.06
CA LEU A 133 6.67 11.00 -5.04
C LEU A 133 7.07 10.38 -3.70
N LYS A 134 6.56 10.98 -2.64
CA LYS A 134 6.86 10.51 -1.29
C LYS A 134 5.58 10.47 -0.47
N VAL A 135 5.60 9.64 0.57
CA VAL A 135 4.45 9.50 1.44
C VAL A 135 4.91 9.12 2.84
N GLY A 136 4.94 10.12 3.71
CA GLY A 136 5.37 9.89 5.08
C GLY A 136 6.90 9.87 5.18
N ASN A 137 7.52 9.48 4.09
CA ASN A 137 8.98 9.41 4.04
C ASN A 137 9.40 8.41 2.95
N ALA A 138 8.50 7.50 2.64
CA ALA A 138 8.75 6.49 1.63
C ALA A 138 8.74 7.16 0.25
N ASP A 139 9.18 6.39 -0.74
CA ASP A 139 9.22 6.89 -2.11
C ASP A 139 8.23 6.09 -2.97
N VAL A 140 7.22 6.78 -3.46
CA VAL A 140 6.21 6.16 -4.28
C VAL A 140 6.89 5.44 -5.45
N VAL A 141 6.82 4.11 -5.40
CA VAL A 141 7.42 3.29 -6.43
C VAL A 141 6.52 3.28 -7.66
N CYS A 142 5.23 3.08 -7.41
CA CYS A 142 4.25 3.04 -8.48
C CYS A 142 2.87 3.38 -7.90
N GLY A 143 2.43 4.60 -8.15
CA GLY A 143 1.15 5.04 -7.64
C GLY A 143 0.14 5.23 -8.79
N GLY A 144 -1.11 5.34 -8.41
CA GLY A 144 -2.18 5.53 -9.39
C GLY A 144 -2.64 4.17 -9.95
N VAL A 145 -2.27 3.12 -9.24
CA VAL A 145 -2.64 1.78 -9.65
C VAL A 145 -4.05 1.46 -9.14
N SER A 146 -4.96 2.37 -9.44
CA SER A 146 -6.35 2.20 -9.03
C SER A 146 -6.78 0.75 -9.21
N THR A 147 -7.24 0.16 -8.12
CA THR A 147 -7.69 -1.23 -8.15
C THR A 147 -9.18 -1.30 -8.46
N ALA A 148 -9.97 -1.41 -7.39
CA ALA A 148 -11.41 -1.49 -7.54
C ALA A 148 -12.05 -0.22 -6.97
N ASN A 149 -12.12 -0.17 -5.64
CA ASN A 149 -12.71 0.97 -4.97
C ASN A 149 -11.63 1.64 -4.11
N ALA A 150 -10.39 1.43 -4.50
CA ALA A 150 -9.26 2.01 -3.77
C ALA A 150 -8.06 2.12 -4.71
N THR A 151 -7.17 3.05 -4.37
CA THR A 151 -5.98 3.27 -5.17
C THR A 151 -4.82 2.44 -4.62
N VAL A 152 -3.68 2.56 -5.31
CA VAL A 152 -2.49 1.83 -4.90
C VAL A 152 -1.26 2.71 -5.16
N TYR A 153 -0.46 2.88 -4.11
CA TYR A 153 0.74 3.68 -4.21
C TYR A 153 1.93 2.97 -3.55
N MET A 154 2.59 2.12 -4.32
CA MET A 154 3.73 1.38 -3.82
C MET A 154 4.80 2.33 -3.27
N ILE A 155 5.50 1.85 -2.25
CA ILE A 155 6.55 2.64 -1.62
C ILE A 155 7.72 1.73 -1.26
N ASP A 156 8.67 2.30 -0.52
CA ASP A 156 9.84 1.55 -0.11
C ASP A 156 9.95 1.59 1.42
N SER A 157 8.80 1.69 2.07
CA SER A 157 8.76 1.75 3.51
C SER A 157 7.36 1.38 4.01
N VAL A 158 7.33 0.61 5.08
CA VAL A 158 6.06 0.17 5.67
C VAL A 158 5.44 1.34 6.44
N LEU A 159 5.85 2.54 6.06
CA LEU A 159 5.34 3.74 6.71
C LEU A 159 5.07 3.45 8.19
N MET A 160 4.24 4.28 8.78
CA MET A 160 3.89 4.12 10.19
C MET A 160 3.12 5.34 10.71
N PRO A 161 2.08 5.04 11.55
CA PRO A 161 1.26 6.09 12.11
C PRO A 161 2.01 6.83 13.23
N PRO A 162 2.00 8.19 13.12
CA PRO A 162 2.67 9.01 14.11
C PRO A 162 1.86 9.08 15.41
N ALA A 163 2.23 8.19 16.33
CA ALA A 163 1.55 8.14 17.62
C ALA A 163 2.44 7.44 18.63
N GLY A 1 1.08 2.73 -19.50
CA GLY A 1 0.03 3.42 -18.78
C GLY A 1 0.52 4.76 -18.24
N ASP A 2 -0.43 5.65 -18.01
CA ASP A 2 -0.10 6.97 -17.49
C ASP A 2 -0.12 6.93 -15.96
N LEU A 3 0.77 6.13 -15.41
CA LEU A 3 0.86 5.99 -13.97
C LEU A 3 1.99 6.89 -13.44
N VAL A 4 2.27 6.73 -12.16
CA VAL A 4 3.32 7.52 -11.52
C VAL A 4 4.22 6.60 -10.70
N GLY A 5 5.51 6.81 -10.84
CA GLY A 5 6.49 6.05 -10.07
C GLY A 5 7.53 5.41 -10.99
N PRO A 6 8.76 5.23 -10.42
CA PRO A 6 9.84 4.62 -11.17
C PRO A 6 9.64 3.12 -11.32
N GLY A 7 9.58 2.44 -10.19
CA GLY A 7 9.39 1.00 -10.17
C GLY A 7 8.34 0.58 -11.20
N CYS A 8 7.20 1.26 -11.16
CA CYS A 8 6.11 0.97 -12.07
C CYS A 8 6.71 0.74 -13.47
N ALA A 9 7.75 1.51 -13.76
CA ALA A 9 8.41 1.40 -15.05
C ALA A 9 8.93 -0.03 -15.23
N GLU A 10 10.02 -0.33 -14.54
CA GLU A 10 10.61 -1.65 -14.62
C GLU A 10 9.58 -2.72 -14.25
N TYR A 11 8.95 -2.52 -13.10
CA TYR A 11 7.95 -3.46 -12.63
C TYR A 11 7.14 -4.03 -13.79
N ALA A 12 6.41 -3.14 -14.45
CA ALA A 12 5.59 -3.55 -15.59
C ALA A 12 6.35 -4.58 -16.42
N ALA A 13 7.61 -4.28 -16.65
CA ALA A 13 8.47 -5.16 -17.43
C ALA A 13 8.33 -6.60 -16.90
N ALA A 14 8.50 -6.72 -15.59
CA ALA A 14 8.39 -8.02 -14.94
C ALA A 14 6.94 -8.50 -14.99
N ASN A 15 6.06 -7.63 -14.56
CA ASN A 15 4.64 -7.94 -14.55
C ASN A 15 3.90 -7.00 -15.50
N PRO A 16 3.89 -7.39 -16.81
CA PRO A 16 3.23 -6.59 -17.83
C PRO A 16 1.71 -6.74 -17.74
N THR A 17 1.26 -7.98 -17.89
CA THR A 17 -0.16 -8.27 -17.84
C THR A 17 -0.45 -9.27 -16.72
N GLY A 18 -1.66 -9.17 -16.18
CA GLY A 18 -2.07 -10.06 -15.10
C GLY A 18 -2.65 -9.27 -13.94
N PRO A 19 -2.80 -9.98 -12.78
CA PRO A 19 -3.35 -9.35 -11.59
C PRO A 19 -2.31 -8.44 -10.93
N ALA A 20 -1.14 -9.00 -10.69
CA ALA A 20 -0.06 -8.25 -10.07
C ALA A 20 0.16 -6.95 -10.84
N SER A 21 -0.27 -6.96 -12.10
CA SER A 21 -0.13 -5.79 -12.94
C SER A 21 -0.90 -4.62 -12.35
N VAL A 22 -0.71 -3.45 -12.95
CA VAL A 22 -1.39 -2.25 -12.49
C VAL A 22 -2.69 -2.08 -13.27
N GLN A 23 -3.47 -3.14 -13.30
CA GLN A 23 -4.74 -3.12 -14.00
C GLN A 23 -5.58 -4.35 -13.63
N GLY A 24 -5.04 -5.51 -13.97
CA GLY A 24 -5.73 -6.76 -13.68
C GLY A 24 -6.21 -6.79 -12.22
N MET A 25 -5.46 -6.09 -11.37
CA MET A 25 -5.80 -6.04 -9.96
C MET A 25 -7.10 -5.26 -9.74
N SER A 26 -7.54 -4.61 -10.79
CA SER A 26 -8.77 -3.81 -10.73
C SER A 26 -9.95 -4.72 -10.39
N GLN A 27 -10.11 -5.77 -11.20
CA GLN A 27 -11.19 -6.71 -10.99
C GLN A 27 -11.22 -7.18 -9.54
N ASP A 28 -10.09 -7.01 -8.87
CA ASP A 28 -9.97 -7.42 -7.49
C ASP A 28 -10.27 -6.22 -6.58
N PRO A 29 -11.03 -6.49 -5.50
CA PRO A 29 -11.41 -5.45 -4.55
C PRO A 29 -10.22 -5.08 -3.66
N VAL A 30 -9.58 -3.98 -4.01
CA VAL A 30 -8.43 -3.50 -3.25
C VAL A 30 -7.71 -4.70 -2.62
N ALA A 31 -7.89 -4.83 -1.31
CA ALA A 31 -7.26 -5.92 -0.59
C ALA A 31 -6.80 -7.00 -1.57
N VAL A 32 -7.77 -7.75 -2.07
CA VAL A 32 -7.48 -8.81 -3.01
C VAL A 32 -6.35 -8.37 -3.94
N ALA A 33 -6.62 -7.30 -4.66
CA ALA A 33 -5.63 -6.75 -5.60
C ALA A 33 -4.24 -6.85 -4.97
N ALA A 34 -4.04 -6.06 -3.92
CA ALA A 34 -2.77 -6.05 -3.23
C ALA A 34 -2.27 -7.49 -3.06
N SER A 35 -3.23 -8.40 -2.95
CA SER A 35 -2.91 -9.81 -2.78
C SER A 35 -2.57 -10.43 -4.13
N ASN A 36 -1.73 -9.74 -4.89
CA ASN A 36 -1.32 -10.21 -6.19
C ASN A 36 0.04 -9.62 -6.54
N ASN A 37 0.18 -8.33 -6.27
CA ASN A 37 1.44 -7.65 -6.53
C ASN A 37 2.56 -8.38 -5.80
N PRO A 38 3.69 -8.58 -6.54
CA PRO A 38 4.85 -9.25 -5.98
C PRO A 38 5.60 -8.33 -5.01
N GLU A 39 5.04 -7.15 -4.80
CA GLU A 39 5.64 -6.18 -3.91
C GLU A 39 4.67 -5.80 -2.79
N LEU A 40 3.45 -6.33 -2.91
CA LEU A 40 2.42 -6.06 -1.92
C LEU A 40 2.10 -7.34 -1.15
N THR A 41 2.29 -8.46 -1.84
CA THR A 41 2.03 -9.76 -1.23
C THR A 41 2.48 -9.77 0.23
N THR A 42 3.57 -9.05 0.49
CA THR A 42 4.10 -8.97 1.84
C THR A 42 3.14 -8.20 2.74
N LEU A 43 2.75 -7.02 2.28
CA LEU A 43 1.84 -6.17 3.03
C LEU A 43 0.49 -6.88 3.16
N THR A 44 -0.05 -7.27 2.02
CA THR A 44 -1.34 -7.95 1.99
C THR A 44 -1.38 -9.04 3.06
N ALA A 45 -0.41 -9.93 2.99
CA ALA A 45 -0.34 -11.04 3.95
C ALA A 45 -0.62 -10.50 5.35
N ALA A 46 -0.08 -9.32 5.62
CA ALA A 46 -0.27 -8.69 6.92
C ALA A 46 -1.75 -8.37 7.11
N LEU A 47 -2.21 -7.38 6.36
CA LEU A 47 -3.60 -6.96 6.44
C LEU A 47 -4.50 -8.19 6.38
N SER A 48 -4.40 -8.91 5.26
CA SER A 48 -5.20 -10.10 5.07
C SER A 48 -5.20 -10.95 6.35
N GLY A 49 -4.03 -11.48 6.66
CA GLY A 49 -3.88 -12.31 7.85
C GLY A 49 -2.78 -13.35 7.66
N GLN A 50 -2.48 -13.62 6.39
CA GLN A 50 -1.46 -14.60 6.05
C GLN A 50 -0.20 -14.36 6.90
N LEU A 51 -0.07 -13.14 7.38
CA LEU A 51 1.07 -12.77 8.20
C LEU A 51 0.60 -12.53 9.63
N ASN A 52 -0.50 -11.81 9.76
CA ASN A 52 -1.06 -11.50 11.06
C ASN A 52 -2.38 -12.26 11.24
N PRO A 53 -2.29 -13.44 11.89
CA PRO A 53 -3.47 -14.25 12.13
C PRO A 53 -4.33 -13.65 13.25
N GLN A 54 -4.02 -12.42 13.60
CA GLN A 54 -4.76 -11.73 14.65
C GLN A 54 -5.36 -10.44 14.10
N VAL A 55 -5.07 -10.17 12.84
CA VAL A 55 -5.59 -8.97 12.18
C VAL A 55 -6.35 -9.38 10.92
N ASN A 56 -6.94 -8.39 10.29
CA ASN A 56 -7.70 -8.61 9.07
C ASN A 56 -8.31 -7.30 8.59
N LEU A 57 -7.68 -6.74 7.56
CA LEU A 57 -8.16 -5.49 7.00
C LEU A 57 -8.92 -5.76 5.70
N VAL A 58 -8.33 -6.62 4.88
CA VAL A 58 -8.93 -6.98 3.61
C VAL A 58 -10.44 -6.66 3.67
N ASP A 59 -11.16 -7.51 4.38
CA ASP A 59 -12.59 -7.35 4.52
C ASP A 59 -12.93 -5.86 4.55
N THR A 60 -12.35 -5.18 5.53
CA THR A 60 -12.57 -3.74 5.68
C THR A 60 -12.16 -2.99 4.41
N LEU A 61 -10.93 -3.25 3.98
CA LEU A 61 -10.41 -2.61 2.78
C LEU A 61 -11.50 -2.58 1.71
N ASN A 62 -12.18 -3.71 1.57
CA ASN A 62 -13.25 -3.83 0.59
C ASN A 62 -14.53 -3.21 1.16
N SER A 63 -14.38 -2.00 1.68
CA SER A 63 -15.51 -1.28 2.26
C SER A 63 -15.89 -0.09 1.38
N GLY A 64 -15.29 1.05 1.70
CA GLY A 64 -15.55 2.26 0.96
C GLY A 64 -14.32 2.69 0.15
N GLN A 65 -14.48 3.79 -0.58
CA GLN A 65 -13.39 4.31 -1.40
C GLN A 65 -12.15 4.54 -0.54
N TYR A 66 -11.17 3.66 -0.71
CA TYR A 66 -9.93 3.75 0.04
C TYR A 66 -8.76 4.09 -0.89
N THR A 67 -7.58 4.16 -0.29
CA THR A 67 -6.37 4.47 -1.04
C THR A 67 -5.16 3.78 -0.42
N VAL A 68 -4.91 2.57 -0.89
CA VAL A 68 -3.79 1.78 -0.39
C VAL A 68 -2.50 2.59 -0.54
N PHE A 69 -1.73 2.62 0.54
CA PHE A 69 -0.47 3.36 0.54
C PHE A 69 0.70 2.44 0.88
N ALA A 70 1.07 1.62 -0.10
CA ALA A 70 1.40 0.23 0.18
C ALA A 70 2.92 0.07 0.15
N PRO A 71 3.48 -0.46 1.27
CA PRO A 71 4.90 -0.69 1.38
C PRO A 71 5.33 -1.90 0.57
N THR A 72 6.26 -1.66 -0.36
CA THR A 72 6.77 -2.72 -1.21
C THR A 72 7.27 -3.88 -0.37
N ASN A 73 7.95 -4.80 -1.04
CA ASN A 73 8.49 -5.97 -0.36
C ASN A 73 9.86 -5.62 0.22
N ALA A 74 10.33 -4.44 -0.11
CA ALA A 74 11.62 -3.98 0.37
C ALA A 74 11.40 -2.94 1.47
N ALA A 75 10.17 -2.47 1.57
CA ALA A 75 9.82 -1.47 2.57
C ALA A 75 9.76 -2.14 3.94
N PHE A 76 9.41 -3.42 3.92
CA PHE A 76 9.31 -4.20 5.15
C PHE A 76 10.64 -4.87 5.49
N SER A 77 11.26 -5.43 4.46
CA SER A 77 12.53 -6.11 4.63
C SER A 77 13.51 -5.21 5.38
N LYS A 78 13.26 -3.91 5.30
CA LYS A 78 14.11 -2.93 5.96
C LYS A 78 14.03 -3.15 7.47
N LEU A 79 12.87 -3.61 7.93
CA LEU A 79 12.66 -3.86 9.34
C LEU A 79 13.31 -5.19 9.72
N PRO A 80 13.69 -5.29 11.02
CA PRO A 80 14.32 -6.50 11.52
C PRO A 80 13.30 -7.62 11.69
N ALA A 81 13.70 -8.81 11.28
CA ALA A 81 12.82 -9.98 11.38
C ALA A 81 12.08 -9.92 12.72
N SER A 82 12.84 -9.70 13.77
CA SER A 82 12.26 -9.63 15.11
C SER A 82 10.94 -8.85 15.06
N THR A 83 11.00 -7.67 14.46
CA THR A 83 9.83 -6.83 14.35
C THR A 83 8.71 -7.57 13.60
N ILE A 84 9.07 -8.08 12.43
CA ILE A 84 8.12 -8.81 11.61
C ILE A 84 7.56 -9.99 12.42
N ASP A 85 8.47 -10.80 12.93
CA ASP A 85 8.09 -11.96 13.71
C ASP A 85 7.07 -11.55 14.76
N GLU A 86 7.08 -10.27 15.08
CA GLU A 86 6.16 -9.73 16.07
C GLU A 86 4.86 -9.29 15.40
N LEU A 87 5.01 -8.68 14.23
CA LEU A 87 3.87 -8.21 13.48
C LEU A 87 3.03 -9.40 13.03
N LYS A 88 3.60 -10.58 13.18
CA LYS A 88 2.92 -11.81 12.80
C LYS A 88 2.21 -12.40 14.03
N THR A 89 1.77 -11.50 14.89
CA THR A 89 1.07 -11.92 16.10
C THR A 89 0.34 -10.73 16.73
N ASN A 90 0.98 -9.58 16.66
CA ASN A 90 0.40 -8.37 17.22
C ASN A 90 -0.91 -8.06 16.51
N SER A 91 -1.62 -7.08 17.04
CA SER A 91 -2.90 -6.68 16.47
C SER A 91 -3.24 -5.25 16.89
N SER A 92 -2.20 -4.49 17.19
CA SER A 92 -2.37 -3.11 17.60
C SER A 92 -1.22 -2.25 17.05
N LEU A 93 -0.02 -2.76 17.21
CA LEU A 93 1.16 -2.06 16.73
C LEU A 93 1.28 -2.23 15.21
N LEU A 94 0.74 -3.34 14.74
CA LEU A 94 0.78 -3.64 13.32
C LEU A 94 -0.47 -3.05 12.64
N THR A 95 -1.62 -3.44 13.18
CA THR A 95 -2.89 -2.96 12.64
C THR A 95 -2.81 -1.46 12.37
N SER A 96 -2.09 -0.76 13.23
CA SER A 96 -1.94 0.68 13.10
C SER A 96 -1.24 1.00 11.78
N ILE A 97 -0.22 0.19 11.47
CA ILE A 97 0.53 0.39 10.24
C ILE A 97 -0.36 0.08 9.04
N LEU A 98 -1.00 -1.08 9.10
CA LEU A 98 -1.90 -1.50 8.02
C LEU A 98 -2.86 -0.36 7.69
N THR A 99 -3.70 -0.04 8.66
CA THR A 99 -4.68 1.03 8.48
C THR A 99 -4.01 2.28 7.90
N TYR A 100 -2.91 2.67 8.55
CA TYR A 100 -2.17 3.83 8.10
C TYR A 100 -1.73 3.69 6.64
N HIS A 101 -1.71 2.44 6.18
CA HIS A 101 -1.31 2.15 4.81
C HIS A 101 -2.55 2.17 3.91
N VAL A 102 -3.58 2.86 4.37
CA VAL A 102 -4.81 2.95 3.61
C VAL A 102 -5.61 4.17 4.10
N VAL A 103 -5.93 5.04 3.15
CA VAL A 103 -6.69 6.24 3.48
C VAL A 103 -8.11 6.09 2.92
N ALA A 104 -9.04 6.71 3.63
CA ALA A 104 -10.45 6.66 3.24
C ALA A 104 -10.73 7.81 2.26
N GLY A 105 -10.65 7.47 0.97
CA GLY A 105 -10.90 8.46 -0.07
C GLY A 105 -9.97 8.23 -1.26
N GLN A 106 -10.55 7.70 -2.33
CA GLN A 106 -9.78 7.43 -3.53
C GLN A 106 -9.30 8.74 -4.16
N THR A 107 -7.99 8.91 -4.15
CA THR A 107 -7.38 10.10 -4.71
C THR A 107 -6.38 9.74 -5.81
N SER A 108 -6.24 10.65 -6.76
CA SER A 108 -5.33 10.43 -7.87
C SER A 108 -3.93 10.94 -7.50
N PRO A 109 -2.92 10.45 -8.28
CA PRO A 109 -1.54 10.84 -8.03
C PRO A 109 -1.28 12.26 -8.54
N ALA A 110 -2.18 13.16 -8.17
CA ALA A 110 -2.07 14.55 -8.58
C ALA A 110 -2.82 15.44 -7.59
N ASN A 111 -3.02 14.89 -6.40
CA ASN A 111 -3.73 15.63 -5.35
C ASN A 111 -3.30 15.09 -3.99
N VAL A 112 -3.36 13.77 -3.85
CA VAL A 112 -2.98 13.11 -2.62
C VAL A 112 -1.91 13.95 -1.91
N VAL A 113 -1.01 14.48 -2.71
CA VAL A 113 0.07 15.30 -2.17
C VAL A 113 -0.47 16.16 -1.02
N GLY A 114 0.36 16.31 -0.01
CA GLY A 114 -0.02 17.11 1.15
C GLY A 114 -0.38 16.20 2.34
N THR A 115 -0.99 16.82 3.34
CA THR A 115 -1.39 16.09 4.53
C THR A 115 -2.65 15.28 4.25
N ARG A 116 -2.49 13.96 4.25
CA ARG A 116 -3.59 13.06 3.99
C ARG A 116 -3.88 12.20 5.22
N GLN A 117 -5.10 12.31 5.72
CA GLN A 117 -5.51 11.56 6.89
C GLN A 117 -5.86 10.13 6.50
N THR A 118 -5.05 9.20 6.99
CA THR A 118 -5.27 7.79 6.70
C THR A 118 -6.26 7.18 7.70
N LEU A 119 -6.61 5.93 7.45
CA LEU A 119 -7.54 5.23 8.31
C LEU A 119 -7.04 5.30 9.75
N GLN A 120 -5.83 4.79 9.95
CA GLN A 120 -5.23 4.79 11.28
C GLN A 120 -5.58 6.09 12.02
N GLY A 121 -5.76 7.14 11.25
CA GLY A 121 -6.09 8.44 11.81
C GLY A 121 -4.95 9.43 11.64
N ALA A 122 -3.74 8.89 11.60
CA ALA A 122 -2.56 9.71 11.44
C ALA A 122 -2.60 10.40 10.07
N SER A 123 -1.65 11.30 9.85
CA SER A 123 -1.57 12.02 8.60
C SER A 123 -0.32 11.60 7.82
N VAL A 124 -0.54 11.26 6.56
CA VAL A 124 0.55 10.84 5.71
C VAL A 124 0.92 11.97 4.75
N THR A 125 2.16 12.42 4.87
CA THR A 125 2.65 13.50 4.02
C THR A 125 3.01 12.97 2.64
N VAL A 126 2.21 13.35 1.66
CA VAL A 126 2.43 12.92 0.29
C VAL A 126 3.07 14.07 -0.49
N THR A 127 3.90 13.70 -1.46
CA THR A 127 4.57 14.68 -2.30
C THR A 127 4.95 14.06 -3.64
N GLY A 128 5.55 14.89 -4.49
CA GLY A 128 5.96 14.45 -5.81
C GLY A 128 5.55 15.46 -6.88
N GLN A 129 5.95 15.18 -8.10
CA GLN A 129 5.63 16.05 -9.23
C GLN A 129 5.45 15.22 -10.50
N GLY A 130 6.54 14.57 -10.90
CA GLY A 130 6.52 13.75 -12.11
C GLY A 130 6.85 12.30 -11.78
N ASN A 131 7.93 11.82 -12.38
CA ASN A 131 8.37 10.45 -12.16
C ASN A 131 9.10 10.36 -10.83
N SER A 132 8.39 10.76 -9.78
CA SER A 132 8.96 10.73 -8.44
C SER A 132 7.94 11.26 -7.43
N LEU A 133 7.45 10.35 -6.59
CA LEU A 133 6.48 10.73 -5.58
C LEU A 133 6.97 10.24 -4.21
N LYS A 134 6.44 10.88 -3.17
CA LYS A 134 6.82 10.53 -1.81
C LYS A 134 5.55 10.43 -0.95
N VAL A 135 5.70 9.74 0.18
CA VAL A 135 4.58 9.56 1.09
C VAL A 135 5.12 9.24 2.48
N GLY A 136 4.77 10.09 3.43
CA GLY A 136 5.21 9.91 4.81
C GLY A 136 6.69 9.52 4.87
N ASN A 137 7.47 10.22 4.07
CA ASN A 137 8.90 9.95 4.01
C ASN A 137 9.19 8.86 2.98
N ALA A 138 8.27 7.91 2.91
CA ALA A 138 8.40 6.80 1.98
C ALA A 138 8.61 7.37 0.56
N ASP A 139 8.92 6.46 -0.36
CA ASP A 139 9.15 6.85 -1.74
C ASP A 139 8.16 6.10 -2.64
N VAL A 140 7.28 6.86 -3.27
CA VAL A 140 6.29 6.28 -4.16
C VAL A 140 7.00 5.49 -5.27
N VAL A 141 6.72 4.20 -5.31
CA VAL A 141 7.33 3.33 -6.31
C VAL A 141 6.41 3.25 -7.52
N CYS A 142 5.11 3.15 -7.25
CA CYS A 142 4.12 3.06 -8.31
C CYS A 142 2.75 3.39 -7.71
N GLY A 143 2.29 4.59 -7.99
CA GLY A 143 0.99 5.03 -7.49
C GLY A 143 -0.01 5.21 -8.63
N GLY A 144 -1.28 5.28 -8.26
CA GLY A 144 -2.34 5.44 -9.24
C GLY A 144 -2.76 4.09 -9.81
N VAL A 145 -2.46 3.04 -9.06
CA VAL A 145 -2.81 1.70 -9.49
C VAL A 145 -4.18 1.33 -8.95
N SER A 146 -5.15 2.21 -9.23
CA SER A 146 -6.51 1.99 -8.77
C SER A 146 -6.92 0.54 -9.03
N THR A 147 -7.52 -0.06 -8.00
CA THR A 147 -7.96 -1.44 -8.10
C THR A 147 -9.46 -1.50 -8.42
N ALA A 148 -10.24 -1.75 -7.40
CA ALA A 148 -11.69 -1.82 -7.54
C ALA A 148 -12.33 -0.52 -7.06
N ASN A 149 -12.13 -0.26 -5.77
CA ASN A 149 -12.68 0.94 -5.18
C ASN A 149 -11.64 1.56 -4.24
N ALA A 150 -10.39 1.23 -4.50
CA ALA A 150 -9.29 1.74 -3.69
C ALA A 150 -8.05 1.90 -4.57
N THR A 151 -7.31 2.97 -4.29
CA THR A 151 -6.10 3.25 -5.05
C THR A 151 -4.91 2.47 -4.47
N VAL A 152 -3.80 2.54 -5.18
CA VAL A 152 -2.60 1.85 -4.76
C VAL A 152 -1.39 2.76 -4.99
N TYR A 153 -0.59 2.91 -3.93
CA TYR A 153 0.59 3.74 -3.99
C TYR A 153 1.78 3.06 -3.32
N MET A 154 2.48 2.25 -4.09
CA MET A 154 3.64 1.53 -3.58
C MET A 154 4.67 2.50 -2.99
N ILE A 155 5.28 2.07 -1.91
CA ILE A 155 6.29 2.89 -1.25
C ILE A 155 7.48 2.01 -0.85
N ASP A 156 8.51 2.67 -0.35
CA ASP A 156 9.71 1.96 0.08
C ASP A 156 9.82 2.02 1.61
N SER A 157 8.67 1.97 2.25
CA SER A 157 8.63 2.02 3.70
C SER A 157 7.21 1.69 4.20
N VAL A 158 7.16 1.00 5.33
CA VAL A 158 5.87 0.63 5.91
C VAL A 158 5.25 1.85 6.59
N LEU A 159 5.44 3.00 5.95
CA LEU A 159 4.90 4.24 6.48
C LEU A 159 4.94 4.19 8.01
N MET A 160 3.89 3.64 8.58
CA MET A 160 3.79 3.53 10.03
C MET A 160 3.20 4.80 10.63
N PRO A 161 2.30 4.59 11.63
CA PRO A 161 1.64 5.71 12.29
C PRO A 161 2.61 6.41 13.26
N PRO A 162 2.92 7.69 12.93
CA PRO A 162 3.82 8.48 13.76
C PRO A 162 3.13 8.93 15.05
N ALA A 163 3.93 9.51 15.94
CA ALA A 163 3.42 9.99 17.21
C ALA A 163 2.54 8.91 17.84
N GLY A 1 -2.42 2.78 -19.31
CA GLY A 1 -1.19 2.87 -18.53
C GLY A 1 -0.85 4.33 -18.25
N ASP A 2 0.43 4.66 -18.45
CA ASP A 2 0.90 6.01 -18.21
C ASP A 2 0.64 6.39 -16.75
N LEU A 3 1.19 5.57 -15.85
CA LEU A 3 1.03 5.81 -14.44
C LEU A 3 2.19 6.66 -13.93
N VAL A 4 2.26 6.81 -12.61
CA VAL A 4 3.31 7.59 -11.99
C VAL A 4 4.28 6.65 -11.28
N GLY A 5 5.44 7.21 -10.95
CA GLY A 5 6.44 6.46 -10.19
C GLY A 5 7.39 5.72 -11.14
N PRO A 6 8.61 5.44 -10.60
CA PRO A 6 9.62 4.74 -11.38
C PRO A 6 9.28 3.26 -11.52
N GLY A 7 9.24 2.58 -10.37
CA GLY A 7 8.93 1.16 -10.35
C GLY A 7 7.75 0.85 -11.26
N CYS A 8 6.79 1.76 -11.28
CA CYS A 8 5.61 1.59 -12.10
C CYS A 8 6.04 1.08 -13.47
N ALA A 9 7.12 1.66 -13.97
CA ALA A 9 7.65 1.27 -15.27
C ALA A 9 8.18 -0.17 -15.19
N GLU A 10 9.33 -0.30 -14.56
CA GLU A 10 9.96 -1.60 -14.41
C GLU A 10 8.90 -2.66 -14.07
N TYR A 11 8.14 -2.38 -13.03
CA TYR A 11 7.09 -3.29 -12.60
C TYR A 11 6.31 -3.82 -13.79
N ALA A 12 5.66 -2.91 -14.50
CA ALA A 12 4.86 -3.28 -15.66
C ALA A 12 5.71 -4.16 -16.58
N ALA A 13 7.00 -3.89 -16.60
CA ALA A 13 7.92 -4.65 -17.43
C ALA A 13 7.91 -6.11 -16.97
N ALA A 14 7.94 -6.29 -15.66
CA ALA A 14 7.93 -7.63 -15.09
C ALA A 14 6.50 -8.20 -15.13
N ASN A 15 5.57 -7.38 -14.67
CA ASN A 15 4.17 -7.79 -14.66
C ASN A 15 3.37 -6.85 -15.56
N PRO A 16 3.38 -7.19 -16.88
CA PRO A 16 2.66 -6.39 -17.85
C PRO A 16 1.15 -6.65 -17.77
N THR A 17 0.80 -7.93 -17.77
CA THR A 17 -0.60 -8.33 -17.70
C THR A 17 -0.73 -9.65 -16.94
N GLY A 18 -1.38 -9.58 -15.79
CA GLY A 18 -1.59 -10.76 -14.96
C GLY A 18 -2.46 -10.44 -13.76
N PRO A 19 -2.21 -11.19 -12.65
CA PRO A 19 -2.97 -10.99 -11.43
C PRO A 19 -2.51 -9.72 -10.70
N ALA A 20 -1.23 -9.42 -10.84
CA ALA A 20 -0.66 -8.24 -10.22
C ALA A 20 -0.85 -7.03 -11.14
N SER A 21 0.25 -6.64 -11.77
CA SER A 21 0.23 -5.51 -12.68
C SER A 21 -0.66 -4.39 -12.12
N VAL A 22 -1.04 -3.48 -13.00
CA VAL A 22 -1.89 -2.37 -12.60
C VAL A 22 -3.35 -2.75 -12.84
N GLN A 23 -3.56 -3.67 -13.77
CA GLN A 23 -4.90 -4.12 -14.11
C GLN A 23 -5.22 -5.41 -13.35
N GLY A 24 -4.18 -6.19 -13.09
CA GLY A 24 -4.34 -7.45 -12.38
C GLY A 24 -4.91 -7.23 -10.99
N MET A 25 -4.72 -6.01 -10.49
CA MET A 25 -5.21 -5.66 -9.17
C MET A 25 -6.56 -4.93 -9.26
N SER A 26 -6.88 -4.52 -10.49
CA SER A 26 -8.14 -3.81 -10.72
C SER A 26 -9.32 -4.76 -10.48
N GLN A 27 -9.52 -5.67 -11.42
CA GLN A 27 -10.61 -6.62 -11.32
C GLN A 27 -10.78 -7.09 -9.88
N ASP A 28 -9.66 -7.10 -9.16
CA ASP A 28 -9.67 -7.52 -7.77
C ASP A 28 -9.78 -6.29 -6.87
N PRO A 29 -10.37 -6.50 -5.67
CA PRO A 29 -10.55 -5.42 -4.72
C PRO A 29 -9.23 -5.07 -4.04
N VAL A 30 -9.17 -3.86 -3.52
CA VAL A 30 -7.97 -3.39 -2.84
C VAL A 30 -7.25 -4.57 -2.20
N ALA A 31 -8.04 -5.44 -1.58
CA ALA A 31 -7.49 -6.61 -0.92
C ALA A 31 -6.68 -7.42 -1.95
N VAL A 32 -7.32 -8.47 -2.46
CA VAL A 32 -6.69 -9.33 -3.43
C VAL A 32 -5.85 -8.48 -4.39
N ALA A 33 -6.40 -7.33 -4.74
CA ALA A 33 -5.73 -6.42 -5.65
C ALA A 33 -4.25 -6.31 -5.24
N ALA A 34 -4.04 -6.12 -3.95
CA ALA A 34 -2.69 -6.00 -3.41
C ALA A 34 -2.13 -7.39 -3.13
N SER A 35 -3.05 -8.32 -2.88
CA SER A 35 -2.67 -9.69 -2.59
C SER A 35 -2.14 -10.37 -3.86
N ASN A 36 -2.17 -9.62 -4.95
CA ASN A 36 -1.71 -10.14 -6.23
C ASN A 36 -0.36 -9.50 -6.58
N ASN A 37 -0.25 -8.21 -6.25
CA ASN A 37 0.99 -7.50 -6.48
C ASN A 37 2.12 -8.17 -5.72
N PRO A 38 3.24 -8.42 -6.43
CA PRO A 38 4.40 -9.06 -5.83
C PRO A 38 5.16 -8.09 -4.93
N GLU A 39 4.62 -6.88 -4.82
CA GLU A 39 5.23 -5.86 -3.99
C GLU A 39 4.29 -5.48 -2.83
N LEU A 40 3.11 -6.08 -2.85
CA LEU A 40 2.12 -5.83 -1.82
C LEU A 40 1.79 -7.13 -1.10
N THR A 41 1.84 -8.22 -1.85
CA THR A 41 1.56 -9.54 -1.30
C THR A 41 2.01 -9.61 0.16
N THR A 42 3.14 -8.97 0.43
CA THR A 42 3.70 -8.96 1.77
C THR A 42 2.79 -8.15 2.71
N LEU A 43 2.57 -6.90 2.33
CA LEU A 43 1.73 -6.02 3.13
C LEU A 43 0.33 -6.62 3.25
N THR A 44 -0.25 -6.92 2.09
CA THR A 44 -1.58 -7.50 2.05
C THR A 44 -1.70 -8.62 3.09
N ALA A 45 -0.90 -9.65 2.90
CA ALA A 45 -0.91 -10.78 3.82
C ALA A 45 -1.11 -10.28 5.24
N ALA A 46 -0.42 -9.19 5.56
CA ALA A 46 -0.51 -8.61 6.88
C ALA A 46 -1.95 -8.14 7.13
N LEU A 47 -2.32 -7.06 6.46
CA LEU A 47 -3.65 -6.51 6.60
C LEU A 47 -4.67 -7.64 6.54
N SER A 48 -4.73 -8.30 5.38
CA SER A 48 -5.65 -9.39 5.18
C SER A 48 -5.78 -10.22 6.46
N GLY A 49 -4.63 -10.68 6.94
CA GLY A 49 -4.59 -11.48 8.15
C GLY A 49 -3.66 -12.68 7.99
N GLN A 50 -3.44 -13.05 6.74
CA GLN A 50 -2.58 -14.18 6.44
C GLN A 50 -1.31 -14.13 7.29
N LEU A 51 -0.68 -12.97 7.27
CA LEU A 51 0.55 -12.77 8.04
C LEU A 51 0.20 -12.64 9.53
N ASN A 52 -0.78 -11.79 9.79
CA ASN A 52 -1.21 -11.57 11.17
C ASN A 52 -2.61 -12.18 11.35
N PRO A 53 -2.63 -13.39 11.96
CA PRO A 53 -3.88 -14.08 12.21
C PRO A 53 -4.63 -13.45 13.38
N GLN A 54 -4.16 -12.28 13.78
CA GLN A 54 -4.78 -11.57 14.88
C GLN A 54 -5.41 -10.27 14.38
N VAL A 55 -5.31 -10.06 13.08
CA VAL A 55 -5.85 -8.85 12.47
C VAL A 55 -6.34 -9.19 11.06
N ASN A 56 -7.41 -8.53 10.65
CA ASN A 56 -7.98 -8.75 9.33
C ASN A 56 -8.55 -7.43 8.81
N LEU A 57 -8.08 -7.04 7.63
CA LEU A 57 -8.53 -5.81 7.02
C LEU A 57 -9.36 -6.14 5.77
N VAL A 58 -9.02 -7.26 5.15
CA VAL A 58 -9.72 -7.70 3.96
C VAL A 58 -11.13 -7.11 3.96
N ASP A 59 -11.93 -7.56 4.92
CA ASP A 59 -13.30 -7.08 5.03
C ASP A 59 -13.31 -5.55 4.92
N THR A 60 -12.67 -4.91 5.89
CA THR A 60 -12.60 -3.46 5.92
C THR A 60 -12.09 -2.94 4.58
N LEU A 61 -10.82 -3.22 4.30
CA LEU A 61 -10.21 -2.78 3.06
C LEU A 61 -11.22 -2.91 1.92
N ASN A 62 -11.95 -4.01 1.95
CA ASN A 62 -12.95 -4.26 0.92
C ASN A 62 -14.27 -3.61 1.33
N SER A 63 -14.19 -2.32 1.64
CA SER A 63 -15.36 -1.57 2.04
C SER A 63 -15.04 -0.07 2.06
N GLY A 64 -15.63 0.64 1.11
CA GLY A 64 -15.42 2.08 1.01
C GLY A 64 -14.16 2.39 0.19
N GLN A 65 -14.25 3.45 -0.58
CA GLN A 65 -13.13 3.87 -1.41
C GLN A 65 -11.91 4.15 -0.55
N TYR A 66 -10.85 3.38 -0.78
CA TYR A 66 -9.62 3.54 -0.04
C TYR A 66 -8.47 3.97 -0.96
N THR A 67 -7.28 4.01 -0.38
CA THR A 67 -6.10 4.40 -1.13
C THR A 67 -4.85 3.77 -0.53
N VAL A 68 -4.59 2.53 -0.95
CA VAL A 68 -3.43 1.81 -0.45
C VAL A 68 -2.19 2.69 -0.61
N PHE A 69 -1.35 2.66 0.41
CA PHE A 69 -0.12 3.44 0.40
C PHE A 69 1.10 2.56 0.71
N ALA A 70 1.35 1.63 -0.20
CA ALA A 70 1.69 0.27 0.19
C ALA A 70 3.22 0.12 0.22
N PRO A 71 3.71 -0.43 1.36
CA PRO A 71 5.14 -0.63 1.54
C PRO A 71 5.63 -1.82 0.70
N THR A 72 6.40 -1.51 -0.33
CA THR A 72 6.94 -2.53 -1.20
C THR A 72 7.77 -3.53 -0.40
N ASN A 73 8.16 -4.60 -1.08
CA ASN A 73 8.96 -5.64 -0.45
C ASN A 73 10.25 -5.03 0.11
N ALA A 74 10.70 -3.98 -0.56
CA ALA A 74 11.91 -3.29 -0.14
C ALA A 74 11.61 -2.44 1.09
N ALA A 75 10.34 -2.13 1.26
CA ALA A 75 9.90 -1.32 2.39
C ALA A 75 9.93 -2.18 3.66
N PHE A 76 9.47 -3.41 3.52
CA PHE A 76 9.43 -4.34 4.63
C PHE A 76 10.81 -4.93 4.90
N SER A 77 11.42 -5.43 3.83
CA SER A 77 12.74 -6.03 3.94
C SER A 77 13.65 -5.14 4.79
N LYS A 78 13.32 -3.87 4.81
CA LYS A 78 14.10 -2.91 5.58
C LYS A 78 14.04 -3.28 7.06
N LEU A 79 12.81 -3.33 7.58
CA LEU A 79 12.61 -3.67 8.97
C LEU A 79 13.27 -5.02 9.27
N PRO A 80 13.67 -5.18 10.57
CA PRO A 80 14.32 -6.41 10.98
C PRO A 80 13.31 -7.55 11.12
N ALA A 81 13.83 -8.77 11.15
CA ALA A 81 12.98 -9.94 11.28
C ALA A 81 12.14 -9.83 12.55
N SER A 82 12.83 -9.61 13.66
CA SER A 82 12.16 -9.48 14.94
C SER A 82 10.85 -8.69 14.77
N THR A 83 10.96 -7.57 14.06
CA THR A 83 9.82 -6.73 13.82
C THR A 83 8.72 -7.50 13.07
N ILE A 84 9.13 -8.10 11.96
CA ILE A 84 8.20 -8.87 11.14
C ILE A 84 7.55 -9.95 12.01
N ASP A 85 8.41 -10.76 12.61
CA ASP A 85 7.93 -11.84 13.46
C ASP A 85 6.98 -11.27 14.53
N GLU A 86 7.09 -9.97 14.72
CA GLU A 86 6.25 -9.29 15.70
C GLU A 86 4.92 -8.89 15.07
N LEU A 87 5.00 -8.36 13.87
CA LEU A 87 3.81 -7.93 13.15
C LEU A 87 2.93 -9.15 12.86
N LYS A 88 3.57 -10.31 12.87
CA LYS A 88 2.85 -11.55 12.62
C LYS A 88 2.32 -12.10 13.95
N THR A 89 1.94 -11.19 14.83
CA THR A 89 1.41 -11.57 16.13
C THR A 89 0.86 -10.34 16.86
N ASN A 90 1.57 -9.23 16.71
CA ASN A 90 1.16 -8.00 17.35
C ASN A 90 -0.35 -7.82 17.20
N SER A 91 -0.75 -7.46 15.98
CA SER A 91 -2.16 -7.26 15.68
C SER A 91 -2.67 -6.03 16.42
N SER A 92 -1.73 -5.25 16.93
CA SER A 92 -2.07 -4.04 17.66
C SER A 92 -1.18 -2.88 17.21
N LEU A 93 0.10 -3.19 17.07
CA LEU A 93 1.07 -2.19 16.65
C LEU A 93 1.18 -2.21 15.12
N LEU A 94 0.92 -3.38 14.56
CA LEU A 94 0.98 -3.54 13.11
C LEU A 94 -0.27 -2.94 12.48
N THR A 95 -1.42 -3.33 13.03
CA THR A 95 -2.69 -2.84 12.53
C THR A 95 -2.59 -1.35 12.17
N SER A 96 -1.98 -0.60 13.08
CA SER A 96 -1.81 0.82 12.87
C SER A 96 -1.05 1.08 11.56
N ILE A 97 0.04 0.37 11.41
CA ILE A 97 0.86 0.50 10.22
C ILE A 97 0.00 0.23 8.97
N LEU A 98 -0.59 -0.96 8.95
CA LEU A 98 -1.43 -1.36 7.84
C LEU A 98 -2.46 -0.25 7.57
N THR A 99 -3.33 -0.04 8.55
CA THR A 99 -4.36 0.97 8.43
C THR A 99 -3.76 2.28 7.91
N TYR A 100 -2.61 2.63 8.46
CA TYR A 100 -1.93 3.85 8.06
C TYR A 100 -1.40 3.73 6.63
N HIS A 101 -1.37 2.50 6.13
CA HIS A 101 -0.90 2.25 4.78
C HIS A 101 -2.08 2.21 3.82
N VAL A 102 -3.20 2.77 4.28
CA VAL A 102 -4.40 2.80 3.46
C VAL A 102 -5.29 3.96 3.93
N VAL A 103 -5.47 4.92 3.01
CA VAL A 103 -6.29 6.08 3.31
C VAL A 103 -7.72 5.82 2.84
N ALA A 104 -8.66 6.37 3.60
CA ALA A 104 -10.07 6.21 3.28
C ALA A 104 -10.52 7.39 2.40
N GLY A 105 -10.67 7.11 1.12
CA GLY A 105 -11.09 8.13 0.17
C GLY A 105 -10.16 8.18 -1.03
N GLN A 106 -10.61 7.55 -2.11
CA GLN A 106 -9.83 7.52 -3.33
C GLN A 106 -9.54 8.95 -3.82
N THR A 107 -8.47 9.07 -4.59
CA THR A 107 -8.07 10.36 -5.12
C THR A 107 -7.32 10.20 -6.44
N SER A 108 -6.00 10.30 -6.35
CA SER A 108 -5.15 10.17 -7.53
C SER A 108 -3.77 10.76 -7.26
N PRO A 109 -2.80 10.36 -8.11
CA PRO A 109 -1.43 10.84 -7.97
C PRO A 109 -1.31 12.30 -8.45
N ALA A 110 -2.16 13.14 -7.89
CA ALA A 110 -2.16 14.54 -8.25
C ALA A 110 -2.59 15.38 -7.05
N ASN A 111 -3.66 14.91 -6.40
CA ASN A 111 -4.18 15.59 -5.23
C ASN A 111 -3.69 14.89 -3.96
N VAL A 112 -3.63 13.57 -4.05
CA VAL A 112 -3.18 12.78 -2.92
C VAL A 112 -1.97 13.44 -2.27
N VAL A 113 -1.23 14.17 -3.10
CA VAL A 113 -0.04 14.87 -2.62
C VAL A 113 -0.39 15.67 -1.37
N GLY A 114 0.62 15.93 -0.56
CA GLY A 114 0.44 16.68 0.67
C GLY A 114 -0.12 15.79 1.78
N THR A 115 -0.46 16.43 2.89
CA THR A 115 -0.99 15.70 4.03
C THR A 115 -2.28 14.97 3.63
N ARG A 116 -2.41 13.76 4.16
CA ARG A 116 -3.59 12.94 3.88
C ARG A 116 -3.91 12.03 5.07
N GLN A 117 -5.13 12.18 5.56
CA GLN A 117 -5.57 11.38 6.70
C GLN A 117 -5.78 9.93 6.28
N THR A 118 -5.14 9.03 7.01
CA THR A 118 -5.25 7.61 6.72
C THR A 118 -6.45 7.01 7.45
N LEU A 119 -6.73 5.76 7.13
CA LEU A 119 -7.85 5.06 7.75
C LEU A 119 -7.56 4.88 9.25
N GLN A 120 -6.28 4.84 9.57
CA GLN A 120 -5.86 4.68 10.94
C GLN A 120 -6.14 5.95 11.75
N GLY A 121 -6.56 6.98 11.03
CA GLY A 121 -6.87 8.25 11.66
C GLY A 121 -5.68 9.22 11.54
N ALA A 122 -4.49 8.66 11.72
CA ALA A 122 -3.28 9.46 11.64
C ALA A 122 -3.25 10.19 10.30
N SER A 123 -2.12 10.85 10.04
CA SER A 123 -1.95 11.59 8.80
C SER A 123 -0.68 11.11 8.09
N VAL A 124 -0.73 11.17 6.77
CA VAL A 124 0.42 10.75 5.96
C VAL A 124 0.90 11.93 5.13
N THR A 125 2.20 12.19 5.22
CA THR A 125 2.81 13.29 4.48
C THR A 125 3.13 12.85 3.05
N VAL A 126 2.22 13.20 2.15
CA VAL A 126 2.41 12.85 0.75
C VAL A 126 3.11 14.00 0.03
N THR A 127 3.86 13.64 -1.00
CA THR A 127 4.59 14.63 -1.78
C THR A 127 4.73 14.17 -3.23
N GLY A 128 5.27 15.06 -4.05
CA GLY A 128 5.46 14.75 -5.46
C GLY A 128 6.43 15.74 -6.11
N GLN A 129 7.29 15.22 -6.96
CA GLN A 129 8.26 16.05 -7.65
C GLN A 129 8.95 15.25 -8.75
N GLY A 130 8.16 14.81 -9.72
CA GLY A 130 8.69 14.03 -10.83
C GLY A 130 8.27 12.57 -10.72
N ASN A 131 8.88 11.75 -11.56
CA ASN A 131 8.58 10.33 -11.57
C ASN A 131 9.20 9.68 -10.33
N SER A 132 8.66 10.05 -9.17
CA SER A 132 9.15 9.51 -7.91
C SER A 132 8.55 10.30 -6.74
N LEU A 133 7.23 10.18 -6.61
CA LEU A 133 6.53 10.88 -5.54
C LEU A 133 7.09 10.42 -4.19
N LYS A 134 6.56 11.02 -3.14
CA LYS A 134 6.98 10.69 -1.79
C LYS A 134 5.75 10.52 -0.89
N VAL A 135 5.95 9.82 0.21
CA VAL A 135 4.87 9.58 1.15
C VAL A 135 5.46 9.17 2.50
N GLY A 136 4.97 9.82 3.55
CA GLY A 136 5.44 9.53 4.89
C GLY A 136 6.83 8.90 4.87
N ASN A 137 7.83 9.75 4.66
CA ASN A 137 9.20 9.29 4.61
C ASN A 137 9.28 8.02 3.76
N ALA A 138 8.77 8.13 2.54
CA ALA A 138 8.78 7.00 1.62
C ALA A 138 8.89 7.52 0.19
N ASP A 139 9.24 6.61 -0.71
CA ASP A 139 9.38 6.96 -2.11
C ASP A 139 8.31 6.22 -2.93
N VAL A 140 7.45 6.99 -3.55
CA VAL A 140 6.39 6.44 -4.37
C VAL A 140 7.00 5.63 -5.52
N VAL A 141 6.86 4.31 -5.43
CA VAL A 141 7.39 3.44 -6.45
C VAL A 141 6.44 3.42 -7.66
N CYS A 142 5.18 3.12 -7.37
CA CYS A 142 4.18 3.07 -8.41
C CYS A 142 2.82 3.42 -7.79
N GLY A 143 2.36 4.63 -8.08
CA GLY A 143 1.09 5.10 -7.55
C GLY A 143 0.07 5.26 -8.68
N GLY A 144 -1.19 5.38 -8.27
CA GLY A 144 -2.28 5.54 -9.23
C GLY A 144 -2.72 4.20 -9.79
N VAL A 145 -2.44 3.15 -9.02
CA VAL A 145 -2.80 1.80 -9.44
C VAL A 145 -4.15 1.43 -8.83
N SER A 146 -5.16 2.22 -9.18
CA SER A 146 -6.50 1.98 -8.67
C SER A 146 -6.88 0.51 -8.86
N THR A 147 -7.47 -0.05 -7.81
CA THR A 147 -7.88 -1.44 -7.83
C THR A 147 -9.35 -1.55 -8.26
N ALA A 148 -10.16 -2.07 -7.35
CA ALA A 148 -11.58 -2.23 -7.62
C ALA A 148 -12.34 -1.03 -7.06
N ASN A 149 -11.81 -0.49 -5.96
CA ASN A 149 -12.44 0.66 -5.31
C ASN A 149 -11.47 1.24 -4.29
N ALA A 150 -10.20 1.32 -4.68
CA ALA A 150 -9.17 1.85 -3.82
C ALA A 150 -7.87 2.01 -4.61
N THR A 151 -7.27 3.18 -4.46
CA THR A 151 -6.03 3.48 -5.16
C THR A 151 -4.86 2.72 -4.52
N VAL A 152 -3.74 2.72 -5.22
CA VAL A 152 -2.55 2.04 -4.73
C VAL A 152 -1.32 2.93 -4.97
N TYR A 153 -0.52 3.06 -3.93
CA TYR A 153 0.68 3.87 -4.03
C TYR A 153 1.87 3.18 -3.33
N MET A 154 2.55 2.34 -4.10
CA MET A 154 3.70 1.61 -3.58
C MET A 154 4.79 2.58 -3.11
N ILE A 155 5.39 2.24 -1.97
CA ILE A 155 6.44 3.06 -1.41
C ILE A 155 7.57 2.16 -0.92
N ASP A 156 8.71 2.79 -0.66
CA ASP A 156 9.87 2.06 -0.18
C ASP A 156 10.14 2.41 1.28
N SER A 157 9.09 2.27 2.09
CA SER A 157 9.18 2.56 3.50
C SER A 157 7.92 2.12 4.22
N VAL A 158 8.12 1.36 5.29
CA VAL A 158 7.00 0.85 6.08
C VAL A 158 6.40 2.00 6.90
N LEU A 159 5.62 2.82 6.22
CA LEU A 159 4.98 3.95 6.87
C LEU A 159 4.52 3.54 8.28
N MET A 160 4.36 4.54 9.13
CA MET A 160 3.92 4.29 10.49
C MET A 160 3.05 5.43 11.01
N PRO A 161 2.02 5.05 11.82
CA PRO A 161 1.11 6.03 12.38
C PRO A 161 1.77 6.81 13.52
N PRO A 162 1.85 8.15 13.32
CA PRO A 162 2.45 9.02 14.33
C PRO A 162 1.52 9.22 15.52
N ALA A 163 2.00 9.98 16.48
CA ALA A 163 1.22 10.26 17.69
C ALA A 163 0.50 8.97 18.11
N GLY A 1 -0.32 2.57 -20.55
CA GLY A 1 0.56 2.63 -19.40
C GLY A 1 1.02 4.07 -19.14
N ASP A 2 0.49 4.65 -18.08
CA ASP A 2 0.83 6.01 -17.71
C ASP A 2 0.60 6.20 -16.21
N LEU A 3 1.43 5.55 -15.42
CA LEU A 3 1.33 5.64 -13.97
C LEU A 3 2.39 6.61 -13.46
N VAL A 4 2.40 6.75 -12.14
CA VAL A 4 3.36 7.65 -11.51
C VAL A 4 4.21 6.86 -10.50
N GLY A 5 5.48 6.71 -10.84
CA GLY A 5 6.39 5.97 -9.99
C GLY A 5 7.46 5.25 -10.83
N PRO A 6 8.64 5.01 -10.19
CA PRO A 6 9.73 4.33 -10.87
C PRO A 6 9.45 2.84 -10.99
N GLY A 7 9.20 2.22 -9.85
CA GLY A 7 8.93 0.79 -9.82
C GLY A 7 7.98 0.39 -10.94
N CYS A 8 6.90 1.14 -11.06
CA CYS A 8 5.91 0.88 -12.09
C CYS A 8 6.64 0.51 -13.38
N ALA A 9 7.83 1.08 -13.53
CA ALA A 9 8.64 0.82 -14.70
C ALA A 9 9.18 -0.62 -14.64
N GLU A 10 10.09 -0.83 -13.71
CA GLU A 10 10.70 -2.14 -13.53
C GLU A 10 9.61 -3.18 -13.23
N TYR A 11 8.84 -2.90 -12.19
CA TYR A 11 7.77 -3.80 -11.79
C TYR A 11 6.99 -4.31 -13.01
N ALA A 12 6.26 -3.38 -13.63
CA ALA A 12 5.48 -3.73 -14.80
C ALA A 12 6.31 -4.59 -15.74
N ALA A 13 7.45 -4.03 -16.16
CA ALA A 13 8.35 -4.74 -17.05
C ALA A 13 8.45 -6.20 -16.61
N ALA A 14 8.27 -6.41 -15.31
CA ALA A 14 8.36 -7.75 -14.75
C ALA A 14 6.96 -8.38 -14.74
N ASN A 15 5.97 -7.54 -14.40
CA ASN A 15 4.60 -8.01 -14.35
C ASN A 15 3.73 -7.11 -15.23
N PRO A 16 3.88 -7.31 -16.57
CA PRO A 16 3.12 -6.53 -17.53
C PRO A 16 1.67 -6.99 -17.59
N THR A 17 1.46 -8.23 -17.18
CA THR A 17 0.12 -8.81 -17.17
C THR A 17 -0.22 -9.34 -15.78
N GLY A 18 -1.06 -10.37 -15.76
CA GLY A 18 -1.48 -10.98 -14.52
C GLY A 18 -2.41 -10.05 -13.74
N PRO A 19 -2.91 -10.57 -12.58
CA PRO A 19 -3.80 -9.79 -11.74
C PRO A 19 -3.03 -8.73 -10.96
N ALA A 20 -1.71 -8.84 -11.01
CA ALA A 20 -0.86 -7.89 -10.32
C ALA A 20 -0.76 -6.60 -11.14
N SER A 21 -0.77 -6.77 -12.45
CA SER A 21 -0.68 -5.63 -13.35
C SER A 21 -1.54 -4.48 -12.82
N VAL A 22 -1.25 -3.29 -13.32
CA VAL A 22 -1.98 -2.11 -12.91
C VAL A 22 -3.48 -2.31 -13.19
N GLN A 23 -3.76 -3.05 -14.25
CA GLN A 23 -5.13 -3.33 -14.63
C GLN A 23 -5.58 -4.67 -14.03
N GLY A 24 -4.62 -5.55 -13.82
CA GLY A 24 -4.91 -6.86 -13.26
C GLY A 24 -5.45 -6.73 -11.83
N MET A 25 -4.98 -5.69 -11.15
CA MET A 25 -5.41 -5.45 -9.78
C MET A 25 -6.75 -4.70 -9.75
N SER A 26 -7.09 -4.11 -10.89
CA SER A 26 -8.33 -3.37 -11.00
C SER A 26 -9.52 -4.30 -10.78
N GLN A 27 -9.34 -5.55 -11.18
CA GLN A 27 -10.38 -6.54 -11.04
C GLN A 27 -10.41 -7.08 -9.60
N ASP A 28 -9.35 -6.80 -8.88
CA ASP A 28 -9.24 -7.24 -7.50
C ASP A 28 -9.73 -6.12 -6.57
N PRO A 29 -10.44 -6.55 -5.48
CA PRO A 29 -10.96 -5.61 -4.52
C PRO A 29 -9.85 -5.05 -3.62
N VAL A 30 -9.35 -3.88 -4.01
CA VAL A 30 -8.29 -3.23 -3.25
C VAL A 30 -7.40 -4.31 -2.62
N ALA A 31 -7.33 -4.25 -1.29
CA ALA A 31 -6.52 -5.21 -0.56
C ALA A 31 -6.02 -6.30 -1.51
N VAL A 32 -6.97 -7.12 -1.95
CA VAL A 32 -6.64 -8.21 -2.86
C VAL A 32 -5.51 -7.77 -3.78
N ALA A 33 -5.77 -6.73 -4.55
CA ALA A 33 -4.79 -6.20 -5.48
C ALA A 33 -3.39 -6.47 -4.92
N ALA A 34 -3.07 -5.78 -3.83
CA ALA A 34 -1.78 -5.93 -3.20
C ALA A 34 -1.49 -7.41 -2.98
N SER A 35 -2.49 -8.11 -2.46
CA SER A 35 -2.36 -9.53 -2.21
C SER A 35 -2.00 -10.27 -3.49
N ASN A 36 -2.20 -9.59 -4.61
CA ASN A 36 -1.91 -10.16 -5.91
C ASN A 36 -1.04 -9.18 -6.71
N ASN A 37 -0.45 -8.24 -5.99
CA ASN A 37 0.85 -7.72 -6.37
C ASN A 37 1.94 -8.57 -5.70
N PRO A 38 2.92 -9.01 -6.53
CA PRO A 38 4.02 -9.82 -6.04
C PRO A 38 5.03 -8.96 -5.26
N GLU A 39 4.61 -7.74 -4.95
CA GLU A 39 5.45 -6.82 -4.23
C GLU A 39 4.78 -6.41 -2.91
N LEU A 40 3.47 -6.61 -2.87
CA LEU A 40 2.70 -6.27 -1.69
C LEU A 40 2.33 -7.55 -0.94
N THR A 41 2.57 -8.68 -1.59
CA THR A 41 2.27 -9.97 -1.00
C THR A 41 2.55 -9.94 0.51
N THR A 42 3.60 -9.21 0.87
CA THR A 42 3.98 -9.10 2.27
C THR A 42 2.92 -8.32 3.05
N LEU A 43 2.64 -7.12 2.56
CA LEU A 43 1.65 -6.27 3.21
C LEU A 43 0.32 -7.03 3.32
N THR A 44 -0.07 -7.64 2.20
CA THR A 44 -1.31 -8.40 2.16
C THR A 44 -1.37 -9.37 3.33
N ALA A 45 -0.39 -10.26 3.38
CA ALA A 45 -0.32 -11.25 4.44
C ALA A 45 -0.74 -10.61 5.77
N ALA A 46 -0.33 -9.36 5.93
CA ALA A 46 -0.66 -8.63 7.15
C ALA A 46 -2.17 -8.40 7.20
N LEU A 47 -2.64 -7.54 6.30
CA LEU A 47 -4.06 -7.23 6.24
C LEU A 47 -4.87 -8.52 6.18
N SER A 48 -4.63 -9.28 5.12
CA SER A 48 -5.33 -10.54 4.93
C SER A 48 -5.50 -11.25 6.28
N GLY A 49 -4.36 -11.48 6.94
CA GLY A 49 -4.38 -12.14 8.23
C GLY A 49 -3.29 -13.22 8.29
N GLN A 50 -2.87 -13.65 7.13
CA GLN A 50 -1.84 -14.67 7.03
C GLN A 50 -0.74 -14.42 8.05
N LEU A 51 -0.43 -13.14 8.24
CA LEU A 51 0.59 -12.74 9.19
C LEU A 51 0.06 -12.90 10.61
N ASN A 52 -1.02 -12.21 10.90
CA ASN A 52 -1.63 -12.27 12.21
C ASN A 52 -3.09 -12.72 12.07
N PRO A 53 -3.47 -13.72 12.92
CA PRO A 53 -4.82 -14.24 12.90
C PRO A 53 -5.80 -13.26 13.55
N GLN A 54 -5.24 -12.25 14.20
CA GLN A 54 -6.04 -11.25 14.87
C GLN A 54 -6.18 -10.00 13.99
N VAL A 55 -5.45 -10.02 12.88
CA VAL A 55 -5.49 -8.91 11.95
C VAL A 55 -6.26 -9.32 10.69
N ASN A 56 -7.13 -8.43 10.26
CA ASN A 56 -7.94 -8.70 9.07
C ASN A 56 -8.61 -7.40 8.62
N LEU A 57 -7.97 -6.75 7.65
CA LEU A 57 -8.48 -5.50 7.12
C LEU A 57 -9.12 -5.77 5.76
N VAL A 58 -8.43 -6.55 4.95
CA VAL A 58 -8.93 -6.89 3.63
C VAL A 58 -10.43 -6.63 3.56
N ASP A 59 -11.18 -7.57 4.12
CA ASP A 59 -12.63 -7.45 4.13
C ASP A 59 -13.02 -5.97 4.21
N THR A 60 -12.54 -5.33 5.26
CA THR A 60 -12.83 -3.91 5.47
C THR A 60 -12.34 -3.09 4.28
N LEU A 61 -11.08 -3.33 3.92
CA LEU A 61 -10.48 -2.62 2.80
C LEU A 61 -11.39 -2.73 1.58
N ASN A 62 -12.14 -3.82 1.54
CA ASN A 62 -13.05 -4.07 0.43
C ASN A 62 -14.42 -3.48 0.77
N SER A 63 -14.40 -2.23 1.23
CA SER A 63 -15.63 -1.54 1.59
C SER A 63 -15.35 -0.04 1.75
N GLY A 64 -15.87 0.73 0.80
CA GLY A 64 -15.69 2.17 0.83
C GLY A 64 -14.48 2.58 -0.02
N GLN A 65 -14.63 3.73 -0.67
CA GLN A 65 -13.56 4.25 -1.51
C GLN A 65 -12.32 4.56 -0.67
N TYR A 66 -11.32 3.69 -0.79
CA TYR A 66 -10.09 3.87 -0.05
C TYR A 66 -8.94 4.21 -0.99
N THR A 67 -7.73 4.18 -0.43
CA THR A 67 -6.54 4.49 -1.20
C THR A 67 -5.32 3.78 -0.60
N VAL A 68 -5.07 2.57 -1.08
CA VAL A 68 -3.95 1.79 -0.60
C VAL A 68 -2.68 2.64 -0.69
N PHE A 69 -1.80 2.44 0.29
CA PHE A 69 -0.55 3.16 0.34
C PHE A 69 0.61 2.24 0.67
N ALA A 70 0.89 1.33 -0.24
CA ALA A 70 1.18 -0.05 0.13
C ALA A 70 2.69 -0.29 0.06
N PRO A 71 3.23 -0.84 1.18
CA PRO A 71 4.65 -1.12 1.26
C PRO A 71 5.00 -2.37 0.44
N THR A 72 5.75 -2.13 -0.63
CA THR A 72 6.16 -3.23 -1.50
C THR A 72 7.05 -4.21 -0.73
N ASN A 73 7.78 -5.00 -1.50
CA ASN A 73 8.67 -5.99 -0.90
C ASN A 73 9.93 -5.29 -0.37
N ALA A 74 10.29 -4.21 -1.05
CA ALA A 74 11.46 -3.44 -0.65
C ALA A 74 11.05 -2.37 0.36
N ALA A 75 9.91 -2.60 1.00
CA ALA A 75 9.39 -1.67 1.98
C ALA A 75 9.43 -2.32 3.37
N PHE A 76 9.13 -3.61 3.39
CA PHE A 76 9.12 -4.36 4.63
C PHE A 76 10.51 -4.95 4.92
N SER A 77 11.24 -5.19 3.85
CA SER A 77 12.58 -5.76 3.97
C SER A 77 13.54 -4.70 4.52
N LYS A 78 13.05 -3.47 4.58
CA LYS A 78 13.85 -2.37 5.08
C LYS A 78 13.95 -2.47 6.60
N LEU A 79 12.91 -3.03 7.19
CA LEU A 79 12.88 -3.20 8.64
C LEU A 79 13.53 -4.52 9.02
N PRO A 80 14.00 -4.59 10.29
CA PRO A 80 14.65 -5.79 10.79
C PRO A 80 13.62 -6.88 11.07
N ALA A 81 14.06 -8.13 10.86
CA ALA A 81 13.20 -9.27 11.09
C ALA A 81 12.53 -9.14 12.47
N SER A 82 13.30 -8.63 13.40
CA SER A 82 12.80 -8.44 14.76
C SER A 82 11.47 -7.70 14.73
N THR A 83 11.38 -6.75 13.81
CA THR A 83 10.16 -5.96 13.67
C THR A 83 9.05 -6.80 13.03
N ILE A 84 9.41 -7.46 11.93
CA ILE A 84 8.46 -8.29 11.22
C ILE A 84 7.96 -9.41 12.15
N ASP A 85 8.88 -10.32 12.47
CA ASP A 85 8.55 -11.43 13.34
C ASP A 85 7.61 -10.95 14.45
N GLU A 86 7.78 -9.68 14.81
CA GLU A 86 6.96 -9.08 15.85
C GLU A 86 5.54 -8.85 15.34
N LEU A 87 5.46 -8.25 14.15
CA LEU A 87 4.17 -7.97 13.54
C LEU A 87 3.31 -9.23 13.58
N LYS A 88 3.97 -10.37 13.47
CA LYS A 88 3.27 -11.64 13.48
C LYS A 88 2.98 -12.04 14.93
N THR A 89 2.83 -11.03 15.77
CA THR A 89 2.55 -11.26 17.18
C THR A 89 2.23 -9.93 17.87
N ASN A 90 1.65 -9.02 17.11
CA ASN A 90 1.28 -7.71 17.64
C ASN A 90 -0.22 -7.52 17.52
N SER A 91 -0.67 -7.37 16.29
CA SER A 91 -2.09 -7.17 16.02
C SER A 91 -2.52 -5.78 16.50
N SER A 92 -1.54 -4.99 16.88
CA SER A 92 -1.81 -3.65 17.35
C SER A 92 -0.91 -2.64 16.63
N LEU A 93 0.37 -3.00 16.52
CA LEU A 93 1.33 -2.16 15.85
C LEU A 93 1.33 -2.47 14.35
N LEU A 94 0.99 -3.71 14.04
CA LEU A 94 0.94 -4.14 12.65
C LEU A 94 -0.29 -3.55 11.97
N THR A 95 -1.44 -3.80 12.59
CA THR A 95 -2.70 -3.29 12.07
C THR A 95 -2.62 -1.79 11.84
N SER A 96 -1.96 -1.11 12.78
CA SER A 96 -1.81 0.34 12.70
C SER A 96 -1.13 0.71 11.38
N ILE A 97 -0.14 -0.09 11.01
CA ILE A 97 0.60 0.15 9.78
C ILE A 97 -0.34 0.00 8.59
N LEU A 98 -0.87 -1.21 8.44
CA LEU A 98 -1.78 -1.50 7.35
C LEU A 98 -2.74 -0.33 7.16
N THR A 99 -3.48 -0.02 8.22
CA THR A 99 -4.42 1.07 8.19
C THR A 99 -3.79 2.31 7.55
N TYR A 100 -2.64 2.68 8.09
CA TYR A 100 -1.92 3.84 7.58
C TYR A 100 -1.62 3.68 6.08
N HIS A 101 -1.64 2.45 5.63
CA HIS A 101 -1.38 2.16 4.24
C HIS A 101 -2.68 2.19 3.44
N VAL A 102 -3.65 2.93 3.97
CA VAL A 102 -4.93 3.06 3.33
C VAL A 102 -5.58 4.39 3.75
N VAL A 103 -6.14 5.07 2.77
CA VAL A 103 -6.79 6.35 3.01
C VAL A 103 -8.22 6.30 2.48
N ALA A 104 -9.15 6.76 3.31
CA ALA A 104 -10.55 6.79 2.94
C ALA A 104 -10.84 8.03 2.10
N GLY A 105 -11.10 7.80 0.82
CA GLY A 105 -11.39 8.88 -0.10
C GLY A 105 -10.48 8.82 -1.32
N GLN A 106 -10.83 7.95 -2.24
CA GLN A 106 -10.05 7.79 -3.46
C GLN A 106 -9.68 9.15 -4.03
N THR A 107 -8.40 9.30 -4.33
CA THR A 107 -7.89 10.54 -4.89
C THR A 107 -6.68 10.27 -5.78
N SER A 108 -6.77 10.78 -7.01
CA SER A 108 -5.69 10.60 -7.96
C SER A 108 -4.38 11.13 -7.38
N PRO A 109 -3.26 10.78 -8.07
CA PRO A 109 -1.94 11.21 -7.63
C PRO A 109 -1.72 12.69 -7.95
N ALA A 110 -2.69 13.50 -7.55
CA ALA A 110 -2.60 14.94 -7.78
C ALA A 110 -3.03 15.67 -6.51
N ASN A 111 -4.12 15.20 -5.92
CA ASN A 111 -4.63 15.82 -4.71
C ASN A 111 -4.18 14.99 -3.50
N VAL A 112 -3.76 13.76 -3.78
CA VAL A 112 -3.30 12.87 -2.73
C VAL A 112 -2.01 13.42 -2.14
N VAL A 113 -1.47 14.43 -2.80
CA VAL A 113 -0.23 15.05 -2.35
C VAL A 113 -0.51 15.93 -1.13
N GLY A 114 0.52 16.12 -0.33
CA GLY A 114 0.39 16.94 0.87
C GLY A 114 0.04 16.08 2.08
N THR A 115 -0.43 16.75 3.12
CA THR A 115 -0.81 16.06 4.35
C THR A 115 -2.17 15.40 4.19
N ARG A 116 -2.14 14.07 4.07
CA ARG A 116 -3.37 13.31 3.91
C ARG A 116 -3.73 12.61 5.23
N GLN A 117 -4.77 11.80 5.15
CA GLN A 117 -5.23 11.06 6.32
C GLN A 117 -5.54 9.63 5.95
N THR A 118 -5.06 8.71 6.79
CA THR A 118 -5.28 7.30 6.56
C THR A 118 -6.34 6.75 7.53
N LEU A 119 -7.02 5.71 7.09
CA LEU A 119 -8.06 5.10 7.90
C LEU A 119 -7.51 4.87 9.31
N GLN A 120 -6.20 4.75 9.40
CA GLN A 120 -5.55 4.54 10.69
C GLN A 120 -5.84 5.71 11.63
N GLY A 121 -5.59 6.91 11.13
CA GLY A 121 -5.82 8.10 11.91
C GLY A 121 -4.64 9.08 11.79
N ALA A 122 -3.50 8.53 11.42
CA ALA A 122 -2.30 9.32 11.26
C ALA A 122 -2.31 9.99 9.89
N SER A 123 -1.53 11.06 9.77
CA SER A 123 -1.45 11.80 8.52
C SER A 123 -0.40 11.16 7.61
N VAL A 124 -0.55 11.42 6.32
CA VAL A 124 0.37 10.88 5.33
C VAL A 124 1.00 12.04 4.55
N THR A 125 2.25 12.33 4.87
CA THR A 125 2.97 13.39 4.21
C THR A 125 3.29 13.01 2.76
N VAL A 126 2.30 13.19 1.90
CA VAL A 126 2.45 12.86 0.49
C VAL A 126 3.23 13.98 -0.20
N THR A 127 3.94 13.61 -1.24
CA THR A 127 4.73 14.56 -2.00
C THR A 127 4.96 14.06 -3.43
N GLY A 128 5.48 14.95 -4.26
CA GLY A 128 5.74 14.62 -5.64
C GLY A 128 6.28 15.83 -6.41
N GLN A 129 7.08 15.55 -7.43
CA GLN A 129 7.66 16.59 -8.25
C GLN A 129 7.56 16.23 -9.72
N GLY A 130 8.44 15.32 -10.13
CA GLY A 130 8.48 14.88 -11.52
C GLY A 130 8.39 13.35 -11.60
N ASN A 131 9.16 12.70 -10.74
CA ASN A 131 9.19 11.25 -10.71
C ASN A 131 9.76 10.78 -9.37
N SER A 132 9.42 11.52 -8.33
CA SER A 132 9.89 11.19 -6.99
C SER A 132 8.82 11.51 -5.96
N LEU A 133 7.76 10.71 -5.96
CA LEU A 133 6.66 10.92 -5.03
C LEU A 133 7.05 10.34 -3.67
N LYS A 134 6.44 10.90 -2.63
CA LYS A 134 6.71 10.44 -1.28
C LYS A 134 5.39 10.35 -0.51
N VAL A 135 5.45 9.67 0.62
CA VAL A 135 4.27 9.49 1.45
C VAL A 135 4.70 9.13 2.88
N GLY A 136 4.74 10.15 3.73
CA GLY A 136 5.14 9.96 5.11
C GLY A 136 6.66 9.90 5.25
N ASN A 137 7.21 8.73 4.94
CA ASN A 137 8.65 8.53 5.02
C ASN A 137 9.07 7.48 4.00
N ALA A 138 8.22 7.30 3.00
CA ALA A 138 8.49 6.34 1.94
C ALA A 138 8.43 7.04 0.58
N ASP A 139 8.79 6.30 -0.45
CA ASP A 139 8.78 6.82 -1.80
C ASP A 139 7.77 6.04 -2.64
N VAL A 140 6.85 6.79 -3.24
CA VAL A 140 5.83 6.18 -4.08
C VAL A 140 6.50 5.43 -5.23
N VAL A 141 6.29 4.11 -5.24
CA VAL A 141 6.86 3.26 -6.27
C VAL A 141 5.96 3.31 -7.51
N CYS A 142 4.66 3.35 -7.27
CA CYS A 142 3.70 3.38 -8.34
C CYS A 142 2.32 3.67 -7.75
N GLY A 143 1.87 4.90 -7.94
CA GLY A 143 0.57 5.31 -7.42
C GLY A 143 -0.42 5.57 -8.57
N GLY A 144 -1.69 5.63 -8.20
CA GLY A 144 -2.74 5.86 -9.18
C GLY A 144 -3.18 4.55 -9.84
N VAL A 145 -2.80 3.45 -9.19
CA VAL A 145 -3.15 2.13 -9.70
C VAL A 145 -4.53 1.74 -9.17
N SER A 146 -5.50 2.62 -9.42
CA SER A 146 -6.86 2.37 -8.97
C SER A 146 -7.22 0.90 -9.18
N THR A 147 -7.50 0.23 -8.07
CA THR A 147 -7.87 -1.17 -8.13
C THR A 147 -9.36 -1.33 -8.42
N ALA A 148 -10.11 -1.61 -7.36
CA ALA A 148 -11.55 -1.78 -7.49
C ALA A 148 -12.26 -0.53 -6.96
N ASN A 149 -12.31 -0.43 -5.64
CA ASN A 149 -12.94 0.70 -5.00
C ASN A 149 -11.95 1.38 -4.06
N ALA A 150 -10.73 1.52 -4.55
CA ALA A 150 -9.68 2.15 -3.76
C ALA A 150 -8.40 2.25 -4.60
N THR A 151 -7.77 3.40 -4.51
CA THR A 151 -6.54 3.63 -5.26
C THR A 151 -5.40 2.78 -4.69
N VAL A 152 -4.29 2.78 -5.41
CA VAL A 152 -3.12 2.02 -4.99
C VAL A 152 -1.87 2.90 -5.13
N TYR A 153 -1.11 2.97 -4.04
CA TYR A 153 0.11 3.75 -4.03
C TYR A 153 1.24 3.00 -3.34
N MET A 154 1.96 2.21 -4.13
CA MET A 154 3.07 1.43 -3.60
C MET A 154 4.19 2.35 -3.10
N ILE A 155 4.94 1.84 -2.14
CA ILE A 155 6.04 2.60 -1.58
C ILE A 155 7.19 1.63 -1.22
N ASP A 156 8.24 2.21 -0.65
CA ASP A 156 9.40 1.41 -0.26
C ASP A 156 9.54 1.45 1.26
N SER A 157 8.41 1.61 1.93
CA SER A 157 8.39 1.66 3.38
C SER A 157 6.99 1.35 3.90
N VAL A 158 6.95 0.67 5.03
CA VAL A 158 5.69 0.30 5.64
C VAL A 158 5.09 1.52 6.34
N LEU A 159 5.54 2.70 5.90
CA LEU A 159 5.05 3.95 6.47
C LEU A 159 5.06 3.84 7.99
N MET A 160 3.96 3.32 8.52
CA MET A 160 3.82 3.16 9.97
C MET A 160 3.23 4.42 10.59
N PRO A 161 2.31 4.19 11.59
CA PRO A 161 1.67 5.29 12.27
C PRO A 161 2.64 5.95 13.27
N PRO A 162 3.05 7.21 12.93
CA PRO A 162 3.96 7.95 13.78
C PRO A 162 3.23 8.48 15.02
N ALA A 163 4.01 9.10 15.90
CA ALA A 163 3.47 9.66 17.12
C ALA A 163 2.65 8.58 17.84
N GLY A 1 -4.21 7.66 -17.83
CA GLY A 1 -2.92 7.93 -18.44
C GLY A 1 -1.81 7.12 -17.75
N ASP A 2 -0.60 7.33 -18.21
CA ASP A 2 0.55 6.63 -17.65
C ASP A 2 0.48 6.68 -16.12
N LEU A 3 1.14 5.72 -15.50
CA LEU A 3 1.16 5.64 -14.04
C LEU A 3 2.17 6.66 -13.49
N VAL A 4 2.20 6.75 -12.18
CA VAL A 4 3.11 7.67 -11.52
C VAL A 4 3.96 6.91 -10.50
N GLY A 5 5.26 6.93 -10.71
CA GLY A 5 6.16 6.10 -9.93
C GLY A 5 7.20 5.43 -10.82
N PRO A 6 8.41 5.21 -10.24
CA PRO A 6 9.50 4.58 -10.97
C PRO A 6 9.27 3.08 -11.12
N GLY A 7 9.23 2.40 -9.98
CA GLY A 7 9.01 0.96 -9.97
C GLY A 7 7.93 0.57 -10.97
N CYS A 8 6.89 1.39 -11.03
CA CYS A 8 5.79 1.13 -11.94
C CYS A 8 6.37 0.62 -13.26
N ALA A 9 7.57 1.08 -13.57
CA ALA A 9 8.24 0.68 -14.79
C ALA A 9 8.96 -0.64 -14.56
N GLU A 10 10.01 -0.58 -13.76
CA GLU A 10 10.80 -1.76 -13.44
C GLU A 10 9.87 -2.93 -13.08
N TYR A 11 8.99 -2.67 -12.13
CA TYR A 11 8.04 -3.69 -11.69
C TYR A 11 7.45 -4.44 -12.89
N ALA A 12 6.73 -3.68 -13.71
CA ALA A 12 6.10 -4.25 -14.88
C ALA A 12 7.09 -5.16 -15.61
N ALA A 13 8.29 -4.63 -15.80
CA ALA A 13 9.34 -5.39 -16.47
C ALA A 13 9.33 -6.83 -15.96
N ALA A 14 9.10 -6.97 -14.67
CA ALA A 14 9.06 -8.29 -14.05
C ALA A 14 7.65 -8.86 -14.18
N ASN A 15 6.67 -8.01 -13.92
CA ASN A 15 5.28 -8.43 -14.00
C ASN A 15 4.53 -7.49 -14.95
N PRO A 16 4.68 -7.76 -16.27
CA PRO A 16 4.03 -6.95 -17.28
C PRO A 16 2.53 -7.27 -17.36
N THR A 17 2.20 -8.51 -17.03
CA THR A 17 0.82 -8.95 -17.06
C THR A 17 0.47 -9.67 -15.76
N GLY A 18 -0.71 -10.28 -15.76
CA GLY A 18 -1.18 -11.00 -14.59
C GLY A 18 -2.12 -10.15 -13.74
N PRO A 19 -2.58 -10.74 -12.61
CA PRO A 19 -3.48 -10.04 -11.71
C PRO A 19 -2.73 -8.99 -10.90
N ALA A 20 -1.41 -9.02 -11.00
CA ALA A 20 -0.58 -8.08 -10.29
C ALA A 20 -0.45 -6.79 -11.10
N SER A 21 -0.56 -6.94 -12.41
CA SER A 21 -0.46 -5.80 -13.31
C SER A 21 -1.19 -4.60 -12.70
N VAL A 22 -0.78 -3.42 -13.14
CA VAL A 22 -1.38 -2.18 -12.65
C VAL A 22 -2.81 -2.09 -13.17
N GLN A 23 -3.14 -2.98 -14.08
CA GLN A 23 -4.47 -3.01 -14.66
C GLN A 23 -5.22 -4.28 -14.24
N GLY A 24 -4.45 -5.30 -13.92
CA GLY A 24 -5.02 -6.57 -13.50
C GLY A 24 -5.55 -6.48 -12.07
N MET A 25 -4.77 -5.83 -11.22
CA MET A 25 -5.14 -5.67 -9.83
C MET A 25 -6.46 -4.91 -9.70
N SER A 26 -6.87 -4.32 -10.81
CA SER A 26 -8.12 -3.57 -10.84
C SER A 26 -9.30 -4.50 -10.61
N GLN A 27 -9.20 -5.69 -11.20
CA GLN A 27 -10.25 -6.68 -11.07
C GLN A 27 -10.30 -7.22 -9.63
N ASP A 28 -9.32 -6.81 -8.85
CA ASP A 28 -9.23 -7.24 -7.47
C ASP A 28 -9.69 -6.11 -6.55
N PRO A 29 -10.40 -6.51 -5.47
CA PRO A 29 -10.90 -5.54 -4.51
C PRO A 29 -9.78 -5.01 -3.62
N VAL A 30 -9.22 -3.88 -4.03
CA VAL A 30 -8.14 -3.26 -3.28
C VAL A 30 -7.25 -4.36 -2.68
N ALA A 31 -7.09 -4.28 -1.36
CA ALA A 31 -6.28 -5.25 -0.66
C ALA A 31 -5.86 -6.37 -1.62
N VAL A 32 -6.84 -7.18 -1.99
CA VAL A 32 -6.59 -8.28 -2.91
C VAL A 32 -5.45 -7.91 -3.85
N ALA A 33 -5.69 -6.87 -4.65
CA ALA A 33 -4.70 -6.40 -5.59
C ALA A 33 -3.30 -6.71 -5.05
N ALA A 34 -2.96 -6.03 -3.96
CA ALA A 34 -1.66 -6.22 -3.34
C ALA A 34 -1.41 -7.71 -3.14
N SER A 35 -2.41 -8.38 -2.60
CA SER A 35 -2.31 -9.81 -2.35
C SER A 35 -1.64 -10.50 -3.54
N ASN A 36 -1.90 -9.96 -4.73
CA ASN A 36 -1.32 -10.50 -5.94
C ASN A 36 -0.79 -9.37 -6.81
N ASN A 37 -0.26 -8.35 -6.14
CA ASN A 37 1.08 -7.87 -6.45
C ASN A 37 2.10 -8.71 -5.69
N PRO A 38 3.14 -9.17 -6.44
CA PRO A 38 4.19 -9.99 -5.86
C PRO A 38 5.14 -9.13 -5.00
N GLU A 39 4.73 -7.89 -4.79
CA GLU A 39 5.52 -6.97 -4.00
C GLU A 39 4.73 -6.51 -2.77
N LEU A 40 3.44 -6.71 -2.83
CA LEU A 40 2.56 -6.32 -1.73
C LEU A 40 2.11 -7.57 -0.98
N THR A 41 2.31 -8.72 -1.61
CA THR A 41 1.92 -9.99 -1.01
C THR A 41 2.22 -9.98 0.49
N THR A 42 3.30 -9.29 0.84
CA THR A 42 3.71 -9.20 2.24
C THR A 42 2.72 -8.33 3.02
N LEU A 43 2.48 -7.14 2.49
CA LEU A 43 1.57 -6.20 3.12
C LEU A 43 0.21 -6.88 3.31
N THR A 44 -0.27 -7.48 2.23
CA THR A 44 -1.55 -8.17 2.28
C THR A 44 -1.62 -9.13 3.48
N ALA A 45 -0.69 -10.08 3.47
CA ALA A 45 -0.63 -11.06 4.54
C ALA A 45 -0.96 -10.38 5.88
N ALA A 46 -0.49 -9.14 6.00
CA ALA A 46 -0.72 -8.37 7.21
C ALA A 46 -2.22 -8.03 7.31
N LEU A 47 -2.64 -7.11 6.46
CA LEU A 47 -4.03 -6.68 6.45
C LEU A 47 -4.93 -7.92 6.50
N SER A 48 -4.80 -8.76 5.49
CA SER A 48 -5.59 -9.98 5.41
C SER A 48 -5.62 -10.67 6.78
N GLY A 49 -4.47 -11.20 7.16
CA GLY A 49 -4.36 -11.88 8.44
C GLY A 49 -3.23 -12.92 8.40
N GLN A 50 -2.87 -13.31 7.18
CA GLN A 50 -1.82 -14.30 7.00
C GLN A 50 -0.65 -14.02 7.96
N LEU A 51 -0.55 -12.75 8.36
CA LEU A 51 0.50 -12.34 9.27
C LEU A 51 0.01 -12.47 10.71
N ASN A 52 -1.14 -11.85 10.97
CA ASN A 52 -1.73 -11.89 12.29
C ASN A 52 -3.16 -12.41 12.19
N PRO A 53 -3.46 -13.42 13.03
CA PRO A 53 -4.80 -14.01 13.06
C PRO A 53 -5.80 -13.09 13.74
N GLN A 54 -5.31 -11.92 14.12
CA GLN A 54 -6.15 -10.94 14.79
C GLN A 54 -6.25 -9.67 13.95
N VAL A 55 -5.67 -9.73 12.76
CA VAL A 55 -5.70 -8.59 11.85
C VAL A 55 -6.43 -8.98 10.56
N ASN A 56 -7.34 -8.12 10.15
CA ASN A 56 -8.10 -8.37 8.94
C ASN A 56 -8.59 -7.03 8.37
N LEU A 57 -7.78 -6.48 7.48
CA LEU A 57 -8.12 -5.21 6.85
C LEU A 57 -8.76 -5.47 5.48
N VAL A 58 -8.23 -6.47 4.79
CA VAL A 58 -8.75 -6.83 3.48
C VAL A 58 -10.27 -6.74 3.50
N ASP A 59 -10.87 -7.51 4.39
CA ASP A 59 -12.31 -7.53 4.53
C ASP A 59 -12.83 -6.09 4.61
N THR A 60 -12.02 -5.24 5.22
CA THR A 60 -12.38 -3.84 5.38
C THR A 60 -12.06 -3.06 4.09
N LEU A 61 -10.77 -2.97 3.81
CA LEU A 61 -10.32 -2.26 2.63
C LEU A 61 -11.36 -2.40 1.52
N ASN A 62 -11.90 -3.60 1.41
CA ASN A 62 -12.91 -3.88 0.41
C ASN A 62 -14.27 -3.40 0.90
N SER A 63 -14.29 -2.14 1.33
CA SER A 63 -15.52 -1.55 1.83
C SER A 63 -15.82 -0.26 1.07
N GLY A 64 -15.29 0.84 1.57
CA GLY A 64 -15.51 2.14 0.96
C GLY A 64 -14.29 2.54 0.11
N GLN A 65 -14.46 3.64 -0.61
CA GLN A 65 -13.39 4.13 -1.46
C GLN A 65 -12.17 4.53 -0.62
N TYR A 66 -11.12 3.74 -0.76
CA TYR A 66 -9.90 3.99 -0.01
C TYR A 66 -8.74 4.33 -0.95
N THR A 67 -7.55 4.35 -0.39
CA THR A 67 -6.35 4.66 -1.16
C THR A 67 -5.15 3.90 -0.61
N VAL A 68 -4.99 2.67 -1.09
CA VAL A 68 -3.88 1.84 -0.65
C VAL A 68 -2.57 2.64 -0.76
N PHE A 69 -1.75 2.51 0.27
CA PHE A 69 -0.48 3.20 0.30
C PHE A 69 0.66 2.24 0.64
N ALA A 70 0.92 1.34 -0.29
CA ALA A 70 1.22 -0.04 0.05
C ALA A 70 2.73 -0.26 -0.01
N PRO A 71 3.28 -0.78 1.12
CA PRO A 71 4.71 -1.05 1.20
C PRO A 71 5.08 -2.30 0.40
N THR A 72 5.73 -2.06 -0.73
CA THR A 72 6.14 -3.15 -1.59
C THR A 72 6.97 -4.17 -0.81
N ASN A 73 7.59 -5.08 -1.54
CA ASN A 73 8.41 -6.11 -0.93
C ASN A 73 9.78 -5.52 -0.57
N ALA A 74 10.17 -4.50 -1.33
CA ALA A 74 11.44 -3.84 -1.10
C ALA A 74 11.37 -3.03 0.20
N ALA A 75 10.14 -2.85 0.67
CA ALA A 75 9.92 -2.10 1.90
C ALA A 75 10.08 -3.05 3.10
N PHE A 76 9.07 -3.88 3.29
CA PHE A 76 9.09 -4.83 4.40
C PHE A 76 10.47 -5.48 4.53
N SER A 77 11.15 -5.59 3.41
CA SER A 77 12.48 -6.19 3.40
C SER A 77 13.41 -5.39 4.31
N LYS A 78 13.44 -4.09 4.09
CA LYS A 78 14.28 -3.21 4.87
C LYS A 78 14.18 -3.60 6.35
N LEU A 79 12.96 -3.58 6.86
CA LEU A 79 12.71 -3.93 8.24
C LEU A 79 13.35 -5.28 8.54
N PRO A 80 13.85 -5.41 9.81
CA PRO A 80 14.49 -6.64 10.24
C PRO A 80 13.45 -7.74 10.49
N ALA A 81 13.92 -8.98 10.41
CA ALA A 81 13.05 -10.12 10.62
C ALA A 81 12.33 -9.95 11.95
N SER A 82 13.09 -9.56 12.97
CA SER A 82 12.53 -9.36 14.30
C SER A 82 11.23 -8.55 14.20
N THR A 83 11.34 -7.38 13.60
CA THR A 83 10.19 -6.51 13.44
C THR A 83 9.03 -7.28 12.79
N ILE A 84 9.36 -8.01 11.73
CA ILE A 84 8.36 -8.79 11.03
C ILE A 84 7.80 -9.85 11.96
N ASP A 85 8.70 -10.52 12.65
CA ASP A 85 8.31 -11.58 13.59
C ASP A 85 7.42 -10.98 14.67
N GLU A 86 7.55 -9.68 14.84
CA GLU A 86 6.76 -8.97 15.85
C GLU A 86 5.36 -8.67 15.32
N LEU A 87 5.33 -8.21 14.07
CA LEU A 87 4.06 -7.88 13.43
C LEU A 87 3.17 -9.12 13.40
N LYS A 88 3.81 -10.27 13.57
CA LYS A 88 3.09 -11.54 13.57
C LYS A 88 2.71 -11.91 14.99
N THR A 89 2.56 -10.88 15.82
CA THR A 89 2.20 -11.08 17.21
C THR A 89 1.91 -9.74 17.89
N ASN A 90 1.37 -8.82 17.11
CA ASN A 90 1.06 -7.50 17.63
C ASN A 90 -0.45 -7.26 17.53
N SER A 91 -0.91 -7.11 16.29
CA SER A 91 -2.33 -6.88 16.04
C SER A 91 -2.76 -5.56 16.69
N SER A 92 -1.77 -4.79 17.12
CA SER A 92 -2.03 -3.51 17.74
C SER A 92 -1.08 -2.45 17.17
N LEU A 93 0.18 -2.83 17.06
CA LEU A 93 1.19 -1.93 16.54
C LEU A 93 1.31 -2.13 15.02
N LEU A 94 0.93 -3.32 14.58
CA LEU A 94 1.00 -3.65 13.17
C LEU A 94 -0.25 -3.11 12.46
N THR A 95 -1.38 -3.35 13.10
CA THR A 95 -2.65 -2.89 12.55
C THR A 95 -2.59 -1.40 12.24
N SER A 96 -1.95 -0.66 13.13
CA SER A 96 -1.81 0.77 12.96
C SER A 96 -1.10 1.08 11.64
N ILE A 97 -0.13 0.24 11.31
CA ILE A 97 0.63 0.41 10.09
C ILE A 97 -0.28 0.15 8.89
N LEU A 98 -0.94 -1.00 8.93
CA LEU A 98 -1.85 -1.39 7.87
C LEU A 98 -2.82 -0.24 7.58
N THR A 99 -3.62 0.08 8.60
CA THR A 99 -4.59 1.15 8.48
C THR A 99 -3.93 2.41 7.93
N TYR A 100 -2.75 2.69 8.46
CA TYR A 100 -2.00 3.87 8.05
C TYR A 100 -1.48 3.71 6.62
N HIS A 101 -1.60 2.49 6.11
CA HIS A 101 -1.13 2.18 4.77
C HIS A 101 -2.32 2.19 3.81
N VAL A 102 -3.42 2.79 4.27
CA VAL A 102 -4.62 2.87 3.46
C VAL A 102 -5.45 4.07 3.92
N VAL A 103 -5.60 5.03 3.01
CA VAL A 103 -6.36 6.23 3.30
C VAL A 103 -7.81 6.02 2.86
N ALA A 104 -8.71 6.72 3.54
CA ALA A 104 -10.12 6.62 3.23
C ALA A 104 -10.52 7.78 2.32
N GLY A 105 -10.98 7.42 1.13
CA GLY A 105 -11.39 8.41 0.15
C GLY A 105 -10.44 8.42 -1.06
N GLN A 106 -10.78 7.60 -2.04
CA GLN A 106 -9.97 7.51 -3.25
C GLN A 106 -9.52 8.90 -3.69
N THR A 107 -8.28 8.96 -4.17
CA THR A 107 -7.71 10.22 -4.63
C THR A 107 -6.55 9.95 -5.58
N SER A 108 -6.60 10.62 -6.73
CA SER A 108 -5.56 10.47 -7.72
C SER A 108 -4.25 11.05 -7.21
N PRO A 109 -3.15 10.73 -7.94
CA PRO A 109 -1.83 11.22 -7.56
C PRO A 109 -1.67 12.70 -7.91
N ALA A 110 -2.66 13.48 -7.51
CA ALA A 110 -2.65 14.91 -7.78
C ALA A 110 -3.07 15.66 -6.51
N ASN A 111 -4.16 15.18 -5.91
CA ASN A 111 -4.66 15.80 -4.71
C ASN A 111 -4.14 15.04 -3.48
N VAL A 112 -3.81 13.78 -3.70
CA VAL A 112 -3.29 12.94 -2.64
C VAL A 112 -2.08 13.61 -2.01
N VAL A 113 -1.45 14.48 -2.79
CA VAL A 113 -0.28 15.20 -2.32
C VAL A 113 -0.67 16.09 -1.14
N GLY A 114 0.11 15.97 -0.07
CA GLY A 114 -0.14 16.76 1.13
C GLY A 114 -0.53 15.85 2.30
N THR A 115 -1.12 16.47 3.31
CA THR A 115 -1.55 15.75 4.49
C THR A 115 -2.83 14.95 4.19
N ARG A 116 -2.68 13.64 4.19
CA ARG A 116 -3.81 12.77 3.93
C ARG A 116 -4.09 11.88 5.15
N GLN A 117 -5.24 12.10 5.76
CA GLN A 117 -5.63 11.33 6.93
C GLN A 117 -5.91 9.88 6.53
N THR A 118 -5.09 8.99 7.07
CA THR A 118 -5.24 7.57 6.78
C THR A 118 -6.42 6.99 7.56
N LEU A 119 -7.07 6.01 6.95
CA LEU A 119 -8.21 5.37 7.57
C LEU A 119 -7.92 5.14 9.06
N GLN A 120 -6.64 4.95 9.35
CA GLN A 120 -6.22 4.73 10.73
C GLN A 120 -6.63 5.90 11.61
N GLY A 121 -6.17 7.08 11.23
CA GLY A 121 -6.48 8.29 11.97
C GLY A 121 -5.34 9.30 11.87
N ALA A 122 -4.14 8.78 11.64
CA ALA A 122 -2.97 9.63 11.52
C ALA A 122 -3.00 10.36 10.18
N SER A 123 -1.91 11.06 9.89
CA SER A 123 -1.80 11.80 8.64
C SER A 123 -0.58 11.31 7.85
N VAL A 124 -0.77 11.20 6.54
CA VAL A 124 0.31 10.76 5.68
C VAL A 124 0.69 11.89 4.73
N THR A 125 1.90 12.42 4.94
CA THR A 125 2.39 13.51 4.12
C THR A 125 2.85 12.98 2.76
N VAL A 126 2.00 13.16 1.77
CA VAL A 126 2.30 12.71 0.42
C VAL A 126 2.97 13.84 -0.35
N THR A 127 3.83 13.46 -1.28
CA THR A 127 4.54 14.44 -2.09
C THR A 127 4.89 13.83 -3.46
N GLY A 128 5.60 14.62 -4.25
CA GLY A 128 6.01 14.18 -5.57
C GLY A 128 5.95 15.34 -6.58
N GLN A 129 6.62 15.14 -7.70
CA GLN A 129 6.66 16.15 -8.74
C GLN A 129 7.88 15.95 -9.64
N GLY A 130 7.67 15.23 -10.72
CA GLY A 130 8.75 14.96 -11.67
C GLY A 130 9.21 13.50 -11.57
N ASN A 131 8.40 12.62 -12.14
CA ASN A 131 8.70 11.20 -12.12
C ASN A 131 9.34 10.84 -10.78
N SER A 132 8.66 11.24 -9.71
CA SER A 132 9.15 10.96 -8.37
C SER A 132 8.10 11.38 -7.33
N LEU A 133 7.51 10.38 -6.71
CA LEU A 133 6.49 10.63 -5.69
C LEU A 133 6.97 10.10 -4.35
N LYS A 134 6.53 10.77 -3.29
CA LYS A 134 6.91 10.37 -1.94
C LYS A 134 5.65 10.27 -1.07
N VAL A 135 5.80 9.57 0.04
CA VAL A 135 4.69 9.39 0.96
C VAL A 135 5.24 9.22 2.38
N GLY A 136 4.96 10.23 3.20
CA GLY A 136 5.42 10.21 4.58
C GLY A 136 6.95 10.14 4.65
N ASN A 137 7.47 8.94 4.44
CA ASN A 137 8.91 8.74 4.48
C ASN A 137 9.27 7.59 3.52
N ALA A 138 8.39 7.35 2.58
CA ALA A 138 8.60 6.29 1.60
C ALA A 138 8.67 6.91 0.20
N ASP A 139 8.96 6.05 -0.77
CA ASP A 139 9.06 6.50 -2.15
C ASP A 139 7.98 5.81 -2.99
N VAL A 140 7.08 6.61 -3.53
CA VAL A 140 6.01 6.10 -4.35
C VAL A 140 6.59 5.29 -5.51
N VAL A 141 6.50 3.98 -5.38
CA VAL A 141 7.02 3.09 -6.41
C VAL A 141 6.12 3.16 -7.64
N CYS A 142 4.81 3.13 -7.39
CA CYS A 142 3.83 3.20 -8.46
C CYS A 142 2.47 3.52 -7.85
N GLY A 143 2.05 4.76 -8.05
CA GLY A 143 0.77 5.21 -7.53
C GLY A 143 -0.21 5.51 -8.66
N GLY A 144 -1.48 5.66 -8.29
CA GLY A 144 -2.51 5.95 -9.26
C GLY A 144 -2.97 4.67 -9.97
N VAL A 145 -2.77 3.56 -9.29
CA VAL A 145 -3.15 2.27 -9.84
C VAL A 145 -4.49 1.84 -9.25
N SER A 146 -5.49 2.69 -9.43
CA SER A 146 -6.81 2.42 -8.92
C SER A 146 -7.17 0.95 -9.14
N THR A 147 -7.36 0.25 -8.03
CA THR A 147 -7.69 -1.17 -8.09
C THR A 147 -9.18 -1.34 -8.41
N ALA A 148 -9.97 -1.51 -7.35
CA ALA A 148 -11.40 -1.69 -7.51
C ALA A 148 -12.12 -0.50 -6.87
N ASN A 149 -12.14 -0.50 -5.54
CA ASN A 149 -12.80 0.56 -4.81
C ASN A 149 -11.78 1.25 -3.89
N ALA A 150 -10.60 1.48 -4.44
CA ALA A 150 -9.54 2.12 -3.69
C ALA A 150 -8.30 2.25 -4.58
N THR A 151 -7.61 3.37 -4.42
CA THR A 151 -6.41 3.63 -5.20
C THR A 151 -5.25 2.76 -4.70
N VAL A 152 -4.15 2.83 -5.44
CA VAL A 152 -2.98 2.05 -5.08
C VAL A 152 -1.73 2.94 -5.22
N TYR A 153 -0.96 2.99 -4.14
CA TYR A 153 0.26 3.78 -4.11
C TYR A 153 1.41 3.02 -3.45
N MET A 154 2.04 2.17 -4.25
CA MET A 154 3.16 1.39 -3.75
C MET A 154 4.30 2.28 -3.26
N ILE A 155 4.95 1.82 -2.21
CA ILE A 155 6.06 2.58 -1.63
C ILE A 155 7.23 1.63 -1.38
N ASP A 156 8.34 2.22 -0.95
CA ASP A 156 9.53 1.44 -0.68
C ASP A 156 9.89 1.56 0.81
N SER A 157 8.85 1.52 1.63
CA SER A 157 9.02 1.63 3.07
C SER A 157 7.73 1.27 3.78
N VAL A 158 7.88 0.55 4.89
CA VAL A 158 6.73 0.13 5.68
C VAL A 158 6.22 1.32 6.50
N LEU A 159 5.55 2.23 5.82
CA LEU A 159 5.00 3.41 6.46
C LEU A 159 4.51 3.03 7.86
N MET A 160 4.50 4.03 8.73
CA MET A 160 4.05 3.82 10.10
C MET A 160 3.33 5.05 10.63
N PRO A 161 2.34 4.79 11.54
CA PRO A 161 1.56 5.87 12.13
C PRO A 161 2.38 6.62 13.18
N PRO A 162 2.53 7.95 12.96
CA PRO A 162 3.28 8.79 13.88
C PRO A 162 2.48 9.05 15.16
N ALA A 163 2.24 7.98 15.89
CA ALA A 163 1.50 8.08 17.14
C ALA A 163 1.49 6.71 17.83
N GLY A 1 5.62 7.66 -19.07
CA GLY A 1 4.29 7.70 -19.64
C GLY A 1 3.38 6.66 -18.97
N ASP A 2 2.10 7.00 -18.90
CA ASP A 2 1.13 6.11 -18.29
C ASP A 2 1.48 5.91 -16.82
N LEU A 3 0.44 5.80 -16.01
CA LEU A 3 0.63 5.59 -14.58
C LEU A 3 1.69 6.57 -14.06
N VAL A 4 2.09 6.36 -12.82
CA VAL A 4 3.09 7.22 -12.20
C VAL A 4 4.09 6.35 -11.44
N GLY A 5 5.20 6.97 -11.08
CA GLY A 5 6.22 6.29 -10.30
C GLY A 5 7.21 5.55 -11.19
N PRO A 6 8.43 5.31 -10.63
CA PRO A 6 9.47 4.62 -11.37
C PRO A 6 9.16 3.12 -11.47
N GLY A 7 9.31 2.44 -10.34
CA GLY A 7 9.07 1.01 -10.28
C GLY A 7 7.84 0.63 -11.12
N CYS A 8 6.87 1.54 -11.14
CA CYS A 8 5.65 1.32 -11.89
C CYS A 8 6.03 0.74 -13.26
N ALA A 9 6.90 1.46 -13.95
CA ALA A 9 7.35 1.03 -15.26
C ALA A 9 7.94 -0.38 -15.16
N GLU A 10 9.15 -0.45 -14.63
CA GLU A 10 9.82 -1.72 -14.47
C GLU A 10 8.82 -2.81 -14.07
N TYR A 11 8.00 -2.48 -13.08
CA TYR A 11 6.99 -3.42 -12.60
C TYR A 11 6.07 -3.86 -13.73
N ALA A 12 5.48 -2.87 -14.39
CA ALA A 12 4.57 -3.15 -15.49
C ALA A 12 5.20 -4.17 -16.44
N ALA A 13 6.49 -3.96 -16.69
CA ALA A 13 7.23 -4.86 -17.57
C ALA A 13 7.14 -6.28 -17.03
N ALA A 14 7.14 -6.38 -15.71
CA ALA A 14 7.06 -7.68 -15.05
C ALA A 14 5.59 -8.12 -14.98
N ASN A 15 4.75 -7.18 -14.60
CA ASN A 15 3.32 -7.46 -14.49
C ASN A 15 2.54 -6.47 -15.36
N PRO A 16 2.61 -6.70 -16.70
CA PRO A 16 1.92 -5.83 -17.63
C PRO A 16 0.41 -6.11 -17.63
N THR A 17 0.07 -7.34 -17.98
CA THR A 17 -1.32 -7.74 -18.03
C THR A 17 -1.59 -8.84 -16.99
N GLY A 18 -0.51 -9.38 -16.46
CA GLY A 18 -0.60 -10.43 -15.46
C GLY A 18 -1.60 -10.06 -14.36
N PRO A 19 -1.72 -10.97 -13.36
CA PRO A 19 -2.64 -10.75 -12.25
C PRO A 19 -2.08 -9.70 -11.29
N ALA A 20 -0.76 -9.64 -11.23
CA ALA A 20 -0.09 -8.70 -10.35
C ALA A 20 0.16 -7.39 -11.11
N SER A 21 -0.81 -7.03 -11.95
CA SER A 21 -0.71 -5.82 -12.73
C SER A 21 -1.68 -4.77 -12.19
N VAL A 22 -1.63 -3.59 -12.80
CA VAL A 22 -2.49 -2.49 -12.39
C VAL A 22 -3.93 -2.84 -12.72
N GLN A 23 -4.10 -3.58 -13.81
CA GLN A 23 -5.43 -3.99 -14.24
C GLN A 23 -5.82 -5.31 -13.56
N GLY A 24 -4.86 -6.21 -13.48
CA GLY A 24 -5.10 -7.50 -12.87
C GLY A 24 -5.63 -7.35 -11.45
N MET A 25 -5.43 -6.14 -10.90
CA MET A 25 -5.89 -5.85 -9.56
C MET A 25 -7.13 -4.96 -9.58
N SER A 26 -7.44 -4.47 -10.77
CA SER A 26 -8.60 -3.61 -10.94
C SER A 26 -9.88 -4.45 -10.93
N GLN A 27 -9.73 -5.71 -11.31
CA GLN A 27 -10.87 -6.61 -11.34
C GLN A 27 -11.07 -7.26 -9.98
N ASP A 28 -10.11 -7.02 -9.10
CA ASP A 28 -10.17 -7.57 -7.76
C ASP A 28 -10.28 -6.43 -6.75
N PRO A 29 -10.69 -6.79 -5.49
CA PRO A 29 -10.84 -5.82 -4.43
C PRO A 29 -9.47 -5.39 -3.89
N VAL A 30 -9.35 -4.08 -3.65
CA VAL A 30 -8.11 -3.53 -3.14
C VAL A 30 -7.30 -4.64 -2.47
N ALA A 31 -7.96 -5.34 -1.55
CA ALA A 31 -7.31 -6.41 -0.82
C ALA A 31 -6.55 -7.30 -1.83
N VAL A 32 -7.26 -8.30 -2.33
CA VAL A 32 -6.67 -9.23 -3.28
C VAL A 32 -5.83 -8.44 -4.29
N ALA A 33 -6.35 -7.29 -4.68
CA ALA A 33 -5.65 -6.45 -5.63
C ALA A 33 -4.17 -6.40 -5.29
N ALA A 34 -3.89 -6.42 -3.99
CA ALA A 34 -2.53 -6.38 -3.51
C ALA A 34 -2.00 -7.83 -3.36
N SER A 35 -2.91 -8.72 -2.99
CA SER A 35 -2.56 -10.12 -2.81
C SER A 35 -1.88 -10.65 -4.08
N ASN A 36 -2.14 -9.98 -5.18
CA ASN A 36 -1.57 -10.37 -6.45
C ASN A 36 -0.12 -9.88 -6.53
N ASN A 37 0.07 -8.64 -6.12
CA ASN A 37 1.35 -7.97 -6.31
C ASN A 37 2.43 -8.74 -5.56
N PRO A 38 3.57 -8.99 -6.28
CA PRO A 38 4.68 -9.71 -5.69
C PRO A 38 5.46 -8.83 -4.72
N GLU A 39 4.93 -7.63 -4.51
CA GLU A 39 5.56 -6.67 -3.62
C GLU A 39 4.57 -6.24 -2.53
N LEU A 40 3.36 -6.77 -2.62
CA LEU A 40 2.33 -6.44 -1.65
C LEU A 40 1.94 -7.70 -0.88
N THR A 41 2.09 -8.84 -1.54
CA THR A 41 1.75 -10.11 -0.93
C THR A 41 2.18 -10.12 0.53
N THR A 42 3.27 -9.41 0.81
CA THR A 42 3.78 -9.33 2.18
C THR A 42 2.84 -8.51 3.05
N LEU A 43 2.54 -7.31 2.59
CA LEU A 43 1.65 -6.42 3.32
C LEU A 43 0.27 -7.06 3.42
N THR A 44 -0.25 -7.45 2.28
CA THR A 44 -1.57 -8.08 2.22
C THR A 44 -1.67 -9.18 3.28
N ALA A 45 -0.73 -10.11 3.22
CA ALA A 45 -0.72 -11.22 4.16
C ALA A 45 -0.99 -10.68 5.57
N ALA A 46 -0.44 -9.51 5.85
CA ALA A 46 -0.61 -8.89 7.14
C ALA A 46 -2.07 -8.51 7.32
N LEU A 47 -2.49 -7.49 6.59
CA LEU A 47 -3.87 -7.02 6.66
C LEU A 47 -4.82 -8.22 6.63
N SER A 48 -4.75 -8.95 5.54
CA SER A 48 -5.59 -10.12 5.36
C SER A 48 -5.61 -10.95 6.66
N GLY A 49 -4.42 -11.21 7.17
CA GLY A 49 -4.30 -11.98 8.40
C GLY A 49 -3.21 -13.05 8.27
N GLN A 50 -2.94 -13.43 7.03
CA GLN A 50 -1.92 -14.43 6.74
C GLN A 50 -0.75 -14.28 7.71
N LEU A 51 -0.20 -13.08 7.74
CA LEU A 51 0.93 -12.79 8.60
C LEU A 51 0.48 -12.89 10.06
N ASN A 52 -0.53 -12.10 10.40
CA ASN A 52 -1.06 -12.09 11.75
C ASN A 52 -2.46 -12.71 11.75
N PRO A 53 -2.59 -13.84 12.51
CA PRO A 53 -3.86 -14.53 12.59
C PRO A 53 -4.83 -13.78 13.49
N GLN A 54 -4.39 -12.61 13.94
CA GLN A 54 -5.22 -11.78 14.81
C GLN A 54 -5.63 -10.50 14.09
N VAL A 55 -5.28 -10.45 12.81
CA VAL A 55 -5.61 -9.29 11.99
C VAL A 55 -6.39 -9.74 10.76
N ASN A 56 -7.12 -8.79 10.19
CA ASN A 56 -7.92 -9.07 9.01
C ASN A 56 -8.54 -7.77 8.49
N LEU A 57 -7.84 -7.16 7.54
CA LEU A 57 -8.29 -5.91 6.96
C LEU A 57 -8.78 -6.18 5.53
N VAL A 58 -8.95 -7.45 5.22
CA VAL A 58 -9.41 -7.84 3.90
C VAL A 58 -10.87 -7.43 3.74
N ASP A 59 -11.62 -7.53 4.83
CA ASP A 59 -13.03 -7.17 4.81
C ASP A 59 -13.16 -5.66 4.69
N THR A 60 -12.40 -4.95 5.52
CA THR A 60 -12.43 -3.50 5.52
C THR A 60 -11.88 -2.96 4.19
N LEU A 61 -10.61 -3.23 3.97
CA LEU A 61 -9.96 -2.78 2.74
C LEU A 61 -10.92 -2.94 1.57
N ASN A 62 -11.79 -3.95 1.69
CA ASN A 62 -12.76 -4.21 0.64
C ASN A 62 -14.10 -3.62 1.04
N SER A 63 -14.09 -2.31 1.28
CA SER A 63 -15.31 -1.61 1.68
C SER A 63 -15.00 -0.12 1.85
N GLY A 64 -15.49 0.67 0.89
CA GLY A 64 -15.28 2.11 0.93
C GLY A 64 -14.06 2.51 0.10
N GLN A 65 -14.20 3.61 -0.61
CA GLN A 65 -13.12 4.12 -1.45
C GLN A 65 -11.86 4.36 -0.61
N TYR A 66 -10.90 3.47 -0.78
CA TYR A 66 -9.64 3.59 -0.05
C TYR A 66 -8.49 3.93 -0.99
N THR A 67 -7.29 3.98 -0.41
CA THR A 67 -6.10 4.29 -1.18
C THR A 67 -4.87 3.61 -0.57
N VAL A 68 -4.68 2.35 -0.95
CA VAL A 68 -3.55 1.59 -0.44
C VAL A 68 -2.27 2.40 -0.62
N PHE A 69 -1.47 2.43 0.44
CA PHE A 69 -0.22 3.17 0.42
C PHE A 69 0.96 2.24 0.73
N ALA A 70 1.20 1.29 -0.16
CA ALA A 70 1.52 -0.06 0.25
C ALA A 70 3.04 -0.23 0.29
N PRO A 71 3.53 -0.76 1.43
CA PRO A 71 4.96 -0.99 1.61
C PRO A 71 5.43 -2.19 0.80
N THR A 72 6.21 -1.91 -0.24
CA THR A 72 6.74 -2.95 -1.10
C THR A 72 7.48 -4.00 -0.27
N ASN A 73 7.95 -5.03 -0.97
CA ASN A 73 8.68 -6.10 -0.31
C ASN A 73 10.03 -5.57 0.17
N ALA A 74 10.39 -4.39 -0.34
CA ALA A 74 11.64 -3.78 0.03
C ALA A 74 11.45 -2.92 1.28
N ALA A 75 10.19 -2.54 1.50
CA ALA A 75 9.86 -1.73 2.66
C ALA A 75 9.88 -2.60 3.92
N PHE A 76 9.31 -3.79 3.78
CA PHE A 76 9.25 -4.72 4.90
C PHE A 76 10.63 -5.33 5.16
N SER A 77 11.41 -5.45 4.10
CA SER A 77 12.74 -6.01 4.21
C SER A 77 13.63 -5.09 5.04
N LYS A 78 13.34 -3.81 4.96
CA LYS A 78 14.11 -2.82 5.70
C LYS A 78 14.05 -3.14 7.19
N LEU A 79 12.83 -3.18 7.71
CA LEU A 79 12.63 -3.47 9.12
C LEU A 79 13.30 -4.81 9.46
N PRO A 80 13.71 -4.93 10.74
CA PRO A 80 14.37 -6.14 11.21
C PRO A 80 13.36 -7.28 11.38
N ALA A 81 13.88 -8.50 11.33
CA ALA A 81 13.03 -9.68 11.47
C ALA A 81 12.24 -9.57 12.78
N SER A 82 12.96 -9.36 13.85
CA SER A 82 12.33 -9.23 15.16
C SER A 82 11.02 -8.46 15.03
N THR A 83 11.08 -7.35 14.33
CA THR A 83 9.91 -6.51 14.13
C THR A 83 8.81 -7.31 13.41
N ILE A 84 9.20 -7.91 12.29
CA ILE A 84 8.27 -8.70 11.51
C ILE A 84 7.68 -9.82 12.38
N ASP A 85 8.58 -10.49 13.09
CA ASP A 85 8.18 -11.58 13.97
C ASP A 85 7.22 -11.04 15.03
N GLU A 86 7.23 -9.73 15.18
CA GLU A 86 6.38 -9.08 16.16
C GLU A 86 5.01 -8.78 15.55
N LEU A 87 5.04 -8.35 14.29
CA LEU A 87 3.81 -8.03 13.59
C LEU A 87 2.99 -9.30 13.37
N LYS A 88 3.65 -10.42 13.59
CA LYS A 88 2.99 -11.71 13.43
C LYS A 88 2.39 -12.15 14.76
N THR A 89 2.01 -11.15 15.56
CA THR A 89 1.43 -11.42 16.86
C THR A 89 0.79 -10.14 17.43
N ASN A 90 1.51 -9.04 17.25
CA ASN A 90 1.03 -7.76 17.74
C ASN A 90 -0.48 -7.66 17.49
N SER A 91 -0.83 -7.46 16.24
CA SER A 91 -2.23 -7.34 15.86
C SER A 91 -2.83 -6.06 16.46
N SER A 92 -1.95 -5.24 17.00
CA SER A 92 -2.38 -3.98 17.61
C SER A 92 -1.43 -2.85 17.18
N LEU A 93 -0.15 -3.15 17.23
CA LEU A 93 0.87 -2.17 16.86
C LEU A 93 1.11 -2.24 15.35
N LEU A 94 0.82 -3.42 14.79
CA LEU A 94 1.00 -3.62 13.37
C LEU A 94 -0.20 -3.06 12.62
N THR A 95 -1.37 -3.26 13.21
CA THR A 95 -2.61 -2.77 12.60
C THR A 95 -2.49 -1.28 12.28
N SER A 96 -1.98 -0.53 13.25
CA SER A 96 -1.81 0.90 13.10
C SER A 96 -1.03 1.19 11.80
N ILE A 97 -0.08 0.33 11.51
CA ILE A 97 0.74 0.49 10.32
C ILE A 97 -0.13 0.23 9.08
N LEU A 98 -0.62 -1.00 8.99
CA LEU A 98 -1.46 -1.39 7.87
C LEU A 98 -2.47 -0.27 7.58
N THR A 99 -3.21 0.08 8.62
CA THR A 99 -4.22 1.12 8.50
C THR A 99 -3.61 2.38 7.85
N TYR A 100 -2.48 2.80 8.41
CA TYR A 100 -1.79 3.98 7.91
C TYR A 100 -1.34 3.76 6.46
N HIS A 101 -1.41 2.51 6.02
CA HIS A 101 -1.01 2.17 4.67
C HIS A 101 -2.25 2.13 3.76
N VAL A 102 -3.27 2.85 4.18
CA VAL A 102 -4.51 2.91 3.43
C VAL A 102 -5.29 4.17 3.82
N VAL A 103 -5.62 4.96 2.80
CA VAL A 103 -6.35 6.19 3.03
C VAL A 103 -7.79 6.01 2.53
N ALA A 104 -8.73 6.52 3.31
CA ALA A 104 -10.13 6.43 2.96
C ALA A 104 -10.58 7.74 2.32
N GLY A 105 -10.78 7.69 1.02
CA GLY A 105 -11.21 8.86 0.27
C GLY A 105 -10.98 8.68 -1.23
N GLN A 106 -9.84 8.10 -1.56
CA GLN A 106 -9.48 7.86 -2.95
C GLN A 106 -9.06 9.17 -3.62
N THR A 107 -7.84 9.17 -4.13
CA THR A 107 -7.30 10.34 -4.81
C THR A 107 -6.14 9.95 -5.72
N SER A 108 -6.23 10.38 -6.97
CA SER A 108 -5.20 10.09 -7.93
C SER A 108 -3.87 10.70 -7.49
N PRO A 109 -2.78 10.29 -8.21
CA PRO A 109 -1.45 10.79 -7.90
C PRO A 109 -1.28 12.24 -8.36
N ALA A 110 -2.28 13.05 -8.06
CA ALA A 110 -2.25 14.45 -8.44
C ALA A 110 -2.62 15.31 -7.24
N ASN A 111 -3.64 14.87 -6.52
CA ASN A 111 -4.09 15.59 -5.33
C ASN A 111 -3.57 14.88 -4.08
N VAL A 112 -3.21 13.62 -4.26
CA VAL A 112 -2.71 12.83 -3.15
C VAL A 112 -1.55 13.57 -2.49
N VAL A 113 -0.96 14.49 -3.25
CA VAL A 113 0.15 15.28 -2.74
C VAL A 113 -0.35 16.23 -1.66
N GLY A 114 0.48 16.40 -0.64
CA GLY A 114 0.14 17.28 0.47
C GLY A 114 -0.23 16.47 1.72
N THR A 115 -0.73 17.17 2.72
CA THR A 115 -1.12 16.54 3.97
C THR A 115 -2.37 15.67 3.75
N ARG A 116 -2.12 14.37 3.59
CA ARG A 116 -3.21 13.43 3.37
C ARG A 116 -3.67 12.84 4.72
N GLN A 117 -4.77 12.12 4.66
CA GLN A 117 -5.32 11.50 5.85
C GLN A 117 -5.51 9.99 5.63
N THR A 118 -4.84 9.22 6.47
CA THR A 118 -4.93 7.77 6.38
C THR A 118 -6.11 7.25 7.18
N LEU A 119 -6.69 6.16 6.70
CA LEU A 119 -7.82 5.55 7.36
C LEU A 119 -7.48 5.28 8.83
N GLN A 120 -6.18 5.14 9.07
CA GLN A 120 -5.71 4.88 10.42
C GLN A 120 -6.04 6.06 11.35
N GLY A 121 -5.82 7.25 10.82
CA GLY A 121 -6.08 8.46 11.58
C GLY A 121 -4.96 9.48 11.41
N ALA A 122 -3.74 8.96 11.40
CA ALA A 122 -2.57 9.80 11.24
C ALA A 122 -2.60 10.47 9.86
N SER A 123 -1.68 11.41 9.68
CA SER A 123 -1.60 12.12 8.42
C SER A 123 -0.47 11.55 7.56
N VAL A 124 -0.59 11.74 6.25
CA VAL A 124 0.40 11.24 5.33
C VAL A 124 0.95 12.41 4.50
N THR A 125 2.18 12.77 4.81
CA THR A 125 2.84 13.87 4.10
C THR A 125 3.28 13.42 2.71
N VAL A 126 2.40 13.61 1.74
CA VAL A 126 2.69 13.24 0.37
C VAL A 126 3.33 14.42 -0.36
N THR A 127 4.22 14.09 -1.28
CA THR A 127 4.90 15.11 -2.05
C THR A 127 5.32 14.55 -3.42
N GLY A 128 5.69 15.47 -4.30
CA GLY A 128 6.12 15.09 -5.64
C GLY A 128 5.93 16.25 -6.62
N GLN A 129 5.64 15.89 -7.86
CA GLN A 129 5.43 16.89 -8.91
C GLN A 129 5.14 16.20 -10.24
N GLY A 130 6.06 15.33 -10.63
CA GLY A 130 5.91 14.60 -11.88
C GLY A 130 6.81 13.37 -11.91
N ASN A 131 8.11 13.61 -11.77
CA ASN A 131 9.07 12.52 -11.78
C ASN A 131 9.62 12.33 -10.36
N SER A 132 8.70 12.24 -9.41
CA SER A 132 9.07 12.06 -8.03
C SER A 132 7.83 12.13 -7.13
N LEU A 133 7.67 11.12 -6.29
CA LEU A 133 6.54 11.06 -5.39
C LEU A 133 6.98 10.45 -4.06
N LYS A 134 6.64 11.15 -2.99
CA LYS A 134 7.00 10.70 -1.65
C LYS A 134 5.76 10.71 -0.76
N VAL A 135 5.78 9.87 0.25
CA VAL A 135 4.67 9.77 1.18
C VAL A 135 5.21 9.50 2.59
N GLY A 136 4.90 10.41 3.49
CA GLY A 136 5.34 10.28 4.87
C GLY A 136 6.87 10.23 4.96
N ASN A 137 7.41 9.04 4.73
CA ASN A 137 8.85 8.85 4.78
C ASN A 137 9.24 7.72 3.82
N ALA A 138 8.39 7.50 2.83
CA ALA A 138 8.63 6.46 1.85
C ALA A 138 8.67 7.08 0.45
N ASP A 139 9.06 6.26 -0.52
CA ASP A 139 9.15 6.72 -1.89
C ASP A 139 8.10 6.00 -2.74
N VAL A 140 7.20 6.77 -3.32
CA VAL A 140 6.15 6.22 -4.15
C VAL A 140 6.77 5.48 -5.33
N VAL A 141 6.73 4.16 -5.24
CA VAL A 141 7.27 3.32 -6.30
C VAL A 141 6.33 3.33 -7.50
N CYS A 142 5.09 2.93 -7.24
CA CYS A 142 4.09 2.89 -8.28
C CYS A 142 2.73 3.22 -7.66
N GLY A 143 2.27 4.43 -7.94
CA GLY A 143 0.99 4.88 -7.41
C GLY A 143 -0.01 5.11 -8.55
N GLY A 144 -1.27 5.31 -8.15
CA GLY A 144 -2.33 5.54 -9.11
C GLY A 144 -2.81 4.21 -9.71
N VAL A 145 -2.46 3.13 -9.03
CA VAL A 145 -2.85 1.81 -9.49
C VAL A 145 -4.26 1.48 -8.98
N SER A 146 -5.22 2.27 -9.45
CA SER A 146 -6.60 2.08 -9.04
C SER A 146 -7.01 0.61 -9.21
N THR A 147 -7.48 0.02 -8.13
CA THR A 147 -7.89 -1.37 -8.15
C THR A 147 -9.40 -1.46 -8.42
N ALA A 148 -10.14 -1.79 -7.38
CA ALA A 148 -11.58 -1.92 -7.49
C ALA A 148 -12.25 -0.69 -6.88
N ASN A 149 -12.21 -0.64 -5.55
CA ASN A 149 -12.81 0.47 -4.82
C ASN A 149 -11.74 1.13 -3.94
N ALA A 150 -10.55 1.26 -4.51
CA ALA A 150 -9.44 1.86 -3.79
C ALA A 150 -8.23 1.95 -4.72
N THR A 151 -7.32 2.85 -4.37
CA THR A 151 -6.11 3.04 -5.15
C THR A 151 -4.95 2.25 -4.55
N VAL A 152 -3.80 2.36 -5.20
CA VAL A 152 -2.62 1.66 -4.75
C VAL A 152 -1.38 2.54 -4.98
N TYR A 153 -0.58 2.68 -3.92
CA TYR A 153 0.62 3.49 -4.00
C TYR A 153 1.79 2.79 -3.31
N MET A 154 2.47 1.95 -4.06
CA MET A 154 3.61 1.22 -3.54
C MET A 154 4.71 2.19 -3.06
N ILE A 155 5.28 1.85 -1.91
CA ILE A 155 6.33 2.68 -1.34
C ILE A 155 7.49 1.77 -0.87
N ASP A 156 8.59 2.41 -0.53
CA ASP A 156 9.77 1.69 -0.07
C ASP A 156 10.02 2.02 1.39
N SER A 157 8.98 1.87 2.20
CA SER A 157 9.09 2.16 3.63
C SER A 157 7.80 1.73 4.34
N VAL A 158 7.98 0.97 5.41
CA VAL A 158 6.84 0.49 6.19
C VAL A 158 6.27 1.65 7.02
N LEU A 159 5.54 2.51 6.34
CA LEU A 159 4.93 3.65 7.00
C LEU A 159 4.46 3.24 8.40
N MET A 160 4.44 4.21 9.30
CA MET A 160 4.01 3.96 10.66
C MET A 160 3.24 5.16 11.22
N PRO A 161 2.24 4.85 12.10
CA PRO A 161 1.42 5.88 12.71
C PRO A 161 2.20 6.62 13.80
N PRO A 162 2.31 7.96 13.63
CA PRO A 162 3.02 8.79 14.59
C PRO A 162 2.19 8.97 15.86
N ALA A 163 2.11 7.92 16.65
CA ALA A 163 1.36 7.96 17.89
C ALA A 163 2.25 7.50 19.05
N GLY A 1 4.25 10.47 -17.94
CA GLY A 1 3.54 9.90 -19.07
C GLY A 1 2.47 8.92 -18.59
N ASP A 2 2.71 7.64 -18.86
CA ASP A 2 1.78 6.60 -18.46
C ASP A 2 1.95 6.31 -16.97
N LEU A 3 0.81 6.15 -16.30
CA LEU A 3 0.82 5.86 -14.88
C LEU A 3 1.80 6.82 -14.18
N VAL A 4 2.05 6.53 -12.91
CA VAL A 4 2.95 7.35 -12.12
C VAL A 4 3.85 6.44 -11.28
N GLY A 5 4.87 7.05 -10.70
CA GLY A 5 5.87 6.28 -9.96
C GLY A 5 6.94 5.72 -10.90
N PRO A 6 8.16 5.54 -10.33
CA PRO A 6 9.27 5.00 -11.10
C PRO A 6 9.10 3.50 -11.33
N GLY A 7 9.15 2.77 -10.22
CA GLY A 7 9.01 1.32 -10.27
C GLY A 7 7.90 0.91 -11.24
N CYS A 8 6.83 1.68 -11.22
CA CYS A 8 5.70 1.42 -12.09
C CYS A 8 6.23 1.06 -13.48
N ALA A 9 7.33 1.70 -13.84
CA ALA A 9 7.96 1.47 -15.13
C ALA A 9 8.50 0.04 -15.18
N GLU A 10 9.59 -0.17 -14.45
CA GLU A 10 10.22 -1.48 -14.40
C GLU A 10 9.20 -2.54 -14.01
N TYR A 11 8.56 -2.32 -12.87
CA TYR A 11 7.56 -3.25 -12.38
C TYR A 11 6.74 -3.84 -13.53
N ALA A 12 6.00 -2.96 -14.21
CA ALA A 12 5.18 -3.38 -15.32
C ALA A 12 5.98 -4.30 -16.23
N ALA A 13 7.17 -3.83 -16.58
CA ALA A 13 8.05 -4.61 -17.45
C ALA A 13 8.20 -6.01 -16.89
N ALA A 14 8.31 -6.09 -15.57
CA ALA A 14 8.46 -7.37 -14.90
C ALA A 14 7.10 -8.07 -14.85
N ASN A 15 6.08 -7.31 -14.49
CA ASN A 15 4.73 -7.85 -14.40
C ASN A 15 3.80 -7.01 -15.27
N PRO A 16 3.89 -7.25 -16.61
CA PRO A 16 3.06 -6.53 -17.56
C PRO A 16 1.62 -7.06 -17.53
N THR A 17 1.50 -8.34 -17.22
CA THR A 17 0.18 -8.96 -17.16
C THR A 17 0.03 -9.73 -15.85
N GLY A 18 -1.15 -10.31 -15.68
CA GLY A 18 -1.45 -11.07 -14.47
C GLY A 18 -2.24 -10.22 -13.47
N PRO A 19 -2.54 -10.85 -12.30
CA PRO A 19 -3.29 -10.17 -11.26
C PRO A 19 -2.41 -9.15 -10.53
N ALA A 20 -1.11 -9.25 -10.77
CA ALA A 20 -0.16 -8.35 -10.15
C ALA A 20 -0.02 -7.09 -11.00
N SER A 21 -0.81 -7.05 -12.06
CA SER A 21 -0.79 -5.90 -12.97
C SER A 21 -1.66 -4.78 -12.40
N VAL A 22 -1.48 -3.59 -12.97
CA VAL A 22 -2.23 -2.43 -12.54
C VAL A 22 -3.69 -2.61 -12.95
N GLN A 23 -3.89 -3.32 -14.04
CA GLN A 23 -5.23 -3.56 -14.54
C GLN A 23 -5.83 -4.81 -13.87
N GLY A 24 -5.13 -5.91 -14.04
CA GLY A 24 -5.58 -7.17 -13.46
C GLY A 24 -6.16 -6.97 -12.07
N MET A 25 -5.31 -6.49 -11.17
CA MET A 25 -5.72 -6.24 -9.80
C MET A 25 -7.02 -5.44 -9.76
N SER A 26 -7.22 -4.63 -10.80
CA SER A 26 -8.40 -3.81 -10.90
C SER A 26 -9.65 -4.69 -10.90
N GLN A 27 -9.43 -5.97 -11.14
CA GLN A 27 -10.54 -6.92 -11.18
C GLN A 27 -10.72 -7.57 -9.81
N ASP A 28 -10.07 -6.97 -8.82
CA ASP A 28 -10.16 -7.47 -7.46
C ASP A 28 -10.50 -6.32 -6.52
N PRO A 29 -11.19 -6.67 -5.40
CA PRO A 29 -11.57 -5.67 -4.41
C PRO A 29 -10.37 -5.22 -3.58
N VAL A 30 -9.81 -4.10 -3.96
CA VAL A 30 -8.66 -3.55 -3.26
C VAL A 30 -7.87 -4.69 -2.63
N ALA A 31 -7.76 -4.63 -1.31
CA ALA A 31 -7.04 -5.66 -0.57
C ALA A 31 -6.65 -6.78 -1.52
N VAL A 32 -7.64 -7.56 -1.94
CA VAL A 32 -7.41 -8.66 -2.85
C VAL A 32 -6.32 -8.27 -3.86
N ALA A 33 -6.62 -7.24 -4.63
CA ALA A 33 -5.67 -6.76 -5.62
C ALA A 33 -4.25 -6.84 -5.07
N ALA A 34 -4.00 -6.01 -4.07
CA ALA A 34 -2.69 -5.98 -3.43
C ALA A 34 -2.21 -7.41 -3.18
N SER A 35 -3.18 -8.29 -2.95
CA SER A 35 -2.88 -9.69 -2.70
C SER A 35 -2.57 -10.40 -4.02
N ASN A 36 -1.71 -9.77 -4.81
CA ASN A 36 -1.32 -10.33 -6.09
C ASN A 36 -0.02 -9.68 -6.54
N ASN A 37 0.04 -8.37 -6.39
CA ASN A 37 1.31 -7.66 -6.47
C ASN A 37 2.37 -8.42 -5.67
N PRO A 38 3.50 -8.72 -6.36
CA PRO A 38 4.59 -9.45 -5.72
C PRO A 38 5.37 -8.54 -4.77
N GLU A 39 4.86 -7.33 -4.61
CA GLU A 39 5.49 -6.35 -3.73
C GLU A 39 4.51 -5.89 -2.64
N LEU A 40 3.29 -6.38 -2.77
CA LEU A 40 2.24 -6.03 -1.81
C LEU A 40 1.86 -7.28 -1.02
N THR A 41 2.06 -8.43 -1.64
CA THR A 41 1.73 -9.69 -1.01
C THR A 41 2.28 -9.73 0.41
N THR A 42 3.50 -9.23 0.56
CA THR A 42 4.15 -9.21 1.86
C THR A 42 3.34 -8.37 2.85
N LEU A 43 2.64 -7.38 2.30
CA LEU A 43 1.82 -6.50 3.12
C LEU A 43 0.45 -7.14 3.34
N THR A 44 -0.09 -7.69 2.25
CA THR A 44 -1.39 -8.34 2.32
C THR A 44 -1.45 -9.31 3.50
N ALA A 45 -0.55 -10.28 3.48
CA ALA A 45 -0.50 -11.27 4.54
C ALA A 45 -0.79 -10.59 5.88
N ALA A 46 -0.31 -9.36 6.01
CA ALA A 46 -0.51 -8.60 7.23
C ALA A 46 -2.00 -8.27 7.38
N LEU A 47 -2.47 -7.39 6.49
CA LEU A 47 -3.86 -6.97 6.51
C LEU A 47 -4.75 -8.22 6.53
N SER A 48 -4.63 -9.01 5.48
CA SER A 48 -5.41 -10.24 5.37
C SER A 48 -5.48 -10.95 6.72
N GLY A 49 -4.31 -11.40 7.17
CA GLY A 49 -4.23 -12.10 8.44
C GLY A 49 -3.11 -13.14 8.42
N GLN A 50 -2.75 -13.55 7.21
CA GLN A 50 -1.70 -14.54 7.04
C GLN A 50 -0.60 -14.33 8.07
N LEU A 51 -0.29 -13.07 8.31
CA LEU A 51 0.75 -12.72 9.27
C LEU A 51 0.24 -13.01 10.69
N ASN A 52 -0.95 -12.53 10.97
CA ASN A 52 -1.55 -12.73 12.29
C ASN A 52 -3.03 -13.09 12.10
N PRO A 53 -3.44 -14.20 12.79
CA PRO A 53 -4.82 -14.66 12.72
C PRO A 53 -5.75 -13.76 13.54
N GLN A 54 -5.16 -12.67 14.03
CA GLN A 54 -5.93 -11.73 14.83
C GLN A 54 -6.11 -10.41 14.08
N VAL A 55 -5.65 -10.42 12.83
CA VAL A 55 -5.76 -9.24 11.99
C VAL A 55 -6.47 -9.61 10.68
N ASN A 56 -7.29 -8.69 10.21
CA ASN A 56 -8.03 -8.90 8.98
C ASN A 56 -8.62 -7.57 8.50
N LEU A 57 -8.02 -7.07 7.43
CA LEU A 57 -8.47 -5.80 6.85
C LEU A 57 -9.13 -6.07 5.50
N VAL A 58 -8.70 -7.15 4.87
CA VAL A 58 -9.24 -7.53 3.58
C VAL A 58 -10.74 -7.21 3.54
N ASP A 59 -11.35 -7.31 4.70
CA ASP A 59 -12.78 -7.05 4.82
C ASP A 59 -13.02 -5.53 4.78
N THR A 60 -12.33 -4.85 5.69
CA THR A 60 -12.46 -3.40 5.77
C THR A 60 -12.01 -2.75 4.46
N LEU A 61 -10.79 -3.08 4.05
CA LEU A 61 -10.24 -2.54 2.82
C LEU A 61 -11.26 -2.73 1.69
N ASN A 62 -11.97 -3.84 1.75
CA ASN A 62 -12.98 -4.14 0.74
C ASN A 62 -14.33 -3.55 1.17
N SER A 63 -14.31 -2.26 1.45
CA SER A 63 -15.52 -1.57 1.88
C SER A 63 -15.25 -0.06 1.97
N GLY A 64 -15.84 0.67 1.04
CA GLY A 64 -15.68 2.11 1.00
C GLY A 64 -14.45 2.51 0.18
N GLN A 65 -14.63 3.54 -0.63
CA GLN A 65 -13.55 4.03 -1.47
C GLN A 65 -12.31 4.32 -0.63
N TYR A 66 -11.30 3.48 -0.80
CA TYR A 66 -10.06 3.64 -0.06
C TYR A 66 -8.90 4.00 -0.99
N THR A 67 -7.70 3.96 -0.45
CA THR A 67 -6.52 4.29 -1.21
C THR A 67 -5.28 3.60 -0.62
N VAL A 68 -5.05 2.38 -1.08
CA VAL A 68 -3.91 1.61 -0.59
C VAL A 68 -2.64 2.46 -0.71
N PHE A 69 -1.74 2.26 0.25
CA PHE A 69 -0.49 3.00 0.27
C PHE A 69 0.68 2.07 0.59
N ALA A 70 0.99 1.19 -0.35
CA ALA A 70 1.38 -0.16 -0.01
C ALA A 70 2.91 -0.26 -0.03
N PRO A 71 3.47 -0.78 1.10
CA PRO A 71 4.90 -0.94 1.23
C PRO A 71 5.40 -2.11 0.40
N THR A 72 6.22 -1.79 -0.60
CA THR A 72 6.77 -2.81 -1.47
C THR A 72 7.46 -3.90 -0.66
N ASN A 73 8.01 -4.87 -1.36
CA ASN A 73 8.69 -5.98 -0.71
C ASN A 73 10.00 -5.48 -0.09
N ALA A 74 10.55 -4.44 -0.72
CA ALA A 74 11.79 -3.87 -0.25
C ALA A 74 11.48 -2.74 0.75
N ALA A 75 10.23 -2.73 1.20
CA ALA A 75 9.80 -1.72 2.15
C ALA A 75 9.71 -2.34 3.55
N PHE A 76 9.41 -3.64 3.57
CA PHE A 76 9.28 -4.36 4.82
C PHE A 76 10.64 -4.95 5.24
N SER A 77 11.38 -5.41 4.24
CA SER A 77 12.69 -6.00 4.51
C SER A 77 13.60 -4.97 5.16
N LYS A 78 13.17 -3.71 5.11
CA LYS A 78 13.94 -2.63 5.69
C LYS A 78 13.96 -2.79 7.21
N LEU A 79 12.94 -3.47 7.72
CA LEU A 79 12.82 -3.69 9.15
C LEU A 79 13.47 -5.03 9.50
N PRO A 80 13.88 -5.15 10.80
CA PRO A 80 14.51 -6.37 11.27
C PRO A 80 13.47 -7.48 11.45
N ALA A 81 13.95 -8.71 11.33
CA ALA A 81 13.08 -9.87 11.49
C ALA A 81 12.31 -9.76 12.80
N SER A 82 12.98 -9.17 13.79
CA SER A 82 12.38 -9.00 15.10
C SER A 82 11.04 -8.25 14.97
N THR A 83 11.12 -7.08 14.35
CA THR A 83 9.93 -6.26 14.15
C THR A 83 8.82 -7.10 13.52
N ILE A 84 9.18 -7.83 12.47
CA ILE A 84 8.23 -8.66 11.77
C ILE A 84 7.66 -9.70 12.74
N ASP A 85 8.52 -10.63 13.13
CA ASP A 85 8.12 -11.68 14.05
C ASP A 85 7.15 -11.10 15.09
N GLU A 86 7.37 -9.82 15.41
CA GLU A 86 6.54 -9.15 16.38
C GLU A 86 5.14 -8.90 15.81
N LEU A 87 5.13 -8.35 14.60
CA LEU A 87 3.87 -8.05 13.93
C LEU A 87 2.95 -9.28 14.01
N LYS A 88 3.57 -10.45 13.97
CA LYS A 88 2.82 -11.69 14.04
C LYS A 88 2.49 -12.00 15.51
N THR A 89 2.15 -10.94 16.23
CA THR A 89 1.79 -11.08 17.64
C THR A 89 1.15 -9.79 18.16
N ASN A 90 1.58 -8.69 17.58
CA ASN A 90 1.06 -7.39 17.98
C ASN A 90 -0.44 -7.33 17.66
N SER A 91 -0.73 -7.26 16.37
CA SER A 91 -2.11 -7.20 15.92
C SER A 91 -2.61 -5.75 15.91
N SER A 92 -2.20 -5.03 16.94
CA SER A 92 -2.58 -3.63 17.08
C SER A 92 -1.51 -2.73 16.47
N LEU A 93 -0.29 -2.91 16.95
CA LEU A 93 0.83 -2.12 16.47
C LEU A 93 1.02 -2.37 14.97
N LEU A 94 0.67 -3.59 14.56
CA LEU A 94 0.79 -3.97 13.16
C LEU A 94 -0.37 -3.35 12.37
N THR A 95 -1.56 -3.50 12.91
CA THR A 95 -2.74 -2.96 12.27
C THR A 95 -2.57 -1.47 11.98
N SER A 96 -2.04 -0.77 12.96
CA SER A 96 -1.82 0.66 12.84
C SER A 96 -1.04 0.96 11.55
N ILE A 97 -0.06 0.11 11.29
CA ILE A 97 0.77 0.27 10.10
C ILE A 97 -0.10 0.05 8.86
N LEU A 98 -0.73 -1.12 8.81
CA LEU A 98 -1.59 -1.46 7.70
C LEU A 98 -2.53 -0.29 7.41
N THR A 99 -3.36 0.02 8.40
CA THR A 99 -4.31 1.11 8.28
C THR A 99 -3.65 2.33 7.63
N TYR A 100 -2.49 2.69 8.18
CA TYR A 100 -1.76 3.84 7.67
C TYR A 100 -1.44 3.66 6.18
N HIS A 101 -1.33 2.40 5.77
CA HIS A 101 -1.03 2.09 4.38
C HIS A 101 -2.32 2.11 3.56
N VAL A 102 -3.30 2.82 4.08
CA VAL A 102 -4.59 2.93 3.42
C VAL A 102 -5.27 4.23 3.83
N VAL A 103 -5.94 4.85 2.88
CA VAL A 103 -6.63 6.10 3.13
C VAL A 103 -8.11 5.95 2.73
N ALA A 104 -8.96 6.69 3.43
CA ALA A 104 -10.38 6.65 3.16
C ALA A 104 -10.77 7.83 2.26
N GLY A 105 -11.10 7.50 1.02
CA GLY A 105 -11.50 8.50 0.06
C GLY A 105 -10.56 8.50 -1.15
N GLN A 106 -10.89 7.63 -2.11
CA GLN A 106 -10.09 7.51 -3.32
C GLN A 106 -9.54 8.87 -3.72
N THR A 107 -8.25 8.89 -4.02
CA THR A 107 -7.59 10.11 -4.43
C THR A 107 -6.57 9.84 -5.54
N SER A 108 -6.62 10.68 -6.57
CA SER A 108 -5.72 10.53 -7.70
C SER A 108 -4.30 10.94 -7.28
N PRO A 109 -3.32 10.52 -8.13
CA PRO A 109 -1.92 10.84 -7.87
C PRO A 109 -1.62 12.30 -8.17
N ALA A 110 -2.66 13.02 -8.58
CA ALA A 110 -2.52 14.42 -8.90
C ALA A 110 -2.99 15.27 -7.71
N ASN A 111 -3.69 14.61 -6.81
CA ASN A 111 -4.20 15.29 -5.62
C ASN A 111 -3.60 14.64 -4.37
N VAL A 112 -3.48 13.32 -4.43
CA VAL A 112 -2.92 12.57 -3.32
C VAL A 112 -1.71 13.32 -2.76
N VAL A 113 -1.07 14.09 -3.63
CA VAL A 113 0.10 14.85 -3.24
C VAL A 113 -0.28 15.78 -2.07
N GLY A 114 0.62 15.81 -1.09
CA GLY A 114 0.40 16.64 0.08
C GLY A 114 0.07 15.79 1.31
N THR A 115 -0.21 16.47 2.41
CA THR A 115 -0.53 15.79 3.65
C THR A 115 -1.96 15.21 3.58
N ARG A 116 -2.03 13.91 3.77
CA ARG A 116 -3.32 13.23 3.74
C ARG A 116 -3.56 12.48 5.06
N GLN A 117 -4.79 12.01 5.21
CA GLN A 117 -5.15 11.28 6.42
C GLN A 117 -5.44 9.81 6.08
N THR A 118 -4.62 8.94 6.65
CA THR A 118 -4.78 7.52 6.42
C THR A 118 -5.81 6.93 7.37
N LEU A 119 -6.10 5.65 7.18
CA LEU A 119 -7.07 4.96 8.00
C LEU A 119 -6.59 4.99 9.46
N GLN A 120 -5.33 4.66 9.64
CA GLN A 120 -4.75 4.64 10.98
C GLN A 120 -4.88 6.01 11.63
N GLY A 121 -5.14 7.01 10.80
CA GLY A 121 -5.28 8.37 11.29
C GLY A 121 -4.06 9.22 10.93
N ALA A 122 -2.90 8.71 11.32
CA ALA A 122 -1.66 9.41 11.04
C ALA A 122 -1.72 10.05 9.66
N SER A 123 -1.03 11.17 9.52
CA SER A 123 -1.00 11.89 8.26
C SER A 123 0.04 11.26 7.32
N VAL A 124 -0.14 11.52 6.04
CA VAL A 124 0.77 11.00 5.03
C VAL A 124 1.36 12.15 4.23
N THR A 125 2.63 12.44 4.50
CA THR A 125 3.31 13.52 3.82
C THR A 125 3.61 13.12 2.37
N VAL A 126 2.59 13.26 1.53
CA VAL A 126 2.72 12.92 0.13
C VAL A 126 3.39 14.08 -0.61
N THR A 127 4.20 13.71 -1.60
CA THR A 127 4.91 14.71 -2.39
C THR A 127 5.26 14.15 -3.76
N GLY A 128 5.91 14.99 -4.56
CA GLY A 128 6.30 14.58 -5.90
C GLY A 128 5.97 15.67 -6.91
N GLN A 129 5.01 15.35 -7.78
CA GLN A 129 4.58 16.29 -8.80
C GLN A 129 5.49 16.18 -10.04
N GLY A 130 6.77 16.44 -9.82
CA GLY A 130 7.74 16.38 -10.90
C GLY A 130 8.45 15.03 -10.91
N ASN A 131 7.68 14.00 -11.22
CA ASN A 131 8.22 12.65 -11.27
C ASN A 131 8.76 12.27 -9.89
N SER A 132 8.62 10.99 -9.57
CA SER A 132 9.08 10.48 -8.30
C SER A 132 8.26 11.10 -7.16
N LEU A 133 7.27 10.34 -6.70
CA LEU A 133 6.41 10.79 -5.62
C LEU A 133 6.92 10.24 -4.30
N LYS A 134 6.40 10.81 -3.22
CA LYS A 134 6.80 10.38 -1.89
C LYS A 134 5.57 10.28 -1.00
N VAL A 135 5.72 9.54 0.10
CA VAL A 135 4.62 9.35 1.03
C VAL A 135 5.19 8.96 2.40
N GLY A 136 4.85 9.77 3.39
CA GLY A 136 5.32 9.52 4.75
C GLY A 136 6.82 9.21 4.77
N ASN A 137 7.54 9.96 3.95
CA ASN A 137 8.99 9.78 3.86
C ASN A 137 9.30 8.70 2.81
N ALA A 138 8.38 7.76 2.68
CA ALA A 138 8.53 6.69 1.72
C ALA A 138 8.67 7.26 0.31
N ASP A 139 8.88 6.38 -0.65
CA ASP A 139 9.02 6.79 -2.03
C ASP A 139 7.99 6.06 -2.89
N VAL A 140 7.11 6.84 -3.49
CA VAL A 140 6.06 6.29 -4.33
C VAL A 140 6.70 5.49 -5.47
N VAL A 141 6.52 4.18 -5.42
CA VAL A 141 7.08 3.30 -6.44
C VAL A 141 6.15 3.29 -7.65
N CYS A 142 4.88 3.02 -7.38
CA CYS A 142 3.88 2.97 -8.44
C CYS A 142 2.52 3.26 -7.82
N GLY A 143 2.04 4.47 -8.08
CA GLY A 143 0.74 4.89 -7.57
C GLY A 143 -0.27 5.06 -8.70
N GLY A 144 -1.51 5.29 -8.30
CA GLY A 144 -2.59 5.47 -9.27
C GLY A 144 -3.06 4.12 -9.83
N VAL A 145 -2.68 3.06 -9.13
CA VAL A 145 -3.04 1.73 -9.54
C VAL A 145 -4.43 1.40 -9.00
N SER A 146 -5.39 2.24 -9.36
CA SER A 146 -6.76 2.04 -8.92
C SER A 146 -7.18 0.59 -9.15
N THR A 147 -7.46 -0.09 -8.05
CA THR A 147 -7.89 -1.49 -8.11
C THR A 147 -9.37 -1.58 -8.48
N ALA A 148 -10.19 -1.74 -7.45
CA ALA A 148 -11.62 -1.83 -7.66
C ALA A 148 -12.30 -0.59 -7.08
N ASN A 149 -12.31 -0.51 -5.75
CA ASN A 149 -12.93 0.61 -5.07
C ASN A 149 -11.91 1.22 -4.10
N ALA A 150 -10.68 1.36 -4.59
CA ALA A 150 -9.62 1.94 -3.79
C ALA A 150 -8.34 2.02 -4.62
N THR A 151 -7.66 3.15 -4.48
CA THR A 151 -6.42 3.36 -5.21
C THR A 151 -5.28 2.56 -4.59
N VAL A 152 -4.13 2.60 -5.25
CA VAL A 152 -2.96 1.89 -4.77
C VAL A 152 -1.72 2.74 -5.02
N TYR A 153 -0.93 2.89 -3.96
CA TYR A 153 0.29 3.68 -4.05
C TYR A 153 1.46 2.97 -3.34
N MET A 154 2.23 2.24 -4.13
CA MET A 154 3.37 1.52 -3.60
C MET A 154 4.45 2.48 -3.08
N ILE A 155 5.08 2.09 -2.00
CA ILE A 155 6.13 2.90 -1.40
C ILE A 155 7.34 2.02 -1.09
N ASP A 156 8.33 2.63 -0.46
CA ASP A 156 9.54 1.92 -0.11
C ASP A 156 9.73 1.96 1.41
N SER A 157 8.62 1.87 2.12
CA SER A 157 8.64 1.89 3.57
C SER A 157 7.25 1.57 4.13
N VAL A 158 7.23 0.67 5.08
CA VAL A 158 5.98 0.27 5.71
C VAL A 158 5.48 1.38 6.63
N LEU A 159 5.11 2.49 6.00
CA LEU A 159 4.61 3.63 6.76
C LEU A 159 4.13 3.17 8.13
N MET A 160 4.58 3.89 9.15
CA MET A 160 4.20 3.58 10.51
C MET A 160 3.53 4.77 11.19
N PRO A 161 2.52 4.45 12.04
CA PRO A 161 1.79 5.48 12.76
C PRO A 161 2.62 6.03 13.92
N PRO A 162 2.80 7.38 13.91
CA PRO A 162 3.57 8.05 14.94
C PRO A 162 2.77 8.12 16.25
N ALA A 163 3.49 8.42 17.32
CA ALA A 163 2.87 8.53 18.63
C ALA A 163 2.04 7.27 18.90
N GLY A 1 3.11 9.31 -20.45
CA GLY A 1 1.78 8.82 -20.12
C GLY A 1 1.80 7.31 -19.84
N ASP A 2 2.52 6.95 -18.79
CA ASP A 2 2.64 5.56 -18.39
C ASP A 2 2.67 5.46 -16.87
N LEU A 3 1.48 5.37 -16.29
CA LEU A 3 1.35 5.27 -14.84
C LEU A 3 2.25 6.32 -14.19
N VAL A 4 2.37 6.20 -12.88
CA VAL A 4 3.20 7.13 -12.12
C VAL A 4 3.99 6.35 -11.06
N GLY A 5 5.14 6.92 -10.70
CA GLY A 5 6.14 6.16 -9.96
C GLY A 5 7.11 5.45 -10.92
N PRO A 6 8.35 5.23 -10.41
CA PRO A 6 9.38 4.57 -11.20
C PRO A 6 9.10 3.06 -11.30
N GLY A 7 8.92 2.45 -10.14
CA GLY A 7 8.66 1.02 -10.09
C GLY A 7 7.65 0.61 -11.16
N CYS A 8 6.56 1.36 -11.22
CA CYS A 8 5.51 1.09 -12.19
C CYS A 8 6.17 0.73 -13.52
N ALA A 9 7.35 1.29 -13.74
CA ALA A 9 8.09 1.04 -14.96
C ALA A 9 8.59 -0.40 -14.95
N GLU A 10 9.54 -0.66 -14.07
CA GLU A 10 10.11 -1.99 -13.95
C GLU A 10 9.04 -3.00 -13.58
N TYR A 11 8.32 -2.70 -12.50
CA TYR A 11 7.26 -3.57 -12.03
C TYR A 11 6.52 -4.22 -13.20
N ALA A 12 5.87 -3.37 -13.99
CA ALA A 12 5.13 -3.85 -15.14
C ALA A 12 5.96 -4.87 -15.90
N ALA A 13 7.18 -4.46 -16.23
CA ALA A 13 8.09 -5.34 -16.96
C ALA A 13 8.10 -6.72 -16.29
N ALA A 14 7.93 -6.71 -14.98
CA ALA A 14 7.92 -7.94 -14.22
C ALA A 14 6.53 -8.55 -14.27
N ASN A 15 5.53 -7.69 -14.14
CA ASN A 15 4.15 -8.13 -14.16
C ASN A 15 3.34 -7.20 -15.08
N PRO A 16 3.50 -7.42 -16.41
CA PRO A 16 2.79 -6.61 -17.39
C PRO A 16 1.32 -7.02 -17.47
N THR A 17 1.08 -8.30 -17.26
CA THR A 17 -0.28 -8.81 -17.30
C THR A 17 -0.49 -9.84 -16.18
N GLY A 18 -1.76 -10.18 -15.97
CA GLY A 18 -2.11 -11.13 -14.94
C GLY A 18 -2.83 -10.44 -13.78
N PRO A 19 -2.84 -11.14 -12.61
CA PRO A 19 -3.48 -10.61 -11.42
C PRO A 19 -2.64 -9.50 -10.79
N ALA A 20 -1.37 -9.80 -10.58
CA ALA A 20 -0.46 -8.83 -10.00
C ALA A 20 -0.17 -7.73 -11.01
N SER A 21 -1.23 -7.04 -11.42
CA SER A 21 -1.11 -5.96 -12.38
C SER A 21 -2.07 -4.83 -12.02
N VAL A 22 -1.95 -3.74 -12.76
CA VAL A 22 -2.80 -2.58 -12.53
C VAL A 22 -4.24 -2.95 -12.87
N GLN A 23 -4.43 -3.46 -14.07
CA GLN A 23 -5.76 -3.86 -14.52
C GLN A 23 -6.18 -5.16 -13.84
N GLY A 24 -5.19 -6.00 -13.57
CA GLY A 24 -5.46 -7.28 -12.92
C GLY A 24 -6.08 -7.08 -11.54
N MET A 25 -5.49 -6.14 -10.80
CA MET A 25 -5.98 -5.84 -9.46
C MET A 25 -7.24 -4.97 -9.51
N SER A 26 -7.56 -4.54 -10.72
CA SER A 26 -8.73 -3.70 -10.92
C SER A 26 -10.00 -4.58 -10.96
N GLN A 27 -9.81 -5.81 -11.39
CA GLN A 27 -10.91 -6.75 -11.48
C GLN A 27 -11.24 -7.31 -10.10
N ASP A 28 -10.45 -6.90 -9.12
CA ASP A 28 -10.64 -7.35 -7.75
C ASP A 28 -10.65 -6.15 -6.82
N PRO A 29 -11.09 -6.40 -5.55
CA PRO A 29 -11.16 -5.35 -4.55
C PRO A 29 -9.76 -4.99 -4.05
N VAL A 30 -9.66 -3.79 -3.50
CA VAL A 30 -8.40 -3.31 -2.96
C VAL A 30 -7.66 -4.48 -2.29
N ALA A 31 -8.44 -5.35 -1.66
CA ALA A 31 -7.88 -6.49 -0.97
C ALA A 31 -7.16 -7.38 -1.98
N VAL A 32 -7.87 -8.40 -2.44
CA VAL A 32 -7.30 -9.33 -3.41
C VAL A 32 -6.33 -8.59 -4.32
N ALA A 33 -6.75 -7.41 -4.75
CA ALA A 33 -5.92 -6.58 -5.61
C ALA A 33 -4.46 -6.65 -5.15
N ALA A 34 -4.22 -6.09 -3.98
CA ALA A 34 -2.88 -6.08 -3.42
C ALA A 34 -2.40 -7.53 -3.26
N SER A 35 -3.31 -8.37 -2.77
CA SER A 35 -2.98 -9.77 -2.56
C SER A 35 -2.27 -10.34 -3.79
N ASN A 36 -2.56 -9.74 -4.94
CA ASN A 36 -1.95 -10.16 -6.19
C ASN A 36 -0.45 -9.85 -6.16
N ASN A 37 -0.14 -8.65 -5.69
CA ASN A 37 1.10 -7.99 -6.07
C ASN A 37 2.27 -8.71 -5.39
N PRO A 38 3.37 -8.89 -6.18
CA PRO A 38 4.55 -9.56 -5.66
C PRO A 38 5.34 -8.62 -4.75
N GLU A 39 4.79 -7.43 -4.57
CA GLU A 39 5.44 -6.44 -3.71
C GLU A 39 4.49 -6.00 -2.59
N LEU A 40 3.28 -6.54 -2.64
CA LEU A 40 2.27 -6.21 -1.65
C LEU A 40 1.87 -7.50 -0.90
N THR A 41 2.07 -8.62 -1.57
CA THR A 41 1.74 -9.91 -0.99
C THR A 41 2.13 -9.93 0.49
N THR A 42 3.24 -9.27 0.79
CA THR A 42 3.74 -9.21 2.16
C THR A 42 2.81 -8.36 3.03
N LEU A 43 2.49 -7.19 2.51
CA LEU A 43 1.62 -6.27 3.23
C LEU A 43 0.23 -6.90 3.36
N THR A 44 -0.33 -7.26 2.22
CA THR A 44 -1.65 -7.87 2.19
C THR A 44 -1.75 -8.98 3.23
N ALA A 45 -0.78 -9.88 3.18
CA ALA A 45 -0.75 -11.01 4.11
C ALA A 45 -1.00 -10.48 5.52
N ALA A 46 -0.46 -9.30 5.79
CA ALA A 46 -0.62 -8.69 7.11
C ALA A 46 -2.10 -8.32 7.31
N LEU A 47 -2.52 -7.31 6.57
CA LEU A 47 -3.90 -6.85 6.67
C LEU A 47 -4.84 -8.05 6.63
N SER A 48 -4.80 -8.76 5.51
CA SER A 48 -5.64 -9.94 5.34
C SER A 48 -5.60 -10.80 6.60
N GLY A 49 -4.39 -11.15 7.01
CA GLY A 49 -4.20 -11.97 8.19
C GLY A 49 -3.18 -13.06 7.94
N GLN A 50 -2.97 -13.37 6.67
CA GLN A 50 -2.02 -14.39 6.28
C GLN A 50 -0.79 -14.35 7.19
N LEU A 51 -0.48 -13.15 7.66
CA LEU A 51 0.66 -12.96 8.54
C LEU A 51 0.24 -13.26 9.98
N ASN A 52 -0.84 -12.62 10.40
CA ASN A 52 -1.35 -12.80 11.75
C ASN A 52 -2.84 -13.13 11.68
N PRO A 53 -3.20 -14.28 12.32
CA PRO A 53 -4.59 -14.72 12.34
C PRO A 53 -5.42 -13.88 13.31
N GLN A 54 -4.76 -12.89 13.89
CA GLN A 54 -5.42 -12.00 14.84
C GLN A 54 -5.70 -10.64 14.18
N VAL A 55 -5.28 -10.52 12.94
CA VAL A 55 -5.47 -9.29 12.20
C VAL A 55 -6.07 -9.60 10.82
N ASN A 56 -7.17 -8.94 10.53
CA ASN A 56 -7.85 -9.14 9.25
C ASN A 56 -8.41 -7.81 8.76
N LEU A 57 -7.92 -7.38 7.60
CA LEU A 57 -8.37 -6.14 7.01
C LEU A 57 -8.84 -6.38 5.58
N VAL A 58 -8.94 -7.66 5.24
CA VAL A 58 -9.38 -8.05 3.91
C VAL A 58 -10.70 -7.35 3.59
N ASP A 59 -11.62 -7.40 4.55
CA ASP A 59 -12.91 -6.77 4.37
C ASP A 59 -12.81 -5.28 4.72
N THR A 60 -12.16 -5.02 5.85
CA THR A 60 -11.98 -3.65 6.31
C THR A 60 -11.33 -2.80 5.21
N LEU A 61 -10.74 -3.49 4.25
CA LEU A 61 -10.07 -2.81 3.15
C LEU A 61 -11.07 -2.62 2.00
N ASN A 62 -11.76 -3.70 1.67
CA ASN A 62 -12.75 -3.66 0.61
C ASN A 62 -14.04 -3.01 1.13
N SER A 63 -13.86 -1.89 1.80
CA SER A 63 -15.00 -1.17 2.36
C SER A 63 -15.49 -0.13 1.35
N GLY A 64 -14.91 1.06 1.46
CA GLY A 64 -15.28 2.14 0.56
C GLY A 64 -14.07 2.70 -0.17
N GLN A 65 -14.28 3.79 -0.88
CA GLN A 65 -13.21 4.43 -1.63
C GLN A 65 -11.95 4.54 -0.76
N TYR A 66 -11.01 3.65 -1.03
CA TYR A 66 -9.76 3.65 -0.28
C TYR A 66 -8.58 4.00 -1.18
N THR A 67 -7.39 3.98 -0.59
CA THR A 67 -6.18 4.29 -1.33
C THR A 67 -4.97 3.65 -0.65
N VAL A 68 -4.70 2.42 -1.04
CA VAL A 68 -3.57 1.69 -0.49
C VAL A 68 -2.30 2.55 -0.59
N PHE A 69 -1.48 2.47 0.44
CA PHE A 69 -0.24 3.22 0.47
C PHE A 69 0.94 2.33 0.86
N ALA A 70 1.30 1.45 -0.07
CA ALA A 70 1.60 0.08 0.30
C ALA A 70 3.12 -0.13 0.28
N PRO A 71 3.63 -0.73 1.38
CA PRO A 71 5.07 -0.99 1.49
C PRO A 71 5.47 -2.17 0.61
N THR A 72 6.47 -1.91 -0.23
CA THR A 72 6.97 -2.94 -1.13
C THR A 72 7.69 -4.03 -0.34
N ASN A 73 8.08 -5.07 -1.06
CA ASN A 73 8.79 -6.19 -0.45
C ASN A 73 10.14 -5.71 0.08
N ALA A 74 10.51 -4.52 -0.37
CA ALA A 74 11.79 -3.93 0.04
C ALA A 74 11.55 -3.00 1.23
N ALA A 75 10.29 -2.59 1.37
CA ALA A 75 9.93 -1.69 2.46
C ALA A 75 9.86 -2.48 3.77
N PHE A 76 9.40 -3.72 3.65
CA PHE A 76 9.29 -4.58 4.82
C PHE A 76 10.65 -5.17 5.20
N SER A 77 11.55 -5.18 4.22
CA SER A 77 12.88 -5.71 4.45
C SER A 77 13.71 -4.70 5.25
N LYS A 78 13.27 -3.46 5.22
CA LYS A 78 13.95 -2.39 5.93
C LYS A 78 13.97 -2.72 7.43
N LEU A 79 12.77 -2.83 7.99
CA LEU A 79 12.63 -3.13 9.40
C LEU A 79 13.41 -4.41 9.73
N PRO A 80 13.85 -4.51 11.00
CA PRO A 80 14.60 -5.67 11.45
C PRO A 80 13.68 -6.88 11.64
N ALA A 81 14.22 -8.05 11.32
CA ALA A 81 13.47 -9.28 11.46
C ALA A 81 12.65 -9.23 12.75
N SER A 82 13.34 -8.94 13.84
CA SER A 82 12.69 -8.85 15.14
C SER A 82 11.34 -8.16 15.01
N THR A 83 11.36 -7.01 14.35
CA THR A 83 10.14 -6.23 14.16
C THR A 83 9.12 -7.04 13.35
N ILE A 84 9.60 -7.61 12.25
CA ILE A 84 8.74 -8.41 11.39
C ILE A 84 8.21 -9.60 12.18
N ASP A 85 9.14 -10.38 12.71
CA ASP A 85 8.77 -11.56 13.48
C ASP A 85 7.76 -11.16 14.55
N GLU A 86 7.79 -9.89 14.91
CA GLU A 86 6.88 -9.36 15.92
C GLU A 86 5.51 -9.09 15.30
N LEU A 87 5.53 -8.50 14.12
CA LEU A 87 4.30 -8.17 13.42
C LEU A 87 3.47 -9.44 13.23
N LYS A 88 4.14 -10.58 13.39
CA LYS A 88 3.48 -11.86 13.24
C LYS A 88 2.98 -12.33 14.61
N THR A 89 3.02 -11.41 15.56
CA THR A 89 2.58 -11.72 16.91
C THR A 89 1.91 -10.48 17.54
N ASN A 90 1.64 -9.50 16.69
CA ASN A 90 1.00 -8.27 17.15
C ASN A 90 -0.35 -8.11 16.45
N SER A 91 -1.15 -7.21 16.99
CA SER A 91 -2.47 -6.94 16.43
C SER A 91 -2.91 -5.52 16.76
N SER A 92 -1.91 -4.68 17.05
CA SER A 92 -2.18 -3.30 17.38
C SER A 92 -1.09 -2.39 16.78
N LEU A 93 0.15 -2.79 17.00
CA LEU A 93 1.27 -2.04 16.49
C LEU A 93 1.44 -2.31 14.99
N LEU A 94 0.99 -3.49 14.59
CA LEU A 94 1.07 -3.89 13.19
C LEU A 94 -0.12 -3.31 12.43
N THR A 95 -1.30 -3.52 12.99
CA THR A 95 -2.53 -3.03 12.39
C THR A 95 -2.39 -1.55 12.03
N SER A 96 -1.97 -0.77 13.01
CA SER A 96 -1.81 0.65 12.82
C SER A 96 -1.07 0.91 11.51
N ILE A 97 -0.05 0.10 11.26
CA ILE A 97 0.74 0.23 10.05
C ILE A 97 -0.14 -0.10 8.83
N LEU A 98 -0.71 -1.28 8.85
CA LEU A 98 -1.58 -1.72 7.76
C LEU A 98 -2.59 -0.62 7.46
N THR A 99 -3.37 -0.27 8.48
CA THR A 99 -4.37 0.76 8.34
C THR A 99 -3.77 2.03 7.74
N TYR A 100 -2.62 2.41 8.28
CA TYR A 100 -1.93 3.60 7.81
C TYR A 100 -1.47 3.42 6.36
N HIS A 101 -1.53 2.18 5.90
CA HIS A 101 -1.13 1.88 4.54
C HIS A 101 -2.35 1.89 3.62
N VAL A 102 -3.38 2.59 4.07
CA VAL A 102 -4.60 2.68 3.30
C VAL A 102 -5.39 3.91 3.76
N VAL A 103 -5.78 4.72 2.77
CA VAL A 103 -6.53 5.93 3.05
C VAL A 103 -8.01 5.71 2.70
N ALA A 104 -8.85 6.57 3.25
CA ALA A 104 -10.28 6.47 3.01
C ALA A 104 -10.76 7.76 2.33
N GLY A 105 -10.91 7.68 1.02
CA GLY A 105 -11.36 8.82 0.24
C GLY A 105 -11.04 8.64 -1.24
N GLN A 106 -9.77 8.33 -1.50
CA GLN A 106 -9.32 8.13 -2.87
C GLN A 106 -9.03 9.48 -3.54
N THR A 107 -7.85 9.56 -4.13
CA THR A 107 -7.44 10.78 -4.80
C THR A 107 -6.25 10.50 -5.74
N SER A 108 -6.43 10.91 -6.99
CA SER A 108 -5.40 10.70 -7.99
C SER A 108 -4.05 11.20 -7.47
N PRO A 109 -2.97 10.80 -8.18
CA PRO A 109 -1.63 11.19 -7.80
C PRO A 109 -1.36 12.65 -8.15
N ALA A 110 -2.28 13.51 -7.73
CA ALA A 110 -2.15 14.93 -8.00
C ALA A 110 -2.51 15.72 -6.74
N ASN A 111 -3.59 15.31 -6.10
CA ASN A 111 -4.04 15.96 -4.88
C ASN A 111 -3.56 15.16 -3.68
N VAL A 112 -3.41 13.85 -3.88
CA VAL A 112 -2.96 12.97 -2.83
C VAL A 112 -1.70 13.54 -2.18
N VAL A 113 -1.02 14.39 -2.94
CA VAL A 113 0.20 15.02 -2.47
C VAL A 113 -0.14 15.96 -1.31
N GLY A 114 0.91 16.36 -0.60
CA GLY A 114 0.74 17.25 0.54
C GLY A 114 0.51 16.47 1.83
N THR A 115 -0.76 16.38 2.22
CA THR A 115 -1.12 15.65 3.42
C THR A 115 -2.48 14.97 3.23
N ARG A 116 -2.48 13.66 3.47
CA ARG A 116 -3.68 12.87 3.33
C ARG A 116 -4.00 12.14 4.64
N GLN A 117 -5.29 11.94 4.88
CA GLN A 117 -5.74 11.26 6.09
C GLN A 117 -5.91 9.77 5.83
N THR A 118 -5.10 8.98 6.52
CA THR A 118 -5.15 7.54 6.37
C THR A 118 -6.36 6.97 7.12
N LEU A 119 -6.83 5.83 6.63
CA LEU A 119 -7.98 5.17 7.24
C LEU A 119 -7.66 4.84 8.70
N GLN A 120 -6.36 4.73 8.97
CA GLN A 120 -5.91 4.41 10.32
C GLN A 120 -6.36 5.51 11.29
N GLY A 121 -6.36 6.73 10.80
CA GLY A 121 -6.75 7.87 11.61
C GLY A 121 -5.61 8.89 11.72
N ALA A 122 -4.45 8.47 11.24
CA ALA A 122 -3.28 9.33 11.29
C ALA A 122 -3.15 10.07 9.95
N SER A 123 -2.17 10.97 9.89
CA SER A 123 -1.93 11.73 8.69
C SER A 123 -0.74 11.14 7.91
N VAL A 124 -0.78 11.34 6.61
CA VAL A 124 0.29 10.84 5.75
C VAL A 124 0.80 11.98 4.86
N THR A 125 1.94 12.52 5.27
CA THR A 125 2.56 13.61 4.53
C THR A 125 3.02 13.13 3.15
N VAL A 126 2.21 13.43 2.15
CA VAL A 126 2.53 13.03 0.79
C VAL A 126 3.27 14.17 0.08
N THR A 127 4.04 13.81 -0.93
CA THR A 127 4.80 14.79 -1.69
C THR A 127 5.06 14.27 -3.11
N GLY A 128 5.78 15.08 -3.87
CA GLY A 128 6.12 14.72 -5.24
C GLY A 128 5.93 15.91 -6.18
N GLN A 129 6.58 15.83 -7.32
CA GLN A 129 6.49 16.88 -8.32
C GLN A 129 7.48 16.63 -9.45
N GLY A 130 6.97 16.73 -10.67
CA GLY A 130 7.79 16.52 -11.85
C GLY A 130 8.69 15.29 -11.68
N ASN A 131 8.09 14.13 -11.87
CA ASN A 131 8.82 12.88 -11.74
C ASN A 131 9.37 12.77 -10.31
N SER A 132 8.45 12.63 -9.37
CA SER A 132 8.83 12.50 -7.97
C SER A 132 7.58 12.37 -7.10
N LEU A 133 7.62 11.38 -6.22
CA LEU A 133 6.50 11.13 -5.33
C LEU A 133 7.01 10.47 -4.05
N LYS A 134 6.70 11.09 -2.93
CA LYS A 134 7.13 10.57 -1.63
C LYS A 134 5.92 10.52 -0.69
N VAL A 135 5.90 9.47 0.11
CA VAL A 135 4.81 9.29 1.07
C VAL A 135 5.39 8.88 2.43
N GLY A 136 4.99 9.63 3.44
CA GLY A 136 5.46 9.37 4.80
C GLY A 136 6.97 9.11 4.81
N ASN A 137 7.68 9.88 3.98
CA ASN A 137 9.12 9.75 3.90
C ASN A 137 9.47 8.70 2.83
N ALA A 138 8.58 7.72 2.70
CA ALA A 138 8.79 6.65 1.73
C ALA A 138 8.85 7.26 0.33
N ASP A 139 9.03 6.39 -0.65
CA ASP A 139 9.11 6.82 -2.04
C ASP A 139 8.08 6.04 -2.87
N VAL A 140 7.14 6.78 -3.44
CA VAL A 140 6.11 6.19 -4.26
C VAL A 140 6.75 5.41 -5.41
N VAL A 141 6.67 4.08 -5.30
CA VAL A 141 7.24 3.23 -6.32
C VAL A 141 6.31 3.20 -7.54
N CYS A 142 5.04 2.93 -7.27
CA CYS A 142 4.04 2.87 -8.32
C CYS A 142 2.68 3.25 -7.72
N GLY A 143 2.26 4.46 -8.03
CA GLY A 143 0.99 4.95 -7.54
C GLY A 143 0.00 5.19 -8.69
N GLY A 144 -1.27 5.31 -8.32
CA GLY A 144 -2.32 5.54 -9.31
C GLY A 144 -2.84 4.21 -9.87
N VAL A 145 -2.55 3.14 -9.14
CA VAL A 145 -2.98 1.82 -9.55
C VAL A 145 -4.35 1.52 -8.94
N SER A 146 -5.35 2.23 -9.43
CA SER A 146 -6.71 2.06 -8.94
C SER A 146 -7.15 0.60 -9.15
N THR A 147 -7.70 0.03 -8.09
CA THR A 147 -8.16 -1.34 -8.15
C THR A 147 -9.62 -1.39 -8.60
N ALA A 148 -10.50 -1.63 -7.64
CA ALA A 148 -11.92 -1.70 -7.92
C ALA A 148 -12.63 -0.49 -7.31
N ASN A 149 -12.24 -0.17 -6.09
CA ASN A 149 -12.81 0.96 -5.38
C ASN A 149 -11.78 1.54 -4.42
N ALA A 150 -10.52 1.47 -4.83
CA ALA A 150 -9.43 1.99 -4.02
C ALA A 150 -8.18 2.10 -4.89
N THR A 151 -7.34 3.06 -4.51
CA THR A 151 -6.10 3.29 -5.23
C THR A 151 -4.95 2.50 -4.61
N VAL A 152 -3.83 2.49 -5.30
CA VAL A 152 -2.66 1.77 -4.82
C VAL A 152 -1.41 2.64 -5.05
N TYR A 153 -0.66 2.84 -3.98
CA TYR A 153 0.55 3.64 -4.05
C TYR A 153 1.71 2.95 -3.30
N MET A 154 2.45 2.15 -4.05
CA MET A 154 3.58 1.43 -3.48
C MET A 154 4.65 2.40 -2.98
N ILE A 155 5.31 2.00 -1.90
CA ILE A 155 6.36 2.83 -1.33
C ILE A 155 7.55 1.95 -0.97
N ASP A 156 8.57 2.58 -0.42
CA ASP A 156 9.78 1.87 -0.04
C ASP A 156 9.97 1.97 1.48
N SER A 157 8.85 1.92 2.18
CA SER A 157 8.87 2.01 3.63
C SER A 157 7.54 1.55 4.20
N VAL A 158 7.60 1.00 5.41
CA VAL A 158 6.39 0.51 6.08
C VAL A 158 5.58 1.72 6.57
N LEU A 159 5.98 2.89 6.11
CA LEU A 159 5.29 4.11 6.49
C LEU A 159 5.18 4.18 8.02
N MET A 160 4.13 3.56 8.53
CA MET A 160 3.91 3.54 9.97
C MET A 160 3.22 4.83 10.43
N PRO A 161 2.22 4.65 11.34
CA PRO A 161 1.48 5.78 11.87
C PRO A 161 2.33 6.56 12.88
N PRO A 162 2.39 7.90 12.66
CA PRO A 162 3.16 8.76 13.55
C PRO A 162 2.42 8.97 14.88
N ALA A 163 3.20 9.06 15.94
CA ALA A 163 2.64 9.27 17.27
C ALA A 163 1.70 8.10 17.61
N GLY A 1 -2.73 3.11 -19.75
CA GLY A 1 -1.45 3.55 -20.27
C GLY A 1 -1.20 5.02 -19.94
N ASP A 2 -1.13 5.31 -18.64
CA ASP A 2 -0.90 6.66 -18.18
C ASP A 2 -0.75 6.66 -16.66
N LEU A 3 0.10 5.77 -16.18
CA LEU A 3 0.34 5.66 -14.75
C LEU A 3 1.44 6.63 -14.34
N VAL A 4 1.87 6.50 -13.09
CA VAL A 4 2.92 7.36 -12.57
C VAL A 4 3.98 6.49 -11.88
N GLY A 5 5.11 7.13 -11.59
CA GLY A 5 6.08 6.55 -10.68
C GLY A 5 7.12 5.72 -11.43
N PRO A 6 8.31 5.54 -10.78
CA PRO A 6 9.38 4.78 -11.38
C PRO A 6 9.09 3.28 -11.34
N GLY A 7 8.67 2.82 -10.17
CA GLY A 7 8.34 1.41 -10.00
C GLY A 7 7.42 0.92 -11.11
N CYS A 8 6.43 1.74 -11.41
CA CYS A 8 5.46 1.41 -12.46
C CYS A 8 6.24 1.11 -13.74
N ALA A 9 7.47 1.60 -13.78
CA ALA A 9 8.32 1.41 -14.94
C ALA A 9 8.96 0.02 -14.88
N GLU A 10 9.79 -0.16 -13.85
CA GLU A 10 10.48 -1.42 -13.66
C GLU A 10 9.47 -2.53 -13.36
N TYR A 11 8.64 -2.28 -12.36
CA TYR A 11 7.62 -3.25 -11.97
C TYR A 11 7.01 -3.94 -13.20
N ALA A 12 6.33 -3.13 -14.00
CA ALA A 12 5.70 -3.65 -15.22
C ALA A 12 6.65 -4.62 -15.91
N ALA A 13 7.88 -4.17 -16.09
CA ALA A 13 8.89 -4.98 -16.74
C ALA A 13 8.90 -6.37 -16.11
N ALA A 14 8.83 -6.39 -14.79
CA ALA A 14 8.82 -7.64 -14.05
C ALA A 14 7.45 -8.29 -14.16
N ASN A 15 6.43 -7.49 -13.87
CA ASN A 15 5.06 -7.98 -13.93
C ASN A 15 4.28 -7.15 -14.95
N PRO A 16 4.42 -7.54 -16.24
CA PRO A 16 3.75 -6.85 -17.33
C PRO A 16 2.25 -7.20 -17.35
N THR A 17 1.97 -8.45 -16.98
CA THR A 17 0.60 -8.92 -16.96
C THR A 17 0.33 -9.72 -15.68
N GLY A 18 -0.84 -10.34 -15.64
CA GLY A 18 -1.23 -11.12 -14.49
C GLY A 18 -2.09 -10.31 -13.53
N PRO A 19 -2.47 -10.95 -12.39
CA PRO A 19 -3.29 -10.30 -11.39
C PRO A 19 -2.47 -9.29 -10.59
N ALA A 20 -1.16 -9.31 -10.82
CA ALA A 20 -0.27 -8.41 -10.12
C ALA A 20 -0.08 -7.14 -10.95
N SER A 21 -0.89 -7.03 -12.00
CA SER A 21 -0.82 -5.88 -12.89
C SER A 21 -1.71 -4.76 -12.35
N VAL A 22 -1.49 -3.57 -12.87
CA VAL A 22 -2.26 -2.40 -12.45
C VAL A 22 -3.74 -2.64 -12.78
N GLN A 23 -3.95 -3.33 -13.89
CA GLN A 23 -5.31 -3.64 -14.33
C GLN A 23 -5.75 -4.99 -13.80
N GLY A 24 -4.87 -5.97 -13.98
CA GLY A 24 -5.15 -7.32 -13.53
C GLY A 24 -5.67 -7.33 -12.09
N MET A 25 -5.32 -6.27 -11.37
CA MET A 25 -5.75 -6.15 -9.98
C MET A 25 -7.05 -5.34 -9.88
N SER A 26 -7.27 -4.50 -10.87
CA SER A 26 -8.46 -3.68 -10.91
C SER A 26 -9.71 -4.56 -10.80
N GLN A 27 -9.53 -5.82 -11.15
CA GLN A 27 -10.63 -6.77 -11.11
C GLN A 27 -10.66 -7.48 -9.74
N ASP A 28 -10.14 -6.77 -8.74
CA ASP A 28 -10.11 -7.32 -7.40
C ASP A 28 -10.41 -6.20 -6.40
N PRO A 29 -10.97 -6.61 -5.22
CA PRO A 29 -11.32 -5.66 -4.19
C PRO A 29 -10.07 -5.16 -3.46
N VAL A 30 -9.58 -4.03 -3.91
CA VAL A 30 -8.40 -3.43 -3.31
C VAL A 30 -7.53 -4.54 -2.69
N ALA A 31 -7.58 -4.62 -1.38
CA ALA A 31 -6.81 -5.62 -0.66
C ALA A 31 -6.38 -6.72 -1.63
N VAL A 32 -7.32 -7.62 -1.91
CA VAL A 32 -7.05 -8.72 -2.81
C VAL A 32 -6.13 -8.24 -3.94
N ALA A 33 -6.61 -7.23 -4.66
CA ALA A 33 -5.84 -6.67 -5.75
C ALA A 33 -4.36 -6.64 -5.38
N ALA A 34 -4.09 -6.09 -4.20
CA ALA A 34 -2.73 -6.00 -3.71
C ALA A 34 -2.18 -7.40 -3.44
N SER A 35 -3.04 -8.24 -2.88
CA SER A 35 -2.67 -9.61 -2.57
C SER A 35 -2.01 -10.26 -3.79
N ASN A 36 -2.31 -9.69 -4.95
CA ASN A 36 -1.75 -10.20 -6.20
C ASN A 36 -0.34 -9.67 -6.38
N ASN A 37 -0.16 -8.44 -5.94
CA ASN A 37 1.09 -7.73 -6.19
C ASN A 37 2.24 -8.45 -5.48
N PRO A 38 3.36 -8.63 -6.22
CA PRO A 38 4.53 -9.30 -5.67
C PRO A 38 5.27 -8.39 -4.70
N GLU A 39 4.73 -7.19 -4.52
CA GLU A 39 5.33 -6.23 -3.62
C GLU A 39 4.33 -5.82 -2.53
N LEU A 40 3.14 -6.35 -2.64
CA LEU A 40 2.09 -6.07 -1.68
C LEU A 40 1.71 -7.35 -0.93
N THR A 41 1.84 -8.46 -1.63
CA THR A 41 1.51 -9.75 -1.05
C THR A 41 1.91 -9.78 0.43
N THR A 42 3.02 -9.12 0.72
CA THR A 42 3.51 -9.07 2.08
C THR A 42 2.57 -8.25 2.97
N LEU A 43 2.30 -7.03 2.52
CA LEU A 43 1.42 -6.14 3.25
C LEU A 43 0.05 -6.81 3.42
N THR A 44 -0.54 -7.18 2.29
CA THR A 44 -1.84 -7.83 2.30
C THR A 44 -1.87 -8.95 3.33
N ALA A 45 -0.97 -9.91 3.15
CA ALA A 45 -0.88 -11.04 4.05
C ALA A 45 -1.06 -10.56 5.49
N ALA A 46 -0.46 -9.41 5.77
CA ALA A 46 -0.55 -8.82 7.09
C ALA A 46 -2.00 -8.44 7.39
N LEU A 47 -2.45 -7.38 6.74
CA LEU A 47 -3.81 -6.92 6.92
C LEU A 47 -4.77 -8.11 6.88
N SER A 48 -4.77 -8.79 5.75
CA SER A 48 -5.62 -9.95 5.57
C SER A 48 -5.60 -10.82 6.83
N GLY A 49 -4.44 -11.38 7.10
CA GLY A 49 -4.27 -12.22 8.27
C GLY A 49 -3.17 -13.26 8.03
N GLN A 50 -2.93 -13.55 6.76
CA GLN A 50 -1.90 -14.51 6.38
C GLN A 50 -0.70 -14.39 7.31
N LEU A 51 -0.21 -13.16 7.44
CA LEU A 51 0.95 -12.90 8.28
C LEU A 51 0.53 -13.03 9.75
N ASN A 52 -0.46 -12.25 10.12
CA ASN A 52 -0.97 -12.26 11.49
C ASN A 52 -2.39 -12.82 11.50
N PRO A 53 -2.51 -14.07 12.03
CA PRO A 53 -3.80 -14.73 12.11
C PRO A 53 -4.66 -14.12 13.23
N GLN A 54 -4.36 -12.88 13.55
CA GLN A 54 -5.09 -12.18 14.60
C GLN A 54 -5.55 -10.81 14.10
N VAL A 55 -5.31 -10.57 12.81
CA VAL A 55 -5.70 -9.30 12.21
C VAL A 55 -6.43 -9.59 10.89
N ASN A 56 -7.25 -8.62 10.50
CA ASN A 56 -8.02 -8.75 9.27
C ASN A 56 -8.53 -7.37 8.85
N LEU A 57 -7.87 -6.80 7.86
CA LEU A 57 -8.25 -5.49 7.35
C LEU A 57 -8.63 -5.61 5.88
N VAL A 58 -8.33 -6.77 5.31
CA VAL A 58 -8.63 -7.01 3.91
C VAL A 58 -10.14 -6.83 3.68
N ASP A 59 -10.92 -7.62 4.39
CA ASP A 59 -12.36 -7.56 4.28
C ASP A 59 -12.81 -6.09 4.38
N THR A 60 -12.06 -5.35 5.17
CA THR A 60 -12.37 -3.93 5.37
C THR A 60 -12.00 -3.12 4.14
N LEU A 61 -10.69 -3.06 3.88
CA LEU A 61 -10.19 -2.32 2.74
C LEU A 61 -11.13 -2.52 1.56
N ASN A 62 -11.76 -3.68 1.53
CA ASN A 62 -12.69 -4.01 0.46
C ASN A 62 -14.07 -3.43 0.80
N SER A 63 -14.08 -2.15 1.12
CA SER A 63 -15.32 -1.47 1.46
C SER A 63 -15.04 0.02 1.71
N GLY A 64 -15.48 0.83 0.76
CA GLY A 64 -15.30 2.27 0.85
C GLY A 64 -14.09 2.72 0.02
N GLN A 65 -14.27 3.84 -0.66
CA GLN A 65 -13.21 4.39 -1.48
C GLN A 65 -11.97 4.67 -0.64
N TYR A 66 -10.98 3.80 -0.79
CA TYR A 66 -9.74 3.93 -0.04
C TYR A 66 -8.57 4.26 -0.98
N THR A 67 -7.37 4.26 -0.41
CA THR A 67 -6.18 4.55 -1.18
C THR A 67 -4.97 3.82 -0.58
N VAL A 68 -4.80 2.58 -1.02
CA VAL A 68 -3.70 1.77 -0.54
C VAL A 68 -2.39 2.54 -0.70
N PHE A 69 -1.62 2.57 0.38
CA PHE A 69 -0.36 3.29 0.38
C PHE A 69 0.81 2.33 0.69
N ALA A 70 1.07 1.45 -0.26
CA ALA A 70 1.40 0.07 0.07
C ALA A 70 2.92 -0.08 0.13
N PRO A 71 3.39 -0.66 1.28
CA PRO A 71 4.82 -0.87 1.48
C PRO A 71 5.32 -2.04 0.63
N THR A 72 6.12 -1.72 -0.37
CA THR A 72 6.66 -2.73 -1.25
C THR A 72 7.34 -3.84 -0.44
N ASN A 73 7.70 -4.90 -1.13
CA ASN A 73 8.35 -6.03 -0.49
C ASN A 73 9.74 -5.61 -0.02
N ALA A 74 10.21 -4.51 -0.58
CA ALA A 74 11.53 -3.99 -0.22
C ALA A 74 11.40 -3.08 1.00
N ALA A 75 10.18 -2.61 1.22
CA ALA A 75 9.91 -1.74 2.36
C ALA A 75 9.89 -2.56 3.64
N PHE A 76 9.18 -3.68 3.58
CA PHE A 76 9.07 -4.57 4.72
C PHE A 76 10.43 -5.18 5.07
N SER A 77 11.19 -5.50 4.03
CA SER A 77 12.50 -6.09 4.22
C SER A 77 13.37 -5.17 5.09
N LYS A 78 13.20 -3.88 4.89
CA LYS A 78 13.94 -2.89 5.65
C LYS A 78 13.95 -3.29 7.12
N LEU A 79 12.75 -3.49 7.65
CA LEU A 79 12.60 -3.87 9.05
C LEU A 79 13.26 -5.24 9.28
N PRO A 80 13.76 -5.45 10.52
CA PRO A 80 14.41 -6.69 10.87
C PRO A 80 13.38 -7.81 11.07
N ALA A 81 13.78 -9.02 10.71
CA ALA A 81 12.91 -10.17 10.85
C ALA A 81 12.14 -10.08 12.17
N SER A 82 12.85 -9.65 13.20
CA SER A 82 12.25 -9.51 14.52
C SER A 82 10.95 -8.70 14.42
N THR A 83 11.05 -7.57 13.72
CA THR A 83 9.91 -6.71 13.55
C THR A 83 8.76 -7.46 12.87
N ILE A 84 9.10 -8.14 11.79
CA ILE A 84 8.11 -8.91 11.05
C ILE A 84 7.55 -10.01 11.96
N ASP A 85 8.46 -10.75 12.58
CA ASP A 85 8.06 -11.83 13.46
C ASP A 85 7.12 -11.29 14.53
N GLU A 86 7.17 -9.98 14.71
CA GLU A 86 6.32 -9.32 15.70
C GLU A 86 4.94 -9.05 15.11
N LEU A 87 4.94 -8.53 13.89
CA LEU A 87 3.69 -8.21 13.21
C LEU A 87 2.92 -9.51 12.95
N LYS A 88 3.61 -10.63 13.14
CA LYS A 88 3.01 -11.93 12.93
C LYS A 88 2.44 -12.44 14.25
N THR A 89 2.02 -11.50 15.08
CA THR A 89 1.46 -11.84 16.38
C THR A 89 0.72 -10.64 16.98
N ASN A 90 1.29 -9.47 16.75
CA ASN A 90 0.70 -8.24 17.25
C ASN A 90 -0.74 -8.12 16.74
N SER A 91 -1.24 -6.89 16.76
CA SER A 91 -2.59 -6.63 16.29
C SER A 91 -3.01 -5.21 16.69
N SER A 92 -2.46 -4.75 17.79
CA SER A 92 -2.77 -3.42 18.30
C SER A 92 -1.60 -2.47 18.01
N LEU A 93 -0.70 -2.93 17.15
CA LEU A 93 0.46 -2.14 16.80
C LEU A 93 0.69 -2.24 15.28
N LEU A 94 0.62 -3.46 14.78
CA LEU A 94 0.80 -3.69 13.36
C LEU A 94 -0.35 -3.07 12.58
N THR A 95 -1.54 -3.20 13.15
CA THR A 95 -2.73 -2.66 12.53
C THR A 95 -2.55 -1.17 12.21
N SER A 96 -1.96 -0.47 13.18
CA SER A 96 -1.71 0.95 13.01
C SER A 96 -0.97 1.22 11.70
N ILE A 97 -0.05 0.31 11.39
CA ILE A 97 0.74 0.43 10.18
C ILE A 97 -0.16 0.18 8.97
N LEU A 98 -0.73 -1.01 8.92
CA LEU A 98 -1.61 -1.38 7.84
C LEU A 98 -2.58 -0.23 7.54
N THR A 99 -3.39 0.09 8.55
CA THR A 99 -4.35 1.16 8.42
C THR A 99 -3.69 2.40 7.83
N TYR A 100 -2.57 2.79 8.42
CA TYR A 100 -1.84 3.95 7.97
C TYR A 100 -1.35 3.77 6.53
N HIS A 101 -1.43 2.53 6.07
CA HIS A 101 -1.00 2.21 4.71
C HIS A 101 -2.22 2.20 3.78
N VAL A 102 -3.25 2.93 4.21
CA VAL A 102 -4.47 3.02 3.42
C VAL A 102 -5.26 4.25 3.87
N VAL A 103 -5.46 5.16 2.93
CA VAL A 103 -6.20 6.38 3.21
C VAL A 103 -7.67 6.18 2.80
N ALA A 104 -8.53 6.98 3.40
CA ALA A 104 -9.94 6.91 3.10
C ALA A 104 -10.32 8.05 2.15
N GLY A 105 -10.43 7.70 0.88
CA GLY A 105 -10.78 8.67 -0.13
C GLY A 105 -9.90 8.50 -1.39
N GLN A 106 -10.48 7.85 -2.39
CA GLN A 106 -9.76 7.62 -3.64
C GLN A 106 -9.23 8.94 -4.20
N THR A 107 -7.95 8.96 -4.48
CA THR A 107 -7.30 10.14 -5.02
C THR A 107 -6.22 9.75 -6.03
N SER A 108 -6.00 10.63 -7.01
CA SER A 108 -5.01 10.40 -8.02
C SER A 108 -3.65 10.92 -7.55
N PRO A 109 -2.58 10.51 -8.29
CA PRO A 109 -1.24 10.94 -7.96
C PRO A 109 -1.00 12.39 -8.39
N ALA A 110 -1.91 13.25 -7.95
CA ALA A 110 -1.81 14.67 -8.28
C ALA A 110 -2.17 15.49 -7.04
N ASN A 111 -3.28 15.11 -6.41
CA ASN A 111 -3.75 15.80 -5.22
C ASN A 111 -3.39 14.98 -3.99
N VAL A 112 -3.11 13.70 -4.22
CA VAL A 112 -2.76 12.81 -3.14
C VAL A 112 -1.59 13.42 -2.33
N VAL A 113 -0.90 14.34 -2.97
CA VAL A 113 0.23 15.00 -2.33
C VAL A 113 -0.29 15.93 -1.22
N GLY A 114 0.40 15.90 -0.10
CA GLY A 114 0.02 16.73 1.02
C GLY A 114 -0.45 15.88 2.21
N THR A 115 -0.98 16.55 3.21
CA THR A 115 -1.46 15.87 4.41
C THR A 115 -2.70 15.03 4.06
N ARG A 116 -2.49 13.71 4.05
CA ARG A 116 -3.57 12.79 3.74
C ARG A 116 -3.92 11.96 4.98
N GLN A 117 -5.11 12.23 5.52
CA GLN A 117 -5.57 11.52 6.69
C GLN A 117 -5.81 10.05 6.37
N THR A 118 -4.92 9.21 6.87
CA THR A 118 -5.02 7.78 6.64
C THR A 118 -6.17 7.19 7.44
N LEU A 119 -6.74 6.11 6.91
CA LEU A 119 -7.85 5.46 7.56
C LEU A 119 -7.49 5.17 9.02
N GLN A 120 -6.20 5.00 9.25
CA GLN A 120 -5.70 4.72 10.59
C GLN A 120 -6.14 5.83 11.55
N GLY A 121 -6.05 7.05 11.07
CA GLY A 121 -6.43 8.21 11.88
C GLY A 121 -5.32 9.26 11.89
N ALA A 122 -4.16 8.86 11.40
CA ALA A 122 -3.01 9.76 11.35
C ALA A 122 -3.00 10.49 10.01
N SER A 123 -1.99 11.32 9.83
CA SER A 123 -1.85 12.08 8.60
C SER A 123 -0.55 11.70 7.89
N VAL A 124 -0.66 11.46 6.59
CA VAL A 124 0.50 11.10 5.79
C VAL A 124 0.89 12.27 4.90
N THR A 125 1.99 12.93 5.28
CA THR A 125 2.48 14.06 4.52
C THR A 125 2.97 13.62 3.15
N VAL A 126 2.02 13.33 2.28
CA VAL A 126 2.34 12.90 0.93
C VAL A 126 3.15 13.99 0.22
N THR A 127 4.05 13.55 -0.65
CA THR A 127 4.88 14.47 -1.40
C THR A 127 5.08 13.98 -2.83
N GLY A 128 5.76 14.80 -3.60
CA GLY A 128 6.03 14.46 -4.99
C GLY A 128 5.74 15.65 -5.93
N GLN A 129 6.30 15.56 -7.12
CA GLN A 129 6.11 16.62 -8.10
C GLN A 129 5.83 16.03 -9.48
N GLY A 130 6.85 15.42 -10.06
CA GLY A 130 6.72 14.81 -11.37
C GLY A 130 7.22 13.36 -11.35
N ASN A 131 8.45 13.18 -11.80
CA ASN A 131 9.05 11.85 -11.83
C ASN A 131 9.72 11.56 -10.49
N SER A 132 8.99 11.87 -9.43
CA SER A 132 9.49 11.64 -8.09
C SER A 132 8.38 11.89 -7.06
N LEU A 133 7.71 10.81 -6.69
CA LEU A 133 6.64 10.89 -5.72
C LEU A 133 7.13 10.35 -4.38
N LYS A 134 6.66 11.01 -3.32
CA LYS A 134 7.04 10.60 -1.97
C LYS A 134 5.79 10.48 -1.11
N VAL A 135 5.93 9.77 0.00
CA VAL A 135 4.83 9.56 0.92
C VAL A 135 5.37 9.35 2.33
N GLY A 136 4.98 10.24 3.22
CA GLY A 136 5.42 10.16 4.60
C GLY A 136 6.87 9.71 4.69
N ASN A 137 7.71 10.38 3.93
CA ASN A 137 9.14 10.07 3.91
C ASN A 137 9.39 8.97 2.88
N ALA A 138 8.53 7.97 2.90
CA ALA A 138 8.65 6.85 1.97
C ALA A 138 8.83 7.40 0.56
N ASP A 139 9.12 6.50 -0.37
CA ASP A 139 9.32 6.87 -1.76
C ASP A 139 8.29 6.13 -2.63
N VAL A 140 7.46 6.91 -3.30
CA VAL A 140 6.44 6.35 -4.16
C VAL A 140 7.11 5.59 -5.31
N VAL A 141 6.78 4.30 -5.38
CA VAL A 141 7.34 3.44 -6.42
C VAL A 141 6.42 3.45 -7.63
N CYS A 142 5.16 3.13 -7.37
CA CYS A 142 4.16 3.09 -8.43
C CYS A 142 2.79 3.37 -7.81
N GLY A 143 2.27 4.55 -8.12
CA GLY A 143 0.97 4.94 -7.59
C GLY A 143 -0.06 5.04 -8.71
N GLY A 144 -1.28 5.42 -8.33
CA GLY A 144 -2.36 5.56 -9.30
C GLY A 144 -2.77 4.20 -9.85
N VAL A 145 -2.38 3.16 -9.14
CA VAL A 145 -2.71 1.81 -9.55
C VAL A 145 -4.11 1.45 -9.04
N SER A 146 -5.06 2.31 -9.38
CA SER A 146 -6.44 2.10 -8.97
C SER A 146 -6.82 0.63 -9.15
N THR A 147 -7.40 0.06 -8.11
CA THR A 147 -7.82 -1.33 -8.15
C THR A 147 -9.31 -1.43 -8.42
N ALA A 148 -10.08 -1.56 -7.34
CA ALA A 148 -11.52 -1.67 -7.45
C ALA A 148 -12.17 -0.42 -6.85
N ASN A 149 -12.17 -0.36 -5.53
CA ASN A 149 -12.75 0.75 -4.83
C ASN A 149 -11.68 1.40 -3.93
N ALA A 150 -10.46 1.43 -4.45
CA ALA A 150 -9.36 2.01 -3.72
C ALA A 150 -8.13 2.10 -4.63
N THR A 151 -7.31 3.09 -4.37
CA THR A 151 -6.10 3.30 -5.16
C THR A 151 -4.94 2.50 -4.57
N VAL A 152 -3.80 2.57 -5.26
CA VAL A 152 -2.61 1.87 -4.82
C VAL A 152 -1.39 2.76 -5.04
N TYR A 153 -0.58 2.86 -4.00
CA TYR A 153 0.62 3.67 -4.06
C TYR A 153 1.80 2.98 -3.36
N MET A 154 2.52 2.18 -4.14
CA MET A 154 3.66 1.46 -3.61
C MET A 154 4.73 2.42 -3.08
N ILE A 155 5.34 2.03 -1.98
CA ILE A 155 6.37 2.85 -1.36
C ILE A 155 7.57 1.97 -1.00
N ASP A 156 8.65 2.62 -0.61
CA ASP A 156 9.87 1.92 -0.25
C ASP A 156 10.12 2.07 1.25
N SER A 157 9.03 1.98 2.01
CA SER A 157 9.12 2.11 3.45
C SER A 157 7.81 1.66 4.10
N VAL A 158 7.96 0.96 5.22
CA VAL A 158 6.80 0.46 5.94
C VAL A 158 6.12 1.62 6.69
N LEU A 159 5.52 2.50 5.91
CA LEU A 159 4.83 3.65 6.49
C LEU A 159 4.29 3.29 7.86
N MET A 160 4.59 4.12 8.84
CA MET A 160 4.13 3.89 10.19
C MET A 160 3.40 5.12 10.74
N PRO A 161 2.44 4.86 11.66
CA PRO A 161 1.67 5.93 12.27
C PRO A 161 2.49 6.69 13.31
N PRO A 162 2.34 8.04 13.30
CA PRO A 162 3.06 8.88 14.23
C PRO A 162 2.47 8.79 15.64
N ALA A 163 3.34 8.50 16.59
CA ALA A 163 2.92 8.38 17.98
C ALA A 163 4.15 8.25 18.87
N GLY A 1 -2.51 6.41 -20.91
CA GLY A 1 -1.85 7.21 -19.89
C GLY A 1 -0.90 6.35 -19.04
N ASP A 2 0.30 6.87 -18.84
CA ASP A 2 1.30 6.17 -18.06
C ASP A 2 0.95 6.27 -16.57
N LEU A 3 1.66 5.48 -15.77
CA LEU A 3 1.43 5.48 -14.34
C LEU A 3 2.43 6.43 -13.67
N VAL A 4 2.27 6.57 -12.36
CA VAL A 4 3.15 7.44 -11.60
C VAL A 4 3.90 6.61 -10.54
N GLY A 5 5.14 7.01 -10.30
CA GLY A 5 6.07 6.14 -9.61
C GLY A 5 7.05 5.48 -10.57
N PRO A 6 8.29 5.26 -10.08
CA PRO A 6 9.32 4.64 -10.89
C PRO A 6 9.08 3.13 -11.03
N GLY A 7 9.20 2.45 -9.90
CA GLY A 7 8.99 1.01 -9.87
C GLY A 7 7.89 0.59 -10.84
N CYS A 8 6.85 1.43 -10.90
CA CYS A 8 5.72 1.15 -11.78
C CYS A 8 6.27 0.62 -13.11
N ALA A 9 7.47 1.07 -13.44
CA ALA A 9 8.11 0.65 -14.67
C ALA A 9 8.83 -0.68 -14.44
N GLU A 10 9.77 -0.64 -13.50
CA GLU A 10 10.55 -1.82 -13.17
C GLU A 10 9.62 -3.01 -12.89
N TYR A 11 8.57 -2.72 -12.13
CA TYR A 11 7.60 -3.75 -11.78
C TYR A 11 6.90 -4.28 -13.03
N ALA A 12 6.13 -3.40 -13.66
CA ALA A 12 5.40 -3.77 -14.86
C ALA A 12 6.31 -4.59 -15.78
N ALA A 13 7.48 -4.03 -16.05
CA ALA A 13 8.44 -4.70 -16.90
C ALA A 13 8.51 -6.18 -16.53
N ALA A 14 8.20 -6.46 -15.28
CA ALA A 14 8.22 -7.83 -14.79
C ALA A 14 6.81 -8.43 -14.91
N ASN A 15 5.82 -7.60 -14.60
CA ASN A 15 4.44 -8.03 -14.67
C ASN A 15 3.65 -7.06 -15.57
N PRO A 16 3.91 -7.17 -16.89
CA PRO A 16 3.22 -6.31 -17.85
C PRO A 16 1.78 -6.76 -18.06
N THR A 17 1.47 -7.92 -17.50
CA THR A 17 0.12 -8.46 -17.61
C THR A 17 -0.18 -9.40 -16.43
N GLY A 18 -1.27 -10.14 -16.57
CA GLY A 18 -1.67 -11.07 -15.54
C GLY A 18 -2.40 -10.34 -14.41
N PRO A 19 -2.47 -11.02 -13.23
CA PRO A 19 -3.13 -10.46 -12.06
C PRO A 19 -2.27 -9.37 -11.43
N ALA A 20 -1.01 -9.71 -11.20
CA ALA A 20 -0.08 -8.77 -10.59
C ALA A 20 0.23 -7.65 -11.59
N SER A 21 -0.81 -6.93 -11.97
CA SER A 21 -0.67 -5.84 -12.91
C SER A 21 -1.50 -4.64 -12.45
N VAL A 22 -1.17 -3.48 -13.01
CA VAL A 22 -1.87 -2.26 -12.66
C VAL A 22 -3.38 -2.47 -12.86
N GLN A 23 -3.71 -3.18 -13.93
CA GLN A 23 -5.10 -3.45 -14.25
C GLN A 23 -5.50 -4.83 -13.71
N GLY A 24 -4.55 -5.75 -13.77
CA GLY A 24 -4.79 -7.11 -13.29
C GLY A 24 -5.16 -7.11 -11.82
N MET A 25 -4.95 -5.97 -11.18
CA MET A 25 -5.26 -5.83 -9.77
C MET A 25 -6.60 -5.11 -9.56
N SER A 26 -7.10 -4.56 -10.65
CA SER A 26 -8.37 -3.83 -10.61
C SER A 26 -9.51 -4.81 -10.29
N GLN A 27 -9.54 -5.91 -11.04
CA GLN A 27 -10.58 -6.91 -10.84
C GLN A 27 -10.57 -7.38 -9.39
N ASP A 28 -9.47 -7.11 -8.71
CA ASP A 28 -9.33 -7.50 -7.31
C ASP A 28 -9.75 -6.33 -6.41
N PRO A 29 -10.41 -6.68 -5.28
CA PRO A 29 -10.86 -5.67 -4.34
C PRO A 29 -9.69 -5.13 -3.53
N VAL A 30 -9.22 -3.96 -3.93
CA VAL A 30 -8.10 -3.32 -3.25
C VAL A 30 -7.20 -4.39 -2.65
N ALA A 31 -7.01 -4.30 -1.34
CA ALA A 31 -6.17 -5.25 -0.63
C ALA A 31 -5.79 -6.39 -1.58
N VAL A 32 -6.76 -7.23 -1.87
CA VAL A 32 -6.55 -8.36 -2.75
C VAL A 32 -5.46 -8.01 -3.77
N ALA A 33 -5.73 -6.96 -4.54
CA ALA A 33 -4.79 -6.52 -5.55
C ALA A 33 -3.36 -6.74 -5.05
N ALA A 34 -3.00 -6.01 -4.00
CA ALA A 34 -1.68 -6.14 -3.43
C ALA A 34 -1.35 -7.62 -3.21
N SER A 35 -2.34 -8.33 -2.68
CA SER A 35 -2.17 -9.75 -2.42
C SER A 35 -1.79 -10.48 -3.71
N ASN A 36 -2.13 -9.85 -4.84
CA ASN A 36 -1.84 -10.42 -6.13
C ASN A 36 -0.47 -9.92 -6.61
N ASN A 37 -0.18 -8.67 -6.25
CA ASN A 37 1.14 -8.14 -6.47
C ASN A 37 2.15 -8.92 -5.63
N PRO A 38 3.21 -9.41 -6.31
CA PRO A 38 4.25 -10.18 -5.65
C PRO A 38 5.17 -9.27 -4.82
N GLU A 39 4.75 -8.03 -4.70
CA GLU A 39 5.50 -7.05 -3.94
C GLU A 39 4.72 -6.58 -2.72
N LEU A 40 3.41 -6.81 -2.78
CA LEU A 40 2.53 -6.42 -1.69
C LEU A 40 2.11 -7.66 -0.91
N THR A 41 2.30 -8.81 -1.53
CA THR A 41 1.95 -10.07 -0.90
C THR A 41 2.28 -10.03 0.59
N THR A 42 3.31 -9.25 0.91
CA THR A 42 3.73 -9.13 2.30
C THR A 42 2.74 -8.28 3.09
N LEU A 43 2.46 -7.10 2.56
CA LEU A 43 1.53 -6.19 3.21
C LEU A 43 0.17 -6.88 3.37
N THR A 44 -0.35 -7.37 2.26
CA THR A 44 -1.62 -8.05 2.27
C THR A 44 -1.65 -9.13 3.35
N ALA A 45 -0.65 -10.00 3.30
CA ALA A 45 -0.54 -11.07 4.26
C ALA A 45 -0.85 -10.53 5.66
N ALA A 46 -0.36 -9.33 5.92
CA ALA A 46 -0.58 -8.69 7.20
C ALA A 46 -2.07 -8.39 7.38
N LEU A 47 -2.54 -7.41 6.63
CA LEU A 47 -3.94 -7.02 6.69
C LEU A 47 -4.81 -8.28 6.69
N SER A 48 -4.70 -9.04 5.61
CA SER A 48 -5.47 -10.26 5.47
C SER A 48 -5.43 -11.06 6.77
N GLY A 49 -4.27 -11.60 7.07
CA GLY A 49 -4.08 -12.39 8.28
C GLY A 49 -2.96 -13.41 8.11
N GLN A 50 -2.65 -13.70 6.84
CA GLN A 50 -1.60 -14.66 6.54
C GLN A 50 -0.34 -14.33 7.31
N LEU A 51 -0.26 -13.08 7.76
CA LEU A 51 0.90 -12.64 8.52
C LEU A 51 0.47 -12.32 9.96
N ASN A 52 -0.66 -11.62 10.07
CA ASN A 52 -1.18 -11.25 11.37
C ASN A 52 -2.46 -12.05 11.64
N PRO A 53 -2.28 -13.15 12.42
CA PRO A 53 -3.40 -14.01 12.76
C PRO A 53 -4.29 -13.35 13.83
N GLN A 54 -4.07 -12.06 14.02
CA GLN A 54 -4.84 -11.31 14.99
C GLN A 54 -5.43 -10.05 14.36
N VAL A 55 -5.26 -9.97 13.04
CA VAL A 55 -5.78 -8.82 12.30
C VAL A 55 -6.65 -9.32 11.15
N ASN A 56 -7.18 -8.37 10.39
CA ASN A 56 -8.04 -8.70 9.27
C ASN A 56 -8.69 -7.42 8.74
N LEU A 57 -7.91 -6.68 7.95
CA LEU A 57 -8.40 -5.44 7.37
C LEU A 57 -8.95 -5.71 5.97
N VAL A 58 -8.35 -6.69 5.31
CA VAL A 58 -8.77 -7.07 3.97
C VAL A 58 -10.25 -6.72 3.80
N ASP A 59 -11.09 -7.45 4.52
CA ASP A 59 -12.52 -7.24 4.46
C ASP A 59 -12.80 -5.74 4.40
N THR A 60 -12.30 -5.03 5.41
CA THR A 60 -12.50 -3.59 5.48
C THR A 60 -11.94 -2.91 4.23
N LEU A 61 -10.64 -3.12 4.02
CA LEU A 61 -9.97 -2.54 2.87
C LEU A 61 -10.89 -2.62 1.65
N ASN A 62 -11.66 -3.70 1.59
CA ASN A 62 -12.58 -3.91 0.49
C ASN A 62 -13.98 -3.49 0.92
N SER A 63 -14.08 -2.23 1.33
CA SER A 63 -15.35 -1.69 1.77
C SER A 63 -15.70 -0.43 0.95
N GLY A 64 -15.30 0.71 1.50
CA GLY A 64 -15.55 1.98 0.84
C GLY A 64 -14.34 2.41 0.00
N GLN A 65 -14.50 3.54 -0.66
CA GLN A 65 -13.44 4.07 -1.51
C GLN A 65 -12.22 4.42 -0.65
N TYR A 66 -11.19 3.60 -0.81
CA TYR A 66 -9.95 3.82 -0.06
C TYR A 66 -8.80 4.19 -0.99
N THR A 67 -7.60 4.18 -0.45
CA THR A 67 -6.42 4.50 -1.21
C THR A 67 -5.19 3.79 -0.63
N VAL A 68 -4.96 2.58 -1.11
CA VAL A 68 -3.84 1.80 -0.65
C VAL A 68 -2.55 2.64 -0.74
N PHE A 69 -1.70 2.46 0.26
CA PHE A 69 -0.45 3.19 0.30
C PHE A 69 0.71 2.27 0.67
N ALA A 70 1.04 1.38 -0.27
CA ALA A 70 1.30 0.00 0.09
C ALA A 70 2.81 -0.28 -0.02
N PRO A 71 3.36 -0.82 1.09
CA PRO A 71 4.79 -1.13 1.12
C PRO A 71 5.10 -2.39 0.30
N THR A 72 5.76 -2.17 -0.83
CA THR A 72 6.12 -3.27 -1.71
C THR A 72 6.97 -4.29 -0.96
N ASN A 73 7.66 -5.12 -1.74
CA ASN A 73 8.52 -6.15 -1.16
C ASN A 73 9.90 -5.54 -0.88
N ALA A 74 9.99 -4.23 -1.06
CA ALA A 74 11.23 -3.53 -0.82
C ALA A 74 11.10 -2.64 0.41
N ALA A 75 9.91 -2.69 1.00
CA ALA A 75 9.63 -1.89 2.19
C ALA A 75 9.73 -2.79 3.43
N PHE A 76 9.06 -3.93 3.36
CA PHE A 76 9.06 -4.87 4.46
C PHE A 76 10.44 -5.53 4.62
N SER A 77 11.17 -5.55 3.52
CA SER A 77 12.50 -6.14 3.52
C SER A 77 13.47 -5.25 4.30
N LYS A 78 13.07 -4.01 4.48
CA LYS A 78 13.88 -3.06 5.22
C LYS A 78 13.81 -3.37 6.72
N LEU A 79 12.61 -3.28 7.25
CA LEU A 79 12.39 -3.55 8.66
C LEU A 79 13.07 -4.87 9.03
N PRO A 80 13.48 -4.95 10.33
CA PRO A 80 14.14 -6.14 10.82
C PRO A 80 13.15 -7.29 11.02
N ALA A 81 13.67 -8.50 10.92
CA ALA A 81 12.84 -9.69 11.08
C ALA A 81 12.03 -9.57 12.37
N SER A 82 12.74 -9.36 13.47
CA SER A 82 12.10 -9.22 14.77
C SER A 82 10.81 -8.42 14.63
N THR A 83 10.93 -7.22 14.09
CA THR A 83 9.79 -6.35 13.90
C THR A 83 8.69 -7.09 13.13
N ILE A 84 9.10 -7.72 12.04
CA ILE A 84 8.15 -8.45 11.21
C ILE A 84 7.52 -9.57 12.04
N ASP A 85 8.38 -10.40 12.62
CA ASP A 85 7.93 -11.51 13.43
C ASP A 85 6.97 -10.99 14.50
N GLU A 86 7.06 -9.69 14.75
CA GLU A 86 6.22 -9.06 15.75
C GLU A 86 4.85 -8.71 15.14
N LEU A 87 4.92 -8.12 13.94
CA LEU A 87 3.70 -7.73 13.24
C LEU A 87 2.81 -8.96 13.05
N LYS A 88 3.42 -10.13 13.19
CA LYS A 88 2.70 -11.38 13.03
C LYS A 88 2.10 -11.79 14.38
N THR A 89 2.21 -10.89 15.34
CA THR A 89 1.68 -11.13 16.67
C THR A 89 1.58 -9.83 17.47
N ASN A 90 1.04 -8.82 16.80
CA ASN A 90 0.88 -7.52 17.44
C ASN A 90 -0.59 -7.13 17.43
N SER A 91 -0.98 -6.40 16.39
CA SER A 91 -2.36 -5.97 16.26
C SER A 91 -2.55 -4.62 16.95
N SER A 92 -1.71 -4.37 17.94
CA SER A 92 -1.77 -3.13 18.68
C SER A 92 -0.60 -2.22 18.30
N LEU A 93 -0.09 -2.45 17.11
CA LEU A 93 1.03 -1.66 16.60
C LEU A 93 1.13 -1.84 15.09
N LEU A 94 0.99 -3.08 14.66
CA LEU A 94 1.07 -3.40 13.24
C LEU A 94 -0.17 -2.85 12.53
N THR A 95 -1.33 -3.17 13.09
CA THR A 95 -2.59 -2.72 12.53
C THR A 95 -2.50 -1.24 12.15
N SER A 96 -1.86 -0.48 13.03
CA SER A 96 -1.70 0.94 12.81
C SER A 96 -1.03 1.19 11.46
N ILE A 97 0.04 0.45 11.22
CA ILE A 97 0.78 0.58 9.98
C ILE A 97 -0.14 0.23 8.80
N LEU A 98 -0.79 -0.91 8.91
CA LEU A 98 -1.70 -1.38 7.88
C LEU A 98 -2.68 -0.25 7.54
N THR A 99 -3.48 0.11 8.53
CA THR A 99 -4.46 1.16 8.35
C THR A 99 -3.81 2.40 7.73
N TYR A 100 -2.64 2.74 8.25
CA TYR A 100 -1.91 3.90 7.76
C TYR A 100 -1.48 3.70 6.31
N HIS A 101 -1.55 2.45 5.87
CA HIS A 101 -1.18 2.11 4.51
C HIS A 101 -2.41 2.16 3.60
N VAL A 102 -3.45 2.80 4.11
CA VAL A 102 -4.69 2.93 3.36
C VAL A 102 -5.44 4.17 3.84
N VAL A 103 -5.79 5.01 2.87
CA VAL A 103 -6.50 6.24 3.18
C VAL A 103 -7.97 6.08 2.76
N ALA A 104 -8.84 6.68 3.55
CA ALA A 104 -10.27 6.62 3.27
C ALA A 104 -10.64 7.74 2.30
N GLY A 105 -10.93 7.34 1.07
CA GLY A 105 -11.30 8.31 0.04
C GLY A 105 -10.34 8.23 -1.16
N GLN A 106 -10.86 7.73 -2.26
CA GLN A 106 -10.06 7.61 -3.47
C GLN A 106 -9.69 9.00 -4.00
N THR A 107 -8.44 9.11 -4.41
CA THR A 107 -7.94 10.37 -4.95
C THR A 107 -6.73 10.13 -5.85
N SER A 108 -6.74 10.78 -7.00
CA SER A 108 -5.66 10.64 -7.95
C SER A 108 -4.37 11.23 -7.37
N PRO A 109 -3.22 10.90 -8.03
CA PRO A 109 -1.94 11.39 -7.58
C PRO A 109 -1.75 12.86 -7.94
N ALA A 110 -2.74 13.66 -7.57
CA ALA A 110 -2.70 15.08 -7.85
C ALA A 110 -2.96 15.86 -6.55
N ASN A 111 -3.96 15.41 -5.82
CA ASN A 111 -4.32 16.05 -4.57
C ASN A 111 -3.78 15.22 -3.40
N VAL A 112 -3.68 13.92 -3.64
CA VAL A 112 -3.17 13.01 -2.62
C VAL A 112 -1.89 13.58 -2.03
N VAL A 113 -1.22 14.41 -2.83
CA VAL A 113 0.02 15.02 -2.38
C VAL A 113 -0.22 15.80 -1.09
N GLY A 114 0.84 15.94 -0.32
CA GLY A 114 0.76 16.66 0.95
C GLY A 114 0.09 15.80 2.02
N THR A 115 -0.30 16.46 3.11
CA THR A 115 -0.94 15.77 4.21
C THR A 115 -2.26 15.15 3.75
N ARG A 116 -2.47 13.90 4.16
CA ARG A 116 -3.67 13.18 3.80
C ARG A 116 -4.05 12.19 4.89
N GLN A 117 -5.27 12.35 5.40
CA GLN A 117 -5.77 11.47 6.45
C GLN A 117 -5.73 10.01 5.99
N THR A 118 -5.29 9.15 6.91
CA THR A 118 -5.21 7.73 6.61
C THR A 118 -6.26 6.96 7.40
N LEU A 119 -6.33 5.66 7.11
CA LEU A 119 -7.29 4.80 7.78
C LEU A 119 -6.98 4.77 9.28
N GLN A 120 -5.72 4.55 9.59
CA GLN A 120 -5.27 4.50 10.97
C GLN A 120 -5.81 5.71 11.74
N GLY A 121 -6.16 6.74 10.99
CA GLY A 121 -6.68 7.96 11.57
C GLY A 121 -5.61 9.06 11.60
N ALA A 122 -4.38 8.64 11.30
CA ALA A 122 -3.27 9.58 11.29
C ALA A 122 -3.26 10.33 9.96
N SER A 123 -2.16 11.04 9.74
CA SER A 123 -2.01 11.82 8.51
C SER A 123 -0.71 11.45 7.81
N VAL A 124 -0.81 11.29 6.50
CA VAL A 124 0.35 10.94 5.70
C VAL A 124 0.81 12.16 4.90
N THR A 125 2.09 12.47 5.03
CA THR A 125 2.67 13.61 4.33
C THR A 125 3.14 13.19 2.94
N VAL A 126 2.18 13.03 2.04
CA VAL A 126 2.47 12.63 0.68
C VAL A 126 3.23 13.76 -0.02
N THR A 127 3.86 13.42 -1.14
CA THR A 127 4.61 14.39 -1.91
C THR A 127 4.71 13.96 -3.37
N GLY A 128 5.21 14.87 -4.20
CA GLY A 128 5.36 14.59 -5.61
C GLY A 128 6.25 15.63 -6.28
N GLN A 129 7.16 15.15 -7.12
CA GLN A 129 8.07 16.03 -7.82
C GLN A 129 8.14 15.64 -9.30
N GLY A 130 9.14 16.20 -9.98
CA GLY A 130 9.34 15.92 -11.39
C GLY A 130 9.06 14.45 -11.70
N ASN A 131 9.48 13.59 -10.79
CA ASN A 131 9.27 12.16 -10.94
C ASN A 131 9.62 11.45 -9.63
N SER A 132 8.79 10.46 -9.31
CA SER A 132 8.99 9.70 -8.07
C SER A 132 8.35 10.43 -6.90
N LEU A 133 7.09 10.08 -6.64
CA LEU A 133 6.36 10.69 -5.56
C LEU A 133 6.89 10.16 -4.22
N LYS A 134 6.45 10.79 -3.14
CA LYS A 134 6.87 10.39 -1.81
C LYS A 134 5.65 10.25 -0.91
N VAL A 135 5.81 9.45 0.14
CA VAL A 135 4.74 9.22 1.09
C VAL A 135 5.33 8.82 2.43
N GLY A 136 4.93 9.56 3.47
CA GLY A 136 5.41 9.29 4.81
C GLY A 136 6.92 9.01 4.81
N ASN A 137 7.63 9.76 3.98
CA ASN A 137 9.07 9.61 3.87
C ASN A 137 9.39 8.58 2.80
N ALA A 138 8.56 7.54 2.74
CA ALA A 138 8.74 6.48 1.77
C ALA A 138 8.78 7.09 0.36
N ASP A 139 9.00 6.22 -0.62
CA ASP A 139 9.06 6.66 -1.99
C ASP A 139 7.97 5.95 -2.81
N VAL A 140 7.11 6.75 -3.41
CA VAL A 140 6.03 6.21 -4.22
C VAL A 140 6.61 5.40 -5.38
N VAL A 141 6.50 4.08 -5.26
CA VAL A 141 7.01 3.19 -6.29
C VAL A 141 6.10 3.28 -7.52
N CYS A 142 4.82 3.08 -7.29
CA CYS A 142 3.84 3.13 -8.36
C CYS A 142 2.48 3.48 -7.76
N GLY A 143 2.04 4.70 -8.04
CA GLY A 143 0.77 5.17 -7.54
C GLY A 143 -0.22 5.40 -8.68
N GLY A 144 -1.48 5.58 -8.31
CA GLY A 144 -2.53 5.82 -9.29
C GLY A 144 -2.96 4.50 -9.95
N VAL A 145 -2.68 3.41 -9.25
CA VAL A 145 -3.04 2.09 -9.76
C VAL A 145 -4.41 1.69 -9.22
N SER A 146 -5.37 2.56 -9.44
CA SER A 146 -6.73 2.31 -8.98
C SER A 146 -7.10 0.84 -9.19
N THR A 147 -7.35 0.15 -8.08
CA THR A 147 -7.70 -1.26 -8.15
C THR A 147 -9.20 -1.42 -8.41
N ALA A 148 -9.92 -1.74 -7.35
CA ALA A 148 -11.36 -1.92 -7.44
C ALA A 148 -12.07 -0.66 -6.93
N ASN A 149 -12.13 -0.56 -5.61
CA ASN A 149 -12.77 0.58 -4.98
C ASN A 149 -11.77 1.27 -4.04
N ALA A 150 -10.57 1.44 -4.54
CA ALA A 150 -9.52 2.08 -3.76
C ALA A 150 -8.25 2.20 -4.61
N THR A 151 -7.64 3.37 -4.53
CA THR A 151 -6.43 3.62 -5.28
C THR A 151 -5.27 2.78 -4.74
N VAL A 152 -4.15 2.81 -5.45
CA VAL A 152 -2.98 2.06 -5.05
C VAL A 152 -1.74 2.95 -5.18
N TYR A 153 -0.99 3.03 -4.09
CA TYR A 153 0.22 3.84 -4.06
C TYR A 153 1.37 3.08 -3.38
N MET A 154 2.00 2.21 -4.16
CA MET A 154 3.12 1.43 -3.65
C MET A 154 4.25 2.34 -3.18
N ILE A 155 4.93 1.88 -2.13
CA ILE A 155 6.03 2.64 -1.57
C ILE A 155 7.20 1.69 -1.28
N ASP A 156 8.27 2.27 -0.75
CA ASP A 156 9.46 1.49 -0.42
C ASP A 156 9.66 1.49 1.09
N SER A 157 8.59 1.85 1.80
CA SER A 157 8.64 1.90 3.25
C SER A 157 7.33 1.37 3.84
N VAL A 158 7.47 0.64 4.94
CA VAL A 158 6.30 0.07 5.61
C VAL A 158 5.56 1.18 6.35
N LEU A 159 5.89 2.41 6.00
CA LEU A 159 5.26 3.56 6.63
C LEU A 159 5.04 3.27 8.12
N MET A 160 4.29 4.15 8.76
CA MET A 160 3.99 4.00 10.17
C MET A 160 3.25 5.23 10.71
N PRO A 161 2.24 4.94 11.59
CA PRO A 161 1.45 6.01 12.18
C PRO A 161 2.24 6.75 13.26
N PRO A 162 2.03 8.08 13.33
CA PRO A 162 2.71 8.90 14.30
C PRO A 162 2.11 8.72 15.70
N ALA A 163 2.32 7.53 16.23
CA ALA A 163 1.80 7.20 17.55
C ALA A 163 2.80 6.27 18.27
N GLY A 1 -0.37 9.63 -21.20
CA GLY A 1 0.12 9.79 -19.85
C GLY A 1 0.06 8.46 -19.09
N ASP A 2 1.21 7.79 -19.03
CA ASP A 2 1.30 6.52 -18.34
C ASP A 2 1.13 6.74 -16.83
N LEU A 3 1.16 5.65 -16.10
CA LEU A 3 1.02 5.72 -14.65
C LEU A 3 2.11 6.60 -14.07
N VAL A 4 2.16 6.65 -12.75
CA VAL A 4 3.16 7.45 -12.06
C VAL A 4 4.12 6.54 -11.30
N GLY A 5 5.15 7.14 -10.75
CA GLY A 5 6.14 6.40 -9.99
C GLY A 5 7.19 5.76 -10.92
N PRO A 6 8.38 5.50 -10.34
CA PRO A 6 9.46 4.89 -11.10
C PRO A 6 9.20 3.41 -11.33
N GLY A 7 9.23 2.65 -10.24
CA GLY A 7 9.00 1.22 -10.30
C GLY A 7 7.81 0.90 -11.22
N CYS A 8 6.82 1.77 -11.17
CA CYS A 8 5.62 1.58 -11.98
C CYS A 8 6.07 1.20 -13.40
N ALA A 9 7.26 1.66 -13.76
CA ALA A 9 7.80 1.37 -15.07
C ALA A 9 8.39 -0.05 -15.07
N GLU A 10 9.55 -0.18 -14.45
CA GLU A 10 10.22 -1.46 -14.38
C GLU A 10 9.22 -2.55 -14.01
N TYR A 11 8.48 -2.31 -12.94
CA TYR A 11 7.49 -3.26 -12.48
C TYR A 11 6.78 -3.93 -13.66
N ALA A 12 6.02 -3.12 -14.39
CA ALA A 12 5.28 -3.62 -15.54
C ALA A 12 6.18 -4.58 -16.33
N ALA A 13 7.34 -4.09 -16.71
CA ALA A 13 8.29 -4.89 -17.47
C ALA A 13 8.33 -6.31 -16.88
N ALA A 14 8.27 -6.37 -15.56
CA ALA A 14 8.30 -7.64 -14.86
C ALA A 14 6.89 -8.25 -14.87
N ASN A 15 5.92 -7.43 -14.53
CA ASN A 15 4.54 -7.87 -14.49
C ASN A 15 3.68 -6.92 -15.33
N PRO A 16 3.72 -7.15 -16.68
CA PRO A 16 2.96 -6.32 -17.59
C PRO A 16 1.47 -6.69 -17.55
N THR A 17 1.19 -7.96 -17.83
CA THR A 17 -0.18 -8.44 -17.82
C THR A 17 -0.32 -9.60 -16.83
N GLY A 18 -1.50 -9.68 -16.24
CA GLY A 18 -1.79 -10.73 -15.28
C GLY A 18 -2.49 -10.16 -14.04
N PRO A 19 -2.44 -10.97 -12.94
CA PRO A 19 -3.06 -10.56 -11.69
C PRO A 19 -2.23 -9.48 -11.00
N ALA A 20 -0.92 -9.69 -11.00
CA ALA A 20 -0.01 -8.74 -10.37
C ALA A 20 0.23 -7.57 -11.32
N SER A 21 -0.86 -6.96 -11.75
CA SER A 21 -0.78 -5.82 -12.66
C SER A 21 -1.71 -4.70 -12.17
N VAL A 22 -1.57 -3.55 -12.82
CA VAL A 22 -2.38 -2.40 -12.46
C VAL A 22 -3.84 -2.69 -12.78
N GLN A 23 -4.04 -3.40 -13.88
CA GLN A 23 -5.38 -3.76 -14.31
C GLN A 23 -5.84 -5.04 -13.63
N GLY A 24 -4.91 -5.98 -13.50
CA GLY A 24 -5.19 -7.25 -12.87
C GLY A 24 -5.83 -7.04 -11.49
N MET A 25 -5.28 -6.08 -10.76
CA MET A 25 -5.77 -5.78 -9.43
C MET A 25 -7.08 -4.98 -9.51
N SER A 26 -7.30 -4.36 -10.66
CA SER A 26 -8.50 -3.58 -10.87
C SER A 26 -9.72 -4.49 -11.03
N GLN A 27 -9.43 -5.78 -11.20
CA GLN A 27 -10.48 -6.78 -11.35
C GLN A 27 -10.75 -7.47 -10.02
N ASP A 28 -10.29 -6.84 -8.95
CA ASP A 28 -10.48 -7.39 -7.61
C ASP A 28 -10.51 -6.25 -6.60
N PRO A 29 -10.91 -6.61 -5.35
CA PRO A 29 -10.99 -5.63 -4.28
C PRO A 29 -9.60 -5.26 -3.77
N VAL A 30 -9.42 -3.97 -3.55
CA VAL A 30 -8.15 -3.46 -3.06
C VAL A 30 -7.37 -4.61 -2.40
N ALA A 31 -8.02 -5.26 -1.46
CA ALA A 31 -7.41 -6.37 -0.75
C ALA A 31 -6.68 -7.27 -1.76
N VAL A 32 -7.42 -8.23 -2.29
CA VAL A 32 -6.86 -9.16 -3.26
C VAL A 32 -6.06 -8.38 -4.30
N ALA A 33 -6.55 -7.19 -4.61
CA ALA A 33 -5.88 -6.33 -5.57
C ALA A 33 -4.39 -6.24 -5.23
N ALA A 34 -4.10 -6.40 -3.96
CA ALA A 34 -2.73 -6.35 -3.49
C ALA A 34 -2.20 -7.76 -3.28
N SER A 35 -3.13 -8.67 -3.03
CA SER A 35 -2.78 -10.07 -2.82
C SER A 35 -2.14 -10.65 -4.08
N ASN A 36 -2.24 -9.89 -5.16
CA ASN A 36 -1.68 -10.33 -6.43
C ASN A 36 -0.25 -9.79 -6.55
N ASN A 37 -0.09 -8.54 -6.16
CA ASN A 37 1.16 -7.84 -6.40
C ASN A 37 2.29 -8.51 -5.62
N PRO A 38 3.43 -8.73 -6.33
CA PRO A 38 4.58 -9.36 -5.70
C PRO A 38 5.30 -8.39 -4.76
N GLU A 39 4.70 -7.22 -4.60
CA GLU A 39 5.27 -6.22 -3.72
C GLU A 39 4.28 -5.84 -2.62
N LEU A 40 3.08 -6.41 -2.72
CA LEU A 40 2.04 -6.14 -1.75
C LEU A 40 1.71 -7.43 -1.00
N THR A 41 1.83 -8.55 -1.72
CA THR A 41 1.55 -9.85 -1.13
C THR A 41 1.99 -9.87 0.34
N THR A 42 3.10 -9.20 0.60
CA THR A 42 3.64 -9.16 1.95
C THR A 42 2.72 -8.34 2.86
N LEU A 43 2.42 -7.12 2.42
CA LEU A 43 1.55 -6.25 3.18
C LEU A 43 0.18 -6.91 3.34
N THR A 44 -0.37 -7.33 2.22
CA THR A 44 -1.68 -7.98 2.22
C THR A 44 -1.73 -9.06 3.29
N ALA A 45 -0.71 -9.91 3.28
CA ALA A 45 -0.63 -11.00 4.24
C ALA A 45 -0.89 -10.45 5.65
N ALA A 46 -0.38 -9.24 5.88
CA ALA A 46 -0.54 -8.60 7.17
C ALA A 46 -2.01 -8.27 7.39
N LEU A 47 -2.49 -7.30 6.62
CA LEU A 47 -3.88 -6.89 6.74
C LEU A 47 -4.77 -8.13 6.78
N SER A 48 -4.72 -8.90 5.70
CA SER A 48 -5.52 -10.10 5.60
C SER A 48 -5.44 -10.89 6.91
N GLY A 49 -4.25 -11.44 7.17
CA GLY A 49 -4.04 -12.21 8.37
C GLY A 49 -2.90 -13.21 8.18
N GLN A 50 -2.64 -13.53 6.93
CA GLN A 50 -1.59 -14.48 6.59
C GLN A 50 -0.38 -14.27 7.50
N LEU A 51 -0.09 -13.00 7.76
CA LEU A 51 1.04 -12.65 8.62
C LEU A 51 0.60 -12.74 10.08
N ASN A 52 -0.44 -11.99 10.40
CA ASN A 52 -0.96 -11.98 11.75
C ASN A 52 -2.37 -12.60 11.77
N PRO A 53 -2.47 -13.77 12.45
CA PRO A 53 -3.73 -14.47 12.54
C PRO A 53 -4.67 -13.79 13.53
N GLN A 54 -4.27 -12.59 13.94
CA GLN A 54 -5.07 -11.82 14.88
C GLN A 54 -5.48 -10.48 14.24
N VAL A 55 -5.23 -10.38 12.95
CA VAL A 55 -5.57 -9.16 12.22
C VAL A 55 -6.36 -9.54 10.96
N ASN A 56 -7.16 -8.60 10.49
CA ASN A 56 -7.97 -8.82 9.32
C ASN A 56 -8.59 -7.49 8.87
N LEU A 57 -8.00 -6.91 7.83
CA LEU A 57 -8.47 -5.65 7.29
C LEU A 57 -9.11 -5.88 5.92
N VAL A 58 -8.64 -6.93 5.26
CA VAL A 58 -9.15 -7.27 3.94
C VAL A 58 -10.63 -6.89 3.86
N ASP A 59 -11.43 -7.51 4.72
CA ASP A 59 -12.85 -7.25 4.75
C ASP A 59 -13.08 -5.74 4.64
N THR A 60 -12.45 -5.01 5.54
CA THR A 60 -12.58 -3.56 5.55
C THR A 60 -12.03 -2.96 4.26
N LEU A 61 -10.72 -3.14 4.07
CA LEU A 61 -10.06 -2.62 2.88
C LEU A 61 -11.03 -2.68 1.71
N ASN A 62 -11.79 -3.76 1.65
CA ASN A 62 -12.77 -3.94 0.58
C ASN A 62 -14.12 -3.43 1.05
N SER A 63 -14.15 -2.15 1.41
CA SER A 63 -15.39 -1.53 1.88
C SER A 63 -15.67 -0.27 1.05
N GLY A 64 -15.20 0.85 1.56
CA GLY A 64 -15.39 2.12 0.89
C GLY A 64 -14.16 2.52 0.08
N GLN A 65 -14.32 3.58 -0.71
CA GLN A 65 -13.22 4.06 -1.53
C GLN A 65 -11.99 4.35 -0.66
N TYR A 66 -11.00 3.47 -0.79
CA TYR A 66 -9.77 3.62 -0.04
C TYR A 66 -8.59 3.96 -0.96
N THR A 67 -7.43 4.09 -0.35
CA THR A 67 -6.23 4.41 -1.10
C THR A 67 -5.01 3.71 -0.49
N VAL A 68 -4.80 2.48 -0.92
CA VAL A 68 -3.68 1.71 -0.42
C VAL A 68 -2.39 2.50 -0.60
N PHE A 69 -1.60 2.55 0.47
CA PHE A 69 -0.34 3.27 0.44
C PHE A 69 0.83 2.33 0.73
N ALA A 70 1.08 1.43 -0.21
CA ALA A 70 1.40 0.06 0.13
C ALA A 70 2.93 -0.10 0.17
N PRO A 71 3.40 -0.66 1.32
CA PRO A 71 4.84 -0.88 1.50
C PRO A 71 5.32 -2.08 0.69
N THR A 72 6.14 -1.78 -0.31
CA THR A 72 6.68 -2.82 -1.16
C THR A 72 7.31 -3.93 -0.34
N ASN A 73 7.63 -5.03 -1.01
CA ASN A 73 8.24 -6.16 -0.34
C ASN A 73 9.63 -5.76 0.17
N ALA A 74 10.18 -4.72 -0.45
CA ALA A 74 11.50 -4.23 -0.07
C ALA A 74 11.35 -3.26 1.10
N ALA A 75 10.13 -2.79 1.30
CA ALA A 75 9.85 -1.86 2.37
C ALA A 75 9.84 -2.61 3.71
N PHE A 76 9.18 -3.76 3.69
CA PHE A 76 9.09 -4.57 4.90
C PHE A 76 10.45 -5.18 5.25
N SER A 77 11.16 -5.60 4.21
CA SER A 77 12.47 -6.20 4.39
C SER A 77 13.34 -5.29 5.26
N LYS A 78 13.42 -4.03 4.85
CA LYS A 78 14.21 -3.06 5.57
C LYS A 78 14.07 -3.30 7.08
N LEU A 79 12.83 -3.27 7.53
CA LEU A 79 12.54 -3.49 8.95
C LEU A 79 13.29 -4.72 9.43
N PRO A 80 13.67 -4.70 10.74
CA PRO A 80 14.39 -5.81 11.33
C PRO A 80 13.47 -7.01 11.58
N ALA A 81 13.97 -8.19 11.29
CA ALA A 81 13.20 -9.41 11.48
C ALA A 81 12.42 -9.30 12.78
N SER A 82 13.12 -8.92 13.83
CA SER A 82 12.50 -8.78 15.14
C SER A 82 11.16 -8.04 15.02
N THR A 83 11.20 -6.94 14.27
CA THR A 83 10.01 -6.14 14.07
C THR A 83 8.94 -6.95 13.32
N ILE A 84 9.38 -7.56 12.22
CA ILE A 84 8.48 -8.37 11.42
C ILE A 84 7.92 -9.51 12.27
N ASP A 85 8.82 -10.30 12.81
CA ASP A 85 8.43 -11.42 13.65
C ASP A 85 7.43 -10.95 14.70
N GLU A 86 7.49 -9.66 15.00
CA GLU A 86 6.61 -9.07 15.98
C GLU A 86 5.23 -8.83 15.37
N LEU A 87 5.23 -8.28 14.16
CA LEU A 87 3.99 -8.00 13.47
C LEU A 87 3.26 -9.32 13.17
N LYS A 88 3.98 -10.41 13.39
CA LYS A 88 3.42 -11.74 13.17
C LYS A 88 2.78 -12.24 14.46
N THR A 89 2.33 -11.30 15.27
CA THR A 89 1.70 -11.64 16.54
C THR A 89 0.91 -10.46 17.08
N ASN A 90 1.45 -9.27 16.84
CA ASN A 90 0.80 -8.05 17.30
C ASN A 90 -0.53 -7.88 16.57
N SER A 91 -1.36 -6.99 17.11
CA SER A 91 -2.65 -6.73 16.52
C SER A 91 -3.13 -5.32 16.91
N SER A 92 -2.16 -4.47 17.24
CA SER A 92 -2.46 -3.11 17.63
C SER A 92 -1.38 -2.17 17.07
N LEU A 93 -0.13 -2.55 17.27
CA LEU A 93 0.99 -1.77 16.81
C LEU A 93 1.17 -1.99 15.30
N LEU A 94 0.80 -3.18 14.86
CA LEU A 94 0.92 -3.54 13.45
C LEU A 94 -0.29 -3.00 12.70
N THR A 95 -1.46 -3.18 13.31
CA THR A 95 -2.69 -2.73 12.70
C THR A 95 -2.58 -1.27 12.28
N SER A 96 -2.06 -0.46 13.20
CA SER A 96 -1.88 0.96 12.94
C SER A 96 -1.13 1.17 11.62
N ILE A 97 -0.12 0.34 11.42
CA ILE A 97 0.68 0.42 10.21
C ILE A 97 -0.19 0.10 9.00
N LEU A 98 -0.74 -1.10 9.00
CA LEU A 98 -1.61 -1.54 7.91
C LEU A 98 -2.63 -0.44 7.61
N THR A 99 -3.42 -0.11 8.63
CA THR A 99 -4.43 0.92 8.48
C THR A 99 -3.82 2.21 7.93
N TYR A 100 -2.73 2.61 8.55
CA TYR A 100 -2.03 3.82 8.12
C TYR A 100 -1.55 3.71 6.68
N HIS A 101 -1.52 2.46 6.21
CA HIS A 101 -1.08 2.20 4.85
C HIS A 101 -2.28 2.21 3.91
N VAL A 102 -3.33 2.89 4.35
CA VAL A 102 -4.54 2.98 3.56
C VAL A 102 -5.34 4.22 4.00
N VAL A 103 -5.63 5.07 3.02
CA VAL A 103 -6.37 6.29 3.28
C VAL A 103 -7.80 6.14 2.76
N ALA A 104 -8.74 6.61 3.55
CA ALA A 104 -10.14 6.53 3.18
C ALA A 104 -10.48 7.65 2.21
N GLY A 105 -10.61 7.28 0.94
CA GLY A 105 -10.92 8.25 -0.09
C GLY A 105 -10.02 8.05 -1.32
N GLN A 106 -10.63 7.64 -2.41
CA GLN A 106 -9.90 7.42 -3.64
C GLN A 106 -9.47 8.75 -4.25
N THR A 107 -8.25 8.77 -4.78
CA THR A 107 -7.71 9.96 -5.39
C THR A 107 -6.61 9.59 -6.40
N SER A 108 -6.16 10.60 -7.13
CA SER A 108 -5.12 10.41 -8.12
C SER A 108 -3.79 10.92 -7.59
N PRO A 109 -2.69 10.51 -8.28
CA PRO A 109 -1.35 10.93 -7.88
C PRO A 109 -1.09 12.38 -8.28
N ALA A 110 -2.02 13.24 -7.89
CA ALA A 110 -1.90 14.66 -8.19
C ALA A 110 -2.27 15.48 -6.95
N ASN A 111 -3.36 15.09 -6.33
CA ASN A 111 -3.82 15.78 -5.13
C ASN A 111 -3.39 14.98 -3.90
N VAL A 112 -3.30 13.68 -4.07
CA VAL A 112 -2.90 12.79 -2.99
C VAL A 112 -1.72 13.41 -2.24
N VAL A 113 -0.94 14.19 -2.98
CA VAL A 113 0.23 14.86 -2.41
C VAL A 113 -0.21 15.67 -1.19
N GLY A 114 0.78 15.99 -0.36
CA GLY A 114 0.51 16.77 0.84
C GLY A 114 -0.01 15.89 1.96
N THR A 115 -0.46 16.53 3.02
CA THR A 115 -1.00 15.82 4.18
C THR A 115 -2.29 15.09 3.79
N ARG A 116 -2.35 13.82 4.18
CA ARG A 116 -3.51 13.00 3.88
C ARG A 116 -3.86 12.12 5.09
N GLN A 117 -5.06 12.36 5.62
CA GLN A 117 -5.53 11.60 6.76
C GLN A 117 -5.79 10.15 6.37
N THR A 118 -5.01 9.26 6.96
CA THR A 118 -5.15 7.84 6.68
C THR A 118 -6.41 7.28 7.36
N LEU A 119 -6.80 6.09 6.91
CA LEU A 119 -7.99 5.45 7.45
C LEU A 119 -7.74 5.11 8.93
N GLN A 120 -6.46 4.95 9.26
CA GLN A 120 -6.09 4.62 10.63
C GLN A 120 -6.42 5.78 11.56
N GLY A 121 -6.55 6.96 10.98
CA GLY A 121 -6.86 8.15 11.74
C GLY A 121 -5.71 9.16 11.71
N ALA A 122 -4.50 8.61 11.63
CA ALA A 122 -3.31 9.45 11.59
C ALA A 122 -3.26 10.18 10.25
N SER A 123 -2.14 10.86 10.03
CA SER A 123 -1.94 11.61 8.81
C SER A 123 -0.66 11.15 8.11
N VAL A 124 -0.69 11.21 6.78
CA VAL A 124 0.45 10.81 5.99
C VAL A 124 0.92 11.98 5.13
N THR A 125 2.14 12.42 5.39
CA THR A 125 2.71 13.54 4.65
C THR A 125 3.10 13.09 3.24
N VAL A 126 2.09 13.05 2.37
CA VAL A 126 2.31 12.65 0.99
C VAL A 126 3.15 13.71 0.28
N THR A 127 3.98 13.25 -0.65
CA THR A 127 4.82 14.15 -1.40
C THR A 127 4.92 13.70 -2.87
N GLY A 128 5.61 14.51 -3.66
CA GLY A 128 5.79 14.21 -5.07
C GLY A 128 6.44 15.38 -5.81
N GLN A 129 7.10 15.05 -6.90
CA GLN A 129 7.77 16.06 -7.70
C GLN A 129 7.42 15.89 -9.18
N GLY A 130 7.53 14.65 -9.64
CA GLY A 130 7.23 14.33 -11.03
C GLY A 130 7.59 12.89 -11.36
N ASN A 131 8.85 12.69 -11.73
CA ASN A 131 9.33 11.36 -12.07
C ASN A 131 9.84 10.67 -10.80
N SER A 132 9.06 10.81 -9.73
CA SER A 132 9.42 10.21 -8.47
C SER A 132 8.52 10.74 -7.35
N LEU A 133 7.47 10.00 -7.08
CA LEU A 133 6.52 10.39 -6.04
C LEU A 133 7.06 9.96 -4.67
N LYS A 134 6.57 10.63 -3.65
CA LYS A 134 6.98 10.34 -2.29
C LYS A 134 5.76 10.31 -1.37
N VAL A 135 5.92 9.66 -0.24
CA VAL A 135 4.85 9.55 0.74
C VAL A 135 5.44 9.34 2.13
N GLY A 136 5.10 10.26 3.02
CA GLY A 136 5.59 10.19 4.40
C GLY A 136 7.02 9.66 4.44
N ASN A 137 7.88 10.30 3.66
CA ASN A 137 9.28 9.90 3.60
C ASN A 137 9.45 8.80 2.55
N ALA A 138 8.56 7.82 2.62
CA ALA A 138 8.59 6.71 1.68
C ALA A 138 8.77 7.25 0.26
N ASP A 139 8.98 6.33 -0.66
CA ASP A 139 9.16 6.69 -2.05
C ASP A 139 8.14 5.95 -2.91
N VAL A 140 7.20 6.71 -3.44
CA VAL A 140 6.15 6.15 -4.27
C VAL A 140 6.80 5.38 -5.44
N VAL A 141 6.66 4.06 -5.38
CA VAL A 141 7.22 3.21 -6.41
C VAL A 141 6.28 3.19 -7.63
N CYS A 142 5.02 2.93 -7.35
CA CYS A 142 4.01 2.89 -8.40
C CYS A 142 2.65 3.22 -7.78
N GLY A 143 2.21 4.44 -8.04
CA GLY A 143 0.93 4.90 -7.51
C GLY A 143 -0.09 5.08 -8.64
N GLY A 144 -1.32 5.38 -8.24
CA GLY A 144 -2.38 5.59 -9.20
C GLY A 144 -2.87 4.26 -9.77
N VAL A 145 -2.54 3.18 -9.07
CA VAL A 145 -2.93 1.85 -9.50
C VAL A 145 -4.32 1.53 -8.96
N SER A 146 -5.29 2.30 -9.43
CA SER A 146 -6.67 2.11 -9.00
C SER A 146 -7.07 0.64 -9.14
N THR A 147 -7.53 0.07 -8.04
CA THR A 147 -7.94 -1.32 -8.03
C THR A 147 -9.42 -1.44 -8.37
N ALA A 148 -10.21 -1.77 -7.37
CA ALA A 148 -11.64 -1.93 -7.55
C ALA A 148 -12.36 -0.76 -6.87
N ASN A 149 -12.22 -0.70 -5.56
CA ASN A 149 -12.86 0.35 -4.78
C ASN A 149 -11.80 1.05 -3.92
N ALA A 150 -10.62 1.22 -4.50
CA ALA A 150 -9.53 1.86 -3.79
C ALA A 150 -8.34 2.01 -4.74
N THR A 151 -7.37 2.80 -4.30
CA THR A 151 -6.18 3.03 -5.11
C THR A 151 -4.99 2.24 -4.53
N VAL A 152 -3.86 2.39 -5.21
CA VAL A 152 -2.65 1.68 -4.78
C VAL A 152 -1.44 2.59 -5.01
N TYR A 153 -0.64 2.73 -3.96
CA TYR A 153 0.55 3.57 -4.03
C TYR A 153 1.73 2.88 -3.34
N MET A 154 2.43 2.06 -4.11
CA MET A 154 3.58 1.34 -3.59
C MET A 154 4.65 2.32 -3.08
N ILE A 155 5.33 1.90 -2.02
CA ILE A 155 6.37 2.74 -1.43
C ILE A 155 7.55 1.85 -1.05
N ASP A 156 8.65 2.51 -0.68
CA ASP A 156 9.86 1.79 -0.30
C ASP A 156 10.10 2.00 1.20
N SER A 157 9.04 1.83 1.98
CA SER A 157 9.13 2.00 3.42
C SER A 157 7.82 1.56 4.07
N VAL A 158 7.97 0.94 5.25
CA VAL A 158 6.81 0.47 5.98
C VAL A 158 6.15 1.65 6.70
N LEU A 159 5.55 2.53 5.90
CA LEU A 159 4.88 3.70 6.43
C LEU A 159 4.29 3.36 7.80
N MET A 160 4.60 4.22 8.77
CA MET A 160 4.11 4.02 10.13
C MET A 160 3.31 5.24 10.61
N PRO A 161 2.30 4.96 11.48
CA PRO A 161 1.46 6.01 12.01
C PRO A 161 2.21 6.83 13.08
N PRO A 162 2.22 8.17 12.89
CA PRO A 162 2.89 9.05 13.82
C PRO A 162 2.08 9.21 15.10
N ALA A 163 1.88 8.09 15.78
CA ALA A 163 1.12 8.09 17.02
C ALA A 163 2.07 7.83 18.19
N GLY A 1 0.17 3.35 -20.57
CA GLY A 1 0.19 3.49 -19.12
C GLY A 1 0.68 4.88 -18.72
N ASP A 2 -0.15 5.57 -17.95
CA ASP A 2 0.18 6.90 -17.47
C ASP A 2 0.11 6.94 -15.94
N LEU A 3 0.96 6.14 -15.32
CA LEU A 3 1.02 6.07 -13.88
C LEU A 3 2.12 6.99 -13.36
N VAL A 4 2.37 6.90 -12.06
CA VAL A 4 3.40 7.70 -11.43
C VAL A 4 4.29 6.82 -10.58
N GLY A 5 5.60 7.06 -10.69
CA GLY A 5 6.57 6.32 -9.89
C GLY A 5 7.62 5.67 -10.79
N PRO A 6 8.81 5.40 -10.19
CA PRO A 6 9.90 4.79 -10.91
C PRO A 6 9.64 3.29 -11.12
N GLY A 7 9.55 2.58 -10.00
CA GLY A 7 9.30 1.15 -10.04
C GLY A 7 8.16 0.81 -11.01
N CYS A 8 7.16 1.69 -11.01
CA CYS A 8 6.01 1.50 -11.87
C CYS A 8 6.51 1.07 -13.26
N ALA A 9 7.71 1.53 -13.58
CA ALA A 9 8.30 1.20 -14.87
C ALA A 9 8.62 -0.29 -14.91
N GLU A 10 9.69 -0.65 -14.21
CA GLU A 10 10.11 -2.04 -14.16
C GLU A 10 8.95 -2.94 -13.74
N TYR A 11 8.33 -2.57 -12.62
CA TYR A 11 7.21 -3.33 -12.10
C TYR A 11 6.31 -3.82 -13.23
N ALA A 12 5.87 -2.87 -14.06
CA ALA A 12 5.00 -3.19 -15.18
C ALA A 12 5.75 -4.10 -16.15
N ALA A 13 7.00 -3.75 -16.40
CA ALA A 13 7.84 -4.53 -17.31
C ALA A 13 7.93 -5.97 -16.79
N ALA A 14 7.98 -6.09 -15.47
CA ALA A 14 8.08 -7.40 -14.85
C ALA A 14 6.70 -8.03 -14.80
N ASN A 15 5.71 -7.23 -14.43
CA ASN A 15 4.34 -7.71 -14.35
C ASN A 15 3.45 -6.84 -15.23
N PRO A 16 3.55 -7.09 -16.57
CA PRO A 16 2.75 -6.34 -17.53
C PRO A 16 1.30 -6.80 -17.51
N THR A 17 1.11 -8.07 -17.81
CA THR A 17 -0.23 -8.64 -17.82
C THR A 17 -0.38 -9.71 -16.73
N GLY A 18 -1.62 -9.91 -16.32
CA GLY A 18 -1.91 -10.89 -15.28
C GLY A 18 -2.67 -10.26 -14.12
N PRO A 19 -2.73 -11.02 -12.99
CA PRO A 19 -3.44 -10.54 -11.81
C PRO A 19 -2.62 -9.47 -11.09
N ALA A 20 -1.31 -9.54 -11.27
CA ALA A 20 -0.40 -8.59 -10.65
C ALA A 20 -0.21 -7.40 -11.57
N SER A 21 -1.32 -6.95 -12.15
CA SER A 21 -1.28 -5.81 -13.05
C SER A 21 -2.16 -4.68 -12.50
N VAL A 22 -2.08 -3.54 -13.18
CA VAL A 22 -2.86 -2.38 -12.77
C VAL A 22 -4.35 -2.65 -13.01
N GLN A 23 -4.62 -3.31 -14.13
CA GLN A 23 -6.00 -3.64 -14.48
C GLN A 23 -6.38 -5.00 -13.89
N GLY A 24 -5.41 -5.90 -13.89
CA GLY A 24 -5.63 -7.24 -13.36
C GLY A 24 -6.01 -7.19 -11.89
N MET A 25 -5.37 -6.28 -11.17
CA MET A 25 -5.63 -6.12 -9.75
C MET A 25 -6.93 -5.35 -9.52
N SER A 26 -7.41 -4.72 -10.58
CA SER A 26 -8.63 -3.94 -10.50
C SER A 26 -9.81 -4.85 -10.13
N GLN A 27 -10.09 -5.79 -11.03
CA GLN A 27 -11.19 -6.72 -10.81
C GLN A 27 -11.25 -7.12 -9.33
N ASP A 28 -10.08 -7.13 -8.69
CA ASP A 28 -9.99 -7.49 -7.29
C ASP A 28 -10.26 -6.25 -6.43
N PRO A 29 -10.97 -6.49 -5.30
CA PRO A 29 -11.31 -5.41 -4.39
C PRO A 29 -10.08 -4.98 -3.57
N VAL A 30 -9.49 -3.87 -3.99
CA VAL A 30 -8.32 -3.34 -3.31
C VAL A 30 -7.53 -4.50 -2.70
N ALA A 31 -7.65 -4.63 -1.38
CA ALA A 31 -6.96 -5.68 -0.67
C ALA A 31 -6.58 -6.79 -1.65
N VAL A 32 -7.53 -7.67 -1.90
CA VAL A 32 -7.31 -8.77 -2.81
C VAL A 32 -6.25 -8.38 -3.84
N ALA A 33 -6.51 -7.26 -4.51
CA ALA A 33 -5.60 -6.76 -5.52
C ALA A 33 -4.16 -6.92 -5.02
N ALA A 34 -3.87 -6.25 -3.92
CA ALA A 34 -2.55 -6.31 -3.33
C ALA A 34 -2.14 -7.77 -3.14
N SER A 35 -3.14 -8.62 -2.99
CA SER A 35 -2.91 -10.04 -2.80
C SER A 35 -2.63 -10.71 -4.14
N ASN A 36 -1.79 -10.04 -4.93
CA ASN A 36 -1.42 -10.56 -6.23
C ASN A 36 -0.15 -9.88 -6.71
N ASN A 37 -0.08 -8.58 -6.45
CA ASN A 37 1.12 -7.82 -6.77
C ASN A 37 2.33 -8.49 -6.12
N PRO A 38 3.42 -8.58 -6.91
CA PRO A 38 4.65 -9.20 -6.42
C PRO A 38 5.38 -8.27 -5.45
N GLU A 39 4.74 -7.16 -5.14
CA GLU A 39 5.32 -6.19 -4.23
C GLU A 39 4.32 -5.85 -3.11
N LEU A 40 3.18 -6.53 -3.15
CA LEU A 40 2.15 -6.33 -2.15
C LEU A 40 1.86 -7.64 -1.44
N THR A 41 1.98 -8.72 -2.18
CA THR A 41 1.74 -10.05 -1.64
C THR A 41 2.20 -10.12 -0.18
N THR A 42 3.35 -9.52 0.07
CA THR A 42 3.91 -9.51 1.41
C THR A 42 2.98 -8.75 2.37
N LEU A 43 2.67 -7.52 1.98
CA LEU A 43 1.79 -6.68 2.80
C LEU A 43 0.44 -7.36 2.94
N THR A 44 -0.04 -7.91 1.83
CA THR A 44 -1.33 -8.59 1.82
C THR A 44 -1.41 -9.58 2.98
N ALA A 45 -0.50 -10.55 2.95
CA ALA A 45 -0.46 -11.57 3.99
C ALA A 45 -0.76 -10.92 5.34
N ALA A 46 -0.29 -9.69 5.50
CA ALA A 46 -0.50 -8.96 6.73
C ALA A 46 -1.98 -8.63 6.88
N LEU A 47 -2.44 -7.68 6.06
CA LEU A 47 -3.83 -7.28 6.08
C LEU A 47 -4.72 -8.51 6.17
N SER A 48 -4.64 -9.34 5.14
CA SER A 48 -5.42 -10.56 5.08
C SER A 48 -5.45 -11.22 6.46
N GLY A 49 -4.30 -11.74 6.85
CA GLY A 49 -4.17 -12.41 8.13
C GLY A 49 -3.13 -13.53 8.08
N GLN A 50 -2.81 -13.93 6.86
CA GLN A 50 -1.84 -14.99 6.65
C GLN A 50 -0.55 -14.68 7.42
N LEU A 51 -0.40 -13.41 7.77
CA LEU A 51 0.78 -12.98 8.51
C LEU A 51 0.39 -12.69 9.96
N ASN A 52 -0.79 -12.11 10.12
CA ASN A 52 -1.28 -11.78 11.44
C ASN A 52 -2.70 -12.33 11.61
N PRO A 53 -2.81 -13.44 12.38
CA PRO A 53 -4.10 -14.07 12.62
C PRO A 53 -4.93 -13.26 13.61
N GLN A 54 -4.35 -12.15 14.05
CA GLN A 54 -5.04 -11.27 14.99
C GLN A 54 -5.46 -9.98 14.30
N VAL A 55 -5.09 -9.87 13.03
CA VAL A 55 -5.43 -8.70 12.24
C VAL A 55 -6.33 -9.10 11.07
N ASN A 56 -6.77 -8.10 10.33
CA ASN A 56 -7.62 -8.34 9.18
C ASN A 56 -8.08 -7.00 8.60
N LEU A 57 -7.40 -6.59 7.54
CA LEU A 57 -7.72 -5.34 6.88
C LEU A 57 -8.60 -5.61 5.66
N VAL A 58 -8.14 -6.53 4.84
CA VAL A 58 -8.87 -6.89 3.64
C VAL A 58 -10.30 -6.37 3.73
N ASP A 59 -11.12 -7.10 4.48
CA ASP A 59 -12.51 -6.70 4.66
C ASP A 59 -12.60 -5.18 4.75
N THR A 60 -11.91 -4.64 5.75
CA THR A 60 -11.91 -3.20 5.96
C THR A 60 -11.54 -2.47 4.66
N LEU A 61 -10.52 -3.00 4.00
CA LEU A 61 -10.05 -2.41 2.75
C LEU A 61 -11.18 -2.45 1.72
N ASN A 62 -12.00 -3.50 1.82
CA ASN A 62 -13.12 -3.68 0.92
C ASN A 62 -14.34 -2.93 1.47
N SER A 63 -14.06 -1.82 2.14
CA SER A 63 -15.12 -1.01 2.71
C SER A 63 -15.58 0.04 1.71
N GLY A 64 -14.98 1.21 1.81
CA GLY A 64 -15.32 2.31 0.91
C GLY A 64 -14.09 2.78 0.14
N GLN A 65 -14.29 3.85 -0.63
CA GLN A 65 -13.21 4.41 -1.43
C GLN A 65 -11.94 4.54 -0.59
N TYR A 66 -10.99 3.66 -0.86
CA TYR A 66 -9.72 3.67 -0.13
C TYR A 66 -8.56 4.01 -1.07
N THR A 67 -7.37 3.97 -0.50
CA THR A 67 -6.17 4.27 -1.26
C THR A 67 -4.94 3.61 -0.62
N VAL A 68 -4.68 2.39 -1.05
CA VAL A 68 -3.55 1.65 -0.53
C VAL A 68 -2.27 2.49 -0.67
N PHE A 69 -1.44 2.43 0.36
CA PHE A 69 -0.20 3.18 0.36
C PHE A 69 0.98 2.28 0.71
N ALA A 70 1.22 1.31 -0.17
CA ALA A 70 1.52 -0.05 0.26
C ALA A 70 3.03 -0.24 0.34
N PRO A 71 3.47 -0.85 1.47
CA PRO A 71 4.90 -1.10 1.68
C PRO A 71 5.37 -2.27 0.83
N THR A 72 6.19 -1.95 -0.16
CA THR A 72 6.72 -2.97 -1.05
C THR A 72 7.51 -4.01 -0.26
N ASN A 73 8.02 -5.01 -0.98
CA ASN A 73 8.79 -6.07 -0.36
C ASN A 73 10.03 -5.46 0.30
N ALA A 74 10.49 -4.35 -0.27
CA ALA A 74 11.67 -3.69 0.24
C ALA A 74 11.28 -2.80 1.43
N ALA A 75 9.97 -2.56 1.53
CA ALA A 75 9.45 -1.73 2.60
C ALA A 75 9.46 -2.53 3.91
N PHE A 76 9.06 -3.78 3.81
CA PHE A 76 9.02 -4.66 4.96
C PHE A 76 10.41 -5.21 5.28
N SER A 77 11.18 -5.44 4.23
CA SER A 77 12.52 -5.97 4.39
C SER A 77 13.38 -4.98 5.20
N LYS A 78 13.07 -3.70 5.02
CA LYS A 78 13.79 -2.66 5.73
C LYS A 78 13.80 -2.98 7.22
N LEU A 79 12.61 -3.16 7.76
CA LEU A 79 12.48 -3.46 9.18
C LEU A 79 13.20 -4.78 9.49
N PRO A 80 13.68 -4.89 10.76
CA PRO A 80 14.39 -6.07 11.19
C PRO A 80 13.41 -7.24 11.41
N ALA A 81 13.91 -8.44 11.14
CA ALA A 81 13.11 -9.64 11.31
C ALA A 81 12.36 -9.56 12.64
N SER A 82 13.11 -9.36 13.70
CA SER A 82 12.53 -9.27 15.03
C SER A 82 11.21 -8.49 14.97
N THR A 83 11.27 -7.32 14.33
CA THR A 83 10.10 -6.48 14.20
C THR A 83 8.99 -7.23 13.45
N ILE A 84 9.36 -7.77 12.29
CA ILE A 84 8.41 -8.50 11.48
C ILE A 84 7.85 -9.68 12.29
N ASP A 85 8.75 -10.50 12.77
CA ASP A 85 8.36 -11.66 13.56
C ASP A 85 7.40 -11.22 14.67
N GLU A 86 7.50 -9.94 15.01
CA GLU A 86 6.65 -9.37 16.04
C GLU A 86 5.27 -9.04 15.48
N LEU A 87 5.27 -8.33 14.36
CA LEU A 87 4.03 -7.94 13.71
C LEU A 87 3.15 -9.18 13.52
N LYS A 88 3.80 -10.25 13.10
CA LYS A 88 3.08 -11.51 12.87
C LYS A 88 2.59 -12.06 14.21
N THR A 89 2.94 -11.35 15.27
CA THR A 89 2.54 -11.76 16.61
C THR A 89 1.96 -10.56 17.37
N ASN A 90 1.72 -9.48 16.64
CA ASN A 90 1.18 -8.29 17.23
C ASN A 90 -0.27 -8.10 16.76
N SER A 91 -0.75 -6.86 16.88
CA SER A 91 -2.10 -6.54 16.48
C SER A 91 -2.47 -5.14 16.95
N SER A 92 -1.85 -4.73 18.06
CA SER A 92 -2.10 -3.42 18.62
C SER A 92 -0.92 -2.50 18.36
N LEU A 93 -0.19 -2.82 17.29
CA LEU A 93 0.96 -2.02 16.91
C LEU A 93 1.16 -2.10 15.39
N LEU A 94 1.05 -3.32 14.88
CA LEU A 94 1.21 -3.54 13.44
C LEU A 94 -0.02 -3.01 12.72
N THR A 95 -1.18 -3.46 13.17
CA THR A 95 -2.44 -3.05 12.57
C THR A 95 -2.39 -1.56 12.20
N SER A 96 -1.90 -0.77 13.15
CA SER A 96 -1.80 0.66 12.94
C SER A 96 -1.04 0.95 11.64
N ILE A 97 0.06 0.23 11.45
CA ILE A 97 0.86 0.40 10.25
C ILE A 97 0.02 0.06 9.02
N LEU A 98 -0.48 -1.17 9.02
CA LEU A 98 -1.30 -1.63 7.91
C LEU A 98 -2.35 -0.56 7.57
N THR A 99 -3.16 -0.24 8.57
CA THR A 99 -4.20 0.76 8.40
C THR A 99 -3.62 2.05 7.84
N TYR A 100 -2.51 2.47 8.42
CA TYR A 100 -1.84 3.68 7.98
C TYR A 100 -1.36 3.55 6.54
N HIS A 101 -1.32 2.32 6.06
CA HIS A 101 -0.89 2.04 4.70
C HIS A 101 -2.10 2.03 3.77
N VAL A 102 -3.18 2.66 4.24
CA VAL A 102 -4.39 2.73 3.46
C VAL A 102 -5.20 3.96 3.88
N VAL A 103 -5.62 4.72 2.88
CA VAL A 103 -6.39 5.93 3.14
C VAL A 103 -7.85 5.68 2.78
N ALA A 104 -8.72 6.54 3.29
CA ALA A 104 -10.14 6.42 3.03
C ALA A 104 -10.65 7.70 2.37
N GLY A 105 -10.83 7.62 1.06
CA GLY A 105 -11.30 8.76 0.30
C GLY A 105 -10.99 8.60 -1.19
N GLN A 106 -9.75 8.23 -1.47
CA GLN A 106 -9.31 8.04 -2.84
C GLN A 106 -9.00 9.39 -3.49
N THR A 107 -7.80 9.48 -4.05
CA THR A 107 -7.38 10.71 -4.71
C THR A 107 -6.19 10.43 -5.63
N SER A 108 -6.35 10.81 -6.89
CA SER A 108 -5.31 10.61 -7.88
C SER A 108 -3.98 11.14 -7.34
N PRO A 109 -2.88 10.77 -8.05
CA PRO A 109 -1.55 11.20 -7.65
C PRO A 109 -1.32 12.67 -8.02
N ALA A 110 -2.29 13.50 -7.64
CA ALA A 110 -2.21 14.92 -7.92
C ALA A 110 -2.59 15.70 -6.67
N ASN A 111 -3.67 15.25 -6.03
CA ASN A 111 -4.16 15.90 -4.83
C ASN A 111 -3.67 15.12 -3.61
N VAL A 112 -3.46 13.82 -3.81
CA VAL A 112 -2.99 12.96 -2.75
C VAL A 112 -1.74 13.57 -2.11
N VAL A 113 -1.10 14.47 -2.86
CA VAL A 113 0.10 15.12 -2.38
C VAL A 113 -0.26 16.06 -1.23
N GLY A 114 0.70 16.25 -0.34
CA GLY A 114 0.50 17.12 0.81
C GLY A 114 0.25 16.30 2.08
N THR A 115 -1.01 16.24 2.46
CA THR A 115 -1.39 15.49 3.65
C THR A 115 -2.64 14.65 3.38
N ARG A 116 -2.46 13.34 3.47
CA ARG A 116 -3.55 12.41 3.23
C ARG A 116 -3.99 11.77 4.55
N GLN A 117 -5.29 11.85 4.80
CA GLN A 117 -5.85 11.28 6.02
C GLN A 117 -6.01 9.77 5.87
N THR A 118 -5.07 9.05 6.47
CA THR A 118 -5.09 7.60 6.42
C THR A 118 -6.36 7.06 7.07
N LEU A 119 -6.74 5.86 6.66
CA LEU A 119 -7.93 5.22 7.20
C LEU A 119 -7.76 5.02 8.71
N GLN A 120 -6.51 4.95 9.12
CA GLN A 120 -6.20 4.76 10.53
C GLN A 120 -6.63 5.98 11.34
N GLY A 121 -6.66 7.12 10.66
CA GLY A 121 -7.05 8.37 11.31
C GLY A 121 -5.90 9.38 11.29
N ALA A 122 -4.69 8.84 11.20
CA ALA A 122 -3.50 9.68 11.18
C ALA A 122 -3.36 10.33 9.79
N SER A 123 -2.30 11.10 9.64
CA SER A 123 -2.04 11.78 8.39
C SER A 123 -0.80 11.19 7.72
N VAL A 124 -0.76 11.30 6.40
CA VAL A 124 0.36 10.78 5.64
C VAL A 124 0.88 11.88 4.71
N THR A 125 2.00 12.47 5.11
CA THR A 125 2.62 13.52 4.32
C THR A 125 3.06 12.99 2.96
N VAL A 126 2.26 13.32 1.95
CA VAL A 126 2.56 12.89 0.59
C VAL A 126 3.30 14.00 -0.15
N THR A 127 4.03 13.60 -1.18
CA THR A 127 4.78 14.55 -1.98
C THR A 127 4.88 14.08 -3.43
N GLY A 128 5.30 14.99 -4.30
CA GLY A 128 5.44 14.68 -5.70
C GLY A 128 6.05 15.86 -6.46
N GLN A 129 6.76 15.52 -7.54
CA GLN A 129 7.41 16.54 -8.36
C GLN A 129 8.14 15.88 -9.53
N GLY A 130 7.77 16.30 -10.73
CA GLY A 130 8.38 15.77 -11.93
C GLY A 130 8.19 14.26 -12.03
N ASN A 131 9.05 13.53 -11.33
CA ASN A 131 8.99 12.09 -11.33
C ASN A 131 9.43 11.56 -9.96
N SER A 132 8.94 10.38 -9.62
CA SER A 132 9.28 9.76 -8.35
C SER A 132 8.61 10.52 -7.20
N LEU A 133 7.40 10.08 -6.88
CA LEU A 133 6.65 10.70 -5.80
C LEU A 133 7.18 10.21 -4.46
N LYS A 134 6.67 10.82 -3.40
CA LYS A 134 7.08 10.45 -2.05
C LYS A 134 5.86 10.40 -1.14
N VAL A 135 5.98 9.62 -0.07
CA VAL A 135 4.90 9.47 0.88
C VAL A 135 5.48 9.15 2.25
N GLY A 136 5.19 10.03 3.20
CA GLY A 136 5.67 9.86 4.57
C GLY A 136 7.15 9.46 4.57
N ASN A 137 7.93 10.14 3.74
CA ASN A 137 9.35 9.86 3.64
C ASN A 137 9.58 8.74 2.62
N ALA A 138 8.60 7.85 2.55
CA ALA A 138 8.68 6.73 1.61
C ALA A 138 8.85 7.26 0.19
N ASP A 139 9.04 6.34 -0.73
CA ASP A 139 9.21 6.71 -2.13
C ASP A 139 8.13 6.02 -2.96
N VAL A 140 7.24 6.83 -3.51
CA VAL A 140 6.16 6.32 -4.33
C VAL A 140 6.73 5.51 -5.49
N VAL A 141 6.88 4.22 -5.25
CA VAL A 141 7.43 3.33 -6.27
C VAL A 141 6.51 3.34 -7.49
N CYS A 142 5.26 2.92 -7.27
CA CYS A 142 4.28 2.88 -8.33
C CYS A 142 2.92 3.21 -7.74
N GLY A 143 2.46 4.42 -8.03
CA GLY A 143 1.17 4.88 -7.54
C GLY A 143 0.19 5.11 -8.69
N GLY A 144 -1.07 5.27 -8.33
CA GLY A 144 -2.11 5.51 -9.32
C GLY A 144 -2.60 4.19 -9.91
N VAL A 145 -2.28 3.10 -9.23
CA VAL A 145 -2.67 1.78 -9.68
C VAL A 145 -4.05 1.45 -9.11
N SER A 146 -5.01 2.32 -9.41
CA SER A 146 -6.37 2.13 -8.94
C SER A 146 -6.82 0.68 -9.19
N THR A 147 -7.30 0.06 -8.11
CA THR A 147 -7.75 -1.32 -8.20
C THR A 147 -9.25 -1.36 -8.49
N ALA A 148 -10.01 -1.73 -7.46
CA ALA A 148 -11.45 -1.80 -7.57
C ALA A 148 -12.07 -0.47 -7.17
N ASN A 149 -12.04 -0.21 -5.87
CA ASN A 149 -12.60 1.02 -5.34
C ASN A 149 -11.57 1.68 -4.42
N ALA A 150 -10.31 1.37 -4.67
CA ALA A 150 -9.23 1.92 -3.87
C ALA A 150 -7.97 2.04 -4.73
N THR A 151 -7.21 3.09 -4.48
CA THR A 151 -5.99 3.32 -5.21
C THR A 151 -4.84 2.48 -4.64
N VAL A 152 -3.72 2.51 -5.34
CA VAL A 152 -2.56 1.75 -4.92
C VAL A 152 -1.30 2.61 -5.11
N TYR A 153 -0.55 2.76 -4.02
CA TYR A 153 0.67 3.56 -4.06
C TYR A 153 1.80 2.83 -3.34
N MET A 154 2.50 1.98 -4.08
CA MET A 154 3.61 1.24 -3.52
C MET A 154 4.76 2.16 -3.11
N ILE A 155 5.09 2.12 -1.83
CA ILE A 155 6.16 2.94 -1.30
C ILE A 155 7.31 2.05 -0.86
N ASP A 156 8.37 2.70 -0.38
CA ASP A 156 9.54 1.98 0.07
C ASP A 156 9.77 2.28 1.56
N SER A 157 8.71 2.08 2.34
CA SER A 157 8.79 2.31 3.77
C SER A 157 7.46 1.93 4.43
N VAL A 158 7.57 1.06 5.44
CA VAL A 158 6.39 0.61 6.15
C VAL A 158 5.83 1.75 6.99
N LEU A 159 5.27 2.73 6.29
CA LEU A 159 4.69 3.89 6.95
C LEU A 159 4.20 3.49 8.35
N MET A 160 4.34 4.41 9.28
CA MET A 160 3.91 4.17 10.65
C MET A 160 3.03 5.30 11.16
N PRO A 161 2.00 4.92 11.97
CA PRO A 161 1.09 5.90 12.54
C PRO A 161 1.75 6.67 13.68
N PRO A 162 1.55 8.01 13.66
CA PRO A 162 2.11 8.87 14.68
C PRO A 162 1.34 8.75 16.00
N ALA A 163 0.36 7.85 15.99
CA ALA A 163 -0.46 7.62 17.17
C ALA A 163 -0.79 8.96 17.82
N GLY A 1 -2.57 6.77 -21.58
CA GLY A 1 -2.73 6.57 -20.14
C GLY A 1 -1.56 5.78 -19.57
N ASP A 2 -0.84 6.43 -18.65
CA ASP A 2 0.29 5.79 -18.01
C ASP A 2 0.21 6.00 -16.50
N LEU A 3 0.92 5.16 -15.77
CA LEU A 3 0.94 5.25 -14.33
C LEU A 3 1.98 6.28 -13.88
N VAL A 4 2.21 6.31 -12.58
CA VAL A 4 3.17 7.26 -12.02
C VAL A 4 4.09 6.52 -11.04
N GLY A 5 5.36 6.90 -11.07
CA GLY A 5 6.36 6.22 -10.28
C GLY A 5 7.41 5.55 -11.18
N PRO A 6 8.64 5.39 -10.61
CA PRO A 6 9.73 4.78 -11.35
C PRO A 6 9.54 3.27 -11.46
N GLY A 7 9.22 2.66 -10.32
CA GLY A 7 9.01 1.22 -10.26
C GLY A 7 7.82 0.81 -11.14
N CYS A 8 6.78 1.64 -11.08
CA CYS A 8 5.58 1.37 -11.86
C CYS A 8 6.00 0.91 -13.25
N ALA A 9 7.10 1.48 -13.73
CA ALA A 9 7.62 1.14 -15.04
C ALA A 9 8.24 -0.26 -14.99
N GLU A 10 9.38 -0.34 -14.31
CA GLU A 10 10.09 -1.61 -14.18
C GLU A 10 9.11 -2.73 -13.81
N TYR A 11 8.31 -2.45 -12.79
CA TYR A 11 7.33 -3.43 -12.33
C TYR A 11 6.61 -4.06 -13.51
N ALA A 12 5.85 -3.24 -14.21
CA ALA A 12 5.10 -3.71 -15.37
C ALA A 12 5.98 -4.64 -16.20
N ALA A 13 7.19 -4.17 -16.46
CA ALA A 13 8.14 -4.94 -17.25
C ALA A 13 8.22 -6.37 -16.69
N ALA A 14 8.18 -6.45 -15.38
CA ALA A 14 8.25 -7.73 -14.70
C ALA A 14 6.88 -8.39 -14.74
N ASN A 15 5.87 -7.61 -14.38
CA ASN A 15 4.50 -8.10 -14.37
C ASN A 15 3.64 -7.23 -15.28
N PRO A 16 3.78 -7.48 -16.61
CA PRO A 16 3.02 -6.72 -17.59
C PRO A 16 1.56 -7.18 -17.62
N THR A 17 1.35 -8.42 -17.21
CA THR A 17 0.02 -8.99 -17.19
C THR A 17 -0.25 -9.68 -15.85
N GLY A 18 -1.34 -10.43 -15.83
CA GLY A 18 -1.71 -11.15 -14.61
C GLY A 18 -2.52 -10.26 -13.67
N PRO A 19 -2.92 -10.85 -12.52
CA PRO A 19 -3.69 -10.11 -11.53
C PRO A 19 -2.80 -9.15 -10.75
N ALA A 20 -1.50 -9.37 -10.87
CA ALA A 20 -0.54 -8.52 -10.18
C ALA A 20 -0.30 -7.25 -11.00
N SER A 21 -1.09 -7.12 -12.06
CA SER A 21 -0.98 -5.96 -12.93
C SER A 21 -1.83 -4.81 -12.39
N VAL A 22 -1.64 -3.65 -12.98
CA VAL A 22 -2.38 -2.46 -12.57
C VAL A 22 -3.87 -2.68 -12.86
N GLN A 23 -4.12 -3.34 -13.98
CA GLN A 23 -5.49 -3.61 -14.38
C GLN A 23 -5.95 -4.96 -13.83
N GLY A 24 -4.99 -5.88 -13.71
CA GLY A 24 -5.28 -7.20 -13.20
C GLY A 24 -5.80 -7.13 -11.76
N MET A 25 -5.37 -6.10 -11.06
CA MET A 25 -5.78 -5.90 -9.68
C MET A 25 -7.08 -5.10 -9.60
N SER A 26 -7.48 -4.56 -10.75
CA SER A 26 -8.70 -3.77 -10.82
C SER A 26 -9.92 -4.69 -10.83
N GLN A 27 -9.70 -5.92 -11.29
CA GLN A 27 -10.77 -6.89 -11.35
C GLN A 27 -11.16 -7.33 -9.94
N ASP A 28 -10.20 -7.22 -9.03
CA ASP A 28 -10.43 -7.60 -7.65
C ASP A 28 -10.50 -6.35 -6.77
N PRO A 29 -10.95 -6.56 -5.51
CA PRO A 29 -11.06 -5.45 -4.57
C PRO A 29 -9.68 -5.02 -4.06
N VAL A 30 -9.64 -3.81 -3.53
CA VAL A 30 -8.40 -3.26 -3.00
C VAL A 30 -7.59 -4.38 -2.35
N ALA A 31 -8.31 -5.31 -1.75
CA ALA A 31 -7.68 -6.44 -1.07
C ALA A 31 -6.98 -7.31 -2.13
N VAL A 32 -7.64 -8.40 -2.48
CA VAL A 32 -7.09 -9.32 -3.46
C VAL A 32 -6.28 -8.53 -4.50
N ALA A 33 -6.89 -7.48 -5.00
CA ALA A 33 -6.25 -6.64 -5.99
C ALA A 33 -4.76 -6.53 -5.66
N ALA A 34 -4.49 -6.11 -4.43
CA ALA A 34 -3.11 -5.95 -3.98
C ALA A 34 -2.51 -7.34 -3.73
N SER A 35 -3.33 -8.21 -3.16
CA SER A 35 -2.88 -9.57 -2.86
C SER A 35 -2.17 -10.16 -4.08
N ASN A 36 -2.52 -9.65 -5.25
CA ASN A 36 -1.94 -10.12 -6.48
C ASN A 36 -0.47 -9.68 -6.54
N ASN A 37 -0.26 -8.40 -6.24
CA ASN A 37 1.04 -7.79 -6.42
C ASN A 37 2.10 -8.63 -5.70
N PRO A 38 3.20 -8.95 -6.44
CA PRO A 38 4.27 -9.72 -5.89
C PRO A 38 5.12 -8.89 -4.92
N GLU A 39 4.72 -7.64 -4.76
CA GLU A 39 5.42 -6.74 -3.88
C GLU A 39 4.52 -6.31 -2.72
N LEU A 40 3.26 -6.70 -2.81
CA LEU A 40 2.29 -6.36 -1.78
C LEU A 40 1.96 -7.62 -0.97
N THR A 41 2.08 -8.76 -1.64
CA THR A 41 1.80 -10.03 -1.00
C THR A 41 2.26 -10.00 0.47
N THR A 42 3.32 -9.25 0.70
CA THR A 42 3.87 -9.14 2.05
C THR A 42 2.91 -8.34 2.94
N LEU A 43 2.59 -7.14 2.49
CA LEU A 43 1.69 -6.28 3.24
C LEU A 43 0.31 -6.95 3.33
N THR A 44 -0.20 -7.33 2.17
CA THR A 44 -1.50 -7.98 2.11
C THR A 44 -1.61 -9.08 3.16
N ALA A 45 -0.62 -9.96 3.15
CA ALA A 45 -0.58 -11.06 4.10
C ALA A 45 -0.88 -10.53 5.50
N ALA A 46 -0.38 -9.33 5.76
CA ALA A 46 -0.59 -8.69 7.06
C ALA A 46 -2.07 -8.37 7.24
N LEU A 47 -2.53 -7.40 6.46
CA LEU A 47 -3.91 -6.98 6.51
C LEU A 47 -4.82 -8.22 6.49
N SER A 48 -4.72 -8.96 5.41
CA SER A 48 -5.53 -10.17 5.26
C SER A 48 -5.50 -10.98 6.56
N GLY A 49 -4.29 -11.39 6.94
CA GLY A 49 -4.12 -12.17 8.16
C GLY A 49 -3.01 -13.21 7.98
N GLN A 50 -2.75 -13.56 6.73
CA GLN A 50 -1.73 -14.54 6.42
C GLN A 50 -0.51 -14.35 7.34
N LEU A 51 -0.31 -13.10 7.74
CA LEU A 51 0.81 -12.77 8.61
C LEU A 51 0.39 -13.01 10.07
N ASN A 52 -0.78 -12.46 10.41
CA ASN A 52 -1.31 -12.61 11.76
C ASN A 52 -2.77 -13.06 11.68
N PRO A 53 -3.06 -14.16 12.42
CA PRO A 53 -4.41 -14.70 12.45
C PRO A 53 -5.33 -13.84 13.32
N GLN A 54 -4.77 -12.73 13.78
CA GLN A 54 -5.53 -11.81 14.62
C GLN A 54 -5.79 -10.51 13.87
N VAL A 55 -5.37 -10.48 12.62
CA VAL A 55 -5.54 -9.30 11.79
C VAL A 55 -6.31 -9.69 10.52
N ASN A 56 -7.21 -8.81 10.11
CA ASN A 56 -8.01 -9.06 8.92
C ASN A 56 -8.64 -7.74 8.46
N LEU A 57 -8.07 -7.19 7.39
CA LEU A 57 -8.56 -5.94 6.84
C LEU A 57 -9.24 -6.21 5.49
N VAL A 58 -8.90 -7.35 4.91
CA VAL A 58 -9.47 -7.75 3.63
C VAL A 58 -10.95 -7.35 3.60
N ASP A 59 -11.57 -7.41 4.76
CA ASP A 59 -12.98 -7.07 4.88
C ASP A 59 -13.13 -5.54 4.88
N THR A 60 -12.40 -4.90 5.78
CA THR A 60 -12.44 -3.46 5.89
C THR A 60 -12.01 -2.81 4.58
N LEU A 61 -10.77 -3.08 4.20
CA LEU A 61 -10.23 -2.54 2.96
C LEU A 61 -11.31 -2.57 1.88
N ASN A 62 -12.10 -3.64 1.90
CA ASN A 62 -13.17 -3.79 0.94
C ASN A 62 -14.42 -3.05 1.42
N SER A 63 -14.20 -1.82 1.83
CA SER A 63 -15.30 -0.99 2.31
C SER A 63 -15.68 0.06 1.26
N GLY A 64 -15.10 1.24 1.41
CA GLY A 64 -15.36 2.33 0.50
C GLY A 64 -14.09 2.73 -0.26
N GLN A 65 -14.24 3.70 -1.15
CA GLN A 65 -13.13 4.18 -1.93
C GLN A 65 -11.94 4.51 -1.02
N TYR A 66 -10.92 3.65 -1.12
CA TYR A 66 -9.72 3.83 -0.31
C TYR A 66 -8.53 4.20 -1.19
N THR A 67 -7.35 4.18 -0.57
CA THR A 67 -6.13 4.51 -1.28
C THR A 67 -4.93 3.80 -0.64
N VAL A 68 -4.71 2.57 -1.07
CA VAL A 68 -3.61 1.78 -0.56
C VAL A 68 -2.31 2.58 -0.67
N PHE A 69 -1.54 2.54 0.40
CA PHE A 69 -0.28 3.25 0.45
C PHE A 69 0.88 2.33 0.83
N ALA A 70 1.24 1.46 -0.12
CA ALA A 70 1.50 0.08 0.20
C ALA A 70 3.01 -0.18 0.13
N PRO A 71 3.55 -0.73 1.25
CA PRO A 71 4.97 -1.02 1.33
C PRO A 71 5.32 -2.27 0.52
N THR A 72 6.17 -2.07 -0.48
CA THR A 72 6.59 -3.17 -1.35
C THR A 72 7.26 -4.26 -0.52
N ASN A 73 7.92 -5.17 -1.23
CA ASN A 73 8.61 -6.27 -0.57
C ASN A 73 10.03 -5.82 -0.20
N ALA A 74 10.25 -4.53 -0.33
CA ALA A 74 11.56 -3.96 -0.01
C ALA A 74 11.41 -2.99 1.16
N ALA A 75 10.16 -2.70 1.50
CA ALA A 75 9.87 -1.79 2.59
C ALA A 75 9.97 -2.55 3.92
N PHE A 76 9.20 -3.62 4.01
CA PHE A 76 9.19 -4.44 5.22
C PHE A 76 10.55 -5.10 5.44
N SER A 77 11.22 -5.40 4.33
CA SER A 77 12.52 -6.04 4.40
C SER A 77 13.49 -5.16 5.19
N LYS A 78 13.37 -3.86 4.98
CA LYS A 78 14.22 -2.90 5.66
C LYS A 78 14.19 -3.18 7.17
N LEU A 79 13.04 -2.90 7.76
CA LEU A 79 12.87 -3.10 9.19
C LEU A 79 13.60 -4.39 9.61
N PRO A 80 13.99 -4.43 10.91
CA PRO A 80 14.69 -5.59 11.44
C PRO A 80 13.73 -6.76 11.65
N ALA A 81 14.20 -7.94 11.30
CA ALA A 81 13.41 -9.15 11.44
C ALA A 81 12.63 -9.08 12.77
N SER A 82 13.39 -8.88 13.84
CA SER A 82 12.80 -8.80 15.16
C SER A 82 11.47 -8.04 15.10
N THR A 83 11.54 -6.86 14.51
CA THR A 83 10.36 -6.02 14.36
C THR A 83 9.26 -6.76 13.60
N ILE A 84 9.67 -7.36 12.48
CA ILE A 84 8.73 -8.09 11.65
C ILE A 84 8.17 -9.28 12.44
N ASP A 85 9.09 -10.11 12.92
CA ASP A 85 8.70 -11.28 13.69
C ASP A 85 7.73 -10.87 14.79
N GLU A 86 7.81 -9.59 15.16
CA GLU A 86 6.95 -9.05 16.20
C GLU A 86 5.57 -8.70 15.61
N LEU A 87 5.60 -8.01 14.48
CA LEU A 87 4.38 -7.60 13.83
C LEU A 87 3.51 -8.83 13.59
N LYS A 88 4.15 -9.98 13.57
CA LYS A 88 3.45 -11.24 13.35
C LYS A 88 2.97 -11.79 14.71
N THR A 89 2.84 -10.89 15.67
CA THR A 89 2.40 -11.26 17.00
C THR A 89 2.06 -10.02 17.82
N ASN A 90 1.53 -9.02 17.13
CA ASN A 90 1.14 -7.78 17.79
C ASN A 90 -0.34 -7.52 17.56
N SER A 91 -0.76 -7.77 16.32
CA SER A 91 -2.15 -7.56 15.96
C SER A 91 -2.69 -6.29 16.61
N SER A 92 -1.78 -5.35 16.83
CA SER A 92 -2.14 -4.09 17.43
C SER A 92 -1.23 -2.97 16.91
N LEU A 93 0.06 -3.21 17.03
CA LEU A 93 1.05 -2.23 16.58
C LEU A 93 1.23 -2.37 15.07
N LEU A 94 0.79 -3.50 14.55
CA LEU A 94 0.90 -3.77 13.12
C LEU A 94 -0.36 -3.24 12.42
N THR A 95 -1.49 -3.43 13.08
CA THR A 95 -2.75 -2.99 12.53
C THR A 95 -2.70 -1.50 12.18
N SER A 96 -2.11 -0.73 13.09
CA SER A 96 -1.99 0.70 12.89
C SER A 96 -1.25 0.98 11.58
N ILE A 97 -0.26 0.15 11.31
CA ILE A 97 0.54 0.30 10.10
C ILE A 97 -0.36 0.07 8.87
N LEU A 98 -1.02 -1.09 8.87
CA LEU A 98 -1.90 -1.43 7.77
C LEU A 98 -2.82 -0.24 7.46
N THR A 99 -3.67 0.08 8.42
CA THR A 99 -4.59 1.19 8.27
C THR A 99 -3.88 2.38 7.64
N TYR A 100 -2.77 2.76 8.25
CA TYR A 100 -1.99 3.89 7.76
C TYR A 100 -1.55 3.66 6.32
N HIS A 101 -1.61 2.41 5.90
CA HIS A 101 -1.22 2.06 4.54
C HIS A 101 -2.45 2.04 3.65
N VAL A 102 -3.46 2.78 4.07
CA VAL A 102 -4.70 2.86 3.32
C VAL A 102 -5.52 4.06 3.81
N VAL A 103 -5.70 5.02 2.91
CA VAL A 103 -6.45 6.22 3.24
C VAL A 103 -7.85 6.12 2.62
N ALA A 104 -8.81 6.69 3.33
CA ALA A 104 -10.19 6.68 2.86
C ALA A 104 -10.42 7.88 1.94
N GLY A 105 -10.66 7.58 0.67
CA GLY A 105 -10.90 8.61 -0.31
C GLY A 105 -9.93 8.49 -1.49
N GLN A 106 -10.41 7.85 -2.55
CA GLN A 106 -9.60 7.66 -3.74
C GLN A 106 -9.14 9.01 -4.29
N THR A 107 -7.86 9.09 -4.59
CA THR A 107 -7.28 10.32 -5.13
C THR A 107 -6.16 9.99 -6.11
N SER A 108 -6.19 10.68 -7.24
CA SER A 108 -5.19 10.47 -8.27
C SER A 108 -3.83 10.98 -7.78
N PRO A 109 -2.76 10.52 -8.49
CA PRO A 109 -1.40 10.92 -8.13
C PRO A 109 -1.12 12.36 -8.56
N ALA A 110 -2.07 13.23 -8.25
CA ALA A 110 -1.94 14.64 -8.60
C ALA A 110 -2.72 15.48 -7.60
N ASN A 111 -3.01 14.87 -6.46
CA ASN A 111 -3.75 15.55 -5.41
C ASN A 111 -3.36 14.97 -4.05
N VAL A 112 -3.43 13.64 -3.98
CA VAL A 112 -3.08 12.96 -2.74
C VAL A 112 -2.02 13.76 -1.99
N VAL A 113 -1.08 14.30 -2.75
CA VAL A 113 -0.01 15.10 -2.17
C VAL A 113 -0.59 15.97 -1.06
N GLY A 114 0.17 16.07 0.03
CA GLY A 114 -0.25 16.87 1.17
C GLY A 114 -0.71 15.97 2.32
N THR A 115 -1.26 16.62 3.34
CA THR A 115 -1.75 15.90 4.51
C THR A 115 -2.96 15.05 4.14
N ARG A 116 -2.74 13.74 4.11
CA ARG A 116 -3.80 12.80 3.79
C ARG A 116 -4.19 11.99 5.02
N GLN A 117 -5.42 12.20 5.47
CA GLN A 117 -5.92 11.49 6.63
C GLN A 117 -6.15 10.02 6.30
N THR A 118 -5.21 9.19 6.77
CA THR A 118 -5.30 7.76 6.54
C THR A 118 -6.27 7.11 7.52
N LEU A 119 -6.52 5.83 7.29
CA LEU A 119 -7.42 5.09 8.15
C LEU A 119 -6.94 5.19 9.60
N GLN A 120 -5.71 4.75 9.81
CA GLN A 120 -5.12 4.80 11.15
C GLN A 120 -5.50 6.09 11.86
N GLY A 121 -5.77 7.11 11.06
CA GLY A 121 -6.15 8.40 11.60
C GLY A 121 -5.00 9.41 11.48
N ALA A 122 -3.80 8.88 11.29
CA ALA A 122 -2.62 9.71 11.16
C ALA A 122 -2.59 10.34 9.76
N SER A 123 -2.15 11.58 9.72
CA SER A 123 -2.07 12.30 8.45
C SER A 123 -0.76 11.97 7.75
N VAL A 124 -0.89 11.58 6.49
CA VAL A 124 0.28 11.24 5.69
C VAL A 124 0.63 12.41 4.76
N THR A 125 1.62 13.19 5.19
CA THR A 125 2.06 14.33 4.43
C THR A 125 2.66 13.89 3.09
N VAL A 126 1.77 13.54 2.17
CA VAL A 126 2.19 13.10 0.85
C VAL A 126 2.91 14.24 0.13
N THR A 127 3.62 13.88 -0.93
CA THR A 127 4.35 14.86 -1.71
C THR A 127 4.56 14.37 -3.14
N GLY A 128 5.10 15.25 -3.96
CA GLY A 128 5.36 14.91 -5.35
C GLY A 128 6.52 15.73 -5.91
N GLN A 129 7.46 15.03 -6.52
CA GLN A 129 8.63 15.67 -7.09
C GLN A 129 8.83 15.20 -8.54
N GLY A 130 9.94 15.65 -9.12
CA GLY A 130 10.27 15.28 -10.48
C GLY A 130 10.51 13.77 -10.61
N ASN A 131 9.56 13.11 -11.25
CA ASN A 131 9.65 11.68 -11.44
C ASN A 131 10.04 11.01 -10.12
N SER A 132 9.22 11.26 -9.11
CA SER A 132 9.47 10.69 -7.79
C SER A 132 8.56 11.36 -6.76
N LEU A 133 7.56 10.61 -6.33
CA LEU A 133 6.61 11.11 -5.34
C LEU A 133 7.01 10.62 -3.95
N LYS A 134 6.45 11.26 -2.95
CA LYS A 134 6.75 10.90 -1.58
C LYS A 134 5.44 10.73 -0.80
N VAL A 135 5.50 9.92 0.24
CA VAL A 135 4.34 9.67 1.07
C VAL A 135 4.76 9.60 2.54
N GLY A 136 4.47 10.67 3.26
CA GLY A 136 4.81 10.74 4.67
C GLY A 136 6.33 10.74 4.86
N ASN A 137 6.95 9.68 4.38
CA ASN A 137 8.38 9.53 4.49
C ASN A 137 8.89 8.60 3.39
N ALA A 138 8.12 7.55 3.14
CA ALA A 138 8.48 6.58 2.12
C ALA A 138 8.57 7.28 0.76
N ASP A 139 9.07 6.54 -0.21
CA ASP A 139 9.22 7.08 -1.55
C ASP A 139 8.30 6.32 -2.51
N VAL A 140 7.43 7.07 -3.16
CA VAL A 140 6.49 6.49 -4.10
C VAL A 140 7.26 5.67 -5.14
N VAL A 141 6.73 4.49 -5.42
CA VAL A 141 7.34 3.60 -6.38
C VAL A 141 6.42 3.44 -7.59
N CYS A 142 5.20 3.00 -7.31
CA CYS A 142 4.21 2.81 -8.36
C CYS A 142 2.84 3.19 -7.81
N GLY A 143 2.44 4.41 -8.09
CA GLY A 143 1.15 4.91 -7.63
C GLY A 143 0.17 5.06 -8.80
N GLY A 144 -1.10 5.16 -8.45
CA GLY A 144 -2.14 5.32 -9.45
C GLY A 144 -2.61 3.95 -9.95
N VAL A 145 -2.31 2.92 -9.17
CA VAL A 145 -2.70 1.57 -9.52
C VAL A 145 -4.09 1.28 -8.96
N SER A 146 -5.02 2.17 -9.29
CA SER A 146 -6.39 2.02 -8.83
C SER A 146 -6.87 0.57 -9.06
N THR A 147 -7.37 -0.03 -7.99
CA THR A 147 -7.86 -1.40 -8.07
C THR A 147 -9.31 -1.41 -8.55
N ALA A 148 -10.19 -1.79 -7.64
CA ALA A 148 -11.61 -1.86 -7.96
C ALA A 148 -12.32 -0.62 -7.37
N ASN A 149 -11.88 -0.23 -6.19
CA ASN A 149 -12.46 0.92 -5.52
C ASN A 149 -11.47 1.46 -4.48
N ALA A 150 -10.22 1.59 -4.91
CA ALA A 150 -9.17 2.08 -4.03
C ALA A 150 -7.86 2.16 -4.80
N THR A 151 -7.20 3.30 -4.64
CA THR A 151 -5.92 3.52 -5.32
C THR A 151 -4.83 2.65 -4.70
N VAL A 152 -3.68 2.66 -5.34
CA VAL A 152 -2.55 1.89 -4.87
C VAL A 152 -1.25 2.67 -5.11
N TYR A 153 -0.50 2.84 -4.05
CA TYR A 153 0.76 3.57 -4.13
C TYR A 153 1.88 2.82 -3.41
N MET A 154 2.62 2.04 -4.18
CA MET A 154 3.72 1.26 -3.63
C MET A 154 4.88 2.17 -3.24
N ILE A 155 5.16 2.19 -1.93
CA ILE A 155 6.24 3.00 -1.41
C ILE A 155 7.38 2.10 -0.95
N ASP A 156 8.52 2.73 -0.69
CA ASP A 156 9.69 1.98 -0.24
C ASP A 156 9.82 2.11 1.29
N SER A 157 8.68 1.96 1.96
CA SER A 157 8.66 2.07 3.41
C SER A 157 7.26 1.72 3.93
N VAL A 158 7.25 1.01 5.04
CA VAL A 158 5.99 0.61 5.65
C VAL A 158 5.37 1.81 6.38
N LEU A 159 5.62 2.98 5.82
CA LEU A 159 5.11 4.22 6.40
C LEU A 159 5.13 4.10 7.93
N MET A 160 4.00 3.65 8.48
CA MET A 160 3.89 3.49 9.92
C MET A 160 3.29 4.76 10.55
N PRO A 161 2.37 4.53 11.52
CA PRO A 161 1.73 5.62 12.21
C PRO A 161 2.67 6.27 13.23
N PRO A 162 2.63 7.62 13.29
CA PRO A 162 3.47 8.36 14.21
C PRO A 162 2.95 8.25 15.64
N ALA A 163 3.24 7.11 16.26
CA ALA A 163 2.81 6.87 17.63
C ALA A 163 3.98 6.33 18.44
N GLY A 1 0.49 1.72 -18.43
CA GLY A 1 0.07 2.84 -19.25
C GLY A 1 0.54 4.16 -18.63
N ASP A 2 -0.39 5.11 -18.53
CA ASP A 2 -0.08 6.41 -17.98
C ASP A 2 -0.28 6.36 -16.46
N LEU A 3 0.77 5.91 -15.78
CA LEU A 3 0.72 5.81 -14.33
C LEU A 3 1.74 6.78 -13.73
N VAL A 4 1.82 6.77 -12.40
CA VAL A 4 2.73 7.64 -11.70
C VAL A 4 3.64 6.80 -10.79
N GLY A 5 4.92 7.11 -10.83
CA GLY A 5 5.90 6.32 -10.10
C GLY A 5 6.82 5.56 -11.06
N PRO A 6 8.06 5.29 -10.59
CA PRO A 6 9.03 4.56 -11.39
C PRO A 6 8.70 3.08 -11.44
N GLY A 7 8.82 2.43 -10.29
CA GLY A 7 8.53 1.00 -10.21
C GLY A 7 7.36 0.63 -11.09
N CYS A 8 6.41 1.54 -11.19
CA CYS A 8 5.22 1.31 -12.00
C CYS A 8 5.66 0.62 -13.30
N ALA A 9 6.87 0.95 -13.72
CA ALA A 9 7.42 0.38 -14.94
C ALA A 9 8.08 -0.96 -14.62
N GLU A 10 9.15 -0.88 -13.85
CA GLU A 10 9.87 -2.09 -13.46
C GLU A 10 8.90 -3.18 -13.02
N TYR A 11 8.00 -2.80 -12.13
CA TYR A 11 7.00 -3.73 -11.62
C TYR A 11 6.26 -4.41 -12.77
N ALA A 12 5.51 -3.61 -13.51
CA ALA A 12 4.73 -4.12 -14.63
C ALA A 12 5.61 -5.08 -15.45
N ALA A 13 6.87 -4.69 -15.60
CA ALA A 13 7.82 -5.50 -16.34
C ALA A 13 7.64 -6.98 -15.96
N ALA A 14 7.23 -7.19 -14.73
CA ALA A 14 7.02 -8.54 -14.23
C ALA A 14 5.52 -8.86 -14.29
N ASN A 15 4.71 -7.84 -14.07
CA ASN A 15 3.27 -8.00 -14.10
C ASN A 15 2.67 -7.04 -15.13
N PRO A 16 2.77 -7.45 -16.42
CA PRO A 16 2.24 -6.65 -17.50
C PRO A 16 0.71 -6.72 -17.56
N THR A 17 0.22 -7.93 -17.80
CA THR A 17 -1.22 -8.16 -17.88
C THR A 17 -1.66 -9.07 -16.75
N GLY A 18 -0.70 -9.74 -16.14
CA GLY A 18 -0.99 -10.65 -15.04
C GLY A 18 -1.96 -10.02 -14.05
N PRO A 19 -2.33 -10.82 -13.02
CA PRO A 19 -3.26 -10.36 -12.00
C PRO A 19 -2.56 -9.38 -11.04
N ALA A 20 -1.24 -9.31 -11.16
CA ALA A 20 -0.46 -8.43 -10.32
C ALA A 20 -0.02 -7.22 -11.13
N SER A 21 -0.86 -6.83 -12.07
CA SER A 21 -0.57 -5.69 -12.91
C SER A 21 -1.47 -4.51 -12.52
N VAL A 22 -1.19 -3.37 -13.14
CA VAL A 22 -1.96 -2.17 -12.87
C VAL A 22 -3.44 -2.43 -13.14
N GLN A 23 -3.70 -3.03 -14.30
CA GLN A 23 -5.07 -3.35 -14.67
C GLN A 23 -5.50 -4.66 -14.03
N GLY A 24 -4.64 -5.66 -14.14
CA GLY A 24 -4.92 -6.97 -13.57
C GLY A 24 -5.42 -6.84 -12.13
N MET A 25 -4.71 -6.04 -11.36
CA MET A 25 -5.06 -5.82 -9.97
C MET A 25 -6.37 -5.04 -9.84
N SER A 26 -6.73 -4.40 -10.95
CA SER A 26 -7.96 -3.61 -10.98
C SER A 26 -9.17 -4.52 -10.80
N GLN A 27 -9.11 -5.68 -11.44
CA GLN A 27 -10.19 -6.64 -11.36
C GLN A 27 -10.30 -7.20 -9.93
N ASP A 28 -9.30 -6.89 -9.14
CA ASP A 28 -9.26 -7.33 -7.75
C ASP A 28 -9.71 -6.19 -6.84
N PRO A 29 -10.40 -6.57 -5.73
CA PRO A 29 -10.88 -5.59 -4.77
C PRO A 29 -9.72 -5.05 -3.91
N VAL A 30 -9.22 -3.90 -4.31
CA VAL A 30 -8.13 -3.26 -3.59
C VAL A 30 -7.26 -4.35 -2.94
N ALA A 31 -7.18 -4.29 -1.62
CA ALA A 31 -6.40 -5.26 -0.88
C ALA A 31 -5.96 -6.39 -1.82
N VAL A 32 -6.92 -7.20 -2.21
CA VAL A 32 -6.65 -8.32 -3.09
C VAL A 32 -5.49 -7.95 -4.02
N ALA A 33 -5.70 -6.92 -4.82
CA ALA A 33 -4.69 -6.46 -5.75
C ALA A 33 -3.31 -6.73 -5.16
N ALA A 34 -2.93 -5.90 -4.20
CA ALA A 34 -1.64 -6.04 -3.55
C ALA A 34 -1.46 -7.49 -3.09
N SER A 35 -2.56 -8.07 -2.63
CA SER A 35 -2.54 -9.44 -2.17
C SER A 35 -2.07 -10.37 -3.29
N ASN A 36 -2.09 -9.85 -4.50
CA ASN A 36 -1.68 -10.62 -5.66
C ASN A 36 -0.41 -10.01 -6.24
N ASN A 37 -0.16 -8.75 -5.87
CA ASN A 37 1.12 -8.13 -6.16
C ASN A 37 2.23 -8.91 -5.47
N PRO A 38 3.26 -9.27 -6.27
CA PRO A 38 4.40 -10.01 -5.74
C PRO A 38 5.31 -9.11 -4.91
N GLU A 39 4.84 -7.90 -4.69
CA GLU A 39 5.60 -6.93 -3.92
C GLU A 39 4.80 -6.47 -2.70
N LEU A 40 3.49 -6.68 -2.78
CA LEU A 40 2.60 -6.28 -1.70
C LEU A 40 2.19 -7.53 -0.92
N THR A 41 2.45 -8.69 -1.51
CA THR A 41 2.11 -9.95 -0.87
C THR A 41 2.45 -9.90 0.62
N THR A 42 3.50 -9.15 0.93
CA THR A 42 3.94 -9.01 2.31
C THR A 42 2.94 -8.15 3.10
N LEU A 43 2.62 -7.00 2.53
CA LEU A 43 1.69 -6.09 3.16
C LEU A 43 0.36 -6.80 3.41
N THR A 44 -0.23 -7.30 2.33
CA THR A 44 -1.48 -8.00 2.41
C THR A 44 -1.44 -9.05 3.52
N ALA A 45 -0.56 -10.02 3.34
CA ALA A 45 -0.41 -11.08 4.32
C ALA A 45 -0.60 -10.50 5.73
N ALA A 46 -0.09 -9.29 5.91
CA ALA A 46 -0.19 -8.62 7.19
C ALA A 46 -1.66 -8.30 7.48
N LEU A 47 -2.18 -7.35 6.71
CA LEU A 47 -3.57 -6.94 6.87
C LEU A 47 -4.46 -8.18 6.89
N SER A 48 -4.41 -8.91 5.78
CA SER A 48 -5.20 -10.12 5.65
C SER A 48 -5.16 -10.93 6.94
N GLY A 49 -4.00 -11.50 7.20
CA GLY A 49 -3.80 -12.29 8.41
C GLY A 49 -2.69 -13.32 8.21
N GLN A 50 -2.43 -13.64 6.96
CA GLN A 50 -1.39 -14.61 6.62
C GLN A 50 -0.14 -14.36 7.47
N LEU A 51 0.01 -13.11 7.88
CA LEU A 51 1.15 -12.72 8.69
C LEU A 51 0.78 -12.84 10.17
N ASN A 52 -0.44 -12.43 10.48
CA ASN A 52 -0.92 -12.49 11.85
C ASN A 52 -2.37 -12.95 11.85
N PRO A 53 -2.62 -14.09 12.56
CA PRO A 53 -3.96 -14.64 12.65
C PRO A 53 -4.83 -13.82 13.60
N GLN A 54 -4.29 -12.68 14.01
CA GLN A 54 -5.01 -11.80 14.92
C GLN A 54 -5.30 -10.47 14.23
N VAL A 55 -5.05 -10.43 12.94
CA VAL A 55 -5.28 -9.23 12.16
C VAL A 55 -6.10 -9.58 10.91
N ASN A 56 -6.86 -8.60 10.45
CA ASN A 56 -7.69 -8.80 9.27
C ASN A 56 -8.25 -7.45 8.82
N LEU A 57 -7.74 -6.97 7.70
CA LEU A 57 -8.17 -5.70 7.15
C LEU A 57 -8.59 -5.89 5.69
N VAL A 58 -7.84 -6.73 5.00
CA VAL A 58 -8.13 -7.02 3.60
C VAL A 58 -9.64 -6.91 3.37
N ASP A 59 -10.38 -7.74 4.08
CA ASP A 59 -11.82 -7.75 3.96
C ASP A 59 -12.34 -6.31 3.96
N THR A 60 -11.93 -5.57 4.97
CA THR A 60 -12.35 -4.18 5.10
C THR A 60 -11.87 -3.38 3.88
N LEU A 61 -10.56 -3.37 3.69
CA LEU A 61 -9.98 -2.65 2.57
C LEU A 61 -10.91 -2.72 1.37
N ASN A 62 -11.58 -3.87 1.25
CA ASN A 62 -12.52 -4.08 0.15
C ASN A 62 -13.90 -3.56 0.55
N SER A 63 -13.92 -2.31 0.99
CA SER A 63 -15.18 -1.68 1.39
C SER A 63 -14.98 -0.17 1.54
N GLY A 64 -15.59 0.55 0.61
CA GLY A 64 -15.50 2.01 0.63
C GLY A 64 -14.27 2.49 -0.15
N GLN A 65 -14.47 3.54 -0.92
CA GLN A 65 -13.39 4.10 -1.71
C GLN A 65 -12.17 4.37 -0.84
N TYR A 66 -11.17 3.50 -0.98
CA TYR A 66 -9.95 3.64 -0.20
C TYR A 66 -8.79 4.07 -1.11
N THR A 67 -7.61 4.12 -0.50
CA THR A 67 -6.41 4.50 -1.23
C THR A 67 -5.18 3.79 -0.64
N VAL A 68 -4.89 2.63 -1.21
CA VAL A 68 -3.76 1.85 -0.76
C VAL A 68 -2.49 2.71 -0.82
N PHE A 69 -1.64 2.53 0.17
CA PHE A 69 -0.39 3.28 0.24
C PHE A 69 0.79 2.35 0.55
N ALA A 70 0.99 1.40 -0.35
CA ALA A 70 1.30 0.04 0.07
C ALA A 70 2.80 -0.20 -0.04
N PRO A 71 3.38 -0.71 1.08
CA PRO A 71 4.80 -0.99 1.13
C PRO A 71 5.15 -2.25 0.33
N THR A 72 5.80 -2.03 -0.81
CA THR A 72 6.19 -3.13 -1.66
C THR A 72 7.04 -4.14 -0.90
N ASN A 73 7.81 -4.91 -1.64
CA ASN A 73 8.68 -5.91 -1.05
C ASN A 73 10.02 -5.26 -0.67
N ALA A 74 10.19 -4.03 -1.11
CA ALA A 74 11.41 -3.29 -0.84
C ALA A 74 11.13 -2.22 0.21
N ALA A 75 10.06 -2.44 0.97
CA ALA A 75 9.66 -1.51 2.01
C ALA A 75 9.72 -2.21 3.37
N PHE A 76 9.34 -3.48 3.35
CA PHE A 76 9.34 -4.28 4.57
C PHE A 76 10.71 -4.91 4.81
N SER A 77 11.44 -5.08 3.72
CA SER A 77 12.77 -5.68 3.80
C SER A 77 13.75 -4.69 4.45
N LYS A 78 13.26 -3.48 4.66
CA LYS A 78 14.07 -2.44 5.27
C LYS A 78 14.07 -2.64 6.79
N LEU A 79 13.20 -3.52 7.25
CA LEU A 79 13.09 -3.80 8.67
C LEU A 79 13.59 -5.22 8.95
N PRO A 80 14.03 -5.43 10.22
CA PRO A 80 14.53 -6.74 10.62
C PRO A 80 13.40 -7.73 10.80
N ALA A 81 13.73 -9.00 10.64
CA ALA A 81 12.75 -10.07 10.77
C ALA A 81 12.04 -9.92 12.13
N SER A 82 12.81 -9.54 13.13
CA SER A 82 12.27 -9.36 14.46
C SER A 82 11.02 -8.49 14.41
N THR A 83 11.14 -7.37 13.71
CA THR A 83 10.02 -6.46 13.58
C THR A 83 8.83 -7.16 12.92
N ILE A 84 9.12 -7.83 11.81
CA ILE A 84 8.08 -8.55 11.09
C ILE A 84 7.47 -9.62 12.00
N ASP A 85 8.34 -10.25 12.78
CA ASP A 85 7.90 -11.29 13.68
C ASP A 85 7.02 -10.67 14.77
N GLU A 86 7.31 -9.41 15.09
CA GLU A 86 6.55 -8.69 16.10
C GLU A 86 5.15 -8.35 15.57
N LEU A 87 5.11 -7.97 14.31
CA LEU A 87 3.85 -7.63 13.68
C LEU A 87 2.92 -8.85 13.68
N LYS A 88 3.52 -10.01 13.51
CA LYS A 88 2.77 -11.25 13.50
C LYS A 88 2.31 -11.58 14.92
N THR A 89 2.64 -10.69 15.83
CA THR A 89 2.28 -10.87 17.23
C THR A 89 1.95 -9.53 17.88
N ASN A 90 1.34 -8.65 17.09
CA ASN A 90 0.98 -7.34 17.58
C ASN A 90 -0.53 -7.16 17.50
N SER A 91 -0.99 -6.75 16.32
CA SER A 91 -2.40 -6.55 16.10
C SER A 91 -2.83 -5.16 16.59
N SER A 92 -1.86 -4.47 17.17
CA SER A 92 -2.11 -3.13 17.69
C SER A 92 -1.11 -2.14 17.09
N LEU A 93 0.14 -2.59 17.01
CA LEU A 93 1.19 -1.76 16.46
C LEU A 93 1.29 -1.98 14.95
N LEU A 94 0.84 -3.16 14.53
CA LEU A 94 0.88 -3.52 13.13
C LEU A 94 -0.34 -2.90 12.42
N THR A 95 -1.51 -3.25 12.93
CA THR A 95 -2.76 -2.75 12.36
C THR A 95 -2.62 -1.26 12.03
N SER A 96 -1.96 -0.54 12.93
CA SER A 96 -1.76 0.89 12.74
C SER A 96 -1.03 1.14 11.42
N ILE A 97 0.06 0.41 11.23
CA ILE A 97 0.85 0.55 10.02
C ILE A 97 -0.02 0.23 8.81
N LEU A 98 -0.68 -0.93 8.87
CA LEU A 98 -1.54 -1.36 7.79
C LEU A 98 -2.52 -0.25 7.45
N THR A 99 -3.38 0.07 8.41
CA THR A 99 -4.37 1.12 8.23
C THR A 99 -3.71 2.38 7.68
N TYR A 100 -2.58 2.74 8.28
CA TYR A 100 -1.84 3.92 7.87
C TYR A 100 -1.42 3.82 6.40
N HIS A 101 -1.31 2.58 5.93
CA HIS A 101 -0.92 2.34 4.56
C HIS A 101 -2.17 2.38 3.65
N VAL A 102 -3.23 2.94 4.20
CA VAL A 102 -4.47 3.07 3.46
C VAL A 102 -5.21 4.33 3.90
N VAL A 103 -5.92 4.92 2.96
CA VAL A 103 -6.67 6.14 3.25
C VAL A 103 -8.11 5.97 2.74
N ALA A 104 -9.04 6.50 3.51
CA ALA A 104 -10.45 6.42 3.17
C ALA A 104 -10.84 7.66 2.36
N GLY A 105 -10.89 7.48 1.05
CA GLY A 105 -11.25 8.57 0.16
C GLY A 105 -10.33 8.61 -1.07
N GLN A 106 -10.75 7.90 -2.10
CA GLN A 106 -9.97 7.84 -3.33
C GLN A 106 -9.57 9.24 -3.77
N THR A 107 -8.35 9.34 -4.26
CA THR A 107 -7.82 10.62 -4.71
C THR A 107 -6.64 10.41 -5.66
N SER A 108 -6.72 11.06 -6.82
CA SER A 108 -5.67 10.95 -7.82
C SER A 108 -4.34 11.44 -7.23
N PRO A 109 -3.24 11.10 -7.95
CA PRO A 109 -1.91 11.49 -7.52
C PRO A 109 -1.67 12.99 -7.79
N ALA A 110 -2.63 13.79 -7.37
CA ALA A 110 -2.53 15.24 -7.57
C ALA A 110 -2.88 15.94 -6.26
N ASN A 111 -3.98 15.49 -5.65
CA ASN A 111 -4.43 16.08 -4.40
C ASN A 111 -3.92 15.23 -3.23
N VAL A 112 -3.68 13.95 -3.53
CA VAL A 112 -3.19 13.03 -2.51
C VAL A 112 -1.98 13.64 -1.82
N VAL A 113 -1.29 14.50 -2.55
CA VAL A 113 -0.10 15.15 -2.01
C VAL A 113 -0.48 15.94 -0.76
N GLY A 114 0.51 16.15 0.09
CA GLY A 114 0.30 16.88 1.33
C GLY A 114 -0.27 15.96 2.42
N THR A 115 -0.74 16.59 3.48
CA THR A 115 -1.31 15.85 4.60
C THR A 115 -2.61 15.17 4.18
N ARG A 116 -2.64 13.86 4.33
CA ARG A 116 -3.82 13.09 3.97
C ARG A 116 -4.20 12.14 5.12
N GLN A 117 -5.48 12.13 5.44
CA GLN A 117 -6.00 11.29 6.50
C GLN A 117 -6.02 9.83 6.06
N THR A 118 -5.43 8.98 6.87
CA THR A 118 -5.38 7.56 6.57
C THR A 118 -6.39 6.80 7.42
N LEU A 119 -6.50 5.51 7.15
CA LEU A 119 -7.44 4.66 7.88
C LEU A 119 -7.08 4.69 9.36
N GLN A 120 -5.80 4.47 9.64
CA GLN A 120 -5.31 4.47 11.01
C GLN A 120 -5.80 5.72 11.75
N GLY A 121 -6.16 6.73 10.96
CA GLY A 121 -6.65 7.97 11.53
C GLY A 121 -5.58 9.07 11.45
N ALA A 122 -4.33 8.63 11.50
CA ALA A 122 -3.21 9.56 11.43
C ALA A 122 -3.19 10.21 10.05
N SER A 123 -2.26 11.15 9.90
CA SER A 123 -2.11 11.85 8.63
C SER A 123 -0.77 11.50 7.98
N VAL A 124 -0.82 11.30 6.67
CA VAL A 124 0.37 10.96 5.93
C VAL A 124 0.83 12.17 5.11
N THR A 125 2.06 12.59 5.38
CA THR A 125 2.64 13.73 4.69
C THR A 125 2.99 13.37 3.24
N VAL A 126 1.95 13.22 2.43
CA VAL A 126 2.14 12.87 1.04
C VAL A 126 2.96 13.95 0.34
N THR A 127 3.72 13.53 -0.66
CA THR A 127 4.56 14.46 -1.40
C THR A 127 4.69 14.00 -2.85
N GLY A 128 5.37 14.83 -3.64
CA GLY A 128 5.58 14.52 -5.04
C GLY A 128 6.81 15.26 -5.59
N GLN A 129 7.77 14.48 -6.04
CA GLN A 129 8.99 15.04 -6.59
C GLN A 129 10.01 13.92 -6.87
N GLY A 130 11.27 14.31 -6.87
CA GLY A 130 12.35 13.36 -7.13
C GLY A 130 11.94 12.34 -8.18
N ASN A 131 12.04 11.07 -7.81
CA ASN A 131 11.69 10.00 -8.71
C ASN A 131 10.44 10.39 -9.51
N SER A 132 9.30 10.25 -8.85
CA SER A 132 8.03 10.58 -9.47
C SER A 132 7.04 11.10 -8.43
N LEU A 133 7.01 10.40 -7.30
CA LEU A 133 6.12 10.77 -6.21
C LEU A 133 6.69 10.26 -4.89
N LYS A 134 6.21 10.84 -3.81
CA LYS A 134 6.67 10.45 -2.48
C LYS A 134 5.47 10.44 -1.53
N VAL A 135 5.65 9.73 -0.41
CA VAL A 135 4.60 9.62 0.58
C VAL A 135 5.24 9.35 1.96
N GLY A 136 4.98 10.27 2.88
CA GLY A 136 5.51 10.13 4.22
C GLY A 136 6.97 9.69 4.18
N ASN A 137 7.75 10.37 3.36
CA ASN A 137 9.16 10.06 3.22
C ASN A 137 9.34 8.96 2.17
N ALA A 138 8.44 7.99 2.21
CA ALA A 138 8.50 6.88 1.27
C ALA A 138 8.55 7.44 -0.15
N ASP A 139 8.67 6.53 -1.10
CA ASP A 139 8.75 6.91 -2.51
C ASP A 139 7.63 6.20 -3.28
N VAL A 140 6.73 7.01 -3.83
CA VAL A 140 5.61 6.47 -4.60
C VAL A 140 6.16 5.65 -5.76
N VAL A 141 6.39 4.36 -5.48
CA VAL A 141 6.90 3.46 -6.50
C VAL A 141 5.96 3.46 -7.69
N CYS A 142 4.72 3.09 -7.44
CA CYS A 142 3.71 3.04 -8.49
C CYS A 142 2.36 3.45 -7.88
N GLY A 143 2.02 4.72 -8.09
CA GLY A 143 0.77 5.24 -7.58
C GLY A 143 -0.21 5.54 -8.71
N GLY A 144 -1.45 5.81 -8.33
CA GLY A 144 -2.49 6.10 -9.30
C GLY A 144 -2.90 4.84 -10.06
N VAL A 145 -2.73 3.70 -9.41
CA VAL A 145 -3.08 2.43 -10.01
C VAL A 145 -4.43 1.96 -9.46
N SER A 146 -5.40 2.86 -9.54
CA SER A 146 -6.75 2.56 -9.06
C SER A 146 -7.09 1.10 -9.36
N THR A 147 -7.21 0.33 -8.29
CA THR A 147 -7.53 -1.09 -8.42
C THR A 147 -9.01 -1.26 -8.74
N ALA A 148 -9.79 -1.53 -7.70
CA ALA A 148 -11.22 -1.72 -7.86
C ALA A 148 -11.96 -0.51 -7.30
N ASN A 149 -12.08 -0.47 -5.99
CA ASN A 149 -12.76 0.63 -5.33
C ASN A 149 -11.80 1.31 -4.35
N ALA A 150 -10.57 1.49 -4.81
CA ALA A 150 -9.55 2.13 -3.98
C ALA A 150 -8.27 2.28 -4.80
N THR A 151 -7.66 3.45 -4.66
CA THR A 151 -6.42 3.74 -5.38
C THR A 151 -5.30 2.81 -4.92
N VAL A 152 -4.17 2.91 -5.59
CA VAL A 152 -3.02 2.10 -5.25
C VAL A 152 -1.75 2.95 -5.37
N TYR A 153 -1.02 3.00 -4.27
CA TYR A 153 0.22 3.76 -4.23
C TYR A 153 1.33 2.97 -3.53
N MET A 154 1.99 2.13 -4.31
CA MET A 154 3.07 1.32 -3.78
C MET A 154 4.30 2.18 -3.45
N ILE A 155 4.58 2.28 -2.16
CA ILE A 155 5.72 3.07 -1.70
C ILE A 155 6.87 2.13 -1.34
N ASP A 156 8.01 2.73 -1.04
CA ASP A 156 9.19 1.96 -0.66
C ASP A 156 9.50 2.20 0.81
N SER A 157 8.46 2.15 1.62
CA SER A 157 8.61 2.36 3.06
C SER A 157 7.29 2.07 3.77
N VAL A 158 7.34 1.11 4.67
CA VAL A 158 6.15 0.73 5.42
C VAL A 158 5.76 1.87 6.37
N LEU A 159 5.19 2.91 5.78
CA LEU A 159 4.77 4.07 6.54
C LEU A 159 4.32 3.62 7.93
N MET A 160 4.43 4.54 8.89
CA MET A 160 4.04 4.25 10.25
C MET A 160 3.20 5.38 10.83
N PRO A 161 2.21 4.98 11.68
CA PRO A 161 1.32 5.96 12.30
C PRO A 161 2.04 6.70 13.43
N PRO A 162 2.23 8.03 13.22
CA PRO A 162 2.89 8.86 14.21
C PRO A 162 1.96 9.15 15.39
N ALA A 163 1.67 8.09 16.13
CA ALA A 163 0.79 8.22 17.29
C ALA A 163 1.11 7.10 18.29
N GLY A 1 4.79 7.41 -20.93
CA GLY A 1 4.41 7.64 -19.53
C GLY A 1 3.32 6.66 -19.10
N ASP A 2 3.74 5.67 -18.33
CA ASP A 2 2.81 4.67 -17.83
C ASP A 2 2.78 4.72 -16.29
N LEU A 3 1.57 4.74 -15.77
CA LEU A 3 1.39 4.78 -14.33
C LEU A 3 2.37 5.80 -13.72
N VAL A 4 2.48 5.75 -12.40
CA VAL A 4 3.37 6.65 -11.69
C VAL A 4 4.76 6.03 -11.63
N GLY A 5 5.66 6.73 -10.94
CA GLY A 5 6.67 6.07 -10.13
C GLY A 5 7.68 5.34 -11.02
N PRO A 6 8.87 5.08 -10.43
CA PRO A 6 9.93 4.39 -11.16
C PRO A 6 9.62 2.89 -11.29
N GLY A 7 9.41 2.26 -10.14
CA GLY A 7 9.11 0.84 -10.11
C GLY A 7 8.13 0.47 -11.24
N CYS A 8 6.97 1.11 -11.19
CA CYS A 8 5.95 0.85 -12.19
C CYS A 8 6.63 0.65 -13.55
N ALA A 9 7.71 1.39 -13.75
CA ALA A 9 8.46 1.30 -14.99
C ALA A 9 8.91 -0.15 -15.20
N GLU A 10 9.70 -0.64 -14.25
CA GLU A 10 10.19 -2.01 -14.33
C GLU A 10 9.09 -2.99 -13.93
N TYR A 11 8.49 -2.73 -12.79
CA TYR A 11 7.42 -3.59 -12.28
C TYR A 11 6.57 -4.12 -13.44
N ALA A 12 5.84 -3.20 -14.05
CA ALA A 12 4.97 -3.56 -15.16
C ALA A 12 5.71 -4.53 -16.09
N ALA A 13 6.87 -4.09 -16.55
CA ALA A 13 7.68 -4.90 -17.44
C ALA A 13 7.70 -6.34 -16.93
N ALA A 14 7.73 -6.47 -15.61
CA ALA A 14 7.75 -7.77 -14.98
C ALA A 14 6.33 -8.35 -14.95
N ASN A 15 5.39 -7.49 -14.57
CA ASN A 15 4.00 -7.90 -14.51
C ASN A 15 3.15 -6.91 -15.30
N PRO A 16 3.20 -7.05 -16.64
CA PRO A 16 2.44 -6.17 -17.52
C PRO A 16 0.96 -6.54 -17.52
N THR A 17 0.68 -7.76 -17.96
CA THR A 17 -0.69 -8.25 -18.01
C THR A 17 -0.81 -9.55 -17.21
N GLY A 18 -1.46 -9.43 -16.06
CA GLY A 18 -1.65 -10.59 -15.20
C GLY A 18 -2.44 -10.20 -13.94
N PRO A 19 -2.33 -11.07 -12.91
CA PRO A 19 -3.02 -10.83 -11.64
C PRO A 19 -2.32 -9.73 -10.85
N ALA A 20 -0.99 -9.74 -10.90
CA ALA A 20 -0.20 -8.75 -10.19
C ALA A 20 0.05 -7.55 -11.11
N SER A 21 -1.04 -7.03 -11.66
CA SER A 21 -0.94 -5.89 -12.55
C SER A 21 -1.87 -4.77 -12.07
N VAL A 22 -1.68 -3.59 -12.65
CA VAL A 22 -2.49 -2.44 -12.29
C VAL A 22 -3.93 -2.68 -12.73
N GLN A 23 -4.11 -3.72 -13.53
CA GLN A 23 -5.43 -4.07 -14.03
C GLN A 23 -5.95 -5.32 -13.33
N GLY A 24 -5.07 -6.31 -13.23
CA GLY A 24 -5.42 -7.57 -12.58
C GLY A 24 -5.94 -7.32 -11.16
N MET A 25 -5.64 -6.14 -10.65
CA MET A 25 -6.08 -5.77 -9.31
C MET A 25 -7.34 -4.90 -9.36
N SER A 26 -7.67 -4.48 -10.57
CA SER A 26 -8.85 -3.65 -10.76
C SER A 26 -10.12 -4.49 -10.68
N GLN A 27 -10.01 -5.71 -11.19
CA GLN A 27 -11.14 -6.63 -11.18
C GLN A 27 -11.26 -7.30 -9.81
N ASP A 28 -10.31 -6.98 -8.94
CA ASP A 28 -10.30 -7.53 -7.60
C ASP A 28 -10.43 -6.40 -6.58
N PRO A 29 -10.82 -6.79 -5.34
CA PRO A 29 -10.99 -5.82 -4.27
C PRO A 29 -9.64 -5.36 -3.73
N VAL A 30 -9.54 -4.07 -3.46
CA VAL A 30 -8.32 -3.49 -2.95
C VAL A 30 -7.49 -4.59 -2.27
N ALA A 31 -8.14 -5.32 -1.38
CA ALA A 31 -7.48 -6.40 -0.67
C ALA A 31 -6.69 -7.25 -1.66
N VAL A 32 -7.38 -8.24 -2.23
CA VAL A 32 -6.76 -9.13 -3.18
C VAL A 32 -5.92 -8.31 -4.17
N ALA A 33 -6.44 -7.15 -4.53
CA ALA A 33 -5.76 -6.26 -5.45
C ALA A 33 -4.28 -6.17 -5.06
N ALA A 34 -4.03 -6.40 -3.78
CA ALA A 34 -2.66 -6.36 -3.26
C ALA A 34 -2.13 -7.79 -3.10
N SER A 35 -3.04 -8.69 -2.77
CA SER A 35 -2.69 -10.08 -2.58
C SER A 35 -2.04 -10.63 -3.85
N ASN A 36 -2.23 -9.91 -4.94
CA ASN A 36 -1.67 -10.32 -6.21
C ASN A 36 -0.20 -9.93 -6.26
N ASN A 37 0.10 -8.74 -5.73
CA ASN A 37 1.28 -8.01 -6.13
C ASN A 37 2.51 -8.64 -5.48
N PRO A 38 3.60 -8.75 -6.28
CA PRO A 38 4.84 -9.33 -5.80
C PRO A 38 5.57 -8.36 -4.87
N GLU A 39 4.95 -7.21 -4.66
CA GLU A 39 5.53 -6.19 -3.80
C GLU A 39 4.57 -5.85 -2.66
N LEU A 40 3.39 -6.45 -2.72
CA LEU A 40 2.38 -6.21 -1.70
C LEU A 40 2.01 -7.55 -1.05
N THR A 41 2.54 -8.62 -1.61
CA THR A 41 2.27 -9.94 -1.08
C THR A 41 2.36 -9.95 0.44
N THR A 42 3.51 -9.54 0.93
CA THR A 42 3.74 -9.49 2.37
C THR A 42 2.76 -8.52 3.03
N LEU A 43 2.40 -7.49 2.28
CA LEU A 43 1.48 -6.49 2.79
C LEU A 43 0.11 -7.14 3.03
N THR A 44 -0.46 -7.66 1.95
CA THR A 44 -1.75 -8.31 2.03
C THR A 44 -1.80 -9.28 3.21
N ALA A 45 -0.90 -10.26 3.18
CA ALA A 45 -0.82 -11.25 4.23
C ALA A 45 -1.08 -10.57 5.58
N ALA A 46 -0.55 -9.35 5.70
CA ALA A 46 -0.71 -8.60 6.93
C ALA A 46 -2.19 -8.23 7.10
N LEU A 47 -2.64 -7.30 6.26
CA LEU A 47 -4.02 -6.85 6.31
C LEU A 47 -4.94 -8.07 6.35
N SER A 48 -4.87 -8.88 5.30
CA SER A 48 -5.69 -10.07 5.20
C SER A 48 -5.71 -10.80 6.56
N GLY A 49 -4.52 -11.15 7.02
CA GLY A 49 -4.39 -11.85 8.30
C GLY A 49 -3.34 -12.94 8.21
N GLN A 50 -3.07 -13.38 6.99
CA GLN A 50 -2.09 -14.42 6.76
C GLN A 50 -0.90 -14.25 7.72
N LEU A 51 -0.64 -13.00 8.07
CA LEU A 51 0.45 -12.68 8.97
C LEU A 51 -0.02 -12.85 10.42
N ASN A 52 -1.14 -12.21 10.72
CA ASN A 52 -1.71 -12.29 12.05
C ASN A 52 -3.13 -12.83 11.97
N PRO A 53 -3.39 -13.89 12.80
CA PRO A 53 -4.71 -14.50 12.83
C PRO A 53 -5.71 -13.63 13.58
N GLN A 54 -5.23 -12.46 13.99
CA GLN A 54 -6.08 -11.52 14.71
C GLN A 54 -6.26 -10.24 13.91
N VAL A 55 -5.59 -10.20 12.77
CA VAL A 55 -5.66 -9.04 11.90
C VAL A 55 -6.35 -9.43 10.58
N ASN A 56 -7.34 -8.62 10.20
CA ASN A 56 -8.07 -8.88 8.98
C ASN A 56 -8.72 -7.57 8.50
N LEU A 57 -7.93 -6.78 7.78
CA LEU A 57 -8.40 -5.52 7.25
C LEU A 57 -8.89 -5.71 5.82
N VAL A 58 -9.06 -6.97 5.45
CA VAL A 58 -9.52 -7.31 4.11
C VAL A 58 -10.98 -6.89 3.95
N ASP A 59 -11.84 -7.56 4.72
CA ASP A 59 -13.26 -7.26 4.69
C ASP A 59 -13.46 -5.75 4.65
N THR A 60 -12.69 -5.07 5.48
CA THR A 60 -12.79 -3.62 5.55
C THR A 60 -12.21 -2.98 4.28
N LEU A 61 -10.91 -3.12 4.12
CA LEU A 61 -10.23 -2.57 2.95
C LEU A 61 -11.11 -2.76 1.72
N ASN A 62 -11.90 -3.83 1.76
CA ASN A 62 -12.79 -4.14 0.65
C ASN A 62 -14.19 -3.55 0.94
N SER A 63 -14.21 -2.25 1.16
CA SER A 63 -15.46 -1.57 1.46
C SER A 63 -15.20 -0.08 1.71
N GLY A 64 -15.58 0.73 0.74
CA GLY A 64 -15.38 2.16 0.84
C GLY A 64 -14.19 2.62 0.01
N GLN A 65 -14.35 3.80 -0.60
CA GLN A 65 -13.30 4.36 -1.43
C GLN A 65 -12.05 4.63 -0.58
N TYR A 66 -11.05 3.77 -0.75
CA TYR A 66 -9.81 3.92 -0.02
C TYR A 66 -8.65 4.23 -0.96
N THR A 67 -7.46 4.30 -0.38
CA THR A 67 -6.26 4.58 -1.16
C THR A 67 -5.05 3.87 -0.55
N VAL A 68 -4.86 2.63 -0.97
CA VAL A 68 -3.76 1.83 -0.47
C VAL A 68 -2.45 2.61 -0.67
N PHE A 69 -1.63 2.60 0.37
CA PHE A 69 -0.36 3.29 0.34
C PHE A 69 0.80 2.34 0.63
N ALA A 70 1.06 1.45 -0.32
CA ALA A 70 1.39 0.08 0.01
C ALA A 70 2.92 -0.07 0.04
N PRO A 71 3.42 -0.66 1.15
CA PRO A 71 4.85 -0.86 1.32
C PRO A 71 5.34 -2.02 0.45
N THR A 72 6.30 -1.71 -0.40
CA THR A 72 6.86 -2.71 -1.31
C THR A 72 7.59 -3.79 -0.50
N ASN A 73 8.06 -4.79 -1.22
CA ASN A 73 8.77 -5.90 -0.59
C ASN A 73 10.10 -5.38 -0.04
N ALA A 74 10.49 -4.21 -0.53
CA ALA A 74 11.74 -3.61 -0.09
C ALA A 74 11.47 -2.71 1.12
N ALA A 75 10.21 -2.33 1.27
CA ALA A 75 9.81 -1.48 2.38
C ALA A 75 9.78 -2.31 3.67
N PHE A 76 9.22 -3.51 3.55
CA PHE A 76 9.12 -4.40 4.69
C PHE A 76 10.49 -4.96 5.06
N SER A 77 11.24 -5.33 4.04
CA SER A 77 12.57 -5.88 4.24
C SER A 77 13.42 -4.92 5.08
N LYS A 78 13.33 -3.65 4.73
CA LYS A 78 14.07 -2.62 5.43
C LYS A 78 14.04 -2.91 6.92
N LEU A 79 12.85 -2.80 7.49
CA LEU A 79 12.67 -3.05 8.91
C LEU A 79 13.38 -4.35 9.30
N PRO A 80 13.80 -4.41 10.60
CA PRO A 80 14.50 -5.59 11.10
C PRO A 80 13.53 -6.75 11.30
N ALA A 81 13.99 -7.93 10.92
CA ALA A 81 13.19 -9.14 11.05
C ALA A 81 12.42 -9.08 12.37
N SER A 82 13.06 -8.53 13.38
CA SER A 82 12.44 -8.40 14.69
C SER A 82 11.07 -7.74 14.56
N THR A 83 11.07 -6.55 13.99
CA THR A 83 9.85 -5.79 13.80
C THR A 83 8.82 -6.65 13.05
N ILE A 84 9.28 -7.28 11.99
CA ILE A 84 8.41 -8.13 11.19
C ILE A 84 7.89 -9.29 12.04
N ASP A 85 8.80 -10.20 12.36
CA ASP A 85 8.45 -11.35 13.16
C ASP A 85 7.52 -10.91 14.29
N GLU A 86 7.66 -9.66 14.69
CA GLU A 86 6.84 -9.11 15.75
C GLU A 86 5.43 -8.85 15.24
N LEU A 87 5.35 -8.23 14.08
CA LEU A 87 4.08 -7.91 13.47
C LEU A 87 3.20 -9.16 13.47
N LYS A 88 3.85 -10.31 13.33
CA LYS A 88 3.14 -11.58 13.31
C LYS A 88 2.85 -12.01 14.74
N THR A 89 2.69 -11.03 15.61
CA THR A 89 2.41 -11.29 17.01
C THR A 89 2.10 -9.99 17.75
N ASN A 90 1.51 -9.07 17.02
CA ASN A 90 1.14 -7.77 17.59
C ASN A 90 -0.37 -7.59 17.49
N SER A 91 -0.82 -7.35 16.26
CA SER A 91 -2.23 -7.14 16.01
C SER A 91 -2.65 -5.74 16.48
N SER A 92 -1.68 -5.02 17.02
CA SER A 92 -1.93 -3.67 17.50
C SER A 92 -0.97 -2.68 16.84
N LEU A 93 0.30 -3.05 16.85
CA LEU A 93 1.33 -2.21 16.25
C LEU A 93 1.43 -2.52 14.75
N LEU A 94 0.90 -3.68 14.38
CA LEU A 94 0.93 -4.11 13.00
C LEU A 94 -0.30 -3.54 12.27
N THR A 95 -1.45 -3.68 12.92
CA THR A 95 -2.70 -3.19 12.35
C THR A 95 -2.60 -1.69 12.06
N SER A 96 -2.08 -0.96 13.04
CA SER A 96 -1.93 0.47 12.90
C SER A 96 -1.19 0.80 11.60
N ILE A 97 -0.25 -0.07 11.25
CA ILE A 97 0.53 0.10 10.05
C ILE A 97 -0.37 -0.08 8.83
N LEU A 98 -0.88 -1.29 8.69
CA LEU A 98 -1.75 -1.61 7.57
C LEU A 98 -2.72 -0.46 7.34
N THR A 99 -3.45 -0.11 8.39
CA THR A 99 -4.40 0.98 8.31
C THR A 99 -3.75 2.23 7.74
N TYR A 100 -2.61 2.58 8.33
CA TYR A 100 -1.88 3.76 7.89
C TYR A 100 -1.45 3.63 6.43
N HIS A 101 -1.51 2.39 5.94
CA HIS A 101 -1.14 2.12 4.56
C HIS A 101 -2.38 2.15 3.68
N VAL A 102 -3.39 2.87 4.16
CA VAL A 102 -4.63 2.99 3.42
C VAL A 102 -5.37 4.24 3.89
N VAL A 103 -5.74 5.08 2.91
CA VAL A 103 -6.45 6.31 3.21
C VAL A 103 -7.91 6.17 2.77
N ALA A 104 -8.74 7.03 3.33
CA ALA A 104 -10.16 7.01 3.01
C ALA A 104 -10.47 8.15 2.04
N GLY A 105 -10.68 7.77 0.78
CA GLY A 105 -10.98 8.74 -0.26
C GLY A 105 -10.04 8.59 -1.45
N GLN A 106 -10.40 7.69 -2.35
CA GLN A 106 -9.60 7.44 -3.53
C GLN A 106 -8.98 8.75 -4.03
N THR A 107 -7.68 8.69 -4.29
CA THR A 107 -6.96 9.85 -4.78
C THR A 107 -6.09 9.48 -5.98
N SER A 108 -5.55 10.51 -6.61
CA SER A 108 -4.70 10.30 -7.77
C SER A 108 -3.25 10.70 -7.45
N PRO A 109 -2.31 10.23 -8.31
CA PRO A 109 -0.91 10.53 -8.13
C PRO A 109 -0.60 11.97 -8.55
N ALA A 110 -1.37 12.90 -7.98
CA ALA A 110 -1.19 14.30 -8.29
C ALA A 110 -1.69 15.15 -7.12
N ASN A 111 -2.88 14.79 -6.64
CA ASN A 111 -3.48 15.49 -5.52
C ASN A 111 -3.13 14.77 -4.22
N VAL A 112 -2.78 13.50 -4.34
CA VAL A 112 -2.42 12.70 -3.19
C VAL A 112 -1.35 13.44 -2.39
N VAL A 113 -0.63 14.32 -3.07
CA VAL A 113 0.43 15.08 -2.43
C VAL A 113 -0.18 15.95 -1.32
N GLY A 114 0.44 15.89 -0.16
CA GLY A 114 -0.02 16.65 0.98
C GLY A 114 -0.24 15.75 2.19
N THR A 115 -0.34 16.39 3.36
CA THR A 115 -0.56 15.66 4.59
C THR A 115 -1.98 15.12 4.66
N ARG A 116 -2.16 13.93 4.09
CA ARG A 116 -3.46 13.30 4.08
C ARG A 116 -3.77 12.70 5.44
N GLN A 117 -4.89 11.98 5.50
CA GLN A 117 -5.31 11.35 6.75
C GLN A 117 -5.66 9.88 6.50
N THR A 118 -4.69 9.01 6.82
CA THR A 118 -4.90 7.59 6.64
C THR A 118 -6.16 7.12 7.36
N LEU A 119 -6.76 6.08 6.81
CA LEU A 119 -7.98 5.53 7.39
C LEU A 119 -7.74 5.23 8.88
N GLN A 120 -6.47 5.03 9.21
CA GLN A 120 -6.10 4.74 10.58
C GLN A 120 -6.46 5.91 11.50
N GLY A 121 -6.10 7.11 11.04
CA GLY A 121 -6.38 8.31 11.80
C GLY A 121 -5.20 9.28 11.74
N ALA A 122 -4.01 8.71 11.54
CA ALA A 122 -2.80 9.51 11.46
C ALA A 122 -2.72 10.18 10.09
N SER A 123 -1.90 11.21 10.02
CA SER A 123 -1.72 11.95 8.78
C SER A 123 -0.52 11.40 8.02
N VAL A 124 -0.69 11.26 6.71
CA VAL A 124 0.37 10.76 5.86
C VAL A 124 0.90 11.89 4.98
N THR A 125 2.08 12.35 5.31
CA THR A 125 2.71 13.43 4.56
C THR A 125 3.12 12.94 3.17
N VAL A 126 2.35 13.36 2.18
CA VAL A 126 2.61 12.98 0.81
C VAL A 126 3.34 14.12 0.10
N THR A 127 4.30 13.73 -0.73
CA THR A 127 5.08 14.71 -1.47
C THR A 127 5.24 14.27 -2.93
N GLY A 128 5.86 15.14 -3.71
CA GLY A 128 6.08 14.86 -5.12
C GLY A 128 5.60 16.01 -6.00
N GLN A 129 4.53 15.74 -6.74
CA GLN A 129 3.96 16.75 -7.61
C GLN A 129 4.67 16.73 -8.97
N GLY A 130 4.24 15.82 -9.83
CA GLY A 130 4.84 15.71 -11.15
C GLY A 130 5.84 14.56 -11.19
N ASN A 131 7.12 14.93 -11.24
CA ASN A 131 8.19 13.96 -11.28
C ASN A 131 8.69 13.70 -9.86
N SER A 132 8.63 12.43 -9.48
CA SER A 132 9.07 12.03 -8.15
C SER A 132 7.93 12.17 -7.14
N LEU A 133 7.63 11.06 -6.49
CA LEU A 133 6.55 11.04 -5.50
C LEU A 133 7.08 10.45 -4.20
N LYS A 134 6.62 11.03 -3.10
CA LYS A 134 7.04 10.57 -1.78
C LYS A 134 5.80 10.36 -0.91
N VAL A 135 6.00 9.64 0.19
CA VAL A 135 4.92 9.36 1.10
C VAL A 135 5.50 8.83 2.42
N GLY A 136 5.05 9.43 3.51
CA GLY A 136 5.51 9.04 4.84
C GLY A 136 6.94 8.48 4.77
N ASN A 137 7.89 9.40 4.72
CA ASN A 137 9.29 9.02 4.65
C ASN A 137 9.44 7.79 3.74
N ALA A 138 8.85 7.90 2.56
CA ALA A 138 8.92 6.83 1.59
C ALA A 138 8.91 7.40 0.17
N ASP A 139 9.13 6.54 -0.80
CA ASP A 139 9.15 6.95 -2.19
C ASP A 139 8.10 6.16 -2.97
N VAL A 140 7.18 6.89 -3.58
CA VAL A 140 6.13 6.26 -4.36
C VAL A 140 6.75 5.49 -5.52
N VAL A 141 6.62 4.17 -5.44
CA VAL A 141 7.16 3.30 -6.48
C VAL A 141 6.20 3.26 -7.66
N CYS A 142 4.92 3.15 -7.34
CA CYS A 142 3.89 3.10 -8.37
C CYS A 142 2.54 3.41 -7.71
N GLY A 143 1.91 4.48 -8.18
CA GLY A 143 0.62 4.87 -7.65
C GLY A 143 -0.43 4.93 -8.76
N GLY A 144 -1.59 5.46 -8.40
CA GLY A 144 -2.69 5.57 -9.36
C GLY A 144 -3.11 4.20 -9.87
N VAL A 145 -2.72 3.18 -9.12
CA VAL A 145 -3.06 1.82 -9.50
C VAL A 145 -4.44 1.45 -8.94
N SER A 146 -5.42 2.25 -9.34
CA SER A 146 -6.79 2.03 -8.88
C SER A 146 -7.16 0.56 -9.03
N THR A 147 -7.75 0.03 -7.97
CA THR A 147 -8.16 -1.37 -7.97
C THR A 147 -9.67 -1.49 -8.24
N ALA A 148 -10.41 -1.78 -7.18
CA ALA A 148 -11.85 -1.93 -7.30
C ALA A 148 -12.52 -0.68 -6.72
N ASN A 149 -12.37 -0.51 -5.42
CA ASN A 149 -12.95 0.61 -4.73
C ASN A 149 -11.89 1.29 -3.85
N ALA A 150 -10.67 1.35 -4.39
CA ALA A 150 -9.57 1.95 -3.68
C ALA A 150 -8.36 2.05 -4.61
N THR A 151 -7.50 3.01 -4.30
CA THR A 151 -6.30 3.23 -5.09
C THR A 151 -5.12 2.44 -4.52
N VAL A 152 -4.00 2.51 -5.22
CA VAL A 152 -2.80 1.82 -4.79
C VAL A 152 -1.58 2.71 -5.03
N TYR A 153 -0.75 2.82 -4.01
CA TYR A 153 0.45 3.64 -4.11
C TYR A 153 1.62 2.97 -3.40
N MET A 154 2.37 2.18 -4.18
CA MET A 154 3.52 1.48 -3.64
C MET A 154 4.58 2.47 -3.16
N ILE A 155 5.27 2.07 -2.09
CA ILE A 155 6.31 2.91 -1.52
C ILE A 155 7.50 2.03 -1.12
N ASP A 156 8.56 2.68 -0.66
CA ASP A 156 9.76 1.98 -0.25
C ASP A 156 9.93 2.12 1.27
N SER A 157 8.80 2.21 1.96
CA SER A 157 8.82 2.35 3.40
C SER A 157 7.49 1.86 3.98
N VAL A 158 7.59 1.26 5.16
CA VAL A 158 6.41 0.75 5.83
C VAL A 158 5.60 1.91 6.40
N LEU A 159 5.95 3.11 5.95
CA LEU A 159 5.27 4.30 6.40
C LEU A 159 5.17 4.29 7.93
N MET A 160 4.13 3.61 8.41
CA MET A 160 3.91 3.51 9.85
C MET A 160 3.31 4.80 10.40
N PRO A 161 2.32 4.64 11.32
CA PRO A 161 1.66 5.77 11.93
C PRO A 161 2.56 6.43 12.98
N PRO A 162 2.75 7.77 12.82
CA PRO A 162 3.58 8.53 13.74
C PRO A 162 2.86 8.75 15.08
N ALA A 163 2.70 7.65 15.82
CA ALA A 163 2.03 7.71 17.10
C ALA A 163 2.28 6.41 17.85
N GLY A 1 -0.48 3.19 -18.73
CA GLY A 1 -0.26 4.62 -18.81
C GLY A 1 -1.00 5.35 -17.68
N ASP A 2 -0.79 6.65 -17.62
CA ASP A 2 -1.43 7.47 -16.59
C ASP A 2 -0.96 7.01 -15.22
N LEU A 3 0.25 6.48 -15.18
CA LEU A 3 0.83 6.00 -13.93
C LEU A 3 1.98 6.92 -13.53
N VAL A 4 2.37 6.80 -12.26
CA VAL A 4 3.45 7.62 -11.74
C VAL A 4 4.37 6.74 -10.88
N GLY A 5 5.67 6.95 -11.05
CA GLY A 5 6.66 6.22 -10.27
C GLY A 5 7.69 5.55 -11.17
N PRO A 6 8.89 5.30 -10.58
CA PRO A 6 9.97 4.67 -11.33
C PRO A 6 9.70 3.17 -11.52
N GLY A 7 9.32 2.53 -10.41
CA GLY A 7 9.04 1.11 -10.44
C GLY A 7 7.87 0.81 -11.39
N CYS A 8 6.89 1.70 -11.38
CA CYS A 8 5.72 1.54 -12.23
C CYS A 8 6.19 1.12 -13.62
N ALA A 9 7.39 1.57 -13.98
CA ALA A 9 7.96 1.24 -15.27
C ALA A 9 8.52 -0.18 -15.24
N GLU A 10 9.67 -0.31 -14.59
CA GLU A 10 10.33 -1.60 -14.48
C GLU A 10 9.30 -2.68 -14.11
N TYR A 11 8.55 -2.40 -13.05
CA TYR A 11 7.54 -3.35 -12.59
C TYR A 11 6.85 -4.03 -13.77
N ALA A 12 6.11 -3.23 -14.53
CA ALA A 12 5.39 -3.74 -15.68
C ALA A 12 6.28 -4.77 -16.41
N ALA A 13 7.51 -4.36 -16.69
CA ALA A 13 8.45 -5.23 -17.37
C ALA A 13 8.43 -6.61 -16.72
N ALA A 14 8.50 -6.60 -15.40
CA ALA A 14 8.49 -7.84 -14.64
C ALA A 14 7.09 -8.45 -14.68
N ASN A 15 6.11 -7.63 -14.33
CA ASN A 15 4.72 -8.08 -14.32
C ASN A 15 3.93 -7.26 -15.34
N PRO A 16 4.05 -7.66 -16.63
CA PRO A 16 3.35 -6.96 -17.70
C PRO A 16 1.86 -7.33 -17.70
N THR A 17 1.58 -8.52 -17.21
CA THR A 17 0.20 -9.00 -17.15
C THR A 17 -0.04 -9.78 -15.85
N GLY A 18 -1.07 -10.58 -15.86
CA GLY A 18 -1.42 -11.38 -14.70
C GLY A 18 -2.19 -10.55 -13.67
N PRO A 19 -2.39 -11.15 -12.48
CA PRO A 19 -3.10 -10.47 -11.39
C PRO A 19 -2.22 -9.40 -10.75
N ALA A 20 -0.92 -9.59 -10.88
CA ALA A 20 0.04 -8.66 -10.32
C ALA A 20 0.27 -7.51 -11.31
N SER A 21 -0.83 -6.95 -11.79
CA SER A 21 -0.75 -5.85 -12.74
C SER A 21 -1.63 -4.69 -12.26
N VAL A 22 -1.60 -3.61 -13.04
CA VAL A 22 -2.39 -2.44 -12.72
C VAL A 22 -3.87 -2.73 -12.98
N GLN A 23 -4.11 -3.43 -14.07
CA GLN A 23 -5.47 -3.77 -14.44
C GLN A 23 -5.87 -5.11 -13.82
N GLY A 24 -5.00 -6.09 -14.01
CA GLY A 24 -5.24 -7.42 -13.46
C GLY A 24 -5.70 -7.34 -12.01
N MET A 25 -5.28 -6.29 -11.34
CA MET A 25 -5.65 -6.08 -9.95
C MET A 25 -6.91 -5.22 -9.83
N SER A 26 -7.16 -4.45 -10.88
CA SER A 26 -8.32 -3.58 -10.91
C SER A 26 -9.60 -4.41 -10.89
N GLN A 27 -9.42 -5.70 -11.12
CA GLN A 27 -10.56 -6.62 -11.14
C GLN A 27 -10.75 -7.24 -9.76
N ASP A 28 -10.05 -6.69 -8.79
CA ASP A 28 -10.13 -7.18 -7.43
C ASP A 28 -10.42 -6.01 -6.48
N PRO A 29 -11.10 -6.33 -5.34
CA PRO A 29 -11.44 -5.32 -4.36
C PRO A 29 -10.22 -4.91 -3.56
N VAL A 30 -9.61 -3.82 -3.98
CA VAL A 30 -8.43 -3.30 -3.30
C VAL A 30 -7.65 -4.46 -2.69
N ALA A 31 -7.62 -4.47 -1.36
CA ALA A 31 -6.92 -5.52 -0.63
C ALA A 31 -6.57 -6.65 -1.59
N VAL A 32 -7.58 -7.41 -1.97
CA VAL A 32 -7.39 -8.53 -2.88
C VAL A 32 -6.30 -8.17 -3.89
N ALA A 33 -6.57 -7.11 -4.66
CA ALA A 33 -5.62 -6.66 -5.66
C ALA A 33 -4.20 -6.76 -5.10
N ALA A 34 -3.94 -5.96 -4.07
CA ALA A 34 -2.63 -5.95 -3.44
C ALA A 34 -2.20 -7.38 -3.16
N SER A 35 -3.19 -8.24 -2.94
CA SER A 35 -2.92 -9.63 -2.66
C SER A 35 -2.61 -10.38 -3.96
N ASN A 36 -1.73 -9.78 -4.74
CA ASN A 36 -1.33 -10.37 -6.01
C ASN A 36 0.00 -9.77 -6.46
N ASN A 37 0.12 -8.46 -6.26
CA ASN A 37 1.38 -7.79 -6.46
C ASN A 37 2.48 -8.53 -5.71
N PRO A 38 3.62 -8.76 -6.42
CA PRO A 38 4.75 -9.46 -5.82
C PRO A 38 5.50 -8.55 -4.84
N GLU A 39 4.97 -7.35 -4.66
CA GLU A 39 5.57 -6.39 -3.76
C GLU A 39 4.58 -5.98 -2.67
N LEU A 40 3.36 -6.51 -2.78
CA LEU A 40 2.32 -6.22 -1.82
C LEU A 40 1.96 -7.48 -1.05
N THR A 41 2.11 -8.62 -1.73
CA THR A 41 1.81 -9.90 -1.13
C THR A 41 2.24 -9.92 0.34
N THR A 42 3.32 -9.20 0.61
CA THR A 42 3.84 -9.12 1.96
C THR A 42 2.91 -8.29 2.85
N LEU A 43 2.58 -7.10 2.36
CA LEU A 43 1.70 -6.21 3.11
C LEU A 43 0.34 -6.89 3.30
N THR A 44 -0.23 -7.31 2.18
CA THR A 44 -1.53 -7.97 2.21
C THR A 44 -1.55 -9.05 3.29
N ALA A 45 -0.66 -10.02 3.14
CA ALA A 45 -0.57 -11.11 4.11
C ALA A 45 -0.81 -10.56 5.51
N ALA A 46 -0.23 -9.39 5.76
CA ALA A 46 -0.38 -8.75 7.07
C ALA A 46 -1.84 -8.38 7.29
N LEU A 47 -2.27 -7.36 6.58
CA LEU A 47 -3.65 -6.90 6.69
C LEU A 47 -4.59 -8.11 6.65
N SER A 48 -4.54 -8.82 5.54
CA SER A 48 -5.38 -9.99 5.37
C SER A 48 -5.42 -10.81 6.67
N GLY A 49 -4.30 -11.44 6.97
CA GLY A 49 -4.19 -12.25 8.16
C GLY A 49 -3.16 -13.36 7.99
N GLN A 50 -2.87 -13.66 6.73
CA GLN A 50 -1.90 -14.70 6.41
C GLN A 50 -0.60 -14.47 7.19
N LEU A 51 -0.40 -13.23 7.60
CA LEU A 51 0.78 -12.87 8.36
C LEU A 51 0.40 -12.59 9.82
N ASN A 52 -0.66 -11.80 9.97
CA ASN A 52 -1.14 -11.44 11.29
C ASN A 52 -2.49 -12.12 11.54
N PRO A 53 -2.43 -13.26 12.27
CA PRO A 53 -3.64 -14.02 12.58
C PRO A 53 -4.44 -13.32 13.68
N GLN A 54 -4.05 -12.09 13.96
CA GLN A 54 -4.73 -11.31 14.98
C GLN A 54 -5.24 -10.00 14.40
N VAL A 55 -5.03 -9.85 13.09
CA VAL A 55 -5.46 -8.64 12.40
C VAL A 55 -6.36 -9.04 11.23
N ASN A 56 -6.89 -8.01 10.56
CA ASN A 56 -7.76 -8.24 9.42
C ASN A 56 -8.31 -6.90 8.94
N LEU A 57 -7.91 -6.52 7.74
CA LEU A 57 -8.36 -5.26 7.15
C LEU A 57 -9.01 -5.55 5.80
N VAL A 58 -8.39 -6.44 5.05
CA VAL A 58 -8.89 -6.81 3.74
C VAL A 58 -10.38 -6.49 3.66
N ASP A 59 -11.16 -7.27 4.39
CA ASP A 59 -12.61 -7.07 4.41
C ASP A 59 -12.91 -5.58 4.39
N THR A 60 -12.38 -4.88 5.37
CA THR A 60 -12.59 -3.44 5.47
C THR A 60 -12.10 -2.74 4.21
N LEU A 61 -10.84 -2.97 3.88
CA LEU A 61 -10.24 -2.37 2.70
C LEU A 61 -11.29 -2.30 1.58
N ASN A 62 -12.03 -3.39 1.45
CA ASN A 62 -13.06 -3.48 0.43
C ASN A 62 -14.35 -2.85 0.97
N SER A 63 -14.21 -1.64 1.51
CA SER A 63 -15.35 -0.93 2.05
C SER A 63 -15.66 0.30 1.20
N GLY A 64 -15.06 1.42 1.58
CA GLY A 64 -15.27 2.67 0.86
C GLY A 64 -14.03 3.02 0.02
N GLN A 65 -14.17 4.10 -0.73
CA GLN A 65 -13.07 4.56 -1.56
C GLN A 65 -11.82 4.80 -0.72
N TYR A 66 -10.86 3.90 -0.87
CA TYR A 66 -9.62 3.99 -0.13
C TYR A 66 -8.45 4.34 -1.07
N THR A 67 -7.26 4.33 -0.50
CA THR A 67 -6.06 4.63 -1.27
C THR A 67 -4.85 3.91 -0.67
N VAL A 68 -4.65 2.68 -1.13
CA VAL A 68 -3.53 1.88 -0.65
C VAL A 68 -2.24 2.67 -0.80
N PHE A 69 -1.44 2.65 0.26
CA PHE A 69 -0.17 3.37 0.26
C PHE A 69 0.98 2.43 0.60
N ALA A 70 1.23 1.49 -0.29
CA ALA A 70 1.54 0.13 0.11
C ALA A 70 3.06 -0.05 0.17
N PRO A 71 3.52 -0.63 1.31
CA PRO A 71 4.94 -0.87 1.50
C PRO A 71 5.42 -2.04 0.67
N THR A 72 6.29 -1.73 -0.29
CA THR A 72 6.83 -2.74 -1.18
C THR A 72 7.55 -3.82 -0.36
N ASN A 73 8.08 -4.81 -1.08
CA ASN A 73 8.80 -5.90 -0.44
C ASN A 73 10.17 -5.40 0.02
N ALA A 74 10.49 -4.18 -0.38
CA ALA A 74 11.76 -3.58 -0.02
C ALA A 74 11.59 -2.79 1.29
N ALA A 75 10.35 -2.42 1.56
CA ALA A 75 10.04 -1.67 2.77
C ALA A 75 10.07 -2.62 3.97
N PHE A 76 9.21 -3.63 3.90
CA PHE A 76 9.12 -4.61 4.97
C PHE A 76 10.49 -5.24 5.25
N SER A 77 11.18 -5.57 4.18
CA SER A 77 12.50 -6.17 4.29
C SER A 77 13.35 -5.38 5.28
N LYS A 78 13.47 -4.08 5.01
CA LYS A 78 14.25 -3.20 5.86
C LYS A 78 14.08 -3.63 7.32
N LEU A 79 12.83 -3.63 7.75
CA LEU A 79 12.52 -4.01 9.12
C LEU A 79 13.21 -5.34 9.44
N PRO A 80 13.64 -5.46 10.74
CA PRO A 80 14.31 -6.66 11.18
C PRO A 80 13.32 -7.81 11.38
N ALA A 81 13.80 -9.02 11.12
CA ALA A 81 12.97 -10.20 11.26
C ALA A 81 12.17 -10.11 12.57
N SER A 82 12.92 -9.92 13.65
CA SER A 82 12.31 -9.82 14.97
C SER A 82 11.02 -9.00 14.88
N THR A 83 11.13 -7.84 14.24
CA THR A 83 9.99 -6.96 14.09
C THR A 83 8.88 -7.66 13.32
N ILE A 84 9.24 -8.18 12.16
CA ILE A 84 8.28 -8.88 11.32
C ILE A 84 7.65 -10.03 12.11
N ASP A 85 8.51 -10.90 12.60
CA ASP A 85 8.04 -12.04 13.38
C ASP A 85 7.11 -11.55 14.49
N GLU A 86 7.26 -10.28 14.82
CA GLU A 86 6.43 -9.68 15.86
C GLU A 86 5.06 -9.31 15.30
N LEU A 87 5.10 -8.59 14.18
CA LEU A 87 3.87 -8.16 13.53
C LEU A 87 2.98 -9.38 13.26
N LYS A 88 3.63 -10.53 13.13
CA LYS A 88 2.93 -11.77 12.87
C LYS A 88 2.33 -12.29 14.17
N THR A 89 2.53 -11.51 15.23
CA THR A 89 2.01 -11.89 16.54
C THR A 89 1.51 -10.65 17.29
N ASN A 90 1.39 -9.56 16.54
CA ASN A 90 0.92 -8.31 17.11
C ASN A 90 -0.50 -8.03 16.62
N SER A 91 -0.92 -6.78 16.78
CA SER A 91 -2.25 -6.38 16.36
C SER A 91 -2.51 -4.94 16.79
N SER A 92 -1.90 -4.56 17.91
CA SER A 92 -2.06 -3.21 18.43
C SER A 92 -0.80 -2.40 18.17
N LEU A 93 -0.16 -2.69 17.04
CA LEU A 93 1.04 -1.98 16.66
C LEU A 93 1.23 -2.07 15.14
N LEU A 94 1.01 -3.27 14.62
CA LEU A 94 1.15 -3.50 13.20
C LEU A 94 -0.09 -2.96 12.47
N THR A 95 -1.24 -3.38 12.96
CA THR A 95 -2.51 -2.96 12.37
C THR A 95 -2.45 -1.47 12.02
N SER A 96 -1.91 -0.70 12.95
CA SER A 96 -1.79 0.74 12.76
C SER A 96 -1.05 1.04 11.45
N ILE A 97 0.07 0.35 11.28
CA ILE A 97 0.87 0.53 10.08
C ILE A 97 0.01 0.22 8.85
N LEU A 98 -0.56 -0.97 8.85
CA LEU A 98 -1.41 -1.39 7.74
C LEU A 98 -2.44 -0.30 7.44
N THR A 99 -3.27 -0.03 8.44
CA THR A 99 -4.30 0.98 8.31
C THR A 99 -3.70 2.28 7.76
N TYR A 100 -2.52 2.62 8.28
CA TYR A 100 -1.84 3.83 7.86
C TYR A 100 -1.38 3.72 6.40
N HIS A 101 -1.34 2.49 5.92
CA HIS A 101 -0.92 2.24 4.55
C HIS A 101 -2.14 2.27 3.63
N VAL A 102 -3.20 2.89 4.12
CA VAL A 102 -4.43 3.00 3.36
C VAL A 102 -5.22 4.22 3.83
N VAL A 103 -5.49 5.11 2.88
CA VAL A 103 -6.23 6.32 3.18
C VAL A 103 -7.67 6.16 2.70
N ALA A 104 -8.56 6.89 3.36
CA ALA A 104 -9.98 6.84 3.00
C ALA A 104 -10.31 8.02 2.10
N GLY A 105 -10.28 7.76 0.80
CA GLY A 105 -10.58 8.79 -0.18
C GLY A 105 -9.70 8.64 -1.43
N GLN A 106 -10.30 8.05 -2.46
CA GLN A 106 -9.59 7.83 -3.70
C GLN A 106 -9.14 9.18 -4.30
N THR A 107 -7.88 9.21 -4.72
CA THR A 107 -7.32 10.42 -5.30
C THR A 107 -6.20 10.07 -6.27
N SER A 108 -6.07 10.88 -7.31
CA SER A 108 -5.04 10.66 -8.31
C SER A 108 -3.70 11.17 -7.79
N PRO A 109 -2.61 10.73 -8.49
CA PRO A 109 -1.27 11.15 -8.11
C PRO A 109 -0.99 12.59 -8.52
N ALA A 110 -1.93 13.46 -8.16
CA ALA A 110 -1.80 14.86 -8.50
C ALA A 110 -2.58 15.69 -7.47
N ASN A 111 -2.81 15.09 -6.32
CA ASN A 111 -3.54 15.75 -5.25
C ASN A 111 -3.19 15.10 -3.91
N VAL A 112 -3.33 13.78 -3.87
CA VAL A 112 -3.04 13.03 -2.67
C VAL A 112 -1.97 13.76 -1.86
N VAL A 113 -0.97 14.26 -2.58
CA VAL A 113 0.12 14.99 -1.95
C VAL A 113 -0.45 15.87 -0.84
N GLY A 114 0.43 16.24 0.09
CA GLY A 114 0.04 17.08 1.20
C GLY A 114 -0.06 16.28 2.50
N THR A 115 -1.11 16.53 3.25
CA THR A 115 -1.33 15.84 4.50
C THR A 115 -2.73 15.22 4.53
N ARG A 116 -2.78 13.92 4.24
CA ARG A 116 -4.04 13.20 4.23
C ARG A 116 -4.29 12.56 5.60
N GLN A 117 -5.43 11.89 5.69
CA GLN A 117 -5.79 11.22 6.93
C GLN A 117 -6.07 9.75 6.69
N THR A 118 -5.07 8.92 6.97
CA THR A 118 -5.19 7.49 6.78
C THR A 118 -6.41 6.96 7.53
N LEU A 119 -6.76 5.72 7.23
CA LEU A 119 -7.90 5.08 7.86
C LEU A 119 -7.59 4.84 9.33
N GLN A 120 -6.30 4.73 9.62
CA GLN A 120 -5.85 4.50 10.98
C GLN A 120 -6.17 5.71 11.86
N GLY A 121 -6.54 6.80 11.20
CA GLY A 121 -6.86 8.03 11.91
C GLY A 121 -5.70 9.02 11.86
N ALA A 122 -4.51 8.47 11.63
CA ALA A 122 -3.32 9.29 11.57
C ALA A 122 -3.25 9.99 10.21
N SER A 123 -2.34 10.94 10.12
CA SER A 123 -2.18 11.70 8.89
C SER A 123 -0.96 11.17 8.12
N VAL A 124 -1.09 11.18 6.79
CA VAL A 124 -0.02 10.70 5.93
C VAL A 124 0.53 11.87 5.11
N THR A 125 1.80 12.18 5.34
CA THR A 125 2.45 13.27 4.64
C THR A 125 2.86 12.82 3.23
N VAL A 126 1.95 13.04 2.30
CA VAL A 126 2.19 12.68 0.91
C VAL A 126 2.94 13.82 0.21
N THR A 127 3.78 13.44 -0.74
CA THR A 127 4.55 14.41 -1.49
C THR A 127 4.89 13.87 -2.88
N GLY A 128 5.48 14.73 -3.69
CA GLY A 128 5.86 14.36 -5.04
C GLY A 128 5.16 15.23 -6.08
N GLN A 129 5.73 15.25 -7.27
CA GLN A 129 5.17 16.04 -8.36
C GLN A 129 4.58 15.12 -9.43
N GLY A 130 5.46 14.60 -10.27
CA GLY A 130 5.04 13.70 -11.34
C GLY A 130 5.97 12.49 -11.44
N ASN A 131 7.20 12.76 -11.84
CA ASN A 131 8.19 11.72 -11.98
C ASN A 131 8.84 11.43 -10.62
N SER A 132 8.35 10.38 -9.97
CA SER A 132 8.87 10.00 -8.67
C SER A 132 8.20 10.83 -7.58
N LEU A 133 7.34 10.17 -6.82
CA LEU A 133 6.62 10.84 -5.74
C LEU A 133 7.11 10.29 -4.40
N LYS A 134 6.66 10.94 -3.34
CA LYS A 134 7.04 10.52 -1.99
C LYS A 134 5.79 10.43 -1.12
N VAL A 135 5.92 9.69 -0.03
CA VAL A 135 4.81 9.53 0.90
C VAL A 135 5.36 9.14 2.27
N GLY A 136 5.09 10.00 3.24
CA GLY A 136 5.54 9.77 4.60
C GLY A 136 7.03 9.40 4.63
N ASN A 137 7.79 10.08 3.78
CA ASN A 137 9.22 9.84 3.70
C ASN A 137 9.49 8.74 2.67
N ALA A 138 8.51 7.85 2.54
CA ALA A 138 8.62 6.75 1.59
C ALA A 138 8.77 7.30 0.18
N ASP A 139 9.00 6.40 -0.76
CA ASP A 139 9.16 6.78 -2.15
C ASP A 139 8.13 6.04 -3.00
N VAL A 140 7.19 6.80 -3.54
CA VAL A 140 6.14 6.23 -4.37
C VAL A 140 6.78 5.47 -5.53
N VAL A 141 6.89 4.17 -5.36
CA VAL A 141 7.47 3.32 -6.39
C VAL A 141 6.57 3.31 -7.62
N CYS A 142 5.29 3.02 -7.38
CA CYS A 142 4.32 2.97 -8.46
C CYS A 142 2.96 3.33 -7.87
N GLY A 143 2.52 4.55 -8.18
CA GLY A 143 1.23 5.02 -7.69
C GLY A 143 0.25 5.21 -8.85
N GLY A 144 -1.02 5.33 -8.49
CA GLY A 144 -2.07 5.52 -9.48
C GLY A 144 -2.54 4.18 -10.04
N VAL A 145 -2.22 3.13 -9.31
CA VAL A 145 -2.61 1.79 -9.71
C VAL A 145 -4.01 1.47 -9.16
N SER A 146 -4.93 2.36 -9.47
CA SER A 146 -6.31 2.19 -9.02
C SER A 146 -6.75 0.74 -9.22
N THR A 147 -7.16 0.12 -8.13
CA THR A 147 -7.62 -1.26 -8.18
C THR A 147 -9.11 -1.32 -8.51
N ALA A 148 -9.91 -1.43 -7.46
CA ALA A 148 -11.35 -1.50 -7.62
C ALA A 148 -11.99 -0.24 -7.04
N ASN A 149 -12.03 -0.18 -5.72
CA ASN A 149 -12.60 0.96 -5.05
C ASN A 149 -11.55 1.60 -4.14
N ALA A 150 -10.31 1.55 -4.61
CA ALA A 150 -9.20 2.12 -3.85
C ALA A 150 -7.97 2.21 -4.76
N THR A 151 -7.16 3.22 -4.49
CA THR A 151 -5.95 3.44 -5.27
C THR A 151 -4.80 2.60 -4.71
N VAL A 152 -3.67 2.67 -5.39
CA VAL A 152 -2.49 1.92 -4.97
C VAL A 152 -1.25 2.77 -5.19
N TYR A 153 -0.48 2.93 -4.13
CA TYR A 153 0.75 3.72 -4.20
C TYR A 153 1.89 3.02 -3.48
N MET A 154 2.59 2.18 -4.22
CA MET A 154 3.72 1.44 -3.67
C MET A 154 4.80 2.39 -3.16
N ILE A 155 5.34 2.05 -2.00
CA ILE A 155 6.38 2.87 -1.39
C ILE A 155 7.50 1.96 -0.87
N ASP A 156 8.66 2.55 -0.65
CA ASP A 156 9.81 1.81 -0.16
C ASP A 156 10.01 2.12 1.32
N SER A 157 8.94 1.97 2.08
CA SER A 157 8.98 2.23 3.51
C SER A 157 7.69 1.72 4.17
N VAL A 158 7.86 1.15 5.35
CA VAL A 158 6.74 0.62 6.11
C VAL A 158 6.04 1.76 6.85
N LEU A 159 5.42 2.65 6.08
CA LEU A 159 4.73 3.78 6.66
C LEU A 159 4.26 3.43 8.07
N MET A 160 4.36 4.40 8.96
CA MET A 160 3.95 4.20 10.34
C MET A 160 3.09 5.37 10.83
N PRO A 161 2.05 5.02 11.63
CA PRO A 161 1.15 6.02 12.17
C PRO A 161 1.80 6.80 13.31
N PRO A 162 1.85 8.15 13.12
CA PRO A 162 2.45 9.02 14.12
C PRO A 162 1.54 9.17 15.34
N ALA A 163 1.22 8.04 15.95
CA ALA A 163 0.35 8.04 17.12
C ALA A 163 0.55 6.73 17.88
N GLY A 1 -4.80 6.63 -16.43
CA GLY A 1 -4.10 7.64 -17.20
C GLY A 1 -2.59 7.60 -16.93
N ASP A 2 -1.94 6.66 -17.60
CA ASP A 2 -0.50 6.50 -17.44
C ASP A 2 -0.18 6.32 -15.96
N LEU A 3 1.08 5.97 -15.71
CA LEU A 3 1.54 5.76 -14.35
C LEU A 3 2.16 7.05 -13.81
N VAL A 4 2.64 6.98 -12.58
CA VAL A 4 3.25 8.14 -11.95
C VAL A 4 4.46 7.69 -11.14
N GLY A 5 4.83 6.42 -11.33
CA GLY A 5 5.80 5.78 -10.46
C GLY A 5 6.91 5.12 -11.28
N PRO A 6 8.12 5.04 -10.66
CA PRO A 6 9.27 4.44 -11.32
C PRO A 6 9.15 2.92 -11.34
N GLY A 7 9.02 2.35 -10.16
CA GLY A 7 8.89 0.91 -10.03
C GLY A 7 8.02 0.34 -11.14
N CYS A 8 6.79 0.82 -11.20
CA CYS A 8 5.85 0.37 -12.21
C CYS A 8 6.62 0.11 -13.51
N ALA A 9 7.64 0.92 -13.72
CA ALA A 9 8.46 0.80 -14.91
C ALA A 9 9.17 -0.56 -14.89
N GLU A 10 10.04 -0.72 -13.90
CA GLU A 10 10.78 -1.96 -13.75
C GLU A 10 9.85 -3.10 -13.31
N TYR A 11 9.15 -2.85 -12.22
CA TYR A 11 8.22 -3.84 -11.68
C TYR A 11 7.47 -4.54 -12.81
N ALA A 12 6.60 -3.78 -13.47
CA ALA A 12 5.81 -4.31 -14.56
C ALA A 12 6.70 -5.20 -15.45
N ALA A 13 7.88 -4.69 -15.74
CA ALA A 13 8.83 -5.41 -16.57
C ALA A 13 8.82 -6.89 -16.18
N ALA A 14 8.57 -7.13 -14.90
CA ALA A 14 8.52 -8.48 -14.39
C ALA A 14 7.08 -8.98 -14.40
N ASN A 15 6.17 -8.09 -14.02
CA ASN A 15 4.76 -8.43 -13.98
C ASN A 15 3.99 -7.47 -14.90
N PRO A 16 4.05 -7.77 -16.23
CA PRO A 16 3.37 -6.95 -17.22
C PRO A 16 1.86 -7.21 -17.19
N THR A 17 1.51 -8.47 -17.07
CA THR A 17 0.12 -8.87 -17.03
C THR A 17 -0.18 -9.67 -15.77
N GLY A 18 -1.32 -10.35 -15.78
CA GLY A 18 -1.74 -11.15 -14.66
C GLY A 18 -2.44 -10.30 -13.60
N PRO A 19 -2.77 -10.96 -12.44
CA PRO A 19 -3.44 -10.27 -11.36
C PRO A 19 -2.47 -9.36 -10.60
N ALA A 20 -1.20 -9.51 -10.93
CA ALA A 20 -0.17 -8.70 -10.30
C ALA A 20 0.28 -7.59 -11.25
N SER A 21 -0.72 -6.93 -11.84
CA SER A 21 -0.45 -5.86 -12.77
C SER A 21 -1.19 -4.59 -12.33
N VAL A 22 -0.91 -3.50 -13.03
CA VAL A 22 -1.54 -2.23 -12.72
C VAL A 22 -3.05 -2.35 -12.95
N GLN A 23 -3.41 -2.96 -14.07
CA GLN A 23 -4.80 -3.14 -14.41
C GLN A 23 -5.34 -4.44 -13.79
N GLY A 24 -4.57 -5.50 -13.97
CA GLY A 24 -4.95 -6.80 -13.44
C GLY A 24 -5.47 -6.68 -12.01
N MET A 25 -4.66 -6.03 -11.17
CA MET A 25 -5.03 -5.83 -9.78
C MET A 25 -6.38 -5.11 -9.66
N SER A 26 -6.74 -4.43 -10.73
CA SER A 26 -8.00 -3.70 -10.76
C SER A 26 -9.17 -4.66 -10.57
N GLN A 27 -9.05 -5.83 -11.19
CA GLN A 27 -10.08 -6.84 -11.10
C GLN A 27 -10.16 -7.39 -9.67
N ASP A 28 -9.20 -6.99 -8.86
CA ASP A 28 -9.14 -7.43 -7.47
C ASP A 28 -9.61 -6.29 -6.56
N PRO A 29 -10.30 -6.69 -5.46
CA PRO A 29 -10.81 -5.71 -4.51
C PRO A 29 -9.68 -5.16 -3.64
N VAL A 30 -9.19 -3.98 -4.03
CA VAL A 30 -8.12 -3.34 -3.30
C VAL A 30 -7.22 -4.40 -2.66
N ALA A 31 -7.11 -4.33 -1.35
CA ALA A 31 -6.29 -5.27 -0.62
C ALA A 31 -5.83 -6.39 -1.56
N VAL A 32 -6.79 -7.22 -1.94
CA VAL A 32 -6.50 -8.33 -2.84
C VAL A 32 -5.36 -7.93 -3.77
N ALA A 33 -5.63 -6.93 -4.59
CA ALA A 33 -4.64 -6.45 -5.55
C ALA A 33 -3.24 -6.66 -4.96
N ALA A 34 -2.93 -5.86 -3.95
CA ALA A 34 -1.63 -5.95 -3.30
C ALA A 34 -1.33 -7.41 -2.97
N SER A 35 -2.33 -8.08 -2.42
CA SER A 35 -2.19 -9.48 -2.05
C SER A 35 -1.66 -10.28 -3.24
N ASN A 36 -1.83 -9.71 -4.42
CA ASN A 36 -1.38 -10.36 -5.64
C ASN A 36 -0.76 -9.31 -6.56
N ASN A 37 -0.20 -8.28 -5.95
CA ASN A 37 1.14 -7.84 -6.27
C ASN A 37 2.14 -8.66 -5.45
N PRO A 38 3.20 -9.16 -6.15
CA PRO A 38 4.22 -9.95 -5.50
C PRO A 38 5.15 -9.07 -4.67
N GLU A 39 4.75 -7.82 -4.52
CA GLU A 39 5.54 -6.87 -3.75
C GLU A 39 4.75 -6.40 -2.52
N LEU A 40 3.44 -6.61 -2.58
CA LEU A 40 2.58 -6.22 -1.48
C LEU A 40 2.15 -7.47 -0.71
N THR A 41 2.34 -8.61 -1.35
CA THR A 41 1.98 -9.88 -0.73
C THR A 41 2.30 -9.86 0.77
N THR A 42 3.33 -9.09 1.09
CA THR A 42 3.75 -8.97 2.48
C THR A 42 2.74 -8.14 3.29
N LEU A 43 2.49 -6.94 2.78
CA LEU A 43 1.56 -6.03 3.43
C LEU A 43 0.22 -6.75 3.63
N THR A 44 -0.35 -7.18 2.52
CA THR A 44 -1.62 -7.88 2.56
C THR A 44 -1.60 -8.97 3.63
N ALA A 45 -0.69 -9.91 3.45
CA ALA A 45 -0.56 -11.00 4.40
C ALA A 45 -0.78 -10.48 5.82
N ALA A 46 -0.25 -9.29 6.07
CA ALA A 46 -0.38 -8.67 7.37
C ALA A 46 -1.84 -8.34 7.63
N LEU A 47 -2.35 -7.37 6.88
CA LEU A 47 -3.73 -6.95 7.02
C LEU A 47 -4.64 -8.18 6.93
N SER A 48 -4.60 -8.83 5.78
CA SER A 48 -5.40 -10.01 5.56
C SER A 48 -5.42 -10.89 6.82
N GLY A 49 -4.25 -11.44 7.12
CA GLY A 49 -4.13 -12.29 8.30
C GLY A 49 -3.05 -13.36 8.08
N GLN A 50 -2.71 -13.57 6.81
CA GLN A 50 -1.70 -14.54 6.46
C GLN A 50 -0.47 -14.39 7.36
N LEU A 51 -0.32 -13.18 7.88
CA LEU A 51 0.81 -12.88 8.76
C LEU A 51 0.35 -12.98 10.21
N ASN A 52 -0.71 -12.24 10.51
CA ASN A 52 -1.25 -12.23 11.86
C ASN A 52 -2.70 -12.72 11.84
N PRO A 53 -2.94 -13.88 12.50
CA PRO A 53 -4.27 -14.46 12.55
C PRO A 53 -5.16 -13.68 13.51
N GLN A 54 -4.69 -12.51 13.89
CA GLN A 54 -5.44 -11.66 14.81
C GLN A 54 -5.76 -10.32 14.16
N VAL A 55 -5.47 -10.25 12.87
CA VAL A 55 -5.71 -9.03 12.11
C VAL A 55 -6.53 -9.37 10.85
N ASN A 56 -7.20 -8.36 10.33
CA ASN A 56 -8.02 -8.53 9.14
C ASN A 56 -8.61 -7.19 8.73
N LEU A 57 -8.08 -6.64 7.65
CA LEU A 57 -8.55 -5.36 7.14
C LEU A 57 -9.16 -5.56 5.76
N VAL A 58 -8.55 -6.46 4.99
CA VAL A 58 -9.02 -6.75 3.65
C VAL A 58 -10.53 -6.50 3.58
N ASP A 59 -11.28 -7.39 4.21
CA ASP A 59 -12.73 -7.27 4.22
C ASP A 59 -13.11 -5.79 4.24
N THR A 60 -12.52 -5.07 5.18
CA THR A 60 -12.78 -3.65 5.32
C THR A 60 -12.27 -2.89 4.10
N LEU A 61 -10.98 -3.06 3.83
CA LEU A 61 -10.36 -2.39 2.71
C LEU A 61 -11.16 -2.68 1.44
N ASN A 62 -11.85 -3.81 1.46
CA ASN A 62 -12.66 -4.21 0.32
C ASN A 62 -14.09 -3.68 0.50
N SER A 63 -14.17 -2.40 0.81
CA SER A 63 -15.45 -1.75 1.02
C SER A 63 -15.25 -0.26 1.29
N GLY A 64 -15.54 0.55 0.28
CA GLY A 64 -15.40 1.98 0.40
C GLY A 64 -14.20 2.49 -0.40
N GLN A 65 -14.41 3.62 -1.07
CA GLN A 65 -13.36 4.21 -1.88
C GLN A 65 -12.17 4.60 -1.00
N TYR A 66 -11.14 3.75 -1.05
CA TYR A 66 -9.94 3.98 -0.27
C TYR A 66 -8.76 4.30 -1.18
N THR A 67 -7.59 4.43 -0.55
CA THR A 67 -6.38 4.72 -1.29
C THR A 67 -5.18 3.99 -0.67
N VAL A 68 -5.00 2.76 -1.13
CA VAL A 68 -3.91 1.94 -0.63
C VAL A 68 -2.59 2.71 -0.76
N PHE A 69 -1.80 2.66 0.30
CA PHE A 69 -0.52 3.35 0.31
C PHE A 69 0.61 2.39 0.67
N ALA A 70 0.87 1.47 -0.26
CA ALA A 70 1.18 0.10 0.13
C ALA A 70 2.69 -0.13 0.03
N PRO A 71 3.27 -0.59 1.16
CA PRO A 71 4.70 -0.86 1.21
C PRO A 71 5.05 -2.14 0.47
N THR A 72 5.75 -1.97 -0.64
CA THR A 72 6.15 -3.11 -1.46
C THR A 72 6.95 -4.11 -0.62
N ASN A 73 7.70 -4.95 -1.31
CA ASN A 73 8.51 -5.96 -0.65
C ASN A 73 9.86 -5.34 -0.26
N ALA A 74 10.24 -4.31 -1.01
CA ALA A 74 11.50 -3.63 -0.76
C ALA A 74 11.33 -2.67 0.43
N ALA A 75 10.11 -2.62 0.93
CA ALA A 75 9.79 -1.75 2.05
C ALA A 75 9.89 -2.56 3.35
N PHE A 76 9.25 -3.72 3.34
CA PHE A 76 9.25 -4.58 4.51
C PHE A 76 10.57 -5.34 4.62
N SER A 77 11.10 -5.73 3.46
CA SER A 77 12.36 -6.46 3.42
C SER A 77 13.45 -5.66 4.14
N LYS A 78 13.22 -4.37 4.25
CA LYS A 78 14.17 -3.50 4.91
C LYS A 78 14.24 -3.85 6.40
N LEU A 79 13.07 -3.90 7.01
CA LEU A 79 12.97 -4.23 8.43
C LEU A 79 13.50 -5.65 8.65
N PRO A 80 14.04 -5.86 9.89
CA PRO A 80 14.59 -7.16 10.24
C PRO A 80 13.47 -8.17 10.50
N ALA A 81 13.79 -9.43 10.27
CA ALA A 81 12.82 -10.50 10.47
C ALA A 81 12.20 -10.35 11.86
N SER A 82 13.00 -9.87 12.79
CA SER A 82 12.55 -9.68 14.16
C SER A 82 11.29 -8.80 14.17
N THR A 83 11.39 -7.67 13.47
CA THR A 83 10.28 -6.74 13.39
C THR A 83 9.05 -7.43 12.79
N ILE A 84 9.29 -8.17 11.72
CA ILE A 84 8.21 -8.87 11.05
C ILE A 84 7.65 -9.95 11.98
N ASP A 85 8.57 -10.68 12.61
CA ASP A 85 8.18 -11.74 13.53
C ASP A 85 7.32 -11.14 14.64
N GLU A 86 7.49 -9.85 14.85
CA GLU A 86 6.74 -9.15 15.89
C GLU A 86 5.33 -8.83 15.40
N LEU A 87 5.27 -8.28 14.19
CA LEU A 87 3.99 -7.93 13.59
C LEU A 87 3.12 -9.19 13.47
N LYS A 88 3.78 -10.33 13.58
CA LYS A 88 3.09 -11.60 13.49
C LYS A 88 2.60 -12.01 14.88
N THR A 89 2.61 -11.05 15.80
CA THR A 89 2.18 -11.30 17.16
C THR A 89 1.85 -9.98 17.86
N ASN A 90 1.36 -9.04 17.07
CA ASN A 90 1.00 -7.74 17.61
C ASN A 90 -0.50 -7.52 17.44
N SER A 91 -0.90 -7.26 16.20
CA SER A 91 -2.29 -7.03 15.89
C SER A 91 -2.76 -5.72 16.51
N SER A 92 -1.80 -4.95 17.00
CA SER A 92 -2.09 -3.68 17.62
C SER A 92 -1.14 -2.61 17.10
N LEU A 93 0.13 -2.97 17.01
CA LEU A 93 1.15 -2.05 16.53
C LEU A 93 1.27 -2.19 15.01
N LEU A 94 0.84 -3.33 14.51
CA LEU A 94 0.89 -3.59 13.08
C LEU A 94 -0.37 -3.03 12.42
N THR A 95 -1.50 -3.34 13.03
CA THR A 95 -2.78 -2.88 12.52
C THR A 95 -2.74 -1.36 12.27
N SER A 96 -2.01 -0.68 13.13
CA SER A 96 -1.88 0.77 13.02
C SER A 96 -1.19 1.13 11.70
N ILE A 97 -0.23 0.30 11.32
CA ILE A 97 0.51 0.52 10.09
C ILE A 97 -0.42 0.27 8.89
N LEU A 98 -0.97 -0.94 8.85
CA LEU A 98 -1.86 -1.31 7.78
C LEU A 98 -2.85 -0.17 7.51
N THR A 99 -3.64 0.13 8.52
CA THR A 99 -4.62 1.20 8.41
C THR A 99 -3.97 2.47 7.86
N TYR A 100 -2.85 2.83 8.47
CA TYR A 100 -2.12 4.02 8.05
C TYR A 100 -1.63 3.88 6.61
N HIS A 101 -1.77 2.67 6.08
CA HIS A 101 -1.35 2.38 4.72
C HIS A 101 -2.56 2.39 3.79
N VAL A 102 -3.59 3.12 4.22
CA VAL A 102 -4.81 3.21 3.43
C VAL A 102 -5.57 4.47 3.83
N VAL A 103 -5.78 5.33 2.84
CA VAL A 103 -6.49 6.58 3.08
C VAL A 103 -7.93 6.45 2.57
N ALA A 104 -8.84 7.00 3.34
CA ALA A 104 -10.26 6.95 2.98
C ALA A 104 -10.57 8.11 2.04
N GLY A 105 -10.97 7.75 0.82
CA GLY A 105 -11.30 8.75 -0.18
C GLY A 105 -10.34 8.67 -1.38
N GLN A 106 -10.70 7.79 -2.31
CA GLN A 106 -9.88 7.60 -3.50
C GLN A 106 -9.35 8.95 -4.00
N THR A 107 -8.15 8.90 -4.55
CA THR A 107 -7.52 10.10 -5.07
C THR A 107 -6.43 9.74 -6.07
N SER A 108 -6.09 10.72 -6.91
CA SER A 108 -5.06 10.51 -7.91
C SER A 108 -3.74 11.10 -7.43
N PRO A 109 -2.64 10.71 -8.14
CA PRO A 109 -1.31 11.18 -7.79
C PRO A 109 -1.12 12.64 -8.23
N ALA A 110 -2.05 13.47 -7.82
CA ALA A 110 -2.01 14.88 -8.16
C ALA A 110 -2.41 15.71 -6.96
N ASN A 111 -3.50 15.29 -6.33
CA ASN A 111 -4.01 15.99 -5.15
C ASN A 111 -3.55 15.25 -3.89
N VAL A 112 -3.42 13.95 -4.03
CA VAL A 112 -2.99 13.11 -2.92
C VAL A 112 -1.85 13.82 -2.17
N VAL A 113 -1.04 14.53 -2.94
CA VAL A 113 0.09 15.25 -2.37
C VAL A 113 -0.42 16.19 -1.27
N GLY A 114 0.26 16.13 -0.13
CA GLY A 114 -0.11 16.98 1.00
C GLY A 114 -0.60 16.13 2.18
N THR A 115 -1.14 16.83 3.17
CA THR A 115 -1.65 16.15 4.36
C THR A 115 -2.93 15.38 4.04
N ARG A 116 -2.81 14.06 4.05
CA ARG A 116 -3.95 13.21 3.75
C ARG A 116 -4.24 12.29 4.94
N GLN A 117 -5.49 12.35 5.41
CA GLN A 117 -5.90 11.55 6.54
C GLN A 117 -5.98 10.07 6.13
N THR A 118 -5.26 9.25 6.88
CA THR A 118 -5.24 7.83 6.61
C THR A 118 -6.25 7.09 7.50
N LEU A 119 -6.43 5.81 7.21
CA LEU A 119 -7.37 5.00 7.97
C LEU A 119 -7.05 5.14 9.46
N GLN A 120 -5.85 4.70 9.82
CA GLN A 120 -5.42 4.77 11.21
C GLN A 120 -5.95 6.04 11.87
N GLY A 121 -6.06 7.09 11.06
CA GLY A 121 -6.55 8.36 11.56
C GLY A 121 -5.47 9.43 11.47
N ALA A 122 -4.23 8.98 11.47
CA ALA A 122 -3.10 9.88 11.41
C ALA A 122 -3.13 10.64 10.07
N SER A 123 -2.05 11.36 9.81
CA SER A 123 -1.95 12.12 8.58
C SER A 123 -0.70 11.70 7.81
N VAL A 124 -0.86 11.61 6.49
CA VAL A 124 0.24 11.21 5.63
C VAL A 124 0.61 12.39 4.72
N THR A 125 1.73 13.02 5.02
CA THR A 125 2.19 14.15 4.25
C THR A 125 2.76 13.66 2.91
N VAL A 126 1.86 13.40 1.98
CA VAL A 126 2.26 12.93 0.66
C VAL A 126 2.98 14.06 -0.07
N THR A 127 3.83 13.67 -1.01
CA THR A 127 4.59 14.63 -1.79
C THR A 127 4.95 14.04 -3.16
N GLY A 128 5.63 14.86 -3.95
CA GLY A 128 6.04 14.44 -5.27
C GLY A 128 6.13 15.63 -6.24
N GLN A 129 6.83 15.42 -7.34
CA GLN A 129 7.00 16.46 -8.33
C GLN A 129 8.26 16.22 -9.15
N GLY A 130 8.07 15.60 -10.31
CA GLY A 130 9.18 15.29 -11.19
C GLY A 130 9.46 13.80 -11.23
N ASN A 131 8.49 13.05 -11.72
CA ASN A 131 8.63 11.61 -11.81
C ASN A 131 9.27 11.07 -10.54
N SER A 132 8.66 11.43 -9.41
CA SER A 132 9.16 11.00 -8.12
C SER A 132 8.25 11.51 -7.01
N LEU A 133 7.31 10.67 -6.61
CA LEU A 133 6.37 11.02 -5.56
C LEU A 133 6.79 10.34 -4.26
N LYS A 134 6.60 11.07 -3.16
CA LYS A 134 6.96 10.56 -1.86
C LYS A 134 5.69 10.42 -1.01
N VAL A 135 5.83 9.71 0.10
CA VAL A 135 4.72 9.50 1.01
C VAL A 135 5.25 9.22 2.41
N GLY A 136 4.82 10.03 3.36
CA GLY A 136 5.24 9.87 4.75
C GLY A 136 6.72 9.47 4.82
N ASN A 137 7.53 10.17 4.03
CA ASN A 137 8.95 9.91 4.01
C ASN A 137 9.25 8.85 2.95
N ALA A 138 8.41 7.83 2.93
CA ALA A 138 8.56 6.74 1.98
C ALA A 138 8.58 7.31 0.56
N ASP A 139 8.55 6.40 -0.41
CA ASP A 139 8.56 6.80 -1.80
C ASP A 139 7.32 6.22 -2.50
N VAL A 140 7.14 6.62 -3.75
CA VAL A 140 6.01 6.16 -4.54
C VAL A 140 6.52 5.30 -5.70
N VAL A 141 6.54 3.99 -5.46
CA VAL A 141 6.99 3.05 -6.47
C VAL A 141 6.06 3.12 -7.69
N CYS A 142 4.79 2.94 -7.42
CA CYS A 142 3.78 2.98 -8.47
C CYS A 142 2.45 3.39 -7.84
N GLY A 143 2.08 4.64 -8.09
CA GLY A 143 0.83 5.17 -7.56
C GLY A 143 -0.16 5.45 -8.68
N GLY A 144 -1.42 5.58 -8.30
CA GLY A 144 -2.48 5.83 -9.27
C GLY A 144 -2.93 4.55 -9.95
N VAL A 145 -2.59 3.44 -9.32
CA VAL A 145 -2.95 2.13 -9.86
C VAL A 145 -4.33 1.74 -9.34
N SER A 146 -5.29 2.63 -9.54
CA SER A 146 -6.65 2.38 -9.09
C SER A 146 -7.01 0.91 -9.28
N THR A 147 -7.16 0.22 -8.16
CA THR A 147 -7.51 -1.19 -8.19
C THR A 147 -8.99 -1.38 -8.49
N ALA A 148 -9.76 -1.60 -7.44
CA ALA A 148 -11.20 -1.79 -7.58
C ALA A 148 -11.93 -0.59 -7.00
N ASN A 149 -12.14 -0.62 -5.69
CA ASN A 149 -12.82 0.45 -5.00
C ASN A 149 -11.83 1.20 -4.11
N ALA A 150 -10.62 1.37 -4.62
CA ALA A 150 -9.58 2.05 -3.89
C ALA A 150 -8.34 2.20 -4.78
N THR A 151 -7.58 3.24 -4.52
CA THR A 151 -6.36 3.50 -5.28
C THR A 151 -5.22 2.62 -4.77
N VAL A 152 -4.08 2.75 -5.45
CA VAL A 152 -2.91 1.97 -5.08
C VAL A 152 -1.66 2.84 -5.25
N TYR A 153 -0.92 2.95 -4.16
CA TYR A 153 0.29 3.75 -4.16
C TYR A 153 1.45 3.01 -3.47
N MET A 154 2.10 2.16 -4.24
CA MET A 154 3.22 1.38 -3.71
C MET A 154 4.34 2.29 -3.23
N ILE A 155 4.90 1.95 -2.08
CA ILE A 155 5.98 2.72 -1.49
C ILE A 155 7.17 1.80 -1.23
N ASP A 156 8.24 2.41 -0.71
CA ASP A 156 9.44 1.66 -0.41
C ASP A 156 9.69 1.68 1.11
N SER A 157 8.60 1.82 1.84
CA SER A 157 8.67 1.87 3.29
C SER A 157 7.32 1.50 3.90
N VAL A 158 7.38 0.70 4.96
CA VAL A 158 6.18 0.27 5.65
C VAL A 158 5.60 1.44 6.46
N LEU A 159 5.25 2.50 5.74
CA LEU A 159 4.69 3.68 6.38
C LEU A 159 4.15 3.31 7.76
N MET A 160 4.49 4.13 8.73
CA MET A 160 4.05 3.89 10.10
C MET A 160 3.32 5.11 10.65
N PRO A 161 2.34 4.85 11.56
CA PRO A 161 1.57 5.91 12.16
C PRO A 161 2.39 6.64 13.23
N PRO A 162 2.24 8.00 13.24
CA PRO A 162 2.96 8.81 14.20
C PRO A 162 2.34 8.71 15.59
N ALA A 163 2.46 7.53 16.16
CA ALA A 163 1.91 7.28 17.49
C ALA A 163 2.53 6.00 18.06
N GLY A 1 3.76 2.08 -17.23
CA GLY A 1 3.59 2.71 -18.52
C GLY A 1 3.07 4.14 -18.39
N ASP A 2 1.75 4.26 -18.41
CA ASP A 2 1.11 5.56 -18.28
C ASP A 2 0.77 5.81 -16.82
N LEU A 3 1.61 5.27 -15.94
CA LEU A 3 1.41 5.44 -14.51
C LEU A 3 2.09 6.72 -14.05
N VAL A 4 2.14 6.88 -12.74
CA VAL A 4 2.76 8.06 -12.15
C VAL A 4 4.13 7.67 -11.58
N GLY A 5 4.42 6.38 -11.62
CA GLY A 5 5.44 5.81 -10.76
C GLY A 5 6.61 5.28 -11.58
N PRO A 6 7.81 5.31 -10.96
CA PRO A 6 9.02 4.84 -11.62
C PRO A 6 9.06 3.31 -11.66
N GLY A 7 9.15 2.73 -10.47
CA GLY A 7 9.19 1.28 -10.36
C GLY A 7 8.15 0.62 -11.26
N CYS A 8 7.00 1.27 -11.36
CA CYS A 8 5.92 0.77 -12.19
C CYS A 8 6.48 0.45 -13.57
N ALA A 9 7.38 1.30 -14.03
CA ALA A 9 8.00 1.12 -15.32
C ALA A 9 8.40 -0.35 -15.49
N GLU A 10 9.34 -0.76 -14.66
CA GLU A 10 9.83 -2.13 -14.70
C GLU A 10 8.72 -3.11 -14.29
N TYR A 11 8.09 -2.79 -13.16
CA TYR A 11 7.02 -3.62 -12.66
C TYR A 11 6.19 -4.22 -13.80
N ALA A 12 5.60 -3.32 -14.59
CA ALA A 12 4.79 -3.75 -15.72
C ALA A 12 5.41 -4.99 -16.35
N ALA A 13 6.64 -4.83 -16.82
CA ALA A 13 7.35 -5.93 -17.46
C ALA A 13 7.07 -7.22 -16.69
N ALA A 14 7.20 -7.12 -15.37
CA ALA A 14 6.96 -8.27 -14.51
C ALA A 14 5.49 -8.66 -14.59
N ASN A 15 4.64 -7.68 -14.37
CA ASN A 15 3.20 -7.90 -14.40
C ASN A 15 2.57 -7.00 -15.46
N PRO A 16 2.71 -7.43 -16.75
CA PRO A 16 2.16 -6.68 -17.86
C PRO A 16 0.65 -6.82 -17.93
N THR A 17 0.21 -8.08 -18.05
CA THR A 17 -1.21 -8.37 -18.12
C THR A 17 -1.64 -9.26 -16.96
N GLY A 18 -0.63 -9.78 -16.25
CA GLY A 18 -0.90 -10.64 -15.11
C GLY A 18 -1.94 -10.03 -14.18
N PRO A 19 -2.21 -10.76 -13.07
CA PRO A 19 -3.19 -10.30 -12.09
C PRO A 19 -2.62 -9.16 -11.25
N ALA A 20 -1.33 -9.25 -10.98
CA ALA A 20 -0.64 -8.24 -10.18
C ALA A 20 -0.62 -6.92 -10.97
N SER A 21 -1.01 -7.00 -12.22
CA SER A 21 -1.03 -5.83 -13.09
C SER A 21 -2.02 -4.80 -12.53
N VAL A 22 -1.91 -3.59 -13.05
CA VAL A 22 -2.76 -2.50 -12.61
C VAL A 22 -4.22 -2.90 -12.85
N GLN A 23 -4.45 -3.56 -13.97
CA GLN A 23 -5.79 -3.99 -14.33
C GLN A 23 -6.08 -5.37 -13.74
N GLY A 24 -5.13 -6.27 -13.93
CA GLY A 24 -5.27 -7.63 -13.43
C GLY A 24 -5.66 -7.62 -11.96
N MET A 25 -5.41 -6.49 -11.30
CA MET A 25 -5.73 -6.34 -9.90
C MET A 25 -7.00 -5.52 -9.72
N SER A 26 -7.37 -4.81 -10.78
CA SER A 26 -8.57 -3.98 -10.74
C SER A 26 -9.81 -4.86 -10.53
N GLN A 27 -9.78 -6.03 -11.14
CA GLN A 27 -10.89 -6.97 -11.02
C GLN A 27 -11.01 -7.46 -9.58
N ASP A 28 -9.99 -7.15 -8.79
CA ASP A 28 -9.98 -7.57 -7.39
C ASP A 28 -10.29 -6.35 -6.51
N PRO A 29 -11.00 -6.64 -5.38
CA PRO A 29 -11.36 -5.58 -4.45
C PRO A 29 -10.15 -5.14 -3.62
N VAL A 30 -9.57 -4.03 -4.05
CA VAL A 30 -8.40 -3.49 -3.36
C VAL A 30 -7.64 -4.63 -2.67
N ALA A 31 -7.82 -4.72 -1.36
CA ALA A 31 -7.16 -5.75 -0.58
C ALA A 31 -6.69 -6.86 -1.51
N VAL A 32 -7.64 -7.70 -1.90
CA VAL A 32 -7.34 -8.81 -2.79
C VAL A 32 -6.26 -8.39 -3.78
N ALA A 33 -6.58 -7.36 -4.55
CA ALA A 33 -5.65 -6.85 -5.54
C ALA A 33 -4.22 -6.91 -4.98
N ALA A 34 -3.97 -6.02 -4.03
CA ALA A 34 -2.66 -5.96 -3.40
C ALA A 34 -2.19 -7.37 -3.07
N SER A 35 -3.15 -8.23 -2.72
CA SER A 35 -2.84 -9.60 -2.39
C SER A 35 -2.57 -10.40 -3.66
N ASN A 36 -1.71 -9.83 -4.51
CA ASN A 36 -1.36 -10.48 -5.76
C ASN A 36 -0.19 -9.73 -6.41
N ASN A 37 -0.18 -8.42 -6.20
CA ASN A 37 1.03 -7.64 -6.36
C ASN A 37 2.19 -8.34 -5.63
N PRO A 38 3.30 -8.55 -6.38
CA PRO A 38 4.47 -9.20 -5.82
C PRO A 38 5.23 -8.24 -4.91
N GLU A 39 4.66 -7.07 -4.72
CA GLU A 39 5.28 -6.06 -3.87
C GLU A 39 4.35 -5.70 -2.71
N LEU A 40 3.14 -6.25 -2.77
CA LEU A 40 2.15 -6.00 -1.73
C LEU A 40 1.83 -7.30 -1.01
N THR A 41 1.89 -8.39 -1.77
CA THR A 41 1.61 -9.71 -1.21
C THR A 41 2.08 -9.78 0.24
N THR A 42 3.18 -9.10 0.51
CA THR A 42 3.75 -9.08 1.85
C THR A 42 2.84 -8.31 2.80
N LEU A 43 2.59 -7.06 2.44
CA LEU A 43 1.73 -6.21 3.25
C LEU A 43 0.35 -6.85 3.38
N THR A 44 -0.21 -7.20 2.23
CA THR A 44 -1.53 -7.83 2.21
C THR A 44 -1.61 -8.96 3.24
N ALA A 45 -0.67 -9.88 3.13
CA ALA A 45 -0.61 -11.02 4.04
C ALA A 45 -0.87 -10.53 5.46
N ALA A 46 -0.32 -9.36 5.76
CA ALA A 46 -0.48 -8.77 7.08
C ALA A 46 -1.95 -8.42 7.30
N LEU A 47 -2.39 -7.40 6.58
CA LEU A 47 -3.78 -6.95 6.69
C LEU A 47 -4.70 -8.16 6.62
N SER A 48 -4.64 -8.84 5.47
CA SER A 48 -5.49 -10.02 5.26
C SER A 48 -5.50 -10.87 6.52
N GLY A 49 -4.32 -11.12 7.06
CA GLY A 49 -4.19 -11.93 8.26
C GLY A 49 -3.12 -13.01 8.09
N GLN A 50 -2.83 -13.32 6.83
CA GLN A 50 -1.84 -14.34 6.52
C GLN A 50 -0.66 -14.23 7.47
N LEU A 51 -0.07 -13.04 7.51
CA LEU A 51 1.07 -12.79 8.37
C LEU A 51 0.63 -12.93 9.84
N ASN A 52 -0.38 -12.15 10.20
CA ASN A 52 -0.89 -12.18 11.55
C ASN A 52 -2.31 -12.77 11.54
N PRO A 53 -2.46 -13.91 12.26
CA PRO A 53 -3.75 -14.58 12.34
C PRO A 53 -4.70 -13.83 13.27
N GLN A 54 -4.22 -12.69 13.76
CA GLN A 54 -5.02 -11.87 14.66
C GLN A 54 -5.46 -10.59 13.96
N VAL A 55 -5.15 -10.52 12.68
CA VAL A 55 -5.51 -9.35 11.88
C VAL A 55 -6.24 -9.81 10.61
N ASN A 56 -7.07 -8.92 10.10
CA ASN A 56 -7.84 -9.22 8.90
C ASN A 56 -8.50 -7.94 8.39
N LEU A 57 -7.80 -7.28 7.47
CA LEU A 57 -8.31 -6.04 6.90
C LEU A 57 -8.77 -6.31 5.46
N VAL A 58 -8.90 -7.58 5.14
CA VAL A 58 -9.34 -7.99 3.81
C VAL A 58 -10.79 -7.54 3.60
N ASP A 59 -11.55 -7.57 4.69
CA ASP A 59 -12.95 -7.17 4.64
C ASP A 59 -13.04 -5.64 4.70
N THR A 60 -12.17 -5.05 5.50
CA THR A 60 -12.15 -3.61 5.66
C THR A 60 -11.70 -2.95 4.35
N LEU A 61 -10.47 -3.25 3.96
CA LEU A 61 -9.91 -2.69 2.75
C LEU A 61 -11.00 -2.64 1.67
N ASN A 62 -11.69 -3.75 1.51
CA ASN A 62 -12.75 -3.84 0.52
C ASN A 62 -14.03 -3.23 1.10
N SER A 63 -13.89 -2.02 1.61
CA SER A 63 -15.02 -1.32 2.19
C SER A 63 -15.45 -0.17 1.29
N GLY A 64 -14.90 1.01 1.59
CA GLY A 64 -15.22 2.19 0.81
C GLY A 64 -14.00 2.66 0.02
N GLN A 65 -14.20 3.72 -0.75
CA GLN A 65 -13.14 4.28 -1.56
C GLN A 65 -11.88 4.49 -0.72
N TYR A 66 -10.91 3.61 -0.93
CA TYR A 66 -9.66 3.67 -0.20
C TYR A 66 -8.50 4.04 -1.13
N THR A 67 -7.30 4.03 -0.56
CA THR A 67 -6.11 4.36 -1.32
C THR A 67 -4.88 3.69 -0.71
N VAL A 68 -4.64 2.46 -1.15
CA VAL A 68 -3.50 1.69 -0.65
C VAL A 68 -2.24 2.54 -0.77
N PHE A 69 -1.45 2.52 0.29
CA PHE A 69 -0.21 3.28 0.33
C PHE A 69 0.97 2.38 0.68
N ALA A 70 1.26 1.45 -0.22
CA ALA A 70 1.59 0.09 0.19
C ALA A 70 3.11 -0.07 0.22
N PRO A 71 3.60 -0.60 1.38
CA PRO A 71 5.03 -0.80 1.55
C PRO A 71 5.52 -2.01 0.74
N THR A 72 6.40 -1.73 -0.20
CA THR A 72 6.95 -2.78 -1.04
C THR A 72 7.70 -3.81 -0.20
N ASN A 73 8.05 -4.91 -0.84
CA ASN A 73 8.77 -5.98 -0.16
C ASN A 73 10.11 -5.45 0.35
N ALA A 74 10.68 -4.54 -0.42
CA ALA A 74 11.96 -3.95 -0.05
C ALA A 74 11.77 -3.07 1.18
N ALA A 75 10.56 -2.54 1.32
CA ALA A 75 10.24 -1.69 2.45
C ALA A 75 10.19 -2.53 3.73
N PHE A 76 9.51 -3.66 3.62
CA PHE A 76 9.38 -4.56 4.75
C PHE A 76 10.73 -5.22 5.09
N SER A 77 11.44 -5.62 4.05
CA SER A 77 12.73 -6.26 4.21
C SER A 77 13.60 -5.42 5.16
N LYS A 78 13.66 -4.13 4.86
CA LYS A 78 14.46 -3.21 5.68
C LYS A 78 14.28 -3.57 7.15
N LEU A 79 13.05 -3.39 7.63
CA LEU A 79 12.74 -3.68 9.02
C LEU A 79 13.40 -5.00 9.41
N PRO A 80 13.81 -5.07 10.71
CA PRO A 80 14.46 -6.26 11.24
C PRO A 80 13.44 -7.38 11.46
N ALA A 81 13.88 -8.60 11.19
CA ALA A 81 13.03 -9.76 11.34
C ALA A 81 12.22 -9.61 12.64
N SER A 82 12.92 -9.31 13.72
CA SER A 82 12.29 -9.15 15.01
C SER A 82 10.98 -8.38 14.85
N THR A 83 11.07 -7.25 14.17
CA THR A 83 9.89 -6.42 13.93
C THR A 83 8.82 -7.21 13.19
N ILE A 84 9.24 -7.85 12.11
CA ILE A 84 8.32 -8.64 11.31
C ILE A 84 7.73 -9.76 12.17
N ASP A 85 8.62 -10.47 12.85
CA ASP A 85 8.21 -11.56 13.72
C ASP A 85 7.22 -11.04 14.76
N GLU A 86 7.28 -9.73 14.98
CA GLU A 86 6.40 -9.10 15.95
C GLU A 86 5.02 -8.85 15.34
N LEU A 87 5.04 -8.27 14.14
CA LEU A 87 3.81 -7.96 13.44
C LEU A 87 3.00 -9.25 13.28
N LYS A 88 3.70 -10.38 13.38
CA LYS A 88 3.05 -11.67 13.25
C LYS A 88 2.50 -12.10 14.60
N THR A 89 2.46 -11.14 15.52
CA THR A 89 1.94 -11.41 16.85
C THR A 89 1.64 -10.09 17.58
N ASN A 90 1.16 -9.13 16.80
CA ASN A 90 0.83 -7.83 17.36
C ASN A 90 -0.68 -7.60 17.24
N SER A 91 -1.08 -7.01 16.13
CA SER A 91 -2.49 -6.73 15.88
C SER A 91 -2.86 -5.37 16.47
N SER A 92 -1.86 -4.70 17.03
CA SER A 92 -2.06 -3.40 17.62
C SER A 92 -1.07 -2.39 17.04
N LEU A 93 0.18 -2.80 16.98
CA LEU A 93 1.24 -1.95 16.46
C LEU A 93 1.30 -2.12 14.94
N LEU A 94 0.84 -3.27 14.48
CA LEU A 94 0.84 -3.56 13.05
C LEU A 94 -0.44 -2.99 12.42
N THR A 95 -1.56 -3.31 13.05
CA THR A 95 -2.84 -2.84 12.57
C THR A 95 -2.79 -1.34 12.27
N SER A 96 -2.15 -0.61 13.17
CA SER A 96 -2.02 0.83 13.02
C SER A 96 -1.27 1.15 11.73
N ILE A 97 -0.30 0.31 11.43
CA ILE A 97 0.51 0.49 10.23
C ILE A 97 -0.36 0.26 9.00
N LEU A 98 -0.90 -0.95 8.91
CA LEU A 98 -1.76 -1.30 7.79
C LEU A 98 -2.72 -0.16 7.51
N THR A 99 -3.56 0.13 8.49
CA THR A 99 -4.54 1.20 8.36
C THR A 99 -3.87 2.47 7.82
N TYR A 100 -2.71 2.78 8.39
CA TYR A 100 -1.96 3.96 7.97
C TYR A 100 -1.40 3.78 6.57
N HIS A 101 -1.49 2.55 6.08
CA HIS A 101 -0.99 2.23 4.76
C HIS A 101 -2.15 2.18 3.76
N VAL A 102 -3.26 2.76 4.18
CA VAL A 102 -4.46 2.79 3.34
C VAL A 102 -5.33 3.98 3.76
N VAL A 103 -5.51 4.90 2.82
CA VAL A 103 -6.33 6.07 3.07
C VAL A 103 -7.76 5.81 2.60
N ALA A 104 -8.70 6.44 3.29
CA ALA A 104 -10.11 6.29 2.94
C ALA A 104 -10.61 7.59 2.31
N GLY A 105 -10.72 7.57 0.99
CA GLY A 105 -11.19 8.73 0.26
C GLY A 105 -10.96 8.56 -1.24
N GLN A 106 -9.70 8.31 -1.58
CA GLN A 106 -9.33 8.13 -2.97
C GLN A 106 -9.25 9.48 -3.69
N THR A 107 -8.17 9.68 -4.42
CA THR A 107 -7.95 10.91 -5.15
C THR A 107 -7.20 10.65 -6.45
N SER A 108 -5.88 10.76 -6.36
CA SER A 108 -5.03 10.53 -7.51
C SER A 108 -3.60 10.99 -7.22
N PRO A 109 -2.65 10.52 -8.08
CA PRO A 109 -1.26 10.88 -7.91
C PRO A 109 -1.00 12.32 -8.36
N ALA A 110 -1.77 13.23 -7.79
CA ALA A 110 -1.64 14.64 -8.12
C ALA A 110 -2.09 15.49 -6.93
N ASN A 111 -3.21 15.08 -6.35
CA ASN A 111 -3.76 15.79 -5.20
C ASN A 111 -3.36 15.06 -3.91
N VAL A 112 -3.34 13.74 -4.00
CA VAL A 112 -2.99 12.92 -2.86
C VAL A 112 -1.80 13.56 -2.14
N VAL A 113 -1.01 14.29 -2.90
CA VAL A 113 0.16 14.95 -2.34
C VAL A 113 -0.28 15.92 -1.25
N GLY A 114 0.50 15.93 -0.17
CA GLY A 114 0.20 16.81 0.95
C GLY A 114 -0.27 16.00 2.16
N THR A 115 -0.38 16.69 3.29
CA THR A 115 -0.81 16.04 4.52
C THR A 115 -2.21 15.43 4.34
N ARG A 116 -2.23 14.11 4.19
CA ARG A 116 -3.48 13.40 4.00
C ARG A 116 -3.87 12.68 5.30
N GLN A 117 -4.97 11.95 5.21
CA GLN A 117 -5.46 11.20 6.36
C GLN A 117 -5.67 9.73 5.99
N THR A 118 -5.09 8.86 6.81
CA THR A 118 -5.20 7.44 6.59
C THR A 118 -6.37 6.85 7.40
N LEU A 119 -7.00 5.84 6.81
CA LEU A 119 -8.13 5.19 7.46
C LEU A 119 -7.82 4.99 8.94
N GLN A 120 -6.54 4.84 9.23
CA GLN A 120 -6.09 4.65 10.59
C GLN A 120 -6.57 5.79 11.48
N GLY A 121 -6.21 7.00 11.08
CA GLY A 121 -6.60 8.19 11.83
C GLY A 121 -5.48 9.23 11.80
N ALA A 122 -4.27 8.75 11.58
CA ALA A 122 -3.11 9.63 11.54
C ALA A 122 -3.06 10.35 10.19
N SER A 123 -2.11 11.25 10.06
CA SER A 123 -1.94 12.01 8.83
C SER A 123 -0.76 11.46 8.03
N VAL A 124 -0.92 11.47 6.72
CA VAL A 124 0.12 10.98 5.84
C VAL A 124 0.66 12.13 4.99
N THR A 125 1.80 12.65 5.40
CA THR A 125 2.42 13.76 4.69
C THR A 125 2.95 13.30 3.34
N VAL A 126 2.12 13.46 2.32
CA VAL A 126 2.49 13.06 0.98
C VAL A 126 3.24 14.21 0.31
N THR A 127 3.99 13.86 -0.74
CA THR A 127 4.77 14.84 -1.47
C THR A 127 5.03 14.35 -2.90
N GLY A 128 5.46 15.27 -3.74
CA GLY A 128 5.75 14.96 -5.12
C GLY A 128 5.23 16.05 -6.06
N GLN A 129 5.74 16.03 -7.28
CA GLN A 129 5.33 17.01 -8.28
C GLN A 129 5.55 16.45 -9.69
N GLY A 130 6.79 16.55 -10.14
CA GLY A 130 7.15 16.06 -11.46
C GLY A 130 7.73 14.65 -11.39
N ASN A 131 8.82 14.53 -10.65
CA ASN A 131 9.49 13.25 -10.49
C ASN A 131 10.09 13.16 -9.09
N SER A 132 9.23 12.86 -8.13
CA SER A 132 9.67 12.74 -6.74
C SER A 132 8.46 12.53 -5.83
N LEU A 133 7.67 11.53 -6.18
CA LEU A 133 6.48 11.21 -5.40
C LEU A 133 6.90 10.55 -4.09
N LYS A 134 6.71 11.28 -3.00
CA LYS A 134 7.06 10.77 -1.68
C LYS A 134 5.80 10.67 -0.83
N VAL A 135 5.87 9.79 0.16
CA VAL A 135 4.74 9.58 1.06
C VAL A 135 5.26 9.43 2.49
N GLY A 136 4.83 10.35 3.34
CA GLY A 136 5.24 10.33 4.74
C GLY A 136 6.77 10.33 4.86
N ASN A 137 7.33 9.13 4.77
CA ASN A 137 8.78 8.99 4.87
C ASN A 137 9.24 7.89 3.91
N ALA A 138 8.40 7.64 2.91
CA ALA A 138 8.72 6.63 1.91
C ALA A 138 8.80 7.28 0.54
N ASP A 139 9.08 6.44 -0.46
CA ASP A 139 9.18 6.93 -1.83
C ASP A 139 8.23 6.13 -2.73
N VAL A 140 7.29 6.85 -3.32
CA VAL A 140 6.31 6.23 -4.20
C VAL A 140 7.05 5.44 -5.28
N VAL A 141 6.76 4.14 -5.33
CA VAL A 141 7.38 3.28 -6.31
C VAL A 141 6.46 3.15 -7.53
N CYS A 142 5.18 3.04 -7.25
CA CYS A 142 4.19 2.90 -8.30
C CYS A 142 2.82 3.32 -7.73
N GLY A 143 2.42 4.53 -8.06
CA GLY A 143 1.14 5.04 -7.59
C GLY A 143 0.19 5.30 -8.76
N GLY A 144 -1.10 5.27 -8.45
CA GLY A 144 -2.12 5.50 -9.47
C GLY A 144 -2.56 4.18 -10.09
N VAL A 145 -2.34 3.10 -9.35
CA VAL A 145 -2.71 1.78 -9.82
C VAL A 145 -4.09 1.41 -9.26
N SER A 146 -5.06 2.26 -9.56
CA SER A 146 -6.42 2.04 -9.08
C SER A 146 -6.81 0.57 -9.30
N THR A 147 -7.26 -0.05 -8.21
CA THR A 147 -7.67 -1.44 -8.26
C THR A 147 -9.16 -1.55 -8.56
N ALA A 148 -9.93 -1.71 -7.50
CA ALA A 148 -11.38 -1.83 -7.64
C ALA A 148 -12.04 -0.55 -7.13
N ASN A 149 -12.02 -0.39 -5.82
CA ASN A 149 -12.61 0.77 -5.19
C ASN A 149 -11.57 1.46 -4.30
N ALA A 150 -10.31 1.32 -4.71
CA ALA A 150 -9.21 1.91 -3.95
C ALA A 150 -7.98 2.02 -4.86
N THR A 151 -7.19 3.05 -4.59
CA THR A 151 -5.98 3.28 -5.38
C THR A 151 -4.82 2.47 -4.81
N VAL A 152 -3.70 2.55 -5.51
CA VAL A 152 -2.50 1.83 -5.09
C VAL A 152 -1.29 2.74 -5.21
N TYR A 153 -0.55 2.85 -4.12
CA TYR A 153 0.63 3.69 -4.10
C TYR A 153 1.78 3.00 -3.34
N MET A 154 2.53 2.19 -4.10
CA MET A 154 3.65 1.47 -3.51
C MET A 154 4.74 2.44 -3.04
N ILE A 155 5.42 2.04 -1.97
CA ILE A 155 6.48 2.85 -1.41
C ILE A 155 7.67 1.96 -1.06
N ASP A 156 8.73 2.60 -0.57
CA ASP A 156 9.93 1.89 -0.20
C ASP A 156 10.20 2.08 1.29
N SER A 157 9.13 1.93 2.07
CA SER A 157 9.23 2.09 3.51
C SER A 157 7.93 1.64 4.17
N VAL A 158 8.08 0.99 5.32
CA VAL A 158 6.93 0.51 6.06
C VAL A 158 6.25 1.68 6.77
N LEU A 159 5.67 2.55 5.96
CA LEU A 159 4.98 3.72 6.49
C LEU A 159 4.35 3.37 7.84
N MET A 160 4.65 4.19 8.83
CA MET A 160 4.12 3.98 10.17
C MET A 160 3.36 5.22 10.66
N PRO A 161 2.33 4.96 11.51
CA PRO A 161 1.52 6.03 12.05
C PRO A 161 2.28 6.79 13.14
N PRO A 162 2.43 8.12 12.89
CA PRO A 162 3.13 8.98 13.84
C PRO A 162 2.26 9.27 15.06
N ALA A 163 1.98 8.23 15.82
CA ALA A 163 1.16 8.36 17.01
C ALA A 163 2.03 8.13 18.25
N GLY A 1 3.94 9.00 -20.97
CA GLY A 1 4.07 8.88 -19.52
C GLY A 1 2.95 8.02 -18.93
N ASP A 2 3.14 6.72 -19.03
CA ASP A 2 2.16 5.77 -18.51
C ASP A 2 2.36 5.62 -17.00
N LEU A 3 1.25 5.39 -16.32
CA LEU A 3 1.29 5.21 -14.87
C LEU A 3 2.16 6.30 -14.25
N VAL A 4 2.43 6.15 -12.97
CA VAL A 4 3.26 7.11 -12.25
C VAL A 4 4.04 6.38 -11.16
N GLY A 5 5.15 6.99 -10.76
CA GLY A 5 6.20 6.27 -10.07
C GLY A 5 7.12 5.55 -11.05
N PRO A 6 8.37 5.28 -10.58
CA PRO A 6 9.35 4.61 -11.41
C PRO A 6 9.04 3.11 -11.53
N GLY A 7 8.97 2.46 -10.39
CA GLY A 7 8.68 1.04 -10.35
C GLY A 7 7.57 0.69 -11.35
N CYS A 8 6.51 1.47 -11.30
CA CYS A 8 5.38 1.24 -12.20
C CYS A 8 5.93 0.87 -13.57
N ALA A 9 7.05 1.49 -13.92
CA ALA A 9 7.68 1.24 -15.20
C ALA A 9 8.25 -0.18 -15.21
N GLU A 10 9.42 -0.33 -14.60
CA GLU A 10 10.08 -1.62 -14.54
C GLU A 10 9.07 -2.70 -14.13
N TYR A 11 8.42 -2.47 -13.01
CA TYR A 11 7.43 -3.41 -12.50
C TYR A 11 6.64 -4.05 -13.65
N ALA A 12 5.88 -3.20 -14.33
CA ALA A 12 5.07 -3.65 -15.45
C ALA A 12 5.90 -4.58 -16.33
N ALA A 13 7.11 -4.12 -16.64
CA ALA A 13 8.01 -4.89 -17.48
C ALA A 13 8.14 -6.30 -16.91
N ALA A 14 8.18 -6.38 -15.59
CA ALA A 14 8.30 -7.65 -14.90
C ALA A 14 6.92 -8.33 -14.87
N ASN A 15 5.92 -7.55 -14.54
CA ASN A 15 4.56 -8.06 -14.46
C ASN A 15 3.64 -7.20 -15.32
N PRO A 16 3.70 -7.44 -16.66
CA PRO A 16 2.88 -6.69 -17.59
C PRO A 16 1.42 -7.15 -17.54
N THR A 17 1.24 -8.40 -17.10
CA THR A 17 -0.08 -8.96 -17.00
C THR A 17 -0.23 -9.75 -15.69
N GLY A 18 -1.15 -10.70 -15.70
CA GLY A 18 -1.39 -11.52 -14.53
C GLY A 18 -2.17 -10.74 -13.47
N PRO A 19 -2.36 -11.40 -12.29
CA PRO A 19 -3.09 -10.78 -11.20
C PRO A 19 -2.23 -9.72 -10.50
N ALA A 20 -0.94 -9.79 -10.76
CA ALA A 20 0.00 -8.84 -10.18
C ALA A 20 0.17 -7.65 -11.13
N SER A 21 -0.93 -7.26 -11.74
CA SER A 21 -0.91 -6.13 -12.67
C SER A 21 -1.82 -5.01 -12.15
N VAL A 22 -1.65 -3.84 -12.75
CA VAL A 22 -2.44 -2.68 -12.36
C VAL A 22 -3.91 -2.95 -12.68
N GLN A 23 -4.13 -3.70 -13.75
CA GLN A 23 -5.48 -4.04 -14.17
C GLN A 23 -5.90 -5.38 -13.58
N GLY A 24 -5.00 -6.35 -13.71
CA GLY A 24 -5.27 -7.69 -13.21
C GLY A 24 -5.70 -7.64 -11.74
N MET A 25 -5.38 -6.53 -11.10
CA MET A 25 -5.73 -6.35 -9.70
C MET A 25 -6.96 -5.45 -9.55
N SER A 26 -7.29 -4.77 -10.64
CA SER A 26 -8.43 -3.88 -10.65
C SER A 26 -9.72 -4.69 -10.51
N GLN A 27 -9.63 -5.96 -10.87
CA GLN A 27 -10.78 -6.85 -10.78
C GLN A 27 -10.91 -7.40 -9.37
N ASP A 28 -9.98 -7.02 -8.51
CA ASP A 28 -9.99 -7.47 -7.14
C ASP A 28 -10.27 -6.29 -6.21
N PRO A 29 -10.96 -6.59 -5.08
CA PRO A 29 -11.30 -5.56 -4.11
C PRO A 29 -10.08 -5.14 -3.30
N VAL A 30 -9.50 -4.02 -3.70
CA VAL A 30 -8.33 -3.50 -3.02
C VAL A 30 -7.54 -4.66 -2.41
N ALA A 31 -7.36 -4.59 -1.11
CA ALA A 31 -6.63 -5.62 -0.40
C ALA A 31 -6.34 -6.79 -1.34
N VAL A 32 -7.40 -7.52 -1.67
CA VAL A 32 -7.27 -8.66 -2.57
C VAL A 32 -6.16 -8.38 -3.58
N ALA A 33 -6.38 -7.33 -4.37
CA ALA A 33 -5.41 -6.95 -5.38
C ALA A 33 -4.00 -7.14 -4.84
N ALA A 34 -3.64 -6.29 -3.89
CA ALA A 34 -2.33 -6.36 -3.27
C ALA A 34 -1.96 -7.83 -3.03
N SER A 35 -2.98 -8.64 -2.82
CA SER A 35 -2.78 -10.06 -2.58
C SER A 35 -2.50 -10.77 -3.90
N ASN A 36 -1.59 -10.20 -4.67
CA ASN A 36 -1.22 -10.78 -5.95
C ASN A 36 0.07 -10.12 -6.45
N ASN A 37 0.11 -8.80 -6.30
CA ASN A 37 1.36 -8.07 -6.50
C ASN A 37 2.47 -8.72 -5.66
N PRO A 38 3.62 -8.94 -6.32
CA PRO A 38 4.76 -9.54 -5.65
C PRO A 38 5.45 -8.54 -4.72
N GLU A 39 4.82 -7.38 -4.59
CA GLU A 39 5.36 -6.33 -3.74
C GLU A 39 4.31 -5.91 -2.70
N LEU A 40 3.16 -6.53 -2.79
CA LEU A 40 2.07 -6.23 -1.87
C LEU A 40 1.69 -7.50 -1.09
N THR A 41 1.81 -8.63 -1.78
CA THR A 41 1.48 -9.91 -1.18
C THR A 41 1.95 -9.94 0.28
N THR A 42 3.09 -9.31 0.52
CA THR A 42 3.65 -9.26 1.86
C THR A 42 2.77 -8.42 2.78
N LEU A 43 2.43 -7.22 2.31
CA LEU A 43 1.59 -6.31 3.08
C LEU A 43 0.24 -6.99 3.34
N THR A 44 -0.40 -7.41 2.27
CA THR A 44 -1.69 -8.07 2.38
C THR A 44 -1.67 -9.12 3.48
N ALA A 45 -0.80 -10.11 3.30
CA ALA A 45 -0.68 -11.18 4.28
C ALA A 45 -0.83 -10.60 5.68
N ALA A 46 -0.25 -9.43 5.88
CA ALA A 46 -0.32 -8.76 7.17
C ALA A 46 -1.78 -8.39 7.47
N LEU A 47 -2.29 -7.45 6.69
CA LEU A 47 -3.66 -7.00 6.87
C LEU A 47 -4.59 -8.20 6.81
N SER A 48 -4.59 -8.86 5.66
CA SER A 48 -5.42 -10.04 5.46
C SER A 48 -5.44 -10.90 6.72
N GLY A 49 -4.28 -11.48 7.02
CA GLY A 49 -4.14 -12.33 8.19
C GLY A 49 -3.08 -13.40 7.96
N GLN A 50 -2.78 -13.64 6.71
CA GLN A 50 -1.78 -14.63 6.34
C GLN A 50 -0.54 -14.47 7.22
N LEU A 51 -0.36 -13.26 7.74
CA LEU A 51 0.77 -12.96 8.59
C LEU A 51 0.34 -13.04 10.06
N ASN A 52 -0.73 -12.32 10.36
CA ASN A 52 -1.25 -12.30 11.71
C ASN A 52 -2.71 -12.78 11.70
N PRO A 53 -2.94 -13.93 12.39
CA PRO A 53 -4.27 -14.50 12.46
C PRO A 53 -5.16 -13.70 13.43
N GLN A 54 -4.65 -12.55 13.83
CA GLN A 54 -5.38 -11.68 14.74
C GLN A 54 -5.67 -10.33 14.08
N VAL A 55 -5.46 -10.29 12.77
CA VAL A 55 -5.69 -9.08 12.02
C VAL A 55 -6.31 -9.43 10.66
N ASN A 56 -7.29 -8.63 10.27
CA ASN A 56 -7.97 -8.85 9.01
C ASN A 56 -8.63 -7.54 8.56
N LEU A 57 -7.82 -6.70 7.91
CA LEU A 57 -8.31 -5.43 7.43
C LEU A 57 -8.91 -5.61 6.03
N VAL A 58 -8.33 -6.55 5.29
CA VAL A 58 -8.79 -6.83 3.94
C VAL A 58 -10.29 -6.53 3.85
N ASP A 59 -11.06 -7.30 4.60
CA ASP A 59 -12.51 -7.13 4.61
C ASP A 59 -12.83 -5.63 4.65
N THR A 60 -12.26 -4.96 5.63
CA THR A 60 -12.49 -3.53 5.80
C THR A 60 -11.99 -2.77 4.57
N LEU A 61 -10.73 -2.99 4.24
CA LEU A 61 -10.12 -2.34 3.09
C LEU A 61 -11.03 -2.52 1.87
N ASN A 62 -11.84 -3.57 1.93
CA ASN A 62 -12.76 -3.86 0.84
C ASN A 62 -14.12 -3.23 1.14
N SER A 63 -14.08 -1.95 1.49
CA SER A 63 -15.30 -1.23 1.81
C SER A 63 -15.00 0.26 1.99
N GLY A 64 -15.45 1.04 1.03
CA GLY A 64 -15.23 2.48 1.07
C GLY A 64 -14.02 2.88 0.23
N GLN A 65 -14.20 3.90 -0.58
CA GLN A 65 -13.13 4.39 -1.43
C GLN A 65 -11.89 4.70 -0.60
N TYR A 66 -10.91 3.81 -0.71
CA TYR A 66 -9.66 3.98 0.03
C TYR A 66 -8.51 4.28 -0.93
N THR A 67 -7.31 4.30 -0.36
CA THR A 67 -6.11 4.57 -1.14
C THR A 67 -4.91 3.84 -0.54
N VAL A 68 -4.76 2.58 -0.93
CA VAL A 68 -3.66 1.78 -0.42
C VAL A 68 -2.33 2.53 -0.64
N PHE A 69 -1.54 2.56 0.42
CA PHE A 69 -0.26 3.24 0.36
C PHE A 69 0.89 2.29 0.70
N ALA A 70 1.15 1.38 -0.22
CA ALA A 70 1.45 0.00 0.14
C ALA A 70 2.97 -0.19 0.18
N PRO A 71 3.44 -0.82 1.29
CA PRO A 71 4.86 -1.08 1.46
C PRO A 71 5.32 -2.22 0.57
N THR A 72 6.30 -1.93 -0.28
CA THR A 72 6.85 -2.92 -1.18
C THR A 72 7.63 -3.99 -0.41
N ASN A 73 7.98 -5.05 -1.11
CA ASN A 73 8.73 -6.14 -0.50
C ASN A 73 10.10 -5.62 -0.04
N ALA A 74 10.43 -4.42 -0.51
CA ALA A 74 11.70 -3.80 -0.15
C ALA A 74 11.53 -3.06 1.17
N ALA A 75 10.29 -2.71 1.48
CA ALA A 75 9.98 -1.99 2.70
C ALA A 75 10.03 -2.97 3.88
N PHE A 76 9.14 -3.96 3.82
CA PHE A 76 9.06 -4.95 4.88
C PHE A 76 10.42 -5.62 5.10
N SER A 77 11.22 -5.64 4.04
CA SER A 77 12.54 -6.24 4.10
C SER A 77 13.41 -5.49 5.12
N LYS A 78 13.47 -4.18 4.93
CA LYS A 78 14.26 -3.35 5.81
C LYS A 78 14.15 -3.87 7.25
N LEU A 79 13.01 -3.60 7.86
CA LEU A 79 12.76 -4.04 9.21
C LEU A 79 13.40 -5.41 9.43
N PRO A 80 13.85 -5.66 10.69
CA PRO A 80 14.48 -6.92 11.03
C PRO A 80 13.44 -8.03 11.16
N ALA A 81 13.87 -9.23 10.79
CA ALA A 81 12.99 -10.38 10.86
C ALA A 81 12.17 -10.32 12.15
N SER A 82 12.84 -9.95 13.22
CA SER A 82 12.19 -9.85 14.52
C SER A 82 10.90 -9.04 14.39
N THR A 83 11.05 -7.81 13.90
CA THR A 83 9.91 -6.93 13.71
C THR A 83 8.75 -7.68 13.05
N ILE A 84 9.09 -8.40 11.98
CA ILE A 84 8.10 -9.16 11.25
C ILE A 84 7.53 -10.26 12.15
N ASP A 85 8.43 -10.95 12.83
CA ASP A 85 8.04 -12.03 13.73
C ASP A 85 7.10 -11.47 14.80
N GLU A 86 7.16 -10.16 14.96
CA GLU A 86 6.31 -9.49 15.95
C GLU A 86 4.93 -9.23 15.36
N LEU A 87 4.92 -8.61 14.18
CA LEU A 87 3.67 -8.30 13.51
C LEU A 87 2.85 -9.58 13.36
N LYS A 88 3.53 -10.71 13.47
CA LYS A 88 2.88 -12.00 13.34
C LYS A 88 2.28 -12.40 14.69
N THR A 89 2.33 -11.46 15.62
CA THR A 89 1.80 -11.70 16.95
C THR A 89 1.24 -10.41 17.55
N ASN A 90 1.04 -9.43 16.67
CA ASN A 90 0.51 -8.14 17.09
C ASN A 90 -0.82 -7.89 16.38
N SER A 91 -1.57 -6.94 16.93
CA SER A 91 -2.87 -6.61 16.37
C SER A 91 -3.23 -5.16 16.74
N SER A 92 -2.20 -4.39 17.04
CA SER A 92 -2.40 -2.99 17.41
C SER A 92 -1.27 -2.13 16.84
N LEU A 93 -0.05 -2.62 17.03
CA LEU A 93 1.12 -1.91 16.54
C LEU A 93 1.28 -2.16 15.04
N LEU A 94 0.77 -3.32 14.62
CA LEU A 94 0.85 -3.69 13.22
C LEU A 94 -0.34 -3.10 12.46
N THR A 95 -1.51 -3.19 13.07
CA THR A 95 -2.72 -2.66 12.48
C THR A 95 -2.50 -1.21 12.05
N SER A 96 -2.02 -0.41 12.99
CA SER A 96 -1.77 1.00 12.72
C SER A 96 -1.05 1.15 11.38
N ILE A 97 -0.04 0.31 11.18
CA ILE A 97 0.73 0.34 9.95
C ILE A 97 -0.19 0.07 8.77
N LEU A 98 -0.88 -1.07 8.83
CA LEU A 98 -1.79 -1.45 7.77
C LEU A 98 -2.75 -0.30 7.48
N THR A 99 -3.49 0.10 8.51
CA THR A 99 -4.44 1.19 8.37
C THR A 99 -3.76 2.41 7.75
N TYR A 100 -2.57 2.71 8.25
CA TYR A 100 -1.81 3.84 7.76
C TYR A 100 -1.38 3.61 6.31
N HIS A 101 -1.51 2.37 5.87
CA HIS A 101 -1.13 2.02 4.51
C HIS A 101 -2.36 2.07 3.61
N VAL A 102 -3.33 2.86 4.03
CA VAL A 102 -4.56 2.99 3.27
C VAL A 102 -5.32 4.23 3.75
N VAL A 103 -5.47 5.19 2.86
CA VAL A 103 -6.16 6.42 3.19
C VAL A 103 -7.63 6.31 2.76
N ALA A 104 -8.50 6.95 3.53
CA ALA A 104 -9.92 6.92 3.24
C ALA A 104 -10.26 8.04 2.25
N GLY A 105 -10.48 7.63 1.02
CA GLY A 105 -10.81 8.58 -0.03
C GLY A 105 -9.88 8.41 -1.24
N GLN A 106 -10.46 7.93 -2.34
CA GLN A 106 -9.70 7.71 -3.56
C GLN A 106 -9.26 9.05 -4.15
N THR A 107 -7.98 9.11 -4.48
CA THR A 107 -7.42 10.32 -5.06
C THR A 107 -6.25 9.99 -5.98
N SER A 108 -6.30 10.55 -7.18
CA SER A 108 -5.26 10.31 -8.17
C SER A 108 -3.92 10.87 -7.65
N PRO A 109 -2.83 10.46 -8.35
CA PRO A 109 -1.49 10.91 -7.98
C PRO A 109 -1.27 12.36 -8.40
N ALA A 110 -2.21 13.20 -8.02
CA ALA A 110 -2.13 14.62 -8.35
C ALA A 110 -2.50 15.45 -7.12
N ASN A 111 -3.59 15.03 -6.48
CA ASN A 111 -4.06 15.73 -5.29
C ASN A 111 -3.54 15.01 -4.05
N VAL A 112 -3.30 13.72 -4.21
CA VAL A 112 -2.80 12.91 -3.11
C VAL A 112 -1.64 13.64 -2.42
N VAL A 113 -1.00 14.51 -3.19
CA VAL A 113 0.12 15.28 -2.67
C VAL A 113 -0.38 16.23 -1.59
N GLY A 114 0.42 16.35 -0.53
CA GLY A 114 0.06 17.23 0.58
C GLY A 114 -0.15 16.42 1.86
N THR A 115 -0.73 17.10 2.85
CA THR A 115 -1.00 16.46 4.12
C THR A 115 -2.32 15.68 4.07
N ARG A 116 -2.19 14.37 3.86
CA ARG A 116 -3.36 13.51 3.78
C ARG A 116 -3.66 12.90 5.16
N GLN A 117 -4.74 12.14 5.20
CA GLN A 117 -5.15 11.48 6.44
C GLN A 117 -5.48 10.02 6.19
N THR A 118 -4.69 9.15 6.80
CA THR A 118 -4.89 7.72 6.65
C THR A 118 -6.10 7.26 7.48
N LEU A 119 -6.57 6.07 7.17
CA LEU A 119 -7.71 5.50 7.87
C LEU A 119 -7.33 5.25 9.34
N GLN A 120 -6.04 5.03 9.54
CA GLN A 120 -5.53 4.78 10.88
C GLN A 120 -5.84 5.96 11.80
N GLY A 121 -6.09 7.10 11.17
CA GLY A 121 -6.40 8.31 11.92
C GLY A 121 -5.22 9.27 11.91
N ALA A 122 -4.08 8.76 11.47
CA ALA A 122 -2.88 9.58 11.40
C ALA A 122 -2.85 10.34 10.08
N SER A 123 -1.82 11.16 9.93
CA SER A 123 -1.68 11.95 8.72
C SER A 123 -0.50 11.43 7.90
N VAL A 124 -0.71 11.39 6.59
CA VAL A 124 0.33 10.92 5.68
C VAL A 124 0.81 12.07 4.82
N THR A 125 2.02 12.52 5.10
CA THR A 125 2.60 13.63 4.36
C THR A 125 3.08 13.15 2.99
N VAL A 126 2.24 13.40 1.98
CA VAL A 126 2.55 13.00 0.62
C VAL A 126 3.21 14.18 -0.10
N THR A 127 4.07 13.84 -1.06
CA THR A 127 4.76 14.86 -1.83
C THR A 127 4.99 14.36 -3.26
N GLY A 128 5.43 15.28 -4.11
CA GLY A 128 5.69 14.96 -5.50
C GLY A 128 5.19 16.07 -6.43
N GLN A 129 4.23 15.70 -7.27
CA GLN A 129 3.66 16.66 -8.21
C GLN A 129 4.72 17.10 -9.22
N GLY A 130 4.36 16.98 -10.49
CA GLY A 130 5.26 17.37 -11.56
C GLY A 130 6.33 16.30 -11.78
N ASN A 131 7.02 15.97 -10.71
CA ASN A 131 8.08 14.97 -10.76
C ASN A 131 8.37 14.46 -9.35
N SER A 132 8.48 13.14 -9.24
CA SER A 132 8.76 12.52 -7.96
C SER A 132 7.46 12.35 -7.17
N LEU A 133 7.43 11.32 -6.34
CA LEU A 133 6.27 11.03 -5.52
C LEU A 133 6.71 10.36 -4.23
N LYS A 134 6.51 11.07 -3.13
CA LYS A 134 6.89 10.55 -1.83
C LYS A 134 5.64 10.45 -0.94
N VAL A 135 5.74 9.61 0.08
CA VAL A 135 4.64 9.43 1.00
C VAL A 135 5.18 9.24 2.42
N GLY A 136 4.90 10.22 3.26
CA GLY A 136 5.35 10.18 4.64
C GLY A 136 6.88 10.18 4.72
N ASN A 137 7.45 9.00 4.50
CA ASN A 137 8.89 8.84 4.53
C ASN A 137 9.31 7.71 3.59
N ALA A 138 8.42 7.43 2.64
CA ALA A 138 8.69 6.38 1.67
C ALA A 138 8.72 6.99 0.26
N ASP A 139 9.10 6.16 -0.70
CA ASP A 139 9.17 6.60 -2.08
C ASP A 139 8.12 5.87 -2.91
N VAL A 140 7.20 6.66 -3.46
CA VAL A 140 6.14 6.10 -4.28
C VAL A 140 6.74 5.35 -5.46
N VAL A 141 6.81 4.04 -5.32
CA VAL A 141 7.36 3.20 -6.36
C VAL A 141 6.42 3.19 -7.56
N CYS A 142 5.18 2.79 -7.31
CA CYS A 142 4.17 2.74 -8.35
C CYS A 142 2.82 3.13 -7.74
N GLY A 143 2.40 4.35 -8.05
CA GLY A 143 1.13 4.84 -7.54
C GLY A 143 0.12 5.04 -8.67
N GLY A 144 -1.14 5.08 -8.29
CA GLY A 144 -2.20 5.27 -9.26
C GLY A 144 -2.73 3.93 -9.77
N VAL A 145 -2.36 2.88 -9.06
CA VAL A 145 -2.77 1.53 -9.43
C VAL A 145 -4.18 1.28 -8.92
N SER A 146 -5.10 2.13 -9.33
CA SER A 146 -6.49 2.02 -8.91
C SER A 146 -6.96 0.57 -9.07
N THR A 147 -7.22 -0.06 -7.94
CA THR A 147 -7.67 -1.44 -7.94
C THR A 147 -9.17 -1.51 -8.20
N ALA A 148 -9.94 -1.60 -7.13
CA ALA A 148 -11.38 -1.67 -7.24
C ALA A 148 -12.01 -0.41 -6.62
N ASN A 149 -12.19 -0.46 -5.31
CA ASN A 149 -12.76 0.66 -4.59
C ASN A 149 -11.69 1.31 -3.72
N ALA A 150 -10.48 1.36 -4.27
CA ALA A 150 -9.36 1.96 -3.56
C ALA A 150 -8.14 2.00 -4.48
N THR A 151 -7.29 2.98 -4.24
CA THR A 151 -6.08 3.14 -5.05
C THR A 151 -4.94 2.32 -4.45
N VAL A 152 -3.79 2.39 -5.11
CA VAL A 152 -2.61 1.67 -4.66
C VAL A 152 -1.37 2.49 -4.97
N TYR A 153 -0.57 2.71 -3.93
CA TYR A 153 0.66 3.48 -4.08
C TYR A 153 1.83 2.78 -3.38
N MET A 154 2.51 1.94 -4.15
CA MET A 154 3.64 1.21 -3.62
C MET A 154 4.74 2.17 -3.13
N ILE A 155 5.25 1.88 -1.94
CA ILE A 155 6.29 2.70 -1.36
C ILE A 155 7.43 1.80 -0.88
N ASP A 156 8.58 2.43 -0.64
CA ASP A 156 9.75 1.71 -0.17
C ASP A 156 9.93 1.93 1.33
N SER A 157 8.83 1.76 2.04
CA SER A 157 8.85 1.93 3.49
C SER A 157 7.50 1.51 4.08
N VAL A 158 7.57 0.96 5.29
CA VAL A 158 6.38 0.51 5.98
C VAL A 158 5.58 1.73 6.47
N LEU A 159 5.98 2.89 5.97
CA LEU A 159 5.32 4.13 6.35
C LEU A 159 5.24 4.21 7.88
N MET A 160 4.21 3.58 8.42
CA MET A 160 4.01 3.57 9.86
C MET A 160 3.38 4.88 10.33
N PRO A 161 2.37 4.74 11.23
CA PRO A 161 1.68 5.90 11.76
C PRO A 161 2.55 6.63 12.79
N PRO A 162 2.69 7.96 12.58
CA PRO A 162 3.49 8.79 13.48
C PRO A 162 2.75 9.05 14.79
N ALA A 163 1.57 8.46 14.88
CA ALA A 163 0.74 8.62 16.08
C ALA A 163 0.77 10.08 16.51
N GLY A 1 4.29 9.22 -21.10
CA GLY A 1 4.45 8.84 -19.72
C GLY A 1 3.21 8.10 -19.21
N ASP A 2 3.41 6.82 -18.88
CA ASP A 2 2.32 6.01 -18.39
C ASP A 2 2.48 5.83 -16.87
N LEU A 3 1.34 5.87 -16.19
CA LEU A 3 1.34 5.71 -14.74
C LEU A 3 2.41 6.62 -14.13
N VAL A 4 2.60 6.46 -12.83
CA VAL A 4 3.59 7.25 -12.12
C VAL A 4 4.45 6.33 -11.26
N GLY A 5 5.74 6.65 -11.21
CA GLY A 5 6.66 5.92 -10.36
C GLY A 5 7.61 5.05 -11.18
N PRO A 6 8.79 4.76 -10.57
CA PRO A 6 9.79 3.94 -11.24
C PRO A 6 9.38 2.47 -11.24
N GLY A 7 9.42 1.88 -10.05
CA GLY A 7 9.06 0.48 -9.91
C GLY A 7 7.87 0.12 -10.79
N CYS A 8 6.98 1.08 -10.95
CA CYS A 8 5.80 0.88 -11.76
C CYS A 8 6.21 0.13 -13.03
N ALA A 9 7.25 0.64 -13.68
CA ALA A 9 7.76 0.03 -14.89
C ALA A 9 8.20 -1.40 -14.59
N GLU A 10 9.31 -1.50 -13.88
CA GLU A 10 9.86 -2.81 -13.52
C GLU A 10 8.72 -3.77 -13.15
N TYR A 11 7.88 -3.31 -12.24
CA TYR A 11 6.75 -4.11 -11.79
C TYR A 11 5.90 -4.58 -12.98
N ALA A 12 5.23 -3.62 -13.59
CA ALA A 12 4.37 -3.91 -14.73
C ALA A 12 5.14 -4.80 -15.71
N ALA A 13 6.37 -4.39 -16.00
CA ALA A 13 7.22 -5.13 -16.91
C ALA A 13 7.17 -6.62 -16.57
N ALA A 14 6.89 -6.88 -15.30
CA ALA A 14 6.81 -8.26 -14.83
C ALA A 14 5.33 -8.69 -14.79
N ASN A 15 4.47 -7.72 -14.53
CA ASN A 15 3.05 -7.98 -14.47
C ASN A 15 2.29 -6.91 -15.25
N PRO A 16 2.42 -6.98 -16.61
CA PRO A 16 1.77 -6.03 -17.48
C PRO A 16 0.27 -6.32 -17.57
N THR A 17 -0.05 -7.55 -17.94
CA THR A 17 -1.43 -7.96 -18.08
C THR A 17 -1.76 -9.05 -17.08
N GLY A 18 -0.70 -9.62 -16.49
CA GLY A 18 -0.86 -10.68 -15.51
C GLY A 18 -1.89 -10.28 -14.44
N PRO A 19 -2.01 -11.17 -13.41
CA PRO A 19 -2.94 -10.92 -12.32
C PRO A 19 -2.40 -9.84 -11.37
N ALA A 20 -1.08 -9.84 -11.23
CA ALA A 20 -0.43 -8.88 -10.36
C ALA A 20 -0.15 -7.59 -11.15
N SER A 21 -1.19 -7.11 -11.82
CA SER A 21 -1.06 -5.90 -12.61
C SER A 21 -2.10 -4.88 -12.16
N VAL A 22 -2.12 -3.75 -12.87
CA VAL A 22 -3.06 -2.68 -12.55
C VAL A 22 -4.48 -3.17 -12.81
N GLN A 23 -4.64 -3.90 -13.90
CA GLN A 23 -5.94 -4.43 -14.26
C GLN A 23 -6.13 -5.83 -13.66
N GLY A 24 -5.03 -6.56 -13.59
CA GLY A 24 -5.06 -7.91 -13.03
C GLY A 24 -5.41 -7.88 -11.55
N MET A 25 -5.44 -6.68 -11.00
CA MET A 25 -5.75 -6.50 -9.59
C MET A 25 -7.10 -5.80 -9.42
N SER A 26 -7.41 -4.95 -10.39
CA SER A 26 -8.67 -4.20 -10.35
C SER A 26 -9.83 -5.17 -10.11
N GLN A 27 -9.84 -6.25 -10.88
CA GLN A 27 -10.89 -7.24 -10.76
C GLN A 27 -11.03 -7.70 -9.31
N ASP A 28 -9.99 -7.43 -8.53
CA ASP A 28 -9.97 -7.81 -7.13
C ASP A 28 -10.27 -6.58 -6.28
N PRO A 29 -10.85 -6.83 -5.07
CA PRO A 29 -11.18 -5.77 -4.16
C PRO A 29 -9.93 -5.23 -3.46
N VAL A 30 -9.44 -4.11 -3.99
CA VAL A 30 -8.27 -3.48 -3.44
C VAL A 30 -7.42 -4.53 -2.72
N ALA A 31 -7.63 -4.64 -1.42
CA ALA A 31 -6.90 -5.59 -0.62
C ALA A 31 -6.41 -6.73 -1.51
N VAL A 32 -7.29 -7.71 -1.69
CA VAL A 32 -6.96 -8.87 -2.51
C VAL A 32 -6.08 -8.42 -3.68
N ALA A 33 -6.54 -7.37 -4.36
CA ALA A 33 -5.80 -6.83 -5.49
C ALA A 33 -4.31 -6.82 -5.16
N ALA A 34 -3.99 -6.25 -4.01
CA ALA A 34 -2.61 -6.17 -3.57
C ALA A 34 -2.08 -7.57 -3.30
N SER A 35 -2.98 -8.44 -2.89
CA SER A 35 -2.61 -9.82 -2.58
C SER A 35 -1.98 -10.47 -3.82
N ASN A 36 -2.15 -9.80 -4.95
CA ASN A 36 -1.60 -10.30 -6.20
C ASN A 36 -0.18 -9.76 -6.38
N ASN A 37 0.00 -8.51 -5.98
CA ASN A 37 1.20 -7.77 -6.33
C ASN A 37 2.41 -8.45 -5.69
N PRO A 38 3.48 -8.62 -6.51
CA PRO A 38 4.70 -9.25 -6.03
C PRO A 38 5.50 -8.29 -5.13
N GLU A 39 4.87 -7.16 -4.83
CA GLU A 39 5.50 -6.16 -3.98
C GLU A 39 4.62 -5.85 -2.77
N LEU A 40 3.41 -6.39 -2.81
CA LEU A 40 2.46 -6.18 -1.72
C LEU A 40 2.14 -7.51 -1.07
N THR A 41 2.56 -8.58 -1.73
CA THR A 41 2.32 -9.93 -1.23
C THR A 41 2.46 -9.95 0.29
N THR A 42 3.57 -9.41 0.77
CA THR A 42 3.83 -9.37 2.20
C THR A 42 2.81 -8.47 2.90
N LEU A 43 2.54 -7.35 2.27
CA LEU A 43 1.58 -6.39 2.82
C LEU A 43 0.24 -7.10 3.04
N THR A 44 -0.35 -7.53 1.94
CA THR A 44 -1.63 -8.22 1.99
C THR A 44 -1.63 -9.26 3.11
N ALA A 45 -0.68 -10.18 3.02
CA ALA A 45 -0.56 -11.23 4.01
C ALA A 45 -0.81 -10.65 5.40
N ALA A 46 -0.25 -9.47 5.62
CA ALA A 46 -0.41 -8.79 6.90
C ALA A 46 -1.90 -8.48 7.13
N LEU A 47 -2.40 -7.52 6.35
CA LEU A 47 -3.79 -7.12 6.46
C LEU A 47 -4.67 -8.37 6.45
N SER A 48 -4.61 -9.10 5.34
CA SER A 48 -5.40 -10.31 5.21
C SER A 48 -5.33 -11.13 6.50
N GLY A 49 -4.17 -11.70 6.74
CA GLY A 49 -3.95 -12.51 7.92
C GLY A 49 -2.82 -13.52 7.72
N GLN A 50 -2.55 -13.79 6.45
CA GLN A 50 -1.50 -14.73 6.10
C GLN A 50 -0.26 -14.48 6.96
N LEU A 51 -0.13 -13.24 7.41
CA LEU A 51 1.01 -12.86 8.24
C LEU A 51 0.53 -12.68 9.68
N ASN A 52 -0.56 -11.95 9.83
CA ASN A 52 -1.13 -11.70 11.14
C ASN A 52 -2.50 -12.39 11.25
N PRO A 53 -2.46 -13.66 11.73
CA PRO A 53 -3.67 -14.44 11.89
C PRO A 53 -4.48 -13.96 13.10
N GLN A 54 -4.12 -12.78 13.58
CA GLN A 54 -4.80 -12.20 14.73
C GLN A 54 -5.43 -10.87 14.35
N VAL A 55 -5.46 -10.60 13.06
CA VAL A 55 -6.04 -9.37 12.55
C VAL A 55 -6.41 -9.55 11.08
N ASN A 56 -7.39 -8.77 10.65
CA ASN A 56 -7.85 -8.83 9.28
C ASN A 56 -8.47 -7.49 8.89
N LEU A 57 -7.80 -6.80 7.98
CA LEU A 57 -8.27 -5.51 7.52
C LEU A 57 -8.95 -5.68 6.15
N VAL A 58 -8.46 -6.65 5.39
CA VAL A 58 -9.00 -6.92 4.08
C VAL A 58 -10.50 -6.67 4.09
N ASP A 59 -11.20 -7.45 4.89
CA ASP A 59 -12.65 -7.32 5.00
C ASP A 59 -13.02 -5.83 4.93
N THR A 60 -12.26 -5.03 5.65
CA THR A 60 -12.51 -3.59 5.67
C THR A 60 -11.98 -2.94 4.39
N LEU A 61 -10.70 -3.15 4.14
CA LEU A 61 -10.07 -2.59 2.96
C LEU A 61 -11.06 -2.60 1.80
N ASN A 62 -11.86 -3.67 1.75
CA ASN A 62 -12.86 -3.80 0.69
C ASN A 62 -14.18 -3.22 1.19
N SER A 63 -14.12 -1.97 1.65
CA SER A 63 -15.30 -1.30 2.15
C SER A 63 -15.65 -0.14 1.22
N GLY A 64 -15.13 1.04 1.56
CA GLY A 64 -15.39 2.22 0.77
C GLY A 64 -14.16 2.60 -0.07
N GLN A 65 -14.29 3.72 -0.77
CA GLN A 65 -13.21 4.19 -1.63
C GLN A 65 -11.96 4.49 -0.77
N TYR A 66 -10.99 3.60 -0.89
CA TYR A 66 -9.75 3.76 -0.15
C TYR A 66 -8.58 4.08 -1.08
N THR A 67 -7.39 4.11 -0.51
CA THR A 67 -6.19 4.41 -1.27
C THR A 67 -4.98 3.73 -0.64
N VAL A 68 -4.73 2.51 -1.09
CA VAL A 68 -3.59 1.75 -0.59
C VAL A 68 -2.32 2.57 -0.73
N PHE A 69 -1.53 2.56 0.34
CA PHE A 69 -0.28 3.30 0.36
C PHE A 69 0.89 2.39 0.71
N ALA A 70 1.21 1.50 -0.22
CA ALA A 70 1.53 0.13 0.13
C ALA A 70 3.05 -0.05 0.14
N PRO A 71 3.55 -0.64 1.25
CA PRO A 71 4.98 -0.88 1.40
C PRO A 71 5.44 -2.04 0.52
N THR A 72 6.44 -1.77 -0.31
CA THR A 72 6.97 -2.78 -1.19
C THR A 72 7.69 -3.87 -0.39
N ASN A 73 8.11 -4.91 -1.11
CA ASN A 73 8.81 -6.02 -0.48
C ASN A 73 10.16 -5.52 0.06
N ALA A 74 10.55 -4.35 -0.40
CA ALA A 74 11.81 -3.76 0.03
C ALA A 74 11.57 -2.87 1.24
N ALA A 75 10.32 -2.44 1.39
CA ALA A 75 9.94 -1.59 2.50
C ALA A 75 9.88 -2.42 3.78
N PHE A 76 9.32 -3.61 3.64
CA PHE A 76 9.19 -4.52 4.78
C PHE A 76 10.54 -5.11 5.16
N SER A 77 11.32 -5.43 4.14
CA SER A 77 12.64 -6.00 4.35
C SER A 77 13.48 -5.08 5.24
N LYS A 78 13.38 -3.80 4.95
CA LYS A 78 14.12 -2.80 5.71
C LYS A 78 14.00 -3.11 7.21
N LEU A 79 12.82 -2.87 7.73
CA LEU A 79 12.55 -3.12 9.14
C LEU A 79 13.22 -4.42 9.56
N PRO A 80 13.59 -4.49 10.87
CA PRO A 80 14.25 -5.68 11.40
C PRO A 80 13.25 -6.82 11.58
N ALA A 81 13.70 -8.02 11.26
CA ALA A 81 12.87 -9.20 11.39
C ALA A 81 12.08 -9.12 12.69
N SER A 82 12.77 -8.74 13.75
CA SER A 82 12.15 -8.61 15.06
C SER A 82 10.81 -7.89 14.93
N THR A 83 10.82 -6.83 14.15
CA THR A 83 9.61 -6.05 13.93
C THR A 83 8.57 -6.87 13.17
N ILE A 84 9.01 -7.44 12.05
CA ILE A 84 8.12 -8.24 11.23
C ILE A 84 7.56 -9.39 12.07
N ASP A 85 8.47 -10.16 12.65
CA ASP A 85 8.07 -11.29 13.48
C ASP A 85 7.06 -10.83 14.52
N GLU A 86 7.11 -9.53 14.82
CA GLU A 86 6.21 -8.95 15.80
C GLU A 86 4.84 -8.71 15.16
N LEU A 87 4.87 -8.23 13.93
CA LEU A 87 3.63 -7.95 13.20
C LEU A 87 2.89 -9.27 12.95
N LYS A 88 3.63 -10.36 13.06
CA LYS A 88 3.06 -11.67 12.84
C LYS A 88 2.55 -12.23 14.17
N THR A 89 2.06 -11.33 15.00
CA THR A 89 1.54 -11.71 16.31
C THR A 89 0.90 -10.51 17.00
N ASN A 90 1.53 -9.35 16.83
CA ASN A 90 1.02 -8.14 17.42
C ASN A 90 -0.50 -8.11 17.32
N SER A 91 -0.99 -7.53 16.23
CA SER A 91 -2.42 -7.44 16.00
C SER A 91 -3.00 -6.24 16.77
N SER A 92 -2.14 -5.64 17.59
CA SER A 92 -2.56 -4.50 18.37
C SER A 92 -1.58 -3.33 18.16
N LEU A 93 -0.80 -3.46 17.10
CA LEU A 93 0.17 -2.43 16.77
C LEU A 93 0.41 -2.42 15.25
N LEU A 94 0.52 -3.62 14.70
CA LEU A 94 0.75 -3.77 13.27
C LEU A 94 -0.41 -3.12 12.51
N THR A 95 -1.62 -3.35 13.02
CA THR A 95 -2.81 -2.80 12.40
C THR A 95 -2.62 -1.31 12.12
N SER A 96 -1.95 -0.64 13.05
CA SER A 96 -1.70 0.78 12.92
C SER A 96 -0.96 1.06 11.61
N ILE A 97 -0.02 0.18 11.30
CA ILE A 97 0.76 0.32 10.08
C ILE A 97 -0.13 0.05 8.87
N LEU A 98 -0.79 -1.10 8.91
CA LEU A 98 -1.67 -1.49 7.83
C LEU A 98 -2.62 -0.33 7.50
N THR A 99 -3.47 -0.01 8.46
CA THR A 99 -4.42 1.08 8.29
C THR A 99 -3.73 2.31 7.70
N TYR A 100 -2.60 2.66 8.30
CA TYR A 100 -1.84 3.81 7.86
C TYR A 100 -1.38 3.63 6.41
N HIS A 101 -1.41 2.38 5.96
CA HIS A 101 -1.00 2.07 4.60
C HIS A 101 -2.23 2.08 3.68
N VAL A 102 -3.26 2.76 4.14
CA VAL A 102 -4.49 2.86 3.38
C VAL A 102 -5.28 4.08 3.85
N VAL A 103 -5.67 4.91 2.89
CA VAL A 103 -6.42 6.12 3.19
C VAL A 103 -7.87 5.92 2.75
N ALA A 104 -8.75 6.72 3.34
CA ALA A 104 -10.16 6.64 3.01
C ALA A 104 -10.54 7.81 2.10
N GLY A 105 -10.52 7.53 0.80
CA GLY A 105 -10.86 8.54 -0.19
C GLY A 105 -9.96 8.41 -1.42
N GLN A 106 -10.48 7.73 -2.43
CA GLN A 106 -9.73 7.53 -3.66
C GLN A 106 -9.27 8.88 -4.22
N THR A 107 -7.97 8.99 -4.42
CA THR A 107 -7.39 10.21 -4.95
C THR A 107 -6.35 9.90 -6.02
N SER A 108 -6.29 10.77 -7.02
CA SER A 108 -5.35 10.59 -8.12
C SER A 108 -3.96 11.06 -7.69
N PRO A 109 -2.94 10.58 -8.44
CA PRO A 109 -1.56 10.93 -8.16
C PRO A 109 -1.27 12.36 -8.61
N ALA A 110 -2.17 13.25 -8.28
CA ALA A 110 -2.03 14.66 -8.64
C ALA A 110 -2.74 15.53 -7.61
N ASN A 111 -3.00 14.94 -6.46
CA ASN A 111 -3.66 15.65 -5.39
C ASN A 111 -3.22 15.07 -4.04
N VAL A 112 -3.32 13.75 -3.94
CA VAL A 112 -2.95 13.06 -2.71
C VAL A 112 -1.81 13.83 -2.04
N VAL A 113 -0.92 14.36 -2.87
CA VAL A 113 0.22 15.12 -2.36
C VAL A 113 -0.28 16.15 -1.34
N GLY A 114 0.29 16.08 -0.15
CA GLY A 114 -0.07 17.01 0.91
C GLY A 114 -0.38 16.26 2.20
N THR A 115 -0.69 17.03 3.23
CA THR A 115 -1.00 16.45 4.53
C THR A 115 -2.32 15.70 4.47
N ARG A 116 -2.25 14.47 3.98
CA ARG A 116 -3.44 13.64 3.87
C ARG A 116 -3.74 12.95 5.20
N GLN A 117 -4.78 12.14 5.19
CA GLN A 117 -5.19 11.42 6.39
C GLN A 117 -5.51 9.96 6.05
N THR A 118 -4.75 9.06 6.64
CA THR A 118 -4.95 7.65 6.41
C THR A 118 -5.95 7.08 7.42
N LEU A 119 -6.37 5.85 7.15
CA LEU A 119 -7.33 5.18 8.01
C LEU A 119 -6.85 5.28 9.46
N GLN A 120 -5.62 4.84 9.68
CA GLN A 120 -5.04 4.87 11.01
C GLN A 120 -5.44 6.15 11.73
N GLY A 121 -5.67 7.19 10.94
CA GLY A 121 -6.06 8.48 11.50
C GLY A 121 -4.90 9.46 11.45
N ALA A 122 -3.70 8.92 11.28
CA ALA A 122 -2.50 9.73 11.22
C ALA A 122 -2.42 10.41 9.84
N SER A 123 -1.93 11.64 9.86
CA SER A 123 -1.79 12.40 8.63
C SER A 123 -0.58 11.91 7.83
N VAL A 124 -0.83 11.63 6.56
CA VAL A 124 0.23 11.15 5.69
C VAL A 124 0.70 12.29 4.78
N THR A 125 1.82 12.90 5.15
CA THR A 125 2.37 13.98 4.38
C THR A 125 2.91 13.49 3.04
N VAL A 126 2.04 13.54 2.04
CA VAL A 126 2.41 13.10 0.71
C VAL A 126 3.07 14.25 -0.06
N THR A 127 3.91 13.89 -1.01
CA THR A 127 4.60 14.88 -1.81
C THR A 127 4.92 14.32 -3.19
N GLY A 128 5.52 15.17 -4.02
CA GLY A 128 5.89 14.77 -5.37
C GLY A 128 5.55 15.87 -6.38
N GLN A 129 4.65 15.54 -7.30
CA GLN A 129 4.24 16.49 -8.31
C GLN A 129 5.45 17.00 -9.09
N GLY A 130 6.00 16.11 -9.92
CA GLY A 130 7.16 16.45 -10.72
C GLY A 130 7.84 15.19 -11.26
N ASN A 131 8.67 14.61 -10.42
CA ASN A 131 9.39 13.39 -10.80
C ASN A 131 10.00 12.75 -9.54
N SER A 132 9.15 12.56 -8.55
CA SER A 132 9.58 11.96 -7.30
C SER A 132 8.46 12.01 -6.28
N LEU A 133 7.54 11.06 -6.40
CA LEU A 133 6.41 10.98 -5.48
C LEU A 133 6.88 10.45 -4.13
N LYS A 134 6.43 11.11 -3.08
CA LYS A 134 6.81 10.71 -1.73
C LYS A 134 5.54 10.59 -0.87
N VAL A 135 5.64 9.78 0.17
CA VAL A 135 4.52 9.59 1.07
C VAL A 135 5.03 9.44 2.51
N GLY A 136 4.66 10.40 3.33
CA GLY A 136 5.08 10.40 4.72
C GLY A 136 6.61 10.44 4.83
N ASN A 137 7.22 9.27 4.68
CA ASN A 137 8.67 9.16 4.77
C ASN A 137 9.15 8.07 3.80
N ALA A 138 8.29 7.76 2.84
CA ALA A 138 8.61 6.74 1.85
C ALA A 138 8.65 7.38 0.46
N ASP A 139 8.93 6.55 -0.54
CA ASP A 139 9.00 7.02 -1.90
C ASP A 139 8.05 6.20 -2.77
N VAL A 140 7.07 6.88 -3.34
CA VAL A 140 6.08 6.23 -4.18
C VAL A 140 6.80 5.49 -5.31
N VAL A 141 6.61 4.18 -5.34
CA VAL A 141 7.23 3.35 -6.36
C VAL A 141 6.32 3.29 -7.58
N CYS A 142 5.05 3.06 -7.33
CA CYS A 142 4.07 2.98 -8.40
C CYS A 142 2.69 3.32 -7.83
N GLY A 143 2.25 4.54 -8.11
CA GLY A 143 0.97 4.99 -7.64
C GLY A 143 -0.03 5.17 -8.79
N GLY A 144 -1.30 5.19 -8.45
CA GLY A 144 -2.34 5.36 -9.45
C GLY A 144 -2.78 4.00 -10.01
N VAL A 145 -2.46 2.95 -9.27
CA VAL A 145 -2.81 1.60 -9.68
C VAL A 145 -4.19 1.25 -9.11
N SER A 146 -5.16 2.08 -9.44
CA SER A 146 -6.52 1.85 -8.97
C SER A 146 -6.90 0.38 -9.12
N THR A 147 -7.48 -0.16 -8.07
CA THR A 147 -7.89 -1.56 -8.07
C THR A 147 -9.39 -1.67 -8.37
N ALA A 148 -10.15 -1.95 -7.33
CA ALA A 148 -11.58 -2.09 -7.45
C ALA A 148 -12.27 -0.83 -6.91
N ASN A 149 -12.12 -0.63 -5.61
CA ASN A 149 -12.72 0.53 -4.96
C ASN A 149 -11.67 1.20 -4.07
N ALA A 150 -10.45 1.29 -4.59
CA ALA A 150 -9.36 1.90 -3.85
C ALA A 150 -8.14 2.00 -4.77
N THR A 151 -7.33 3.02 -4.52
CA THR A 151 -6.13 3.23 -5.30
C THR A 151 -4.96 2.46 -4.70
N VAL A 152 -3.84 2.50 -5.41
CA VAL A 152 -2.65 1.79 -4.97
C VAL A 152 -1.42 2.69 -5.17
N TYR A 153 -0.65 2.84 -4.10
CA TYR A 153 0.54 3.67 -4.15
C TYR A 153 1.70 2.99 -3.42
N MET A 154 2.44 2.18 -4.17
CA MET A 154 3.58 1.48 -3.62
C MET A 154 4.63 2.45 -3.09
N ILE A 155 5.35 1.99 -2.07
CA ILE A 155 6.38 2.81 -1.45
C ILE A 155 7.56 1.93 -1.07
N ASP A 156 8.59 2.57 -0.52
CA ASP A 156 9.78 1.86 -0.11
C ASP A 156 9.96 2.01 1.40
N SER A 157 8.84 2.04 2.10
CA SER A 157 8.86 2.18 3.54
C SER A 157 7.52 1.72 4.13
N VAL A 158 7.60 1.17 5.33
CA VAL A 158 6.41 0.68 6.01
C VAL A 158 5.62 1.87 6.56
N LEU A 159 5.95 3.04 6.05
CA LEU A 159 5.29 4.26 6.48
C LEU A 159 5.23 4.28 8.01
N MET A 160 4.24 3.59 8.54
CA MET A 160 4.06 3.52 9.98
C MET A 160 3.42 4.81 10.52
N PRO A 161 2.47 4.62 11.48
CA PRO A 161 1.78 5.76 12.07
C PRO A 161 2.69 6.50 13.04
N PRO A 162 2.97 7.79 12.70
CA PRO A 162 3.82 8.62 13.55
C PRO A 162 3.08 9.08 14.80
N ALA A 163 2.70 8.10 15.62
CA ALA A 163 1.98 8.39 16.85
C ALA A 163 2.60 7.58 17.99
N GLY A 1 1.88 12.01 -18.93
CA GLY A 1 2.15 10.75 -19.62
C GLY A 1 1.12 9.69 -19.25
N ASP A 2 1.58 8.67 -18.55
CA ASP A 2 0.71 7.58 -18.13
C ASP A 2 1.19 7.05 -16.78
N LEU A 3 0.22 6.65 -15.97
CA LEU A 3 0.52 6.12 -14.64
C LEU A 3 1.54 7.03 -13.96
N VAL A 4 2.03 6.56 -12.82
CA VAL A 4 3.01 7.31 -12.06
C VAL A 4 4.05 6.35 -11.47
N GLY A 5 5.05 6.93 -10.83
CA GLY A 5 5.98 6.15 -10.04
C GLY A 5 7.06 5.52 -10.91
N PRO A 6 8.26 5.31 -10.29
CA PRO A 6 9.38 4.72 -11.00
C PRO A 6 9.17 3.21 -11.18
N GLY A 7 9.06 2.52 -10.05
CA GLY A 7 8.87 1.08 -10.08
C GLY A 7 7.87 0.68 -11.17
N CYS A 8 6.77 1.41 -11.22
CA CYS A 8 5.74 1.14 -12.20
C CYS A 8 6.42 0.81 -13.53
N ALA A 9 7.58 1.40 -13.74
CA ALA A 9 8.34 1.16 -14.95
C ALA A 9 9.00 -0.21 -14.88
N GLU A 10 10.02 -0.30 -14.05
CA GLU A 10 10.74 -1.55 -13.89
C GLU A 10 9.78 -2.68 -13.54
N TYR A 11 9.04 -2.47 -12.45
CA TYR A 11 8.08 -3.47 -12.00
C TYR A 11 7.31 -4.06 -13.18
N ALA A 12 6.56 -3.20 -13.86
CA ALA A 12 5.77 -3.62 -15.01
C ALA A 12 6.58 -4.62 -15.83
N ALA A 13 7.81 -4.21 -16.16
CA ALA A 13 8.69 -5.05 -16.95
C ALA A 13 8.61 -6.49 -16.43
N ALA A 14 8.69 -6.62 -15.11
CA ALA A 14 8.61 -7.93 -14.48
C ALA A 14 7.19 -8.47 -14.58
N ASN A 15 6.25 -7.63 -14.19
CA ASN A 15 4.85 -8.01 -14.22
C ASN A 15 4.10 -7.08 -15.18
N PRO A 16 4.20 -7.42 -16.49
CA PRO A 16 3.53 -6.63 -17.52
C PRO A 16 2.03 -6.89 -17.53
N THR A 17 1.67 -8.16 -17.37
CA THR A 17 0.28 -8.55 -17.36
C THR A 17 -0.01 -9.46 -16.16
N GLY A 18 -1.28 -9.53 -15.81
CA GLY A 18 -1.70 -10.35 -14.69
C GLY A 18 -2.43 -9.52 -13.63
N PRO A 19 -2.82 -10.21 -12.53
CA PRO A 19 -3.52 -9.54 -11.44
C PRO A 19 -2.56 -8.68 -10.61
N ALA A 20 -1.28 -8.90 -10.84
CA ALA A 20 -0.26 -8.16 -10.12
C ALA A 20 0.00 -6.82 -10.83
N SER A 21 -0.16 -6.85 -12.15
CA SER A 21 0.06 -5.67 -12.95
C SER A 21 -0.71 -4.49 -12.35
N VAL A 22 -0.54 -3.33 -12.97
CA VAL A 22 -1.21 -2.13 -12.50
C VAL A 22 -2.55 -1.99 -13.20
N GLN A 23 -3.18 -3.14 -13.42
CA GLN A 23 -4.48 -3.15 -14.09
C GLN A 23 -5.30 -4.36 -13.60
N GLY A 24 -4.76 -5.54 -13.86
CA GLY A 24 -5.43 -6.77 -13.46
C GLY A 24 -5.87 -6.70 -12.01
N MET A 25 -5.09 -5.98 -11.21
CA MET A 25 -5.39 -5.83 -9.79
C MET A 25 -6.68 -5.04 -9.59
N SER A 26 -7.17 -4.48 -10.69
CA SER A 26 -8.40 -3.70 -10.64
C SER A 26 -9.59 -4.61 -10.37
N GLN A 27 -9.55 -5.79 -10.99
CA GLN A 27 -10.61 -6.76 -10.83
C GLN A 27 -10.60 -7.34 -9.41
N ASP A 28 -9.59 -6.94 -8.65
CA ASP A 28 -9.46 -7.40 -7.29
C ASP A 28 -9.89 -6.28 -6.33
N PRO A 29 -10.48 -6.71 -5.18
CA PRO A 29 -10.94 -5.76 -4.18
C PRO A 29 -9.77 -5.17 -3.40
N VAL A 30 -9.33 -3.99 -3.83
CA VAL A 30 -8.22 -3.32 -3.19
C VAL A 30 -7.27 -4.36 -2.60
N ALA A 31 -7.11 -4.30 -1.28
CA ALA A 31 -6.23 -5.23 -0.60
C ALA A 31 -5.79 -6.34 -1.57
N VAL A 32 -6.75 -7.20 -1.91
CA VAL A 32 -6.48 -8.29 -2.82
C VAL A 32 -5.39 -7.86 -3.82
N ALA A 33 -5.72 -6.86 -4.61
CA ALA A 33 -4.79 -6.35 -5.60
C ALA A 33 -3.36 -6.52 -5.08
N ALA A 34 -3.06 -5.81 -4.01
CA ALA A 34 -1.74 -5.86 -3.41
C ALA A 34 -1.35 -7.32 -3.20
N SER A 35 -2.26 -8.08 -2.60
CA SER A 35 -2.02 -9.49 -2.35
C SER A 35 -1.56 -10.18 -3.63
N ASN A 36 -2.06 -9.67 -4.75
CA ASN A 36 -1.71 -10.23 -6.05
C ASN A 36 -0.36 -9.66 -6.50
N ASN A 37 -0.08 -8.45 -6.04
CA ASN A 37 1.23 -7.85 -6.26
C ASN A 37 2.29 -8.68 -5.55
N PRO A 38 3.34 -9.07 -6.31
CA PRO A 38 4.43 -9.86 -5.76
C PRO A 38 5.34 -9.00 -4.88
N GLU A 39 4.88 -7.79 -4.60
CA GLU A 39 5.63 -6.88 -3.78
C GLU A 39 4.83 -6.48 -2.54
N LEU A 40 3.54 -6.71 -2.62
CA LEU A 40 2.65 -6.38 -1.51
C LEU A 40 2.24 -7.67 -0.79
N THR A 41 2.59 -8.80 -1.42
CA THR A 41 2.27 -10.09 -0.86
C THR A 41 2.39 -10.06 0.67
N THR A 42 3.42 -9.37 1.14
CA THR A 42 3.66 -9.25 2.57
C THR A 42 2.58 -8.39 3.21
N LEU A 43 2.35 -7.23 2.62
CA LEU A 43 1.36 -6.31 3.12
C LEU A 43 0.07 -7.06 3.43
N THR A 44 -0.53 -7.60 2.37
CA THR A 44 -1.77 -8.35 2.51
C THR A 44 -1.64 -9.38 3.64
N ALA A 45 -0.70 -10.29 3.46
CA ALA A 45 -0.47 -11.33 4.45
C ALA A 45 -0.75 -10.76 5.84
N ALA A 46 -0.28 -9.54 6.06
CA ALA A 46 -0.46 -8.88 7.34
C ALA A 46 -1.96 -8.67 7.58
N LEU A 47 -2.55 -7.85 6.75
CA LEU A 47 -3.98 -7.55 6.86
C LEU A 47 -4.77 -8.85 6.70
N SER A 48 -4.64 -9.44 5.52
CA SER A 48 -5.35 -10.68 5.22
C SER A 48 -5.43 -11.54 6.48
N GLY A 49 -4.26 -11.84 7.04
CA GLY A 49 -4.19 -12.65 8.24
C GLY A 49 -3.09 -13.72 8.11
N GLN A 50 -2.72 -13.99 6.86
CA GLN A 50 -1.70 -14.98 6.60
C GLN A 50 -0.45 -14.71 7.44
N LEU A 51 -0.32 -13.46 7.86
CA LEU A 51 0.81 -13.05 8.67
C LEU A 51 0.33 -12.78 10.10
N ASN A 52 -0.74 -11.99 10.20
CA ASN A 52 -1.29 -11.65 11.49
C ASN A 52 -2.69 -12.26 11.61
N PRO A 53 -2.73 -13.50 12.17
CA PRO A 53 -3.99 -14.21 12.34
C PRO A 53 -4.78 -13.63 13.51
N GLN A 54 -4.37 -12.43 13.94
CA GLN A 54 -5.03 -11.76 15.04
C GLN A 54 -5.64 -10.44 14.56
N VAL A 55 -5.54 -10.20 13.27
CA VAL A 55 -6.07 -8.99 12.68
C VAL A 55 -6.44 -9.26 11.21
N ASN A 56 -7.44 -8.51 10.75
CA ASN A 56 -7.88 -8.66 9.37
C ASN A 56 -8.43 -7.31 8.88
N LEU A 57 -7.83 -6.82 7.81
CA LEU A 57 -8.24 -5.55 7.23
C LEU A 57 -8.57 -5.75 5.75
N VAL A 58 -8.51 -7.00 5.33
CA VAL A 58 -8.79 -7.35 3.94
C VAL A 58 -10.30 -7.25 3.70
N ASP A 59 -11.06 -7.57 4.74
CA ASP A 59 -12.51 -7.53 4.65
C ASP A 59 -12.99 -6.12 4.99
N THR A 60 -12.04 -5.29 5.43
CA THR A 60 -12.37 -3.92 5.79
C THR A 60 -11.95 -2.97 4.66
N LEU A 61 -10.78 -3.25 4.10
CA LEU A 61 -10.25 -2.43 3.01
C LEU A 61 -11.11 -2.63 1.77
N ASN A 62 -11.83 -3.74 1.75
CA ASN A 62 -12.69 -4.06 0.63
C ASN A 62 -14.08 -3.48 0.88
N SER A 63 -14.10 -2.26 1.38
CA SER A 63 -15.35 -1.59 1.68
C SER A 63 -15.11 -0.08 1.87
N GLY A 64 -15.57 0.69 0.89
CA GLY A 64 -15.41 2.13 0.95
C GLY A 64 -14.23 2.58 0.07
N GLN A 65 -14.37 3.78 -0.47
CA GLN A 65 -13.33 4.33 -1.33
C GLN A 65 -12.08 4.64 -0.51
N TYR A 66 -11.09 3.76 -0.64
CA TYR A 66 -9.84 3.92 0.09
C TYR A 66 -8.69 4.20 -0.88
N THR A 67 -7.49 4.30 -0.30
CA THR A 67 -6.31 4.55 -1.10
C THR A 67 -5.10 3.83 -0.51
N VAL A 68 -4.93 2.59 -0.94
CA VAL A 68 -3.82 1.77 -0.46
C VAL A 68 -2.51 2.55 -0.62
N PHE A 69 -1.70 2.50 0.43
CA PHE A 69 -0.43 3.20 0.42
C PHE A 69 0.72 2.24 0.74
N ALA A 70 0.90 1.28 -0.16
CA ALA A 70 1.19 -0.09 0.26
C ALA A 70 2.70 -0.31 0.22
N PRO A 71 3.24 -0.83 1.36
CA PRO A 71 4.66 -1.11 1.46
C PRO A 71 5.05 -2.35 0.65
N THR A 72 5.71 -2.10 -0.47
CA THR A 72 6.15 -3.19 -1.33
C THR A 72 7.00 -4.18 -0.54
N ASN A 73 7.73 -5.01 -1.29
CA ASN A 73 8.58 -6.01 -0.68
C ASN A 73 9.89 -5.35 -0.21
N ALA A 74 10.25 -4.29 -0.92
CA ALA A 74 11.46 -3.56 -0.60
C ALA A 74 11.25 -2.77 0.69
N ALA A 75 10.01 -2.73 1.13
CA ALA A 75 9.65 -2.02 2.35
C ALA A 75 9.83 -2.95 3.55
N PHE A 76 8.88 -3.87 3.69
CA PHE A 76 8.92 -4.82 4.78
C PHE A 76 10.31 -5.46 4.92
N SER A 77 11.02 -5.46 3.81
CA SER A 77 12.37 -6.02 3.80
C SER A 77 13.31 -5.15 4.63
N LYS A 78 13.26 -3.85 4.35
CA LYS A 78 14.10 -2.91 5.06
C LYS A 78 14.04 -3.20 6.56
N LEU A 79 12.81 -3.31 7.06
CA LEU A 79 12.59 -3.58 8.47
C LEU A 79 13.25 -4.91 8.83
N PRO A 80 13.69 -5.01 10.11
CA PRO A 80 14.34 -6.22 10.60
C PRO A 80 13.31 -7.33 10.83
N ALA A 81 13.81 -8.56 10.88
CA ALA A 81 12.95 -9.71 11.09
C ALA A 81 12.23 -9.56 12.43
N SER A 82 12.99 -9.13 13.44
CA SER A 82 12.44 -8.94 14.76
C SER A 82 11.13 -8.15 14.68
N THR A 83 11.18 -7.06 13.92
CA THR A 83 10.01 -6.22 13.75
C THR A 83 8.88 -7.00 13.09
N ILE A 84 9.23 -7.72 12.04
CA ILE A 84 8.25 -8.52 11.31
C ILE A 84 7.70 -9.60 12.24
N ASP A 85 8.62 -10.28 12.91
CA ASP A 85 8.23 -11.35 13.82
C ASP A 85 7.30 -10.79 14.89
N GLU A 86 7.30 -9.47 15.00
CA GLU A 86 6.45 -8.80 15.98
C GLU A 86 5.07 -8.52 15.38
N LEU A 87 5.08 -8.00 14.16
CA LEU A 87 3.84 -7.68 13.47
C LEU A 87 3.04 -8.97 13.27
N LYS A 88 3.74 -10.10 13.35
CA LYS A 88 3.10 -11.39 13.18
C LYS A 88 2.56 -11.86 14.52
N THR A 89 2.53 -10.94 15.47
CA THR A 89 2.03 -11.25 16.81
C THR A 89 1.69 -9.96 17.56
N ASN A 90 1.18 -9.00 16.81
CA ASN A 90 0.81 -7.71 17.40
C ASN A 90 -0.71 -7.54 17.31
N SER A 91 -1.14 -6.92 16.22
CA SER A 91 -2.56 -6.69 16.00
C SER A 91 -3.00 -5.44 16.75
N SER A 92 -2.12 -4.96 17.61
CA SER A 92 -2.40 -3.76 18.39
C SER A 92 -1.42 -2.65 18.02
N LEU A 93 -0.39 -3.03 17.30
CA LEU A 93 0.62 -2.08 16.87
C LEU A 93 0.75 -2.12 15.34
N LEU A 94 0.73 -3.34 14.81
CA LEU A 94 0.84 -3.53 13.38
C LEU A 94 -0.40 -2.94 12.70
N THR A 95 -1.55 -3.16 13.32
CA THR A 95 -2.79 -2.65 12.78
C THR A 95 -2.64 -1.20 12.32
N SER A 96 -2.12 -0.38 13.23
CA SER A 96 -1.91 1.02 12.93
C SER A 96 -1.17 1.18 11.60
N ILE A 97 -0.14 0.34 11.43
CA ILE A 97 0.65 0.38 10.21
C ILE A 97 -0.25 0.06 9.01
N LEU A 98 -0.77 -1.16 9.02
CA LEU A 98 -1.64 -1.60 7.94
C LEU A 98 -2.65 -0.49 7.62
N THR A 99 -3.46 -0.17 8.62
CA THR A 99 -4.47 0.87 8.46
C THR A 99 -3.84 2.14 7.91
N TYR A 100 -2.73 2.53 8.52
CA TYR A 100 -2.02 3.73 8.10
C TYR A 100 -1.55 3.61 6.65
N HIS A 101 -1.53 2.38 6.18
CA HIS A 101 -1.10 2.11 4.81
C HIS A 101 -2.31 2.10 3.89
N VAL A 102 -3.35 2.79 4.32
CA VAL A 102 -4.58 2.87 3.55
C VAL A 102 -5.38 4.09 3.99
N VAL A 103 -5.73 4.91 3.01
CA VAL A 103 -6.49 6.12 3.27
C VAL A 103 -7.95 5.90 2.88
N ALA A 104 -8.81 6.79 3.36
CA ALA A 104 -10.22 6.70 3.06
C ALA A 104 -10.70 8.00 2.41
N GLY A 105 -11.00 7.91 1.12
CA GLY A 105 -11.46 9.08 0.38
C GLY A 105 -11.22 8.90 -1.12
N GLN A 106 -10.05 8.36 -1.45
CA GLN A 106 -9.69 8.13 -2.83
C GLN A 106 -9.30 9.44 -3.51
N THR A 107 -8.04 9.50 -3.92
CA THR A 107 -7.53 10.69 -4.59
C THR A 107 -6.37 10.33 -5.52
N SER A 108 -6.41 10.88 -6.72
CA SER A 108 -5.37 10.63 -7.69
C SER A 108 -4.02 11.10 -7.17
N PRO A 109 -2.94 10.70 -7.90
CA PRO A 109 -1.59 11.07 -7.50
C PRO A 109 -1.31 12.54 -7.82
N ALA A 110 -2.33 13.20 -8.33
CA ALA A 110 -2.22 14.61 -8.69
C ALA A 110 -2.75 15.47 -7.53
N ASN A 111 -3.39 14.80 -6.58
CA ASN A 111 -3.95 15.48 -5.43
C ASN A 111 -3.39 14.85 -4.15
N VAL A 112 -3.34 13.53 -4.16
CA VAL A 112 -2.84 12.79 -3.01
C VAL A 112 -1.65 13.54 -2.41
N VAL A 113 -0.92 14.22 -3.29
CA VAL A 113 0.25 14.98 -2.86
C VAL A 113 -0.13 15.83 -1.64
N GLY A 114 0.77 15.84 -0.67
CA GLY A 114 0.56 16.60 0.54
C GLY A 114 0.06 15.71 1.68
N THR A 115 -0.33 16.34 2.78
CA THR A 115 -0.82 15.61 3.92
C THR A 115 -2.19 14.99 3.63
N ARG A 116 -2.28 13.69 3.88
CA ARG A 116 -3.52 12.97 3.64
C ARG A 116 -3.92 12.17 4.87
N GLN A 117 -5.19 12.29 5.24
CA GLN A 117 -5.71 11.58 6.39
C GLN A 117 -5.90 10.10 6.08
N THR A 118 -5.17 9.28 6.81
CA THR A 118 -5.26 7.84 6.62
C THR A 118 -6.52 7.27 7.27
N LEU A 119 -6.89 6.08 6.84
CA LEU A 119 -8.07 5.43 7.38
C LEU A 119 -7.86 5.12 8.86
N GLN A 120 -6.59 4.99 9.23
CA GLN A 120 -6.24 4.70 10.61
C GLN A 120 -6.56 5.89 11.50
N GLY A 121 -6.62 7.06 10.87
CA GLY A 121 -6.91 8.28 11.59
C GLY A 121 -5.72 9.25 11.54
N ALA A 122 -4.53 8.66 11.52
CA ALA A 122 -3.31 9.45 11.47
C ALA A 122 -3.22 10.16 10.12
N SER A 123 -2.14 10.91 9.95
CA SER A 123 -1.93 11.65 8.72
C SER A 123 -0.68 11.11 8.00
N VAL A 124 -0.71 11.20 6.68
CA VAL A 124 0.40 10.73 5.87
C VAL A 124 0.90 11.88 4.99
N THR A 125 2.21 12.11 5.07
CA THR A 125 2.82 13.17 4.30
C THR A 125 3.17 12.68 2.89
N VAL A 126 2.28 12.99 1.95
CA VAL A 126 2.48 12.58 0.58
C VAL A 126 3.20 13.69 -0.19
N THR A 127 3.74 13.32 -1.34
CA THR A 127 4.46 14.28 -2.17
C THR A 127 4.52 13.79 -3.61
N GLY A 128 4.97 14.68 -4.49
CA GLY A 128 5.08 14.36 -5.90
C GLY A 128 5.86 15.43 -6.66
N GLN A 129 6.68 14.98 -7.59
CA GLN A 129 7.48 15.89 -8.38
C GLN A 129 7.33 15.58 -9.87
N GLY A 130 7.42 14.29 -10.19
CA GLY A 130 7.30 13.85 -11.56
C GLY A 130 7.94 12.48 -11.75
N ASN A 131 7.17 11.57 -12.33
CA ASN A 131 7.64 10.22 -12.58
C ASN A 131 8.27 9.66 -11.29
N SER A 132 7.74 10.13 -10.17
CA SER A 132 8.23 9.68 -8.87
C SER A 132 7.60 10.53 -7.76
N LEU A 133 6.85 9.86 -6.90
CA LEU A 133 6.19 10.51 -5.80
C LEU A 133 6.76 10.00 -4.48
N LYS A 134 6.41 10.69 -3.41
CA LYS A 134 6.89 10.32 -2.08
C LYS A 134 5.70 10.22 -1.13
N VAL A 135 5.90 9.45 -0.07
CA VAL A 135 4.86 9.26 0.92
C VAL A 135 5.49 8.92 2.27
N GLY A 136 5.16 9.72 3.27
CA GLY A 136 5.69 9.51 4.61
C GLY A 136 7.17 9.11 4.56
N ASN A 137 7.90 9.79 3.70
CA ASN A 137 9.32 9.53 3.54
C ASN A 137 9.52 8.45 2.48
N ALA A 138 8.64 7.45 2.52
CA ALA A 138 8.70 6.37 1.57
C ALA A 138 8.76 6.93 0.14
N ASP A 139 8.96 6.03 -0.81
CA ASP A 139 9.03 6.43 -2.20
C ASP A 139 7.89 5.75 -2.98
N VAL A 140 7.02 6.57 -3.52
CA VAL A 140 5.89 6.06 -4.30
C VAL A 140 6.41 5.28 -5.51
N VAL A 141 6.42 3.96 -5.35
CA VAL A 141 6.89 3.09 -6.42
C VAL A 141 5.96 3.22 -7.62
N CYS A 142 4.68 2.96 -7.38
CA CYS A 142 3.68 3.04 -8.44
C CYS A 142 2.34 3.36 -7.80
N GLY A 143 1.89 4.59 -8.00
CA GLY A 143 0.62 5.02 -7.45
C GLY A 143 -0.39 5.31 -8.56
N GLY A 144 -1.63 5.54 -8.15
CA GLY A 144 -2.70 5.83 -9.10
C GLY A 144 -3.19 4.55 -9.78
N VAL A 145 -2.86 3.43 -9.16
CA VAL A 145 -3.26 2.13 -9.68
C VAL A 145 -4.65 1.78 -9.14
N SER A 146 -5.60 2.65 -9.42
CA SER A 146 -6.97 2.43 -8.97
C SER A 146 -7.36 0.97 -9.16
N THR A 147 -7.53 0.29 -8.03
CA THR A 147 -7.89 -1.12 -8.06
C THR A 147 -9.40 -1.27 -8.27
N ALA A 148 -10.11 -1.48 -7.17
CA ALA A 148 -11.55 -1.65 -7.22
C ALA A 148 -12.22 -0.42 -6.58
N ASN A 149 -12.43 -0.52 -5.28
CA ASN A 149 -13.06 0.57 -4.54
C ASN A 149 -12.01 1.28 -3.70
N ALA A 150 -10.82 1.42 -4.28
CA ALA A 150 -9.72 2.09 -3.60
C ALA A 150 -8.51 2.16 -4.53
N THR A 151 -7.69 3.18 -4.31
CA THR A 151 -6.50 3.38 -5.12
C THR A 151 -5.35 2.52 -4.59
N VAL A 152 -4.26 2.54 -5.33
CA VAL A 152 -3.07 1.78 -4.95
C VAL A 152 -1.84 2.66 -5.12
N TYR A 153 -1.06 2.74 -4.05
CA TYR A 153 0.16 3.53 -4.06
C TYR A 153 1.31 2.78 -3.40
N MET A 154 1.98 1.95 -4.19
CA MET A 154 3.09 1.17 -3.68
C MET A 154 4.24 2.08 -3.26
N ILE A 155 4.86 1.73 -2.14
CA ILE A 155 5.97 2.50 -1.62
C ILE A 155 7.16 1.57 -1.37
N ASP A 156 8.25 2.15 -0.90
CA ASP A 156 9.46 1.39 -0.62
C ASP A 156 9.82 1.56 0.86
N SER A 157 8.78 1.56 1.69
CA SER A 157 8.98 1.70 3.12
C SER A 157 7.70 1.29 3.87
N VAL A 158 7.89 0.66 5.01
CA VAL A 158 6.78 0.22 5.82
C VAL A 158 6.19 1.42 6.58
N LEU A 159 5.63 2.34 5.81
CA LEU A 159 5.04 3.54 6.39
C LEU A 159 4.48 3.20 7.77
N MET A 160 4.61 4.16 8.67
CA MET A 160 4.13 3.98 10.03
C MET A 160 3.34 5.21 10.50
N PRO A 161 2.32 4.96 11.37
CA PRO A 161 1.50 6.02 11.89
C PRO A 161 2.25 6.83 12.95
N PRO A 162 2.22 8.17 12.79
CA PRO A 162 2.90 9.05 13.73
C PRO A 162 2.11 9.18 15.04
N ALA A 163 1.92 8.03 15.67
CA ALA A 163 1.19 7.99 16.93
C ALA A 163 1.58 6.72 17.70
N GLY A 1 0.61 2.05 -21.41
CA GLY A 1 0.41 2.36 -20.01
C GLY A 1 1.02 3.71 -19.64
N ASP A 2 0.31 4.44 -18.80
CA ASP A 2 0.76 5.75 -18.37
C ASP A 2 0.44 5.93 -16.88
N LEU A 3 1.27 5.33 -16.05
CA LEU A 3 1.08 5.42 -14.61
C LEU A 3 2.06 6.44 -14.03
N VAL A 4 2.12 6.47 -12.71
CA VAL A 4 3.01 7.40 -12.02
C VAL A 4 3.82 6.64 -10.98
N GLY A 5 5.03 7.12 -10.75
CA GLY A 5 6.02 6.35 -10.00
C GLY A 5 6.96 5.61 -10.93
N PRO A 6 8.21 5.38 -10.43
CA PRO A 6 9.23 4.69 -11.21
C PRO A 6 8.94 3.19 -11.28
N GLY A 7 9.03 2.55 -10.13
CA GLY A 7 8.78 1.12 -10.05
C GLY A 7 7.66 0.70 -10.99
N CYS A 8 6.67 1.58 -11.12
CA CYS A 8 5.54 1.32 -11.99
C CYS A 8 6.05 0.65 -13.26
N ALA A 9 7.28 1.00 -13.63
CA ALA A 9 7.89 0.44 -14.81
C ALA A 9 8.66 -0.83 -14.44
N GLU A 10 9.71 -0.63 -13.64
CA GLU A 10 10.53 -1.75 -13.20
C GLU A 10 9.64 -2.93 -12.79
N TYR A 11 8.62 -2.61 -12.00
CA TYR A 11 7.70 -3.63 -11.53
C TYR A 11 7.12 -4.44 -12.70
N ALA A 12 6.38 -3.75 -13.55
CA ALA A 12 5.78 -4.40 -14.70
C ALA A 12 6.79 -5.34 -15.33
N ALA A 13 8.00 -4.83 -15.52
CA ALA A 13 9.06 -5.62 -16.12
C ALA A 13 9.01 -7.04 -15.56
N ALA A 14 8.54 -7.14 -14.34
CA ALA A 14 8.42 -8.43 -13.68
C ALA A 14 7.01 -8.97 -13.84
N ASN A 15 6.05 -8.06 -13.74
CA ASN A 15 4.65 -8.43 -13.87
C ASN A 15 4.00 -7.55 -14.95
N PRO A 16 4.15 -8.00 -16.23
CA PRO A 16 3.58 -7.27 -17.34
C PRO A 16 2.06 -7.47 -17.41
N THR A 17 1.64 -8.66 -17.03
CA THR A 17 0.22 -8.99 -17.05
C THR A 17 -0.16 -9.75 -15.77
N GLY A 18 -1.34 -10.36 -15.82
CA GLY A 18 -1.84 -11.11 -14.68
C GLY A 18 -2.54 -10.19 -13.68
N PRO A 19 -2.95 -10.79 -12.52
CA PRO A 19 -3.63 -10.04 -11.49
C PRO A 19 -2.65 -9.15 -10.72
N ALA A 20 -1.37 -9.41 -10.94
CA ALA A 20 -0.33 -8.65 -10.27
C ALA A 20 0.15 -7.54 -11.20
N SER A 21 -0.81 -6.83 -11.78
CA SER A 21 -0.51 -5.74 -12.68
C SER A 21 -1.25 -4.48 -12.24
N VAL A 22 -1.18 -3.47 -13.09
CA VAL A 22 -1.83 -2.21 -12.81
C VAL A 22 -3.32 -2.32 -13.11
N GLN A 23 -3.61 -3.00 -14.21
CA GLN A 23 -4.99 -3.18 -14.63
C GLN A 23 -5.54 -4.50 -14.05
N GLY A 24 -4.66 -5.48 -13.95
CA GLY A 24 -5.04 -6.77 -13.41
C GLY A 24 -5.53 -6.64 -11.97
N MET A 25 -4.75 -5.94 -11.16
CA MET A 25 -5.10 -5.74 -9.77
C MET A 25 -6.42 -4.98 -9.64
N SER A 26 -6.87 -4.42 -10.76
CA SER A 26 -8.10 -3.67 -10.78
C SER A 26 -9.29 -4.60 -10.48
N GLN A 27 -9.33 -5.70 -11.21
CA GLN A 27 -10.38 -6.68 -11.04
C GLN A 27 -10.43 -7.16 -9.59
N ASP A 28 -9.36 -6.87 -8.87
CA ASP A 28 -9.26 -7.27 -7.47
C ASP A 28 -9.71 -6.11 -6.58
N PRO A 29 -10.43 -6.47 -5.48
CA PRO A 29 -10.92 -5.47 -4.54
C PRO A 29 -9.78 -4.92 -3.68
N VAL A 30 -9.27 -3.77 -4.09
CA VAL A 30 -8.19 -3.13 -3.37
C VAL A 30 -7.30 -4.20 -2.74
N ALA A 31 -7.19 -4.12 -1.42
CA ALA A 31 -6.38 -5.08 -0.68
C ALA A 31 -5.93 -6.19 -1.62
N VAL A 32 -6.90 -7.02 -2.00
CA VAL A 32 -6.61 -8.13 -2.89
C VAL A 32 -5.46 -7.76 -3.83
N ALA A 33 -5.71 -6.74 -4.63
CA ALA A 33 -4.71 -6.27 -5.58
C ALA A 33 -3.32 -6.55 -5.02
N ALA A 34 -3.08 -6.00 -3.83
CA ALA A 34 -1.79 -6.18 -3.18
C ALA A 34 -1.55 -7.67 -2.94
N SER A 35 -2.54 -8.31 -2.33
CA SER A 35 -2.45 -9.73 -2.04
C SER A 35 -1.81 -10.47 -3.23
N ASN A 36 -2.01 -9.89 -4.40
CA ASN A 36 -1.47 -10.48 -5.62
C ASN A 36 -0.90 -9.37 -6.52
N ASN A 37 -0.34 -8.36 -5.87
CA ASN A 37 0.99 -7.90 -6.20
C ASN A 37 2.03 -8.74 -5.45
N PRO A 38 3.08 -9.16 -6.20
CA PRO A 38 4.14 -9.97 -5.62
C PRO A 38 5.06 -9.11 -4.75
N GLU A 39 4.66 -7.86 -4.56
CA GLU A 39 5.43 -6.93 -3.76
C GLU A 39 4.65 -6.53 -2.52
N LEU A 40 3.33 -6.73 -2.59
CA LEU A 40 2.46 -6.39 -1.47
C LEU A 40 1.99 -7.68 -0.80
N THR A 41 2.25 -8.79 -1.45
CA THR A 41 1.86 -10.09 -0.93
C THR A 41 2.09 -10.14 0.59
N THR A 42 3.17 -9.50 1.01
CA THR A 42 3.52 -9.46 2.41
C THR A 42 2.53 -8.58 3.19
N LEU A 43 2.27 -7.41 2.63
CA LEU A 43 1.36 -6.47 3.26
C LEU A 43 0.01 -7.16 3.51
N THR A 44 -0.56 -7.68 2.42
CA THR A 44 -1.83 -8.36 2.51
C THR A 44 -1.82 -9.39 3.65
N ALA A 45 -0.88 -10.33 3.53
CA ALA A 45 -0.75 -11.37 4.53
C ALA A 45 -0.97 -10.77 5.92
N ALA A 46 -0.45 -9.56 6.10
CA ALA A 46 -0.58 -8.87 7.36
C ALA A 46 -2.05 -8.55 7.61
N LEU A 47 -2.56 -7.63 6.82
CA LEU A 47 -3.96 -7.22 6.94
C LEU A 47 -4.85 -8.46 6.94
N SER A 48 -4.81 -9.17 5.81
CA SER A 48 -5.61 -10.38 5.66
C SER A 48 -5.61 -11.16 6.98
N GLY A 49 -4.45 -11.69 7.32
CA GLY A 49 -4.31 -12.47 8.54
C GLY A 49 -3.20 -13.51 8.41
N GLN A 50 -2.87 -13.82 7.16
CA GLN A 50 -1.83 -14.79 6.88
C GLN A 50 -0.67 -14.65 7.88
N LEU A 51 -0.24 -13.40 8.04
CA LEU A 51 0.86 -13.10 8.95
C LEU A 51 0.41 -13.38 10.39
N ASN A 52 -0.74 -12.79 10.74
CA ASN A 52 -1.29 -12.96 12.07
C ASN A 52 -2.78 -13.29 11.96
N PRO A 53 -3.15 -14.46 12.53
CA PRO A 53 -4.53 -14.91 12.51
C PRO A 53 -5.39 -14.11 13.50
N GLN A 54 -4.95 -12.88 13.75
CA GLN A 54 -5.66 -12.02 14.67
C GLN A 54 -5.93 -10.66 14.02
N VAL A 55 -5.56 -10.56 12.75
CA VAL A 55 -5.75 -9.32 12.01
C VAL A 55 -6.53 -9.62 10.73
N ASN A 56 -7.35 -8.66 10.34
CA ASN A 56 -8.17 -8.81 9.15
C ASN A 56 -8.69 -7.42 8.72
N LEU A 57 -8.05 -6.88 7.70
CA LEU A 57 -8.44 -5.58 7.18
C LEU A 57 -8.98 -5.74 5.76
N VAL A 58 -8.41 -6.69 5.05
CA VAL A 58 -8.83 -6.94 3.68
C VAL A 58 -10.33 -6.69 3.55
N ASP A 59 -11.10 -7.49 4.28
CA ASP A 59 -12.55 -7.36 4.25
C ASP A 59 -12.92 -5.88 4.26
N THR A 60 -12.35 -5.15 5.21
CA THR A 60 -12.62 -3.73 5.33
C THR A 60 -12.13 -2.99 4.09
N LEU A 61 -10.83 -3.09 3.84
CA LEU A 61 -10.23 -2.43 2.70
C LEU A 61 -11.22 -2.42 1.54
N ASN A 62 -11.80 -3.60 1.29
CA ASN A 62 -12.77 -3.73 0.23
C ASN A 62 -14.14 -3.23 0.70
N SER A 63 -14.14 -2.02 1.23
CA SER A 63 -15.37 -1.42 1.74
C SER A 63 -15.68 -0.15 0.97
N GLY A 64 -15.19 0.97 1.50
CA GLY A 64 -15.42 2.25 0.87
C GLY A 64 -14.20 2.69 0.06
N GLN A 65 -14.37 3.76 -0.70
CA GLN A 65 -13.30 4.29 -1.52
C GLN A 65 -12.06 4.55 -0.67
N TYR A 66 -11.05 3.71 -0.87
CA TYR A 66 -9.81 3.84 -0.13
C TYR A 66 -8.66 4.21 -1.06
N THR A 67 -7.47 4.25 -0.48
CA THR A 67 -6.28 4.61 -1.25
C THR A 67 -5.06 3.86 -0.70
N VAL A 68 -4.87 2.64 -1.21
CA VAL A 68 -3.76 1.82 -0.79
C VAL A 68 -2.46 2.63 -0.88
N PHE A 69 -1.63 2.47 0.13
CA PHE A 69 -0.36 3.19 0.17
C PHE A 69 0.78 2.23 0.50
N ALA A 70 0.95 1.23 -0.35
CA ALA A 70 1.23 -0.11 0.12
C ALA A 70 2.75 -0.34 0.14
N PRO A 71 3.22 -0.93 1.27
CA PRO A 71 4.64 -1.20 1.42
C PRO A 71 5.07 -2.40 0.58
N THR A 72 5.72 -2.11 -0.53
CA THR A 72 6.18 -3.15 -1.43
C THR A 72 7.07 -4.15 -0.68
N ASN A 73 7.84 -4.90 -1.45
CA ASN A 73 8.74 -5.88 -0.88
C ASN A 73 9.91 -5.17 -0.21
N ALA A 74 10.52 -4.26 -0.97
CA ALA A 74 11.65 -3.50 -0.47
C ALA A 74 11.20 -2.63 0.71
N ALA A 75 9.89 -2.53 0.86
CA ALA A 75 9.31 -1.74 1.94
C ALA A 75 9.36 -2.54 3.24
N PHE A 76 8.98 -3.80 3.13
CA PHE A 76 8.98 -4.68 4.30
C PHE A 76 10.37 -5.26 4.54
N SER A 77 11.02 -5.63 3.45
CA SER A 77 12.36 -6.19 3.53
C SER A 77 13.29 -5.24 4.27
N LYS A 78 13.00 -3.95 4.13
CA LYS A 78 13.80 -2.93 4.78
C LYS A 78 13.80 -3.16 6.29
N LEU A 79 12.61 -3.36 6.82
CA LEU A 79 12.45 -3.60 8.24
C LEU A 79 13.19 -4.89 8.63
N PRO A 80 13.68 -4.91 9.90
CA PRO A 80 14.40 -6.06 10.40
C PRO A 80 13.45 -7.21 10.71
N ALA A 81 13.92 -8.42 10.44
CA ALA A 81 13.12 -9.61 10.67
C ALA A 81 12.39 -9.47 12.00
N SER A 82 13.13 -8.99 13.00
CA SER A 82 12.56 -8.80 14.33
C SER A 82 11.20 -8.10 14.22
N THR A 83 11.19 -7.02 13.45
CA THR A 83 9.96 -6.26 13.25
C THR A 83 8.88 -7.15 12.63
N ILE A 84 9.25 -7.84 11.57
CA ILE A 84 8.32 -8.71 10.88
C ILE A 84 7.88 -9.83 11.83
N ASP A 85 8.83 -10.29 12.64
CA ASP A 85 8.55 -11.34 13.60
C ASP A 85 7.61 -10.81 14.68
N GLU A 86 7.59 -9.49 14.81
CA GLU A 86 6.74 -8.85 15.79
C GLU A 86 5.31 -8.71 15.26
N LEU A 87 5.22 -8.34 14.00
CA LEU A 87 3.93 -8.17 13.36
C LEU A 87 3.20 -9.51 13.33
N LYS A 88 3.95 -10.56 13.61
CA LYS A 88 3.39 -11.90 13.64
C LYS A 88 2.95 -12.26 15.06
N THR A 89 2.95 -11.24 15.90
CA THR A 89 2.56 -11.42 17.30
C THR A 89 1.83 -10.18 17.81
N ASN A 90 1.40 -9.35 16.88
CA ASN A 90 0.68 -8.13 17.22
C ASN A 90 -0.74 -8.21 16.66
N SER A 91 -1.32 -7.04 16.46
CA SER A 91 -2.67 -6.95 15.92
C SER A 91 -3.19 -5.52 16.05
N SER A 92 -2.76 -4.86 17.12
CA SER A 92 -3.18 -3.49 17.37
C SER A 92 -2.09 -2.52 16.91
N LEU A 93 -0.87 -3.02 16.85
CA LEU A 93 0.26 -2.22 16.43
C LEU A 93 0.47 -2.37 14.92
N LEU A 94 0.47 -3.63 14.49
CA LEU A 94 0.65 -3.93 13.08
C LEU A 94 -0.51 -3.34 12.28
N THR A 95 -1.71 -3.46 12.85
CA THR A 95 -2.91 -2.95 12.21
C THR A 95 -2.73 -1.47 11.86
N SER A 96 -2.30 -0.71 12.84
CA SER A 96 -2.09 0.72 12.65
C SER A 96 -1.27 0.95 11.39
N ILE A 97 -0.27 0.11 11.20
CA ILE A 97 0.61 0.21 10.04
C ILE A 97 -0.23 0.01 8.76
N LEU A 98 -0.87 -1.15 8.69
CA LEU A 98 -1.69 -1.48 7.54
C LEU A 98 -2.65 -0.32 7.27
N THR A 99 -3.43 0.02 8.29
CA THR A 99 -4.39 1.11 8.17
C THR A 99 -3.74 2.34 7.57
N TYR A 100 -2.60 2.71 8.15
CA TYR A 100 -1.86 3.88 7.69
C TYR A 100 -1.42 3.69 6.23
N HIS A 101 -1.47 2.45 5.78
CA HIS A 101 -1.07 2.14 4.42
C HIS A 101 -2.31 2.17 3.51
N VAL A 102 -3.28 2.96 3.93
CA VAL A 102 -4.51 3.10 3.17
C VAL A 102 -5.26 4.34 3.64
N VAL A 103 -5.70 5.13 2.67
CA VAL A 103 -6.44 6.35 2.96
C VAL A 103 -7.88 6.23 2.46
N ALA A 104 -8.81 6.50 3.35
CA ALA A 104 -10.22 6.43 3.01
C ALA A 104 -10.67 7.75 2.41
N GLY A 105 -11.01 7.71 1.14
CA GLY A 105 -11.47 8.90 0.44
C GLY A 105 -11.22 8.79 -1.06
N GLN A 106 -10.02 8.32 -1.39
CA GLN A 106 -9.64 8.16 -2.78
C GLN A 106 -9.23 9.50 -3.38
N THR A 107 -8.02 9.54 -3.92
CA THR A 107 -7.50 10.75 -4.52
C THR A 107 -6.39 10.42 -5.51
N SER A 108 -6.51 10.98 -6.71
CA SER A 108 -5.52 10.76 -7.74
C SER A 108 -4.15 11.25 -7.29
N PRO A 109 -3.10 10.85 -8.06
CA PRO A 109 -1.74 11.23 -7.73
C PRO A 109 -1.49 12.69 -8.10
N ALA A 110 -2.40 13.55 -7.65
CA ALA A 110 -2.29 14.97 -7.92
C ALA A 110 -2.61 15.76 -6.65
N ASN A 111 -3.70 15.37 -6.00
CA ASN A 111 -4.12 16.02 -4.77
C ASN A 111 -3.62 15.22 -3.57
N VAL A 112 -3.41 13.93 -3.82
CA VAL A 112 -2.93 13.04 -2.76
C VAL A 112 -1.68 13.64 -2.12
N VAL A 113 -1.04 14.53 -2.86
CA VAL A 113 0.17 15.17 -2.37
C VAL A 113 -0.20 16.14 -1.25
N GLY A 114 0.75 16.32 -0.34
CA GLY A 114 0.54 17.21 0.79
C GLY A 114 0.32 16.42 2.09
N THR A 115 -0.49 16.98 2.96
CA THR A 115 -0.77 16.34 4.23
C THR A 115 -2.06 15.51 4.14
N ARG A 116 -1.88 14.27 3.69
CA ARG A 116 -3.01 13.36 3.54
C ARG A 116 -3.35 12.71 4.89
N GLN A 117 -4.48 12.04 4.91
CA GLN A 117 -4.93 11.36 6.12
C GLN A 117 -5.30 9.92 5.81
N THR A 118 -4.71 9.00 6.57
CA THR A 118 -4.97 7.58 6.39
C THR A 118 -6.08 7.13 7.33
N LEU A 119 -6.60 5.94 7.05
CA LEU A 119 -7.66 5.38 7.86
C LEU A 119 -7.15 5.15 9.28
N GLN A 120 -5.85 4.92 9.38
CA GLN A 120 -5.22 4.69 10.67
C GLN A 120 -5.30 5.95 11.53
N GLY A 121 -5.37 7.09 10.87
CA GLY A 121 -5.45 8.37 11.55
C GLY A 121 -4.24 9.24 11.23
N ALA A 122 -3.07 8.66 11.41
CA ALA A 122 -1.83 9.37 11.15
C ALA A 122 -1.92 10.05 9.78
N SER A 123 -1.15 11.12 9.63
CA SER A 123 -1.14 11.87 8.38
C SER A 123 -0.06 11.31 7.46
N VAL A 124 -0.33 11.39 6.16
CA VAL A 124 0.61 10.91 5.17
C VAL A 124 1.22 12.10 4.42
N THR A 125 2.40 12.49 4.87
CA THR A 125 3.10 13.61 4.26
C THR A 125 3.50 13.26 2.82
N VAL A 126 2.51 13.30 1.94
CA VAL A 126 2.75 12.99 0.53
C VAL A 126 3.47 14.17 -0.13
N THR A 127 4.32 13.83 -1.09
CA THR A 127 5.07 14.85 -1.81
C THR A 127 5.28 14.42 -3.27
N GLY A 128 5.90 15.32 -4.02
CA GLY A 128 6.17 15.06 -5.43
C GLY A 128 5.74 16.25 -6.30
N GLN A 129 4.67 16.04 -7.04
CA GLN A 129 4.16 17.08 -7.92
C GLN A 129 4.86 17.02 -9.28
N GLY A 130 6.18 16.91 -9.23
CA GLY A 130 6.97 16.84 -10.45
C GLY A 130 7.23 15.38 -10.85
N ASN A 131 8.47 15.12 -11.25
CA ASN A 131 8.86 13.78 -11.65
C ASN A 131 9.31 12.99 -10.43
N SER A 132 8.40 12.88 -9.47
CA SER A 132 8.69 12.15 -8.25
C SER A 132 7.50 12.25 -7.29
N LEU A 133 7.43 11.28 -6.38
CA LEU A 133 6.35 11.25 -5.41
C LEU A 133 6.86 10.59 -4.12
N LYS A 134 6.43 11.15 -3.00
CA LYS A 134 6.83 10.64 -1.70
C LYS A 134 5.59 10.46 -0.82
N VAL A 135 5.78 9.73 0.27
CA VAL A 135 4.69 9.48 1.19
C VAL A 135 5.26 8.98 2.52
N GLY A 136 5.06 9.78 3.56
CA GLY A 136 5.55 9.43 4.87
C GLY A 136 7.02 9.01 4.83
N ASN A 137 7.78 9.74 4.02
CA ASN A 137 9.19 9.45 3.88
C ASN A 137 9.38 8.39 2.79
N ALA A 138 8.33 7.64 2.55
CA ALA A 138 8.36 6.58 1.54
C ALA A 138 8.38 7.23 0.15
N ASP A 139 8.62 6.38 -0.84
CA ASP A 139 8.67 6.85 -2.22
C ASP A 139 7.58 6.14 -3.03
N VAL A 140 6.70 6.95 -3.60
CA VAL A 140 5.60 6.41 -4.40
C VAL A 140 6.18 5.62 -5.58
N VAL A 141 6.44 4.35 -5.33
CA VAL A 141 7.00 3.49 -6.35
C VAL A 141 6.08 3.52 -7.59
N CYS A 142 4.82 3.17 -7.35
CA CYS A 142 3.84 3.16 -8.42
C CYS A 142 2.48 3.52 -7.83
N GLY A 143 2.06 4.76 -8.08
CA GLY A 143 0.79 5.24 -7.58
C GLY A 143 -0.18 5.52 -8.73
N GLY A 144 -1.44 5.72 -8.37
CA GLY A 144 -2.46 6.00 -9.35
C GLY A 144 -2.90 4.72 -10.07
N VAL A 145 -2.70 3.60 -9.39
CA VAL A 145 -3.07 2.31 -9.95
C VAL A 145 -4.43 1.88 -9.39
N SER A 146 -5.38 2.80 -9.50
CA SER A 146 -6.73 2.53 -9.02
C SER A 146 -7.09 1.06 -9.27
N THR A 147 -7.28 0.34 -8.18
CA THR A 147 -7.64 -1.07 -8.27
C THR A 147 -9.14 -1.23 -8.56
N ALA A 148 -9.89 -1.52 -7.52
CA ALA A 148 -11.33 -1.69 -7.65
C ALA A 148 -12.04 -0.44 -7.13
N ASN A 149 -12.13 -0.35 -5.82
CA ASN A 149 -12.79 0.78 -5.18
C ASN A 149 -11.81 1.46 -4.22
N ALA A 150 -10.58 1.63 -4.70
CA ALA A 150 -9.54 2.26 -3.90
C ALA A 150 -8.27 2.38 -4.73
N THR A 151 -7.65 3.55 -4.63
CA THR A 151 -6.42 3.80 -5.37
C THR A 151 -5.31 2.86 -4.90
N VAL A 152 -4.18 2.94 -5.58
CA VAL A 152 -3.04 2.11 -5.24
C VAL A 152 -1.75 2.93 -5.35
N TYR A 153 -1.01 2.95 -4.25
CA TYR A 153 0.24 3.71 -4.22
C TYR A 153 1.33 2.90 -3.52
N MET A 154 2.03 2.10 -4.31
CA MET A 154 3.11 1.28 -3.77
C MET A 154 4.31 2.13 -3.37
N ILE A 155 4.58 2.15 -2.08
CA ILE A 155 5.69 2.91 -1.55
C ILE A 155 6.83 1.96 -1.17
N ASP A 156 7.95 2.56 -0.80
CA ASP A 156 9.12 1.78 -0.41
C ASP A 156 9.43 2.05 1.06
N SER A 157 8.41 1.89 1.89
CA SER A 157 8.56 2.11 3.31
C SER A 157 7.30 1.64 4.05
N VAL A 158 7.53 0.87 5.11
CA VAL A 158 6.43 0.35 5.91
C VAL A 158 5.84 1.48 6.75
N LEU A 159 5.16 2.40 6.07
CA LEU A 159 4.55 3.52 6.75
C LEU A 159 4.06 3.08 8.13
N MET A 160 4.51 3.80 9.14
CA MET A 160 4.12 3.49 10.51
C MET A 160 3.45 4.70 11.18
N PRO A 161 2.39 4.40 11.97
CA PRO A 161 1.66 5.44 12.67
C PRO A 161 2.46 5.97 13.86
N PRO A 162 2.60 7.32 13.90
CA PRO A 162 3.33 7.96 14.98
C PRO A 162 2.51 7.97 16.28
N ALA A 163 3.22 7.94 17.40
CA ALA A 163 2.57 7.94 18.69
C ALA A 163 3.62 8.11 19.79
#